data_7E1V
#
_entry.id   7E1V
#
_cell.length_a   1.00
_cell.length_b   1.00
_cell.length_c   1.00
_cell.angle_alpha   90.00
_cell.angle_beta   90.00
_cell.angle_gamma   90.00
#
_symmetry.space_group_name_H-M   'P 1'
#
loop_
_entity.id
_entity.type
_entity.pdbx_description
1 polymer 'Cytochrome c oxidase subunit 2'
2 polymer 'Cytochrome c oxidase subunit 1'
3 polymer 'Cytochrome c oxidase subunit 3'
4 polymer 'Cytochrome c oxidase polypeptide 4'
5 polymer 'Cytochrome c oxidase subunit CtaJ'
6 polymer 'Uncharacterized protein MSMEG_4692/MSMEI_4575'
7 polymer 'Prokaryotic respiratory supercomplex associate factor 1 PRSAF1'
8 polymer 'Cytochrome bc1 complex cytochrome b subunit'
9 polymer 'Cytochrome bc1 complex Rieske iron-sulfur subunit'
10 polymer 'Cytochrome bc1 complex cytochrome c subunit'
11 non-polymer 'COPPER (II) ION'
12 non-polymer CARDIOLIPIN
13 non-polymer 'PALMITIC ACID'
14 non-polymer HEME-A
15 non-polymer '(2R)-3-(((2-aminoethoxy)(hydroxy)phosphoryl)oxy)-2-(palmitoyloxy)propyl (E)-octadec-9-enoate'
16 non-polymer 'PROTOPORPHYRIN IX CONTAINING FE'
17 non-polymer MENAQUINONE-9
18 non-polymer 'FE2/S2 (INORGANIC) CLUSTER'
19 non-polymer '(2R)-2-(hexadecanoyloxy)-3-{[(S)-hydroxy{[(1R,2R,3R,4R,5R,6S)-2,3,4,5,6-pentahydroxycyclohexyl]oxy}phosphoryl]oxy}propyl (9S)-9-methyloctadecanoate'
20 non-polymer 'HEME C'
#
loop_
_entity_poly.entity_id
_entity_poly.type
_entity_poly.pdbx_seq_one_letter_code
_entity_poly.pdbx_strand_id
1 'polypeptide(L)'
;MTPRGFRVVALSIVLGGSALLLSGCSWSDALALGWPTGITPEAKLNRELWIGSVIASFAVGAIVWGLIFWTSAFHRKKAT
DTELPRQFGYNMPLELTLTVIPFLIISVLFYFTVVVQERMMHKDPNPEVVIDVTAFQWNWKFGYQKIAFADGSFDYDGAD
PERKEAMTSRPEGKDEHGIEKVGPIRGMTPEDRTYLNFDKIETLGTSSEIPVLVLPAGKRIEFVLNSADVIHGFWVPEFL
FKRDVLPEPKANNSDNVFQVSEIQQTGAFVGRCTEMCGTFHAMMNFEVRVVEPNDFKAYIDQRNAGKTNAEALAAINQPP
LAITTEPFESRRGELVPQASK
;
E,Q
2 'polypeptide(L)'
;MVAEAPPIGELEARRPFPERMGPKGNLIYKLITTTDHKLIGIMYCVVCFAFFLVGGLMALFMRTELAMPGLQFLSNEQFN
QLFTMHGTVMLLFYATPIVFGFANLVLPLQIGAPDVAFPRLNALSFWLFLFGALIAIAGFITPGGAADFGWTAYSPLTDA
IHSPGAGGDLWIMGLAVGGLGTILGGVNMITTVVCMRAPGMTMFRMPIFTWNILVTSILVLIAFPILTAALFGLAADRHL
GAHIYDPANGGVLLWQHLFWFFGHPEVYIIALPFFGIVSEIFPVFSRKPIFGYTTLIYATLAIAALSVAVWAHHMYATGA
VLLPFFSFMTFLIAVPTGIKFFNWIGTMWKGQLTFETPMLFSVGFLITFLLGGLSGVLLASPPLDFHVTDSYFVIAHFHY
VLFGTIVFATYAGIYFWFPKMTGRLLDERLGKLHFWLTFIGFHTTFLVQHWLGDEGMPRRYADYLPTDGFTTLNVISTVG
AFILGVSMLPFVWNVFKSWRYGEPVTVDDPWGYGNSLEWATSCPPPRHNFTELPRIRSERPAFELHYPHMVERMRAEAHV
GRAHHPELETADKSS
;
F,R
3 'polypeptide(L)'
;MTSAVGTSGTAITSRVHSLNRPNMVSVGTIVWLSSELMFFAGLFAMYFTARAQAGGAWPPEPTELNLALAVPVTLVLIAS
SFTCQMGVFAAERGDVFGLRRWYVITFLMGLFFVLGQGYEYIHLVEHGTTIPGSAYGSVFYLATGFHGLHVIGGLVAFVL
LLARTKMSKFTPAQATAAIVVSYYWHFVDIVWIALFATIYFVR
;
G,S
4 'polypeptide(L)'
;MHIEARLFEILTAFFALAAVVYAVLTAMFATGGVEWAGTTALVLTTGLTLITGTFFRFVARRLDTRPEDYEDAEISDGAG
ELGFFAPHSWWPILISLSFSTAAVGAALWLPWLIAAGVAFVITSVCGLVFEYYWGPEKH
;
H,T
5 'polypeptide(L)' MSTALTHGLIGGVPLVLFAVLALIFLTRKGPHPDTYKMSDPWTHAPILWAAEEPREHGHGGHGHDSHGVVIGGGASGKW I,U
6 'polypeptide(L)'
;MASGDIATVANAELDLPYGSALTSSGRISAVTEPGELSVHYPFPTMDLVVLDDALKYGSRAAKARFAVYIGPLGADTAAT
AREILANVPTPENAVLLAVSPDQRAIEVVYGADVKGRGIESAAPLGVSAAAASFKEGNLIDGLISAVRVMSAGVSPA
;
J,V
7 'polypeptide(L)'
;MSSTQDRSQLDPEEQPVANTEVERHTGVDVEDVPSAEWGWSHMPIGVMHIGGLLSAAFLLVMMRGNHVGHVEDWFLIGFA
AVIVALVGRNWWLRRRGWIR
;
D,P
8 'polypeptide(L)'
;MSPKLSPPNIGEVLARQAEDIDTRYHPSAALRRQLNKVFPTHWSFLLGEIALYSFVVLLITGVYLTLFFDPSMVDVTYNG
VYQPLRGVEMSRAYQSALDISFEVRGGLFVRQIHHWAALMFAAAIMVHLARIFFTGAFRRPRETNWVIGSLLLILAMFEG
YFGYSLPDDLLSGLGLRAALSSITLGMPVIGTWLHWALFGGDFPGTILIPRLYALHILLLPGIILALIGLHLALVWFQKH
TQFPGPGRTEHNVVGVRVMPVFAFKSGAFFAAIVGVLGLMGGLLQINPIWNLGPYKPSQVSAGSQPDFYMMWTEGLARIW
PPWEFYFWHHTIPAPVWVAVIMGLVFVLLPAYPFLEKRFTGDYAHHNLLQRPRDVPVRTAIGAMAIAFYMVLTLAAMNDI
IALKFHISLNATTWIGRIGMVILPPFVYFITYRWCIGLQRSDRSVLEHGVETGIIKRLPHGAYIELHQPLGPVDEHGHPI
PLQYQGAPLPKRMNKLGSAGSPGSGSFLFADSAAEDAALREAGHAAEQRALAALREHQDSIMGSPDGEH
;
N,B
9 'polypeptide(L)'
;MSRADDDAVGVPPTCGGRSDEEERRIVPGPNPQDGAKDGAKATAVPREPDEAALAAMSNQELLALGGKLDGVRIAYKEPR
WPVEGTKAEKRAERSVAVWLLLGGVFGLALLLIFLFWPWEFKAADGESDFIYSLTTPLYGLTFGLSILSIAIGAVLYQKR
FIPEEISIQERHDGASREIDRKTVVANLTDAFEGSTIRRRKLIGLSFGVGMGAFGLGTLVAFAGGLIKNPWKPVVPTAEG
KKAVLWTSGWTPRYQGETIYLARATGTEDGPPFIKMRPEDMDAGGMETVFPWRESDGDGTTVESHHKLQEIAMGIRNPVM
LIRIKPSDLGRVVKRKGQESFNFGEFFAFTKVCSHLGCPSSLYEQQSYRILCPCHQSQFDALHFAKPIFGPAARALAQLP
ITIDTDGYLVANGDFVEPVGPAFWERTTT
;
M,A
10 'polypeptide(L)'
;LTKLGFTRSGGSKSGRTRRRLRRRLSGGVLLLIALTIAGGLAAVLTPTPQVAVADESSSALLRTGKQLFDTSCVSCHGAN
LQGVPDHGPSLIGVGEAAVYFQVSTGRMPAMRGEAQAPRKDPIFDEAQIDAIGAYVQANGGGPTVVRNPDGSIATQSLRG
NDLGRGGDLFRLNCASCHNFTGKGGALSSGKYAPDLAPANEQQILTAMLTGPQNMPKFSNRQLSFEAKKDIIAYVKVATE
ARQPGGYLLGGFGPAPEGMAMWIIGMVAAIGLALWIGARS
;
O,C
#
loop_
_chem_comp.id
_chem_comp.type
_chem_comp.name
_chem_comp.formula
9Y0 non-polymer '(2R)-3-(((2-aminoethoxy)(hydroxy)phosphoryl)oxy)-2-(palmitoyloxy)propyl (E)-octadec-9-enoate' 'C39 H76 N O8 P'
9YF non-polymer '(2R)-2-(hexadecanoyloxy)-3-{[(S)-hydroxy{[(1R,2R,3R,4R,5R,6S)-2,3,4,5,6-pentahydroxycyclohexyl]oxy}phosphoryl]oxy}propyl (9S)-9-methyloctadecanoate' 'C44 H85 O13 P'
CDL non-polymer CARDIOLIPIN 'C81 H156 O17 P2 -2'
CU non-polymer 'COPPER (II) ION' 'Cu 2'
FES non-polymer 'FE2/S2 (INORGANIC) CLUSTER' 'Fe2 S2'
HEA non-polymer HEME-A 'C49 H56 Fe N4 O6'
HEC non-polymer 'HEME C' 'C34 H34 Fe N4 O4'
HEM non-polymer 'PROTOPORPHYRIN IX CONTAINING FE' 'C34 H32 Fe N4 O4'
MQ9 non-polymer MENAQUINONE-9 'C56 H80 O2'
PLM non-polymer 'PALMITIC ACID' 'C16 H32 O2'
#
# COMPACT_ATOMS: atom_id res chain seq x y z
N TRP A 27 85.16 55.75 30.22
CA TRP A 27 85.76 54.68 29.43
C TRP A 27 85.24 53.31 29.86
N SER A 28 84.99 53.15 31.15
CA SER A 28 84.38 51.92 31.66
C SER A 28 82.91 51.81 31.30
N ASP A 29 82.29 52.90 30.83
CA ASP A 29 80.93 52.83 30.33
C ASP A 29 80.80 51.88 29.14
N ALA A 30 81.81 51.87 28.26
CA ALA A 30 81.81 50.93 27.14
C ALA A 30 82.18 49.53 27.56
N LEU A 31 82.91 49.38 28.67
CA LEU A 31 83.26 48.06 29.17
C LEU A 31 82.14 47.43 29.99
N ALA A 32 81.19 48.24 30.48
CA ALA A 32 80.02 47.71 31.17
C ALA A 32 78.96 47.17 30.21
N LEU A 33 79.07 47.48 28.92
CA LEU A 33 78.19 46.95 27.88
C LEU A 33 76.75 47.41 28.05
N GLY A 34 76.53 48.55 28.69
CA GLY A 34 75.21 49.11 28.81
C GLY A 34 74.59 49.05 30.19
N TRP A 35 75.30 48.55 31.18
CA TRP A 35 74.78 48.56 32.55
C TRP A 35 74.70 49.99 33.05
N PRO A 36 73.52 50.46 33.48
CA PRO A 36 73.43 51.81 34.03
C PRO A 36 74.25 51.94 35.31
N THR A 37 74.56 53.20 35.64
CA THR A 37 75.30 53.47 36.87
C THR A 37 74.37 53.32 38.07
N GLY A 38 74.79 52.52 39.04
CA GLY A 38 73.92 52.22 40.16
C GLY A 38 73.64 53.43 41.03
N ILE A 39 72.53 53.35 41.77
CA ILE A 39 72.15 54.38 42.72
C ILE A 39 72.11 53.76 44.11
N THR A 40 72.90 52.71 44.31
CA THR A 40 72.88 51.94 45.54
C THR A 40 74.23 51.25 45.70
N PRO A 41 74.76 51.17 46.93
CA PRO A 41 76.05 50.48 47.11
C PRO A 41 76.07 49.05 46.61
N GLU A 42 74.97 48.30 46.81
CA GLU A 42 74.91 46.95 46.30
C GLU A 42 74.96 46.93 44.78
N ALA A 43 74.27 47.89 44.14
CA ALA A 43 74.34 48.00 42.69
C ALA A 43 75.75 48.29 42.22
N LYS A 44 76.49 49.11 42.98
CA LYS A 44 77.86 49.43 42.58
C LYS A 44 78.78 48.23 42.72
N LEU A 45 78.61 47.45 43.80
CA LEU A 45 79.38 46.22 43.94
C LEU A 45 79.07 45.24 42.82
N ASN A 46 77.79 45.10 42.49
CA ASN A 46 77.38 44.23 41.40
C ASN A 46 78.02 44.68 40.08
N ARG A 47 78.08 45.99 39.85
CA ARG A 47 78.69 46.50 38.63
C ARG A 47 80.19 46.22 38.60
N GLU A 48 80.85 46.33 39.76
CA GLU A 48 82.27 45.97 39.86
C GLU A 48 82.49 44.53 39.43
N LEU A 49 81.73 43.61 40.03
CA LEU A 49 81.86 42.19 39.69
C LEU A 49 81.58 41.95 38.21
N TRP A 50 80.57 42.63 37.66
CA TRP A 50 80.23 42.48 36.25
C TRP A 50 81.38 42.90 35.36
N ILE A 51 82.01 44.03 35.66
CA ILE A 51 83.10 44.53 34.82
C ILE A 51 84.29 43.59 34.88
N GLY A 52 84.65 43.13 36.08
CA GLY A 52 85.73 42.16 36.19
C GLY A 52 85.48 40.90 35.38
N SER A 53 84.27 40.36 35.49
CA SER A 53 83.94 39.13 34.78
C SER A 53 83.95 39.34 33.27
N VAL A 54 83.50 40.51 32.80
CA VAL A 54 83.52 40.77 31.37
C VAL A 54 84.95 40.87 30.86
N ILE A 55 85.84 41.47 31.65
CA ILE A 55 87.25 41.51 31.26
C ILE A 55 87.82 40.11 31.12
N ALA A 56 87.56 39.25 32.10
CA ALA A 56 88.08 37.88 32.05
C ALA A 56 87.52 37.14 30.83
N SER A 57 86.22 37.28 30.57
CA SER A 57 85.61 36.59 29.44
C SER A 57 86.19 37.07 28.12
N PHE A 58 86.39 38.38 27.97
CA PHE A 58 86.98 38.90 26.74
C PHE A 58 88.41 38.38 26.56
N ALA A 59 89.16 38.26 27.66
CA ALA A 59 90.52 37.73 27.55
C ALA A 59 90.50 36.30 27.02
N VAL A 60 89.68 35.44 27.63
CA VAL A 60 89.62 34.04 27.19
C VAL A 60 89.16 33.96 25.74
N GLY A 61 88.14 34.74 25.38
CA GLY A 61 87.64 34.71 24.02
C GLY A 61 88.67 35.17 23.00
N ALA A 62 89.44 36.21 23.34
CA ALA A 62 90.50 36.66 22.45
C ALA A 62 91.55 35.58 22.26
N ILE A 63 91.90 34.87 23.33
CA ILE A 63 92.90 33.80 23.21
C ILE A 63 92.41 32.72 22.25
N VAL A 64 91.17 32.25 22.44
CA VAL A 64 90.67 31.17 21.61
C VAL A 64 90.50 31.62 20.16
N TRP A 65 89.98 32.83 19.95
CA TRP A 65 89.81 33.34 18.60
C TRP A 65 91.16 33.51 17.91
N GLY A 66 92.19 33.92 18.65
CA GLY A 66 93.50 34.04 18.05
C GLY A 66 94.08 32.70 17.64
N LEU A 67 93.88 31.68 18.47
CA LEU A 67 94.33 30.34 18.10
C LEU A 67 93.63 29.87 16.82
N ILE A 68 92.32 30.06 16.76
CA ILE A 68 91.57 29.63 15.57
C ILE A 68 92.05 30.38 14.33
N PHE A 69 92.25 31.70 14.47
CA PHE A 69 92.71 32.50 13.34
C PHE A 69 94.09 32.06 12.87
N TRP A 70 95.00 31.76 13.81
CA TRP A 70 96.32 31.31 13.44
C TRP A 70 96.26 30.01 12.66
N THR A 71 95.59 29.00 13.22
CA THR A 71 95.54 27.71 12.55
C THR A 71 94.76 27.77 11.25
N SER A 72 93.89 28.77 11.06
CA SER A 72 93.17 28.91 9.81
C SER A 72 93.93 29.71 8.76
N ALA A 73 94.82 30.60 9.17
CA ALA A 73 95.55 31.42 8.22
C ALA A 73 96.90 30.82 7.81
N PHE A 74 97.57 30.10 8.70
CA PHE A 74 98.91 29.62 8.39
C PHE A 74 98.99 28.11 8.17
N HIS A 75 98.39 27.30 9.05
CA HIS A 75 98.34 25.86 8.80
C HIS A 75 97.41 25.50 7.67
N ARG A 76 96.66 26.47 7.14
CA ARG A 76 95.92 26.29 5.89
C ARG A 76 96.84 25.93 4.74
N LYS A 77 98.15 25.99 4.95
CA LYS A 77 99.10 25.90 3.86
C LYS A 77 99.17 24.48 3.33
N LYS A 78 98.08 24.02 2.72
CA LYS A 78 98.19 22.90 1.79
C LYS A 78 98.77 23.44 0.50
N ALA A 79 100.09 23.55 0.44
CA ALA A 79 100.77 24.16 -0.69
C ALA A 79 100.82 23.17 -1.85
N THR A 80 101.63 23.48 -2.86
CA THR A 80 101.73 22.61 -4.03
C THR A 80 102.45 21.30 -3.73
N ASP A 81 102.95 21.12 -2.50
CA ASP A 81 103.61 19.89 -2.11
C ASP A 81 102.93 19.29 -0.88
N THR A 82 102.84 17.97 -0.82
CA THR A 82 102.23 17.29 0.32
C THR A 82 102.51 15.80 0.25
N GLU A 83 102.95 15.21 1.36
CA GLU A 83 102.90 13.77 1.50
C GLU A 83 101.72 13.38 2.38
N LEU A 84 101.75 13.80 3.66
CA LEU A 84 100.67 13.91 4.62
C LEU A 84 101.27 14.56 5.86
N PRO A 85 100.54 15.43 6.58
CA PRO A 85 101.21 16.29 7.57
C PRO A 85 101.90 15.55 8.71
N ARG A 86 101.12 14.93 9.60
CA ARG A 86 101.64 14.07 10.66
C ARG A 86 100.45 13.53 11.45
N GLN A 87 100.47 12.26 11.83
CA GLN A 87 99.32 11.65 12.50
C GLN A 87 99.57 11.52 14.00
N PHE A 88 99.48 12.64 14.70
CA PHE A 88 99.57 12.64 16.17
C PHE A 88 98.19 12.86 16.77
N GLY A 89 97.94 12.23 17.91
CA GLY A 89 96.62 12.31 18.51
C GLY A 89 96.53 12.36 20.03
N TYR A 90 97.66 12.40 20.73
CA TYR A 90 97.61 12.37 22.18
C TYR A 90 98.73 13.23 22.77
N ASN A 91 98.35 14.10 23.71
CA ASN A 91 99.29 14.99 24.40
C ASN A 91 98.94 15.07 25.88
N MET A 92 98.83 13.91 26.53
CA MET A 92 98.33 13.73 27.91
C MET A 92 98.74 14.82 28.91
N PRO A 93 100.01 15.22 29.00
CA PRO A 93 100.34 16.31 29.94
C PRO A 93 99.65 17.62 29.61
N LEU A 94 99.68 18.03 28.34
CA LEU A 94 98.95 19.22 27.91
C LEU A 94 97.45 19.07 28.16
N GLU A 95 96.91 17.88 27.92
CA GLU A 95 95.51 17.61 28.22
C GLU A 95 95.19 17.90 29.69
N LEU A 96 96.02 17.39 30.59
CA LEU A 96 95.73 17.56 32.01
C LEU A 96 95.97 18.98 32.47
N THR A 97 96.94 19.68 31.89
CA THR A 97 97.15 21.08 32.24
C THR A 97 95.94 21.92 31.83
N LEU A 98 95.41 21.67 30.62
CA LEU A 98 94.27 22.43 30.15
C LEU A 98 92.97 21.99 30.81
N THR A 99 92.95 20.84 31.49
CA THR A 99 91.78 20.57 32.31
C THR A 99 91.95 21.09 33.74
N VAL A 100 93.18 21.42 34.15
CA VAL A 100 93.40 21.98 35.47
C VAL A 100 93.13 23.49 35.50
N ILE A 101 93.60 24.21 34.48
CA ILE A 101 93.47 25.68 34.51
C ILE A 101 92.04 26.17 34.68
N PRO A 102 91.05 25.69 33.91
CA PRO A 102 89.69 26.23 34.06
C PRO A 102 89.10 26.05 35.44
N PHE A 103 89.48 24.98 36.14
CA PHE A 103 88.94 24.77 37.49
C PHE A 103 89.32 25.92 38.41
N LEU A 104 90.59 26.35 38.37
CA LEU A 104 91.01 27.49 39.17
C LEU A 104 90.34 28.78 38.69
N ILE A 105 90.28 28.97 37.37
CA ILE A 105 89.77 30.26 36.87
C ILE A 105 88.28 30.39 37.16
N ILE A 106 87.59 29.27 37.39
CA ILE A 106 86.19 29.34 37.81
C ILE A 106 86.03 29.31 39.33
N SER A 107 86.98 28.76 40.07
CA SER A 107 86.89 28.80 41.53
C SER A 107 87.05 30.23 42.05
N VAL A 108 87.93 31.00 41.42
CA VAL A 108 88.07 32.41 41.83
C VAL A 108 86.75 33.15 41.62
N LEU A 109 86.12 32.94 40.47
CA LEU A 109 84.85 33.59 40.17
C LEU A 109 83.75 33.13 41.12
N PHE A 110 83.75 31.84 41.47
CA PHE A 110 82.76 31.33 42.42
C PHE A 110 82.92 31.98 43.79
N TYR A 111 84.17 32.16 44.23
CA TYR A 111 84.42 32.84 45.50
C TYR A 111 83.84 34.25 45.49
N PHE A 112 84.25 35.05 44.49
CA PHE A 112 83.76 36.43 44.47
C PHE A 112 82.25 36.50 44.28
N THR A 113 81.68 35.55 43.55
CA THR A 113 80.23 35.51 43.37
C THR A 113 79.53 35.27 44.69
N VAL A 114 80.01 34.30 45.48
CA VAL A 114 79.40 34.03 46.78
C VAL A 114 79.50 35.27 47.67
N VAL A 115 80.65 35.93 47.66
CA VAL A 115 80.84 37.11 48.50
C VAL A 115 79.83 38.20 48.14
N VAL A 116 79.75 38.54 46.85
CA VAL A 116 78.90 39.64 46.43
C VAL A 116 77.42 39.29 46.64
N GLN A 117 77.05 38.04 46.36
CA GLN A 117 75.64 37.67 46.48
C GLN A 117 75.22 37.48 47.93
N GLU A 118 76.15 37.26 48.86
CA GLU A 118 75.78 37.37 50.26
C GLU A 118 75.66 38.82 50.68
N ARG A 119 76.51 39.69 50.14
CA ARG A 119 76.41 41.12 50.46
C ARG A 119 75.09 41.72 49.97
N MET A 120 74.55 41.22 48.86
CA MET A 120 73.33 41.78 48.30
C MET A 120 72.06 41.34 49.03
N MET A 121 72.15 40.44 50.00
CA MET A 121 70.97 39.86 50.65
C MET A 121 71.11 39.91 52.17
N HIS A 122 71.40 41.09 52.73
CA HIS A 122 71.72 41.19 54.14
C HIS A 122 70.46 41.11 55.01
N LYS A 123 69.50 42.01 54.78
CA LYS A 123 68.26 42.09 55.57
C LYS A 123 68.54 42.38 57.05
N ASP A 124 69.03 43.59 57.28
CA ASP A 124 69.19 44.11 58.63
C ASP A 124 67.84 44.14 59.35
N PRO A 125 67.83 43.86 60.67
CA PRO A 125 66.54 43.71 61.38
C PRO A 125 65.69 44.96 61.52
N ASN A 126 66.30 46.14 61.56
CA ASN A 126 65.54 47.39 61.72
C ASN A 126 65.64 48.23 60.45
N PRO A 127 64.65 48.19 59.58
CA PRO A 127 64.60 49.13 58.45
C PRO A 127 63.98 50.46 58.91
N GLU A 128 63.93 51.40 57.99
CA GLU A 128 63.44 52.74 58.28
C GLU A 128 62.21 53.13 57.49
N VAL A 129 62.09 52.68 56.24
CA VAL A 129 60.85 52.78 55.48
C VAL A 129 60.52 51.38 54.96
N VAL A 130 59.24 50.99 55.09
CA VAL A 130 58.79 49.69 54.64
C VAL A 130 57.67 49.91 53.64
N ILE A 131 57.81 49.32 52.45
CA ILE A 131 56.85 49.46 51.36
C ILE A 131 56.25 48.10 51.07
N ASP A 132 54.94 48.08 50.84
CA ASP A 132 54.19 46.89 50.50
C ASP A 132 53.84 46.96 49.02
N VAL A 133 54.50 46.16 48.21
CA VAL A 133 54.28 46.16 46.77
C VAL A 133 53.24 45.09 46.45
N THR A 134 52.15 45.49 45.81
CA THR A 134 51.12 44.58 45.36
C THR A 134 51.04 44.65 43.85
N ALA A 135 51.04 43.50 43.20
CA ALA A 135 50.94 43.45 41.75
C ALA A 135 49.67 42.69 41.39
N PHE A 136 48.82 43.29 40.58
CA PHE A 136 47.69 42.56 40.02
C PHE A 136 47.85 42.54 38.51
N GLN A 137 46.84 42.01 37.82
CA GLN A 137 47.01 41.86 36.37
C GLN A 137 47.02 43.24 35.75
N TRP A 138 48.24 43.65 35.41
CA TRP A 138 48.56 44.81 34.59
C TRP A 138 48.43 46.14 35.34
N ASN A 139 48.70 46.14 36.65
CA ASN A 139 49.07 47.37 37.35
C ASN A 139 49.56 47.04 38.76
N TRP A 140 49.99 48.09 39.46
CA TRP A 140 50.71 48.02 40.73
C TRP A 140 49.98 48.83 41.81
N LYS A 141 50.35 48.55 43.06
CA LYS A 141 49.83 49.26 44.22
C LYS A 141 50.90 49.31 45.30
N PHE A 142 51.04 50.45 45.96
CA PHE A 142 52.07 50.67 46.97
C PHE A 142 51.44 51.10 48.29
N GLY A 143 52.12 50.74 49.39
CA GLY A 143 51.47 50.71 50.69
C GLY A 143 51.93 51.61 51.83
N TYR A 144 53.21 51.96 51.90
CA TYR A 144 53.74 52.81 52.98
C TYR A 144 53.33 52.26 54.36
N GLN A 145 53.86 51.07 54.64
CA GLN A 145 53.41 50.32 55.82
C GLN A 145 53.98 50.89 57.12
N LYS A 146 55.23 51.29 57.13
CA LYS A 146 55.86 51.76 58.36
C LYS A 146 57.00 52.72 58.04
N ILE A 147 57.13 53.75 58.85
CA ILE A 147 58.22 54.73 58.74
C ILE A 147 58.80 54.94 60.13
N ALA A 148 60.11 54.79 60.26
CA ALA A 148 60.77 55.01 61.56
C ALA A 148 62.21 55.45 61.28
N PHE A 149 62.43 56.76 61.35
CA PHE A 149 63.76 57.29 61.11
C PHE A 149 64.64 57.13 62.35
N ALA A 150 65.91 56.82 62.12
CA ALA A 150 66.84 56.69 63.23
C ALA A 150 67.21 58.04 63.84
N ASP A 151 66.81 59.13 63.20
CA ASP A 151 67.03 60.47 63.74
C ASP A 151 65.98 60.86 64.76
N GLY A 152 64.96 60.04 64.99
CA GLY A 152 63.84 60.47 65.78
C GLY A 152 63.04 61.60 65.18
N SER A 153 63.15 61.81 63.86
CA SER A 153 62.47 62.94 63.23
C SER A 153 61.07 62.59 62.76
N PHE A 154 60.76 61.31 62.58
CA PHE A 154 59.49 60.92 62.00
C PHE A 154 59.20 59.46 62.32
N ASP A 155 58.01 59.20 62.87
CA ASP A 155 57.53 57.85 63.13
C ASP A 155 56.08 57.76 62.67
N TYR A 156 55.73 56.62 62.06
CA TYR A 156 54.40 56.45 61.50
C TYR A 156 54.12 54.97 61.27
N ASP A 157 52.93 54.54 61.65
CA ASP A 157 52.48 53.17 61.47
C ASP A 157 51.25 53.19 60.58
N GLY A 158 51.39 52.75 59.34
CA GLY A 158 50.31 52.82 58.38
C GLY A 158 49.63 51.50 58.10
N ALA A 159 49.86 50.50 58.95
CA ALA A 159 49.18 49.23 58.81
C ALA A 159 47.68 49.43 58.98
N ASP A 160 46.92 48.40 58.60
CA ASP A 160 45.47 48.57 58.59
C ASP A 160 44.76 47.23 58.72
N PRO A 161 43.81 47.12 59.66
CA PRO A 161 42.96 45.91 59.71
C PRO A 161 41.83 45.97 58.70
N GLU A 162 41.94 46.85 57.70
CA GLU A 162 40.99 46.85 56.58
C GLU A 162 40.85 45.46 55.98
N ARG A 163 41.90 44.65 56.05
CA ARG A 163 41.76 43.20 55.86
C ARG A 163 40.97 42.66 57.04
N LYS A 164 39.74 42.25 56.80
CA LYS A 164 38.86 41.81 57.88
C LYS A 164 39.40 40.57 58.58
N THR A 194 43.88 36.53 51.91
CA THR A 194 44.17 36.95 53.27
C THR A 194 45.68 36.98 53.52
N TYR A 195 46.45 36.73 52.47
CA TYR A 195 47.89 36.90 52.52
C TYR A 195 48.32 38.28 52.03
N LEU A 196 47.39 39.05 51.46
CA LEU A 196 47.70 40.39 50.99
C LEU A 196 47.60 41.40 52.12
N ASN A 197 48.49 42.38 52.10
CA ASN A 197 48.56 43.41 53.12
C ASN A 197 47.82 44.66 52.68
N PHE A 198 47.10 45.28 53.61
CA PHE A 198 46.35 46.50 53.33
C PHE A 198 46.83 47.61 54.25
N ASP A 199 46.87 48.83 53.72
CA ASP A 199 47.38 49.99 54.45
C ASP A 199 46.44 51.17 54.24
N LYS A 200 46.75 52.27 54.92
CA LYS A 200 45.93 53.48 54.84
C LYS A 200 46.40 54.42 53.73
N ILE A 201 47.71 54.60 53.59
CA ILE A 201 48.29 55.42 52.54
C ILE A 201 48.69 54.50 51.41
N GLU A 202 47.97 54.55 50.29
CA GLU A 202 48.20 53.61 49.20
C GLU A 202 48.17 54.35 47.87
N THR A 203 49.20 54.11 47.05
CA THR A 203 49.22 54.62 45.68
C THR A 203 48.75 53.51 44.76
N LEU A 204 47.73 53.80 43.94
CA LEU A 204 47.09 52.80 43.09
C LEU A 204 47.20 53.23 41.64
N GLY A 205 47.71 52.33 40.81
CA GLY A 205 47.90 52.61 39.40
C GLY A 205 46.63 52.43 38.59
N THR A 206 46.52 53.21 37.51
CA THR A 206 45.41 53.14 36.59
C THR A 206 45.97 53.14 35.17
N SER A 207 45.18 52.67 34.22
CA SER A 207 45.61 52.70 32.83
C SER A 207 45.73 54.12 32.28
N SER A 208 45.29 55.12 33.04
CA SER A 208 45.45 56.53 32.67
C SER A 208 46.49 57.25 33.51
N GLU A 209 46.99 56.63 34.57
CA GLU A 209 47.90 57.28 35.51
C GLU A 209 48.98 56.28 35.92
N ILE A 210 50.24 56.63 35.66
CA ILE A 210 51.36 55.77 36.03
C ILE A 210 51.59 55.90 37.53
N PRO A 211 51.58 54.79 38.28
CA PRO A 211 51.79 54.88 39.73
C PRO A 211 53.20 55.31 40.06
N VAL A 212 53.32 56.37 40.88
CA VAL A 212 54.60 56.93 41.28
C VAL A 212 54.82 56.61 42.75
N LEU A 213 55.99 56.09 43.08
CA LEU A 213 56.39 55.79 44.44
C LEU A 213 57.42 56.80 44.90
N VAL A 214 57.16 57.43 46.05
CA VAL A 214 58.02 58.46 46.60
C VAL A 214 58.80 57.88 47.77
N LEU A 215 60.09 58.20 47.85
CA LEU A 215 60.99 57.61 48.83
C LEU A 215 62.04 58.63 49.24
N PRO A 216 62.50 58.58 50.48
CA PRO A 216 63.59 59.48 50.90
C PRO A 216 64.92 59.06 50.32
N ALA A 217 65.92 59.92 50.51
CA ALA A 217 67.26 59.71 49.97
C ALA A 217 68.24 59.57 51.13
N GLY A 218 68.58 58.32 51.47
CA GLY A 218 69.58 58.06 52.48
C GLY A 218 69.17 57.15 53.62
N LYS A 219 68.11 56.37 53.46
CA LYS A 219 67.59 55.53 54.53
C LYS A 219 67.56 54.08 54.08
N ARG A 220 67.41 53.18 55.06
CA ARG A 220 67.12 51.78 54.75
C ARG A 220 65.72 51.67 54.17
N ILE A 221 65.59 51.01 53.03
CA ILE A 221 64.27 50.80 52.45
C ILE A 221 64.05 49.29 52.34
N GLU A 222 62.84 48.87 52.69
CA GLU A 222 62.46 47.46 52.62
C GLU A 222 61.24 47.32 51.73
N PHE A 223 61.21 46.25 50.92
CA PHE A 223 60.11 45.96 50.04
C PHE A 223 59.58 44.57 50.35
N VAL A 224 58.25 44.48 50.49
CA VAL A 224 57.54 43.22 50.71
C VAL A 224 56.59 43.01 49.53
N LEU A 225 56.85 41.97 48.74
CA LEU A 225 56.25 41.79 47.43
C LEU A 225 55.16 40.74 47.50
N ASN A 226 53.98 41.07 46.94
CA ASN A 226 52.87 40.13 46.88
C ASN A 226 52.12 40.31 45.56
N SER A 227 51.62 39.21 45.03
CA SER A 227 50.83 39.21 43.81
C SER A 227 49.43 38.68 44.12
N ALA A 228 48.44 39.21 43.42
CA ALA A 228 47.06 38.81 43.66
C ALA A 228 46.63 37.64 42.79
N ASP A 229 47.05 37.60 41.53
CA ASP A 229 46.60 36.55 40.62
C ASP A 229 47.74 35.68 40.08
N VAL A 230 48.72 36.26 39.39
CA VAL A 230 49.76 35.48 38.73
C VAL A 230 51.13 36.04 39.09
N ILE A 231 52.18 35.47 38.52
CA ILE A 231 53.54 35.92 38.82
C ILE A 231 53.83 37.17 38.00
N HIS A 232 54.44 38.16 38.65
CA HIS A 232 54.89 39.38 38.00
C HIS A 232 56.37 39.60 38.30
N GLY A 233 56.92 40.71 37.83
CA GLY A 233 58.32 40.99 38.07
C GLY A 233 58.58 42.41 38.51
N PHE A 234 59.41 42.57 39.53
CA PHE A 234 59.78 43.87 40.09
C PHE A 234 61.22 44.13 39.67
N TRP A 235 61.40 45.03 38.71
CA TRP A 235 62.71 45.41 38.19
C TRP A 235 62.83 46.93 38.16
N VAL A 236 63.75 47.46 38.95
CA VAL A 236 64.16 48.85 38.81
C VAL A 236 65.57 48.81 38.23
N PRO A 237 65.74 49.08 36.93
CA PRO A 237 67.07 48.90 36.30
C PRO A 237 68.19 49.69 36.96
N GLU A 238 67.88 50.75 37.70
CA GLU A 238 68.93 51.47 38.41
C GLU A 238 69.34 50.77 39.69
N PHE A 239 68.50 49.88 40.22
CA PHE A 239 68.91 49.05 41.34
C PHE A 239 69.85 47.94 40.94
N LEU A 240 69.93 47.61 39.65
CA LEU A 240 70.69 46.47 39.16
C LEU A 240 70.29 45.19 39.89
N PHE A 241 68.99 45.02 40.10
CA PHE A 241 68.44 43.93 40.88
C PHE A 241 67.00 43.73 40.48
N LYS A 242 66.51 42.51 40.69
CA LYS A 242 65.20 42.11 40.19
C LYS A 242 64.65 41.02 41.10
N ARG A 243 63.32 40.94 41.18
CA ARG A 243 62.72 39.91 42.01
C ARG A 243 61.31 39.58 41.50
N ASP A 244 60.97 38.30 41.56
CA ASP A 244 59.66 37.84 41.12
C ASP A 244 58.61 38.06 42.21
N VAL A 245 57.39 38.35 41.76
CA VAL A 245 56.26 38.64 42.63
C VAL A 245 55.29 37.47 42.49
N LEU A 246 55.24 36.62 43.50
CA LEU A 246 54.55 35.34 43.55
C LEU A 246 53.17 35.49 44.19
N PRO A 247 52.22 34.64 43.80
CA PRO A 247 50.91 34.65 44.45
C PRO A 247 50.97 34.40 45.95
N GLU A 248 51.50 33.27 46.39
CA GLU A 248 51.58 32.95 47.82
C GLU A 248 53.02 32.60 48.16
N PRO A 249 53.84 33.59 48.47
CA PRO A 249 55.28 33.31 48.67
C PRO A 249 55.57 32.38 49.83
N LYS A 250 54.74 32.38 50.88
CA LYS A 250 55.04 31.55 52.04
C LYS A 250 54.70 30.08 51.78
N ALA A 251 53.60 29.81 51.06
CA ALA A 251 53.27 28.44 50.73
C ALA A 251 54.23 27.85 49.71
N ASN A 252 54.94 28.68 48.96
CA ASN A 252 55.88 28.23 47.94
C ASN A 252 57.33 28.38 48.37
N ASN A 253 57.57 28.72 49.64
CA ASN A 253 58.92 28.76 50.22
C ASN A 253 59.79 29.80 49.52
N SER A 254 59.22 30.98 49.30
CA SER A 254 59.92 32.09 48.65
C SER A 254 60.04 33.25 49.61
N ASP A 255 61.22 33.87 49.64
CA ASP A 255 61.47 35.04 50.47
C ASP A 255 61.07 36.27 49.66
N ASN A 256 59.94 36.90 50.03
CA ASN A 256 59.38 38.02 49.30
C ASN A 256 59.74 39.36 49.93
N VAL A 257 60.86 39.43 50.64
CA VAL A 257 61.29 40.64 51.32
C VAL A 257 62.72 40.95 50.90
N PHE A 258 62.98 42.18 50.50
CA PHE A 258 64.36 42.55 50.21
C PHE A 258 64.59 44.03 50.54
N GLN A 259 65.83 44.35 50.90
CA GLN A 259 66.16 45.66 51.43
C GLN A 259 67.33 46.28 50.67
N VAL A 260 67.28 47.60 50.53
CA VAL A 260 68.40 48.38 50.05
C VAL A 260 68.89 49.28 51.18
N SER A 261 70.21 49.42 51.27
CA SER A 261 70.82 50.17 52.37
C SER A 261 70.45 51.66 52.29
N GLU A 262 70.57 52.25 51.12
CA GLU A 262 70.27 53.67 50.93
C GLU A 262 70.26 53.95 49.44
N ILE A 263 69.61 55.06 49.08
CA ILE A 263 69.57 55.55 47.71
C ILE A 263 70.26 56.91 47.69
N GLN A 264 71.43 56.97 47.07
CA GLN A 264 72.21 58.20 47.09
C GLN A 264 71.56 59.30 46.26
N GLN A 265 71.42 59.07 44.96
CA GLN A 265 70.90 60.10 44.07
C GLN A 265 69.41 60.32 44.29
N THR A 266 68.93 61.50 43.88
CA THR A 266 67.52 61.83 43.90
C THR A 266 67.04 62.05 42.47
N GLY A 267 65.76 61.84 42.24
CA GLY A 267 65.20 62.00 40.90
C GLY A 267 64.18 60.93 40.62
N ALA A 268 63.90 60.73 39.33
CA ALA A 268 62.87 59.80 38.89
C ALA A 268 63.50 58.65 38.11
N PHE A 269 63.03 57.44 38.40
CA PHE A 269 63.55 56.24 37.75
C PHE A 269 62.40 55.33 37.36
N VAL A 270 62.64 54.47 36.38
CA VAL A 270 61.59 53.65 35.76
C VAL A 270 61.62 52.25 36.34
N GLY A 271 60.46 51.57 36.29
CA GLY A 271 60.37 50.17 36.66
C GLY A 271 59.43 49.39 35.76
N ARG A 272 59.85 48.19 35.35
CA ARG A 272 59.12 47.33 34.43
C ARG A 272 58.68 46.05 35.13
N CYS A 273 57.74 45.36 34.50
CA CYS A 273 57.40 44.00 34.87
C CYS A 273 58.22 43.03 34.03
N THR A 274 58.82 42.04 34.69
CA THR A 274 59.79 41.15 34.05
C THR A 274 59.37 39.69 34.21
N GLU A 275 58.14 39.40 33.85
CA GLU A 275 57.59 38.05 33.93
C GLU A 275 56.77 37.83 32.66
N MET A 276 55.89 36.84 32.68
CA MET A 276 54.89 36.70 31.62
C MET A 276 53.54 36.57 32.33
N CYS A 277 52.74 37.62 32.24
CA CYS A 277 51.53 37.70 33.05
C CYS A 277 50.26 37.84 32.22
N GLY A 278 50.37 37.83 30.90
CA GLY A 278 49.19 37.92 30.07
C GLY A 278 49.27 38.99 29.01
N THR A 279 48.12 39.57 28.67
CA THR A 279 48.03 40.44 27.50
C THR A 279 48.90 41.68 27.65
N PHE A 280 48.62 42.51 28.64
CA PHE A 280 49.33 43.78 28.78
C PHE A 280 50.54 43.67 29.69
N HIS A 281 51.34 42.62 29.47
CA HIS A 281 52.56 42.44 30.24
C HIS A 281 53.52 43.60 30.02
N ALA A 282 53.56 44.14 28.80
CA ALA A 282 54.43 45.25 28.47
C ALA A 282 53.87 46.60 28.91
N MET A 283 52.76 46.63 29.64
CA MET A 283 52.13 47.90 30.00
C MET A 283 51.83 47.94 31.50
N MET A 284 52.80 47.57 32.32
CA MET A 284 52.71 47.69 33.77
C MET A 284 53.87 48.48 34.35
N ASN A 285 54.23 49.59 33.73
CA ASN A 285 55.37 50.34 34.19
C ASN A 285 55.02 51.22 35.38
N PHE A 286 56.03 51.52 36.20
CA PHE A 286 55.86 52.40 37.33
C PHE A 286 57.08 53.31 37.44
N GLU A 287 56.97 54.32 38.31
CA GLU A 287 58.06 55.26 38.52
C GLU A 287 58.43 55.29 40.00
N VAL A 288 59.64 55.76 40.27
CA VAL A 288 60.15 55.91 41.63
C VAL A 288 60.76 57.29 41.75
N ARG A 289 60.23 58.10 42.65
CA ARG A 289 60.76 59.43 42.94
C ARG A 289 61.53 59.38 44.25
N VAL A 290 62.82 59.69 44.18
CA VAL A 290 63.67 59.81 45.36
C VAL A 290 63.82 61.28 45.67
N VAL A 291 63.35 61.68 46.85
CA VAL A 291 63.38 63.07 47.31
C VAL A 291 64.14 63.14 48.62
N GLU A 292 64.30 64.36 49.15
CA GLU A 292 65.00 64.55 50.40
C GLU A 292 64.10 64.21 51.58
N PRO A 293 64.68 63.91 52.75
CA PRO A 293 63.86 63.49 53.89
C PRO A 293 62.84 64.52 54.36
N ASN A 294 63.18 65.81 54.34
CA ASN A 294 62.22 66.80 54.79
C ASN A 294 61.06 66.94 53.81
N ASP A 295 61.36 66.91 52.51
CA ASP A 295 60.28 66.91 51.52
C ASP A 295 59.45 65.64 51.61
N PHE A 296 60.06 64.51 51.98
CA PHE A 296 59.32 63.28 52.16
C PHE A 296 58.37 63.37 53.35
N LYS A 297 58.84 63.96 54.45
CA LYS A 297 57.97 64.15 55.61
C LYS A 297 56.82 65.10 55.27
N ALA A 298 57.12 66.17 54.52
CA ALA A 298 56.05 67.06 54.07
C ALA A 298 55.05 66.32 53.19
N TYR A 299 55.54 65.43 52.33
CA TYR A 299 54.68 64.66 51.44
C TYR A 299 53.75 63.76 52.24
N ILE A 300 54.30 63.07 53.24
CA ILE A 300 53.48 62.17 54.06
C ILE A 300 52.47 62.97 54.87
N ASP A 301 52.88 64.12 55.41
CA ASP A 301 51.94 64.94 56.17
C ASP A 301 50.85 65.53 55.29
N GLN A 302 51.18 65.80 54.03
CA GLN A 302 50.19 66.37 53.11
C GLN A 302 49.23 65.30 52.61
N ARG A 303 49.66 64.04 52.61
CA ARG A 303 48.78 62.95 52.19
C ARG A 303 47.99 62.34 53.34
N ASN A 304 48.47 62.49 54.58
CA ASN A 304 47.69 62.01 55.72
C ASN A 304 46.34 62.70 55.79
N ALA A 305 46.32 64.01 55.56
CA ALA A 305 45.10 64.68 55.15
C ALA A 305 44.76 64.25 53.74
N GLY A 306 43.48 64.01 53.46
CA GLY A 306 43.08 63.45 52.19
C GLY A 306 43.56 64.21 50.96
N LYS A 307 44.48 63.61 50.22
CA LYS A 307 44.99 64.21 48.99
C LYS A 307 45.59 63.11 48.13
N THR A 308 45.38 63.23 46.83
CA THR A 308 45.83 62.21 45.89
C THR A 308 47.33 62.32 45.68
N ASN A 309 47.88 61.39 44.91
CA ASN A 309 49.32 61.38 44.62
C ASN A 309 49.75 62.62 43.86
N ALA A 310 48.98 63.00 42.84
CA ALA A 310 49.34 64.18 42.05
C ALA A 310 49.28 65.44 42.88
N GLU A 311 48.28 65.55 43.75
CA GLU A 311 48.17 66.74 44.60
C GLU A 311 49.28 66.80 45.63
N ALA A 312 49.58 65.67 46.27
CA ALA A 312 50.67 65.66 47.24
C ALA A 312 52.01 65.94 46.58
N LEU A 313 52.18 65.55 45.32
CA LEU A 313 53.43 65.84 44.63
C LEU A 313 53.51 67.28 44.16
N ALA A 314 52.36 67.85 43.78
CA ALA A 314 52.35 69.26 43.40
C ALA A 314 52.59 70.17 44.59
N ALA A 315 52.12 69.77 45.76
CA ALA A 315 52.28 70.60 46.95
C ALA A 315 53.72 70.71 47.44
N ILE A 316 54.67 70.00 46.83
CA ILE A 316 56.06 70.08 47.24
C ILE A 316 56.94 70.42 46.05
N ASN A 317 56.36 71.10 45.05
CA ASN A 317 57.08 71.62 43.90
C ASN A 317 57.76 70.51 43.10
N GLN A 318 56.98 69.57 42.57
CA GLN A 318 57.50 68.49 41.75
C GLN A 318 56.45 68.14 40.71
N PRO A 319 56.86 67.58 39.56
CA PRO A 319 55.90 67.19 38.53
C PRO A 319 54.89 66.19 39.08
N PRO A 320 53.61 66.41 38.80
CA PRO A 320 52.59 65.51 39.36
C PRO A 320 52.51 64.16 38.66
N LEU A 321 52.83 64.10 37.37
CA LEU A 321 52.76 62.86 36.61
C LEU A 321 54.16 62.31 36.35
N ALA A 322 54.20 61.03 35.99
CA ALA A 322 55.46 60.37 35.71
C ALA A 322 56.20 61.07 34.58
N ILE A 323 57.52 61.21 34.73
CA ILE A 323 58.34 61.92 33.76
C ILE A 323 59.27 60.99 32.99
N THR A 324 59.36 59.72 33.36
CA THR A 324 60.14 58.74 32.62
C THR A 324 59.29 57.82 31.76
N THR A 325 57.98 57.79 31.97
CA THR A 325 57.08 56.96 31.19
C THR A 325 55.79 57.71 30.91
N GLU A 326 54.94 57.08 30.12
CA GLU A 326 53.64 57.62 29.71
C GLU A 326 52.62 56.50 29.70
N PRO A 327 51.35 56.82 29.91
CA PRO A 327 50.31 55.81 29.73
C PRO A 327 50.15 55.48 28.25
N PHE A 328 50.22 54.18 27.95
CA PHE A 328 50.07 53.73 26.57
C PHE A 328 48.68 54.06 26.07
N GLU A 329 48.60 54.97 25.09
CA GLU A 329 47.30 55.37 24.56
C GLU A 329 46.63 54.26 23.77
N SER A 330 47.39 53.27 23.32
CA SER A 330 46.81 52.10 22.69
C SER A 330 46.43 51.06 23.73
N ARG A 331 45.64 51.47 24.72
CA ARG A 331 45.17 50.57 25.76
C ARG A 331 43.79 50.99 26.26
N GLU B 10 88.91 -3.54 -20.76
CA GLU B 10 88.96 -2.69 -21.95
C GLU B 10 88.02 -1.50 -21.80
N LEU B 11 86.76 -1.70 -22.19
CA LEU B 11 85.76 -0.65 -22.19
C LEU B 11 84.65 -0.98 -21.19
N GLU B 12 83.85 0.04 -20.88
CA GLU B 12 82.72 -0.11 -19.97
C GLU B 12 81.58 0.76 -20.46
N ALA B 13 80.37 0.21 -20.41
CA ALA B 13 79.19 0.90 -20.88
C ALA B 13 78.54 1.68 -19.75
N ARG B 14 78.50 3.00 -19.89
CA ARG B 14 77.90 3.90 -18.93
C ARG B 14 76.73 4.63 -19.58
N ARG B 15 76.12 5.54 -18.83
CA ARG B 15 75.13 6.45 -19.38
C ARG B 15 75.72 7.86 -19.48
N PRO B 16 75.24 8.67 -20.42
CA PRO B 16 75.70 10.06 -20.49
C PRO B 16 75.43 10.83 -19.20
N PHE B 17 74.33 10.54 -18.53
CA PHE B 17 73.96 11.19 -17.28
C PHE B 17 73.05 10.24 -16.52
N PRO B 18 73.20 10.13 -15.20
CA PRO B 18 72.32 9.26 -14.42
C PRO B 18 70.88 9.73 -14.48
N GLU B 19 69.97 8.82 -14.10
CA GLU B 19 68.55 9.13 -14.14
C GLU B 19 68.20 10.24 -13.16
N ARG B 20 67.35 11.16 -13.60
CA ARG B 20 67.09 12.38 -12.84
C ARG B 20 66.14 12.13 -11.68
N MET B 21 64.94 11.63 -11.96
CA MET B 21 63.89 11.57 -10.96
C MET B 21 63.55 10.14 -10.52
N GLY B 22 63.21 9.27 -11.44
CA GLY B 22 62.65 7.98 -11.09
C GLY B 22 61.27 7.81 -11.68
N PRO B 23 60.82 6.56 -11.82
CA PRO B 23 59.57 6.30 -12.54
C PRO B 23 58.38 6.89 -11.82
N LYS B 24 57.28 6.99 -12.56
CA LYS B 24 56.03 7.47 -11.99
C LYS B 24 55.47 6.42 -11.04
N GLY B 25 55.03 6.86 -9.88
CA GLY B 25 54.55 5.93 -8.87
C GLY B 25 55.63 5.29 -8.03
N ASN B 26 56.78 5.92 -7.89
CA ASN B 26 57.94 5.31 -7.27
C ASN B 26 58.08 5.61 -5.79
N LEU B 27 57.32 6.57 -5.25
CA LEU B 27 57.63 7.07 -3.92
C LEU B 27 56.45 7.02 -2.94
N ILE B 28 55.23 7.25 -3.42
CA ILE B 28 54.10 7.50 -2.52
C ILE B 28 53.77 6.27 -1.69
N TYR B 29 53.66 5.10 -2.32
CA TYR B 29 53.35 3.90 -1.55
C TYR B 29 54.54 3.46 -0.72
N LYS B 30 55.74 3.58 -1.28
CA LYS B 30 56.96 3.30 -0.53
C LYS B 30 57.06 4.18 0.71
N LEU B 31 56.56 5.42 0.63
CA LEU B 31 56.59 6.34 1.75
C LEU B 31 55.64 5.93 2.85
N ILE B 32 54.50 5.32 2.49
CA ILE B 32 53.52 4.88 3.47
C ILE B 32 53.88 3.53 4.09
N THR B 33 54.63 2.68 3.37
CA THR B 33 54.92 1.35 3.86
C THR B 33 56.37 1.12 4.26
N THR B 34 57.25 2.11 4.10
CA THR B 34 58.68 1.86 4.26
C THR B 34 59.05 1.55 5.71
N THR B 35 60.11 0.77 5.87
CA THR B 35 60.71 0.49 7.17
C THR B 35 62.23 0.63 7.16
N ASP B 36 62.79 1.40 6.23
CA ASP B 36 64.24 1.55 6.17
C ASP B 36 64.69 2.93 6.66
N HIS B 37 65.78 2.92 7.43
CA HIS B 37 66.23 4.08 8.16
C HIS B 37 66.70 5.21 7.25
N LYS B 38 67.23 4.89 6.06
CA LYS B 38 67.69 5.93 5.16
C LYS B 38 66.54 6.81 4.68
N LEU B 39 65.47 6.17 4.19
CA LEU B 39 64.30 6.92 3.76
C LEU B 39 63.64 7.62 4.93
N ILE B 40 63.58 6.96 6.09
CA ILE B 40 62.98 7.59 7.25
C ILE B 40 63.75 8.85 7.65
N GLY B 41 65.08 8.81 7.53
CA GLY B 41 65.86 9.99 7.86
C GLY B 41 65.69 11.12 6.86
N ILE B 42 65.56 10.77 5.57
CA ILE B 42 65.26 11.78 4.57
C ILE B 42 63.94 12.47 4.90
N MET B 43 62.92 11.70 5.29
CA MET B 43 61.63 12.28 5.63
C MET B 43 61.73 13.20 6.84
N TYR B 44 62.41 12.71 7.90
CA TYR B 44 62.78 13.57 9.02
C TYR B 44 63.32 14.91 8.57
N CYS B 45 64.36 14.89 7.73
CA CYS B 45 65.03 16.13 7.36
C CYS B 45 64.09 17.08 6.64
N VAL B 46 63.32 16.56 5.68
CA VAL B 46 62.45 17.42 4.88
C VAL B 46 61.38 18.09 5.75
N VAL B 47 60.73 17.29 6.61
CA VAL B 47 59.65 17.85 7.42
C VAL B 47 60.19 18.82 8.46
N CYS B 48 61.36 18.52 9.03
CA CYS B 48 61.96 19.43 10.00
C CYS B 48 62.31 20.76 9.35
N PHE B 49 62.78 20.75 8.10
CA PHE B 49 63.10 22.01 7.46
C PHE B 49 61.85 22.81 7.12
N ALA B 50 60.77 22.13 6.74
CA ALA B 50 59.49 22.85 6.56
C ALA B 50 59.09 23.56 7.85
N PHE B 51 59.16 22.86 8.99
CA PHE B 51 58.82 23.48 10.25
C PHE B 51 59.76 24.63 10.60
N PHE B 52 61.04 24.50 10.24
CA PHE B 52 61.98 25.60 10.42
C PHE B 52 61.53 26.84 9.66
N LEU B 53 61.07 26.66 8.42
CA LEU B 53 60.59 27.80 7.64
C LEU B 53 59.39 28.46 8.30
N VAL B 54 58.47 27.65 8.83
CA VAL B 54 57.29 28.22 9.50
C VAL B 54 57.71 29.06 10.71
N GLY B 55 58.58 28.51 11.55
CA GLY B 55 59.04 29.25 12.71
C GLY B 55 59.77 30.53 12.34
N GLY B 56 60.55 30.50 11.26
CA GLY B 56 61.24 31.69 10.84
C GLY B 56 60.29 32.77 10.33
N LEU B 57 59.20 32.36 9.67
CA LEU B 57 58.19 33.34 9.29
C LEU B 57 57.60 34.02 10.52
N MET B 58 57.31 33.23 11.57
CA MET B 58 56.82 33.84 12.81
C MET B 58 57.83 34.84 13.37
N ALA B 59 59.11 34.48 13.38
CA ALA B 59 60.13 35.39 13.89
C ALA B 59 60.21 36.67 13.07
N LEU B 60 60.03 36.57 11.75
CA LEU B 60 60.07 37.76 10.91
C LEU B 60 58.90 38.69 11.23
N PHE B 61 57.70 38.14 11.43
CA PHE B 61 56.58 38.97 11.85
C PHE B 61 56.90 39.68 13.17
N MET B 62 57.49 38.96 14.12
CA MET B 62 57.83 39.56 15.41
C MET B 62 58.81 40.72 15.24
N ARG B 63 59.87 40.51 14.45
CA ARG B 63 60.85 41.58 14.24
C ARG B 63 60.21 42.79 13.59
N THR B 64 59.39 42.57 12.56
CA THR B 64 58.74 43.68 11.87
C THR B 64 57.90 44.50 12.83
N GLU B 65 57.17 43.84 13.74
CA GLU B 65 56.44 44.62 14.73
C GLU B 65 57.37 45.32 15.71
N LEU B 66 58.48 44.67 16.09
CA LEU B 66 59.34 45.24 17.12
C LEU B 66 60.04 46.50 16.65
N ALA B 67 60.36 46.61 15.37
CA ALA B 67 60.85 47.88 14.86
C ALA B 67 59.77 48.96 14.99
N MET B 68 60.21 50.22 15.02
CA MET B 68 59.27 51.34 14.94
C MET B 68 58.27 51.37 16.09
N PRO B 69 58.65 51.91 17.27
CA PRO B 69 57.75 51.93 18.44
C PRO B 69 56.28 52.23 18.13
N GLY B 70 55.39 51.56 18.84
CA GLY B 70 53.97 51.60 18.56
C GLY B 70 53.50 50.32 17.90
N LEU B 71 52.20 50.06 18.01
CA LEU B 71 51.60 48.85 17.45
C LEU B 71 51.10 49.18 16.06
N GLN B 72 51.88 48.78 15.05
CA GLN B 72 51.57 49.17 13.68
C GLN B 72 50.55 48.23 13.04
N PHE B 73 50.77 46.92 13.14
CA PHE B 73 49.83 45.97 12.55
C PHE B 73 49.47 44.80 13.43
N LEU B 74 50.19 44.54 14.52
CA LEU B 74 49.88 43.41 15.40
C LEU B 74 49.14 43.88 16.64
N SER B 75 48.56 42.91 17.34
CA SER B 75 47.94 43.11 18.63
C SER B 75 48.81 42.47 19.71
N ASN B 76 48.49 42.79 20.97
CA ASN B 76 49.20 42.19 22.09
C ASN B 76 49.01 40.67 22.10
N GLU B 77 47.76 40.21 21.96
CA GLU B 77 47.48 38.79 21.97
C GLU B 77 48.20 38.09 20.81
N GLN B 78 48.21 38.74 19.65
CA GLN B 78 48.83 38.15 18.48
C GLN B 78 50.35 38.04 18.66
N PHE B 79 50.98 39.08 19.20
CA PHE B 79 52.41 39.01 19.47
C PHE B 79 52.74 37.91 20.48
N ASN B 80 51.87 37.74 21.48
CA ASN B 80 52.11 36.70 22.47
C ASN B 80 52.02 35.31 21.84
N GLN B 81 50.97 35.07 21.05
CA GLN B 81 50.87 33.83 20.30
C GLN B 81 52.08 33.63 19.41
N LEU B 82 52.59 34.71 18.83
CA LEU B 82 53.69 34.59 17.89
C LEU B 82 54.96 34.11 18.59
N PHE B 83 55.34 34.74 19.71
CA PHE B 83 56.58 34.25 20.31
C PHE B 83 56.40 32.88 20.96
N THR B 84 55.21 32.59 21.50
CA THR B 84 54.95 31.26 22.03
C THR B 84 55.15 30.20 20.95
N MET B 85 54.44 30.34 19.83
CA MET B 85 54.50 29.32 18.79
C MET B 85 55.84 29.28 18.11
N HIS B 86 56.52 30.42 17.98
CA HIS B 86 57.85 30.43 17.42
C HIS B 86 58.80 29.58 18.26
N GLY B 87 58.84 29.84 19.57
CA GLY B 87 59.69 29.04 20.44
C GLY B 87 59.33 27.56 20.41
N THR B 88 58.03 27.27 20.50
CA THR B 88 57.58 25.88 20.51
C THR B 88 58.02 25.14 19.25
N VAL B 89 57.71 25.71 18.09
CA VAL B 89 58.06 25.06 16.83
C VAL B 89 59.57 24.89 16.70
N MET B 90 60.32 25.99 16.89
CA MET B 90 61.77 25.92 16.68
C MET B 90 62.43 24.91 17.61
N LEU B 91 61.92 24.78 18.85
CA LEU B 91 62.62 23.90 19.77
C LEU B 91 62.16 22.44 19.69
N LEU B 92 60.87 22.19 19.50
CA LEU B 92 60.38 20.82 19.61
C LEU B 92 59.95 20.20 18.29
N PHE B 93 59.82 20.98 17.22
CA PHE B 93 59.43 20.41 15.93
C PHE B 93 60.55 20.48 14.89
N TYR B 94 61.69 21.04 15.24
CA TYR B 94 62.80 21.08 14.31
C TYR B 94 64.05 20.38 14.85
N ALA B 95 64.50 20.73 16.05
CA ALA B 95 65.80 20.31 16.54
C ALA B 95 65.80 18.89 17.11
N THR B 96 64.89 18.62 18.04
CA THR B 96 64.77 17.28 18.59
C THR B 96 64.51 16.23 17.52
N PRO B 97 63.66 16.45 16.51
CA PRO B 97 63.54 15.47 15.44
C PRO B 97 64.65 15.49 14.42
N ILE B 98 65.35 16.62 14.21
CA ILE B 98 66.50 16.57 13.31
C ILE B 98 67.62 15.73 13.90
N VAL B 99 67.70 15.67 15.23
CA VAL B 99 68.66 14.77 15.87
C VAL B 99 68.45 13.34 15.40
N PHE B 100 67.21 12.84 15.49
CA PHE B 100 66.93 11.48 15.08
C PHE B 100 66.92 11.33 13.57
N GLY B 101 66.71 12.39 12.82
CA GLY B 101 66.95 12.34 11.38
C GLY B 101 68.38 11.99 11.06
N PHE B 102 69.33 12.74 11.62
CA PHE B 102 70.75 12.43 11.39
C PHE B 102 71.11 11.04 11.92
N ALA B 103 70.56 10.68 13.08
CA ALA B 103 70.82 9.35 13.63
C ALA B 103 70.40 8.26 12.66
N ASN B 104 69.13 8.29 12.22
CA ASN B 104 68.67 7.29 11.27
C ASN B 104 69.45 7.34 9.96
N LEU B 105 69.96 8.51 9.58
CA LEU B 105 70.75 8.58 8.37
C LEU B 105 72.04 7.78 8.51
N VAL B 106 72.81 8.02 9.56
CA VAL B 106 74.20 7.54 9.51
C VAL B 106 74.67 6.68 10.68
N LEU B 107 73.79 6.26 11.57
CA LEU B 107 74.31 5.47 12.70
C LEU B 107 74.53 3.99 12.34
N PRO B 108 73.59 3.31 11.68
CA PRO B 108 73.85 1.91 11.32
C PRO B 108 75.01 1.76 10.36
N LEU B 109 75.18 2.70 9.42
CA LEU B 109 76.34 2.67 8.55
C LEU B 109 77.63 2.84 9.34
N GLN B 110 77.58 3.55 10.46
CA GLN B 110 78.79 3.80 11.23
C GLN B 110 79.15 2.64 12.15
N ILE B 111 78.16 1.89 12.64
CA ILE B 111 78.47 0.72 13.45
C ILE B 111 78.56 -0.56 12.61
N GLY B 112 78.24 -0.49 11.32
CA GLY B 112 78.37 -1.65 10.46
C GLY B 112 77.22 -2.62 10.52
N ALA B 113 76.00 -2.12 10.71
CA ALA B 113 74.80 -2.92 10.82
C ALA B 113 73.97 -2.85 9.55
N PRO B 114 73.08 -3.81 9.31
CA PRO B 114 72.23 -3.74 8.12
C PRO B 114 70.94 -2.97 8.34
N ASP B 115 70.56 -2.77 9.59
CA ASP B 115 69.26 -2.21 9.93
C ASP B 115 69.31 -1.70 11.36
N VAL B 116 68.25 -1.02 11.78
CA VAL B 116 68.03 -0.64 13.17
C VAL B 116 67.41 -1.83 13.90
N ALA B 117 67.35 -1.75 15.23
CA ALA B 117 66.82 -2.86 16.01
C ALA B 117 65.34 -3.07 15.75
N PHE B 118 64.54 -2.00 15.76
CA PHE B 118 63.09 -2.11 15.63
C PHE B 118 62.59 -1.25 14.47
N PRO B 119 62.57 -1.78 13.25
CA PRO B 119 62.28 -0.95 12.08
C PRO B 119 60.85 -0.44 11.98
N ARG B 120 59.88 -1.09 12.62
CA ARG B 120 58.52 -0.58 12.60
C ARG B 120 58.29 0.42 13.73
N LEU B 121 58.95 0.24 14.87
CA LEU B 121 58.96 1.27 15.89
C LEU B 121 59.58 2.56 15.37
N ASN B 122 60.56 2.43 14.47
CA ASN B 122 61.15 3.60 13.81
C ASN B 122 60.08 4.43 13.08
N ALA B 123 59.30 3.77 12.21
CA ALA B 123 58.27 4.48 11.46
C ALA B 123 57.18 5.01 12.37
N LEU B 124 56.85 4.25 13.43
CA LEU B 124 55.89 4.75 14.40
C LEU B 124 56.37 6.05 15.03
N SER B 125 57.65 6.13 15.38
CA SER B 125 58.20 7.37 15.94
C SER B 125 58.07 8.52 14.96
N PHE B 126 58.39 8.27 13.69
CA PHE B 126 58.29 9.35 12.70
C PHE B 126 56.85 9.87 12.60
N TRP B 127 55.88 8.97 12.44
CA TRP B 127 54.51 9.43 12.24
C TRP B 127 53.95 10.06 13.51
N LEU B 128 54.36 9.58 14.68
CA LEU B 128 53.95 10.23 15.93
C LEU B 128 54.45 11.65 16.00
N PHE B 129 55.74 11.87 15.67
CA PHE B 129 56.24 13.23 15.55
C PHE B 129 55.37 14.10 14.65
N LEU B 130 55.12 13.61 13.43
CA LEU B 130 54.43 14.45 12.45
C LEU B 130 53.03 14.84 12.95
N PHE B 131 52.27 13.85 13.41
CA PHE B 131 50.89 14.14 13.80
C PHE B 131 50.80 14.95 15.08
N GLY B 132 51.72 14.74 16.03
CA GLY B 132 51.73 15.58 17.21
C GLY B 132 52.05 17.03 16.89
N ALA B 133 53.01 17.26 16.00
CA ALA B 133 53.32 18.63 15.59
C ALA B 133 52.12 19.27 14.91
N LEU B 134 51.41 18.52 14.07
CA LEU B 134 50.23 19.09 13.42
C LEU B 134 49.15 19.42 14.42
N ILE B 135 48.94 18.55 15.42
CA ILE B 135 47.91 18.81 16.43
C ILE B 135 48.25 20.06 17.22
N ALA B 136 49.53 20.22 17.59
CA ALA B 136 49.90 21.40 18.36
C ALA B 136 49.82 22.67 17.53
N ILE B 137 50.16 22.61 16.24
CA ILE B 137 50.10 23.82 15.41
C ILE B 137 48.67 24.20 15.09
N ALA B 138 47.75 23.23 15.00
CA ALA B 138 46.40 23.58 14.58
C ALA B 138 45.58 24.17 15.72
N GLY B 139 46.13 25.20 16.36
CA GLY B 139 45.39 25.97 17.33
C GLY B 139 45.13 27.37 16.80
N PHE B 140 45.80 27.70 15.70
CA PHE B 140 45.62 29.00 15.06
C PHE B 140 44.24 29.11 14.44
N ILE B 141 43.61 27.99 14.11
CA ILE B 141 42.28 28.03 13.48
C ILE B 141 41.16 28.10 14.50
N THR B 142 41.47 28.27 15.77
CA THR B 142 40.51 28.47 16.84
C THR B 142 40.22 29.96 16.99
N PRO B 143 38.96 30.34 17.23
CA PRO B 143 38.66 31.77 17.43
C PRO B 143 39.46 32.43 18.52
N GLY B 144 39.88 31.68 19.56
CA GLY B 144 40.72 32.25 20.58
C GLY B 144 42.19 32.34 20.19
N GLY B 145 42.62 31.55 19.21
CA GLY B 145 44.00 31.56 18.79
C GLY B 145 44.81 30.45 19.42
N ALA B 146 46.10 30.46 19.11
CA ALA B 146 47.01 29.46 19.65
C ALA B 146 47.38 29.80 21.08
N ALA B 147 48.23 28.96 21.67
CA ALA B 147 48.73 29.22 23.01
C ALA B 147 49.48 30.55 23.03
N ASP B 148 49.23 31.35 24.07
CA ASP B 148 49.81 32.67 24.18
C ASP B 148 50.54 32.92 25.49
N PHE B 149 50.56 31.96 26.40
CA PHE B 149 51.54 31.95 27.46
C PHE B 149 52.91 31.67 26.86
N GLY B 150 53.94 31.66 27.69
CA GLY B 150 55.27 31.45 27.17
C GLY B 150 55.49 30.02 26.70
N TRP B 151 56.65 29.81 26.06
CA TRP B 151 57.06 28.45 25.76
C TRP B 151 57.23 27.62 27.04
N THR B 152 57.52 28.28 28.16
CA THR B 152 57.71 27.60 29.42
C THR B 152 56.39 27.30 30.13
N ALA B 153 55.33 28.08 29.84
CA ALA B 153 53.97 27.82 30.33
C ALA B 153 53.93 27.78 31.86
N TYR B 154 54.19 28.94 32.47
CA TYR B 154 54.39 28.99 33.91
C TYR B 154 53.11 28.77 34.72
N SER B 155 53.22 28.97 36.03
CA SER B 155 52.45 28.15 36.97
C SER B 155 50.96 28.47 36.96
N PRO B 156 50.50 29.68 37.34
CA PRO B 156 49.05 29.91 37.41
C PRO B 156 48.48 30.53 36.15
N LEU B 157 49.34 30.99 35.23
CA LEU B 157 48.87 31.61 34.00
C LEU B 157 48.26 30.61 33.04
N THR B 158 48.53 29.32 33.20
CA THR B 158 48.09 28.29 32.27
C THR B 158 46.87 27.53 32.74
N ASP B 159 46.19 28.00 33.79
CA ASP B 159 45.00 27.32 34.29
C ASP B 159 43.81 27.65 33.39
N ALA B 160 42.60 27.37 33.85
CA ALA B 160 41.43 27.65 33.04
C ALA B 160 40.80 29.01 33.35
N ILE B 161 41.11 29.61 34.49
CA ILE B 161 40.66 30.97 34.76
C ILE B 161 41.33 31.94 33.81
N HIS B 162 42.65 32.03 33.89
CA HIS B 162 43.46 32.75 32.93
C HIS B 162 43.80 31.80 31.79
N SER B 163 43.83 32.33 30.57
CA SER B 163 44.03 31.50 29.38
C SER B 163 42.93 30.44 29.26
N PRO B 164 41.70 30.82 28.96
CA PRO B 164 40.61 29.84 28.85
C PRO B 164 40.38 29.26 27.47
N GLY B 165 41.17 29.64 26.47
CA GLY B 165 40.94 29.18 25.12
C GLY B 165 41.26 27.71 24.92
N ALA B 166 41.04 27.24 23.70
CA ALA B 166 41.25 25.84 23.34
C ALA B 166 42.58 25.59 22.64
N GLY B 167 43.42 26.60 22.50
CA GLY B 167 44.72 26.41 21.90
C GLY B 167 45.71 25.74 22.82
N GLY B 168 45.67 26.08 24.10
CA GLY B 168 46.57 25.47 25.07
C GLY B 168 46.34 23.98 25.24
N ASP B 169 45.08 23.54 25.11
CA ASP B 169 44.77 22.12 25.21
C ASP B 169 45.43 21.35 24.07
N LEU B 170 45.25 21.83 22.85
CA LEU B 170 45.89 21.20 21.69
C LEU B 170 47.40 21.23 21.83
N TRP B 171 47.94 22.34 22.35
CA TRP B 171 49.37 22.44 22.62
C TRP B 171 49.83 21.30 23.53
N ILE B 172 49.14 21.11 24.66
CA ILE B 172 49.52 20.09 25.63
C ILE B 172 49.48 18.70 25.00
N MET B 173 48.39 18.39 24.30
CA MET B 173 48.25 17.04 23.77
C MET B 173 49.23 16.76 22.65
N GLY B 174 49.48 17.75 21.79
CA GLY B 174 50.50 17.57 20.76
C GLY B 174 51.88 17.35 21.33
N LEU B 175 52.21 18.08 22.41
CA LEU B 175 53.50 17.85 23.05
C LEU B 175 53.60 16.44 23.62
N ALA B 176 52.50 15.94 24.20
CA ALA B 176 52.52 14.58 24.75
C ALA B 176 52.77 13.55 23.64
N VAL B 177 52.10 13.71 22.50
CA VAL B 177 52.26 12.76 21.40
C VAL B 177 53.70 12.80 20.87
N GLY B 178 54.22 13.99 20.63
CA GLY B 178 55.60 14.11 20.17
C GLY B 178 56.61 13.53 21.16
N GLY B 179 56.34 13.69 22.45
CA GLY B 179 57.23 13.14 23.45
C GLY B 179 57.24 11.63 23.45
N LEU B 180 56.07 11.01 23.26
CA LEU B 180 56.04 9.57 23.11
C LEU B 180 56.86 9.10 21.92
N GLY B 181 56.72 9.80 20.79
CA GLY B 181 57.56 9.48 19.64
C GLY B 181 59.04 9.56 19.93
N THR B 182 59.45 10.62 20.62
CA THR B 182 60.87 10.82 20.94
C THR B 182 61.39 9.71 21.87
N ILE B 183 60.58 9.32 22.85
CA ILE B 183 60.97 8.25 23.77
C ILE B 183 61.20 6.95 23.01
N LEU B 184 60.28 6.64 22.09
CA LEU B 184 60.45 5.41 21.31
C LEU B 184 61.70 5.47 20.45
N GLY B 185 61.99 6.63 19.87
CA GLY B 185 63.22 6.77 19.10
C GLY B 185 64.47 6.54 19.92
N GLY B 186 64.49 7.09 21.15
CA GLY B 186 65.65 6.88 22.01
C GLY B 186 65.84 5.43 22.40
N VAL B 187 64.76 4.74 22.72
CA VAL B 187 64.85 3.31 23.02
C VAL B 187 65.43 2.56 21.83
N ASN B 188 64.91 2.85 20.63
CA ASN B 188 65.41 2.22 19.42
C ASN B 188 66.92 2.44 19.25
N MET B 189 67.38 3.67 19.46
CA MET B 189 68.79 3.96 19.21
C MET B 189 69.70 3.27 20.22
N ILE B 190 69.32 3.28 21.50
CA ILE B 190 70.12 2.57 22.50
C ILE B 190 70.22 1.10 22.15
N THR B 191 69.10 0.47 21.80
CA THR B 191 69.13 -0.95 21.49
C THR B 191 69.96 -1.24 20.25
N THR B 192 69.85 -0.38 19.23
CA THR B 192 70.63 -0.58 18.01
C THR B 192 72.13 -0.51 18.28
N VAL B 193 72.55 0.46 19.10
CA VAL B 193 73.98 0.56 19.39
C VAL B 193 74.44 -0.61 20.25
N VAL B 194 73.58 -1.15 21.10
CA VAL B 194 74.03 -2.22 21.99
C VAL B 194 74.10 -3.56 21.27
N CYS B 195 73.07 -3.93 20.51
CA CYS B 195 73.01 -5.27 19.93
C CYS B 195 73.69 -5.36 18.56
N MET B 196 73.24 -4.56 17.60
CA MET B 196 73.74 -4.63 16.24
C MET B 196 75.08 -3.92 16.16
N ARG B 197 76.13 -4.65 15.79
CA ARG B 197 77.47 -4.08 15.72
C ARG B 197 78.38 -5.07 15.01
N ALA B 198 79.26 -4.56 14.15
CA ALA B 198 80.11 -5.40 13.31
C ALA B 198 80.97 -6.34 14.16
N PRO B 199 81.46 -7.43 13.57
CA PRO B 199 82.18 -8.45 14.35
C PRO B 199 83.59 -8.09 14.75
N GLY B 200 84.02 -6.83 14.62
CA GLY B 200 85.33 -6.46 15.12
C GLY B 200 85.33 -5.11 15.80
N MET B 201 84.19 -4.42 15.78
CA MET B 201 84.09 -3.03 16.23
C MET B 201 83.76 -3.02 17.72
N THR B 202 84.76 -2.77 18.55
CA THR B 202 84.53 -2.63 19.97
C THR B 202 83.95 -1.25 20.27
N MET B 203 83.57 -1.02 21.53
CA MET B 203 82.94 0.23 21.88
C MET B 203 83.92 1.39 21.90
N PHE B 204 85.21 1.13 22.02
CA PHE B 204 86.20 2.19 21.93
C PHE B 204 86.85 2.24 20.55
N ARG B 205 86.19 1.70 19.55
CA ARG B 205 86.53 1.91 18.15
C ARG B 205 85.39 2.56 17.36
N MET B 206 84.25 2.81 18.00
CA MET B 206 83.12 3.40 17.31
C MET B 206 83.24 4.92 17.29
N PRO B 207 82.61 5.58 16.33
CA PRO B 207 82.80 7.03 16.20
C PRO B 207 82.16 7.82 17.33
N ILE B 208 82.65 9.06 17.44
CA ILE B 208 82.18 9.99 18.46
C ILE B 208 80.73 10.37 18.23
N PHE B 209 80.30 10.43 16.97
CA PHE B 209 78.88 10.68 16.69
C PHE B 209 78.02 9.59 17.29
N THR B 210 78.45 8.33 17.17
CA THR B 210 77.70 7.21 17.76
C THR B 210 77.69 7.30 19.28
N TRP B 211 78.84 7.58 19.88
CA TRP B 211 78.90 7.81 21.33
C TRP B 211 77.90 8.88 21.76
N ASN B 212 77.89 10.00 21.03
CA ASN B 212 77.05 11.13 21.41
C ASN B 212 75.57 10.82 21.25
N ILE B 213 75.22 10.05 20.22
CA ILE B 213 73.82 9.65 20.04
C ILE B 213 73.38 8.72 21.17
N LEU B 214 74.25 7.78 21.55
CA LEU B 214 73.97 6.93 22.70
C LEU B 214 73.66 7.75 23.94
N VAL B 215 74.55 8.69 24.27
CA VAL B 215 74.38 9.50 25.47
C VAL B 215 73.10 10.35 25.37
N THR B 216 72.85 10.93 24.20
CA THR B 216 71.67 11.77 24.02
C THR B 216 70.39 10.95 24.20
N SER B 217 70.40 9.69 23.77
CA SER B 217 69.22 8.85 23.96
C SER B 217 68.99 8.56 25.44
N ILE B 218 70.06 8.33 26.20
CA ILE B 218 69.92 8.15 27.64
C ILE B 218 69.30 9.40 28.27
N LEU B 219 69.78 10.58 27.89
CA LEU B 219 69.22 11.81 28.41
C LEU B 219 67.75 11.97 28.03
N VAL B 220 67.39 11.58 26.80
CA VAL B 220 66.00 11.65 26.37
C VAL B 220 65.13 10.82 27.30
N LEU B 221 65.57 9.58 27.56
CA LEU B 221 64.78 8.68 28.40
C LEU B 221 64.70 9.19 29.84
N ILE B 222 65.68 9.96 30.27
CA ILE B 222 65.57 10.59 31.59
C ILE B 222 64.58 11.75 31.58
N ALA B 223 64.63 12.58 30.55
CA ALA B 223 63.94 13.88 30.58
C ALA B 223 62.48 13.83 30.17
N PHE B 224 62.13 13.11 29.10
CA PHE B 224 60.80 13.29 28.53
C PHE B 224 59.63 12.70 29.33
N PRO B 225 59.78 11.57 30.03
CA PRO B 225 58.64 11.07 30.80
C PRO B 225 58.14 12.02 31.89
N ILE B 226 59.05 12.79 32.50
CA ILE B 226 58.61 13.71 33.55
C ILE B 226 57.85 14.88 32.95
N LEU B 227 58.20 15.30 31.74
CA LEU B 227 57.40 16.30 31.04
C LEU B 227 56.03 15.75 30.71
N THR B 228 55.95 14.49 30.30
CA THR B 228 54.64 13.89 30.04
C THR B 228 53.79 13.88 31.31
N ALA B 229 54.40 13.53 32.45
CA ALA B 229 53.67 13.53 33.70
C ALA B 229 53.15 14.92 34.05
N ALA B 230 54.01 15.93 33.93
CA ALA B 230 53.60 17.30 34.26
C ALA B 230 52.48 17.78 33.33
N LEU B 231 52.56 17.42 32.05
CA LEU B 231 51.53 17.86 31.11
C LEU B 231 50.20 17.16 31.39
N PHE B 232 50.23 15.89 31.79
CA PHE B 232 48.99 15.22 32.16
C PHE B 232 48.39 15.83 33.41
N GLY B 233 49.25 16.23 34.37
CA GLY B 233 48.74 16.94 35.53
C GLY B 233 48.08 18.27 35.18
N LEU B 234 48.70 19.02 34.26
CA LEU B 234 48.13 20.30 33.84
C LEU B 234 46.80 20.10 33.12
N ALA B 235 46.71 19.05 32.28
CA ALA B 235 45.45 18.76 31.61
C ALA B 235 44.38 18.35 32.62
N ALA B 236 44.76 17.59 33.65
CA ALA B 236 43.82 17.23 34.70
C ALA B 236 43.30 18.47 35.40
N ASP B 237 44.19 19.40 35.75
CA ASP B 237 43.75 20.68 36.30
C ASP B 237 42.74 21.36 35.38
N ARG B 238 43.11 21.56 34.11
CA ARG B 238 42.29 22.36 33.22
C ARG B 238 40.96 21.71 32.90
N HIS B 239 40.86 20.38 32.98
CA HIS B 239 39.63 19.70 32.59
C HIS B 239 38.83 19.11 33.74
N LEU B 240 39.35 19.12 34.96
CA LEU B 240 38.60 18.58 36.09
C LEU B 240 38.73 19.41 37.37
N GLY B 241 39.40 20.57 37.33
CA GLY B 241 39.63 21.34 38.53
C GLY B 241 40.39 20.55 39.58
N ALA B 242 41.67 20.27 39.33
CA ALA B 242 42.37 19.23 40.07
C ALA B 242 43.41 19.77 41.06
N HIS B 243 43.40 21.06 41.37
CA HIS B 243 44.09 21.61 42.55
C HIS B 243 45.57 21.24 42.61
N ILE B 244 46.16 20.75 41.53
CA ILE B 244 47.51 20.21 41.61
C ILE B 244 48.56 21.30 41.57
N TYR B 245 48.38 22.31 40.71
CA TYR B 245 49.27 23.46 40.65
C TYR B 245 48.63 24.67 41.32
N ASP B 246 47.90 24.42 42.40
CA ASP B 246 47.25 25.48 43.15
C ASP B 246 48.30 26.22 43.97
N PRO B 247 48.37 27.56 43.88
CA PRO B 247 49.35 28.30 44.69
C PRO B 247 49.10 28.23 46.19
N ALA B 248 47.93 27.75 46.64
CA ALA B 248 47.74 27.55 48.06
C ALA B 248 48.61 26.42 48.59
N ASN B 249 48.97 25.49 47.73
CA ASN B 249 50.04 24.54 47.97
C ASN B 249 51.32 25.12 47.39
N GLY B 250 52.36 24.29 47.26
CA GLY B 250 53.55 24.75 46.58
C GLY B 250 53.43 24.61 45.07
N GLY B 251 52.22 24.84 44.55
CA GLY B 251 51.92 24.58 43.15
C GLY B 251 52.63 25.49 42.18
N VAL B 252 53.03 26.68 42.61
CA VAL B 252 53.71 27.60 41.70
C VAL B 252 55.13 27.15 41.44
N LEU B 253 55.86 26.72 42.47
CA LEU B 253 57.23 26.26 42.30
C LEU B 253 57.32 24.80 41.88
N LEU B 254 56.30 23.99 42.17
CA LEU B 254 56.31 22.60 41.73
C LEU B 254 56.40 22.52 40.21
N TRP B 255 55.58 23.32 39.51
CA TRP B 255 55.61 23.33 38.06
C TRP B 255 56.99 23.74 37.55
N GLN B 256 57.58 24.78 38.14
CA GLN B 256 58.86 25.27 37.65
C GLN B 256 59.95 24.23 37.85
N HIS B 257 59.95 23.55 38.99
CA HIS B 257 60.94 22.51 39.24
C HIS B 257 60.81 21.39 38.22
N LEU B 258 59.58 20.88 38.03
CA LEU B 258 59.40 19.79 37.07
C LEU B 258 59.78 20.21 35.66
N PHE B 259 59.29 21.38 35.24
CA PHE B 259 59.54 21.81 33.87
C PHE B 259 61.01 22.03 33.61
N TRP B 260 61.74 22.62 34.56
CA TRP B 260 63.14 22.88 34.26
C TRP B 260 64.00 21.63 34.41
N PHE B 261 63.59 20.70 35.27
CA PHE B 261 64.21 19.38 35.29
C PHE B 261 64.10 18.70 33.93
N PHE B 262 62.96 18.86 33.26
CA PHE B 262 62.89 18.40 31.88
C PHE B 262 63.72 19.27 30.95
N GLY B 263 63.65 20.59 31.11
CA GLY B 263 64.02 21.52 30.05
C GLY B 263 65.50 21.79 29.91
N HIS B 264 66.29 21.59 30.96
CA HIS B 264 67.71 21.79 30.69
C HIS B 264 68.33 20.58 29.98
N PRO B 265 68.07 19.34 30.44
CA PRO B 265 68.51 18.17 29.66
C PRO B 265 68.08 18.25 28.21
N GLU B 266 66.99 18.97 27.89
CA GLU B 266 66.60 19.12 26.49
C GLU B 266 67.61 19.97 25.72
N VAL B 267 68.03 21.09 26.29
CA VAL B 267 68.98 21.94 25.58
C VAL B 267 70.34 21.26 25.49
N TYR B 268 70.59 20.26 26.33
CA TYR B 268 71.80 19.45 26.09
C TYR B 268 71.54 18.32 25.10
N ILE B 269 70.29 17.86 25.01
CA ILE B 269 69.93 16.83 24.04
C ILE B 269 70.11 17.36 22.62
N ILE B 270 69.91 18.68 22.44
CA ILE B 270 70.05 19.25 21.10
C ILE B 270 71.43 19.88 20.87
N ALA B 271 72.46 19.45 21.60
CA ALA B 271 73.82 19.97 21.41
C ALA B 271 74.86 18.89 21.18
N LEU B 272 74.74 17.75 21.87
CA LEU B 272 75.78 16.73 21.81
C LEU B 272 75.88 16.05 20.44
N PRO B 273 74.78 15.68 19.78
CA PRO B 273 74.93 15.11 18.42
C PRO B 273 75.60 16.06 17.45
N PHE B 274 75.48 17.37 17.65
CA PHE B 274 76.11 18.31 16.73
C PHE B 274 77.58 18.53 17.08
N PHE B 275 77.92 18.46 18.37
CA PHE B 275 79.32 18.27 18.74
C PHE B 275 79.90 17.07 18.00
N GLY B 276 79.17 15.95 17.99
CA GLY B 276 79.65 14.77 17.29
C GLY B 276 79.79 14.99 15.79
N ILE B 277 78.87 15.75 15.20
CA ILE B 277 78.95 16.04 13.77
C ILE B 277 80.24 16.78 13.45
N VAL B 278 80.53 17.85 14.18
CA VAL B 278 81.75 18.59 13.88
C VAL B 278 82.99 17.75 14.21
N SER B 279 82.89 16.87 15.21
CA SER B 279 83.98 15.95 15.50
C SER B 279 84.23 14.95 14.38
N GLU B 280 83.19 14.61 13.61
CA GLU B 280 83.42 13.79 12.42
C GLU B 280 83.98 14.61 11.26
N ILE B 281 83.63 15.89 11.19
CA ILE B 281 83.98 16.66 10.00
C ILE B 281 85.42 17.18 10.06
N PHE B 282 85.91 17.56 11.24
CA PHE B 282 87.23 18.18 11.33
C PHE B 282 88.37 17.30 10.83
N PRO B 283 88.50 16.03 11.24
CA PRO B 283 89.65 15.24 10.80
C PRO B 283 89.72 15.03 9.30
N VAL B 284 88.58 14.95 8.61
CA VAL B 284 88.60 14.69 7.18
C VAL B 284 89.26 15.83 6.42
N PHE B 285 88.93 17.06 6.79
CA PHE B 285 89.46 18.23 6.10
C PHE B 285 90.75 18.76 6.72
N SER B 286 91.21 18.17 7.83
CA SER B 286 92.55 18.46 8.31
C SER B 286 93.56 17.36 7.99
N ARG B 287 93.09 16.23 7.43
CA ARG B 287 93.96 15.12 7.04
C ARG B 287 94.75 14.58 8.23
N LYS B 288 94.12 14.58 9.40
CA LYS B 288 94.77 14.21 10.64
C LYS B 288 93.83 13.39 11.49
N PRO B 289 94.30 12.73 12.55
CA PRO B 289 93.38 12.02 13.44
C PRO B 289 92.69 12.99 14.39
N ILE B 290 91.57 12.51 14.95
CA ILE B 290 90.86 13.30 15.94
C ILE B 290 91.69 13.37 17.21
N PHE B 291 91.91 14.59 17.68
CA PHE B 291 92.77 14.81 18.83
C PHE B 291 92.03 14.48 20.12
N GLY B 292 92.58 13.57 20.91
CA GLY B 292 91.97 13.20 22.18
C GLY B 292 90.66 12.46 22.04
N TYR B 293 90.71 11.25 21.46
CA TYR B 293 89.51 10.45 21.27
C TYR B 293 88.86 10.07 22.60
N THR B 294 89.62 9.39 23.46
CA THR B 294 89.08 9.01 24.76
C THR B 294 88.76 10.21 25.63
N THR B 295 89.51 11.31 25.45
CA THR B 295 89.22 12.52 26.21
C THR B 295 87.88 13.11 25.81
N LEU B 296 87.58 13.13 24.51
CA LEU B 296 86.27 13.60 24.06
C LEU B 296 85.16 12.69 24.58
N ILE B 297 85.40 11.38 24.60
CA ILE B 297 84.39 10.48 25.15
C ILE B 297 84.12 10.78 26.62
N TYR B 298 85.18 10.96 27.40
CA TYR B 298 85.02 11.26 28.82
C TYR B 298 84.33 12.60 29.03
N ALA B 299 84.64 13.59 28.20
CA ALA B 299 83.99 14.89 28.32
C ALA B 299 82.49 14.79 28.01
N THR B 300 82.13 14.01 27.00
CA THR B 300 80.72 13.78 26.70
C THR B 300 80.02 13.14 27.89
N LEU B 301 80.63 12.11 28.47
CA LEU B 301 80.02 11.44 29.63
C LEU B 301 79.86 12.40 30.80
N ALA B 302 80.86 13.24 31.05
CA ALA B 302 80.79 14.15 32.18
C ALA B 302 79.73 15.22 31.97
N ILE B 303 79.64 15.77 30.76
CA ILE B 303 78.57 16.72 30.45
C ILE B 303 77.22 16.09 30.67
N ALA B 304 77.05 14.84 30.22
CA ALA B 304 75.77 14.15 30.38
C ALA B 304 75.42 13.98 31.84
N ALA B 305 76.39 13.53 32.64
CA ALA B 305 76.12 13.33 34.06
C ALA B 305 75.76 14.63 34.76
N LEU B 306 76.48 15.71 34.43
CA LEU B 306 76.25 16.98 35.10
C LEU B 306 74.95 17.64 34.68
N SER B 307 74.47 17.36 33.45
CA SER B 307 73.35 18.10 32.89
C SER B 307 72.05 17.93 33.67
N VAL B 308 71.95 16.96 34.57
CA VAL B 308 70.72 16.70 35.31
C VAL B 308 70.78 17.25 36.73
N ALA B 309 71.74 18.12 37.03
CA ALA B 309 71.89 18.61 38.39
C ALA B 309 72.00 20.12 38.47
N VAL B 310 71.72 20.85 37.38
CA VAL B 310 71.85 22.29 37.36
C VAL B 310 70.52 22.99 37.12
N TRP B 311 69.42 22.23 37.01
CA TRP B 311 68.19 22.74 36.41
C TRP B 311 67.74 24.06 36.99
N ALA B 312 68.03 24.34 38.25
CA ALA B 312 67.46 25.49 38.93
C ALA B 312 68.24 26.78 38.71
N HIS B 313 69.27 26.77 37.86
CA HIS B 313 69.84 28.06 37.50
C HIS B 313 68.90 28.87 36.62
N HIS B 314 67.76 28.31 36.26
CA HIS B 314 66.67 29.03 35.62
C HIS B 314 65.69 29.63 36.62
N MET B 315 66.02 29.57 37.92
CA MET B 315 65.10 29.98 38.98
C MET B 315 65.80 30.87 40.01
N TYR B 316 66.81 31.62 39.59
CA TYR B 316 67.59 32.42 40.54
C TYR B 316 66.74 33.54 41.15
N ALA B 317 65.89 34.17 40.35
CA ALA B 317 65.17 35.36 40.80
C ALA B 317 63.85 35.04 41.51
N THR B 318 63.60 33.78 41.87
CA THR B 318 62.38 33.45 42.60
C THR B 318 62.56 33.57 44.11
N GLY B 319 63.79 33.52 44.61
CA GLY B 319 64.01 33.53 46.03
C GLY B 319 63.64 32.24 46.72
N ALA B 320 63.68 31.12 46.01
CA ALA B 320 63.23 29.84 46.57
C ALA B 320 64.16 28.68 46.27
N VAL B 321 65.34 28.91 45.68
CA VAL B 321 66.26 27.84 45.36
C VAL B 321 67.55 28.04 46.15
N LEU B 322 68.30 26.94 46.29
CA LEU B 322 69.59 26.95 46.97
C LEU B 322 70.64 27.38 45.95
N LEU B 323 71.05 28.64 46.02
CA LEU B 323 71.87 29.28 45.00
C LEU B 323 73.27 28.67 44.85
N PRO B 324 74.04 28.46 45.93
CA PRO B 324 75.43 28.03 45.74
C PRO B 324 75.56 26.66 45.11
N PHE B 325 74.67 25.72 45.47
CA PHE B 325 74.70 24.38 44.89
C PHE B 325 74.61 24.43 43.37
N PHE B 326 73.56 25.06 42.86
CA PHE B 326 73.35 25.10 41.42
C PHE B 326 74.39 25.97 40.72
N SER B 327 74.80 27.07 41.36
CA SER B 327 75.83 27.92 40.76
C SER B 327 77.13 27.16 40.57
N PHE B 328 77.57 26.44 41.61
CA PHE B 328 78.77 25.65 41.51
C PHE B 328 78.62 24.56 40.46
N MET B 329 77.44 23.94 40.37
CA MET B 329 77.24 22.88 39.39
C MET B 329 77.37 23.39 37.96
N THR B 330 76.83 24.59 37.69
CA THR B 330 76.98 25.14 36.34
C THR B 330 78.42 25.56 36.06
N PHE B 331 79.06 26.21 37.02
CA PHE B 331 80.48 26.52 36.86
C PHE B 331 81.28 25.26 36.55
N LEU B 332 80.92 24.15 37.19
CA LEU B 332 81.59 22.87 36.93
C LEU B 332 81.33 22.39 35.50
N ILE B 333 80.05 22.40 35.08
CA ILE B 333 79.71 21.90 33.75
C ILE B 333 80.36 22.73 32.66
N ALA B 334 80.79 23.96 32.97
CA ALA B 334 81.46 24.77 31.97
C ALA B 334 82.81 24.22 31.50
N VAL B 335 83.43 23.30 32.24
CA VAL B 335 84.81 22.87 31.96
C VAL B 335 84.91 21.85 30.82
N PRO B 336 84.17 20.73 30.84
CA PRO B 336 84.33 19.75 29.74
C PRO B 336 84.08 20.34 28.37
N THR B 337 83.22 21.36 28.27
CA THR B 337 83.05 22.03 26.99
C THR B 337 84.33 22.70 26.53
N GLY B 338 85.07 23.30 27.47
CA GLY B 338 86.36 23.87 27.12
C GLY B 338 87.37 22.81 26.71
N ILE B 339 87.37 21.67 27.41
CA ILE B 339 88.22 20.55 26.99
C ILE B 339 87.90 20.14 25.57
N LYS B 340 86.61 20.09 25.23
CA LYS B 340 86.19 19.71 23.89
C LYS B 340 86.66 20.72 22.85
N PHE B 341 86.55 22.01 23.18
CA PHE B 341 87.08 23.06 22.30
C PHE B 341 88.57 22.88 22.06
N PHE B 342 89.33 22.58 23.12
CA PHE B 342 90.77 22.44 22.96
C PHE B 342 91.12 21.22 22.10
N ASN B 343 90.35 20.14 22.23
CA ASN B 343 90.56 18.99 21.36
C ASN B 343 90.25 19.34 19.90
N TRP B 344 89.18 20.10 19.66
CA TRP B 344 88.86 20.50 18.29
C TRP B 344 89.95 21.36 17.70
N ILE B 345 90.55 22.24 18.51
CA ILE B 345 91.64 23.08 18.01
C ILE B 345 92.86 22.23 17.70
N GLY B 346 93.24 21.34 18.62
CA GLY B 346 94.36 20.45 18.38
C GLY B 346 94.18 19.55 17.18
N THR B 347 92.94 19.22 16.82
CA THR B 347 92.72 18.43 15.61
C THR B 347 93.15 19.18 14.36
N MET B 348 92.78 20.46 14.24
CA MET B 348 93.18 21.26 13.10
C MET B 348 94.63 21.70 13.15
N TRP B 349 95.24 21.73 14.35
CA TRP B 349 96.58 22.26 14.49
C TRP B 349 97.59 21.45 13.67
N LYS B 350 98.32 22.15 12.79
CA LYS B 350 99.42 21.58 12.02
C LYS B 350 98.93 20.51 11.04
N GLY B 351 97.87 20.84 10.31
CA GLY B 351 97.35 19.93 9.30
C GLY B 351 97.56 20.45 7.89
N GLN B 352 96.70 20.05 6.97
CA GLN B 352 96.67 20.58 5.60
C GLN B 352 95.23 21.00 5.34
N LEU B 353 94.90 22.23 5.75
CA LEU B 353 93.52 22.66 5.80
C LEU B 353 93.03 23.07 4.42
N THR B 354 91.85 22.58 4.05
CA THR B 354 91.11 23.07 2.90
C THR B 354 89.71 23.42 3.36
N PHE B 355 89.17 24.51 2.84
CA PHE B 355 87.92 25.08 3.34
C PHE B 355 86.84 24.92 2.29
N GLU B 356 86.20 23.75 2.28
CA GLU B 356 84.97 23.54 1.55
C GLU B 356 83.79 23.97 2.40
N THR B 357 82.57 23.68 1.95
CA THR B 357 81.40 24.15 2.68
C THR B 357 81.23 23.53 4.06
N PRO B 358 81.40 22.21 4.27
CA PRO B 358 81.25 21.70 5.64
C PRO B 358 82.31 22.24 6.60
N MET B 359 83.56 22.40 6.13
CA MET B 359 84.59 22.95 6.99
C MET B 359 84.32 24.41 7.33
N LEU B 360 83.89 25.18 6.33
CA LEU B 360 83.51 26.58 6.58
C LEU B 360 82.41 26.67 7.63
N PHE B 361 81.38 25.84 7.49
CA PHE B 361 80.28 25.87 8.45
C PHE B 361 80.74 25.42 9.83
N SER B 362 81.68 24.48 9.91
CA SER B 362 82.18 24.06 11.22
C SER B 362 82.97 25.16 11.90
N VAL B 363 83.76 25.92 11.15
CA VAL B 363 84.50 27.03 11.75
C VAL B 363 83.55 28.13 12.22
N GLY B 364 82.51 28.42 11.41
CA GLY B 364 81.48 29.35 11.87
C GLY B 364 80.83 28.89 13.16
N PHE B 365 80.53 27.60 13.25
CA PHE B 365 80.02 27.03 14.51
C PHE B 365 80.97 27.30 15.66
N LEU B 366 82.26 27.04 15.45
CA LEU B 366 83.24 27.27 16.51
C LEU B 366 83.15 28.69 17.05
N ILE B 367 83.21 29.67 16.15
CA ILE B 367 83.20 31.07 16.57
C ILE B 367 81.92 31.40 17.34
N THR B 368 80.78 31.13 16.71
CA THR B 368 79.49 31.51 17.29
C THR B 368 79.28 30.86 18.65
N PHE B 369 79.55 29.55 18.75
CA PHE B 369 79.34 28.85 20.00
C PHE B 369 80.30 29.33 21.07
N LEU B 370 81.53 29.70 20.71
CA LEU B 370 82.43 30.26 21.72
C LEU B 370 81.82 31.50 22.35
N LEU B 371 81.35 32.44 21.51
CA LEU B 371 80.78 33.67 22.08
C LEU B 371 79.55 33.36 22.93
N GLY B 372 78.69 32.46 22.46
CA GLY B 372 77.50 32.11 23.23
C GLY B 372 77.83 31.49 24.57
N GLY B 373 78.80 30.57 24.60
CA GLY B 373 79.19 29.95 25.85
C GLY B 373 79.84 30.91 26.81
N LEU B 374 80.58 31.89 26.30
CA LEU B 374 81.11 32.93 27.18
C LEU B 374 79.99 33.72 27.84
N SER B 375 79.01 34.16 27.04
CA SER B 375 77.88 34.87 27.63
C SER B 375 77.12 34.00 28.62
N GLY B 376 77.06 32.69 28.38
CA GLY B 376 76.36 31.81 29.31
C GLY B 376 77.09 31.64 30.63
N VAL B 377 78.40 31.41 30.57
CA VAL B 377 79.16 31.29 31.80
C VAL B 377 79.12 32.60 32.58
N LEU B 378 78.98 33.72 31.88
CA LEU B 378 78.71 34.98 32.57
C LEU B 378 77.34 34.98 33.21
N LEU B 379 76.35 34.40 32.54
CA LEU B 379 74.98 34.30 33.01
C LEU B 379 74.83 33.38 34.22
N ALA B 380 75.79 32.50 34.47
CA ALA B 380 75.68 31.53 35.56
C ALA B 380 75.95 32.12 36.94
N SER B 381 76.29 33.41 37.04
CA SER B 381 76.55 34.03 38.33
C SER B 381 75.26 34.65 38.86
N PRO B 382 74.77 34.25 40.02
CA PRO B 382 73.45 34.69 40.49
C PRO B 382 73.36 36.21 40.65
N PRO B 383 74.37 36.89 41.20
CA PRO B 383 74.26 38.36 41.28
C PRO B 383 74.21 39.06 39.93
N LEU B 384 74.82 38.48 38.89
CA LEU B 384 74.72 39.07 37.55
C LEU B 384 73.37 38.75 36.92
N ASP B 385 72.90 37.53 37.10
CA ASP B 385 71.57 37.15 36.63
C ASP B 385 70.49 38.00 37.29
N PHE B 386 70.74 38.44 38.52
CA PHE B 386 69.77 39.28 39.23
C PHE B 386 69.41 40.52 38.43
N HIS B 387 70.31 41.00 37.58
CA HIS B 387 70.02 42.12 36.70
C HIS B 387 69.69 41.69 35.29
N VAL B 388 70.49 40.79 34.69
CA VAL B 388 70.34 40.51 33.27
C VAL B 388 69.34 39.39 32.98
N THR B 389 68.61 38.90 33.98
CA THR B 389 67.62 37.86 33.72
C THR B 389 66.38 38.45 33.09
N ASP B 390 65.66 37.62 32.32
CA ASP B 390 64.38 38.00 31.72
C ASP B 390 64.52 39.23 30.82
N SER B 391 65.69 39.41 30.24
CA SER B 391 65.97 40.53 29.35
C SER B 391 66.45 40.01 28.00
N TYR B 392 66.83 40.94 27.11
CA TYR B 392 67.33 40.53 25.81
C TYR B 392 68.76 40.00 25.85
N PHE B 393 69.46 40.17 26.97
CA PHE B 393 70.77 39.53 27.12
C PHE B 393 70.66 38.02 27.09
N VAL B 394 69.65 37.47 27.78
CA VAL B 394 69.44 36.03 27.77
C VAL B 394 69.04 35.56 26.39
N ILE B 395 68.24 36.36 25.69
CA ILE B 395 67.82 36.01 24.33
C ILE B 395 69.03 35.92 23.41
N ALA B 396 69.91 36.93 23.48
CA ALA B 396 71.12 36.92 22.69
C ALA B 396 71.99 35.72 23.03
N HIS B 397 72.11 35.40 24.32
CA HIS B 397 72.92 34.24 24.72
C HIS B 397 72.39 32.96 24.09
N PHE B 398 71.12 32.64 24.34
CA PHE B 398 70.68 31.31 23.89
C PHE B 398 70.50 31.28 22.38
N HIS B 399 70.34 32.42 21.73
CA HIS B 399 70.34 32.40 20.28
C HIS B 399 71.74 32.15 19.74
N TYR B 400 72.76 32.73 20.36
CA TYR B 400 74.13 32.43 19.94
C TYR B 400 74.42 30.95 20.08
N VAL B 401 74.13 30.36 21.24
CA VAL B 401 74.47 28.95 21.43
C VAL B 401 73.62 28.06 20.53
N LEU B 402 72.31 28.31 20.46
CA LEU B 402 71.42 27.45 19.68
C LEU B 402 71.75 27.53 18.20
N PHE B 403 71.90 28.75 17.68
CA PHE B 403 72.23 28.91 16.28
C PHE B 403 73.56 28.23 15.98
N GLY B 404 74.61 28.64 16.71
CA GLY B 404 75.92 28.05 16.50
C GLY B 404 75.91 26.54 16.47
N THR B 405 75.21 25.90 17.40
CA THR B 405 75.23 24.43 17.38
C THR B 405 74.33 23.89 16.28
N ILE B 406 73.01 24.10 16.39
CA ILE B 406 72.12 23.32 15.53
C ILE B 406 72.18 23.81 14.09
N VAL B 407 72.10 25.13 13.87
CA VAL B 407 72.00 25.61 12.49
C VAL B 407 73.30 25.32 11.74
N PHE B 408 74.42 25.73 12.30
CA PHE B 408 75.70 25.57 11.62
C PHE B 408 76.08 24.10 11.49
N ALA B 409 75.94 23.30 12.56
CA ALA B 409 76.31 21.90 12.45
C ALA B 409 75.34 21.12 11.57
N THR B 410 74.07 21.52 11.53
CA THR B 410 73.12 20.88 10.65
C THR B 410 73.45 21.16 9.19
N TYR B 411 73.79 22.41 8.87
CA TYR B 411 74.19 22.70 7.50
C TYR B 411 75.48 21.97 7.13
N ALA B 412 76.45 21.94 8.06
CA ALA B 412 77.69 21.22 7.80
C ALA B 412 77.41 19.74 7.53
N GLY B 413 76.52 19.13 8.31
CA GLY B 413 76.22 17.73 8.12
C GLY B 413 75.44 17.46 6.84
N ILE B 414 74.54 18.37 6.47
CA ILE B 414 73.83 18.22 5.20
C ILE B 414 74.81 18.26 4.05
N TYR B 415 75.69 19.25 4.03
CA TYR B 415 76.68 19.35 2.96
C TYR B 415 77.64 18.16 2.97
N PHE B 416 77.95 17.63 4.15
CA PHE B 416 78.83 16.48 4.27
C PHE B 416 78.19 15.22 3.67
N TRP B 417 76.95 14.92 4.08
CA TRP B 417 76.35 13.62 3.81
C TRP B 417 75.35 13.62 2.67
N PHE B 418 75.16 14.75 1.98
CA PHE B 418 74.31 14.73 0.79
C PHE B 418 74.80 13.75 -0.26
N PRO B 419 76.09 13.71 -0.62
CA PRO B 419 76.54 12.67 -1.56
C PRO B 419 76.27 11.26 -1.07
N LYS B 420 76.49 10.98 0.22
CA LYS B 420 76.28 9.64 0.72
C LYS B 420 74.83 9.21 0.66
N MET B 421 73.88 10.13 0.71
CA MET B 421 72.49 9.74 0.69
C MET B 421 71.84 9.84 -0.68
N THR B 422 72.39 10.64 -1.59
CA THR B 422 71.78 10.82 -2.89
C THR B 422 72.61 10.34 -4.07
N GLY B 423 73.94 10.36 -3.98
CA GLY B 423 74.78 10.14 -5.13
C GLY B 423 75.09 11.37 -5.94
N ARG B 424 74.73 12.55 -5.46
CA ARG B 424 74.99 13.82 -6.12
C ARG B 424 75.74 14.75 -5.19
N LEU B 425 76.36 15.77 -5.77
CA LEU B 425 77.09 16.78 -5.02
C LEU B 425 76.34 18.11 -5.08
N LEU B 426 76.22 18.76 -3.92
CA LEU B 426 75.69 20.11 -3.89
C LEU B 426 76.71 21.09 -4.47
N ASP B 427 76.20 22.19 -5.03
CA ASP B 427 77.08 23.20 -5.60
C ASP B 427 77.86 23.92 -4.51
N GLU B 428 79.08 24.33 -4.84
CA GLU B 428 79.97 24.93 -3.85
C GLU B 428 79.89 26.45 -3.82
N ARG B 429 79.72 27.09 -4.98
CA ARG B 429 79.59 28.55 -5.00
C ARG B 429 78.32 28.99 -4.30
N LEU B 430 77.21 28.30 -4.57
CA LEU B 430 75.97 28.58 -3.87
C LEU B 430 76.12 28.33 -2.37
N GLY B 431 76.89 27.32 -1.99
CA GLY B 431 77.10 27.05 -0.58
C GLY B 431 77.91 28.13 0.10
N LYS B 432 78.92 28.67 -0.58
CA LYS B 432 79.70 29.75 0.01
C LYS B 432 78.85 31.02 0.15
N LEU B 433 78.07 31.34 -0.88
CA LEU B 433 77.14 32.47 -0.78
C LEU B 433 76.18 32.27 0.40
N HIS B 434 75.63 31.07 0.53
CA HIS B 434 74.73 30.76 1.64
C HIS B 434 75.40 30.97 2.99
N PHE B 435 76.63 30.47 3.13
CA PHE B 435 77.33 30.60 4.39
C PHE B 435 77.56 32.06 4.75
N TRP B 436 78.03 32.86 3.79
CA TRP B 436 78.38 34.23 4.14
C TRP B 436 77.13 35.06 4.42
N LEU B 437 76.05 34.82 3.68
CA LEU B 437 74.79 35.47 4.01
C LEU B 437 74.35 35.12 5.43
N THR B 438 74.42 33.82 5.79
CA THR B 438 73.99 33.40 7.11
C THR B 438 74.85 34.04 8.20
N PHE B 439 76.16 34.07 8.00
CA PHE B 439 77.06 34.64 9.00
C PHE B 439 76.79 36.11 9.22
N ILE B 440 76.75 36.89 8.13
CA ILE B 440 76.54 38.33 8.27
C ILE B 440 75.18 38.61 8.88
N GLY B 441 74.14 37.89 8.43
CA GLY B 441 72.81 38.14 8.95
C GLY B 441 72.68 37.82 10.43
N PHE B 442 73.27 36.70 10.86
CA PHE B 442 73.17 36.33 12.27
C PHE B 442 73.89 37.35 13.14
N HIS B 443 75.11 37.73 12.78
CA HIS B 443 75.84 38.64 13.63
C HIS B 443 75.26 40.06 13.57
N THR B 444 74.54 40.40 12.50
CA THR B 444 73.85 41.68 12.47
C THR B 444 72.59 41.67 13.32
N THR B 445 71.89 40.54 13.40
CA THR B 445 70.63 40.52 14.12
C THR B 445 70.77 40.25 15.62
N PHE B 446 71.77 39.51 16.07
CA PHE B 446 71.79 39.11 17.47
C PHE B 446 72.96 39.64 18.30
N LEU B 447 73.71 40.62 17.81
CA LEU B 447 74.83 41.10 18.61
C LEU B 447 74.43 42.29 19.49
N VAL B 448 73.61 43.20 18.99
CA VAL B 448 73.28 44.43 19.71
C VAL B 448 72.26 44.15 20.81
N GLN B 449 71.72 42.93 20.84
CA GLN B 449 70.72 42.59 21.83
C GLN B 449 71.31 42.47 23.24
N HIS B 450 72.60 42.15 23.35
CA HIS B 450 73.25 42.20 24.65
C HIS B 450 73.09 43.58 25.29
N TRP B 451 73.58 44.61 24.60
CA TRP B 451 73.39 45.99 25.07
C TRP B 451 71.91 46.33 25.24
N LEU B 452 71.10 45.86 24.30
CA LEU B 452 69.67 46.15 24.30
C LEU B 452 69.02 45.70 25.61
N GLY B 453 69.43 44.54 26.12
CA GLY B 453 68.88 44.03 27.36
C GLY B 453 69.64 44.53 28.57
N ASP B 454 70.88 44.97 28.36
CA ASP B 454 71.65 45.53 29.47
C ASP B 454 71.04 46.84 29.94
N GLU B 455 70.75 47.75 29.01
CA GLU B 455 69.83 48.83 29.34
C GLU B 455 68.41 48.25 29.39
N GLY B 456 67.63 48.67 30.37
CA GLY B 456 66.44 47.90 30.70
C GLY B 456 65.45 47.70 29.58
N MET B 457 65.43 46.48 29.03
CA MET B 457 64.43 46.06 28.05
C MET B 457 64.16 44.58 28.27
N PRO B 458 63.06 44.22 28.91
CA PRO B 458 62.78 42.80 29.17
C PRO B 458 62.29 42.11 27.91
N ARG B 459 62.33 40.78 27.97
CA ARG B 459 61.87 39.96 26.86
C ARG B 459 60.34 39.90 26.85
N ARG B 460 59.80 39.49 25.70
CA ARG B 460 58.38 39.26 25.51
C ARG B 460 57.57 40.56 25.52
N TYR B 461 58.23 41.68 25.25
CA TYR B 461 57.54 42.96 25.16
C TYR B 461 57.07 43.21 23.72
N ALA B 462 55.75 43.34 23.57
CA ALA B 462 55.18 43.63 22.26
C ALA B 462 55.36 45.08 21.85
N ASP B 463 55.61 45.97 22.80
CA ASP B 463 55.58 47.40 22.52
C ASP B 463 56.43 48.15 23.54
N TYR B 464 56.93 49.31 23.12
CA TYR B 464 57.70 50.19 23.98
C TYR B 464 57.40 51.63 23.57
N LEU B 465 58.06 52.56 24.24
CA LEU B 465 57.82 53.99 24.06
C LEU B 465 58.99 54.66 23.36
N PRO B 466 58.75 55.76 22.65
CA PRO B 466 59.86 56.47 22.00
C PRO B 466 60.79 57.16 23.00
N THR B 467 60.29 57.55 24.17
CA THR B 467 61.13 58.19 25.16
C THR B 467 62.11 57.22 25.80
N ASP B 468 61.79 55.93 25.82
CA ASP B 468 62.77 54.92 26.18
C ASP B 468 63.94 54.96 25.22
N GLY B 469 65.03 54.31 25.62
CA GLY B 469 66.13 54.12 24.70
C GLY B 469 65.79 53.07 23.66
N PHE B 470 66.82 52.37 23.18
CA PHE B 470 66.68 51.20 22.31
C PHE B 470 65.63 51.33 21.21
N THR B 471 65.86 52.23 20.26
CA THR B 471 65.06 52.29 19.04
C THR B 471 65.88 52.10 17.77
N THR B 472 67.12 52.58 17.73
CA THR B 472 67.99 52.30 16.60
C THR B 472 68.47 50.86 16.60
N LEU B 473 68.71 50.30 17.78
CA LEU B 473 69.20 48.93 17.87
C LEU B 473 68.14 47.94 17.41
N ASN B 474 66.86 48.23 17.66
CA ASN B 474 65.80 47.37 17.14
C ASN B 474 65.75 47.41 15.62
N VAL B 475 65.99 48.58 15.04
CA VAL B 475 66.04 48.69 13.58
C VAL B 475 67.19 47.86 13.02
N ILE B 476 68.35 47.95 13.66
CA ILE B 476 69.51 47.19 13.20
C ILE B 476 69.24 45.69 13.31
N SER B 477 68.62 45.26 14.41
CA SER B 477 68.30 43.86 14.59
C SER B 477 67.30 43.38 13.56
N THR B 478 66.34 44.23 13.18
CA THR B 478 65.37 43.83 12.16
C THR B 478 66.01 43.73 10.78
N VAL B 479 66.94 44.63 10.46
CA VAL B 479 67.72 44.50 9.23
C VAL B 479 68.44 43.17 9.20
N GLY B 480 69.11 42.82 10.31
CA GLY B 480 69.79 41.54 10.37
C GLY B 480 68.85 40.36 10.23
N ALA B 481 67.67 40.46 10.81
CA ALA B 481 66.70 39.37 10.73
C ALA B 481 66.20 39.18 9.30
N PHE B 482 66.06 40.27 8.56
CA PHE B 482 65.65 40.12 7.16
C PHE B 482 66.78 39.56 6.30
N ILE B 483 68.03 39.87 6.63
CA ILE B 483 69.15 39.21 5.96
C ILE B 483 69.11 37.71 6.23
N LEU B 484 68.92 37.32 7.49
CA LEU B 484 68.79 35.91 7.83
C LEU B 484 67.63 35.25 7.11
N GLY B 485 66.53 35.98 6.91
CA GLY B 485 65.41 35.43 6.18
C GLY B 485 65.71 35.21 4.71
N VAL B 486 66.42 36.15 4.09
CA VAL B 486 66.74 36.02 2.67
C VAL B 486 67.90 35.05 2.43
N SER B 487 68.58 34.60 3.50
CA SER B 487 69.68 33.68 3.31
C SER B 487 69.24 32.25 2.99
N MET B 488 67.94 31.94 3.04
CA MET B 488 67.51 30.56 2.86
C MET B 488 67.27 30.22 1.39
N LEU B 489 67.12 31.23 0.54
CA LEU B 489 66.85 30.97 -0.88
C LEU B 489 68.02 30.28 -1.59
N PRO B 490 69.28 30.70 -1.42
CA PRO B 490 70.37 29.92 -2.02
C PRO B 490 70.36 28.46 -1.62
N PHE B 491 70.11 28.16 -0.34
CA PHE B 491 70.13 26.77 0.11
C PHE B 491 68.99 25.97 -0.51
N VAL B 492 67.77 26.53 -0.52
CA VAL B 492 66.63 25.80 -1.06
C VAL B 492 66.82 25.56 -2.56
N TRP B 493 67.26 26.60 -3.28
CA TRP B 493 67.52 26.44 -4.72
C TRP B 493 68.61 25.40 -4.96
N ASN B 494 69.66 25.43 -4.15
CA ASN B 494 70.75 24.47 -4.32
C ASN B 494 70.27 23.05 -4.14
N VAL B 495 69.53 22.78 -3.07
CA VAL B 495 69.04 21.42 -2.84
C VAL B 495 68.11 20.98 -3.97
N PHE B 496 67.19 21.87 -4.37
CA PHE B 496 66.21 21.53 -5.39
C PHE B 496 66.87 21.23 -6.73
N LYS B 497 67.91 21.98 -7.09
CA LYS B 497 68.61 21.71 -8.35
C LYS B 497 69.49 20.48 -8.25
N SER B 498 70.28 20.37 -7.18
CA SER B 498 71.27 19.32 -7.05
C SER B 498 70.68 17.95 -6.77
N TRP B 499 69.43 17.85 -6.31
CA TRP B 499 68.90 16.51 -6.14
C TRP B 499 68.75 15.79 -7.48
N ARG B 500 68.28 16.49 -8.50
CA ARG B 500 68.02 15.91 -9.81
C ARG B 500 69.19 16.07 -10.77
N TYR B 501 69.71 17.28 -10.91
CA TYR B 501 70.92 17.52 -11.67
C TYR B 501 72.08 17.59 -10.69
N GLY B 502 73.24 18.00 -11.15
CA GLY B 502 74.32 18.03 -10.18
C GLY B 502 75.30 16.91 -10.40
N GLU B 503 76.54 17.14 -9.99
CA GLU B 503 77.64 16.24 -10.31
C GLU B 503 77.45 14.88 -9.68
N PRO B 504 77.43 13.81 -10.46
CA PRO B 504 77.30 12.46 -9.87
C PRO B 504 78.56 12.04 -9.14
N VAL B 505 78.40 11.06 -8.27
CA VAL B 505 79.51 10.48 -7.51
C VAL B 505 79.54 8.99 -7.82
N THR B 506 80.63 8.54 -8.43
CA THR B 506 80.78 7.13 -8.79
C THR B 506 81.79 6.41 -7.91
N VAL B 507 82.35 7.09 -6.91
CA VAL B 507 83.32 6.49 -6.00
C VAL B 507 82.73 6.50 -4.60
N ASP B 508 83.42 5.80 -3.70
CA ASP B 508 83.19 5.98 -2.28
C ASP B 508 84.01 7.18 -1.80
N ASP B 509 83.52 7.83 -0.75
CA ASP B 509 84.28 8.92 -0.14
C ASP B 509 84.61 10.02 -1.14
N PRO B 510 83.62 10.81 -1.57
CA PRO B 510 83.93 11.95 -2.46
C PRO B 510 84.74 13.03 -1.78
N TRP B 511 84.80 13.03 -0.45
CA TRP B 511 85.68 13.92 0.31
C TRP B 511 86.81 13.01 0.76
N GLY B 512 87.95 13.08 0.08
CA GLY B 512 89.04 12.17 0.37
C GLY B 512 89.44 12.18 1.84
N TYR B 513 90.07 11.11 2.29
CA TYR B 513 90.62 11.01 3.65
C TYR B 513 89.52 10.93 4.72
N GLY B 514 88.45 10.21 4.39
CA GLY B 514 87.35 10.02 5.32
C GLY B 514 87.51 8.75 6.16
N ASN B 515 86.80 8.73 7.28
CA ASN B 515 86.85 7.61 8.23
C ASN B 515 85.45 7.08 8.50
N SER B 516 85.31 6.23 9.52
CA SER B 516 84.04 5.84 10.15
C SER B 516 83.19 4.88 9.34
N LEU B 517 83.76 4.15 8.38
CA LEU B 517 83.16 2.92 7.84
C LEU B 517 81.93 3.20 6.98
N GLU B 518 81.49 4.45 6.94
CA GLU B 518 80.42 4.84 6.04
C GLU B 518 80.95 5.23 4.67
N TRP B 519 82.23 5.60 4.58
CA TRP B 519 82.88 5.89 3.32
C TRP B 519 83.58 4.68 2.74
N ALA B 520 83.22 3.48 3.21
CA ALA B 520 83.74 2.22 2.67
C ALA B 520 82.66 1.42 1.97
N THR B 521 81.56 2.08 1.59
CA THR B 521 80.46 1.44 0.87
C THR B 521 80.09 2.33 -0.31
N SER B 522 79.24 1.79 -1.19
CA SER B 522 78.76 2.55 -2.35
C SER B 522 78.20 3.88 -1.92
N CYS B 523 78.28 4.88 -2.82
CA CYS B 523 77.90 6.23 -2.40
C CYS B 523 76.42 6.31 -2.08
N PRO B 524 75.48 5.97 -2.97
CA PRO B 524 74.15 5.59 -2.48
C PRO B 524 74.18 4.15 -2.00
N PRO B 525 74.10 3.94 -0.68
CA PRO B 525 74.28 2.58 -0.15
C PRO B 525 73.16 1.68 -0.62
N PRO B 526 73.42 0.39 -0.79
CA PRO B 526 72.35 -0.54 -1.13
C PRO B 526 71.45 -0.79 0.07
N ARG B 527 70.30 -1.39 -0.21
CA ARG B 527 69.49 -1.95 0.87
C ARG B 527 70.34 -2.95 1.65
N HIS B 528 70.36 -2.80 2.98
CA HIS B 528 71.18 -3.55 3.94
C HIS B 528 72.62 -3.05 3.97
N ASN B 529 72.91 -1.97 3.24
CA ASN B 529 74.02 -1.05 3.51
C ASN B 529 75.42 -1.55 3.18
N PHE B 530 75.60 -2.84 2.90
CA PHE B 530 76.96 -3.35 2.78
C PHE B 530 76.99 -4.58 1.88
N THR B 531 77.99 -4.62 0.99
CA THR B 531 78.31 -5.80 0.23
C THR B 531 79.61 -6.46 0.68
N GLU B 532 80.36 -5.82 1.58
CA GLU B 532 81.55 -6.39 2.19
C GLU B 532 81.97 -5.47 3.33
N LEU B 533 82.86 -5.96 4.17
CA LEU B 533 83.36 -5.17 5.28
C LEU B 533 84.88 -5.30 5.34
N PRO B 534 85.56 -4.25 5.80
CA PRO B 534 87.01 -4.33 5.98
C PRO B 534 87.38 -4.74 7.40
N ARG B 535 88.66 -5.04 7.58
CA ARG B 535 89.17 -5.37 8.90
C ARG B 535 89.19 -4.11 9.77
N ILE B 536 88.64 -4.24 10.98
CA ILE B 536 88.45 -3.10 11.87
C ILE B 536 89.52 -3.16 12.95
N ARG B 537 90.53 -2.29 12.82
CA ARG B 537 91.63 -2.22 13.78
C ARG B 537 91.67 -0.93 14.58
N SER B 538 90.97 0.11 14.16
CA SER B 538 91.00 1.40 14.84
C SER B 538 89.68 2.11 14.58
N GLU B 539 89.65 3.41 14.84
CA GLU B 539 88.50 4.24 14.55
C GLU B 539 88.58 4.91 13.19
N ARG B 540 89.55 4.53 12.35
CA ARG B 540 89.64 5.00 10.97
C ARG B 540 89.74 3.80 10.02
N PRO B 541 88.76 2.90 10.03
CA PRO B 541 88.87 1.71 9.18
C PRO B 541 88.84 2.04 7.70
N ALA B 542 88.00 2.99 7.28
CA ALA B 542 87.98 3.38 5.87
C ALA B 542 89.29 4.05 5.46
N PHE B 543 89.88 4.83 6.36
CA PHE B 543 91.17 5.45 6.07
C PHE B 543 92.25 4.40 5.88
N GLU B 544 92.33 3.42 6.79
CA GLU B 544 93.31 2.35 6.65
C GLU B 544 93.02 1.47 5.45
N LEU B 545 91.77 1.39 5.01
CA LEU B 545 91.44 0.62 3.82
C LEU B 545 91.91 1.32 2.55
N HIS B 546 91.66 2.62 2.46
CA HIS B 546 91.98 3.35 1.24
C HIS B 546 93.43 3.80 1.17
N TYR B 547 94.15 3.81 2.29
CA TYR B 547 95.55 4.19 2.32
C TYR B 547 96.30 3.17 3.17
N PRO B 548 96.68 2.03 2.60
CA PRO B 548 97.35 1.00 3.40
C PRO B 548 98.81 1.29 3.66
N HIS B 549 99.44 2.17 2.88
CA HIS B 549 100.82 2.59 3.10
C HIS B 549 100.96 3.57 4.24
N MET B 550 99.90 3.74 5.03
CA MET B 550 99.83 4.74 6.07
C MET B 550 99.59 4.17 7.45
N VAL B 551 99.31 2.87 7.57
CA VAL B 551 99.00 2.28 8.87
C VAL B 551 100.24 2.27 9.76
N GLU B 552 101.41 2.00 9.18
CA GLU B 552 102.65 2.02 9.94
C GLU B 552 102.92 3.42 10.47
N ARG B 553 102.85 4.41 9.59
CA ARG B 553 103.08 5.80 9.96
C ARG B 553 101.98 6.33 10.87
N MET B 554 100.84 5.64 10.96
CA MET B 554 99.78 6.04 11.89
C MET B 554 100.04 5.49 13.28
N ARG B 555 100.38 4.20 13.39
CA ARG B 555 100.70 3.63 14.69
C ARG B 555 102.01 4.17 15.25
N ALA B 556 102.92 4.65 14.40
CA ALA B 556 104.23 5.06 14.89
C ALA B 556 104.17 6.41 15.60
N GLU B 557 103.71 7.44 14.91
CA GLU B 557 103.84 8.82 15.36
C GLU B 557 102.55 9.35 16.00
N ALA B 558 101.82 8.49 16.71
CA ALA B 558 100.53 8.84 17.28
C ALA B 558 100.63 9.48 18.66
N HIS B 559 101.58 9.06 19.49
CA HIS B 559 101.65 9.55 20.86
C HIS B 559 102.71 10.62 21.05
N VAL B 560 103.21 11.23 19.97
CA VAL B 560 104.22 12.28 20.09
C VAL B 560 103.70 13.43 20.95
N GLY B 561 102.62 14.05 20.52
CA GLY B 561 102.07 15.20 21.20
C GLY B 561 102.86 16.47 20.96
N SER C 18 77.28 -13.31 15.25
CA SER C 18 76.10 -13.62 14.47
C SER C 18 74.85 -13.67 15.34
N LEU C 19 74.80 -14.68 16.20
CA LEU C 19 73.61 -14.89 17.03
C LEU C 19 73.52 -13.92 18.20
N ASN C 20 74.61 -13.19 18.50
CA ASN C 20 74.68 -12.10 19.46
C ASN C 20 73.82 -12.36 20.70
N ARG C 21 74.17 -13.42 21.44
CA ARG C 21 73.39 -14.12 22.45
C ARG C 21 72.46 -13.26 23.32
N PRO C 22 72.88 -12.08 23.83
CA PRO C 22 71.92 -11.24 24.55
C PRO C 22 70.71 -10.87 23.72
N ASN C 23 69.53 -11.13 24.25
CA ASN C 23 68.29 -10.90 23.52
C ASN C 23 68.01 -9.41 23.35
N MET C 24 67.39 -9.06 22.24
CA MET C 24 67.17 -7.67 21.85
C MET C 24 65.86 -7.09 22.37
N VAL C 25 64.77 -7.84 22.25
CA VAL C 25 63.49 -7.41 22.78
C VAL C 25 63.57 -7.23 24.29
N SER C 26 64.36 -8.08 24.96
CA SER C 26 64.54 -7.96 26.41
C SER C 26 65.16 -6.61 26.75
N VAL C 27 66.24 -6.24 26.05
CA VAL C 27 66.91 -4.98 26.32
C VAL C 27 65.96 -3.81 26.08
N GLY C 28 65.26 -3.83 24.94
CA GLY C 28 64.31 -2.76 24.66
C GLY C 28 63.26 -2.60 25.75
N THR C 29 62.71 -3.72 26.20
CA THR C 29 61.67 -3.68 27.23
C THR C 29 62.23 -3.12 28.54
N ILE C 30 63.44 -3.53 28.92
CA ILE C 30 64.02 -3.06 30.18
C ILE C 30 64.22 -1.55 30.14
N VAL C 31 64.72 -1.04 29.02
CA VAL C 31 64.98 0.39 28.96
C VAL C 31 63.67 1.20 28.94
N TRP C 32 62.64 0.69 28.26
CA TRP C 32 61.35 1.37 28.31
C TRP C 32 60.77 1.36 29.72
N LEU C 33 60.99 0.27 30.46
CA LEU C 33 60.51 0.22 31.85
C LEU C 33 61.21 1.27 32.70
N SER C 34 62.49 1.53 32.44
CA SER C 34 63.17 2.63 33.12
C SER C 34 62.51 3.98 32.82
N SER C 35 62.18 4.22 31.55
CA SER C 35 61.45 5.46 31.22
C SER C 35 60.14 5.57 32.01
N GLU C 36 59.40 4.47 32.10
CA GLU C 36 58.13 4.52 32.83
C GLU C 36 58.36 4.80 34.31
N LEU C 37 59.46 4.30 34.86
CA LEU C 37 59.85 4.69 36.21
C LEU C 37 59.98 6.19 36.35
N MET C 38 60.57 6.85 35.34
CA MET C 38 60.68 8.31 35.41
C MET C 38 59.30 8.99 35.40
N PHE C 39 58.37 8.45 34.60
CA PHE C 39 56.99 8.97 34.63
C PHE C 39 56.40 8.90 36.04
N PHE C 40 56.56 7.75 36.69
CA PHE C 40 56.06 7.65 38.07
C PHE C 40 56.83 8.54 39.03
N ALA C 41 58.08 8.87 38.72
CA ALA C 41 58.81 9.86 39.51
C ALA C 41 58.11 11.20 39.49
N GLY C 42 57.69 11.63 38.29
CA GLY C 42 56.90 12.85 38.20
C GLY C 42 55.66 12.81 39.08
N LEU C 43 54.91 11.71 38.99
CA LEU C 43 53.70 11.59 39.81
C LEU C 43 54.02 11.63 41.31
N PHE C 44 55.10 10.97 41.73
CA PHE C 44 55.45 10.96 43.15
C PHE C 44 55.84 12.34 43.64
N ALA C 45 56.57 13.11 42.82
CA ALA C 45 56.89 14.48 43.20
C ALA C 45 55.62 15.31 43.38
N MET C 46 54.67 15.15 42.45
CA MET C 46 53.37 15.81 42.62
C MET C 46 52.76 15.48 43.97
N TYR C 47 52.74 14.20 44.33
CA TYR C 47 52.10 13.81 45.59
C TYR C 47 52.84 14.35 46.80
N PHE C 48 54.17 14.27 46.80
CA PHE C 48 54.92 14.65 47.99
C PHE C 48 54.85 16.15 48.22
N THR C 49 54.85 16.95 47.15
CA THR C 49 54.42 18.33 47.30
C THR C 49 52.93 18.34 47.62
N ALA C 50 52.51 19.37 48.37
CA ALA C 50 51.17 19.56 48.90
C ALA C 50 50.88 18.68 50.12
N ARG C 51 51.78 17.77 50.49
CA ARG C 51 51.71 17.14 51.80
C ARG C 51 52.51 17.92 52.83
N ALA C 52 53.64 18.50 52.42
CA ALA C 52 54.38 19.38 53.30
C ALA C 52 53.66 20.70 53.54
N GLN C 53 52.61 20.99 52.78
CA GLN C 53 51.83 22.20 52.97
C GLN C 53 50.64 21.97 53.91
N ALA C 54 49.94 20.85 53.73
CA ALA C 54 48.84 20.51 54.62
C ALA C 54 49.35 20.29 56.04
N GLY C 55 48.94 21.17 56.95
CA GLY C 55 49.47 21.16 58.30
C GLY C 55 48.64 20.32 59.26
N GLY C 56 49.33 19.61 60.15
CA GLY C 56 48.64 18.83 61.16
C GLY C 56 48.06 17.57 60.57
N ALA C 57 46.75 17.38 60.75
CA ALA C 57 46.05 16.26 60.12
C ALA C 57 45.92 16.58 58.64
N TRP C 58 46.89 16.10 57.88
CA TRP C 58 46.97 16.49 56.48
C TRP C 58 45.95 15.74 55.61
N PRO C 59 45.64 14.46 55.87
CA PRO C 59 44.47 13.88 55.20
C PRO C 59 43.19 14.39 55.82
N PRO C 60 42.43 15.20 55.09
CA PRO C 60 41.30 15.92 55.70
C PRO C 60 40.29 14.98 56.36
N GLU C 61 39.44 15.58 57.19
CA GLU C 61 38.57 14.79 58.06
C GLU C 61 37.59 13.90 57.31
N PRO C 62 36.96 14.33 56.19
CA PRO C 62 36.04 13.42 55.48
C PRO C 62 36.76 12.30 54.76
N THR C 63 38.07 12.17 54.96
CA THR C 63 38.87 11.15 54.31
C THR C 63 39.32 10.13 55.34
N GLU C 64 38.87 8.88 55.17
CA GLU C 64 39.32 7.78 56.02
C GLU C 64 39.58 6.57 55.14
N LEU C 65 40.80 6.04 55.21
CA LEU C 65 41.24 4.98 54.32
C LEU C 65 40.81 3.63 54.88
N ASN C 66 40.22 2.80 54.03
CA ASN C 66 39.72 1.48 54.43
C ASN C 66 40.83 0.46 54.25
N LEU C 67 41.51 0.11 55.34
CA LEU C 67 42.56 -0.90 55.29
C LEU C 67 42.02 -2.31 55.17
N ALA C 68 40.71 -2.50 55.29
CA ALA C 68 40.11 -3.82 55.12
C ALA C 68 39.89 -4.19 53.67
N LEU C 69 40.35 -3.37 52.73
CA LEU C 69 40.15 -3.63 51.31
C LEU C 69 41.46 -3.45 50.55
N ALA C 70 42.36 -2.64 51.10
CA ALA C 70 43.61 -2.34 50.40
C ALA C 70 44.66 -3.42 50.56
N VAL C 71 44.64 -4.16 51.67
CA VAL C 71 45.61 -5.23 51.90
C VAL C 71 45.26 -6.49 51.11
N PRO C 72 43.99 -6.92 51.06
CA PRO C 72 43.67 -8.09 50.22
C PRO C 72 44.07 -7.93 48.76
N VAL C 73 43.73 -6.80 48.13
CA VAL C 73 44.06 -6.65 46.72
C VAL C 73 45.57 -6.59 46.51
N THR C 74 46.31 -6.03 47.49
CA THR C 74 47.76 -6.04 47.39
C THR C 74 48.31 -7.46 47.44
N LEU C 75 47.73 -8.29 48.32
CA LEU C 75 48.13 -9.69 48.37
C LEU C 75 47.81 -10.41 47.06
N VAL C 76 46.65 -10.10 46.47
CA VAL C 76 46.28 -10.72 45.20
C VAL C 76 47.27 -10.35 44.09
N LEU C 77 47.73 -9.09 44.09
CA LEU C 77 48.72 -8.70 43.08
C LEU C 77 50.07 -9.37 43.32
N ILE C 78 50.46 -9.48 44.59
CA ILE C 78 51.71 -10.17 44.90
C ILE C 78 51.64 -11.64 44.47
N ALA C 79 50.46 -12.25 44.59
CA ALA C 79 50.30 -13.63 44.13
C ALA C 79 50.29 -13.70 42.60
N SER C 80 49.74 -12.67 41.95
CA SER C 80 49.83 -12.57 40.50
C SER C 80 51.27 -12.64 40.03
N SER C 81 52.18 -11.99 40.75
CA SER C 81 53.60 -12.05 40.38
C SER C 81 54.09 -13.49 40.33
N PHE C 82 53.74 -14.30 41.34
CA PHE C 82 54.24 -15.68 41.39
C PHE C 82 53.59 -16.54 40.32
N THR C 83 52.30 -16.33 40.05
CA THR C 83 51.67 -17.09 38.97
C THR C 83 52.27 -16.75 37.61
N CYS C 84 52.63 -15.49 37.41
CA CYS C 84 53.24 -15.09 36.14
C CYS C 84 54.65 -15.67 36.02
N GLN C 85 55.38 -15.76 37.14
CA GLN C 85 56.68 -16.41 37.09
C GLN C 85 56.55 -17.91 36.80
N MET C 86 55.51 -18.56 37.34
CA MET C 86 55.27 -19.96 36.97
C MET C 86 54.96 -20.08 35.49
N GLY C 87 54.22 -19.11 34.95
CA GLY C 87 53.95 -19.12 33.52
C GLY C 87 55.20 -19.01 32.68
N VAL C 88 56.14 -18.14 33.07
CA VAL C 88 57.35 -18.01 32.26
C VAL C 88 58.27 -19.23 32.45
N PHE C 89 58.25 -19.84 33.64
CA PHE C 89 58.94 -21.11 33.81
C PHE C 89 58.41 -22.16 32.84
N ALA C 90 57.08 -22.28 32.76
CA ALA C 90 56.48 -23.18 31.79
C ALA C 90 56.84 -22.78 30.37
N ALA C 91 56.98 -21.48 30.09
CA ALA C 91 57.32 -21.03 28.75
C ALA C 91 58.72 -21.48 28.34
N GLU C 92 59.67 -21.45 29.28
CA GLU C 92 61.05 -21.74 28.92
C GLU C 92 61.27 -23.19 28.50
N ARG C 93 60.46 -24.12 29.00
CA ARG C 93 60.37 -25.46 28.44
C ARG C 93 59.16 -25.51 27.51
N GLY C 94 59.41 -25.69 26.22
CA GLY C 94 58.45 -25.21 25.24
C GLY C 94 57.12 -25.95 25.15
N ASP C 95 56.28 -25.82 26.18
CA ASP C 95 54.90 -26.28 26.13
C ASP C 95 53.97 -25.11 26.33
N VAL C 96 52.96 -24.99 25.47
CA VAL C 96 52.07 -23.84 25.48
C VAL C 96 50.97 -23.92 26.53
N PHE C 97 50.59 -25.12 26.96
CA PHE C 97 49.37 -25.26 27.72
C PHE C 97 49.54 -24.84 29.18
N GLY C 98 50.66 -25.19 29.80
CA GLY C 98 50.95 -24.67 31.12
C GLY C 98 51.07 -23.15 31.12
N LEU C 99 51.69 -22.61 30.06
CA LEU C 99 51.76 -21.16 29.90
C LEU C 99 50.36 -20.55 29.88
N ARG C 100 49.49 -21.10 29.03
CA ARG C 100 48.13 -20.58 28.92
C ARG C 100 47.40 -20.65 30.26
N ARG C 101 47.55 -21.75 30.98
CA ARG C 101 46.87 -21.90 32.27
C ARG C 101 47.34 -20.84 33.27
N TRP C 102 48.66 -20.73 33.45
CA TRP C 102 49.18 -19.78 34.44
C TRP C 102 48.85 -18.34 34.06
N TYR C 103 48.85 -18.03 32.76
CA TYR C 103 48.56 -16.67 32.35
C TYR C 103 47.08 -16.33 32.45
N VAL C 104 46.20 -17.31 32.24
CA VAL C 104 44.78 -17.09 32.49
C VAL C 104 44.55 -16.82 33.98
N ILE C 105 45.23 -17.56 34.85
CA ILE C 105 45.11 -17.32 36.27
C ILE C 105 45.58 -15.90 36.62
N THR C 106 46.70 -15.48 36.03
CA THR C 106 47.21 -14.13 36.30
C THR C 106 46.24 -13.07 35.81
N PHE C 107 45.63 -13.28 34.64
CA PHE C 107 44.64 -12.34 34.14
C PHE C 107 43.44 -12.23 35.07
N LEU C 108 42.97 -13.37 35.59
CA LEU C 108 41.84 -13.32 36.52
C LEU C 108 42.19 -12.57 37.79
N MET C 109 43.38 -12.79 38.32
CA MET C 109 43.78 -12.07 39.54
C MET C 109 43.93 -10.58 39.28
N GLY C 110 44.47 -10.20 38.12
CA GLY C 110 44.57 -8.78 37.81
C GLY C 110 43.21 -8.12 37.65
N LEU C 111 42.26 -8.84 37.05
CA LEU C 111 40.90 -8.33 36.97
C LEU C 111 40.29 -8.15 38.35
N PHE C 112 40.56 -9.09 39.27
CA PHE C 112 40.06 -8.95 40.62
C PHE C 112 40.65 -7.70 41.29
N PHE C 113 41.95 -7.46 41.10
CA PHE C 113 42.56 -6.25 41.66
C PHE C 113 41.91 -4.99 41.11
N VAL C 114 41.67 -4.96 39.80
CA VAL C 114 41.07 -3.78 39.18
C VAL C 114 39.67 -3.54 39.73
N LEU C 115 38.88 -4.61 39.87
CA LEU C 115 37.52 -4.45 40.38
C LEU C 115 37.52 -3.98 41.82
N GLY C 116 38.43 -4.52 42.64
CA GLY C 116 38.53 -4.05 44.01
C GLY C 116 38.88 -2.58 44.09
N GLN C 117 39.83 -2.14 43.27
CA GLN C 117 40.19 -0.72 43.25
C GLN C 117 39.01 0.14 42.84
N GLY C 118 38.27 -0.28 41.81
CA GLY C 118 37.13 0.50 41.38
C GLY C 118 36.03 0.58 42.43
N TYR C 119 35.77 -0.53 43.13
CA TYR C 119 34.78 -0.51 44.19
C TYR C 119 35.20 0.41 45.33
N GLU C 120 36.49 0.39 45.67
CA GLU C 120 36.99 1.30 46.71
C GLU C 120 36.86 2.75 46.27
N TYR C 121 37.05 3.01 44.98
CA TYR C 121 36.84 4.35 44.45
C TYR C 121 35.40 4.78 44.60
N ILE C 122 34.47 3.91 44.23
CA ILE C 122 33.05 4.23 44.35
C ILE C 122 32.70 4.57 45.80
N HIS C 123 33.14 3.72 46.73
CA HIS C 123 32.85 3.96 48.13
C HIS C 123 33.52 5.22 48.66
N LEU C 124 34.67 5.60 48.10
CA LEU C 124 35.36 6.80 48.57
C LEU C 124 34.74 8.06 48.01
N VAL C 125 34.17 8.00 46.81
CA VAL C 125 33.50 9.16 46.24
C VAL C 125 32.11 9.34 46.84
N GLU C 126 31.46 8.24 47.23
CA GLU C 126 30.08 8.31 47.72
C GLU C 126 29.93 9.32 48.86
N HIS C 127 30.85 9.33 49.81
CA HIS C 127 30.72 10.19 50.99
C HIS C 127 32.04 10.90 51.27
N GLY C 128 32.58 11.58 50.27
CA GLY C 128 33.86 12.24 50.48
C GLY C 128 34.66 12.63 49.26
N THR C 129 35.90 12.18 49.21
CA THR C 129 36.92 12.76 48.34
C THR C 129 36.54 12.68 46.87
N THR C 130 36.75 13.79 46.16
CA THR C 130 36.67 13.87 44.72
C THR C 130 37.89 14.61 44.21
N ILE C 131 38.11 14.56 42.89
CA ILE C 131 39.21 15.33 42.30
C ILE C 131 39.03 16.83 42.52
N PRO C 132 37.89 17.44 42.21
CA PRO C 132 37.75 18.88 42.46
C PRO C 132 37.44 19.24 43.90
N GLY C 133 37.36 18.27 44.80
CA GLY C 133 37.03 18.55 46.19
C GLY C 133 38.14 19.17 46.98
N SER C 134 39.33 18.55 46.96
CA SER C 134 40.46 19.02 47.73
C SER C 134 41.75 18.73 46.97
N ALA C 135 42.88 18.98 47.62
CA ALA C 135 44.18 18.64 47.07
C ALA C 135 44.56 17.20 47.34
N TYR C 136 44.14 16.65 48.48
CA TYR C 136 44.42 15.26 48.78
C TYR C 136 43.71 14.34 47.79
N GLY C 137 42.44 14.59 47.53
CA GLY C 137 41.73 13.79 46.54
C GLY C 137 42.37 13.86 45.18
N SER C 138 42.86 15.05 44.80
CA SER C 138 43.52 15.21 43.51
C SER C 138 44.78 14.37 43.43
N VAL C 139 45.68 14.51 44.40
CA VAL C 139 46.94 13.76 44.33
C VAL C 139 46.66 12.26 44.43
N PHE C 140 45.72 11.86 45.29
CA PHE C 140 45.39 10.46 45.46
C PHE C 140 44.89 9.84 44.16
N TYR C 141 43.89 10.47 43.54
CA TYR C 141 43.32 9.91 42.34
C TYR C 141 44.29 9.95 41.17
N LEU C 142 45.05 11.04 41.04
CA LEU C 142 45.99 11.11 39.93
C LEU C 142 47.13 10.12 40.09
N ALA C 143 47.48 9.76 41.33
CA ALA C 143 48.57 8.82 41.53
C ALA C 143 48.12 7.38 41.37
N THR C 144 46.90 7.05 41.80
CA THR C 144 46.47 5.66 41.74
C THR C 144 45.75 5.30 40.44
N GLY C 145 45.09 6.25 39.78
CA GLY C 145 44.38 5.93 38.55
C GLY C 145 45.31 5.64 37.39
N PHE C 146 46.45 6.31 37.34
CA PHE C 146 47.42 6.00 36.28
C PHE C 146 48.00 4.61 36.47
N HIS C 147 48.26 4.21 37.71
CA HIS C 147 48.67 2.84 37.96
C HIS C 147 47.58 1.86 37.55
N GLY C 148 46.32 2.21 37.78
CA GLY C 148 45.23 1.35 37.31
C GLY C 148 45.23 1.22 35.79
N LEU C 149 45.49 2.33 35.09
CA LEU C 149 45.57 2.28 33.63
C LEU C 149 46.72 1.40 33.17
N HIS C 150 47.84 1.42 33.91
CA HIS C 150 48.95 0.55 33.56
C HIS C 150 48.60 -0.92 33.77
N VAL C 151 47.82 -1.21 34.81
CA VAL C 151 47.36 -2.58 35.03
C VAL C 151 46.44 -3.02 33.89
N ILE C 152 45.57 -2.13 33.43
CA ILE C 152 44.68 -2.48 32.32
C ILE C 152 45.48 -2.73 31.05
N GLY C 153 46.53 -1.94 30.83
CA GLY C 153 47.43 -2.20 29.71
C GLY C 153 48.07 -3.57 29.80
N GLY C 154 48.53 -3.94 31.00
CA GLY C 154 49.10 -5.26 31.19
C GLY C 154 48.12 -6.37 30.89
N LEU C 155 46.85 -6.19 31.29
CA LEU C 155 45.82 -7.19 30.99
C LEU C 155 45.62 -7.34 29.48
N VAL C 156 45.55 -6.21 28.77
CA VAL C 156 45.40 -6.27 27.33
C VAL C 156 46.59 -6.99 26.70
N ALA C 157 47.79 -6.75 27.23
CA ALA C 157 48.97 -7.44 26.72
C ALA C 157 48.88 -8.95 26.94
N PHE C 158 48.41 -9.36 28.12
CA PHE C 158 48.19 -10.79 28.38
C PHE C 158 47.26 -11.40 27.33
N VAL C 159 46.14 -10.73 27.05
CA VAL C 159 45.18 -11.25 26.10
C VAL C 159 45.81 -11.40 24.72
N LEU C 160 46.52 -10.37 24.27
CA LEU C 160 47.13 -10.41 22.95
C LEU C 160 48.15 -11.53 22.84
N LEU C 161 48.96 -11.71 23.88
CA LEU C 161 49.96 -12.78 23.85
C LEU C 161 49.31 -14.15 23.80
N LEU C 162 48.23 -14.35 24.57
CA LEU C 162 47.55 -15.64 24.54
C LEU C 162 46.99 -15.92 23.15
N ALA C 163 46.40 -14.91 22.51
CA ALA C 163 45.88 -15.12 21.15
C ALA C 163 46.99 -15.46 20.17
N ARG C 164 48.15 -14.79 20.32
CA ARG C 164 49.25 -15.07 19.40
C ARG C 164 49.80 -16.48 19.61
N THR C 165 49.83 -16.96 20.86
CA THR C 165 50.23 -18.35 21.08
C THR C 165 49.21 -19.32 20.52
N LYS C 166 47.94 -18.92 20.49
CA LYS C 166 46.92 -19.78 19.88
C LYS C 166 47.06 -19.83 18.36
N MET C 167 47.54 -18.77 17.73
CA MET C 167 47.41 -18.69 16.28
C MET C 167 48.60 -19.22 15.49
N SER C 168 49.63 -19.81 16.12
CA SER C 168 50.73 -20.38 15.34
C SER C 168 51.57 -21.30 16.23
N LYS C 169 52.62 -21.85 15.63
CA LYS C 169 53.50 -22.79 16.30
C LYS C 169 54.41 -22.08 17.30
N PHE C 170 54.68 -22.76 18.41
CA PHE C 170 55.44 -22.16 19.52
C PHE C 170 56.92 -22.15 19.19
N THR C 171 57.55 -20.98 19.33
CA THR C 171 58.93 -20.74 18.97
C THR C 171 59.65 -19.91 20.02
N PRO C 172 60.98 -19.81 19.95
CA PRO C 172 61.70 -18.94 20.88
C PRO C 172 61.27 -17.49 20.84
N ALA C 173 60.77 -16.99 19.71
CA ALA C 173 60.24 -15.64 19.68
C ALA C 173 59.00 -15.52 20.56
N GLN C 174 58.14 -16.54 20.53
CA GLN C 174 56.99 -16.57 21.43
C GLN C 174 57.43 -16.64 22.88
N ALA C 175 58.47 -17.43 23.17
CA ALA C 175 58.98 -17.49 24.54
C ALA C 175 59.51 -16.13 24.99
N THR C 176 60.20 -15.42 24.10
CA THR C 176 60.70 -14.09 24.43
C THR C 176 59.56 -13.12 24.72
N ALA C 177 58.49 -13.18 23.91
CA ALA C 177 57.33 -12.34 24.16
C ALA C 177 56.75 -12.62 25.55
N ALA C 178 56.64 -13.91 25.90
CA ALA C 178 56.17 -14.28 27.22
C ALA C 178 57.05 -13.67 28.31
N ILE C 179 58.37 -13.77 28.16
CA ILE C 179 59.28 -13.28 29.20
C ILE C 179 59.16 -11.77 29.37
N VAL C 180 59.04 -11.03 28.26
CA VAL C 180 59.03 -9.58 28.39
C VAL C 180 57.70 -9.11 28.99
N VAL C 181 56.59 -9.76 28.63
CA VAL C 181 55.32 -9.46 29.31
C VAL C 181 55.43 -9.78 30.79
N SER C 182 56.15 -10.85 31.12
CA SER C 182 56.34 -11.25 32.51
C SER C 182 56.98 -10.13 33.32
N TYR C 183 58.12 -9.61 32.88
CA TYR C 183 58.70 -8.61 33.75
C TYR C 183 58.09 -7.23 33.60
N TYR C 184 57.30 -6.97 32.56
CA TYR C 184 56.43 -5.79 32.63
C TYR C 184 55.45 -5.90 33.78
N TRP C 185 54.81 -7.07 33.92
CA TRP C 185 53.91 -7.29 35.05
C TRP C 185 54.63 -7.14 36.38
N HIS C 186 55.87 -7.63 36.47
CA HIS C 186 56.64 -7.50 37.70
C HIS C 186 56.91 -6.04 38.02
N PHE C 187 57.25 -5.24 37.01
CA PHE C 187 57.44 -3.81 37.23
C PHE C 187 56.18 -3.16 37.79
N VAL C 188 55.02 -3.49 37.20
CA VAL C 188 53.76 -2.93 37.69
C VAL C 188 53.52 -3.30 39.15
N ASP C 189 53.81 -4.55 39.52
CA ASP C 189 53.59 -4.97 40.90
C ASP C 189 54.51 -4.22 41.86
N ILE C 190 55.77 -4.03 41.50
CA ILE C 190 56.69 -3.31 42.39
C ILE C 190 56.26 -1.87 42.56
N VAL C 191 55.80 -1.24 41.47
CA VAL C 191 55.33 0.15 41.58
C VAL C 191 54.12 0.22 42.50
N TRP C 192 53.22 -0.77 42.42
CA TRP C 192 52.09 -0.76 43.33
C TRP C 192 52.53 -0.91 44.78
N ILE C 193 53.50 -1.79 45.03
CA ILE C 193 54.01 -1.95 46.39
C ILE C 193 54.50 -0.61 46.93
N ALA C 194 55.28 0.11 46.12
CA ALA C 194 55.80 1.40 46.56
C ALA C 194 54.68 2.39 46.85
N LEU C 195 53.71 2.50 45.93
CA LEU C 195 52.62 3.44 46.12
C LEU C 195 51.80 3.12 47.36
N PHE C 196 51.50 1.84 47.58
CA PHE C 196 50.71 1.42 48.72
C PHE C 196 51.43 1.73 50.03
N ALA C 197 52.70 1.35 50.11
CA ALA C 197 53.47 1.65 51.32
C ALA C 197 53.56 3.14 51.57
N THR C 198 53.66 3.95 50.52
CA THR C 198 53.76 5.40 50.71
C THR C 198 52.44 5.99 51.18
N ILE C 199 51.33 5.55 50.62
CA ILE C 199 50.05 6.24 50.88
C ILE C 199 49.37 5.73 52.13
N TYR C 200 49.33 4.41 52.35
CA TYR C 200 48.50 3.91 53.45
C TYR C 200 49.23 3.81 54.78
N PHE C 201 50.51 3.46 54.76
CA PHE C 201 51.23 3.24 56.01
C PHE C 201 51.96 4.49 56.49
N VAL C 202 52.75 5.11 55.61
CA VAL C 202 53.53 6.28 56.01
C VAL C 202 52.61 7.45 56.33
N ARG C 203 51.72 7.78 55.41
CA ARG C 203 50.77 8.89 55.55
C ARG C 203 51.47 10.22 55.80
N MET D 1 79.55 -7.80 27.37
CA MET D 1 78.84 -6.54 27.62
C MET D 1 79.35 -5.88 28.90
N HIS D 2 80.63 -5.52 28.90
CA HIS D 2 81.25 -4.92 30.07
C HIS D 2 81.20 -3.40 30.04
N ILE D 3 81.50 -2.78 28.90
CA ILE D 3 81.59 -1.34 28.84
C ILE D 3 80.22 -0.68 29.02
N GLU D 4 79.17 -1.28 28.47
CA GLU D 4 77.82 -0.70 28.63
C GLU D 4 77.42 -0.65 30.09
N ALA D 5 77.57 -1.78 30.78
CA ALA D 5 77.26 -1.84 32.20
C ALA D 5 78.14 -0.89 33.00
N ARG D 6 79.41 -0.78 32.64
CA ARG D 6 80.30 0.14 33.35
C ARG D 6 79.85 1.59 33.18
N LEU D 7 79.45 1.96 31.97
CA LEU D 7 78.90 3.29 31.71
C LEU D 7 77.71 3.57 32.61
N PHE D 8 76.73 2.66 32.60
CA PHE D 8 75.54 2.87 33.42
C PHE D 8 75.87 2.91 34.91
N GLU D 9 76.89 2.17 35.34
CA GLU D 9 77.24 2.18 36.76
C GLU D 9 77.92 3.48 37.16
N ILE D 10 78.73 4.05 36.27
CA ILE D 10 79.29 5.37 36.52
C ILE D 10 78.18 6.39 36.67
N LEU D 11 77.21 6.37 35.76
CA LEU D 11 76.09 7.29 35.85
C LEU D 11 75.32 7.09 37.16
N THR D 12 75.11 5.83 37.55
CA THR D 12 74.40 5.54 38.79
C THR D 12 75.13 6.12 40.00
N ALA D 13 76.46 5.94 40.04
CA ALA D 13 77.23 6.47 41.16
C ALA D 13 77.08 7.98 41.26
N PHE D 14 77.24 8.68 40.14
CA PHE D 14 77.14 10.14 40.20
C PHE D 14 75.73 10.57 40.62
N PHE D 15 74.70 9.93 40.07
CA PHE D 15 73.34 10.34 40.38
C PHE D 15 73.00 10.09 41.85
N ALA D 16 73.45 8.96 42.40
CA ALA D 16 73.19 8.67 43.80
C ALA D 16 73.89 9.68 44.71
N LEU D 17 75.15 10.01 44.40
CA LEU D 17 75.85 10.98 45.23
C LEU D 17 75.18 12.34 45.17
N ALA D 18 74.80 12.78 43.97
CA ALA D 18 74.13 14.08 43.86
C ALA D 18 72.79 14.07 44.58
N ALA D 19 72.04 12.97 44.49
CA ALA D 19 70.75 12.89 45.17
C ALA D 19 70.91 13.04 46.67
N VAL D 20 71.83 12.27 47.26
CA VAL D 20 71.96 12.32 48.72
C VAL D 20 72.49 13.68 49.17
N VAL D 21 73.43 14.26 48.41
CA VAL D 21 73.98 15.56 48.78
C VAL D 21 72.90 16.63 48.75
N TYR D 22 72.09 16.65 47.68
CA TYR D 22 71.03 17.63 47.58
C TYR D 22 69.99 17.43 48.68
N ALA D 23 69.63 16.19 48.97
CA ALA D 23 68.64 15.93 50.01
C ALA D 23 69.11 16.45 51.36
N VAL D 24 70.37 16.17 51.72
CA VAL D 24 70.85 16.65 53.01
C VAL D 24 70.98 18.17 53.02
N LEU D 25 71.58 18.75 51.99
CA LEU D 25 71.80 20.20 51.94
C LEU D 25 70.51 20.99 51.81
N THR D 26 69.39 20.35 51.47
CA THR D 26 68.10 21.01 51.58
C THR D 26 67.39 20.73 52.89
N ALA D 27 67.60 19.55 53.48
CA ALA D 27 67.11 19.32 54.83
C ALA D 27 67.63 20.39 55.77
N MET D 28 68.92 20.72 55.66
CA MET D 28 69.45 21.89 56.34
C MET D 28 69.55 23.05 55.35
N PHE D 29 69.73 24.26 55.88
CA PHE D 29 70.11 25.43 55.08
C PHE D 29 69.04 25.92 54.11
N ALA D 30 67.89 25.25 54.03
CA ALA D 30 66.86 25.62 53.08
C ALA D 30 65.67 26.24 53.79
N THR D 31 64.82 26.91 53.02
CA THR D 31 63.73 27.70 53.60
C THR D 31 62.72 26.81 54.33
N GLY D 32 62.10 25.87 53.61
CA GLY D 32 61.09 25.04 54.22
C GLY D 32 61.50 23.59 54.37
N GLY D 33 62.81 23.34 54.47
CA GLY D 33 63.30 21.98 54.61
C GLY D 33 63.57 21.30 53.29
N VAL D 34 63.27 19.99 53.22
CA VAL D 34 63.51 19.23 52.00
C VAL D 34 62.69 19.81 50.85
N GLU D 35 63.25 19.72 49.64
CA GLU D 35 62.59 20.34 48.49
C GLU D 35 61.52 19.44 47.89
N TRP D 36 61.68 18.12 48.01
CA TRP D 36 60.61 17.15 47.77
C TRP D 36 60.27 16.94 46.31
N ALA D 37 60.85 17.72 45.40
CA ALA D 37 60.64 17.54 43.97
C ALA D 37 61.90 17.12 43.24
N GLY D 38 62.95 17.95 43.32
CA GLY D 38 64.23 17.55 42.78
C GLY D 38 64.80 16.33 43.47
N THR D 39 64.52 16.18 44.76
CA THR D 39 64.96 14.98 45.49
C THR D 39 64.35 13.72 44.88
N THR D 40 63.03 13.72 44.71
CA THR D 40 62.35 12.57 44.10
C THR D 40 62.87 12.32 42.70
N ALA D 41 63.05 13.38 41.90
CA ALA D 41 63.51 13.22 40.54
C ALA D 41 64.90 12.60 40.48
N LEU D 42 65.80 13.05 41.35
CA LEU D 42 67.16 12.52 41.36
C LEU D 42 67.18 11.08 41.86
N VAL D 43 66.37 10.77 42.87
CA VAL D 43 66.30 9.41 43.39
C VAL D 43 65.86 8.45 42.31
N LEU D 44 64.81 8.79 41.58
CA LEU D 44 64.35 7.84 40.57
C LEU D 44 65.17 7.89 39.28
N THR D 45 65.91 8.96 39.03
CA THR D 45 66.93 8.91 37.97
C THR D 45 68.01 7.90 38.31
N THR D 46 68.49 7.93 39.56
CA THR D 46 69.39 6.89 40.05
C THR D 46 68.78 5.51 39.85
N GLY D 47 67.49 5.37 40.17
CA GLY D 47 66.83 4.08 39.98
C GLY D 47 66.81 3.61 38.54
N LEU D 48 66.56 4.54 37.61
CA LEU D 48 66.61 4.23 36.18
C LEU D 48 67.96 3.66 35.78
N THR D 49 69.02 4.42 36.03
CA THR D 49 70.35 3.95 35.66
C THR D 49 70.70 2.65 36.38
N LEU D 50 70.23 2.49 37.61
CA LEU D 50 70.52 1.28 38.37
C LEU D 50 69.88 0.06 37.74
N ILE D 51 68.60 0.16 37.37
CA ILE D 51 67.91 -0.95 36.72
C ILE D 51 68.66 -1.36 35.45
N THR D 52 68.99 -0.37 34.61
CA THR D 52 69.62 -0.73 33.34
C THR D 52 71.00 -1.34 33.55
N GLY D 53 71.83 -0.73 34.41
CA GLY D 53 73.15 -1.27 34.66
C GLY D 53 73.12 -2.65 35.30
N THR D 54 72.14 -2.89 36.18
CA THR D 54 72.02 -4.19 36.80
C THR D 54 71.64 -5.27 35.79
N PHE D 55 70.69 -4.98 34.91
CA PHE D 55 70.36 -5.94 33.86
C PHE D 55 71.56 -6.23 32.99
N PHE D 56 72.31 -5.19 32.62
CA PHE D 56 73.48 -5.41 31.77
C PHE D 56 74.55 -6.24 32.47
N ARG D 57 74.80 -5.97 33.76
CA ARG D 57 75.75 -6.77 34.51
C ARG D 57 75.31 -8.23 34.57
N PHE D 58 74.02 -8.47 34.80
CA PHE D 58 73.57 -9.84 34.99
C PHE D 58 73.56 -10.62 33.68
N VAL D 59 73.35 -9.94 32.55
CA VAL D 59 73.46 -10.65 31.29
C VAL D 59 74.93 -10.80 30.88
N ALA D 60 75.82 -9.94 31.39
CA ALA D 60 77.22 -10.03 31.01
C ALA D 60 77.97 -11.09 31.81
N ARG D 61 77.61 -11.27 33.09
CA ARG D 61 78.31 -12.22 33.92
C ARG D 61 78.00 -13.67 33.55
N ARG D 62 77.02 -13.89 32.67
CA ARG D 62 76.66 -15.23 32.23
C ARG D 62 76.76 -15.31 30.71
N LEU D 63 77.85 -14.79 30.15
CA LEU D 63 78.00 -14.67 28.71
C LEU D 63 79.46 -14.87 28.35
N ASP D 64 79.71 -15.32 27.13
CA ASP D 64 81.05 -15.42 26.59
C ASP D 64 81.24 -14.38 25.50
N THR D 65 82.49 -13.99 25.28
CA THR D 65 82.83 -12.88 24.41
C THR D 65 82.21 -13.00 23.02
N ARG D 66 81.56 -11.94 22.57
CA ARG D 66 81.05 -11.80 21.22
C ARG D 66 82.13 -11.24 20.32
N PRO D 67 81.99 -11.39 19.00
CA PRO D 67 83.01 -10.84 18.09
C PRO D 67 83.14 -9.33 18.16
N GLU D 68 82.08 -8.60 18.53
CA GLU D 68 82.19 -7.15 18.65
C GLU D 68 82.85 -6.74 19.96
N ASP D 69 82.78 -7.60 20.98
CA ASP D 69 83.47 -7.38 22.24
C ASP D 69 84.95 -7.70 22.16
N TYR D 70 85.40 -8.31 21.07
CA TYR D 70 86.71 -8.94 20.99
C TYR D 70 87.54 -8.25 19.93
N GLU D 71 88.65 -7.64 20.34
CA GLU D 71 89.64 -7.22 19.36
C GLU D 71 90.31 -8.44 18.75
N ASP D 72 91.11 -8.20 17.71
CA ASP D 72 91.77 -9.27 16.96
C ASP D 72 90.76 -10.22 16.33
N ALA D 73 89.52 -9.78 16.17
CA ALA D 73 88.48 -10.61 15.60
C ALA D 73 88.39 -10.40 14.09
N GLU D 74 88.00 -11.46 13.39
CA GLU D 74 87.87 -11.43 11.95
C GLU D 74 86.40 -11.32 11.58
N ILE D 75 86.17 -10.87 10.34
CA ILE D 75 84.80 -10.77 9.83
C ILE D 75 84.19 -12.15 9.63
N SER D 76 85.01 -13.15 9.32
CA SER D 76 84.52 -14.52 9.20
C SER D 76 83.95 -15.06 10.51
N ASP D 77 84.21 -14.37 11.63
CA ASP D 77 83.69 -14.83 12.91
C ASP D 77 82.19 -14.59 13.02
N GLY D 78 81.72 -13.47 12.49
CA GLY D 78 80.31 -13.12 12.56
C GLY D 78 79.44 -13.72 11.48
N ALA D 79 79.98 -14.60 10.64
CA ALA D 79 79.20 -15.23 9.60
C ALA D 79 78.09 -16.07 10.21
N GLY D 80 76.94 -16.09 9.56
CA GLY D 80 75.81 -16.84 10.09
C GLY D 80 74.50 -16.20 9.70
N GLU D 81 73.53 -16.30 10.61
CA GLU D 81 72.18 -15.82 10.36
C GLU D 81 71.74 -14.91 11.49
N LEU D 82 71.49 -13.65 11.17
CA LEU D 82 70.95 -12.70 12.14
C LEU D 82 69.47 -12.96 12.31
N GLY D 83 68.79 -12.17 13.13
CA GLY D 83 67.39 -12.41 13.42
C GLY D 83 66.45 -12.05 12.29
N PHE D 84 65.22 -11.71 12.65
CA PHE D 84 64.18 -11.31 11.73
C PHE D 84 64.03 -9.80 11.77
N PHE D 85 64.01 -9.17 10.60
CA PHE D 85 63.86 -7.73 10.49
C PHE D 85 62.69 -7.43 9.57
N ALA D 86 61.71 -6.69 10.07
CA ALA D 86 60.46 -6.50 9.37
C ALA D 86 60.65 -5.72 8.08
N PRO D 87 60.27 -6.27 6.93
CA PRO D 87 60.12 -5.45 5.73
C PRO D 87 58.86 -4.59 5.82
N HIS D 88 58.46 -4.01 4.70
CA HIS D 88 57.33 -3.08 4.59
C HIS D 88 56.16 -3.37 5.52
N SER D 89 55.59 -2.32 6.11
CA SER D 89 54.41 -2.43 6.94
C SER D 89 53.68 -1.09 7.00
N TRP D 90 52.36 -1.13 6.99
CA TRP D 90 51.54 0.08 7.00
C TRP D 90 50.81 0.31 8.32
N TRP D 91 51.04 -0.54 9.31
CA TRP D 91 50.36 -0.44 10.61
C TRP D 91 50.83 0.73 11.48
N PRO D 92 52.10 1.14 11.42
CA PRO D 92 52.51 2.30 12.26
C PRO D 92 51.73 3.57 12.01
N ILE D 93 51.41 3.89 10.75
CA ILE D 93 50.69 5.14 10.49
C ILE D 93 49.26 5.06 11.00
N LEU D 94 48.66 3.87 10.98
CA LEU D 94 47.33 3.71 11.55
C LEU D 94 47.36 3.82 13.07
N ILE D 95 48.41 3.30 13.70
CA ILE D 95 48.54 3.46 15.15
C ILE D 95 48.70 4.94 15.49
N SER D 96 49.50 5.66 14.71
CA SER D 96 49.67 7.09 14.95
C SER D 96 48.37 7.86 14.78
N LEU D 97 47.59 7.51 13.76
CA LEU D 97 46.32 8.21 13.54
C LEU D 97 45.33 7.92 14.66
N SER D 98 45.31 6.68 15.16
CA SER D 98 44.44 6.35 16.29
C SER D 98 44.83 7.13 17.54
N PHE D 99 46.13 7.18 17.83
CA PHE D 99 46.57 7.95 19.00
C PHE D 99 46.28 9.43 18.84
N SER D 100 46.38 9.95 17.62
CA SER D 100 46.05 11.35 17.39
C SER D 100 44.56 11.62 17.58
N THR D 101 43.71 10.69 17.16
CA THR D 101 42.28 10.84 17.40
C THR D 101 41.99 10.89 18.90
N ALA D 102 42.58 9.96 19.65
CA ALA D 102 42.39 9.96 21.10
C ALA D 102 42.91 11.26 21.73
N ALA D 103 44.02 11.78 21.22
CA ALA D 103 44.62 12.97 21.80
C ALA D 103 43.77 14.21 21.50
N VAL D 104 43.20 14.31 20.30
CA VAL D 104 42.31 15.42 20.01
C VAL D 104 41.06 15.31 20.87
N GLY D 105 40.53 14.10 21.05
CA GLY D 105 39.39 13.93 21.93
C GLY D 105 39.68 14.25 23.37
N ALA D 106 40.94 14.12 23.79
CA ALA D 106 41.31 14.53 25.14
C ALA D 106 41.54 16.03 25.24
N ALA D 107 42.06 16.66 24.19
CA ALA D 107 42.24 18.11 24.20
C ALA D 107 40.91 18.83 24.23
N LEU D 108 40.04 18.53 23.27
CA LEU D 108 38.67 19.01 23.29
C LEU D 108 37.84 17.97 24.02
N TRP D 109 37.26 18.33 25.16
CA TRP D 109 36.73 17.31 26.05
C TRP D 109 35.52 16.61 25.44
N LEU D 110 35.78 15.51 24.73
CA LEU D 110 34.76 14.76 24.00
C LEU D 110 34.89 13.29 24.35
N PRO D 111 34.14 12.81 25.35
CA PRO D 111 34.30 11.40 25.78
C PRO D 111 34.03 10.39 24.69
N TRP D 112 33.08 10.65 23.79
CA TRP D 112 32.83 9.72 22.70
C TRP D 112 34.04 9.62 21.77
N LEU D 113 34.71 10.75 21.53
CA LEU D 113 35.91 10.72 20.69
C LEU D 113 37.06 10.04 21.39
N ILE D 114 37.17 10.22 22.71
CA ILE D 114 38.19 9.49 23.46
C ILE D 114 37.95 7.99 23.37
N ALA D 115 36.69 7.55 23.52
CA ALA D 115 36.37 6.13 23.45
C ALA D 115 36.67 5.58 22.07
N ALA D 116 36.29 6.31 21.02
CA ALA D 116 36.59 5.87 19.66
C ALA D 116 38.08 5.76 19.43
N GLY D 117 38.85 6.74 19.92
CA GLY D 117 40.30 6.68 19.76
C GLY D 117 40.92 5.50 20.49
N VAL D 118 40.41 5.18 21.68
CA VAL D 118 40.96 4.04 22.41
C VAL D 118 40.64 2.73 21.69
N ALA D 119 39.42 2.61 21.16
CA ALA D 119 39.08 1.42 20.39
C ALA D 119 39.96 1.29 19.14
N PHE D 120 40.19 2.41 18.44
CA PHE D 120 41.06 2.39 17.28
C PHE D 120 42.49 2.00 17.65
N VAL D 121 42.96 2.47 18.81
CA VAL D 121 44.31 2.14 19.26
C VAL D 121 44.42 0.64 19.52
N ILE D 122 43.44 0.08 20.23
CA ILE D 122 43.44 -1.36 20.48
C ILE D 122 43.48 -2.12 19.16
N THR D 123 42.61 -1.75 18.22
CA THR D 123 42.52 -2.48 16.96
C THR D 123 43.82 -2.41 16.17
N SER D 124 44.42 -1.22 16.08
CA SER D 124 45.63 -1.08 15.28
C SER D 124 46.83 -1.73 15.94
N VAL D 125 46.89 -1.74 17.27
CA VAL D 125 47.98 -2.44 17.95
C VAL D 125 47.84 -3.94 17.75
N CYS D 126 46.62 -4.46 17.80
CA CYS D 126 46.41 -5.87 17.49
C CYS D 126 46.85 -6.19 16.07
N GLY D 127 46.49 -5.32 15.12
CA GLY D 127 46.97 -5.49 13.76
C GLY D 127 48.48 -5.55 13.67
N LEU D 128 49.17 -4.64 14.35
CA LEU D 128 50.62 -4.63 14.34
C LEU D 128 51.18 -5.92 14.91
N VAL D 129 50.63 -6.39 16.03
CA VAL D 129 51.21 -7.53 16.74
C VAL D 129 50.96 -8.84 15.98
N PHE D 130 49.78 -9.01 15.38
CA PHE D 130 49.44 -10.28 14.73
C PHE D 130 49.91 -10.35 13.28
N GLU D 131 50.72 -9.40 12.81
CA GLU D 131 50.95 -9.27 11.38
C GLU D 131 51.69 -10.46 10.80
N TYR D 132 52.71 -10.96 11.50
CA TYR D 132 53.52 -12.06 10.99
C TYR D 132 53.18 -13.37 11.65
N TYR D 133 51.97 -13.50 12.18
CA TYR D 133 51.54 -14.72 12.85
C TYR D 133 50.21 -15.27 12.37
N TRP D 134 49.35 -14.46 11.73
CA TRP D 134 48.16 -14.98 11.09
C TRP D 134 48.53 -16.10 10.12
N GLY D 135 47.72 -17.15 10.10
CA GLY D 135 47.91 -18.23 9.17
C GLY D 135 47.06 -18.06 7.93
N PRO D 136 47.13 -19.01 7.02
CA PRO D 136 46.28 -18.95 5.82
C PRO D 136 44.81 -19.11 6.18
N GLU D 137 43.95 -18.54 5.35
CA GLU D 137 42.51 -18.63 5.57
C GLU D 137 42.05 -20.07 5.46
N LYS D 138 41.39 -20.55 6.51
CA LYS D 138 41.04 -21.96 6.63
C LYS D 138 39.87 -22.39 5.76
N HIS D 139 39.19 -21.45 5.11
CA HIS D 139 38.08 -21.76 4.20
C HIS D 139 36.99 -22.59 4.89
N MET E 1 62.11 56.63 14.03
CA MET E 1 62.61 57.89 13.50
C MET E 1 62.76 57.82 11.99
N SER E 2 62.10 58.74 11.30
CA SER E 2 62.16 58.84 9.83
C SER E 2 61.72 57.51 9.20
N THR E 3 60.42 57.27 9.35
CA THR E 3 59.76 56.08 8.81
C THR E 3 60.33 55.70 7.44
N ALA E 4 60.56 56.70 6.58
CA ALA E 4 61.18 56.43 5.29
C ALA E 4 62.57 55.83 5.45
N LEU E 5 63.39 56.38 6.35
CA LEU E 5 64.71 55.82 6.60
C LEU E 5 64.61 54.38 7.08
N THR E 6 63.74 54.13 8.05
CA THR E 6 63.61 52.79 8.61
C THR E 6 63.24 51.79 7.53
N HIS E 7 62.17 52.07 6.77
CA HIS E 7 61.73 51.13 5.76
C HIS E 7 62.74 51.00 4.63
N GLY E 8 63.39 52.09 4.25
CA GLY E 8 64.39 52.01 3.20
C GLY E 8 65.56 51.12 3.59
N LEU E 9 66.09 51.32 4.80
CA LEU E 9 67.17 50.46 5.27
C LEU E 9 66.73 49.01 5.31
N ILE E 10 65.61 48.72 5.99
CA ILE E 10 65.20 47.34 6.19
C ILE E 10 64.90 46.64 4.87
N GLY E 11 64.42 47.39 3.88
CA GLY E 11 64.08 46.78 2.62
C GLY E 11 65.22 46.72 1.63
N GLY E 12 66.20 47.60 1.77
CA GLY E 12 67.23 47.72 0.76
C GLY E 12 68.57 47.11 1.11
N VAL E 13 68.98 47.16 2.38
CA VAL E 13 70.29 46.60 2.75
C VAL E 13 70.39 45.12 2.41
N PRO E 14 69.41 44.27 2.75
CA PRO E 14 69.53 42.85 2.35
C PRO E 14 69.72 42.64 0.86
N LEU E 15 69.00 43.38 0.02
CA LEU E 15 69.08 43.14 -1.42
C LEU E 15 70.42 43.59 -1.99
N VAL E 16 70.95 44.72 -1.51
CA VAL E 16 72.27 45.16 -1.96
C VAL E 16 73.35 44.16 -1.53
N LEU E 17 73.26 43.69 -0.28
CA LEU E 17 74.25 42.70 0.18
C LEU E 17 74.14 41.41 -0.62
N PHE E 18 72.91 40.97 -0.90
CA PHE E 18 72.70 39.79 -1.73
C PHE E 18 73.31 39.98 -3.11
N ALA E 19 73.09 41.14 -3.72
CA ALA E 19 73.60 41.39 -5.07
C ALA E 19 75.12 41.35 -5.09
N VAL E 20 75.77 42.02 -4.13
CA VAL E 20 77.23 42.08 -4.17
C VAL E 20 77.83 40.72 -3.86
N LEU E 21 77.25 39.98 -2.93
CA LEU E 21 77.77 38.64 -2.63
C LEU E 21 77.57 37.69 -3.81
N ALA E 22 76.43 37.81 -4.51
CA ALA E 22 76.21 36.99 -5.69
C ALA E 22 77.21 37.33 -6.79
N LEU E 23 77.42 38.62 -7.05
CA LEU E 23 78.40 39.01 -8.06
C LEU E 23 79.79 38.54 -7.70
N ILE E 24 80.10 38.45 -6.39
CA ILE E 24 81.41 37.96 -5.98
C ILE E 24 81.53 36.46 -6.21
N PHE E 25 80.50 35.69 -5.82
CA PHE E 25 80.64 34.24 -5.73
C PHE E 25 80.14 33.49 -6.97
N LEU E 26 78.98 33.83 -7.51
CA LEU E 26 78.41 33.06 -8.61
C LEU E 26 79.06 33.32 -9.95
N THR E 27 79.97 34.30 -10.03
CA THR E 27 80.67 34.59 -11.28
C THR E 27 81.99 33.86 -11.39
N ARG E 28 82.35 33.06 -10.39
CA ARG E 28 83.57 32.27 -10.45
C ARG E 28 83.36 31.05 -11.37
N LYS E 29 84.39 30.22 -11.46
CA LYS E 29 84.37 29.06 -12.34
C LYS E 29 84.22 27.79 -11.52
N GLY E 30 83.31 26.92 -11.93
CA GLY E 30 83.11 25.66 -11.27
C GLY E 30 84.11 24.62 -11.73
N PRO E 31 83.97 23.41 -11.18
CA PRO E 31 84.90 22.32 -11.55
C PRO E 31 84.57 21.63 -12.86
N HIS E 32 83.40 21.89 -13.44
CA HIS E 32 83.03 21.22 -14.68
C HIS E 32 83.99 21.60 -15.79
N PRO E 33 84.51 20.63 -16.54
CA PRO E 33 85.48 20.94 -17.60
C PRO E 33 84.85 21.71 -18.74
N ASP E 34 85.72 22.35 -19.53
CA ASP E 34 85.27 23.14 -20.67
C ASP E 34 84.83 22.24 -21.81
N THR E 35 83.94 22.79 -22.65
CA THR E 35 83.42 22.03 -23.77
C THR E 35 84.50 21.80 -24.82
N TYR E 36 84.60 20.58 -25.32
CA TYR E 36 85.64 20.23 -26.27
C TYR E 36 85.31 20.78 -27.65
N LYS E 37 86.29 21.41 -28.27
CA LYS E 37 86.16 21.94 -29.63
C LYS E 37 86.73 20.94 -30.62
N MET E 38 86.00 20.70 -31.72
CA MET E 38 86.44 19.74 -32.73
C MET E 38 87.72 20.16 -33.42
N SER E 39 88.12 21.44 -33.32
CA SER E 39 89.38 21.87 -33.92
C SER E 39 90.57 21.26 -33.21
N ASP E 40 90.43 20.96 -31.93
CA ASP E 40 91.53 20.44 -31.12
C ASP E 40 91.52 18.92 -31.12
N PRO E 41 92.64 18.29 -30.78
CA PRO E 41 92.69 16.83 -30.76
C PRO E 41 91.91 16.24 -29.59
N TRP E 42 91.44 15.01 -29.79
CA TRP E 42 90.66 14.31 -28.78
C TRP E 42 91.61 13.72 -27.74
N THR E 43 91.70 14.36 -26.58
CA THR E 43 92.64 13.96 -25.54
C THR E 43 92.00 13.10 -24.45
N HIS E 44 90.68 13.12 -24.32
CA HIS E 44 90.01 12.34 -23.30
C HIS E 44 90.14 10.84 -23.58
N ALA E 45 89.95 10.05 -22.52
CA ALA E 45 89.93 8.60 -22.65
C ALA E 45 88.74 8.18 -23.52
N PRO E 46 88.76 6.95 -24.04
CA PRO E 46 87.64 6.50 -24.87
C PRO E 46 86.32 6.50 -24.10
N ILE E 47 85.24 6.79 -24.83
CA ILE E 47 83.91 6.93 -24.24
C ILE E 47 82.98 5.92 -24.90
N LEU E 48 82.22 5.20 -24.09
CA LEU E 48 81.20 4.29 -24.58
C LEU E 48 79.93 4.51 -23.75
N TRP E 49 78.83 4.83 -24.42
CA TRP E 49 77.55 5.09 -23.78
C TRP E 49 76.51 4.14 -24.36
N ALA E 50 75.64 3.62 -23.51
CA ALA E 50 74.58 2.71 -23.92
C ALA E 50 73.24 3.17 -23.32
N ALA E 51 72.19 2.45 -23.67
CA ALA E 51 70.83 2.88 -23.37
C ALA E 51 70.27 2.32 -22.08
N GLU E 52 70.57 1.06 -21.77
CA GLU E 52 70.15 0.41 -20.52
C GLU E 52 68.65 0.12 -20.50
N GLU E 53 67.92 0.61 -21.49
CA GLU E 53 66.46 0.51 -21.44
C GLU E 53 65.97 -0.91 -21.77
N PRO E 54 66.35 -1.52 -22.90
CA PRO E 54 65.85 -2.88 -23.17
C PRO E 54 66.54 -3.88 -22.25
N ARG E 55 65.80 -4.38 -21.27
CA ARG E 55 66.34 -5.28 -20.26
C ARG E 55 65.94 -6.72 -20.56
N GLU E 56 66.62 -7.64 -19.87
CA GLU E 56 66.36 -9.07 -20.04
C GLU E 56 65.01 -9.45 -19.45
N VAL E 69 77.51 -12.28 -31.11
CA VAL E 69 78.61 -11.46 -31.58
C VAL E 69 78.61 -11.52 -33.12
N VAL E 70 77.54 -12.12 -33.65
CA VAL E 70 77.37 -12.24 -35.10
C VAL E 70 76.88 -10.91 -35.65
N ILE E 71 77.76 -10.19 -36.34
CA ILE E 71 77.45 -8.88 -36.87
C ILE E 71 76.42 -9.02 -37.99
N GLY E 72 75.56 -8.02 -38.14
CA GLY E 72 74.52 -8.09 -39.15
C GLY E 72 74.59 -7.01 -40.22
N GLY E 73 75.62 -6.17 -40.17
CA GLY E 73 75.76 -5.14 -41.18
C GLY E 73 76.62 -4.00 -40.71
N GLY E 74 76.55 -2.89 -41.43
CA GLY E 74 77.33 -1.73 -41.06
C GLY E 74 77.18 -0.62 -42.10
N ALA E 75 77.89 0.47 -41.84
CA ALA E 75 77.91 1.63 -42.73
C ALA E 75 79.07 2.52 -42.29
N SER E 76 79.56 3.33 -43.23
CA SER E 76 80.74 4.15 -42.97
C SER E 76 80.53 5.55 -43.52
N GLY E 77 81.43 6.45 -43.13
CA GLY E 77 81.38 7.82 -43.60
C GLY E 77 82.63 8.58 -43.19
N LYS E 78 82.89 9.65 -43.93
CA LYS E 78 84.08 10.47 -43.71
C LYS E 78 83.69 11.94 -43.62
N TRP E 79 82.65 12.24 -42.85
CA TRP E 79 82.09 13.59 -42.74
C TRP E 79 81.71 14.13 -44.11
N GLU F 13 97.09 -6.36 -7.92
CA GLU F 13 97.81 -6.67 -9.14
C GLU F 13 97.98 -5.43 -10.01
N LEU F 14 96.90 -4.66 -10.14
CA LEU F 14 96.90 -3.45 -10.96
C LEU F 14 97.53 -2.29 -10.18
N ASP F 15 97.39 -1.10 -10.75
CA ASP F 15 97.95 0.11 -10.16
C ASP F 15 97.22 0.55 -8.90
N LEU F 16 95.89 0.45 -8.86
CA LEU F 16 95.10 0.95 -7.75
C LEU F 16 95.44 2.41 -7.50
N PRO F 17 94.98 3.33 -8.35
CA PRO F 17 95.56 4.68 -8.39
C PRO F 17 95.29 5.55 -7.16
N TYR F 18 96.00 5.29 -6.07
CA TYR F 18 96.11 6.19 -4.92
C TYR F 18 94.73 6.52 -4.33
N GLY F 19 94.13 5.49 -3.76
CA GLY F 19 92.88 5.66 -3.06
C GLY F 19 91.97 4.47 -3.28
N SER F 20 92.26 3.70 -4.32
CA SER F 20 91.49 2.51 -4.61
C SER F 20 92.05 1.32 -3.84
N ALA F 21 91.15 0.39 -3.52
CA ALA F 21 91.53 -0.81 -2.82
C ALA F 21 90.64 -1.95 -3.32
N LEU F 22 91.22 -3.14 -3.40
CA LEU F 22 90.45 -4.33 -3.72
C LEU F 22 89.94 -4.94 -2.42
N THR F 23 88.63 -5.18 -2.34
CA THR F 23 87.98 -5.53 -1.10
C THR F 23 87.86 -7.05 -0.96
N SER F 24 87.08 -7.49 0.02
CA SER F 24 86.84 -8.92 0.19
C SER F 24 86.09 -9.52 -1.00
N SER F 25 85.34 -8.70 -1.72
CA SER F 25 84.78 -9.07 -3.01
C SER F 25 85.68 -8.53 -4.12
N GLY F 26 85.22 -8.64 -5.36
CA GLY F 26 85.99 -8.09 -6.44
C GLY F 26 85.83 -6.61 -6.67
N ARG F 27 85.00 -5.96 -5.86
CA ARG F 27 84.68 -4.55 -6.04
C ARG F 27 85.84 -3.68 -5.60
N ILE F 28 86.08 -2.60 -6.34
CA ILE F 28 87.12 -1.63 -6.03
C ILE F 28 86.47 -0.47 -5.28
N SER F 29 87.17 0.05 -4.28
CA SER F 29 86.68 1.15 -3.44
C SER F 29 87.60 2.35 -3.62
N ALA F 30 87.23 3.25 -4.52
CA ALA F 30 88.05 4.39 -4.85
C ALA F 30 87.63 5.62 -4.03
N VAL F 31 88.40 6.70 -4.17
CA VAL F 31 88.13 7.97 -3.52
C VAL F 31 88.39 9.09 -4.51
N THR F 32 88.01 10.31 -4.12
CA THR F 32 88.24 11.51 -4.90
C THR F 32 88.78 12.59 -3.98
N GLU F 33 89.61 13.48 -4.52
CA GLU F 33 90.07 14.61 -3.75
C GLU F 33 88.90 15.55 -3.44
N PRO F 34 88.94 16.22 -2.29
CA PRO F 34 87.76 16.95 -1.79
C PRO F 34 87.17 17.99 -2.75
N GLY F 35 87.89 18.44 -3.76
CA GLY F 35 87.33 19.47 -4.61
C GLY F 35 87.02 19.04 -6.04
N GLU F 36 87.50 17.87 -6.43
CA GLU F 36 87.46 17.43 -7.81
C GLU F 36 86.25 16.53 -8.06
N LEU F 37 85.95 16.30 -9.34
CA LEU F 37 84.85 15.47 -9.76
C LEU F 37 85.34 14.06 -10.08
N SER F 38 84.40 13.18 -10.42
CA SER F 38 84.72 11.79 -10.72
C SER F 38 84.20 11.35 -12.09
N VAL F 39 83.83 12.29 -12.96
CA VAL F 39 83.28 11.92 -14.26
C VAL F 39 84.13 12.49 -15.40
N HIS F 40 84.22 13.82 -15.48
CA HIS F 40 85.07 14.51 -16.45
C HIS F 40 84.66 14.19 -17.89
N TYR F 41 83.44 14.56 -18.27
CA TYR F 41 83.03 14.53 -19.66
C TYR F 41 83.08 15.94 -20.22
N PRO F 42 83.83 16.21 -21.29
CA PRO F 42 83.96 17.59 -21.76
C PRO F 42 82.75 18.10 -22.51
N PHE F 43 81.56 17.93 -21.95
CA PHE F 43 80.32 18.40 -22.54
C PHE F 43 79.42 18.96 -21.45
N PRO F 44 78.55 19.91 -21.79
CA PRO F 44 77.64 20.46 -20.78
C PRO F 44 76.64 19.44 -20.28
N THR F 45 76.15 19.70 -19.06
CA THR F 45 75.18 18.80 -18.43
C THR F 45 73.87 18.77 -19.20
N MET F 46 73.41 19.93 -19.67
CA MET F 46 72.17 19.96 -20.44
C MET F 46 72.35 19.44 -21.85
N ASP F 47 73.58 19.12 -22.26
CA ASP F 47 73.80 18.35 -23.47
C ASP F 47 73.79 16.86 -23.19
N LEU F 48 74.45 16.45 -22.10
CA LEU F 48 74.47 15.05 -21.73
C LEU F 48 73.08 14.53 -21.38
N VAL F 49 72.23 15.38 -20.78
CA VAL F 49 70.90 14.93 -20.40
C VAL F 49 70.03 14.75 -21.65
N VAL F 50 70.16 15.65 -22.63
CA VAL F 50 69.39 15.50 -23.85
C VAL F 50 69.86 14.27 -24.62
N LEU F 51 71.16 14.01 -24.65
CA LEU F 51 71.65 12.80 -25.30
C LEU F 51 71.14 11.56 -24.59
N ASP F 52 71.15 11.56 -23.26
CA ASP F 52 70.67 10.40 -22.52
C ASP F 52 69.19 10.16 -22.77
N ASP F 53 68.38 11.22 -22.80
CA ASP F 53 66.95 11.05 -23.03
C ASP F 53 66.66 10.56 -24.45
N ALA F 54 67.35 11.12 -25.44
CA ALA F 54 67.20 10.64 -26.81
C ALA F 54 67.58 9.17 -26.91
N LEU F 55 68.72 8.81 -26.30
CA LEU F 55 69.23 7.45 -26.36
C LEU F 55 68.28 6.47 -25.67
N LYS F 56 67.62 6.90 -24.59
CA LYS F 56 66.69 6.04 -23.88
C LYS F 56 65.37 5.87 -24.64
N TYR F 57 64.77 6.98 -25.06
CA TYR F 57 63.45 6.91 -25.69
C TYR F 57 63.50 6.40 -27.12
N GLY F 58 64.66 6.41 -27.77
CA GLY F 58 64.77 5.75 -29.06
C GLY F 58 64.81 4.24 -28.90
N SER F 59 65.58 3.80 -27.90
CA SER F 59 65.68 2.37 -27.63
C SER F 59 64.36 1.80 -27.15
N ARG F 60 63.65 2.52 -26.29
CA ARG F 60 62.37 2.01 -25.79
C ARG F 60 61.36 1.85 -26.93
N ALA F 61 61.44 2.70 -27.94
CA ALA F 61 60.49 2.66 -29.05
C ALA F 61 60.90 1.71 -30.17
N ALA F 62 62.21 1.47 -30.36
CA ALA F 62 62.66 0.56 -31.39
C ALA F 62 62.93 -0.85 -30.90
N LYS F 63 62.89 -1.08 -29.58
CA LYS F 63 63.18 -2.39 -28.99
C LYS F 63 64.56 -2.89 -29.42
N ALA F 64 65.56 -2.03 -29.23
CA ALA F 64 66.95 -2.36 -29.51
C ALA F 64 67.83 -1.33 -28.82
N ARG F 65 68.94 -1.78 -28.27
CA ARG F 65 69.86 -0.85 -27.62
C ARG F 65 70.52 0.04 -28.66
N PHE F 66 70.88 1.25 -28.22
CA PHE F 66 71.64 2.19 -29.02
C PHE F 66 72.88 2.58 -28.23
N ALA F 67 74.02 2.60 -28.91
CA ALA F 67 75.29 2.86 -28.26
C ALA F 67 76.08 3.89 -29.06
N VAL F 68 76.93 4.62 -28.34
CA VAL F 68 77.72 5.69 -28.91
C VAL F 68 79.15 5.57 -28.40
N TYR F 69 80.12 5.66 -29.31
CA TYR F 69 81.53 5.58 -28.99
C TYR F 69 82.25 6.77 -29.61
N ILE F 70 83.15 7.39 -28.85
CA ILE F 70 83.83 8.60 -29.30
C ILE F 70 85.34 8.46 -29.36
N GLY F 71 85.92 7.40 -28.82
CA GLY F 71 87.36 7.22 -28.85
C GLY F 71 87.94 7.04 -30.24
N PRO F 72 89.19 6.61 -30.32
CA PRO F 72 89.87 6.51 -31.61
C PRO F 72 89.66 5.17 -32.30
N LEU F 73 89.86 5.18 -33.61
CA LEU F 73 89.77 4.00 -34.46
C LEU F 73 91.01 3.87 -35.33
N GLY F 74 92.18 3.94 -34.71
CA GLY F 74 93.44 3.98 -35.43
C GLY F 74 93.84 2.67 -36.08
N ALA F 75 92.95 2.14 -36.91
CA ALA F 75 93.12 0.89 -37.61
C ALA F 75 92.08 0.84 -38.73
N ASP F 76 91.84 -0.33 -39.29
CA ASP F 76 90.63 -0.52 -40.08
C ASP F 76 89.44 -0.08 -39.23
N THR F 77 88.75 0.99 -39.67
CA THR F 77 87.75 1.61 -38.82
C THR F 77 86.56 0.69 -38.59
N ALA F 78 86.10 0.03 -39.66
CA ALA F 78 84.97 -0.90 -39.51
C ALA F 78 85.33 -2.06 -38.60
N ALA F 79 86.54 -2.60 -38.75
CA ALA F 79 86.94 -3.72 -37.91
C ALA F 79 87.04 -3.30 -36.45
N THR F 80 87.59 -2.12 -36.19
CA THR F 80 87.66 -1.63 -34.82
C THR F 80 86.27 -1.41 -34.24
N ALA F 81 85.35 -0.84 -35.03
CA ALA F 81 83.99 -0.63 -34.55
C ALA F 81 83.31 -1.94 -34.22
N ARG F 82 83.46 -2.95 -35.06
CA ARG F 82 82.89 -4.26 -34.82
C ARG F 82 83.52 -4.97 -33.63
N GLU F 83 84.80 -4.71 -33.34
CA GLU F 83 85.40 -5.22 -32.12
C GLU F 83 84.86 -4.49 -30.90
N ILE F 84 84.53 -3.21 -31.07
CA ILE F 84 84.00 -2.42 -29.96
C ILE F 84 82.60 -2.87 -29.59
N LEU F 85 81.77 -3.17 -30.59
CA LEU F 85 80.38 -3.56 -30.36
C LEU F 85 80.27 -4.77 -29.44
N ALA F 86 81.34 -5.55 -29.32
CA ALA F 86 81.32 -6.73 -28.46
C ALA F 86 81.16 -6.38 -26.99
N ASN F 87 81.40 -5.13 -26.59
CA ASN F 87 81.34 -4.75 -25.19
C ASN F 87 79.99 -4.18 -24.78
N VAL F 88 79.01 -4.15 -25.68
CA VAL F 88 77.65 -3.73 -25.36
C VAL F 88 76.98 -4.90 -24.65
N PRO F 89 76.11 -4.64 -23.66
CA PRO F 89 75.48 -5.74 -22.92
C PRO F 89 74.90 -6.88 -23.76
N THR F 90 73.94 -6.60 -24.65
CA THR F 90 73.35 -7.62 -25.53
C THR F 90 73.70 -7.27 -26.97
N PRO F 91 74.90 -7.65 -27.44
CA PRO F 91 75.38 -7.12 -28.72
C PRO F 91 74.61 -7.63 -29.92
N GLU F 92 73.83 -8.72 -29.77
CA GLU F 92 73.08 -9.23 -30.92
C GLU F 92 71.91 -8.33 -31.26
N ASN F 93 71.35 -7.63 -30.27
CA ASN F 93 70.24 -6.69 -30.46
C ASN F 93 70.74 -5.33 -30.01
N ALA F 94 71.41 -4.62 -30.91
CA ALA F 94 72.05 -3.35 -30.59
C ALA F 94 72.51 -2.68 -31.87
N VAL F 95 72.53 -1.35 -31.84
CA VAL F 95 73.02 -0.54 -32.95
C VAL F 95 74.04 0.44 -32.39
N LEU F 96 75.25 0.43 -32.94
CA LEU F 96 76.34 1.22 -32.40
C LEU F 96 76.79 2.27 -33.42
N LEU F 97 77.10 3.47 -32.90
CA LEU F 97 77.61 4.57 -33.71
C LEU F 97 78.94 5.01 -33.12
N ALA F 98 80.01 4.83 -33.88
CA ALA F 98 81.35 5.20 -33.44
C ALA F 98 81.85 6.38 -34.26
N VAL F 99 82.51 7.32 -33.59
CA VAL F 99 82.99 8.54 -34.22
C VAL F 99 84.42 8.79 -33.78
N SER F 100 85.31 9.05 -34.74
CA SER F 100 86.66 9.49 -34.45
C SER F 100 86.84 10.91 -34.96
N PRO F 101 86.91 11.92 -34.08
CA PRO F 101 87.12 13.30 -34.54
C PRO F 101 88.55 13.58 -34.96
N ASP F 102 89.51 12.74 -34.55
CA ASP F 102 90.89 12.87 -34.99
C ASP F 102 91.05 12.43 -36.44
N GLN F 103 90.42 11.31 -36.80
CA GLN F 103 90.44 10.81 -38.15
C GLN F 103 89.23 11.26 -38.96
N ARG F 104 88.31 12.01 -38.36
CA ARG F 104 87.10 12.49 -39.03
C ARG F 104 86.35 11.33 -39.68
N ALA F 105 86.12 10.28 -38.91
CA ALA F 105 85.54 9.04 -39.41
C ALA F 105 84.28 8.67 -38.63
N ILE F 106 83.29 8.13 -39.34
CA ILE F 106 82.01 7.74 -38.76
C ILE F 106 81.74 6.29 -39.16
N GLU F 107 81.29 5.49 -38.20
CA GLU F 107 80.94 4.11 -38.48
C GLU F 107 79.66 3.75 -37.74
N VAL F 108 78.86 2.88 -38.34
CA VAL F 108 77.66 2.34 -37.72
C VAL F 108 77.70 0.82 -37.86
N VAL F 109 77.38 0.12 -36.77
CA VAL F 109 77.46 -1.34 -36.72
C VAL F 109 76.15 -1.90 -36.19
N TYR F 110 75.77 -3.06 -36.72
CA TYR F 110 74.48 -3.70 -36.47
C TYR F 110 74.66 -4.98 -35.65
N GLY F 111 73.54 -5.62 -35.35
CA GLY F 111 73.54 -6.89 -34.66
C GLY F 111 72.75 -7.93 -35.44
N ALA F 112 72.88 -9.19 -34.99
CA ALA F 112 72.24 -10.29 -35.70
C ALA F 112 70.73 -10.23 -35.56
N ASP F 113 70.22 -9.95 -34.36
CA ASP F 113 68.78 -9.95 -34.16
C ASP F 113 68.14 -8.71 -34.74
N VAL F 114 68.83 -7.57 -34.69
CA VAL F 114 68.33 -6.33 -35.28
C VAL F 114 68.74 -6.36 -36.76
N LYS F 115 67.88 -6.99 -37.57
CA LYS F 115 68.14 -7.13 -39.00
C LYS F 115 66.83 -7.40 -39.73
N GLY F 116 66.51 -6.60 -40.74
CA GLY F 116 65.23 -6.70 -41.39
C GLY F 116 64.12 -5.90 -40.74
N ARG F 117 64.44 -5.05 -39.78
CA ARG F 117 63.45 -4.26 -39.06
C ARG F 117 63.40 -2.82 -39.53
N GLY F 118 64.17 -2.47 -40.56
CA GLY F 118 64.17 -1.11 -41.08
C GLY F 118 65.50 -0.42 -40.88
N ILE F 119 66.57 -1.21 -40.79
CA ILE F 119 67.88 -0.68 -40.42
C ILE F 119 68.66 -0.19 -41.62
N GLU F 120 68.70 -0.99 -42.69
CA GLU F 120 69.53 -0.64 -43.85
C GLU F 120 69.10 0.66 -44.50
N SER F 121 67.84 1.07 -44.33
CA SER F 121 67.35 2.34 -44.81
C SER F 121 67.61 3.47 -43.83
N ALA F 122 68.23 3.18 -42.68
CA ALA F 122 68.36 4.17 -41.62
C ALA F 122 69.81 4.49 -41.30
N ALA F 123 70.72 3.54 -41.50
CA ALA F 123 72.13 3.80 -41.22
C ALA F 123 72.73 4.90 -42.09
N PRO F 124 72.52 4.94 -43.41
CA PRO F 124 73.06 6.07 -44.18
C PRO F 124 72.39 7.39 -43.84
N LEU F 125 71.09 7.37 -43.52
CA LEU F 125 70.43 8.59 -43.03
C LEU F 125 71.10 9.11 -41.78
N GLY F 126 71.39 8.22 -40.83
CA GLY F 126 72.04 8.63 -39.61
C GLY F 126 73.46 9.13 -39.84
N VAL F 127 74.21 8.44 -40.70
CA VAL F 127 75.56 8.89 -41.03
C VAL F 127 75.51 10.27 -41.68
N SER F 128 74.51 10.50 -42.54
CA SER F 128 74.39 11.78 -43.22
C SER F 128 74.06 12.90 -42.24
N ALA F 129 73.13 12.64 -41.31
CA ALA F 129 72.79 13.64 -40.31
C ALA F 129 73.99 13.95 -39.41
N ALA F 130 74.72 12.91 -39.00
CA ALA F 130 75.87 13.11 -38.13
C ALA F 130 76.95 13.91 -38.83
N ALA F 131 77.25 13.58 -40.09
CA ALA F 131 78.23 14.35 -40.85
C ALA F 131 77.78 15.79 -41.03
N ALA F 132 76.52 15.99 -41.42
CA ALA F 132 76.00 17.33 -41.65
C ALA F 132 76.12 18.20 -40.40
N SER F 133 75.86 17.61 -39.22
CA SER F 133 75.97 18.41 -38.00
C SER F 133 77.40 18.47 -37.47
N PHE F 134 78.29 17.60 -37.92
CA PHE F 134 79.71 17.74 -37.58
C PHE F 134 80.39 18.80 -38.43
N LYS F 135 79.83 19.10 -39.60
CA LYS F 135 80.45 20.10 -40.46
C LYS F 135 80.45 21.49 -39.84
N GLU F 136 79.64 21.73 -38.81
CA GLU F 136 79.70 22.99 -38.07
C GLU F 136 80.60 22.93 -36.85
N GLY F 137 80.74 21.76 -36.23
CA GLY F 137 81.53 21.65 -35.03
C GLY F 137 80.68 21.41 -33.80
N ASN F 138 79.60 20.65 -33.96
CA ASN F 138 78.68 20.32 -32.88
C ASN F 138 78.66 18.81 -32.72
N LEU F 139 79.59 18.28 -31.93
CA LEU F 139 79.73 16.83 -31.79
C LEU F 139 78.51 16.21 -31.12
N ILE F 140 78.16 16.70 -29.94
CA ILE F 140 77.04 16.13 -29.19
C ILE F 140 75.74 16.31 -29.95
N ASP F 141 75.58 17.44 -30.63
CA ASP F 141 74.35 17.69 -31.38
C ASP F 141 74.25 16.77 -32.59
N GLY F 142 75.37 16.51 -33.26
CA GLY F 142 75.37 15.55 -34.34
C GLY F 142 75.02 14.15 -33.87
N LEU F 143 75.58 13.75 -32.72
CA LEU F 143 75.22 12.47 -32.15
C LEU F 143 73.73 12.38 -31.86
N ILE F 144 73.16 13.45 -31.29
CA ILE F 144 71.74 13.44 -30.96
C ILE F 144 70.89 13.34 -32.22
N SER F 145 71.22 14.13 -33.24
CA SER F 145 70.45 14.10 -34.49
C SER F 145 70.51 12.71 -35.14
N ALA F 146 71.71 12.13 -35.21
CA ALA F 146 71.86 10.81 -35.81
C ALA F 146 71.06 9.76 -35.06
N VAL F 147 71.13 9.77 -33.72
CA VAL F 147 70.41 8.78 -32.94
C VAL F 147 68.90 8.95 -33.12
N ARG F 148 68.43 10.20 -33.12
CA ARG F 148 67.00 10.45 -33.35
C ARG F 148 66.56 9.87 -34.69
N VAL F 149 67.31 10.15 -35.76
CA VAL F 149 66.90 9.68 -37.09
C VAL F 149 66.91 8.16 -37.15
N MET F 150 67.96 7.53 -36.64
CA MET F 150 68.06 6.08 -36.74
C MET F 150 66.97 5.40 -35.90
N SER F 151 66.73 5.89 -34.69
CA SER F 151 65.73 5.27 -33.83
C SER F 151 64.33 5.48 -34.37
N ALA F 152 64.08 6.62 -35.02
CA ALA F 152 62.80 6.80 -35.72
C ALA F 152 62.70 5.89 -36.93
N GLY F 153 63.83 5.50 -37.52
CA GLY F 153 63.79 4.59 -38.65
C GLY F 153 63.47 3.16 -38.26
N VAL F 154 64.16 2.64 -37.24
CA VAL F 154 64.03 1.23 -36.89
C VAL F 154 62.64 0.95 -36.32
N SER F 155 62.21 -0.30 -36.43
CA SER F 155 60.91 -0.78 -35.99
C SER F 155 61.06 -2.00 -35.08
N PRO F 156 60.17 -2.17 -34.11
CA PRO F 156 60.28 -3.33 -33.22
C PRO F 156 59.80 -4.61 -33.86
N ALA F 157 60.43 -5.72 -33.47
CA ALA F 157 60.00 -7.04 -33.90
C ALA F 157 60.52 -8.11 -32.94
N HIS G 25 44.49 0.31 -25.85
CA HIS G 25 44.37 1.66 -25.31
C HIS G 25 45.04 2.67 -26.22
N THR G 26 44.71 3.96 -26.02
CA THR G 26 45.29 5.01 -26.82
C THR G 26 46.81 5.05 -26.66
N GLY G 27 47.30 4.83 -25.44
CA GLY G 27 48.69 4.49 -25.25
C GLY G 27 49.48 5.15 -24.14
N VAL G 28 50.00 4.31 -23.26
CA VAL G 28 51.12 4.61 -22.38
C VAL G 28 52.10 3.43 -22.48
N ASP G 29 53.25 3.58 -21.86
CA ASP G 29 54.28 2.55 -21.90
C ASP G 29 54.18 1.65 -20.67
N VAL G 30 54.51 0.37 -20.85
CA VAL G 30 54.56 -0.55 -19.73
C VAL G 30 55.76 -0.29 -18.83
N GLU G 31 56.68 0.57 -19.25
CA GLU G 31 57.74 1.03 -18.37
C GLU G 31 57.29 2.18 -17.50
N ASP G 32 56.19 2.85 -17.86
CA ASP G 32 55.58 3.89 -17.04
C ASP G 32 54.48 3.32 -16.16
N VAL G 33 53.57 2.56 -16.75
CA VAL G 33 52.49 1.90 -16.03
C VAL G 33 52.57 0.40 -16.34
N PRO G 34 53.05 -0.40 -15.38
CA PRO G 34 53.19 -1.85 -15.64
C PRO G 34 51.94 -2.52 -16.17
N SER G 35 50.78 -2.27 -15.57
CA SER G 35 49.54 -2.89 -16.02
C SER G 35 48.78 -2.00 -17.00
N ALA G 36 49.45 -1.54 -18.06
CA ALA G 36 48.80 -0.68 -19.03
C ALA G 36 47.85 -1.42 -19.95
N GLU G 37 48.03 -2.73 -20.10
CA GLU G 37 47.16 -3.54 -20.95
C GLU G 37 46.06 -4.25 -20.19
N TRP G 38 45.81 -3.85 -18.94
CA TRP G 38 44.76 -4.45 -18.15
C TRP G 38 43.62 -3.49 -17.83
N GLY G 39 43.77 -2.21 -18.11
CA GLY G 39 42.73 -1.25 -17.80
C GLY G 39 43.09 0.13 -18.30
N TRP G 40 42.12 1.03 -18.19
CA TRP G 40 42.28 2.42 -18.59
C TRP G 40 43.40 3.09 -17.79
N SER G 41 44.42 3.58 -18.49
CA SER G 41 45.62 4.06 -17.83
C SER G 41 46.12 5.40 -18.36
N HIS G 42 45.33 6.11 -19.16
CA HIS G 42 45.81 7.35 -19.77
C HIS G 42 44.67 8.34 -19.93
N MET G 43 44.87 9.56 -19.45
CA MET G 43 43.97 10.66 -19.67
C MET G 43 44.74 11.81 -20.31
N PRO G 44 44.21 12.41 -21.38
CA PRO G 44 44.96 13.46 -22.08
C PRO G 44 45.33 14.62 -21.15
N ILE G 45 46.38 15.34 -21.54
CA ILE G 45 46.94 16.37 -20.66
C ILE G 45 46.20 17.69 -20.81
N GLY G 46 45.61 17.95 -21.99
CA GLY G 46 44.83 19.16 -22.16
C GLY G 46 43.64 19.21 -21.24
N VAL G 47 43.05 18.06 -20.94
CA VAL G 47 41.93 18.01 -20.00
C VAL G 47 42.36 18.56 -18.65
N MET G 48 43.48 18.07 -18.12
CA MET G 48 43.95 18.52 -16.82
C MET G 48 44.37 19.98 -16.85
N HIS G 49 45.00 20.41 -17.94
CA HIS G 49 45.42 21.82 -18.04
C HIS G 49 44.22 22.76 -18.01
N ILE G 50 43.23 22.52 -18.87
CA ILE G 50 42.07 23.39 -18.89
C ILE G 50 41.24 23.23 -17.62
N GLY G 51 41.27 22.07 -16.98
CA GLY G 51 40.57 21.92 -15.71
C GLY G 51 41.19 22.77 -14.62
N GLY G 52 42.52 22.78 -14.55
CA GLY G 52 43.18 23.68 -13.61
C GLY G 52 42.87 25.13 -13.88
N LEU G 53 42.88 25.52 -15.16
CA LEU G 53 42.54 26.90 -15.51
C LEU G 53 41.11 27.25 -15.11
N LEU G 54 40.17 26.31 -15.31
CA LEU G 54 38.78 26.58 -14.96
C LEU G 54 38.59 26.64 -13.45
N SER G 55 39.33 25.81 -12.70
CA SER G 55 39.25 25.89 -11.25
C SER G 55 39.79 27.22 -10.74
N ALA G 56 40.89 27.70 -11.33
CA ALA G 56 41.39 29.02 -10.97
C ALA G 56 40.35 30.10 -11.28
N ALA G 57 39.72 30.03 -12.44
CA ALA G 57 38.69 31.00 -12.79
C ALA G 57 37.53 30.96 -11.81
N PHE G 58 37.12 29.76 -11.39
CA PHE G 58 36.01 29.63 -10.45
C PHE G 58 36.38 30.23 -9.10
N LEU G 59 37.60 29.94 -8.62
CA LEU G 59 38.06 30.53 -7.36
C LEU G 59 38.08 32.06 -7.45
N LEU G 60 38.47 32.60 -8.60
CA LEU G 60 38.50 34.06 -8.75
C LEU G 60 37.09 34.64 -8.77
N VAL G 61 36.17 33.99 -9.48
CA VAL G 61 34.81 34.49 -9.56
C VAL G 61 34.10 34.38 -8.21
N MET G 62 34.52 33.44 -7.37
CA MET G 62 33.85 33.19 -6.10
C MET G 62 33.91 34.37 -5.13
N MET G 63 34.54 35.48 -5.48
CA MET G 63 34.52 36.67 -4.65
C MET G 63 33.70 37.80 -5.29
N ARG G 64 32.86 37.47 -6.25
CA ARG G 64 31.90 38.43 -6.78
C ARG G 64 30.86 38.75 -5.72
N GLY G 65 30.45 40.02 -5.67
CA GLY G 65 29.52 40.46 -4.65
C GLY G 65 30.13 40.30 -3.27
N ASN G 66 31.31 40.88 -3.09
CA ASN G 66 32.08 40.67 -1.86
C ASN G 66 31.31 41.16 -0.66
N HIS G 67 30.99 40.24 0.24
CA HIS G 67 30.43 40.57 1.55
C HIS G 67 31.60 41.00 2.43
N VAL G 68 31.28 41.83 3.44
CA VAL G 68 32.27 42.53 4.24
C VAL G 68 33.37 41.60 4.75
N GLY G 69 34.62 41.98 4.48
CA GLY G 69 35.77 41.16 4.84
C GLY G 69 36.64 40.86 3.65
N HIS G 70 37.95 40.75 3.86
CA HIS G 70 38.87 40.50 2.76
C HIS G 70 39.94 39.47 3.09
N VAL G 71 39.93 38.89 4.29
CA VAL G 71 40.92 37.86 4.62
C VAL G 71 40.76 36.64 3.73
N GLU G 72 39.54 36.34 3.29
CA GLU G 72 39.31 35.17 2.44
C GLU G 72 39.71 35.43 0.99
N ASP G 73 39.68 36.69 0.56
CA ASP G 73 40.16 37.00 -0.78
C ASP G 73 41.64 36.67 -0.93
N TRP G 74 42.41 36.82 0.14
CA TRP G 74 43.83 36.49 0.05
C TRP G 74 44.03 35.00 -0.15
N PHE G 75 43.23 34.16 0.54
CA PHE G 75 43.29 32.73 0.29
C PHE G 75 42.88 32.39 -1.13
N LEU G 76 41.84 33.08 -1.63
CA LEU G 76 41.37 32.83 -2.99
C LEU G 76 42.47 33.12 -4.01
N ILE G 77 43.06 34.31 -3.95
CA ILE G 77 44.11 34.68 -4.89
C ILE G 77 45.34 33.79 -4.72
N GLY G 78 45.66 33.42 -3.47
CA GLY G 78 46.79 32.54 -3.25
C GLY G 78 46.62 31.20 -3.94
N PHE G 79 45.47 30.56 -3.74
CA PHE G 79 45.26 29.25 -4.36
C PHE G 79 45.16 29.36 -5.88
N ALA G 80 44.53 30.43 -6.39
CA ALA G 80 44.45 30.60 -7.84
C ALA G 80 45.83 30.75 -8.45
N ALA G 81 46.68 31.57 -7.83
CA ALA G 81 48.04 31.76 -8.34
C ALA G 81 48.84 30.47 -8.28
N VAL G 82 48.67 29.70 -7.20
CA VAL G 82 49.40 28.44 -7.09
C VAL G 82 48.99 27.47 -8.19
N ILE G 83 47.69 27.37 -8.46
CA ILE G 83 47.22 26.47 -9.51
C ILE G 83 47.74 26.92 -10.87
N VAL G 84 47.69 28.23 -11.14
CA VAL G 84 48.16 28.72 -12.43
C VAL G 84 49.66 28.47 -12.58
N ALA G 85 50.42 28.63 -11.50
CA ALA G 85 51.85 28.37 -11.57
C ALA G 85 52.15 26.91 -11.85
N LEU G 86 51.41 26.01 -11.20
CA LEU G 86 51.61 24.58 -11.46
C LEU G 86 51.33 24.24 -12.92
N VAL G 87 50.20 24.73 -13.43
CA VAL G 87 49.84 24.43 -14.83
C VAL G 87 50.88 25.01 -15.78
N GLY G 88 51.33 26.24 -15.53
CA GLY G 88 52.30 26.85 -16.41
C GLY G 88 53.64 26.15 -16.40
N ARG G 89 54.10 25.73 -15.22
CA ARG G 89 55.34 24.96 -15.15
C ARG G 89 55.23 23.67 -15.94
N ASN G 90 54.14 22.92 -15.74
CA ASN G 90 53.99 21.66 -16.47
C ASN G 90 53.97 21.89 -17.97
N TRP G 91 53.22 22.91 -18.42
CA TRP G 91 53.13 23.20 -19.84
C TRP G 91 54.50 23.57 -20.41
N TRP G 92 55.23 24.43 -19.71
CA TRP G 92 56.55 24.87 -20.18
C TRP G 92 57.51 23.68 -20.29
N LEU G 93 57.60 22.87 -19.25
CA LEU G 93 58.53 21.74 -19.28
C LEU G 93 58.14 20.72 -20.35
N ARG G 94 56.84 20.49 -20.56
CA ARG G 94 56.46 19.59 -21.65
C ARG G 94 56.78 20.20 -23.00
N ARG G 95 56.71 21.53 -23.13
CA ARG G 95 56.98 22.16 -24.40
C ARG G 95 58.47 22.14 -24.74
N ARG G 96 59.34 22.30 -23.75
CA ARG G 96 60.77 22.36 -24.02
C ARG G 96 61.45 20.99 -24.03
N GLY G 97 60.72 19.91 -23.75
CA GLY G 97 61.26 18.58 -23.88
C GLY G 97 61.76 17.94 -22.61
N TRP G 98 61.63 18.60 -21.46
CA TRP G 98 62.09 18.02 -20.21
C TRP G 98 61.07 17.06 -19.59
N ILE G 99 59.91 16.91 -20.21
CA ILE G 99 58.91 15.91 -19.82
C ILE G 99 58.48 15.19 -21.09
N ARG G 100 58.29 13.89 -21.00
CA ARG G 100 58.05 13.02 -22.16
C ARG G 100 59.27 12.99 -23.07
N TRP H 27 -103.20 -23.91 -5.00
CA TRP H 27 -102.77 -24.78 -6.08
C TRP H 27 -101.74 -24.08 -6.97
N SER H 28 -101.97 -22.79 -7.23
CA SER H 28 -101.05 -22.01 -8.03
C SER H 28 -99.89 -21.47 -7.20
N ASP H 29 -99.91 -21.67 -5.89
CA ASP H 29 -98.76 -21.32 -5.06
C ASP H 29 -97.57 -22.21 -5.36
N ALA H 30 -97.82 -23.44 -5.79
CA ALA H 30 -96.73 -24.35 -6.16
C ALA H 30 -96.24 -24.08 -7.57
N LEU H 31 -97.13 -23.70 -8.48
CA LEU H 31 -96.75 -23.39 -9.85
C LEU H 31 -96.16 -22.00 -10.01
N ALA H 32 -96.10 -21.21 -8.95
CA ALA H 32 -95.43 -19.92 -8.97
C ALA H 32 -93.97 -20.03 -8.57
N LEU H 33 -93.52 -21.20 -8.12
CA LEU H 33 -92.12 -21.47 -7.79
C LEU H 33 -91.58 -20.50 -6.75
N GLY H 34 -92.45 -19.92 -5.94
CA GLY H 34 -92.03 -19.02 -4.90
C GLY H 34 -92.28 -17.56 -5.15
N TRP H 35 -92.91 -17.20 -6.27
CA TRP H 35 -93.21 -15.80 -6.52
C TRP H 35 -94.22 -15.29 -5.49
N PRO H 36 -93.92 -14.23 -4.77
CA PRO H 36 -94.92 -13.64 -3.88
C PRO H 36 -96.06 -13.03 -4.66
N THR H 37 -97.26 -13.15 -4.12
CA THR H 37 -98.42 -12.50 -4.73
C THR H 37 -98.22 -10.99 -4.70
N GLY H 38 -98.42 -10.36 -5.85
CA GLY H 38 -98.14 -8.94 -5.97
C GLY H 38 -99.07 -8.08 -5.15
N ILE H 39 -98.60 -6.86 -4.86
CA ILE H 39 -99.39 -5.83 -4.22
C ILE H 39 -99.69 -4.69 -5.19
N THR H 40 -99.66 -4.99 -6.49
CA THR H 40 -99.74 -3.99 -7.53
C THR H 40 -100.33 -4.68 -8.77
N PRO H 41 -101.21 -4.01 -9.51
CA PRO H 41 -101.83 -4.66 -10.67
C PRO H 41 -100.82 -5.08 -11.74
N GLU H 42 -99.78 -4.29 -11.97
CA GLU H 42 -98.73 -4.72 -12.89
C GLU H 42 -98.03 -5.98 -12.37
N ALA H 43 -97.87 -6.08 -11.05
CA ALA H 43 -97.28 -7.29 -10.48
C ALA H 43 -98.19 -8.49 -10.68
N LYS H 44 -99.51 -8.30 -10.54
CA LYS H 44 -100.44 -9.39 -10.78
C LYS H 44 -100.38 -9.85 -12.23
N LEU H 45 -100.33 -8.89 -13.17
CA LEU H 45 -100.21 -9.25 -14.59
C LEU H 45 -98.91 -10.02 -14.86
N ASN H 46 -97.80 -9.53 -14.30
CA ASN H 46 -96.53 -10.23 -14.45
C ASN H 46 -96.62 -11.65 -13.91
N ARG H 47 -97.31 -11.83 -12.79
CA ARG H 47 -97.41 -13.17 -12.21
C ARG H 47 -98.23 -14.10 -13.09
N GLU H 48 -99.31 -13.58 -13.68
CA GLU H 48 -100.08 -14.39 -14.62
C GLU H 48 -99.20 -14.84 -15.79
N LEU H 49 -98.47 -13.90 -16.39
CA LEU H 49 -97.59 -14.26 -17.50
C LEU H 49 -96.56 -15.30 -17.07
N TRP H 50 -96.00 -15.14 -15.88
CA TRP H 50 -94.99 -16.07 -15.38
C TRP H 50 -95.56 -17.47 -15.24
N ILE H 51 -96.75 -17.58 -14.65
CA ILE H 51 -97.35 -18.90 -14.43
C ILE H 51 -97.67 -19.57 -15.76
N GLY H 52 -98.18 -18.80 -16.73
CA GLY H 52 -98.44 -19.38 -18.04
C GLY H 52 -97.18 -19.91 -18.69
N SER H 53 -96.11 -19.11 -18.65
CA SER H 53 -94.86 -19.53 -19.27
C SER H 53 -94.27 -20.75 -18.55
N VAL H 54 -94.41 -20.80 -17.23
CA VAL H 54 -93.90 -21.95 -16.48
C VAL H 54 -94.64 -23.22 -16.86
N ILE H 55 -95.97 -23.12 -17.00
CA ILE H 55 -96.74 -24.30 -17.41
C ILE H 55 -96.32 -24.77 -18.79
N ALA H 56 -96.12 -23.83 -19.73
CA ALA H 56 -95.67 -24.22 -21.06
C ALA H 56 -94.33 -24.93 -21.01
N SER H 57 -93.37 -24.36 -20.25
CA SER H 57 -92.05 -24.95 -20.18
C SER H 57 -92.07 -26.33 -19.55
N PHE H 58 -92.89 -26.51 -18.50
CA PHE H 58 -93.04 -27.83 -17.91
C PHE H 58 -93.61 -28.83 -18.90
N ALA H 59 -94.58 -28.40 -19.72
CA ALA H 59 -95.14 -29.31 -20.72
C ALA H 59 -94.06 -29.78 -21.68
N VAL H 60 -93.28 -28.83 -22.23
CA VAL H 60 -92.25 -29.19 -23.21
C VAL H 60 -91.20 -30.10 -22.57
N GLY H 61 -90.75 -29.75 -21.36
CA GLY H 61 -89.76 -30.56 -20.69
C GLY H 61 -90.24 -31.96 -20.38
N ALA H 62 -91.52 -32.09 -19.99
CA ALA H 62 -92.07 -33.41 -19.72
C ALA H 62 -92.11 -34.24 -21.00
N ILE H 63 -92.48 -33.62 -22.12
CA ILE H 63 -92.49 -34.38 -23.38
C ILE H 63 -91.09 -34.85 -23.74
N VAL H 64 -90.08 -33.99 -23.61
CA VAL H 64 -88.73 -34.38 -24.00
C VAL H 64 -88.18 -35.46 -23.06
N TRP H 65 -88.44 -35.32 -21.75
CA TRP H 65 -88.03 -36.34 -20.80
C TRP H 65 -88.71 -37.68 -21.10
N GLY H 66 -89.99 -37.65 -21.45
CA GLY H 66 -90.67 -38.87 -21.83
C GLY H 66 -90.06 -39.52 -23.04
N LEU H 67 -89.70 -38.72 -24.04
CA LEU H 67 -89.07 -39.28 -25.24
C LEU H 67 -87.74 -39.94 -24.90
N ILE H 68 -86.93 -39.28 -24.08
CA ILE H 68 -85.63 -39.85 -23.72
C ILE H 68 -85.80 -41.13 -22.92
N PHE H 69 -86.69 -41.12 -21.92
CA PHE H 69 -86.89 -42.31 -21.10
C PHE H 69 -87.53 -43.45 -21.88
N TRP H 70 -88.28 -43.15 -22.94
CA TRP H 70 -88.79 -44.21 -23.81
C TRP H 70 -87.67 -44.79 -24.65
N THR H 71 -86.86 -43.93 -25.28
CA THR H 71 -85.77 -44.44 -26.09
C THR H 71 -84.73 -45.18 -25.26
N SER H 72 -84.73 -44.98 -23.94
CA SER H 72 -83.89 -45.79 -23.06
C SER H 72 -84.52 -47.13 -22.71
N ALA H 73 -85.48 -47.59 -23.50
CA ALA H 73 -85.98 -48.96 -23.44
C ALA H 73 -85.65 -49.74 -24.71
N PHE H 74 -84.86 -49.15 -25.62
CA PHE H 74 -84.34 -49.86 -26.79
C PHE H 74 -82.97 -50.47 -26.49
N HIS H 75 -82.89 -51.23 -25.40
CA HIS H 75 -81.64 -51.87 -25.03
C HIS H 75 -81.23 -52.88 -26.09
N ARG H 76 -79.94 -53.19 -26.13
CA ARG H 76 -79.45 -54.24 -27.00
C ARG H 76 -79.94 -55.59 -26.48
N LYS H 77 -80.79 -56.25 -27.27
CA LYS H 77 -81.32 -57.54 -26.86
C LYS H 77 -80.31 -58.64 -27.15
N LYS H 78 -80.25 -59.62 -26.26
CA LYS H 78 -79.34 -60.75 -26.46
C LYS H 78 -79.73 -61.56 -27.68
N ALA H 79 -81.00 -61.55 -28.04
CA ALA H 79 -81.46 -62.26 -29.23
C ALA H 79 -81.09 -61.54 -30.53
N THR H 80 -80.77 -60.26 -30.47
CA THR H 80 -80.34 -59.51 -31.65
C THR H 80 -79.11 -60.16 -32.27
N ASP H 81 -79.25 -60.64 -33.49
CA ASP H 81 -78.18 -61.36 -34.17
C ASP H 81 -77.16 -60.36 -34.71
N THR H 82 -76.29 -60.83 -35.62
CA THR H 82 -75.30 -59.94 -36.21
C THR H 82 -75.97 -59.07 -37.25
N GLU H 83 -76.96 -58.31 -36.82
CA GLU H 83 -77.73 -57.42 -37.68
C GLU H 83 -77.84 -56.07 -36.96
N LEU H 84 -77.05 -55.10 -37.41
CA LEU H 84 -77.13 -53.76 -36.88
C LEU H 84 -78.50 -53.16 -37.20
N PRO H 85 -78.86 -52.05 -36.55
CA PRO H 85 -80.19 -51.46 -36.80
C PRO H 85 -80.36 -50.90 -38.20
N ARG H 86 -81.51 -50.26 -38.46
CA ARG H 86 -81.86 -49.90 -39.83
C ARG H 86 -80.97 -48.82 -40.43
N GLN H 87 -80.15 -48.13 -39.63
CA GLN H 87 -79.18 -47.17 -40.14
C GLN H 87 -79.84 -46.13 -41.04
N PHE H 88 -80.97 -45.56 -40.60
CA PHE H 88 -81.75 -44.78 -41.55
C PHE H 88 -81.20 -43.36 -41.72
N GLY H 89 -81.30 -42.53 -40.69
CA GLY H 89 -80.89 -41.14 -40.83
C GLY H 89 -81.71 -40.34 -41.83
N TYR H 90 -81.62 -39.01 -41.76
CA TYR H 90 -82.11 -38.11 -42.80
C TYR H 90 -83.61 -38.31 -43.09
N ASN H 91 -84.41 -37.98 -42.10
CA ASN H 91 -85.86 -37.84 -42.26
C ASN H 91 -86.16 -36.36 -42.48
N MET H 92 -86.51 -36.00 -43.72
CA MET H 92 -86.50 -34.60 -44.15
C MET H 92 -87.74 -33.79 -43.74
N PRO H 93 -88.96 -34.27 -43.91
CA PRO H 93 -90.11 -33.44 -43.53
C PRO H 93 -90.28 -33.26 -42.03
N LEU H 94 -89.82 -34.23 -41.24
CA LEU H 94 -89.82 -34.06 -39.79
C LEU H 94 -88.96 -32.87 -39.39
N GLU H 95 -87.87 -32.64 -40.11
CA GLU H 95 -87.02 -31.49 -39.84
C GLU H 95 -87.80 -30.19 -39.99
N LEU H 96 -88.55 -30.07 -41.09
CA LEU H 96 -89.36 -28.87 -41.31
C LEU H 96 -90.43 -28.72 -40.24
N THR H 97 -91.07 -29.82 -39.84
CA THR H 97 -92.12 -29.72 -38.83
C THR H 97 -91.57 -29.26 -37.48
N LEU H 98 -90.49 -29.90 -37.02
CA LEU H 98 -89.89 -29.57 -35.75
C LEU H 98 -89.10 -28.27 -35.79
N THR H 99 -88.85 -27.69 -36.96
CA THR H 99 -88.30 -26.34 -36.99
C THR H 99 -89.38 -25.29 -37.17
N VAL H 100 -90.60 -25.69 -37.57
CA VAL H 100 -91.66 -24.70 -37.74
C VAL H 100 -92.52 -24.55 -36.49
N ILE H 101 -92.62 -25.57 -35.65
CA ILE H 101 -93.44 -25.39 -34.44
C ILE H 101 -92.78 -24.50 -33.39
N PRO H 102 -91.47 -24.58 -33.11
CA PRO H 102 -90.93 -23.72 -32.05
C PRO H 102 -90.98 -22.25 -32.43
N PHE H 103 -90.92 -21.95 -33.72
CA PHE H 103 -91.17 -20.59 -34.19
C PHE H 103 -92.54 -20.12 -33.72
N LEU H 104 -93.55 -20.99 -33.83
CA LEU H 104 -94.90 -20.64 -33.37
C LEU H 104 -94.90 -20.32 -31.88
N ILE H 105 -94.34 -21.22 -31.06
CA ILE H 105 -94.38 -21.00 -29.62
C ILE H 105 -93.63 -19.71 -29.24
N ILE H 106 -92.45 -19.50 -29.83
CA ILE H 106 -91.68 -18.32 -29.44
C ILE H 106 -92.34 -17.04 -29.94
N SER H 107 -93.03 -17.09 -31.08
CA SER H 107 -93.72 -15.89 -31.57
C SER H 107 -94.88 -15.53 -30.66
N VAL H 108 -95.64 -16.53 -30.21
CA VAL H 108 -96.74 -16.26 -29.29
C VAL H 108 -96.20 -15.67 -27.99
N LEU H 109 -95.15 -16.29 -27.44
CA LEU H 109 -94.58 -15.78 -26.20
C LEU H 109 -94.03 -14.37 -26.37
N PHE H 110 -93.42 -14.08 -27.52
CA PHE H 110 -92.90 -12.75 -27.77
C PHE H 110 -94.00 -11.71 -27.83
N TYR H 111 -95.11 -12.05 -28.51
CA TYR H 111 -96.24 -11.13 -28.57
C TYR H 111 -96.73 -10.78 -27.17
N PHE H 112 -96.99 -11.80 -26.36
CA PHE H 112 -97.53 -11.52 -25.03
C PHE H 112 -96.50 -10.81 -24.14
N THR H 113 -95.21 -11.14 -24.31
CA THR H 113 -94.17 -10.45 -23.57
C THR H 113 -94.13 -8.96 -23.90
N VAL H 114 -94.23 -8.63 -25.19
CA VAL H 114 -94.23 -7.23 -25.59
C VAL H 114 -95.44 -6.51 -25.00
N VAL H 115 -96.61 -7.16 -25.04
CA VAL H 115 -97.81 -6.55 -24.47
C VAL H 115 -97.60 -6.24 -22.99
N VAL H 116 -97.12 -7.23 -22.24
CA VAL H 116 -96.99 -7.04 -20.79
C VAL H 116 -95.91 -6.03 -20.46
N GLN H 117 -94.84 -5.97 -21.27
CA GLN H 117 -93.76 -5.04 -20.94
C GLN H 117 -94.11 -3.61 -21.33
N GLU H 118 -95.01 -3.43 -22.30
CA GLU H 118 -95.56 -2.09 -22.50
C GLU H 118 -96.57 -1.71 -21.44
N ARG H 119 -97.34 -2.67 -20.93
CA ARG H 119 -98.30 -2.40 -19.88
C ARG H 119 -97.65 -2.29 -18.50
N MET H 120 -96.33 -2.34 -18.42
CA MET H 120 -95.61 -2.26 -17.15
C MET H 120 -94.80 -0.99 -17.00
N MET H 121 -94.59 -0.23 -18.07
CA MET H 121 -93.87 1.04 -18.04
C MET H 121 -94.77 2.06 -18.75
N HIS H 122 -95.67 2.68 -17.99
CA HIS H 122 -96.68 3.56 -18.57
C HIS H 122 -96.37 5.04 -18.34
N LYS H 123 -96.15 5.44 -17.08
CA LYS H 123 -95.73 6.79 -16.72
C LYS H 123 -96.73 7.85 -17.21
N ASP H 124 -97.92 7.80 -16.61
CA ASP H 124 -98.88 8.86 -16.82
C ASP H 124 -98.33 10.18 -16.27
N PRO H 125 -98.63 11.31 -16.90
CA PRO H 125 -97.97 12.56 -16.50
C PRO H 125 -98.37 13.09 -15.13
N ASN H 126 -99.49 12.64 -14.56
CA ASN H 126 -99.99 13.19 -13.30
C ASN H 126 -100.04 12.11 -12.23
N PRO H 127 -98.94 11.86 -11.54
CA PRO H 127 -98.95 10.97 -10.38
C PRO H 127 -99.48 11.71 -9.16
N GLU H 128 -99.49 11.01 -8.02
CA GLU H 128 -99.98 11.58 -6.78
C GLU H 128 -98.87 11.78 -5.75
N VAL H 129 -97.86 10.92 -5.73
CA VAL H 129 -96.72 11.05 -4.85
C VAL H 129 -95.46 10.82 -5.67
N VAL H 130 -94.42 11.61 -5.39
CA VAL H 130 -93.15 11.51 -6.09
C VAL H 130 -92.05 11.34 -5.05
N ILE H 131 -91.38 10.19 -5.05
CA ILE H 131 -90.31 9.87 -4.13
C ILE H 131 -88.98 9.97 -4.86
N ASP H 132 -88.00 10.60 -4.22
CA ASP H 132 -86.64 10.70 -4.73
C ASP H 132 -85.76 9.73 -3.96
N VAL H 133 -85.36 8.65 -4.61
CA VAL H 133 -84.53 7.63 -3.99
C VAL H 133 -83.08 7.94 -4.30
N THR H 134 -82.24 7.96 -3.27
CA THR H 134 -80.81 8.17 -3.42
C THR H 134 -80.09 7.00 -2.76
N ALA H 135 -79.20 6.37 -3.52
CA ALA H 135 -78.43 5.23 -3.02
C ALA H 135 -76.97 5.64 -2.91
N PHE H 136 -76.35 5.39 -1.76
CA PHE H 136 -74.92 5.68 -1.66
C PHE H 136 -74.22 4.49 -1.04
N GLN H 137 -72.99 4.67 -0.56
CA GLN H 137 -72.24 3.51 -0.13
C GLN H 137 -72.88 2.92 1.12
N TRP H 138 -73.75 1.94 0.88
CA TRP H 138 -74.31 1.05 1.89
C TRP H 138 -75.34 1.73 2.78
N ASN H 139 -76.14 2.63 2.19
CA ASN H 139 -77.40 3.10 2.76
C ASN H 139 -78.21 3.82 1.69
N TRP H 140 -79.44 4.17 2.07
CA TRP H 140 -80.46 4.78 1.23
C TRP H 140 -80.90 6.11 1.81
N LYS H 141 -81.58 6.90 1.00
CA LYS H 141 -82.18 8.15 1.46
C LYS H 141 -83.39 8.48 0.61
N PHE H 142 -84.52 8.77 1.26
CA PHE H 142 -85.77 9.06 0.58
C PHE H 142 -86.16 10.51 0.78
N GLY H 143 -86.90 11.05 -0.19
CA GLY H 143 -87.05 12.49 -0.29
C GLY H 143 -88.41 13.14 -0.18
N TYR H 144 -89.48 12.47 -0.59
CA TYR H 144 -90.83 13.07 -0.58
C TYR H 144 -90.85 14.38 -1.37
N GLN H 145 -90.60 14.26 -2.67
CA GLN H 145 -90.45 15.45 -3.50
C GLN H 145 -91.77 16.22 -3.63
N LYS H 146 -92.84 15.54 -4.01
CA LYS H 146 -94.11 16.20 -4.26
C LYS H 146 -95.26 15.29 -3.87
N ILE H 147 -96.29 15.89 -3.26
CA ILE H 147 -97.57 15.22 -3.03
C ILE H 147 -98.65 16.06 -3.72
N ALA H 148 -99.53 15.38 -4.45
CA ALA H 148 -100.67 16.05 -5.09
C ALA H 148 -101.78 15.00 -5.26
N PHE H 149 -102.77 15.03 -4.36
CA PHE H 149 -103.87 14.08 -4.40
C PHE H 149 -104.94 14.51 -5.39
N ALA H 150 -105.52 13.54 -6.09
CA ALA H 150 -106.55 13.82 -7.07
C ALA H 150 -107.89 14.20 -6.45
N ASP H 151 -108.15 13.81 -5.20
CA ASP H 151 -109.34 14.27 -4.49
C ASP H 151 -109.41 15.79 -4.49
N GLY H 152 -108.25 16.43 -4.46
CA GLY H 152 -108.08 17.85 -4.27
C GLY H 152 -107.67 18.08 -2.84
N SER H 153 -106.35 18.11 -2.63
CA SER H 153 -105.71 18.25 -1.33
C SER H 153 -104.21 18.10 -1.53
N PHE H 154 -103.43 18.36 -0.48
CA PHE H 154 -102.04 17.92 -0.41
C PHE H 154 -101.23 18.44 -1.60
N ASP H 155 -101.04 19.75 -1.64
CA ASP H 155 -100.14 20.34 -2.62
C ASP H 155 -98.83 20.61 -1.90
N TYR H 156 -97.96 19.59 -1.85
CA TYR H 156 -96.66 19.72 -1.21
C TYR H 156 -95.60 20.01 -2.27
N ASP H 157 -94.37 20.27 -1.83
CA ASP H 157 -93.35 20.76 -2.73
C ASP H 157 -91.97 20.38 -2.20
N GLY H 158 -90.96 20.59 -3.04
CA GLY H 158 -89.58 20.29 -2.71
C GLY H 158 -88.78 21.54 -2.37
N ALA H 159 -87.49 21.33 -2.11
CA ALA H 159 -86.65 22.38 -1.53
C ALA H 159 -85.87 23.18 -2.58
N ASP H 160 -85.01 22.50 -3.32
CA ASP H 160 -83.98 22.98 -4.26
C ASP H 160 -83.38 24.36 -3.95
N PRO H 161 -82.87 24.60 -2.74
CA PRO H 161 -82.03 25.79 -2.52
C PRO H 161 -80.53 25.49 -2.48
N GLU H 162 -80.15 24.24 -2.65
CA GLU H 162 -78.82 23.75 -2.31
C GLU H 162 -78.15 22.96 -3.41
N ARG H 163 -78.85 22.65 -4.50
CA ARG H 163 -78.26 21.85 -5.56
C ARG H 163 -77.23 22.67 -6.31
N LYS H 164 -75.99 22.68 -5.83
CA LYS H 164 -74.94 23.51 -6.37
C LYS H 164 -73.65 22.73 -6.51
N THR H 194 -74.72 17.55 -8.58
CA THR H 194 -75.49 18.47 -9.42
C THR H 194 -76.68 17.77 -10.06
N TYR H 195 -76.66 16.44 -10.04
CA TYR H 195 -77.79 15.64 -10.51
C TYR H 195 -78.63 15.08 -9.38
N LEU H 196 -78.10 14.99 -8.17
CA LEU H 196 -78.85 14.47 -7.03
C LEU H 196 -79.93 15.48 -6.62
N ASN H 197 -80.99 14.96 -6.01
CA ASN H 197 -82.15 15.76 -5.64
C ASN H 197 -82.20 15.88 -4.12
N PHE H 198 -82.39 17.11 -3.63
CA PHE H 198 -82.52 17.39 -2.21
C PHE H 198 -83.90 17.95 -1.95
N ASP H 199 -84.51 17.52 -0.85
CA ASP H 199 -85.86 17.91 -0.51
C ASP H 199 -85.89 18.39 0.94
N LYS H 200 -87.10 18.58 1.47
CA LYS H 200 -87.26 19.09 2.83
C LYS H 200 -87.47 17.97 3.85
N ILE H 201 -88.31 16.99 3.54
CA ILE H 201 -88.58 15.87 4.44
C ILE H 201 -87.84 14.65 3.89
N GLU H 202 -86.69 14.34 4.48
CA GLU H 202 -85.84 13.26 4.00
C GLU H 202 -85.69 12.21 5.08
N THR H 203 -85.84 10.94 4.70
CA THR H 203 -85.63 9.82 5.60
C THR H 203 -84.26 9.21 5.26
N LEU H 204 -83.35 9.26 6.22
CA LEU H 204 -81.98 8.83 6.03
C LEU H 204 -81.69 7.60 6.89
N GLY H 205 -81.14 6.56 6.28
CA GLY H 205 -80.80 5.37 7.02
C GLY H 205 -79.36 5.37 7.51
N THR H 206 -79.15 4.66 8.61
CA THR H 206 -77.83 4.53 9.21
C THR H 206 -77.55 3.06 9.52
N SER H 207 -76.33 2.77 9.98
CA SER H 207 -75.97 1.39 10.25
C SER H 207 -76.64 0.84 11.49
N SER H 208 -77.28 1.69 12.30
CA SER H 208 -78.00 1.24 13.48
C SER H 208 -79.51 1.37 13.36
N GLU H 209 -80.01 2.08 12.35
CA GLU H 209 -81.44 2.21 12.11
C GLU H 209 -81.72 2.07 10.63
N ILE H 210 -82.71 1.26 10.27
CA ILE H 210 -83.01 0.95 8.88
C ILE H 210 -84.02 1.96 8.36
N PRO H 211 -83.77 2.56 7.19
CA PRO H 211 -84.69 3.59 6.68
C PRO H 211 -86.04 2.99 6.32
N VAL H 212 -87.10 3.75 6.58
CA VAL H 212 -88.47 3.32 6.35
C VAL H 212 -89.14 4.34 5.44
N LEU H 213 -89.76 3.86 4.36
CA LEU H 213 -90.46 4.71 3.40
C LEU H 213 -91.96 4.57 3.61
N VAL H 214 -92.59 5.62 4.13
CA VAL H 214 -94.02 5.63 4.40
C VAL H 214 -94.75 6.07 3.14
N LEU H 215 -95.69 5.26 2.67
CA LEU H 215 -96.46 5.53 1.47
C LEU H 215 -97.95 5.33 1.75
N PRO H 216 -98.81 6.04 1.04
CA PRO H 216 -100.25 5.80 1.17
C PRO H 216 -100.68 4.59 0.36
N ALA H 217 -101.88 4.11 0.66
CA ALA H 217 -102.47 2.98 -0.03
C ALA H 217 -103.46 3.46 -1.09
N GLY H 218 -103.47 2.75 -2.21
CA GLY H 218 -104.41 3.06 -3.29
C GLY H 218 -104.12 4.33 -4.04
N LYS H 219 -102.85 4.72 -4.16
CA LYS H 219 -102.48 5.97 -4.81
C LYS H 219 -101.40 5.72 -5.85
N ARG H 220 -101.34 6.63 -6.84
CA ARG H 220 -100.33 6.56 -7.88
C ARG H 220 -99.00 7.09 -7.34
N ILE H 221 -97.96 6.27 -7.43
CA ILE H 221 -96.66 6.63 -6.87
C ILE H 221 -95.61 6.59 -7.96
N GLU H 222 -94.66 7.52 -7.88
CA GLU H 222 -93.58 7.62 -8.84
C GLU H 222 -92.25 7.64 -8.09
N PHE H 223 -91.24 6.99 -8.66
CA PHE H 223 -89.92 6.89 -8.08
C PHE H 223 -88.89 7.45 -9.05
N VAL H 224 -88.01 8.31 -8.54
CA VAL H 224 -86.90 8.89 -9.30
C VAL H 224 -85.61 8.43 -8.63
N LEU H 225 -84.82 7.63 -9.35
CA LEU H 225 -83.70 6.89 -8.78
C LEU H 225 -82.39 7.59 -9.12
N ASN H 226 -81.54 7.78 -8.12
CA ASN H 226 -80.23 8.39 -8.34
C ASN H 226 -79.21 7.78 -7.37
N SER H 227 -77.98 7.66 -7.84
CA SER H 227 -76.89 7.12 -7.05
C SER H 227 -75.79 8.15 -6.93
N ALA H 228 -75.14 8.16 -5.77
CA ALA H 228 -74.10 9.16 -5.54
C ALA H 228 -72.75 8.71 -6.09
N ASP H 229 -72.38 7.46 -5.87
CA ASP H 229 -71.06 6.97 -6.26
C ASP H 229 -71.08 5.85 -7.27
N VAL H 230 -71.70 4.71 -6.96
CA VAL H 230 -71.62 3.53 -7.82
C VAL H 230 -73.03 3.06 -8.16
N ILE H 231 -73.12 1.96 -8.91
CA ILE H 231 -74.43 1.40 -9.27
C ILE H 231 -74.98 0.62 -8.09
N HIS H 232 -76.29 0.77 -7.86
CA HIS H 232 -77.00 0.00 -6.85
C HIS H 232 -78.24 -0.61 -7.49
N GLY H 233 -79.04 -1.31 -6.72
CA GLY H 233 -80.27 -1.90 -7.22
C GLY H 233 -81.43 -1.66 -6.26
N PHE H 234 -82.59 -1.38 -6.83
CA PHE H 234 -83.79 -1.07 -6.05
C PHE H 234 -84.80 -2.19 -6.28
N TRP H 235 -84.78 -3.17 -5.38
CA TRP H 235 -85.66 -4.34 -5.48
C TRP H 235 -86.57 -4.40 -4.27
N VAL H 236 -87.87 -4.27 -4.49
CA VAL H 236 -88.88 -4.61 -3.51
C VAL H 236 -89.58 -5.85 -4.03
N PRO H 237 -89.32 -7.03 -3.47
CA PRO H 237 -89.84 -8.27 -4.08
C PRO H 237 -91.35 -8.28 -4.24
N GLU H 238 -92.09 -7.65 -3.33
CA GLU H 238 -93.54 -7.63 -3.45
C GLU H 238 -94.02 -6.82 -4.64
N PHE H 239 -93.16 -5.99 -5.22
CA PHE H 239 -93.50 -5.31 -6.47
C PHE H 239 -93.30 -6.19 -7.69
N LEU H 240 -92.55 -7.28 -7.56
CA LEU H 240 -92.17 -8.14 -8.68
C LEU H 240 -91.53 -7.31 -9.80
N PHE H 241 -90.56 -6.49 -9.41
CA PHE H 241 -89.94 -5.53 -10.31
C PHE H 241 -88.73 -4.93 -9.60
N LYS H 242 -87.71 -4.61 -10.39
CA LYS H 242 -86.53 -3.93 -9.86
C LYS H 242 -85.89 -3.11 -10.96
N ARG H 243 -85.05 -2.17 -10.56
CA ARG H 243 -84.37 -1.29 -11.49
C ARG H 243 -83.04 -0.85 -10.89
N ASP H 244 -82.06 -0.63 -11.76
CA ASP H 244 -80.74 -0.24 -11.31
C ASP H 244 -80.65 1.26 -11.06
N VAL H 245 -79.87 1.62 -10.05
CA VAL H 245 -79.67 2.99 -9.62
C VAL H 245 -78.29 3.41 -10.09
N LEU H 246 -78.25 4.31 -11.08
CA LEU H 246 -77.02 4.69 -11.76
C LEU H 246 -76.53 6.05 -11.31
N PRO H 247 -75.21 6.29 -11.35
CA PRO H 247 -74.69 7.62 -10.98
C PRO H 247 -75.21 8.75 -11.84
N GLU H 248 -74.95 8.72 -13.15
CA GLU H 248 -75.33 9.81 -14.06
C GLU H 248 -76.33 9.27 -15.07
N PRO H 249 -77.59 9.10 -14.67
CA PRO H 249 -78.55 8.43 -15.56
C PRO H 249 -78.79 9.15 -16.88
N LYS H 250 -78.67 10.47 -16.91
CA LYS H 250 -78.95 11.20 -18.15
C LYS H 250 -77.82 11.05 -19.16
N ALA H 251 -76.57 11.11 -18.71
CA ALA H 251 -75.44 10.94 -19.61
C ALA H 251 -75.22 9.48 -20.02
N ASN H 252 -75.94 8.54 -19.42
CA ASN H 252 -75.87 7.14 -19.79
C ASN H 252 -77.14 6.66 -20.47
N ASN H 253 -78.06 7.58 -20.81
CA ASN H 253 -79.23 7.28 -21.63
C ASN H 253 -80.15 6.27 -20.95
N SER H 254 -80.30 6.39 -19.64
CA SER H 254 -81.13 5.48 -18.87
C SER H 254 -82.35 6.21 -18.31
N ASP H 255 -83.45 5.47 -18.20
CA ASP H 255 -84.70 5.98 -17.63
C ASP H 255 -84.72 5.63 -16.16
N ASN H 256 -84.44 6.61 -15.30
CA ASN H 256 -84.37 6.41 -13.86
C ASN H 256 -85.69 6.76 -13.17
N VAL H 257 -86.82 6.65 -13.86
CA VAL H 257 -88.11 7.07 -13.34
C VAL H 257 -89.13 5.99 -13.65
N PHE H 258 -89.85 5.54 -12.62
CA PHE H 258 -90.86 4.51 -12.86
C PHE H 258 -92.00 4.64 -11.86
N GLN H 259 -93.20 4.23 -12.28
CA GLN H 259 -94.42 4.47 -11.52
C GLN H 259 -95.15 3.17 -11.24
N VAL H 260 -95.88 3.17 -10.13
CA VAL H 260 -96.83 2.12 -9.79
C VAL H 260 -98.20 2.76 -9.62
N SER H 261 -99.26 2.02 -9.99
CA SER H 261 -100.59 2.59 -10.02
C SER H 261 -101.20 2.68 -8.63
N GLU H 262 -101.13 1.60 -7.86
CA GLU H 262 -101.68 1.60 -6.51
C GLU H 262 -101.08 0.42 -5.76
N ILE H 263 -101.21 0.48 -4.43
CA ILE H 263 -100.78 -0.59 -3.55
C ILE H 263 -102.02 -1.06 -2.79
N GLN H 264 -102.52 -2.24 -3.14
CA GLN H 264 -103.76 -2.72 -2.56
C GLN H 264 -103.63 -2.95 -1.05
N GLN H 265 -102.69 -3.81 -0.66
CA GLN H 265 -102.57 -4.16 0.75
C GLN H 265 -101.98 -3.01 1.56
N THR H 266 -101.81 -3.26 2.86
CA THR H 266 -101.17 -2.33 3.77
C THR H 266 -100.16 -3.09 4.62
N GLY H 267 -99.22 -2.36 5.20
CA GLY H 267 -98.26 -3.01 6.08
C GLY H 267 -96.81 -2.76 5.70
N ALA H 268 -95.93 -3.70 6.08
CA ALA H 268 -94.49 -3.54 5.90
C ALA H 268 -93.97 -4.52 4.87
N PHE H 269 -93.03 -4.06 4.05
CA PHE H 269 -92.39 -4.89 3.05
C PHE H 269 -90.90 -4.56 2.99
N VAL H 270 -90.11 -5.54 2.58
CA VAL H 270 -88.66 -5.44 2.63
C VAL H 270 -88.13 -4.96 1.29
N GLY H 271 -86.92 -4.42 1.30
CA GLY H 271 -86.24 -4.03 0.08
C GLY H 271 -84.76 -4.30 0.17
N ARG H 272 -84.20 -4.79 -0.93
CA ARG H 272 -82.81 -5.20 -1.03
C ARG H 272 -82.10 -4.40 -2.12
N CYS H 273 -80.77 -4.43 -2.06
CA CYS H 273 -79.94 -3.94 -3.16
C CYS H 273 -79.56 -5.13 -4.05
N THR H 274 -79.63 -4.92 -5.36
CA THR H 274 -79.38 -6.01 -6.29
C THR H 274 -78.29 -5.63 -7.30
N GLU H 275 -77.20 -5.07 -6.82
CA GLU H 275 -76.04 -4.77 -7.64
C GLU H 275 -74.83 -5.34 -6.94
N MET H 276 -73.63 -4.94 -7.36
CA MET H 276 -72.41 -5.25 -6.62
C MET H 276 -71.79 -3.91 -6.26
N CYS H 277 -71.86 -3.55 -4.98
CA CYS H 277 -71.54 -2.21 -4.51
C CYS H 277 -70.23 -2.14 -3.74
N GLY H 278 -69.73 -3.27 -3.25
CA GLY H 278 -68.55 -3.24 -2.42
C GLY H 278 -68.69 -4.13 -1.20
N THR H 279 -68.13 -3.70 -0.07
CA THR H 279 -68.04 -4.58 1.09
C THR H 279 -69.42 -4.95 1.62
N PHE H 280 -70.18 -3.98 2.09
CA PHE H 280 -71.46 -4.28 2.75
C PHE H 280 -72.63 -4.22 1.76
N HIS H 281 -72.47 -4.87 0.60
CA HIS H 281 -73.56 -4.92 -0.37
C HIS H 281 -74.75 -5.68 0.18
N ALA H 282 -74.51 -6.65 1.05
CA ALA H 282 -75.58 -7.42 1.67
C ALA H 282 -76.23 -6.71 2.84
N MET H 283 -75.87 -5.45 3.10
CA MET H 283 -76.36 -4.76 4.28
C MET H 283 -76.94 -3.40 3.91
N MET H 284 -77.74 -3.35 2.85
CA MET H 284 -78.39 -2.15 2.38
C MET H 284 -79.91 -2.31 2.33
N ASN H 285 -80.49 -2.96 3.33
CA ASN H 285 -81.91 -3.22 3.26
C ASN H 285 -82.71 -1.99 3.68
N PHE H 286 -83.95 -1.93 3.23
CA PHE H 286 -84.86 -0.85 3.60
C PHE H 286 -86.26 -1.45 3.78
N GLU H 287 -87.20 -0.62 4.20
CA GLU H 287 -88.56 -1.09 4.44
C GLU H 287 -89.56 -0.07 3.91
N VAL H 288 -90.69 -0.59 3.42
CA VAL H 288 -91.77 0.22 2.88
C VAL H 288 -93.00 -0.02 3.71
N ARG H 289 -93.58 1.06 4.25
CA ARG H 289 -94.78 0.99 5.07
C ARG H 289 -95.94 1.65 4.33
N VAL H 290 -96.97 0.87 4.06
CA VAL H 290 -98.14 1.33 3.32
C VAL H 290 -99.29 1.50 4.30
N VAL H 291 -99.75 2.74 4.45
CA VAL H 291 -100.84 3.10 5.35
C VAL H 291 -101.94 3.75 4.52
N GLU H 292 -103.01 4.17 5.22
CA GLU H 292 -104.13 4.81 4.54
C GLU H 292 -103.86 6.31 4.41
N PRO H 293 -104.49 6.98 3.44
CA PRO H 293 -104.19 8.41 3.22
C PRO H 293 -104.42 9.29 4.44
N ASN H 294 -105.28 8.89 5.39
CA ASN H 294 -105.43 9.69 6.60
C ASN H 294 -104.23 9.54 7.52
N ASP H 295 -103.79 8.32 7.76
CA ASP H 295 -102.52 8.12 8.46
C ASP H 295 -101.39 8.82 7.73
N PHE H 296 -101.49 8.95 6.41
CA PHE H 296 -100.43 9.57 5.62
C PHE H 296 -100.40 11.08 5.82
N LYS H 297 -101.57 11.72 5.82
CA LYS H 297 -101.61 13.15 6.13
C LYS H 297 -101.13 13.42 7.55
N ALA H 298 -101.53 12.54 8.48
CA ALA H 298 -101.06 12.69 9.86
C ALA H 298 -99.53 12.59 9.92
N TYR H 299 -98.96 11.63 9.21
CA TYR H 299 -97.50 11.47 9.19
C TYR H 299 -96.81 12.67 8.56
N ILE H 300 -97.33 13.14 7.41
CA ILE H 300 -96.71 14.27 6.73
C ILE H 300 -96.77 15.52 7.60
N ASP H 301 -97.86 15.72 8.33
CA ASP H 301 -97.94 16.88 9.20
C ASP H 301 -96.99 16.75 10.39
N GLN H 302 -96.99 15.58 11.04
CA GLN H 302 -96.08 15.33 12.15
C GLN H 302 -94.63 15.38 11.72
N ARG H 303 -94.34 15.25 10.42
CA ARG H 303 -92.97 15.36 9.93
C ARG H 303 -92.62 16.78 9.53
N ASN H 304 -93.58 17.52 8.98
CA ASN H 304 -93.37 18.94 8.73
C ASN H 304 -93.09 19.67 10.03
N ALA H 305 -93.80 19.33 11.09
CA ALA H 305 -93.33 19.64 12.43
C ALA H 305 -92.08 18.82 12.69
N GLY H 306 -90.98 19.49 13.04
CA GLY H 306 -89.69 18.81 13.09
C GLY H 306 -89.67 17.62 14.03
N LYS H 307 -89.70 16.43 13.45
CA LYS H 307 -89.75 15.18 14.21
C LYS H 307 -89.09 14.08 13.40
N THR H 308 -88.49 13.13 14.11
CA THR H 308 -87.86 12.00 13.45
C THR H 308 -88.91 11.08 12.82
N ASN H 309 -88.43 10.18 11.95
CA ASN H 309 -89.32 9.19 11.35
C ASN H 309 -89.94 8.29 12.41
N ALA H 310 -89.14 7.89 13.40
CA ALA H 310 -89.66 6.99 14.43
C ALA H 310 -90.73 7.67 15.27
N GLU H 311 -90.53 8.94 15.63
CA GLU H 311 -91.55 9.65 16.41
C GLU H 311 -92.80 9.91 15.58
N ALA H 312 -92.63 10.31 14.31
CA ALA H 312 -93.77 10.51 13.44
C ALA H 312 -94.55 9.22 13.21
N LEU H 313 -93.88 8.07 13.28
CA LEU H 313 -94.57 6.79 13.15
C LEU H 313 -95.27 6.40 14.44
N ALA H 314 -94.62 6.62 15.59
CA ALA H 314 -95.24 6.32 16.86
C ALA H 314 -96.44 7.24 17.14
N ALA H 315 -96.48 8.40 16.48
CA ALA H 315 -97.60 9.30 16.67
C ALA H 315 -98.89 8.81 15.99
N ILE H 316 -98.80 7.84 15.08
CA ILE H 316 -99.97 7.33 14.39
C ILE H 316 -100.19 5.86 14.76
N ASN H 317 -99.66 5.46 15.91
CA ASN H 317 -99.81 4.10 16.42
C ASN H 317 -99.27 3.07 15.43
N GLN H 318 -97.97 3.18 15.14
CA GLN H 318 -97.24 2.25 14.32
C GLN H 318 -95.90 1.93 14.98
N PRO H 319 -95.38 0.72 14.82
CA PRO H 319 -94.06 0.40 15.35
C PRO H 319 -93.00 1.26 14.72
N PRO H 320 -92.24 2.02 15.52
CA PRO H 320 -91.34 3.02 14.94
C PRO H 320 -90.13 2.43 14.23
N LEU H 321 -89.78 1.18 14.51
CA LEU H 321 -88.65 0.52 13.86
C LEU H 321 -89.16 -0.48 12.83
N ALA H 322 -88.26 -0.90 11.96
CA ALA H 322 -88.61 -1.83 10.90
C ALA H 322 -88.92 -3.20 11.50
N ILE H 323 -90.10 -3.73 11.21
CA ILE H 323 -90.52 -5.02 11.73
C ILE H 323 -90.23 -6.17 10.77
N THR H 324 -89.98 -5.88 9.49
CA THR H 324 -89.65 -6.92 8.53
C THR H 324 -88.18 -7.29 8.59
N THR H 325 -87.30 -6.29 8.56
CA THR H 325 -85.86 -6.48 8.62
C THR H 325 -85.29 -5.69 9.79
N GLU H 326 -84.15 -6.14 10.30
CA GLU H 326 -83.61 -5.47 11.48
C GLU H 326 -82.18 -5.02 11.22
N PRO H 327 -81.79 -3.87 11.78
CA PRO H 327 -80.46 -3.28 11.51
C PRO H 327 -79.32 -4.04 12.17
N PHE H 328 -78.97 -5.17 11.58
CA PHE H 328 -77.89 -6.00 12.11
C PHE H 328 -76.55 -5.28 11.97
N GLU H 329 -75.68 -5.48 12.96
CA GLU H 329 -74.42 -4.76 13.01
C GLU H 329 -73.59 -5.01 11.76
N SER H 330 -72.61 -4.14 11.54
CA SER H 330 -71.61 -4.40 10.51
C SER H 330 -70.69 -5.49 11.03
N ARG H 331 -71.11 -6.75 10.83
CA ARG H 331 -70.51 -7.88 11.52
C ARG H 331 -69.07 -8.11 11.08
N ARG H 332 -68.34 -8.85 11.91
CA ARG H 332 -66.96 -9.22 11.63
C ARG H 332 -66.73 -10.73 11.70
N GLY H 333 -67.61 -11.46 12.36
CA GLY H 333 -67.44 -12.90 12.51
C GLY H 333 -68.12 -13.39 13.78
N GLU H 334 -68.08 -14.72 13.95
CA GLU H 334 -68.65 -15.34 15.14
C GLU H 334 -67.70 -15.27 16.32
N LEU H 335 -66.45 -15.66 16.13
CA LEU H 335 -65.45 -15.74 17.19
C LEU H 335 -64.82 -14.39 17.51
N VAL H 336 -65.38 -13.30 17.01
CA VAL H 336 -64.85 -11.96 17.21
C VAL H 336 -64.72 -11.65 18.71
N PRO H 337 -63.79 -10.79 19.10
CA PRO H 337 -63.78 -10.33 20.49
C PRO H 337 -64.80 -9.24 20.75
N GLN H 338 -66.02 -9.44 20.25
CA GLN H 338 -67.14 -8.51 20.33
C GLN H 338 -66.74 -7.04 20.23
N GLU I 10 -47.71 -69.21 -36.44
CA GLU I 10 -47.20 -69.99 -35.31
C GLU I 10 -47.45 -69.22 -34.01
N LEU I 11 -46.40 -68.61 -33.46
CA LEU I 11 -46.45 -67.88 -32.21
C LEU I 11 -45.92 -66.47 -32.41
N GLU I 12 -46.17 -65.63 -31.41
CA GLU I 12 -45.74 -64.24 -31.46
C GLU I 12 -45.43 -63.76 -30.05
N ALA I 13 -44.22 -63.22 -29.88
CA ALA I 13 -43.69 -62.93 -28.56
C ALA I 13 -44.17 -61.57 -28.06
N ARG I 14 -44.88 -61.58 -26.95
CA ARG I 14 -45.34 -60.37 -26.28
C ARG I 14 -44.70 -60.27 -24.89
N ARG I 15 -45.08 -59.24 -24.15
CA ARG I 15 -44.69 -59.07 -22.77
C ARG I 15 -45.84 -59.49 -21.85
N PRO I 16 -45.54 -60.04 -20.67
CA PRO I 16 -46.62 -60.39 -19.74
C PRO I 16 -47.50 -59.21 -19.37
N PHE I 17 -46.93 -58.03 -19.22
CA PHE I 17 -47.68 -56.81 -18.96
C PHE I 17 -46.92 -55.66 -19.59
N PRO I 18 -47.62 -54.68 -20.16
CA PRO I 18 -46.94 -53.52 -20.75
C PRO I 18 -46.15 -52.75 -19.71
N GLU I 19 -45.22 -51.93 -20.21
CA GLU I 19 -44.38 -51.14 -19.31
C GLU I 19 -45.23 -50.11 -18.58
N ARG I 20 -45.00 -50.00 -17.26
CA ARG I 20 -45.87 -49.22 -16.41
C ARG I 20 -45.74 -47.72 -16.65
N MET I 21 -44.57 -47.16 -16.37
CA MET I 21 -44.40 -45.71 -16.41
C MET I 21 -43.45 -45.25 -17.50
N GLY I 22 -42.21 -45.71 -17.50
CA GLY I 22 -41.22 -45.19 -18.42
C GLY I 22 -39.91 -44.89 -17.74
N PRO I 23 -38.85 -44.73 -18.53
CA PRO I 23 -37.52 -44.57 -17.94
C PRO I 23 -37.35 -43.25 -17.21
N LYS I 24 -36.30 -43.20 -16.40
CA LYS I 24 -35.95 -41.98 -15.69
C LYS I 24 -35.51 -40.91 -16.68
N GLY I 25 -35.99 -39.69 -16.49
CA GLY I 25 -35.65 -38.62 -17.40
C GLY I 25 -36.37 -38.67 -18.73
N ASN I 26 -37.56 -39.25 -18.77
CA ASN I 26 -38.27 -39.47 -20.02
C ASN I 26 -39.23 -38.34 -20.37
N LEU I 27 -39.57 -37.47 -19.43
CA LEU I 27 -40.70 -36.57 -19.63
C LEU I 27 -40.32 -35.09 -19.46
N ILE I 28 -39.38 -34.79 -18.57
CA ILE I 28 -39.22 -33.43 -18.09
C ILE I 28 -38.67 -32.51 -19.18
N TYR I 29 -37.64 -32.97 -19.91
CA TYR I 29 -37.09 -32.13 -20.97
C TYR I 29 -37.99 -32.12 -22.20
N LYS I 30 -38.58 -33.28 -22.50
CA LYS I 30 -39.59 -33.35 -23.55
C LYS I 30 -40.75 -32.42 -23.27
N LEU I 31 -41.11 -32.26 -22.00
CA LEU I 31 -42.19 -31.37 -21.60
C LEU I 31 -41.85 -29.91 -21.83
N ILE I 32 -40.56 -29.55 -21.74
CA ILE I 32 -40.13 -28.17 -21.97
C ILE I 32 -39.93 -27.87 -23.45
N THR I 33 -39.52 -28.86 -24.25
CA THR I 33 -39.20 -28.60 -25.65
C THR I 33 -40.19 -29.16 -26.65
N THR I 34 -41.30 -29.76 -26.21
CA THR I 34 -42.15 -30.50 -27.11
C THR I 34 -42.93 -29.59 -28.06
N THR I 35 -43.15 -30.10 -29.28
CA THR I 35 -44.06 -29.50 -30.23
C THR I 35 -45.11 -30.51 -30.69
N ASP I 36 -45.40 -31.52 -29.89
CA ASP I 36 -46.35 -32.57 -30.24
C ASP I 36 -47.72 -32.22 -29.67
N HIS I 37 -48.72 -32.13 -30.57
CA HIS I 37 -50.04 -31.67 -30.18
C HIS I 37 -50.72 -32.60 -29.19
N LYS I 38 -50.40 -33.90 -29.22
CA LYS I 38 -51.02 -34.83 -28.27
C LYS I 38 -50.52 -34.57 -26.86
N LEU I 39 -49.20 -34.42 -26.69
CA LEU I 39 -48.66 -34.10 -25.37
C LEU I 39 -49.13 -32.73 -24.90
N ILE I 40 -49.27 -31.78 -25.84
CA ILE I 40 -49.78 -30.47 -25.48
C ILE I 40 -51.22 -30.57 -24.97
N GLY I 41 -52.03 -31.43 -25.60
CA GLY I 41 -53.38 -31.63 -25.12
C GLY I 41 -53.43 -32.26 -23.74
N ILE I 42 -52.55 -33.22 -23.48
CA ILE I 42 -52.48 -33.83 -22.15
C ILE I 42 -52.14 -32.78 -21.11
N MET I 43 -51.16 -31.92 -21.41
CA MET I 43 -50.79 -30.86 -20.47
C MET I 43 -51.96 -29.92 -20.21
N TYR I 44 -52.64 -29.48 -21.27
CA TYR I 44 -53.89 -28.75 -21.14
C TYR I 44 -54.84 -29.41 -20.13
N CYS I 45 -55.13 -30.70 -20.34
CA CYS I 45 -56.12 -31.38 -19.52
C CYS I 45 -55.71 -31.39 -18.05
N VAL I 46 -54.43 -31.70 -17.78
CA VAL I 46 -53.99 -31.84 -16.39
C VAL I 46 -54.05 -30.49 -15.67
N VAL I 47 -53.51 -29.44 -16.31
CA VAL I 47 -53.50 -28.14 -15.64
C VAL I 47 -54.93 -27.62 -15.48
N CYS I 48 -55.80 -27.89 -16.44
CA CYS I 48 -57.18 -27.42 -16.35
C CYS I 48 -57.91 -28.10 -15.20
N PHE I 49 -57.64 -29.38 -14.97
CA PHE I 49 -58.30 -30.03 -13.84
C PHE I 49 -57.75 -29.56 -12.50
N ALA I 50 -56.46 -29.22 -12.42
CA ALA I 50 -55.94 -28.61 -11.20
C ALA I 50 -56.67 -27.30 -10.90
N PHE I 51 -56.85 -26.47 -11.92
CA PHE I 51 -57.57 -25.21 -11.70
C PHE I 51 -59.04 -25.45 -11.35
N PHE I 52 -59.65 -26.49 -11.92
CA PHE I 52 -61.00 -26.87 -11.52
C PHE I 52 -61.06 -27.20 -10.04
N LEU I 53 -60.04 -27.90 -9.53
CA LEU I 53 -60.03 -28.25 -8.11
C LEU I 53 -59.94 -27.02 -7.22
N VAL I 54 -59.09 -26.05 -7.59
CA VAL I 54 -58.96 -24.87 -6.72
C VAL I 54 -60.25 -24.03 -6.76
N GLY I 55 -60.88 -23.92 -7.93
CA GLY I 55 -62.16 -23.23 -8.01
C GLY I 55 -63.23 -23.91 -7.18
N GLY I 56 -63.25 -25.25 -7.20
CA GLY I 56 -64.21 -25.97 -6.39
C GLY I 56 -63.98 -25.77 -4.90
N LEU I 57 -62.72 -25.66 -4.48
CA LEU I 57 -62.46 -25.39 -3.07
C LEU I 57 -62.98 -24.02 -2.66
N MET I 58 -62.79 -23.01 -3.52
CA MET I 58 -63.39 -21.71 -3.25
C MET I 58 -64.90 -21.81 -3.09
N ALA I 59 -65.56 -22.57 -3.99
CA ALA I 59 -67.00 -22.72 -3.91
C ALA I 59 -67.42 -23.43 -2.62
N LEU I 60 -66.61 -24.39 -2.15
CA LEU I 60 -66.92 -25.07 -0.90
C LEU I 60 -66.87 -24.11 0.29
N PHE I 61 -65.85 -23.25 0.32
CA PHE I 61 -65.81 -22.23 1.37
C PHE I 61 -67.05 -21.35 1.32
N MET I 62 -67.45 -20.94 0.12
CA MET I 62 -68.64 -20.11 -0.03
C MET I 62 -69.87 -20.82 0.52
N ARG I 63 -70.07 -22.08 0.15
CA ARG I 63 -71.24 -22.82 0.61
C ARG I 63 -71.26 -22.94 2.12
N THR I 64 -70.13 -23.33 2.71
CA THR I 64 -70.10 -23.55 4.15
C THR I 64 -70.32 -22.26 4.92
N GLU I 65 -69.93 -21.11 4.36
CA GLU I 65 -70.30 -19.86 5.00
C GLU I 65 -71.77 -19.53 4.80
N LEU I 66 -72.32 -19.85 3.62
CA LEU I 66 -73.71 -19.48 3.33
C LEU I 66 -74.70 -20.27 4.16
N ALA I 67 -74.34 -21.48 4.57
CA ALA I 67 -75.17 -22.16 5.56
C ALA I 67 -75.06 -21.46 6.91
N MET I 68 -76.08 -21.66 7.76
CA MET I 68 -76.04 -21.15 9.14
C MET I 68 -75.93 -19.63 9.20
N PRO I 69 -77.05 -18.90 9.04
CA PRO I 69 -77.01 -17.42 9.00
C PRO I 69 -76.08 -16.75 10.00
N GLY I 70 -75.49 -15.64 9.60
CA GLY I 70 -74.44 -14.99 10.36
C GLY I 70 -73.06 -15.33 9.81
N LEU I 71 -72.10 -14.46 10.09
CA LEU I 71 -70.72 -14.67 9.65
C LEU I 71 -70.02 -15.52 10.71
N GLN I 72 -69.78 -16.79 10.40
CA GLN I 72 -69.17 -17.69 11.37
C GLN I 72 -67.65 -17.62 11.34
N PHE I 73 -67.05 -17.75 10.14
CA PHE I 73 -65.60 -17.72 10.03
C PHE I 73 -65.07 -16.83 8.92
N LEU I 74 -65.90 -16.41 7.96
CA LEU I 74 -65.44 -15.56 6.87
C LEU I 74 -65.76 -14.10 7.16
N SER I 75 -65.25 -13.23 6.30
CA SER I 75 -65.53 -11.80 6.32
C SER I 75 -66.22 -11.41 5.03
N ASN I 76 -66.72 -10.17 5.00
CA ASN I 76 -67.40 -9.68 3.80
C ASN I 76 -66.43 -9.58 2.63
N GLU I 77 -65.26 -8.96 2.87
CA GLU I 77 -64.25 -8.82 1.82
C GLU I 77 -63.78 -10.19 1.35
N GLN I 78 -63.62 -11.13 2.28
CA GLN I 78 -63.14 -12.46 1.93
C GLN I 78 -64.17 -13.20 1.09
N PHE I 79 -65.45 -13.11 1.46
CA PHE I 79 -66.51 -13.72 0.66
C PHE I 79 -66.55 -13.12 -0.75
N ASN I 80 -66.34 -11.80 -0.84
CA ASN I 80 -66.37 -11.14 -2.14
C ASN I 80 -65.23 -11.63 -3.02
N GLN I 81 -64.01 -11.64 -2.48
CA GLN I 81 -62.88 -12.20 -3.22
C GLN I 81 -63.15 -13.65 -3.61
N LEU I 82 -63.83 -14.39 -2.74
CA LEU I 82 -64.07 -15.80 -2.99
C LEU I 82 -64.95 -16.00 -4.21
N PHE I 83 -66.09 -15.31 -4.27
CA PHE I 83 -66.94 -15.55 -5.44
C PHE I 83 -66.32 -14.95 -6.69
N THR I 84 -65.62 -13.82 -6.59
CA THR I 84 -64.95 -13.27 -7.76
C THR I 84 -63.96 -14.26 -8.35
N MET I 85 -63.02 -14.72 -7.52
CA MET I 85 -61.97 -15.61 -8.02
C MET I 85 -62.53 -16.96 -8.43
N HIS I 86 -63.56 -17.45 -7.73
CA HIS I 86 -64.18 -18.71 -8.15
C HIS I 86 -64.74 -18.60 -9.55
N GLY I 87 -65.56 -17.57 -9.80
CA GLY I 87 -66.11 -17.39 -11.14
C GLY I 87 -65.02 -17.22 -12.18
N THR I 88 -64.02 -16.39 -11.89
CA THR I 88 -62.95 -16.14 -12.85
C THR I 88 -62.20 -17.42 -13.19
N VAL I 89 -61.75 -18.15 -12.18
CA VAL I 89 -60.99 -19.37 -12.40
C VAL I 89 -61.82 -20.40 -13.17
N MET I 90 -63.06 -20.61 -12.74
CA MET I 90 -63.87 -21.64 -13.38
C MET I 90 -64.19 -21.31 -14.82
N LEU I 91 -64.44 -20.04 -15.13
CA LEU I 91 -64.81 -19.70 -16.50
C LEU I 91 -63.62 -19.55 -17.44
N LEU I 92 -62.48 -19.05 -16.95
CA LEU I 92 -61.40 -18.70 -17.86
C LEU I 92 -60.14 -19.56 -17.72
N PHE I 93 -59.97 -20.27 -16.62
CA PHE I 93 -58.77 -21.08 -16.41
C PHE I 93 -59.03 -22.57 -16.56
N TYR I 94 -60.28 -22.97 -16.74
CA TYR I 94 -60.59 -24.38 -16.92
C TYR I 94 -61.30 -24.68 -18.23
N ALA I 95 -62.39 -23.97 -18.54
CA ALA I 95 -63.25 -24.32 -19.67
C ALA I 95 -62.69 -23.86 -21.01
N THR I 96 -62.33 -22.58 -21.10
CA THR I 96 -61.75 -22.07 -22.34
C THR I 96 -60.47 -22.80 -22.73
N PRO I 97 -59.54 -23.12 -21.82
CA PRO I 97 -58.39 -23.95 -22.23
C PRO I 97 -58.71 -25.43 -22.36
N ILE I 98 -59.73 -25.97 -21.70
CA ILE I 98 -60.05 -27.38 -21.94
C ILE I 98 -60.61 -27.57 -23.35
N VAL I 99 -61.26 -26.53 -23.90
CA VAL I 99 -61.70 -26.59 -25.30
C VAL I 99 -60.51 -26.88 -26.21
N PHE I 100 -59.45 -26.09 -26.07
CA PHE I 100 -58.28 -26.27 -26.93
C PHE I 100 -57.47 -27.50 -26.55
N GLY I 101 -57.58 -27.96 -25.31
CA GLY I 101 -57.00 -29.26 -24.96
C GLY I 101 -57.61 -30.38 -25.78
N PHE I 102 -58.94 -30.44 -25.82
CA PHE I 102 -59.60 -31.47 -26.61
C PHE I 102 -59.31 -31.31 -28.10
N ALA I 103 -59.29 -30.06 -28.58
CA ALA I 103 -58.94 -29.81 -29.97
C ALA I 103 -57.56 -30.37 -30.30
N ASN I 104 -56.55 -30.00 -29.52
CA ASN I 104 -55.21 -30.50 -29.75
C ASN I 104 -55.14 -32.01 -29.61
N LEU I 105 -55.98 -32.60 -28.77
CA LEU I 105 -56.00 -34.05 -28.66
C LEU I 105 -56.43 -34.69 -29.97
N VAL I 106 -57.59 -34.30 -30.51
CA VAL I 106 -58.20 -35.15 -31.52
C VAL I 106 -58.59 -34.48 -32.84
N LEU I 107 -58.13 -33.27 -33.10
CA LEU I 107 -58.54 -32.68 -34.38
C LEU I 107 -57.70 -33.15 -35.57
N PRO I 108 -56.36 -33.12 -35.50
CA PRO I 108 -55.59 -33.60 -36.65
C PRO I 108 -55.82 -35.06 -36.95
N LEU I 109 -56.06 -35.88 -35.93
CA LEU I 109 -56.43 -37.26 -36.17
C LEU I 109 -57.77 -37.37 -36.88
N GLN I 110 -58.72 -36.49 -36.55
CA GLN I 110 -60.04 -36.55 -37.15
C GLN I 110 -60.04 -36.09 -38.60
N ILE I 111 -59.15 -35.18 -38.97
CA ILE I 111 -59.06 -34.76 -40.37
C ILE I 111 -57.96 -35.48 -41.12
N GLY I 112 -57.22 -36.37 -40.48
CA GLY I 112 -56.22 -37.17 -41.17
C GLY I 112 -54.92 -36.46 -41.44
N ALA I 113 -54.56 -35.50 -40.58
CA ALA I 113 -53.36 -34.70 -40.73
C ALA I 113 -52.22 -35.26 -39.89
N PRO I 114 -50.97 -34.93 -40.23
CA PRO I 114 -49.85 -35.40 -39.42
C PRO I 114 -49.55 -34.50 -38.24
N ASP I 115 -50.00 -33.25 -38.29
CA ASP I 115 -49.59 -32.25 -37.31
C ASP I 115 -50.45 -31.00 -37.54
N VAL I 116 -50.37 -30.06 -36.60
CA VAL I 116 -51.07 -28.79 -36.71
C VAL I 116 -50.29 -27.85 -37.61
N ALA I 117 -50.89 -26.72 -37.98
CA ALA I 117 -50.25 -25.80 -38.91
C ALA I 117 -49.01 -25.16 -38.29
N PHE I 118 -49.12 -24.69 -37.05
CA PHE I 118 -48.04 -23.95 -36.39
C PHE I 118 -47.69 -24.60 -35.06
N PRO I 119 -46.77 -25.57 -35.06
CA PRO I 119 -46.53 -26.35 -33.84
C PRO I 119 -45.80 -25.60 -32.75
N ARG I 120 -45.07 -24.53 -33.07
CA ARG I 120 -44.45 -23.72 -32.03
C ARG I 120 -45.41 -22.68 -31.46
N LEU I 121 -46.28 -22.14 -32.31
CA LEU I 121 -47.36 -21.29 -31.82
C LEU I 121 -48.29 -22.06 -30.89
N ASN I 122 -48.47 -23.36 -31.13
CA ASN I 122 -49.24 -24.20 -30.21
C ASN I 122 -48.66 -24.16 -28.80
N ALA I 123 -47.37 -24.45 -28.67
CA ALA I 123 -46.73 -24.45 -27.37
C ALA I 123 -46.74 -23.07 -26.75
N LEU I 124 -46.58 -22.02 -27.58
CA LEU I 124 -46.65 -20.67 -27.07
C LEU I 124 -48.02 -20.38 -26.45
N SER I 125 -49.09 -20.83 -27.12
CA SER I 125 -50.42 -20.67 -26.56
C SER I 125 -50.56 -21.34 -25.22
N PHE I 126 -50.06 -22.59 -25.11
CA PHE I 126 -50.14 -23.29 -23.83
C PHE I 126 -49.44 -22.53 -22.71
N TRP I 127 -48.20 -22.12 -22.96
CA TRP I 127 -47.43 -21.46 -21.89
C TRP I 127 -48.01 -20.10 -21.55
N LEU I 128 -48.52 -19.37 -22.54
CA LEU I 128 -49.17 -18.09 -22.26
C LEU I 128 -50.39 -18.29 -21.37
N PHE I 129 -51.22 -19.29 -21.68
CA PHE I 129 -52.34 -19.63 -20.80
C PHE I 129 -51.86 -19.87 -19.37
N LEU I 130 -50.86 -20.73 -19.19
CA LEU I 130 -50.45 -21.10 -17.83
C LEU I 130 -49.94 -19.89 -17.06
N PHE I 131 -49.05 -19.10 -17.67
CA PHE I 131 -48.47 -18.00 -16.91
C PHE I 131 -49.45 -16.85 -16.70
N GLY I 132 -50.38 -16.63 -17.64
CA GLY I 132 -51.42 -15.65 -17.39
C GLY I 132 -52.33 -16.04 -16.25
N ALA I 133 -52.70 -17.32 -16.19
CA ALA I 133 -53.50 -17.78 -15.05
C ALA I 133 -52.76 -17.60 -13.74
N LEU I 134 -51.46 -17.90 -13.73
CA LEU I 134 -50.70 -17.73 -12.50
C LEU I 134 -50.63 -16.26 -12.08
N ILE I 135 -50.39 -15.36 -13.04
CA ILE I 135 -50.35 -13.93 -12.73
C ILE I 135 -51.68 -13.48 -12.13
N ALA I 136 -52.79 -13.86 -12.78
CA ALA I 136 -54.09 -13.44 -12.30
C ALA I 136 -54.41 -14.00 -10.92
N ILE I 137 -53.97 -15.23 -10.63
CA ILE I 137 -54.32 -15.82 -9.34
C ILE I 137 -53.36 -15.36 -8.24
N ALA I 138 -52.21 -14.79 -8.59
CA ALA I 138 -51.27 -14.38 -7.56
C ALA I 138 -51.65 -13.02 -6.97
N GLY I 139 -52.90 -12.86 -6.56
CA GLY I 139 -53.34 -11.66 -5.88
C GLY I 139 -53.68 -11.95 -4.44
N PHE I 140 -53.77 -13.24 -4.10
CA PHE I 140 -54.11 -13.64 -2.74
C PHE I 140 -52.97 -13.40 -1.77
N ILE I 141 -51.73 -13.29 -2.27
CA ILE I 141 -50.59 -13.01 -1.40
C ILE I 141 -50.41 -11.53 -1.16
N THR I 142 -51.24 -10.69 -1.73
CA THR I 142 -51.24 -9.24 -1.56
C THR I 142 -51.97 -8.86 -0.28
N PRO I 143 -51.47 -7.88 0.47
CA PRO I 143 -52.14 -7.53 1.74
C PRO I 143 -53.59 -7.09 1.56
N GLY I 144 -53.94 -6.55 0.39
CA GLY I 144 -55.33 -6.22 0.14
C GLY I 144 -56.17 -7.39 -0.32
N GLY I 145 -55.54 -8.48 -0.74
CA GLY I 145 -56.27 -9.64 -1.23
C GLY I 145 -56.46 -9.62 -2.74
N ALA I 146 -57.14 -10.64 -3.22
CA ALA I 146 -57.43 -10.77 -4.64
C ALA I 146 -58.49 -9.76 -5.05
N ALA I 147 -58.93 -9.86 -6.31
CA ALA I 147 -59.98 -8.99 -6.80
C ALA I 147 -61.28 -9.27 -6.04
N ASP I 148 -62.07 -8.23 -5.80
CA ASP I 148 -63.26 -8.35 -4.98
C ASP I 148 -64.51 -7.80 -5.63
N PHE I 149 -64.41 -7.09 -6.74
CA PHE I 149 -65.57 -6.81 -7.57
C PHE I 149 -66.06 -8.12 -8.18
N GLY I 150 -67.16 -8.08 -8.90
CA GLY I 150 -67.66 -9.29 -9.51
C GLY I 150 -66.72 -9.83 -10.58
N TRP I 151 -67.07 -11.01 -11.10
CA TRP I 151 -66.38 -11.50 -12.29
C TRP I 151 -66.61 -10.58 -13.47
N THR I 152 -67.75 -9.87 -13.49
CA THR I 152 -68.06 -8.97 -14.59
C THR I 152 -67.37 -7.62 -14.47
N ALA I 153 -66.96 -7.23 -13.26
CA ALA I 153 -66.13 -6.05 -13.02
C ALA I 153 -66.81 -4.79 -13.58
N TYR I 154 -67.90 -4.40 -12.94
CA TYR I 154 -68.74 -3.32 -13.46
C TYR I 154 -68.10 -1.94 -13.34
N SER I 155 -68.86 -0.92 -13.77
CA SER I 155 -68.23 0.25 -14.40
C SER I 155 -67.50 1.14 -13.41
N PRO I 156 -68.14 1.74 -12.39
CA PRO I 156 -67.40 2.70 -11.57
C PRO I 156 -66.76 2.07 -10.34
N LEU I 157 -67.10 0.81 -10.05
CA LEU I 157 -66.55 0.13 -8.89
C LEU I 157 -65.09 -0.29 -9.10
N THR I 158 -64.62 -0.36 -10.34
CA THR I 158 -63.30 -0.86 -10.65
C THR I 158 -62.27 0.24 -10.83
N ASP I 159 -62.60 1.49 -10.55
CA ASP I 159 -61.66 2.59 -10.72
C ASP I 159 -60.65 2.55 -9.58
N ALA I 160 -59.87 3.63 -9.43
CA ALA I 160 -58.85 3.65 -8.39
C ALA I 160 -59.35 4.19 -7.06
N ILE I 161 -60.49 4.88 -7.05
CA ILE I 161 -61.03 5.38 -5.79
C ILE I 161 -61.72 4.26 -5.02
N HIS I 162 -62.61 3.53 -5.69
CA HIS I 162 -63.17 2.31 -5.14
C HIS I 162 -62.33 1.13 -5.61
N SER I 163 -62.07 0.20 -4.71
CA SER I 163 -61.19 -0.94 -4.99
C SER I 163 -59.80 -0.45 -5.39
N PRO I 164 -59.03 0.10 -4.45
CA PRO I 164 -57.68 0.58 -4.78
C PRO I 164 -56.57 -0.45 -4.61
N GLY I 165 -56.88 -1.70 -4.29
CA GLY I 165 -55.87 -2.71 -4.06
C GLY I 165 -55.14 -3.10 -5.33
N ALA I 166 -54.13 -3.96 -5.15
CA ALA I 166 -53.28 -4.41 -6.24
C ALA I 166 -53.74 -5.74 -6.84
N GLY I 167 -54.83 -6.32 -6.35
CA GLY I 167 -55.33 -7.56 -6.91
C GLY I 167 -56.01 -7.37 -8.25
N GLY I 168 -56.69 -6.24 -8.43
CA GLY I 168 -57.36 -5.97 -9.68
C GLY I 168 -56.40 -5.78 -10.84
N ASP I 169 -55.26 -5.15 -10.60
CA ASP I 169 -54.25 -4.99 -11.64
C ASP I 169 -53.77 -6.35 -12.13
N LEU I 170 -53.43 -7.24 -11.20
CA LEU I 170 -52.97 -8.57 -11.58
C LEU I 170 -54.06 -9.34 -12.31
N TRP I 171 -55.30 -9.22 -11.84
CA TRP I 171 -56.45 -9.78 -12.55
C TRP I 171 -56.46 -9.33 -14.01
N ILE I 172 -56.39 -8.02 -14.24
CA ILE I 172 -56.48 -7.47 -15.60
C ILE I 172 -55.35 -7.99 -16.47
N MET I 173 -54.13 -7.93 -15.98
CA MET I 173 -52.99 -8.30 -16.82
C MET I 173 -52.96 -9.80 -17.10
N GLY I 174 -53.35 -10.62 -16.13
CA GLY I 174 -53.46 -12.05 -16.38
C GLY I 174 -54.51 -12.37 -17.43
N LEU I 175 -55.65 -11.67 -17.37
CA LEU I 175 -56.67 -11.89 -18.40
C LEU I 175 -56.16 -11.50 -19.78
N ALA I 176 -55.38 -10.40 -19.86
CA ALA I 176 -54.85 -9.99 -21.16
C ALA I 176 -53.89 -11.05 -21.72
N VAL I 177 -53.00 -11.57 -20.89
CA VAL I 177 -52.06 -12.60 -21.34
C VAL I 177 -52.81 -13.85 -21.82
N GLY I 178 -53.76 -14.31 -21.01
CA GLY I 178 -54.53 -15.48 -21.41
C GLY I 178 -55.32 -15.26 -22.68
N GLY I 179 -55.83 -14.04 -22.87
CA GLY I 179 -56.60 -13.76 -24.08
C GLY I 179 -55.74 -13.79 -25.33
N LEU I 180 -54.52 -13.25 -25.24
CA LEU I 180 -53.60 -13.38 -26.37
C LEU I 180 -53.32 -14.84 -26.69
N GLY I 181 -53.10 -15.65 -25.66
CA GLY I 181 -52.90 -17.08 -25.88
C GLY I 181 -54.07 -17.73 -26.60
N THR I 182 -55.29 -17.41 -26.16
CA THR I 182 -56.48 -18.00 -26.77
C THR I 182 -56.64 -17.56 -28.23
N ILE I 183 -56.33 -16.30 -28.52
CA ILE I 183 -56.42 -15.82 -29.90
C ILE I 183 -55.45 -16.57 -30.80
N LEU I 184 -54.22 -16.78 -30.31
CA LEU I 184 -53.26 -17.54 -31.09
C LEU I 184 -53.73 -18.97 -31.33
N GLY I 185 -54.32 -19.59 -30.31
CA GLY I 185 -54.87 -20.93 -30.48
C GLY I 185 -55.95 -20.98 -31.54
N GLY I 186 -56.86 -20.00 -31.53
CA GLY I 186 -57.91 -19.97 -32.53
C GLY I 186 -57.38 -19.82 -33.94
N VAL I 187 -56.39 -18.93 -34.12
CA VAL I 187 -55.75 -18.78 -35.42
C VAL I 187 -55.18 -20.11 -35.89
N ASN I 188 -54.44 -20.79 -35.01
CA ASN I 188 -53.85 -22.07 -35.36
C ASN I 188 -54.90 -23.08 -35.79
N MET I 189 -56.00 -23.17 -35.05
CA MET I 189 -57.02 -24.16 -35.36
C MET I 189 -57.69 -23.87 -36.71
N ILE I 190 -58.01 -22.60 -36.97
CA ILE I 190 -58.61 -22.25 -38.25
C ILE I 190 -57.69 -22.64 -39.39
N THR I 191 -56.42 -22.25 -39.30
CA THR I 191 -55.49 -22.56 -40.39
C THR I 191 -55.29 -24.06 -40.56
N THR I 192 -55.28 -24.81 -39.45
CA THR I 192 -55.11 -26.26 -39.55
C THR I 192 -56.29 -26.89 -40.28
N VAL I 193 -57.51 -26.49 -39.94
CA VAL I 193 -58.66 -27.08 -40.62
C VAL I 193 -58.70 -26.64 -42.09
N VAL I 194 -58.18 -25.46 -42.40
CA VAL I 194 -58.26 -24.98 -43.77
C VAL I 194 -57.23 -25.67 -44.67
N CYS I 195 -55.99 -25.84 -44.19
CA CYS I 195 -54.92 -26.33 -45.05
C CYS I 195 -54.68 -27.83 -44.91
N MET I 196 -54.37 -28.27 -43.69
CA MET I 196 -53.98 -29.66 -43.44
C MET I 196 -55.23 -30.53 -43.44
N ARG I 197 -55.35 -31.40 -44.43
CA ARG I 197 -56.53 -32.26 -44.54
C ARG I 197 -56.24 -33.39 -45.51
N ALA I 198 -56.70 -34.60 -45.16
CA ALA I 198 -56.40 -35.80 -45.92
C ALA I 198 -56.86 -35.66 -47.37
N PRO I 199 -56.26 -36.45 -48.29
CA PRO I 199 -56.53 -36.27 -49.72
C PRO I 199 -57.86 -36.83 -50.20
N GLY I 200 -58.80 -37.16 -49.32
CA GLY I 200 -60.12 -37.54 -49.76
C GLY I 200 -61.24 -36.93 -48.94
N MET I 201 -60.87 -36.21 -47.88
CA MET I 201 -61.85 -35.67 -46.93
C MET I 201 -62.29 -34.29 -47.39
N THR I 202 -63.50 -34.21 -47.93
CA THR I 202 -64.08 -32.92 -48.24
C THR I 202 -64.63 -32.28 -46.96
N MET I 203 -65.13 -31.05 -47.09
CA MET I 203 -65.61 -30.35 -45.91
C MET I 203 -66.96 -30.86 -45.42
N PHE I 204 -67.73 -31.52 -46.27
CA PHE I 204 -68.97 -32.15 -45.84
C PHE I 204 -68.79 -33.64 -45.58
N ARG I 205 -67.56 -34.06 -45.30
CA ARG I 205 -67.26 -35.40 -44.82
C ARG I 205 -66.49 -35.39 -43.50
N MET I 206 -66.20 -34.21 -42.94
CA MET I 206 -65.45 -34.11 -41.70
C MET I 206 -66.39 -34.20 -40.49
N PRO I 207 -65.86 -34.55 -39.33
CA PRO I 207 -66.73 -34.72 -38.14
C PRO I 207 -67.32 -33.41 -37.64
N ILE I 208 -68.41 -33.58 -36.89
CA ILE I 208 -69.11 -32.45 -36.30
C ILE I 208 -68.27 -31.81 -35.21
N PHE I 209 -67.40 -32.58 -34.55
CA PHE I 209 -66.47 -31.98 -33.60
C PHE I 209 -65.55 -30.99 -34.31
N THR I 210 -65.06 -31.36 -35.50
CA THR I 210 -64.23 -30.45 -36.27
C THR I 210 -65.01 -29.22 -36.72
N TRP I 211 -66.25 -29.41 -37.17
CA TRP I 211 -67.08 -28.28 -37.55
C TRP I 211 -67.28 -27.32 -36.38
N ASN I 212 -67.59 -27.87 -35.20
CA ASN I 212 -67.84 -27.04 -34.03
C ASN I 212 -66.57 -26.33 -33.58
N ILE I 213 -65.41 -26.97 -33.75
CA ILE I 213 -64.16 -26.31 -33.38
C ILE I 213 -63.87 -25.15 -34.31
N LEU I 214 -64.12 -25.33 -35.62
CA LEU I 214 -63.95 -24.23 -36.56
C LEU I 214 -64.83 -23.04 -36.20
N VAL I 215 -66.11 -23.31 -35.91
CA VAL I 215 -67.03 -22.25 -35.55
C VAL I 215 -66.60 -21.56 -34.25
N THR I 216 -66.19 -22.36 -33.26
CA THR I 216 -65.74 -21.80 -31.99
C THR I 216 -64.51 -20.92 -32.18
N SER I 217 -63.61 -21.31 -33.09
CA SER I 217 -62.43 -20.50 -33.34
C SER I 217 -62.78 -19.16 -33.96
N ILE I 218 -63.73 -19.17 -34.91
CA ILE I 218 -64.20 -17.90 -35.48
C ILE I 218 -64.77 -17.01 -34.38
N LEU I 219 -65.61 -17.59 -33.50
CA LEU I 219 -66.18 -16.81 -32.41
C LEU I 219 -65.10 -16.26 -31.49
N VAL I 220 -64.05 -17.03 -31.23
CA VAL I 220 -62.94 -16.57 -30.39
C VAL I 220 -62.29 -15.35 -31.02
N LEU I 221 -62.00 -15.43 -32.32
CA LEU I 221 -61.36 -14.33 -33.02
C LEU I 221 -62.25 -13.09 -33.05
N ILE I 222 -63.56 -13.29 -32.93
CA ILE I 222 -64.45 -12.12 -32.85
C ILE I 222 -64.45 -11.54 -31.43
N ALA I 223 -64.51 -12.39 -30.41
CA ALA I 223 -64.84 -11.94 -29.06
C ALA I 223 -63.63 -11.46 -28.26
N PHE I 224 -62.48 -12.12 -28.34
CA PHE I 224 -61.44 -11.82 -27.35
C PHE I 224 -60.70 -10.49 -27.55
N PRO I 225 -60.43 -10.04 -28.77
CA PRO I 225 -59.72 -8.75 -28.92
C PRO I 225 -60.46 -7.56 -28.33
N ILE I 226 -61.80 -7.56 -28.35
CA ILE I 226 -62.53 -6.43 -27.78
C ILE I 226 -62.42 -6.44 -26.26
N LEU I 227 -62.35 -7.63 -25.66
CA LEU I 227 -62.07 -7.70 -24.22
C LEU I 227 -60.67 -7.18 -23.92
N THR I 228 -59.71 -7.50 -24.77
CA THR I 228 -58.36 -6.96 -24.57
C THR I 228 -58.37 -5.44 -24.62
N ALA I 229 -59.11 -4.86 -25.56
CA ALA I 229 -59.19 -3.41 -25.67
C ALA I 229 -59.84 -2.80 -24.42
N ALA I 230 -60.94 -3.39 -23.96
CA ALA I 230 -61.60 -2.90 -22.75
C ALA I 230 -60.68 -2.98 -21.54
N LEU I 231 -59.90 -4.05 -21.43
CA LEU I 231 -59.00 -4.18 -20.29
C LEU I 231 -57.88 -3.16 -20.36
N PHE I 232 -57.38 -2.86 -21.57
CA PHE I 232 -56.35 -1.84 -21.69
C PHE I 232 -56.90 -0.46 -21.36
N GLY I 233 -58.15 -0.18 -21.72
CA GLY I 233 -58.77 1.07 -21.31
C GLY I 233 -58.93 1.17 -19.81
N LEU I 234 -59.34 0.07 -19.17
CA LEU I 234 -59.49 0.08 -17.71
C LEU I 234 -58.14 0.28 -17.02
N ALA I 235 -57.09 -0.36 -17.53
CA ALA I 235 -55.76 -0.15 -16.97
C ALA I 235 -55.30 1.28 -17.17
N ALA I 236 -55.60 1.87 -18.32
CA ALA I 236 -55.30 3.27 -18.56
C ALA I 236 -55.96 4.15 -17.51
N ASP I 237 -57.25 3.94 -17.27
CA ASP I 237 -57.91 4.66 -16.18
C ASP I 237 -57.18 4.46 -14.85
N ARG I 238 -57.04 3.21 -14.43
CA ARG I 238 -56.54 2.92 -13.08
C ARG I 238 -55.10 3.40 -12.86
N HIS I 239 -54.31 3.57 -13.92
CA HIS I 239 -52.91 3.93 -13.73
C HIS I 239 -52.54 5.32 -14.24
N LEU I 240 -53.43 6.01 -14.95
CA LEU I 240 -53.13 7.34 -15.45
C LEU I 240 -54.26 8.35 -15.25
N GLY I 241 -55.36 7.96 -14.61
CA GLY I 241 -56.51 8.85 -14.49
C GLY I 241 -57.04 9.28 -15.84
N ALA I 242 -57.64 8.35 -16.59
CA ALA I 242 -57.85 8.54 -18.02
C ALA I 242 -59.31 8.73 -18.42
N HIS I 243 -60.20 9.03 -17.48
CA HIS I 243 -61.54 9.57 -17.77
C HIS I 243 -62.29 8.79 -18.85
N ILE I 244 -61.98 7.53 -19.08
CA ILE I 244 -62.59 6.80 -20.17
C ILE I 244 -63.92 6.17 -19.75
N TYR I 245 -63.99 5.67 -18.52
CA TYR I 245 -65.23 5.12 -17.97
C TYR I 245 -65.80 6.07 -16.93
N ASP I 246 -65.64 7.36 -17.17
CA ASP I 246 -66.18 8.38 -16.28
C ASP I 246 -67.69 8.47 -16.47
N PRO I 247 -68.49 8.33 -15.40
CA PRO I 247 -69.95 8.43 -15.56
C PRO I 247 -70.43 9.77 -16.08
N ALA I 248 -69.62 10.83 -16.04
CA ALA I 248 -70.01 12.08 -16.67
C ALA I 248 -70.12 11.91 -18.19
N ASN I 249 -69.37 10.96 -18.75
CA ASN I 249 -69.57 10.49 -20.11
C ASN I 249 -70.57 9.33 -20.06
N GLY I 250 -70.69 8.58 -21.15
CA GLY I 250 -71.47 7.37 -21.11
C GLY I 250 -70.64 6.20 -20.61
N GLY I 251 -69.71 6.47 -19.70
CA GLY I 251 -68.73 5.48 -19.28
C GLY I 251 -69.31 4.29 -18.54
N VAL I 252 -70.46 4.46 -17.90
CA VAL I 252 -71.04 3.35 -17.16
C VAL I 252 -71.64 2.31 -18.11
N LEU I 253 -72.39 2.76 -19.12
CA LEU I 253 -72.99 1.84 -20.07
C LEU I 253 -72.01 1.38 -21.13
N LEU I 254 -70.98 2.18 -21.43
CA LEU I 254 -69.96 1.76 -22.39
C LEU I 254 -69.29 0.47 -21.95
N TRP I 255 -68.88 0.40 -20.68
CA TRP I 255 -68.22 -0.80 -20.19
C TRP I 255 -69.13 -2.01 -20.25
N GLN I 256 -70.39 -1.84 -19.89
CA GLN I 256 -71.32 -2.96 -19.91
C GLN I 256 -71.54 -3.47 -21.33
N HIS I 257 -71.69 -2.54 -22.28
CA HIS I 257 -71.85 -2.93 -23.68
C HIS I 257 -70.64 -3.72 -24.16
N LEU I 258 -69.44 -3.19 -23.91
CA LEU I 258 -68.23 -3.86 -24.38
C LEU I 258 -68.07 -5.23 -23.73
N PHE I 259 -68.22 -5.28 -22.41
CA PHE I 259 -67.99 -6.54 -21.70
C PHE I 259 -68.99 -7.60 -22.11
N TRP I 260 -70.26 -7.23 -22.31
CA TRP I 260 -71.22 -8.27 -22.64
C TRP I 260 -71.14 -8.67 -24.11
N PHE I 261 -70.74 -7.74 -24.98
CA PHE I 261 -70.42 -8.11 -26.36
C PHE I 261 -69.29 -9.13 -26.40
N PHE I 262 -68.35 -9.03 -25.47
CA PHE I 262 -67.38 -10.11 -25.34
C PHE I 262 -67.99 -11.36 -24.71
N GLY I 263 -68.80 -11.19 -23.66
CA GLY I 263 -69.10 -12.27 -22.74
C GLY I 263 -70.18 -13.22 -23.17
N HIS I 264 -71.06 -12.82 -24.07
CA HIS I 264 -72.00 -13.86 -24.49
C HIS I 264 -71.39 -14.81 -25.51
N PRO I 265 -70.70 -14.29 -26.55
CA PRO I 265 -69.95 -15.20 -27.43
C PRO I 265 -69.03 -16.13 -26.66
N GLU I 266 -68.61 -15.74 -25.45
CA GLU I 266 -67.78 -16.62 -24.63
C GLU I 266 -68.57 -17.85 -24.17
N VAL I 267 -69.77 -17.64 -23.64
CA VAL I 267 -70.56 -18.77 -23.17
C VAL I 267 -71.00 -19.63 -24.35
N TYR I 268 -71.00 -19.09 -25.57
CA TYR I 268 -71.22 -19.98 -26.71
C TYR I 268 -69.93 -20.63 -27.19
N ILE I 269 -68.78 -20.03 -26.87
CA ILE I 269 -67.50 -20.64 -27.16
C ILE I 269 -67.31 -21.90 -26.31
N ILE I 270 -67.82 -21.89 -25.08
CA ILE I 270 -67.62 -23.04 -24.21
C ILE I 270 -68.79 -24.03 -24.25
N ALA I 271 -69.58 -24.04 -25.32
CA ALA I 271 -70.69 -24.98 -25.45
C ALA I 271 -70.60 -25.84 -26.70
N LEU I 272 -70.20 -25.27 -27.84
CA LEU I 272 -70.29 -25.98 -29.11
C LEU I 272 -69.30 -27.14 -29.22
N PRO I 273 -68.03 -27.01 -28.78
CA PRO I 273 -67.17 -28.20 -28.80
C PRO I 273 -67.73 -29.36 -28.00
N PHE I 274 -68.48 -29.09 -26.94
CA PHE I 274 -69.02 -30.18 -26.13
C PHE I 274 -70.29 -30.75 -26.75
N PHE I 275 -71.10 -29.92 -27.41
CA PHE I 275 -72.12 -30.45 -28.30
C PHE I 275 -71.52 -31.42 -29.31
N GLY I 276 -70.38 -31.03 -29.89
CA GLY I 276 -69.70 -31.90 -30.84
C GLY I 276 -69.22 -33.20 -30.22
N ILE I 277 -68.72 -33.12 -28.98
CA ILE I 277 -68.29 -34.33 -28.27
C ILE I 277 -69.45 -35.31 -28.13
N VAL I 278 -70.58 -34.82 -27.63
CA VAL I 278 -71.70 -35.75 -27.40
C VAL I 278 -72.26 -36.25 -28.73
N SER I 279 -72.19 -35.44 -29.80
CA SER I 279 -72.64 -35.91 -31.09
C SER I 279 -71.68 -36.92 -31.72
N GLU I 280 -70.41 -36.91 -31.32
CA GLU I 280 -69.51 -37.99 -31.70
C GLU I 280 -69.76 -39.25 -30.88
N ILE I 281 -70.20 -39.10 -29.64
CA ILE I 281 -70.32 -40.26 -28.76
C ILE I 281 -71.62 -41.03 -29.01
N PHE I 282 -72.72 -40.33 -29.29
CA PHE I 282 -74.01 -41.02 -29.42
C PHE I 282 -74.03 -42.12 -30.48
N PRO I 283 -73.59 -41.89 -31.72
CA PRO I 283 -73.73 -42.94 -32.74
C PRO I 283 -72.92 -44.20 -32.46
N VAL I 284 -71.77 -44.08 -31.80
CA VAL I 284 -70.94 -45.26 -31.53
C VAL I 284 -71.67 -46.23 -30.62
N PHE I 285 -72.32 -45.70 -29.58
CA PHE I 285 -72.98 -46.53 -28.60
C PHE I 285 -74.44 -46.78 -28.94
N SER I 286 -74.97 -46.17 -30.00
CA SER I 286 -76.28 -46.53 -30.50
C SER I 286 -76.21 -47.40 -31.74
N ARG I 287 -75.03 -47.62 -32.30
CA ARG I 287 -74.83 -48.47 -33.47
C ARG I 287 -75.65 -47.99 -34.66
N LYS I 288 -75.61 -46.68 -34.90
CA LYS I 288 -76.40 -46.05 -35.95
C LYS I 288 -75.65 -44.83 -36.49
N PRO I 289 -76.07 -44.25 -37.62
CA PRO I 289 -75.48 -42.99 -38.06
C PRO I 289 -76.07 -41.81 -37.28
N ILE I 290 -75.37 -40.68 -37.35
CA ILE I 290 -75.85 -39.47 -36.71
C ILE I 290 -77.02 -38.92 -37.51
N PHE I 291 -78.07 -38.52 -36.82
CA PHE I 291 -79.30 -38.09 -37.47
C PHE I 291 -79.18 -36.63 -37.90
N GLY I 292 -79.33 -36.39 -39.20
CA GLY I 292 -79.30 -35.03 -39.73
C GLY I 292 -77.93 -34.39 -39.66
N TYR I 293 -76.99 -34.92 -40.44
CA TYR I 293 -75.64 -34.37 -40.48
C TYR I 293 -75.64 -32.91 -40.94
N THR I 294 -76.24 -32.65 -42.11
CA THR I 294 -76.30 -31.28 -42.62
C THR I 294 -77.16 -30.39 -41.73
N THR I 295 -78.23 -30.94 -41.15
CA THR I 295 -79.06 -30.15 -40.25
C THR I 295 -78.27 -29.70 -39.04
N LEU I 296 -77.44 -30.60 -38.47
CA LEU I 296 -76.60 -30.23 -37.34
C LEU I 296 -75.59 -29.15 -37.73
N ILE I 297 -74.96 -29.31 -38.90
CA ILE I 297 -74.01 -28.29 -39.36
C ILE I 297 -74.70 -26.93 -39.48
N TYR I 298 -75.89 -26.90 -40.07
CA TYR I 298 -76.59 -25.64 -40.28
C TYR I 298 -77.05 -25.04 -38.95
N ALA I 299 -77.46 -25.88 -38.01
CA ALA I 299 -77.83 -25.37 -36.69
C ALA I 299 -76.63 -24.75 -35.99
N THR I 300 -75.46 -25.38 -36.14
CA THR I 300 -74.24 -24.80 -35.56
C THR I 300 -73.94 -23.45 -36.15
N LEU I 301 -74.03 -23.33 -37.49
CA LEU I 301 -73.79 -22.04 -38.12
C LEU I 301 -74.80 -20.99 -37.68
N ALA I 302 -76.06 -21.38 -37.52
CA ALA I 302 -77.09 -20.44 -37.10
C ALA I 302 -76.83 -19.94 -35.69
N ILE I 303 -76.46 -20.85 -34.78
CA ILE I 303 -76.14 -20.45 -33.42
C ILE I 303 -74.94 -19.51 -33.41
N ALA I 304 -73.91 -19.82 -34.21
CA ALA I 304 -72.74 -18.96 -34.28
C ALA I 304 -73.12 -17.56 -34.76
N ALA I 305 -73.96 -17.48 -35.78
CA ALA I 305 -74.36 -16.17 -36.30
C ALA I 305 -75.15 -15.39 -35.25
N LEU I 306 -76.15 -16.02 -34.64
CA LEU I 306 -77.06 -15.30 -33.76
C LEU I 306 -76.39 -14.94 -32.43
N SER I 307 -75.36 -15.66 -32.03
CA SER I 307 -74.73 -15.43 -30.72
C SER I 307 -74.10 -14.06 -30.59
N VAL I 308 -73.99 -13.30 -31.66
CA VAL I 308 -73.31 -12.01 -31.64
C VAL I 308 -74.30 -10.85 -31.69
N ALA I 309 -75.58 -11.10 -31.41
CA ALA I 309 -76.56 -10.03 -31.47
C ALA I 309 -77.56 -10.07 -30.32
N VAL I 310 -77.24 -10.76 -29.23
CA VAL I 310 -78.15 -10.87 -28.08
C VAL I 310 -77.52 -10.31 -26.81
N TRP I 311 -76.33 -9.72 -26.91
CA TRP I 311 -75.52 -9.43 -25.72
C TRP I 311 -76.28 -8.61 -24.67
N ALA I 312 -77.22 -7.77 -25.09
CA ALA I 312 -77.85 -6.85 -24.18
C ALA I 312 -78.97 -7.48 -23.35
N HIS I 313 -79.25 -8.77 -23.52
CA HIS I 313 -80.20 -9.36 -22.59
C HIS I 313 -79.62 -9.54 -21.19
N HIS I 314 -78.36 -9.18 -20.98
CA HIS I 314 -77.78 -9.06 -19.65
C HIS I 314 -77.93 -7.65 -19.09
N MET I 315 -78.67 -6.78 -19.77
CA MET I 315 -78.78 -5.38 -19.39
C MET I 315 -80.23 -4.91 -19.35
N TYR I 316 -81.15 -5.83 -19.06
CA TYR I 316 -82.58 -5.48 -19.12
C TYR I 316 -82.95 -4.47 -18.03
N ALA I 317 -82.37 -4.61 -16.84
CA ALA I 317 -82.78 -3.81 -15.69
C ALA I 317 -82.12 -2.44 -15.65
N THR I 318 -81.22 -2.13 -16.58
CA THR I 318 -80.58 -0.82 -16.58
C THR I 318 -81.49 0.28 -17.12
N GLY I 319 -82.54 -0.08 -17.85
CA GLY I 319 -83.42 0.92 -18.44
C GLY I 319 -82.79 1.72 -19.54
N ALA I 320 -81.80 1.15 -20.24
CA ALA I 320 -81.09 1.88 -21.28
C ALA I 320 -80.90 1.08 -22.56
N VAL I 321 -81.58 -0.06 -22.73
CA VAL I 321 -81.43 -0.89 -23.90
C VAL I 321 -82.79 -1.03 -24.58
N LEU I 322 -82.75 -1.30 -25.89
CA LEU I 322 -83.96 -1.50 -26.69
C LEU I 322 -84.39 -2.95 -26.53
N LEU I 323 -85.36 -3.19 -25.66
CA LEU I 323 -85.77 -4.52 -25.22
C LEU I 323 -86.27 -5.44 -26.33
N PRO I 324 -87.14 -4.97 -27.25
CA PRO I 324 -87.72 -5.92 -28.22
C PRO I 324 -86.69 -6.53 -29.17
N PHE I 325 -85.73 -5.75 -29.63
CA PHE I 325 -84.70 -6.25 -30.53
C PHE I 325 -83.99 -7.46 -29.93
N PHE I 326 -83.43 -7.28 -28.73
CA PHE I 326 -82.65 -8.34 -28.10
C PHE I 326 -83.53 -9.49 -27.64
N SER I 327 -84.77 -9.21 -27.23
CA SER I 327 -85.66 -10.28 -26.83
C SER I 327 -86.01 -11.17 -28.02
N PHE I 328 -86.31 -10.55 -29.17
CA PHE I 328 -86.59 -11.31 -30.38
C PHE I 328 -85.36 -12.12 -30.80
N MET I 329 -84.17 -11.51 -30.74
CA MET I 329 -82.96 -12.24 -31.13
C MET I 329 -82.73 -13.45 -30.23
N THR I 330 -82.97 -13.31 -28.93
CA THR I 330 -82.76 -14.45 -28.03
C THR I 330 -83.80 -15.54 -28.26
N PHE I 331 -85.07 -15.15 -28.41
CA PHE I 331 -86.10 -16.14 -28.72
C PHE I 331 -85.76 -16.87 -30.02
N LEU I 332 -85.15 -16.17 -30.97
CA LEU I 332 -84.75 -16.79 -32.22
C LEU I 332 -83.61 -17.77 -32.01
N ILE I 333 -82.59 -17.37 -31.24
CA ILE I 333 -81.45 -18.25 -31.00
C ILE I 333 -81.87 -19.49 -30.22
N ALA I 334 -83.04 -19.46 -29.59
CA ALA I 334 -83.49 -20.65 -28.86
C ALA I 334 -83.88 -21.82 -29.76
N VAL I 335 -84.09 -21.61 -31.06
CA VAL I 335 -84.63 -22.66 -31.94
C VAL I 335 -83.58 -23.66 -32.43
N PRO I 336 -82.42 -23.23 -32.95
CA PRO I 336 -81.44 -24.22 -33.42
C PRO I 336 -80.99 -25.17 -32.34
N THR I 337 -80.96 -24.74 -31.08
CA THR I 337 -80.63 -25.66 -29.99
C THR I 337 -81.68 -26.77 -29.88
N GLY I 338 -82.95 -26.43 -30.06
CA GLY I 338 -83.99 -27.45 -30.05
C GLY I 338 -83.87 -28.41 -31.21
N ILE I 339 -83.55 -27.88 -32.39
CA ILE I 339 -83.33 -28.76 -33.54
C ILE I 339 -82.17 -29.72 -33.25
N LYS I 340 -81.11 -29.21 -32.64
CA LYS I 340 -79.96 -30.05 -32.28
C LYS I 340 -80.37 -31.14 -31.29
N PHE I 341 -81.21 -30.78 -30.32
CA PHE I 341 -81.69 -31.74 -29.34
C PHE I 341 -82.50 -32.85 -30.00
N PHE I 342 -83.38 -32.48 -30.93
CA PHE I 342 -84.18 -33.47 -31.62
C PHE I 342 -83.32 -34.37 -32.50
N ASN I 343 -82.27 -33.82 -33.11
CA ASN I 343 -81.33 -34.65 -33.85
C ASN I 343 -80.63 -35.66 -32.93
N TRP I 344 -80.21 -35.22 -31.75
CA TRP I 344 -79.56 -36.14 -30.82
C TRP I 344 -80.50 -37.26 -30.40
N ILE I 345 -81.79 -36.95 -30.24
CA ILE I 345 -82.74 -37.98 -29.84
C ILE I 345 -83.01 -38.94 -31.00
N GLY I 346 -83.21 -38.39 -32.21
CA GLY I 346 -83.42 -39.23 -33.38
C GLY I 346 -82.24 -40.09 -33.74
N THR I 347 -81.04 -39.73 -33.29
CA THR I 347 -79.89 -40.61 -33.46
C THR I 347 -80.05 -41.87 -32.61
N MET I 348 -80.48 -41.73 -31.35
CA MET I 348 -80.66 -42.87 -30.47
C MET I 348 -81.92 -43.66 -30.77
N TRP I 349 -82.91 -43.05 -31.43
CA TRP I 349 -84.17 -43.75 -31.69
C TRP I 349 -83.94 -45.01 -32.52
N LYS I 350 -84.52 -46.12 -32.05
CA LYS I 350 -84.48 -47.41 -32.76
C LYS I 350 -83.05 -47.88 -32.99
N GLY I 351 -82.32 -48.05 -31.90
CA GLY I 351 -80.97 -48.59 -31.98
C GLY I 351 -80.76 -49.80 -31.08
N GLN I 352 -79.52 -50.07 -30.71
CA GLN I 352 -79.18 -51.14 -29.78
C GLN I 352 -78.30 -50.50 -28.71
N LEU I 353 -78.93 -49.94 -27.69
CA LEU I 353 -78.24 -49.06 -26.75
C LEU I 353 -77.58 -49.86 -25.63
N THR I 354 -76.28 -49.65 -25.45
CA THR I 354 -75.56 -50.11 -24.27
C THR I 354 -74.97 -48.89 -23.58
N PHE I 355 -74.99 -48.90 -22.26
CA PHE I 355 -74.66 -47.71 -21.46
C PHE I 355 -73.36 -47.96 -20.69
N GLU I 356 -72.25 -47.64 -21.33
CA GLU I 356 -70.99 -47.51 -20.63
C GLU I 356 -70.86 -46.11 -20.04
N THR I 357 -69.69 -45.79 -19.49
CA THR I 357 -69.52 -44.50 -18.84
C THR I 357 -69.69 -43.30 -19.78
N PRO I 358 -69.14 -43.28 -21.01
CA PRO I 358 -69.38 -42.11 -21.86
C PRO I 358 -70.85 -41.92 -22.23
N MET I 359 -71.57 -43.00 -22.53
CA MET I 359 -72.99 -42.87 -22.85
C MET I 359 -73.79 -42.41 -21.63
N LEU I 360 -73.44 -42.92 -20.45
CA LEU I 360 -74.12 -42.48 -19.23
C LEU I 360 -73.92 -40.99 -19.01
N PHE I 361 -72.68 -40.50 -19.17
CA PHE I 361 -72.43 -39.08 -18.98
C PHE I 361 -73.11 -38.25 -20.06
N SER I 362 -73.23 -38.78 -21.27
CA SER I 362 -73.93 -38.06 -22.34
C SER I 362 -75.42 -37.92 -22.04
N VAL I 363 -76.03 -38.97 -21.47
CA VAL I 363 -77.45 -38.87 -21.14
C VAL I 363 -77.67 -37.89 -19.98
N GLY I 364 -76.77 -37.92 -18.98
CA GLY I 364 -76.82 -36.92 -17.94
C GLY I 364 -76.73 -35.51 -18.49
N PHE I 365 -75.82 -35.30 -19.45
CA PHE I 365 -75.74 -34.03 -20.17
C PHE I 365 -77.09 -33.65 -20.77
N LEU I 366 -77.69 -34.58 -21.52
CA LEU I 366 -78.97 -34.30 -22.18
C LEU I 366 -79.98 -33.75 -21.17
N ILE I 367 -80.17 -34.48 -20.07
CA ILE I 367 -81.18 -34.10 -19.09
C ILE I 367 -80.89 -32.73 -18.50
N THR I 368 -79.67 -32.56 -17.98
CA THR I 368 -79.33 -31.34 -17.27
C THR I 368 -79.39 -30.13 -18.18
N PHE I 369 -78.85 -30.25 -19.40
CA PHE I 369 -78.89 -29.14 -20.33
C PHE I 369 -80.32 -28.81 -20.75
N LEU I 370 -81.19 -29.81 -20.89
CA LEU I 370 -82.58 -29.50 -21.21
C LEU I 370 -83.20 -28.61 -20.14
N LEU I 371 -83.01 -28.99 -18.87
CA LEU I 371 -83.62 -28.19 -17.81
C LEU I 371 -83.01 -26.79 -17.77
N GLY I 372 -81.69 -26.68 -17.91
CA GLY I 372 -81.06 -25.37 -17.93
C GLY I 372 -81.54 -24.50 -19.07
N GLY I 373 -81.72 -25.08 -20.26
CA GLY I 373 -82.19 -24.30 -21.39
C GLY I 373 -83.62 -23.86 -21.26
N LEU I 374 -84.48 -24.70 -20.66
CA LEU I 374 -85.82 -24.25 -20.33
C LEU I 374 -85.78 -23.04 -19.40
N SER I 375 -84.96 -23.12 -18.35
CA SER I 375 -84.81 -21.97 -17.47
C SER I 375 -84.33 -20.74 -18.23
N GLY I 376 -83.42 -20.91 -19.18
CA GLY I 376 -82.90 -19.76 -19.92
C GLY I 376 -83.95 -19.12 -20.81
N VAL I 377 -84.67 -19.94 -21.59
CA VAL I 377 -85.68 -19.36 -22.48
C VAL I 377 -86.81 -18.75 -21.66
N LEU I 378 -87.03 -19.23 -20.44
CA LEU I 378 -87.93 -18.55 -19.53
C LEU I 378 -87.35 -17.20 -19.10
N LEU I 379 -86.05 -17.18 -18.81
CA LEU I 379 -85.33 -15.99 -18.38
C LEU I 379 -85.21 -14.94 -19.47
N ALA I 380 -85.48 -15.29 -20.73
CA ALA I 380 -85.28 -14.37 -21.85
C ALA I 380 -86.41 -13.35 -22.02
N SER I 381 -87.43 -13.36 -21.15
CA SER I 381 -88.51 -12.39 -21.23
C SER I 381 -88.23 -11.22 -20.32
N PRO I 382 -88.20 -9.99 -20.82
CA PRO I 382 -87.79 -8.84 -19.99
C PRO I 382 -88.70 -8.62 -18.79
N PRO I 383 -90.04 -8.72 -18.93
CA PRO I 383 -90.88 -8.56 -17.73
C PRO I 383 -90.58 -9.56 -16.63
N LEU I 384 -90.23 -10.81 -16.98
CA LEU I 384 -89.89 -11.81 -15.96
C LEU I 384 -88.49 -11.56 -15.39
N ASP I 385 -87.56 -11.19 -16.26
CA ASP I 385 -86.23 -10.80 -15.81
C ASP I 385 -86.28 -9.64 -14.83
N PHE I 386 -87.27 -8.76 -14.98
CA PHE I 386 -87.41 -7.63 -14.07
C PHE I 386 -87.50 -8.07 -12.61
N HIS I 387 -88.08 -9.24 -12.35
CA HIS I 387 -88.12 -9.79 -11.01
C HIS I 387 -86.96 -10.74 -10.73
N VAL I 388 -86.68 -11.69 -11.63
CA VAL I 388 -85.75 -12.77 -11.28
C VAL I 388 -84.29 -12.43 -11.57
N THR I 389 -84.00 -11.25 -12.10
CA THR I 389 -82.62 -10.92 -12.44
C THR I 389 -81.80 -10.66 -11.18
N ASP I 390 -80.51 -11.02 -11.25
CA ASP I 390 -79.56 -10.79 -10.18
C ASP I 390 -80.00 -11.47 -8.88
N SER I 391 -80.63 -12.63 -9.03
CA SER I 391 -81.06 -13.46 -7.91
C SER I 391 -80.43 -14.84 -8.04
N TYR I 392 -80.84 -15.76 -7.18
CA TYR I 392 -80.33 -17.12 -7.27
C TYR I 392 -80.98 -17.92 -8.39
N PHE I 393 -82.08 -17.44 -8.96
CA PHE I 393 -82.66 -18.11 -10.12
C PHE I 393 -81.67 -18.09 -11.30
N VAL I 394 -81.01 -16.96 -11.52
CA VAL I 394 -80.01 -16.87 -12.57
C VAL I 394 -78.84 -17.80 -12.28
N ILE I 395 -78.41 -17.85 -11.02
CA ILE I 395 -77.31 -18.73 -10.64
C ILE I 395 -77.67 -20.18 -10.97
N ALA I 396 -78.87 -20.60 -10.57
CA ALA I 396 -79.32 -21.96 -10.87
C ALA I 396 -79.35 -22.21 -12.37
N HIS I 397 -79.87 -21.26 -13.15
CA HIS I 397 -79.92 -21.43 -14.60
C HIS I 397 -78.54 -21.68 -15.19
N PHE I 398 -77.62 -20.74 -14.97
CA PHE I 398 -76.36 -20.88 -15.67
C PHE I 398 -75.52 -22.00 -15.07
N HIS I 399 -75.78 -22.40 -13.83
CA HIS I 399 -75.10 -23.58 -13.32
C HIS I 399 -75.62 -24.84 -13.97
N TYR I 400 -76.93 -24.91 -14.22
CA TYR I 400 -77.46 -26.06 -14.94
C TYR I 400 -76.84 -26.17 -16.33
N VAL I 401 -76.87 -25.08 -17.09
CA VAL I 401 -76.35 -25.17 -18.46
C VAL I 401 -74.83 -25.43 -18.45
N LEU I 402 -74.09 -24.69 -17.63
CA LEU I 402 -72.64 -24.82 -17.61
C LEU I 402 -72.22 -26.20 -17.15
N PHE I 403 -72.81 -26.69 -16.06
CA PHE I 403 -72.46 -28.01 -15.57
C PHE I 403 -72.80 -29.06 -16.61
N GLY I 404 -74.06 -29.10 -17.04
CA GLY I 404 -74.49 -30.07 -18.02
C GLY I 404 -73.60 -30.14 -19.24
N THR I 405 -73.25 -28.99 -19.82
CA THR I 405 -72.40 -29.06 -21.01
C THR I 405 -70.95 -29.36 -20.64
N ILE I 406 -70.30 -28.46 -19.89
CA ILE I 406 -68.86 -28.57 -19.70
C ILE I 406 -68.51 -29.82 -18.91
N VAL I 407 -69.04 -29.95 -17.69
CA VAL I 407 -68.58 -31.02 -16.80
C VAL I 407 -68.93 -32.38 -17.39
N PHE I 408 -70.18 -32.55 -17.80
CA PHE I 408 -70.63 -33.88 -18.25
C PHE I 408 -69.99 -34.26 -19.57
N ALA I 409 -69.99 -33.35 -20.56
CA ALA I 409 -69.38 -33.70 -21.83
C ALA I 409 -67.86 -33.83 -21.70
N THR I 410 -67.24 -33.12 -20.75
CA THR I 410 -65.81 -33.27 -20.53
C THR I 410 -65.49 -34.63 -19.95
N TYR I 411 -66.26 -35.07 -18.95
CA TYR I 411 -66.04 -36.41 -18.40
C TYR I 411 -66.33 -37.49 -19.43
N ALA I 412 -67.35 -37.29 -20.25
CA ALA I 412 -67.64 -38.24 -21.33
C ALA I 412 -66.48 -38.31 -22.31
N GLY I 413 -65.91 -37.16 -22.66
CA GLY I 413 -64.78 -37.15 -23.58
C GLY I 413 -63.55 -37.81 -22.99
N ILE I 414 -63.31 -37.61 -21.70
CA ILE I 414 -62.17 -38.27 -21.05
C ILE I 414 -62.37 -39.78 -21.06
N TYR I 415 -63.54 -40.25 -20.60
CA TYR I 415 -63.80 -41.68 -20.59
C TYR I 415 -63.78 -42.27 -21.99
N PHE I 416 -64.08 -41.46 -23.00
CA PHE I 416 -64.10 -41.92 -24.38
C PHE I 416 -62.70 -42.04 -24.96
N TRP I 417 -61.88 -41.01 -24.80
CA TRP I 417 -60.62 -40.91 -25.50
C TRP I 417 -59.41 -41.20 -24.63
N PHE I 418 -59.59 -41.68 -23.41
CA PHE I 418 -58.44 -42.14 -22.63
C PHE I 418 -57.69 -43.27 -23.31
N PRO I 419 -58.35 -44.31 -23.84
CA PRO I 419 -57.59 -45.34 -24.57
C PRO I 419 -56.84 -44.79 -25.77
N LYS I 420 -57.48 -43.96 -26.59
CA LYS I 420 -56.82 -43.43 -27.78
C LYS I 420 -55.58 -42.62 -27.46
N MET I 421 -55.44 -42.14 -26.22
CA MET I 421 -54.27 -41.35 -25.88
C MET I 421 -53.24 -42.11 -25.07
N THR I 422 -53.64 -43.11 -24.29
CA THR I 422 -52.71 -43.78 -23.39
C THR I 422 -52.47 -45.25 -23.70
N GLY I 423 -53.39 -45.93 -24.38
CA GLY I 423 -53.32 -47.36 -24.54
C GLY I 423 -53.87 -48.16 -23.39
N ARG I 424 -54.58 -47.51 -22.46
CA ARG I 424 -55.15 -48.16 -21.29
C ARG I 424 -56.64 -47.85 -21.21
N LEU I 425 -57.32 -48.60 -20.35
CA LEU I 425 -58.75 -48.44 -20.13
C LEU I 425 -59.01 -48.01 -18.70
N LEU I 426 -59.87 -47.01 -18.53
CA LEU I 426 -60.33 -46.64 -17.21
C LEU I 426 -61.32 -47.68 -16.68
N ASP I 427 -61.32 -47.87 -15.38
CA ASP I 427 -62.24 -48.82 -14.77
C ASP I 427 -63.67 -48.29 -14.85
N GLU I 428 -64.61 -49.20 -15.13
CA GLU I 428 -65.98 -48.80 -15.38
C GLU I 428 -66.86 -48.77 -14.13
N ARG I 429 -66.59 -49.63 -13.14
CA ARG I 429 -67.35 -49.56 -11.90
C ARG I 429 -67.07 -48.26 -11.16
N LEU I 430 -65.81 -47.85 -11.11
CA LEU I 430 -65.47 -46.55 -10.56
C LEU I 430 -66.11 -45.43 -11.36
N GLY I 431 -66.23 -45.60 -12.67
CA GLY I 431 -66.89 -44.60 -13.48
C GLY I 431 -68.37 -44.47 -13.18
N LYS I 432 -69.04 -45.60 -12.95
CA LYS I 432 -70.45 -45.56 -12.59
C LYS I 432 -70.65 -44.92 -11.22
N LEU I 433 -69.80 -45.27 -10.26
CA LEU I 433 -69.86 -44.62 -8.95
C LEU I 433 -69.66 -43.11 -9.09
N HIS I 434 -68.68 -42.70 -9.88
CA HIS I 434 -68.42 -41.29 -10.12
C HIS I 434 -69.64 -40.61 -10.74
N PHE I 435 -70.25 -41.24 -11.74
CA PHE I 435 -71.41 -40.65 -12.39
C PHE I 435 -72.55 -40.44 -11.41
N TRP I 436 -72.86 -41.46 -10.62
CA TRP I 436 -74.03 -41.35 -9.75
C TRP I 436 -73.78 -40.36 -8.62
N LEU I 437 -72.57 -40.33 -8.07
CA LEU I 437 -72.23 -39.30 -7.10
C LEU I 437 -72.41 -37.91 -7.68
N THR I 438 -71.86 -37.68 -8.89
CA THR I 438 -71.95 -36.36 -9.50
C THR I 438 -73.40 -35.97 -9.76
N PHE I 439 -74.19 -36.90 -10.30
CA PHE I 439 -75.58 -36.61 -10.63
C PHE I 439 -76.38 -36.24 -9.38
N ILE I 440 -76.33 -37.09 -8.36
CA ILE I 440 -77.09 -36.84 -7.14
C ILE I 440 -76.63 -35.54 -6.49
N GLY I 441 -75.31 -35.34 -6.41
CA GLY I 441 -74.81 -34.12 -5.78
C GLY I 441 -75.26 -32.86 -6.48
N PHE I 442 -75.18 -32.84 -7.82
CA PHE I 442 -75.55 -31.65 -8.55
C PHE I 442 -77.03 -31.35 -8.41
N HIS I 443 -77.88 -32.37 -8.58
CA HIS I 443 -79.31 -32.11 -8.48
C HIS I 443 -79.76 -31.87 -7.05
N THR I 444 -78.93 -32.22 -6.06
CA THR I 444 -79.24 -31.86 -4.69
C THR I 444 -78.84 -30.43 -4.38
N THR I 445 -77.72 -29.95 -4.93
CA THR I 445 -77.23 -28.63 -4.57
C THR I 445 -77.83 -27.50 -5.40
N PHE I 446 -78.25 -27.73 -6.65
CA PHE I 446 -78.63 -26.61 -7.48
C PHE I 446 -80.10 -26.59 -7.91
N LEU I 447 -80.98 -27.36 -7.28
CA LEU I 447 -82.37 -27.34 -7.69
C LEU I 447 -83.21 -26.39 -6.84
N VAL I 448 -82.94 -26.31 -5.54
CA VAL I 448 -83.75 -25.52 -4.62
C VAL I 448 -83.42 -24.03 -4.76
N GLN I 449 -82.37 -23.72 -5.53
CA GLN I 449 -81.97 -22.34 -5.70
C GLN I 449 -82.93 -21.57 -6.60
N HIS I 450 -83.67 -22.25 -7.47
CA HIS I 450 -84.76 -21.60 -8.21
C HIS I 450 -85.74 -20.94 -7.24
N TRP I 451 -86.28 -21.74 -6.31
CA TRP I 451 -87.15 -21.21 -5.27
C TRP I 451 -86.44 -20.15 -4.43
N LEU I 452 -85.19 -20.44 -4.05
CA LEU I 452 -84.41 -19.52 -3.23
C LEU I 452 -84.34 -18.13 -3.86
N GLY I 453 -84.23 -18.06 -5.18
CA GLY I 453 -84.13 -16.79 -5.86
C GLY I 453 -85.48 -16.19 -6.19
N ASP I 454 -86.49 -17.04 -6.39
CA ASP I 454 -87.83 -16.55 -6.66
C ASP I 454 -88.39 -15.81 -5.46
N GLU I 455 -88.30 -16.40 -4.28
CA GLU I 455 -88.46 -15.61 -3.07
C GLU I 455 -87.22 -14.74 -2.92
N GLY I 456 -87.39 -13.55 -2.35
CA GLY I 456 -86.33 -12.57 -2.41
C GLY I 456 -85.04 -12.95 -1.73
N MET I 457 -84.05 -13.34 -2.52
CA MET I 457 -82.68 -13.57 -2.07
C MET I 457 -81.75 -13.35 -3.24
N PRO I 458 -81.04 -12.22 -3.29
CA PRO I 458 -80.19 -11.92 -4.44
C PRO I 458 -78.87 -12.67 -4.38
N ARG I 459 -78.12 -12.58 -5.48
CA ARG I 459 -76.81 -13.19 -5.56
C ARG I 459 -75.76 -12.29 -4.93
N ARG I 460 -74.64 -12.92 -4.53
CA ARG I 460 -73.45 -12.24 -4.03
C ARG I 460 -73.65 -11.69 -2.62
N TYR I 461 -74.59 -12.23 -1.84
CA TYR I 461 -74.71 -11.86 -0.44
C TYR I 461 -73.90 -12.81 0.44
N ALA I 462 -73.04 -12.23 1.28
CA ALA I 462 -72.27 -13.01 2.23
C ALA I 462 -73.11 -13.48 3.43
N ASP I 463 -74.17 -12.76 3.77
CA ASP I 463 -74.93 -13.08 4.98
C ASP I 463 -76.39 -12.70 4.79
N TYR I 464 -77.22 -13.25 5.67
CA TYR I 464 -78.65 -12.98 5.66
C TYR I 464 -79.18 -13.06 7.09
N LEU I 465 -80.48 -12.92 7.24
CA LEU I 465 -81.12 -12.85 8.55
C LEU I 465 -82.00 -14.07 8.82
N PRO I 466 -82.15 -14.45 10.08
CA PRO I 466 -83.06 -15.57 10.40
C PRO I 466 -84.53 -15.24 10.15
N THR I 467 -84.95 -13.98 10.34
CA THR I 467 -86.34 -13.62 10.14
C THR I 467 -86.75 -13.67 8.67
N ASP I 468 -85.78 -13.64 7.75
CA ASP I 468 -86.03 -14.01 6.37
C ASP I 468 -86.39 -15.49 6.29
N GLY I 469 -86.78 -15.92 5.11
CA GLY I 469 -86.92 -17.35 4.91
C GLY I 469 -85.57 -17.96 4.62
N PHE I 470 -85.53 -18.87 3.67
CA PHE I 470 -84.31 -19.49 3.14
C PHE I 470 -83.23 -19.77 4.19
N THR I 471 -83.54 -20.60 5.18
CA THR I 471 -82.52 -21.16 6.05
C THR I 471 -82.44 -22.69 5.97
N THR I 472 -83.45 -23.34 5.41
CA THR I 472 -83.38 -24.78 5.19
C THR I 472 -82.85 -25.09 3.80
N LEU I 473 -83.23 -24.29 2.80
CA LEU I 473 -82.79 -24.53 1.43
C LEU I 473 -81.30 -24.27 1.28
N ASN I 474 -80.75 -23.32 2.03
CA ASN I 474 -79.30 -23.11 2.02
C ASN I 474 -78.56 -24.31 2.59
N VAL I 475 -79.09 -24.91 3.65
CA VAL I 475 -78.48 -26.11 4.23
C VAL I 475 -78.54 -27.26 3.24
N ILE I 476 -79.68 -27.42 2.56
CA ILE I 476 -79.82 -28.49 1.57
C ILE I 476 -78.82 -28.30 0.45
N SER I 477 -78.66 -27.06 -0.02
CA SER I 477 -77.72 -26.79 -1.10
C SER I 477 -76.29 -27.04 -0.65
N THR I 478 -75.96 -26.74 0.61
CA THR I 478 -74.62 -26.99 1.10
C THR I 478 -74.34 -28.49 1.21
N VAL I 479 -75.34 -29.27 1.63
CA VAL I 479 -75.18 -30.73 1.66
C VAL I 479 -74.90 -31.25 0.25
N GLY I 480 -75.68 -30.79 -0.73
CA GLY I 480 -75.43 -31.19 -2.10
C GLY I 480 -74.05 -30.77 -2.58
N ALA I 481 -73.59 -29.59 -2.16
CA ALA I 481 -72.28 -29.13 -2.58
C ALA I 481 -71.18 -30.00 -2.00
N PHE I 482 -71.33 -30.44 -0.76
CA PHE I 482 -70.30 -31.31 -0.20
C PHE I 482 -70.33 -32.70 -0.83
N ILE I 483 -71.51 -33.16 -1.26
CA ILE I 483 -71.55 -34.39 -2.04
C ILE I 483 -70.79 -34.22 -3.35
N LEU I 484 -71.04 -33.11 -4.07
CA LEU I 484 -70.31 -32.83 -5.29
C LEU I 484 -68.80 -32.74 -5.03
N GLY I 485 -68.42 -32.22 -3.87
CA GLY I 485 -67.00 -32.15 -3.55
C GLY I 485 -66.37 -33.51 -3.33
N VAL I 486 -67.09 -34.40 -2.63
CA VAL I 486 -66.58 -35.76 -2.42
C VAL I 486 -66.70 -36.61 -3.67
N SER I 487 -67.35 -36.11 -4.72
CA SER I 487 -67.48 -36.88 -5.94
C SER I 487 -66.18 -37.02 -6.73
N MET I 488 -65.18 -36.17 -6.47
CA MET I 488 -64.00 -36.12 -7.33
C MET I 488 -62.98 -37.21 -7.01
N LEU I 489 -63.05 -37.78 -5.80
CA LEU I 489 -62.06 -38.77 -5.39
C LEU I 489 -62.11 -40.04 -6.24
N PRO I 490 -63.26 -40.63 -6.54
CA PRO I 490 -63.25 -41.80 -7.44
C PRO I 490 -62.65 -41.52 -8.79
N PHE I 491 -62.94 -40.35 -9.39
CA PHE I 491 -62.36 -40.02 -10.69
C PHE I 491 -60.85 -39.90 -10.61
N VAL I 492 -60.35 -39.18 -9.60
CA VAL I 492 -58.90 -38.99 -9.49
C VAL I 492 -58.20 -40.31 -9.23
N TRP I 493 -58.77 -41.15 -8.34
CA TRP I 493 -58.18 -42.45 -8.06
C TRP I 493 -58.18 -43.33 -9.31
N ASN I 494 -59.28 -43.30 -10.06
CA ASN I 494 -59.38 -44.10 -11.28
C ASN I 494 -58.30 -43.70 -12.28
N VAL I 495 -58.12 -42.40 -12.50
CA VAL I 495 -57.11 -41.95 -13.45
C VAL I 495 -55.72 -42.33 -12.98
N PHE I 496 -55.43 -42.08 -11.70
CA PHE I 496 -54.09 -42.33 -11.16
C PHE I 496 -53.72 -43.80 -11.22
N LYS I 497 -54.70 -44.70 -10.99
CA LYS I 497 -54.39 -46.12 -11.06
C LYS I 497 -54.35 -46.61 -12.50
N SER I 498 -55.34 -46.22 -13.32
CA SER I 498 -55.48 -46.71 -14.67
C SER I 498 -54.46 -46.16 -15.65
N TRP I 499 -53.72 -45.11 -15.29
CA TRP I 499 -52.66 -44.71 -16.22
C TRP I 499 -51.54 -45.73 -16.27
N ARG I 500 -51.15 -46.28 -15.13
CA ARG I 500 -50.03 -47.22 -15.05
C ARG I 500 -50.49 -48.67 -15.09
N TYR I 501 -51.49 -49.03 -14.31
CA TYR I 501 -52.12 -50.32 -14.40
C TYR I 501 -53.39 -50.18 -15.23
N GLY I 502 -54.20 -51.22 -15.27
CA GLY I 502 -55.37 -51.07 -16.12
C GLY I 502 -55.24 -51.90 -17.39
N GLU I 503 -56.38 -52.28 -17.93
CA GLU I 503 -56.41 -53.22 -19.04
C GLU I 503 -55.78 -52.61 -20.29
N PRO I 504 -54.73 -53.21 -20.84
CA PRO I 504 -54.13 -52.69 -22.07
C PRO I 504 -55.07 -52.85 -23.27
N VAL I 505 -54.83 -52.02 -24.27
CA VAL I 505 -55.60 -52.03 -25.51
C VAL I 505 -54.63 -52.32 -26.64
N THR I 506 -54.75 -53.50 -27.24
CA THR I 506 -53.86 -53.92 -28.33
C THR I 506 -54.54 -53.84 -29.69
N VAL I 507 -55.69 -53.17 -29.78
CA VAL I 507 -56.46 -53.08 -31.00
C VAL I 507 -56.71 -51.62 -31.33
N ASP I 508 -57.32 -51.38 -32.49
CA ASP I 508 -57.96 -50.12 -32.75
C ASP I 508 -59.38 -50.16 -32.22
N ASP I 509 -59.92 -49.00 -31.89
CA ASP I 509 -61.35 -48.90 -31.58
C ASP I 509 -61.78 -49.82 -30.44
N PRO I 510 -61.41 -49.54 -29.19
CA PRO I 510 -61.89 -50.37 -28.08
C PRO I 510 -63.39 -50.27 -27.87
N TRP I 511 -64.05 -49.28 -28.46
CA TRP I 511 -65.51 -49.17 -28.48
C TRP I 511 -65.92 -49.43 -29.92
N GLY I 512 -66.16 -50.69 -30.26
CA GLY I 512 -66.47 -51.06 -31.63
C GLY I 512 -67.58 -50.24 -32.24
N TYR I 513 -67.67 -50.23 -33.57
CA TYR I 513 -68.65 -49.43 -34.31
C TYR I 513 -68.35 -47.93 -34.20
N GLY I 514 -67.07 -47.60 -34.20
CA GLY I 514 -66.64 -46.22 -34.14
C GLY I 514 -66.40 -45.60 -35.51
N ASN I 515 -66.54 -44.28 -35.56
CA ASN I 515 -66.36 -43.50 -36.78
C ASN I 515 -65.25 -42.48 -36.60
N SER I 516 -65.09 -41.57 -37.57
CA SER I 516 -64.30 -40.33 -37.48
C SER I 516 -62.81 -40.48 -37.69
N LEU I 517 -62.32 -41.62 -38.17
CA LEU I 517 -60.96 -41.75 -38.69
C LEU I 517 -59.89 -41.71 -37.60
N GLU I 518 -60.29 -41.42 -36.37
CA GLU I 518 -59.36 -41.53 -35.26
C GLU I 518 -59.26 -42.96 -34.75
N TRP I 519 -60.28 -43.77 -34.99
CA TRP I 519 -60.30 -45.17 -34.60
C TRP I 519 -59.81 -46.08 -35.71
N ALA I 520 -59.04 -45.54 -36.66
CA ALA I 520 -58.43 -46.32 -37.72
C ALA I 520 -56.91 -46.25 -37.64
N THR I 521 -56.36 -45.90 -36.49
CA THR I 521 -54.92 -45.90 -36.25
C THR I 521 -54.68 -46.57 -34.91
N SER I 522 -53.39 -46.82 -34.61
CA SER I 522 -53.03 -47.57 -33.41
C SER I 522 -53.58 -46.89 -32.16
N CYS I 523 -53.67 -47.66 -31.06
CA CYS I 523 -54.38 -47.13 -29.90
C CYS I 523 -53.63 -45.96 -29.28
N PRO I 524 -52.36 -46.06 -28.91
CA PRO I 524 -51.54 -44.85 -28.84
C PRO I 524 -50.98 -44.55 -30.23
N PRO I 525 -51.41 -43.44 -30.84
CA PRO I 525 -50.99 -43.16 -32.20
C PRO I 525 -49.50 -42.89 -32.27
N PRO I 526 -48.85 -43.21 -33.38
CA PRO I 526 -47.43 -42.91 -33.52
C PRO I 526 -47.21 -41.42 -33.75
N ARG I 527 -45.95 -41.02 -33.65
CA ARG I 527 -45.56 -39.70 -34.11
C ARG I 527 -45.95 -39.54 -35.57
N HIS I 528 -46.70 -38.48 -35.87
CA HIS I 528 -47.29 -38.15 -37.17
C HIS I 528 -48.54 -39.00 -37.45
N ASN I 529 -49.00 -39.77 -36.46
CA ASN I 529 -50.38 -40.20 -36.30
C ASN I 529 -50.87 -41.30 -37.23
N PHE I 530 -50.12 -41.66 -38.26
CA PHE I 530 -50.67 -42.57 -39.26
C PHE I 530 -49.57 -43.35 -39.95
N THR I 531 -49.83 -44.64 -40.19
CA THR I 531 -49.01 -45.45 -41.07
C THR I 531 -49.73 -45.84 -42.35
N GLU I 532 -51.04 -45.59 -42.43
CA GLU I 532 -51.83 -45.82 -43.63
C GLU I 532 -53.16 -45.10 -43.47
N LEU I 533 -53.80 -44.80 -44.59
CA LEU I 533 -55.08 -44.12 -44.59
C LEU I 533 -56.08 -44.89 -45.43
N PRO I 534 -57.34 -44.95 -44.98
CA PRO I 534 -58.36 -45.65 -45.75
C PRO I 534 -59.11 -44.73 -46.71
N ARG I 535 -59.70 -45.34 -47.73
CA ARG I 535 -60.45 -44.60 -48.73
C ARG I 535 -61.62 -43.87 -48.08
N ILE I 536 -61.73 -42.57 -48.36
CA ILE I 536 -62.71 -41.70 -47.72
C ILE I 536 -63.90 -41.52 -48.66
N ARG I 537 -65.06 -42.04 -48.24
CA ARG I 537 -66.27 -41.93 -49.03
C ARG I 537 -67.43 -41.28 -48.29
N SER I 538 -67.48 -41.39 -46.96
CA SER I 538 -68.55 -40.79 -46.17
C SER I 538 -67.92 -40.21 -44.91
N GLU I 539 -68.75 -39.80 -43.97
CA GLU I 539 -68.28 -39.32 -42.68
C GLU I 539 -68.01 -40.44 -41.69
N ARG I 540 -68.09 -41.70 -42.13
CA ARG I 540 -67.81 -42.86 -41.29
C ARG I 540 -66.75 -43.74 -41.95
N PRO I 541 -65.53 -43.23 -42.13
CA PRO I 541 -64.50 -44.03 -42.82
C PRO I 541 -64.02 -45.21 -42.01
N ALA I 542 -63.89 -45.07 -40.68
CA ALA I 542 -63.46 -46.21 -39.87
C ALA I 542 -64.52 -47.29 -39.84
N PHE I 543 -65.80 -46.90 -39.82
CA PHE I 543 -66.87 -47.88 -39.89
C PHE I 543 -66.86 -48.61 -41.23
N GLU I 544 -66.75 -47.85 -42.33
CA GLU I 544 -66.69 -48.48 -43.64
C GLU I 544 -65.43 -49.30 -43.84
N LEU I 545 -64.39 -49.05 -43.05
CA LEU I 545 -63.17 -49.85 -43.14
C LEU I 545 -63.29 -51.15 -42.34
N HIS I 546 -63.86 -51.08 -41.14
CA HIS I 546 -63.91 -52.26 -40.29
C HIS I 546 -65.10 -53.16 -40.58
N TYR I 547 -66.13 -52.66 -41.26
CA TYR I 547 -67.29 -53.47 -41.62
C TYR I 547 -67.57 -53.27 -43.11
N PRO I 548 -66.81 -53.93 -43.98
CA PRO I 548 -66.96 -53.69 -45.42
C PRO I 548 -68.25 -54.22 -46.00
N HIS I 549 -68.88 -55.19 -45.35
CA HIS I 549 -70.14 -55.78 -45.79
C HIS I 549 -71.34 -54.91 -45.48
N MET I 550 -71.13 -53.75 -44.86
CA MET I 550 -72.22 -52.89 -44.45
C MET I 550 -72.36 -51.65 -45.32
N VAL I 551 -71.50 -51.45 -46.31
CA VAL I 551 -71.57 -50.24 -47.12
C VAL I 551 -72.82 -50.26 -47.98
N GLU I 552 -73.16 -51.40 -48.56
CA GLU I 552 -74.35 -51.51 -49.39
C GLU I 552 -75.61 -51.27 -48.55
N ARG I 553 -75.69 -51.95 -47.42
CA ARG I 553 -76.82 -51.79 -46.50
C ARG I 553 -76.88 -50.39 -45.90
N MET I 554 -75.76 -49.68 -45.84
CA MET I 554 -75.75 -48.32 -45.31
C MET I 554 -76.25 -47.33 -46.34
N ARG I 555 -75.84 -47.51 -47.60
CA ARG I 555 -76.25 -46.58 -48.65
C ARG I 555 -77.67 -46.84 -49.11
N ALA I 556 -78.16 -48.07 -49.03
CA ALA I 556 -79.49 -48.37 -49.54
C ALA I 556 -80.58 -47.68 -48.71
N GLU I 557 -80.43 -47.69 -47.39
CA GLU I 557 -81.49 -47.24 -46.49
C GLU I 557 -81.11 -45.97 -45.73
N ALA I 558 -80.35 -45.08 -46.37
CA ALA I 558 -79.89 -43.84 -45.75
C ALA I 558 -80.92 -42.72 -45.78
N HIS I 559 -82.15 -42.99 -46.24
CA HIS I 559 -83.14 -41.93 -46.37
C HIS I 559 -84.54 -42.34 -45.89
N VAL I 560 -84.69 -43.52 -45.31
CA VAL I 560 -86.01 -44.00 -44.92
C VAL I 560 -86.61 -43.12 -43.83
N GLY I 561 -85.91 -43.01 -42.70
CA GLY I 561 -86.39 -42.23 -41.58
C GLY I 561 -87.57 -42.87 -40.87
N LEU J 19 -46.52 -29.17 -54.38
CA LEU J 19 -47.46 -29.18 -53.26
C LEU J 19 -47.74 -27.76 -52.79
N ASN J 20 -48.55 -27.65 -51.73
CA ASN J 20 -48.85 -26.37 -51.07
C ASN J 20 -49.46 -25.37 -52.06
N ARG J 21 -50.65 -25.71 -52.57
CA ARG J 21 -51.29 -24.82 -53.52
C ARG J 21 -51.66 -23.48 -52.90
N PRO J 22 -52.34 -23.41 -51.76
CA PRO J 22 -52.44 -22.14 -51.05
C PRO J 22 -51.34 -21.99 -50.01
N ASN J 23 -51.06 -20.74 -49.66
CA ASN J 23 -50.03 -20.47 -48.67
C ASN J 23 -50.64 -20.43 -47.26
N MET J 24 -49.94 -21.07 -46.33
CA MET J 24 -50.44 -21.29 -44.97
C MET J 24 -50.13 -20.11 -44.05
N VAL J 25 -48.93 -19.56 -44.15
CA VAL J 25 -48.58 -18.36 -43.40
C VAL J 25 -49.47 -17.19 -43.81
N SER J 26 -49.91 -17.18 -45.08
CA SER J 26 -50.82 -16.14 -45.54
C SER J 26 -52.16 -16.23 -44.84
N VAL J 27 -52.75 -17.42 -44.80
CA VAL J 27 -54.02 -17.62 -44.11
C VAL J 27 -53.89 -17.19 -42.65
N GLY J 28 -52.83 -17.62 -41.99
CA GLY J 28 -52.63 -17.24 -40.59
C GLY J 28 -52.56 -15.75 -40.40
N THR J 29 -51.77 -15.07 -41.21
CA THR J 29 -51.62 -13.63 -41.09
C THR J 29 -52.93 -12.91 -41.34
N ILE J 30 -53.72 -13.39 -42.30
CA ILE J 30 -54.98 -12.72 -42.63
C ILE J 30 -55.97 -12.83 -41.48
N VAL J 31 -56.09 -14.02 -40.88
CA VAL J 31 -57.06 -14.16 -39.80
C VAL J 31 -56.60 -13.38 -38.56
N TRP J 32 -55.29 -13.32 -38.31
CA TRP J 32 -54.83 -12.53 -37.18
C TRP J 32 -55.07 -11.03 -37.43
N LEU J 33 -54.92 -10.58 -38.67
CA LEU J 33 -55.22 -9.19 -38.99
C LEU J 33 -56.68 -8.86 -38.75
N SER J 34 -57.56 -9.82 -39.05
CA SER J 34 -58.98 -9.63 -38.72
C SER J 34 -59.19 -9.43 -37.22
N SER J 35 -58.55 -10.28 -36.40
CA SER J 35 -58.66 -10.10 -34.95
C SER J 35 -58.18 -8.71 -34.50
N GLU J 36 -57.05 -8.25 -35.06
CA GLU J 36 -56.57 -6.92 -34.69
C GLU J 36 -57.55 -5.83 -35.14
N LEU J 37 -58.25 -6.04 -36.25
CA LEU J 37 -59.32 -5.13 -36.63
C LEU J 37 -60.37 -5.06 -35.53
N MET J 38 -60.69 -6.19 -34.91
CA MET J 38 -61.66 -6.17 -33.80
C MET J 38 -61.12 -5.38 -32.60
N PHE J 39 -59.83 -5.50 -32.33
CA PHE J 39 -59.22 -4.69 -31.28
C PHE J 39 -59.42 -3.18 -31.55
N PHE J 40 -59.11 -2.76 -32.76
CA PHE J 40 -59.34 -1.35 -33.09
C PHE J 40 -60.81 -0.99 -33.10
N ALA J 41 -61.70 -1.97 -33.31
CA ALA J 41 -63.12 -1.73 -33.14
C ALA J 41 -63.44 -1.31 -31.73
N GLY J 42 -62.90 -2.04 -30.76
CA GLY J 42 -63.07 -1.64 -29.37
C GLY J 42 -62.62 -0.21 -29.12
N LEU J 43 -61.43 0.14 -29.62
CA LEU J 43 -60.94 1.50 -29.43
C LEU J 43 -61.86 2.55 -30.07
N PHE J 44 -62.33 2.27 -31.29
CA PHE J 44 -63.23 3.21 -31.97
C PHE J 44 -64.52 3.39 -31.21
N ALA J 45 -65.05 2.32 -30.61
CA ALA J 45 -66.26 2.44 -29.80
C ALA J 45 -66.00 3.36 -28.61
N MET J 46 -64.89 3.15 -27.90
CA MET J 46 -64.53 4.04 -26.81
C MET J 46 -64.50 5.49 -27.25
N TYR J 47 -63.96 5.75 -28.44
CA TYR J 47 -63.88 7.14 -28.91
C TYR J 47 -65.23 7.71 -29.28
N PHE J 48 -66.06 6.93 -30.00
CA PHE J 48 -67.33 7.46 -30.48
C PHE J 48 -68.28 7.73 -29.34
N THR J 49 -68.29 6.88 -28.31
CA THR J 49 -68.93 7.31 -27.07
C THR J 49 -68.07 8.37 -26.42
N ALA J 50 -68.70 9.26 -25.67
CA ALA J 50 -68.13 10.46 -25.05
C ALA J 50 -67.90 11.57 -26.07
N ARG J 51 -68.11 11.34 -27.36
CA ARG J 51 -68.26 12.44 -28.29
C ARG J 51 -69.71 12.92 -28.33
N ALA J 52 -70.65 11.99 -28.21
CA ALA J 52 -72.06 12.34 -28.15
C ALA J 52 -72.43 13.03 -26.84
N GLN J 53 -71.54 13.00 -25.85
CA GLN J 53 -71.80 13.67 -24.58
C GLN J 53 -71.25 15.08 -24.54
N ALA J 54 -70.23 15.37 -25.36
CA ALA J 54 -69.68 16.71 -25.45
C ALA J 54 -70.48 17.53 -26.45
N GLY J 55 -71.37 18.37 -25.93
CA GLY J 55 -72.23 19.18 -26.78
C GLY J 55 -71.65 20.55 -27.05
N GLY J 56 -71.53 20.90 -28.32
CA GLY J 56 -71.05 22.21 -28.73
C GLY J 56 -69.63 22.14 -29.26
N ALA J 57 -68.75 22.94 -28.68
CA ALA J 57 -67.33 22.89 -29.03
C ALA J 57 -66.72 21.64 -28.41
N TRP J 58 -67.02 20.48 -28.99
CA TRP J 58 -66.71 19.22 -28.34
C TRP J 58 -65.21 18.97 -28.24
N PRO J 59 -64.36 19.51 -29.13
CA PRO J 59 -62.94 19.61 -28.78
C PRO J 59 -62.76 20.71 -27.74
N PRO J 60 -62.39 20.32 -26.52
CA PRO J 60 -62.56 21.22 -25.37
C PRO J 60 -61.60 22.40 -25.34
N GLU J 61 -61.60 23.11 -24.20
CA GLU J 61 -61.04 24.44 -23.96
C GLU J 61 -59.72 24.69 -24.69
N PRO J 62 -58.66 23.91 -24.49
CA PRO J 62 -57.36 24.27 -25.06
C PRO J 62 -56.99 23.59 -26.38
N THR J 63 -57.75 22.61 -26.85
CA THR J 63 -57.30 21.73 -27.91
C THR J 63 -57.53 22.37 -29.28
N GLU J 64 -56.49 22.34 -30.12
CA GLU J 64 -56.58 22.74 -31.52
C GLU J 64 -55.66 21.83 -32.33
N LEU J 65 -56.24 21.06 -33.25
CA LEU J 65 -55.48 20.14 -34.07
C LEU J 65 -54.76 20.87 -35.19
N ASN J 66 -53.55 20.41 -35.53
CA ASN J 66 -52.70 21.07 -36.52
C ASN J 66 -52.81 20.30 -37.83
N LEU J 67 -53.72 20.75 -38.70
CA LEU J 67 -53.88 20.12 -40.01
C LEU J 67 -52.70 20.41 -40.94
N ALA J 68 -51.88 21.40 -40.61
CA ALA J 68 -50.69 21.68 -41.40
C ALA J 68 -49.56 20.70 -41.13
N LEU J 69 -49.66 19.92 -40.06
CA LEU J 69 -48.69 18.88 -39.76
C LEU J 69 -49.28 17.47 -39.79
N ALA J 70 -50.60 17.34 -39.73
CA ALA J 70 -51.19 16.01 -39.76
C ALA J 70 -51.19 15.38 -41.15
N VAL J 71 -51.23 16.18 -42.21
CA VAL J 71 -51.36 15.65 -43.57
C VAL J 71 -50.04 15.14 -44.14
N PRO J 72 -48.91 15.85 -43.94
CA PRO J 72 -47.64 15.31 -44.45
C PRO J 72 -47.33 13.91 -43.95
N VAL J 73 -47.59 13.60 -42.69
CA VAL J 73 -47.24 12.26 -42.19
C VAL J 73 -48.13 11.20 -42.82
N THR J 74 -49.40 11.52 -43.10
CA THR J 74 -50.25 10.59 -43.82
C THR J 74 -49.72 10.35 -45.23
N LEU J 75 -49.29 11.42 -45.91
CA LEU J 75 -48.75 11.24 -47.25
C LEU J 75 -47.49 10.38 -47.23
N VAL J 76 -46.64 10.58 -46.23
CA VAL J 76 -45.45 9.74 -46.11
C VAL J 76 -45.83 8.29 -45.85
N LEU J 77 -46.91 8.06 -45.10
CA LEU J 77 -47.33 6.69 -44.84
C LEU J 77 -47.84 6.00 -46.10
N ILE J 78 -48.65 6.69 -46.90
CA ILE J 78 -49.08 6.10 -48.17
C ILE J 78 -47.89 5.85 -49.09
N ALA J 79 -46.94 6.79 -49.12
CA ALA J 79 -45.74 6.59 -49.93
C ALA J 79 -44.97 5.36 -49.47
N SER J 80 -44.90 5.14 -48.15
CA SER J 80 -44.23 3.96 -47.63
C SER J 80 -44.96 2.68 -48.02
N SER J 81 -46.29 2.72 -48.04
CA SER J 81 -47.04 1.55 -48.50
C SER J 81 -46.70 1.23 -49.96
N PHE J 82 -46.62 2.25 -50.80
CA PHE J 82 -46.24 2.02 -52.20
C PHE J 82 -44.83 1.45 -52.30
N THR J 83 -43.90 1.99 -51.51
CA THR J 83 -42.53 1.47 -51.50
C THR J 83 -42.51 0.00 -51.08
N CYS J 84 -43.34 -0.37 -50.10
CA CYS J 84 -43.37 -1.75 -49.65
C CYS J 84 -43.93 -2.67 -50.73
N GLN J 85 -44.93 -2.20 -51.48
CA GLN J 85 -45.45 -3.02 -52.58
C GLN J 85 -44.40 -3.19 -53.67
N MET J 86 -43.62 -2.15 -53.93
CA MET J 86 -42.51 -2.28 -54.89
C MET J 86 -41.49 -3.30 -54.40
N GLY J 87 -41.23 -3.32 -53.09
CA GLY J 87 -40.33 -4.33 -52.54
C GLY J 87 -40.89 -5.74 -52.68
N VAL J 88 -42.21 -5.89 -52.54
CA VAL J 88 -42.83 -7.18 -52.76
C VAL J 88 -42.66 -7.63 -54.20
N PHE J 89 -42.84 -6.71 -55.14
CA PHE J 89 -42.60 -7.04 -56.54
C PHE J 89 -41.17 -7.50 -56.75
N ALA J 90 -40.21 -6.79 -56.16
CA ALA J 90 -38.82 -7.20 -56.26
C ALA J 90 -38.58 -8.56 -55.61
N ALA J 91 -39.37 -8.91 -54.60
CA ALA J 91 -39.19 -10.18 -53.90
C ALA J 91 -39.80 -11.36 -54.64
N GLU J 92 -40.85 -11.12 -55.43
CA GLU J 92 -41.50 -12.23 -56.11
C GLU J 92 -40.59 -12.85 -57.17
N ARG J 93 -39.77 -12.05 -57.82
CA ARG J 93 -38.63 -12.56 -58.57
C ARG J 93 -37.46 -12.71 -57.62
N GLY J 94 -36.62 -13.70 -57.86
CA GLY J 94 -35.60 -14.06 -56.89
C GLY J 94 -34.47 -13.06 -56.74
N ASP J 95 -34.82 -11.81 -56.47
CA ASP J 95 -33.86 -10.73 -56.29
C ASP J 95 -33.94 -10.20 -54.87
N VAL J 96 -32.88 -10.39 -54.11
CA VAL J 96 -32.88 -10.03 -52.69
C VAL J 96 -32.41 -8.59 -52.47
N PHE J 97 -31.59 -8.06 -53.38
CA PHE J 97 -31.01 -6.74 -53.16
C PHE J 97 -32.04 -5.63 -53.38
N GLY J 98 -32.90 -5.77 -54.39
CA GLY J 98 -33.99 -4.83 -54.54
C GLY J 98 -34.96 -4.88 -53.37
N LEU J 99 -35.26 -6.10 -52.90
CA LEU J 99 -36.02 -6.26 -51.66
C LEU J 99 -35.42 -5.43 -50.55
N ARG J 100 -34.11 -5.60 -50.31
CA ARG J 100 -33.45 -4.90 -49.22
C ARG J 100 -33.55 -3.39 -49.40
N ARG J 101 -33.29 -2.90 -50.60
CA ARG J 101 -33.34 -1.45 -50.84
C ARG J 101 -34.74 -0.90 -50.55
N TRP J 102 -35.76 -1.51 -51.14
CA TRP J 102 -37.11 -0.98 -50.96
C TRP J 102 -37.56 -1.09 -49.50
N TYR J 103 -37.14 -2.13 -48.79
CA TYR J 103 -37.57 -2.25 -47.40
C TYR J 103 -36.81 -1.30 -46.48
N VAL J 104 -35.56 -0.98 -46.79
CA VAL J 104 -34.88 0.08 -46.05
C VAL J 104 -35.59 1.41 -46.26
N ILE J 105 -36.00 1.70 -47.49
CA ILE J 105 -36.73 2.94 -47.75
C ILE J 105 -38.03 2.97 -46.95
N THR J 106 -38.76 1.86 -46.96
CA THR J 106 -40.02 1.78 -46.20
C THR J 106 -39.78 1.99 -44.71
N PHE J 107 -38.74 1.36 -44.17
CA PHE J 107 -38.40 1.52 -42.76
C PHE J 107 -38.13 2.99 -42.43
N LEU J 108 -37.38 3.68 -43.30
CA LEU J 108 -37.06 5.07 -43.04
C LEU J 108 -38.31 5.94 -43.06
N MET J 109 -39.19 5.72 -44.03
CA MET J 109 -40.43 6.51 -44.08
C MET J 109 -41.29 6.26 -42.85
N GLY J 110 -41.36 5.00 -42.39
CA GLY J 110 -42.13 4.71 -41.19
C GLY J 110 -41.56 5.37 -39.95
N LEU J 111 -40.22 5.36 -39.83
CA LEU J 111 -39.58 6.02 -38.70
C LEU J 111 -39.85 7.53 -38.74
N PHE J 112 -39.86 8.12 -39.93
CA PHE J 112 -40.18 9.54 -40.05
C PHE J 112 -41.61 9.82 -39.61
N PHE J 113 -42.55 8.94 -39.99
CA PHE J 113 -43.93 9.09 -39.52
C PHE J 113 -43.99 9.05 -38.00
N VAL J 114 -43.28 8.10 -37.39
CA VAL J 114 -43.31 7.96 -35.92
C VAL J 114 -42.76 9.22 -35.26
N LEU J 115 -41.65 9.74 -35.80
CA LEU J 115 -41.06 10.96 -35.22
C LEU J 115 -42.00 12.15 -35.36
N GLY J 116 -42.66 12.29 -36.50
CA GLY J 116 -43.62 13.37 -36.66
C GLY J 116 -44.76 13.27 -35.68
N GLN J 117 -45.26 12.06 -35.47
CA GLN J 117 -46.33 11.86 -34.49
C GLN J 117 -45.88 12.22 -33.08
N GLY J 118 -44.64 11.86 -32.73
CA GLY J 118 -44.12 12.23 -31.41
C GLY J 118 -43.98 13.72 -31.24
N TYR J 119 -43.55 14.41 -32.30
CA TYR J 119 -43.42 15.86 -32.24
C TYR J 119 -44.78 16.53 -32.05
N GLU J 120 -45.79 16.06 -32.79
CA GLU J 120 -47.15 16.56 -32.58
C GLU J 120 -47.62 16.29 -31.16
N TYR J 121 -47.30 15.12 -30.62
CA TYR J 121 -47.65 14.80 -29.24
C TYR J 121 -47.06 15.82 -28.27
N ILE J 122 -45.77 16.13 -28.45
CA ILE J 122 -45.10 17.06 -27.54
C ILE J 122 -45.75 18.44 -27.63
N HIS J 123 -45.93 18.95 -28.85
CA HIS J 123 -46.50 20.29 -28.99
C HIS J 123 -47.94 20.34 -28.50
N LEU J 124 -48.67 19.23 -28.58
CA LEU J 124 -50.04 19.20 -28.09
C LEU J 124 -50.11 19.06 -26.58
N VAL J 125 -49.11 18.43 -25.96
CA VAL J 125 -49.14 18.26 -24.51
C VAL J 125 -48.61 19.50 -23.79
N GLU J 126 -47.74 20.27 -24.42
CA GLU J 126 -47.24 21.48 -23.76
C GLU J 126 -48.10 22.70 -24.03
N HIS J 127 -49.36 22.52 -24.43
CA HIS J 127 -50.30 23.60 -24.66
C HIS J 127 -51.70 23.24 -24.16
N GLY J 128 -51.80 22.42 -23.12
CA GLY J 128 -53.10 21.93 -22.74
C GLY J 128 -53.24 20.43 -22.72
N THR J 129 -53.97 19.90 -23.71
CA THR J 129 -54.45 18.53 -23.81
C THR J 129 -53.48 17.50 -23.24
N THR J 130 -53.97 16.71 -22.27
CA THR J 130 -53.22 15.63 -21.66
C THR J 130 -54.16 14.45 -21.44
N ILE J 131 -53.60 13.32 -21.05
CA ILE J 131 -54.39 12.12 -20.79
C ILE J 131 -55.22 12.30 -19.51
N PRO J 132 -54.65 12.74 -18.38
CA PRO J 132 -55.49 13.02 -17.21
C PRO J 132 -56.12 14.40 -17.17
N GLY J 133 -56.07 15.17 -18.26
CA GLY J 133 -56.60 16.51 -18.26
C GLY J 133 -58.06 16.61 -18.61
N SER J 134 -58.50 15.86 -19.61
CA SER J 134 -59.88 15.95 -20.07
C SER J 134 -60.30 14.60 -20.64
N ALA J 135 -61.59 14.50 -20.98
CA ALA J 135 -62.12 13.29 -21.58
C ALA J 135 -61.74 13.17 -23.06
N TYR J 136 -61.46 14.29 -23.71
CA TYR J 136 -61.03 14.25 -25.11
C TYR J 136 -59.58 13.79 -25.22
N GLY J 137 -58.71 14.33 -24.37
CA GLY J 137 -57.30 13.97 -24.43
C GLY J 137 -57.09 12.48 -24.26
N SER J 138 -57.86 11.86 -23.38
CA SER J 138 -57.67 10.44 -23.11
C SER J 138 -58.03 9.59 -24.32
N VAL J 139 -59.21 9.82 -24.91
CA VAL J 139 -59.61 9.00 -26.05
C VAL J 139 -58.71 9.29 -27.26
N PHE J 140 -58.29 10.54 -27.44
CA PHE J 140 -57.39 10.87 -28.53
C PHE J 140 -56.06 10.15 -28.38
N TYR J 141 -55.45 10.25 -27.20
CA TYR J 141 -54.14 9.65 -26.99
C TYR J 141 -54.20 8.13 -27.05
N LEU J 142 -55.27 7.52 -26.54
CA LEU J 142 -55.37 6.06 -26.64
C LEU J 142 -55.64 5.61 -28.07
N ALA J 143 -56.44 6.35 -28.83
CA ALA J 143 -56.70 5.94 -30.20
C ALA J 143 -55.44 6.05 -31.06
N THR J 144 -54.62 7.06 -30.82
CA THR J 144 -53.45 7.24 -31.68
C THR J 144 -52.19 6.51 -31.17
N GLY J 145 -52.03 6.34 -29.86
CA GLY J 145 -50.83 5.72 -29.35
C GLY J 145 -50.76 4.23 -29.59
N PHE J 146 -51.89 3.54 -29.54
CA PHE J 146 -51.89 2.12 -29.86
C PHE J 146 -51.55 1.89 -31.33
N HIS J 147 -52.03 2.78 -32.21
CA HIS J 147 -51.62 2.69 -33.61
C HIS J 147 -50.12 2.94 -33.76
N GLY J 148 -49.59 3.93 -33.02
CA GLY J 148 -48.15 4.13 -33.05
C GLY J 148 -47.37 2.92 -32.57
N LEU J 149 -47.88 2.25 -31.54
CA LEU J 149 -47.26 1.01 -31.08
C LEU J 149 -47.27 -0.06 -32.16
N HIS J 150 -48.38 -0.17 -32.89
CA HIS J 150 -48.44 -1.13 -34.00
C HIS J 150 -47.44 -0.77 -35.09
N VAL J 151 -47.24 0.52 -35.35
CA VAL J 151 -46.25 0.94 -36.34
C VAL J 151 -44.85 0.55 -35.88
N ILE J 152 -44.55 0.73 -34.59
CA ILE J 152 -43.24 0.35 -34.08
C ILE J 152 -43.04 -1.17 -34.20
N GLY J 153 -44.11 -1.93 -33.95
CA GLY J 153 -44.03 -3.37 -34.17
C GLY J 153 -43.73 -3.72 -35.61
N GLY J 154 -44.36 -3.02 -36.56
CA GLY J 154 -44.04 -3.24 -37.96
C GLY J 154 -42.60 -2.92 -38.30
N LEU J 155 -42.06 -1.87 -37.69
CA LEU J 155 -40.66 -1.52 -37.90
C LEU J 155 -39.73 -2.63 -37.40
N VAL J 156 -40.02 -3.15 -36.21
CA VAL J 156 -39.25 -4.27 -35.68
C VAL J 156 -39.32 -5.47 -36.63
N ALA J 157 -40.51 -5.74 -37.16
CA ALA J 157 -40.68 -6.85 -38.10
C ALA J 157 -39.83 -6.64 -39.35
N PHE J 158 -39.79 -5.41 -39.88
CA PHE J 158 -38.94 -5.11 -41.03
C PHE J 158 -37.48 -5.41 -40.72
N VAL J 159 -37.00 -4.95 -39.57
CA VAL J 159 -35.59 -5.17 -39.22
C VAL J 159 -35.30 -6.67 -39.13
N LEU J 160 -36.19 -7.44 -38.51
CA LEU J 160 -35.96 -8.86 -38.36
C LEU J 160 -35.95 -9.57 -39.71
N LEU J 161 -36.87 -9.19 -40.60
CA LEU J 161 -36.92 -9.80 -41.92
C LEU J 161 -35.64 -9.53 -42.70
N LEU J 162 -35.15 -8.29 -42.67
CA LEU J 162 -33.91 -7.98 -43.38
C LEU J 162 -32.74 -8.78 -42.81
N ALA J 163 -32.59 -8.78 -41.48
CA ALA J 163 -31.52 -9.55 -40.86
C ALA J 163 -31.60 -11.02 -41.24
N ARG J 164 -32.81 -11.57 -41.37
CA ARG J 164 -32.93 -12.97 -41.75
C ARG J 164 -32.54 -13.18 -43.21
N THR J 165 -32.86 -12.23 -44.08
CA THR J 165 -32.43 -12.35 -45.47
C THR J 165 -30.91 -12.32 -45.58
N LYS J 166 -30.24 -11.64 -44.64
CA LYS J 166 -28.79 -11.57 -44.69
C LYS J 166 -28.09 -12.91 -44.42
N MET J 167 -28.75 -13.86 -43.76
CA MET J 167 -28.05 -14.98 -43.16
C MET J 167 -28.32 -16.34 -43.83
N SER J 168 -29.00 -16.37 -44.98
CA SER J 168 -29.22 -17.65 -45.64
C SER J 168 -29.61 -17.40 -47.10
N LYS J 169 -29.60 -18.47 -47.87
CA LYS J 169 -29.99 -18.41 -49.27
C LYS J 169 -31.45 -18.01 -49.40
N PHE J 170 -31.77 -17.24 -50.43
CA PHE J 170 -33.12 -16.74 -50.63
C PHE J 170 -34.03 -17.85 -51.16
N THR J 171 -35.13 -18.10 -50.46
CA THR J 171 -36.04 -19.19 -50.81
C THR J 171 -37.49 -18.72 -50.87
N PRO J 172 -38.40 -19.56 -51.38
CA PRO J 172 -39.82 -19.20 -51.31
C PRO J 172 -40.33 -18.95 -49.91
N ALA J 173 -39.72 -19.54 -48.88
CA ALA J 173 -40.12 -19.20 -47.52
C ALA J 173 -39.78 -17.76 -47.18
N GLN J 174 -38.59 -17.30 -47.60
CA GLN J 174 -38.25 -15.89 -47.48
C GLN J 174 -39.23 -15.01 -48.23
N ALA J 175 -39.61 -15.43 -49.43
CA ALA J 175 -40.59 -14.68 -50.20
C ALA J 175 -41.91 -14.55 -49.44
N THR J 176 -42.40 -15.66 -48.90
CA THR J 176 -43.65 -15.65 -48.14
C THR J 176 -43.55 -14.72 -46.93
N ALA J 177 -42.42 -14.75 -46.24
CA ALA J 177 -42.23 -13.87 -45.09
C ALA J 177 -42.33 -12.41 -45.51
N ALA J 178 -41.66 -12.06 -46.61
CA ALA J 178 -41.74 -10.69 -47.12
C ALA J 178 -43.19 -10.30 -47.42
N ILE J 179 -43.94 -11.20 -48.06
CA ILE J 179 -45.31 -10.87 -48.45
C ILE J 179 -46.20 -10.64 -47.24
N VAL J 180 -46.07 -11.50 -46.21
CA VAL J 180 -46.96 -11.37 -45.06
C VAL J 180 -46.62 -10.11 -44.27
N VAL J 181 -45.33 -9.77 -44.15
CA VAL J 181 -44.96 -8.52 -43.51
C VAL J 181 -45.53 -7.34 -44.29
N SER J 182 -45.52 -7.43 -45.61
CA SER J 182 -46.01 -6.34 -46.44
C SER J 182 -47.49 -6.08 -46.19
N TYR J 183 -48.32 -7.12 -46.19
CA TYR J 183 -49.71 -6.73 -45.99
C TYR J 183 -50.07 -6.49 -44.53
N TYR J 184 -49.24 -6.89 -43.57
CA TYR J 184 -49.38 -6.32 -42.23
C TYR J 184 -49.19 -4.80 -42.27
N TRP J 185 -48.15 -4.36 -42.98
CA TRP J 185 -47.93 -2.92 -43.14
C TRP J 185 -49.12 -2.24 -43.80
N HIS J 186 -49.70 -2.89 -44.83
CA HIS J 186 -50.85 -2.31 -45.51
C HIS J 186 -52.06 -2.19 -44.57
N PHE J 187 -52.26 -3.20 -43.73
CA PHE J 187 -53.32 -3.12 -42.72
C PHE J 187 -53.11 -1.93 -41.79
N VAL J 188 -51.89 -1.75 -41.33
CA VAL J 188 -51.59 -0.61 -40.45
C VAL J 188 -51.90 0.70 -41.14
N ASP J 189 -51.53 0.80 -42.42
CA ASP J 189 -51.80 2.01 -43.19
C ASP J 189 -53.28 2.30 -43.36
N ILE J 190 -54.10 1.30 -43.67
CA ILE J 190 -55.53 1.54 -43.81
C ILE J 190 -56.18 1.90 -42.47
N VAL J 191 -55.72 1.29 -41.37
CA VAL J 191 -56.23 1.67 -40.06
C VAL J 191 -55.91 3.14 -39.78
N TRP J 192 -54.71 3.58 -40.14
CA TRP J 192 -54.38 4.98 -39.93
C TRP J 192 -55.25 5.89 -40.78
N ILE J 193 -55.54 5.48 -42.02
CA ILE J 193 -56.40 6.29 -42.87
C ILE J 193 -57.77 6.46 -42.21
N ALA J 194 -58.32 5.39 -41.67
CA ALA J 194 -59.62 5.48 -40.99
C ALA J 194 -59.55 6.43 -39.80
N LEU J 195 -58.51 6.26 -38.96
CA LEU J 195 -58.38 7.12 -37.78
C LEU J 195 -58.23 8.59 -38.17
N PHE J 196 -57.42 8.88 -39.18
CA PHE J 196 -57.20 10.25 -39.61
C PHE J 196 -58.48 10.88 -40.13
N ALA J 197 -59.19 10.18 -41.02
CA ALA J 197 -60.45 10.69 -41.53
C ALA J 197 -61.45 10.94 -40.40
N THR J 198 -61.43 10.08 -39.38
CA THR J 198 -62.41 10.22 -38.30
C THR J 198 -62.06 11.36 -37.37
N ILE J 199 -60.77 11.60 -37.13
CA ILE J 199 -60.37 12.51 -36.05
C ILE J 199 -60.12 13.93 -36.57
N TYR J 200 -59.65 14.09 -37.81
CA TYR J 200 -59.28 15.43 -38.26
C TYR J 200 -60.30 16.08 -39.18
N PHE J 201 -61.15 15.30 -39.83
CA PHE J 201 -62.11 15.85 -40.78
C PHE J 201 -63.55 15.72 -40.30
N VAL J 202 -64.00 14.51 -39.96
CA VAL J 202 -65.39 14.34 -39.55
C VAL J 202 -65.66 15.11 -38.27
N ARG J 203 -64.79 14.96 -37.28
CA ARG J 203 -64.92 15.58 -35.97
C ARG J 203 -66.30 15.34 -35.35
N MET K 1 -61.40 -24.32 -52.58
CA MET K 1 -61.72 -23.58 -51.38
C MET K 1 -63.02 -22.80 -51.53
N HIS K 2 -64.05 -23.48 -52.04
CA HIS K 2 -65.35 -22.86 -52.24
C HIS K 2 -66.18 -22.82 -50.95
N ILE K 3 -66.12 -23.87 -50.15
CA ILE K 3 -66.98 -23.95 -48.96
C ILE K 3 -66.53 -22.97 -47.89
N GLU K 4 -65.21 -22.77 -47.72
CA GLU K 4 -64.72 -21.80 -46.76
C GLU K 4 -65.20 -20.39 -47.11
N ALA K 5 -65.03 -20.00 -48.38
CA ALA K 5 -65.50 -18.70 -48.83
C ALA K 5 -67.01 -18.57 -48.64
N ARG K 6 -67.76 -19.62 -48.93
CA ARG K 6 -69.21 -19.55 -48.79
C ARG K 6 -69.62 -19.38 -47.34
N LEU K 7 -68.94 -20.09 -46.43
CA LEU K 7 -69.20 -19.93 -45.00
C LEU K 7 -68.97 -18.50 -44.55
N PHE K 8 -67.80 -17.95 -44.88
CA PHE K 8 -67.50 -16.59 -44.45
C PHE K 8 -68.43 -15.57 -45.11
N GLU K 9 -68.90 -15.84 -46.32
CA GLU K 9 -69.80 -14.91 -46.98
C GLU K 9 -71.18 -14.92 -46.35
N ILE K 10 -71.67 -16.11 -45.96
CA ILE K 10 -72.92 -16.19 -45.23
C ILE K 10 -72.82 -15.40 -43.93
N LEU K 11 -71.73 -15.62 -43.19
CA LEU K 11 -71.54 -14.88 -41.94
C LEU K 11 -71.52 -13.37 -42.19
N THR K 12 -70.82 -12.93 -43.25
CA THR K 12 -70.76 -11.51 -43.57
C THR K 12 -72.14 -10.94 -43.86
N ALA K 13 -72.94 -11.65 -44.66
CA ALA K 13 -74.26 -11.16 -45.00
C ALA K 13 -75.12 -10.99 -43.76
N PHE K 14 -75.14 -12.01 -42.88
CA PHE K 14 -75.95 -11.88 -41.67
C PHE K 14 -75.47 -10.75 -40.78
N PHE K 15 -74.15 -10.62 -40.61
CA PHE K 15 -73.62 -9.57 -39.74
C PHE K 15 -73.95 -8.19 -40.28
N ALA K 16 -73.85 -8.00 -41.60
CA ALA K 16 -74.15 -6.69 -42.17
C ALA K 16 -75.63 -6.35 -42.02
N LEU K 17 -76.51 -7.34 -42.24
CA LEU K 17 -77.94 -7.11 -42.03
C LEU K 17 -78.21 -6.69 -40.59
N ALA K 18 -77.69 -7.46 -39.63
CA ALA K 18 -77.92 -7.14 -38.22
C ALA K 18 -77.38 -5.76 -37.88
N ALA K 19 -76.20 -5.41 -38.39
CA ALA K 19 -75.60 -4.12 -38.10
C ALA K 19 -76.48 -2.97 -38.58
N VAL K 20 -76.91 -3.02 -39.84
CA VAL K 20 -77.68 -1.90 -40.38
C VAL K 20 -79.05 -1.81 -39.69
N VAL K 21 -79.66 -2.97 -39.39
CA VAL K 21 -80.96 -2.94 -38.73
C VAL K 21 -80.84 -2.34 -37.34
N TYR K 22 -79.83 -2.76 -36.58
CA TYR K 22 -79.63 -2.20 -35.23
C TYR K 22 -79.32 -0.72 -35.30
N ALA K 23 -78.53 -0.29 -36.29
CA ALA K 23 -78.19 1.12 -36.41
C ALA K 23 -79.43 1.97 -36.64
N VAL K 24 -80.29 1.56 -37.58
CA VAL K 24 -81.46 2.41 -37.84
C VAL K 24 -82.48 2.32 -36.71
N LEU K 25 -82.61 1.13 -36.08
CA LEU K 25 -83.59 0.99 -35.02
C LEU K 25 -83.13 1.61 -33.70
N THR K 26 -81.85 1.94 -33.57
CA THR K 26 -81.43 2.80 -32.47
C THR K 26 -81.43 4.27 -32.84
N ALA K 27 -81.23 4.60 -34.12
CA ALA K 27 -81.46 5.96 -34.57
C ALA K 27 -82.88 6.39 -34.23
N MET K 28 -83.85 5.51 -34.46
CA MET K 28 -85.20 5.74 -33.96
C MET K 28 -85.40 5.04 -32.63
N PHE K 29 -86.49 5.39 -31.95
CA PHE K 29 -87.03 4.59 -30.85
C PHE K 29 -86.08 4.33 -29.69
N ALA K 30 -85.00 5.11 -29.57
CA ALA K 30 -84.04 4.94 -28.49
C ALA K 30 -83.99 6.17 -27.61
N THR K 31 -83.64 5.96 -26.34
CA THR K 31 -83.70 7.04 -25.36
C THR K 31 -82.69 8.14 -25.67
N GLY K 32 -81.58 7.79 -26.32
CA GLY K 32 -80.57 8.78 -26.62
C GLY K 32 -80.12 8.83 -28.05
N GLY K 33 -80.77 8.07 -28.93
CA GLY K 33 -80.38 8.01 -30.32
C GLY K 33 -79.49 6.82 -30.63
N VAL K 34 -78.58 6.99 -31.59
CA VAL K 34 -77.66 5.92 -31.96
C VAL K 34 -76.87 5.46 -30.73
N GLU K 35 -76.62 4.16 -30.63
CA GLU K 35 -75.97 3.61 -29.45
C GLU K 35 -74.45 3.75 -29.51
N TRP K 36 -73.87 3.70 -30.71
CA TRP K 36 -72.49 4.10 -30.98
C TRP K 36 -71.45 3.10 -30.46
N ALA K 37 -71.87 2.08 -29.74
CA ALA K 37 -70.96 1.02 -29.31
C ALA K 37 -71.25 -0.30 -29.99
N GLY K 38 -72.47 -0.82 -29.83
CA GLY K 38 -72.84 -2.02 -30.56
C GLY K 38 -72.82 -1.82 -32.06
N THR K 39 -73.13 -0.61 -32.53
CA THR K 39 -73.06 -0.31 -33.95
C THR K 39 -71.63 -0.49 -34.46
N THR K 40 -70.66 0.12 -33.79
CA THR K 40 -69.27 -0.02 -34.18
C THR K 40 -68.83 -1.47 -34.12
N ALA K 41 -69.20 -2.18 -33.06
CA ALA K 41 -68.80 -3.57 -32.91
C ALA K 41 -69.33 -4.42 -34.05
N LEU K 42 -70.61 -4.27 -34.40
CA LEU K 42 -71.20 -5.07 -35.47
C LEU K 42 -70.59 -4.70 -36.82
N VAL K 43 -70.38 -3.40 -37.07
CA VAL K 43 -69.80 -2.97 -38.33
C VAL K 43 -68.42 -3.59 -38.53
N LEU K 44 -67.59 -3.55 -37.49
CA LEU K 44 -66.24 -4.07 -37.68
C LEU K 44 -66.16 -5.59 -37.57
N THR K 45 -67.16 -6.24 -36.97
CA THR K 45 -67.27 -7.69 -37.12
C THR K 45 -67.58 -8.06 -38.57
N THR K 46 -68.52 -7.33 -39.19
CA THR K 46 -68.76 -7.49 -40.61
C THR K 46 -67.47 -7.29 -41.41
N GLY K 47 -66.68 -6.29 -41.02
CA GLY K 47 -65.41 -6.06 -41.70
C GLY K 47 -64.45 -7.23 -41.58
N LEU K 48 -64.34 -7.80 -40.37
CA LEU K 48 -63.53 -9.00 -40.17
C LEU K 48 -63.94 -10.12 -41.13
N THR K 49 -65.23 -10.47 -41.10
CA THR K 49 -65.70 -11.56 -41.95
C THR K 49 -65.50 -11.24 -43.43
N LEU K 50 -65.67 -9.97 -43.81
CA LEU K 50 -65.51 -9.57 -45.20
C LEU K 50 -64.06 -9.73 -45.65
N ILE K 51 -63.12 -9.30 -44.83
CA ILE K 51 -61.70 -9.44 -45.16
C ILE K 51 -61.36 -10.91 -45.38
N THR K 52 -61.74 -11.76 -44.42
CA THR K 52 -61.36 -13.17 -44.55
C THR K 52 -62.04 -13.84 -45.74
N GLY K 53 -63.33 -13.59 -45.93
CA GLY K 53 -64.03 -14.20 -47.05
C GLY K 53 -63.54 -13.71 -48.39
N THR K 54 -63.16 -12.44 -48.48
CA THR K 54 -62.62 -11.91 -49.74
C THR K 54 -61.27 -12.53 -50.06
N PHE K 55 -60.40 -12.67 -49.06
CA PHE K 55 -59.13 -13.36 -49.31
C PHE K 55 -59.36 -14.79 -49.77
N PHE K 56 -60.26 -15.50 -49.11
CA PHE K 56 -60.50 -16.90 -49.49
C PHE K 56 -61.11 -17.00 -50.88
N ARG K 57 -61.99 -16.06 -51.24
CA ARG K 57 -62.59 -16.07 -52.57
C ARG K 57 -61.54 -15.80 -53.64
N PHE K 58 -60.65 -14.83 -53.40
CA PHE K 58 -59.59 -14.54 -54.37
C PHE K 58 -58.64 -15.73 -54.52
N VAL K 59 -58.36 -16.44 -53.41
CA VAL K 59 -57.52 -17.63 -53.52
C VAL K 59 -58.23 -18.72 -54.30
N ALA K 60 -59.51 -18.94 -54.04
CA ALA K 60 -60.23 -20.03 -54.70
C ALA K 60 -60.46 -19.76 -56.18
N ARG K 61 -60.57 -18.48 -56.57
CA ARG K 61 -60.87 -18.17 -57.96
C ARG K 61 -59.67 -18.39 -58.89
N ARG K 62 -58.49 -18.68 -58.35
CA ARG K 62 -57.32 -18.90 -59.18
C ARG K 62 -56.54 -20.13 -58.72
N LEU K 63 -57.25 -21.22 -58.42
CA LEU K 63 -56.62 -22.43 -57.92
C LEU K 63 -57.28 -23.65 -58.54
N ASP K 64 -56.48 -24.65 -58.89
CA ASP K 64 -57.00 -25.91 -59.38
C ASP K 64 -57.50 -26.76 -58.22
N THR K 65 -58.41 -27.69 -58.53
CA THR K 65 -59.03 -28.50 -57.50
C THR K 65 -57.97 -29.30 -56.75
N ARG K 66 -58.09 -29.31 -55.42
CA ARG K 66 -57.18 -30.02 -54.53
C ARG K 66 -57.72 -31.41 -54.24
N PRO K 67 -56.85 -32.37 -53.92
CA PRO K 67 -57.33 -33.72 -53.59
C PRO K 67 -58.33 -33.77 -52.44
N GLU K 68 -58.31 -32.80 -51.53
CA GLU K 68 -59.25 -32.78 -50.43
C GLU K 68 -60.53 -32.01 -50.75
N ASP K 69 -60.59 -31.36 -51.90
CA ASP K 69 -61.81 -30.68 -52.34
C ASP K 69 -62.56 -31.47 -53.41
N TYR K 70 -62.13 -32.68 -53.71
CA TYR K 70 -62.68 -33.48 -54.80
C TYR K 70 -62.97 -34.88 -54.28
N GLU K 71 -64.25 -35.27 -54.29
CA GLU K 71 -64.58 -36.66 -54.04
C GLU K 71 -64.18 -37.50 -55.24
N ASP K 72 -64.05 -38.81 -55.00
CA ASP K 72 -63.45 -39.77 -55.93
C ASP K 72 -61.96 -39.54 -56.09
N ALA K 73 -61.36 -38.75 -55.20
CA ALA K 73 -59.92 -38.64 -55.15
C ALA K 73 -59.33 -39.84 -54.41
N GLU K 74 -58.12 -40.21 -54.80
CA GLU K 74 -57.43 -41.36 -54.22
C GLU K 74 -56.36 -40.88 -53.25
N ILE K 75 -56.01 -41.77 -52.33
CA ILE K 75 -55.00 -41.44 -51.33
C ILE K 75 -53.61 -41.42 -51.95
N SER K 76 -53.43 -42.08 -53.09
CA SER K 76 -52.18 -41.95 -53.83
C SER K 76 -52.11 -40.67 -54.63
N ASP K 77 -53.17 -39.86 -54.65
CA ASP K 77 -53.11 -38.56 -55.32
C ASP K 77 -52.37 -37.55 -54.46
N GLY K 78 -52.52 -37.62 -53.15
CA GLY K 78 -51.83 -36.74 -52.24
C GLY K 78 -50.39 -37.11 -51.97
N ALA K 79 -49.93 -38.23 -52.52
CA ALA K 79 -48.54 -38.65 -52.31
C ALA K 79 -47.58 -37.55 -52.75
N GLY K 80 -46.54 -37.36 -51.95
CA GLY K 80 -45.59 -36.29 -52.25
C GLY K 80 -44.81 -35.89 -51.04
N GLU K 81 -44.64 -34.58 -50.87
CA GLU K 81 -43.80 -34.02 -49.82
C GLU K 81 -44.47 -32.75 -49.31
N LEU K 82 -44.89 -32.77 -48.05
CA LEU K 82 -45.55 -31.63 -47.42
C LEU K 82 -44.52 -30.58 -47.05
N GLY K 83 -44.93 -29.56 -46.30
CA GLY K 83 -44.04 -28.49 -45.91
C GLY K 83 -43.07 -28.87 -44.81
N PHE K 84 -42.62 -27.87 -44.08
CA PHE K 84 -41.71 -28.03 -42.96
C PHE K 84 -42.46 -27.82 -41.66
N PHE K 85 -42.36 -28.77 -40.74
CA PHE K 85 -43.00 -28.69 -39.44
C PHE K 85 -41.93 -28.82 -38.37
N ALA K 86 -41.84 -27.82 -37.50
CA ALA K 86 -40.73 -27.70 -36.58
C ALA K 86 -40.73 -28.80 -35.53
N PRO K 87 -39.64 -29.54 -35.39
CA PRO K 87 -39.45 -30.37 -34.20
C PRO K 87 -39.11 -29.51 -32.99
N HIS K 88 -38.67 -30.16 -31.91
CA HIS K 88 -38.43 -29.56 -30.61
C HIS K 88 -37.90 -28.12 -30.63
N SER K 89 -38.43 -27.28 -29.75
CA SER K 89 -37.97 -25.91 -29.57
C SER K 89 -38.30 -25.44 -28.17
N TRP K 90 -37.41 -24.64 -27.58
CA TRP K 90 -37.60 -24.12 -26.23
C TRP K 90 -37.84 -22.63 -26.19
N TRP K 91 -37.97 -21.97 -27.33
CA TRP K 91 -38.18 -20.53 -27.38
C TRP K 91 -39.58 -20.08 -26.97
N PRO K 92 -40.65 -20.86 -27.22
CA PRO K 92 -41.98 -20.42 -26.76
C PRO K 92 -42.08 -20.14 -25.27
N ILE K 93 -41.47 -20.97 -24.42
CA ILE K 93 -41.61 -20.75 -22.98
C ILE K 93 -40.84 -19.51 -22.56
N LEU K 94 -39.72 -19.21 -23.21
CA LEU K 94 -38.99 -17.98 -22.92
C LEU K 94 -39.78 -16.76 -23.36
N ILE K 95 -40.44 -16.85 -24.51
CA ILE K 95 -41.30 -15.75 -24.97
C ILE K 95 -42.41 -15.50 -23.95
N SER K 96 -43.00 -16.58 -23.45
CA SER K 96 -44.08 -16.44 -22.47
C SER K 96 -43.56 -15.83 -21.17
N LEU K 97 -42.38 -16.24 -20.72
CA LEU K 97 -41.83 -15.67 -19.49
C LEU K 97 -41.52 -14.19 -19.66
N SER K 98 -41.02 -13.79 -20.83
CA SER K 98 -40.75 -12.37 -21.08
C SER K 98 -42.04 -11.56 -21.08
N PHE K 99 -43.06 -12.07 -21.78
CA PHE K 99 -44.34 -11.36 -21.81
C PHE K 99 -44.96 -11.27 -20.42
N SER K 100 -44.81 -12.32 -19.61
CA SER K 100 -45.34 -12.28 -18.25
C SER K 100 -44.58 -11.27 -17.40
N THR K 101 -43.26 -11.15 -17.59
CA THR K 101 -42.49 -10.15 -16.88
C THR K 101 -42.99 -8.74 -17.22
N ALA K 102 -43.20 -8.48 -18.51
CA ALA K 102 -43.71 -7.16 -18.90
C ALA K 102 -45.11 -6.92 -18.36
N ALA K 103 -45.94 -7.97 -18.31
CA ALA K 103 -47.31 -7.82 -17.81
C ALA K 103 -47.33 -7.54 -16.32
N VAL K 104 -46.43 -8.18 -15.56
CA VAL K 104 -46.34 -7.90 -14.13
C VAL K 104 -45.82 -6.49 -13.90
N GLY K 105 -44.85 -6.06 -14.71
CA GLY K 105 -44.35 -4.70 -14.60
C GLY K 105 -45.39 -3.65 -14.97
N ALA K 106 -46.37 -4.02 -15.81
CA ALA K 106 -47.47 -3.12 -16.10
C ALA K 106 -48.54 -3.14 -15.02
N ALA K 107 -48.81 -4.31 -14.43
CA ALA K 107 -49.78 -4.40 -13.34
C ALA K 107 -49.31 -3.59 -12.15
N LEU K 108 -48.11 -3.87 -11.66
CA LEU K 108 -47.48 -3.05 -10.63
C LEU K 108 -46.65 -2.01 -11.34
N TRP K 109 -47.02 -0.73 -11.20
CA TRP K 109 -46.50 0.28 -12.12
C TRP K 109 -45.01 0.49 -11.90
N LEU K 110 -44.20 -0.23 -12.67
CA LEU K 110 -42.74 -0.23 -12.53
C LEU K 110 -42.14 -0.10 -13.93
N PRO K 111 -41.76 1.12 -14.34
CA PRO K 111 -41.29 1.31 -15.71
C PRO K 111 -39.99 0.58 -16.02
N TRP K 112 -39.11 0.40 -15.04
CA TRP K 112 -37.90 -0.38 -15.28
C TRP K 112 -38.23 -1.83 -15.60
N LEU K 113 -39.22 -2.38 -14.91
CA LEU K 113 -39.64 -3.75 -15.19
C LEU K 113 -40.34 -3.85 -16.53
N ILE K 114 -41.13 -2.83 -16.89
CA ILE K 114 -41.76 -2.82 -18.22
C ILE K 114 -40.69 -2.80 -19.31
N ALA K 115 -39.65 -1.99 -19.14
CA ALA K 115 -38.61 -1.89 -20.16
C ALA K 115 -37.81 -3.18 -20.25
N ALA K 116 -37.48 -3.79 -19.10
CA ALA K 116 -36.78 -5.07 -19.11
C ALA K 116 -37.62 -6.14 -19.79
N GLY K 117 -38.92 -6.17 -19.52
CA GLY K 117 -39.78 -7.15 -20.17
C GLY K 117 -39.85 -6.94 -21.67
N VAL K 118 -39.91 -5.68 -22.10
CA VAL K 118 -39.96 -5.42 -23.55
C VAL K 118 -38.67 -5.87 -24.22
N ALA K 119 -37.52 -5.59 -23.59
CA ALA K 119 -36.25 -6.03 -24.16
C ALA K 119 -36.17 -7.55 -24.22
N PHE K 120 -36.63 -8.23 -23.16
CA PHE K 120 -36.62 -9.69 -23.17
C PHE K 120 -37.53 -10.24 -24.26
N VAL K 121 -38.68 -9.58 -24.49
CA VAL K 121 -39.60 -10.03 -25.53
C VAL K 121 -38.94 -9.89 -26.90
N ILE K 122 -38.27 -8.77 -27.14
CA ILE K 122 -37.58 -8.59 -28.41
C ILE K 122 -36.53 -9.67 -28.60
N THR K 123 -35.72 -9.93 -27.56
CA THR K 123 -34.66 -10.92 -27.67
C THR K 123 -35.21 -12.31 -27.97
N SER K 124 -36.25 -12.72 -27.25
CA SER K 124 -36.78 -14.07 -27.43
C SER K 124 -37.51 -14.22 -28.75
N VAL K 125 -38.17 -13.17 -29.24
CA VAL K 125 -38.80 -13.24 -30.55
C VAL K 125 -37.73 -13.31 -31.65
N CYS K 126 -36.64 -12.55 -31.48
CA CYS K 126 -35.51 -12.69 -32.39
C CYS K 126 -35.01 -14.13 -32.42
N GLY K 127 -34.82 -14.73 -31.25
CA GLY K 127 -34.36 -16.11 -31.20
C GLY K 127 -35.31 -17.07 -31.88
N LEU K 128 -36.62 -16.88 -31.70
CA LEU K 128 -37.58 -17.75 -32.36
C LEU K 128 -37.53 -17.58 -33.87
N VAL K 129 -37.39 -16.34 -34.35
CA VAL K 129 -37.46 -16.10 -35.79
C VAL K 129 -36.19 -16.55 -36.50
N PHE K 130 -35.02 -16.47 -35.85
CA PHE K 130 -33.77 -16.81 -36.49
C PHE K 130 -33.35 -18.26 -36.27
N GLU K 131 -34.20 -19.08 -35.64
CA GLU K 131 -33.74 -20.38 -35.14
C GLU K 131 -33.26 -21.29 -36.26
N TYR K 132 -34.05 -21.44 -37.32
CA TYR K 132 -33.74 -22.36 -38.41
C TYR K 132 -33.04 -21.66 -39.56
N TYR K 133 -32.40 -20.53 -39.31
CA TYR K 133 -31.71 -19.78 -40.35
C TYR K 133 -30.28 -19.41 -40.01
N TRP K 134 -29.87 -19.47 -38.74
CA TRP K 134 -28.47 -19.31 -38.41
C TRP K 134 -27.63 -20.32 -39.17
N GLY K 135 -26.51 -19.85 -39.72
CA GLY K 135 -25.58 -20.73 -40.39
C GLY K 135 -24.57 -21.29 -39.42
N PRO K 136 -23.66 -22.13 -39.91
CA PRO K 136 -22.59 -22.64 -39.05
C PRO K 136 -21.68 -21.51 -38.59
N GLU K 137 -21.04 -21.73 -37.45
CA GLU K 137 -20.18 -20.71 -36.88
C GLU K 137 -18.91 -20.55 -37.71
N LYS K 138 -18.48 -19.30 -37.87
CA LYS K 138 -17.38 -18.97 -38.78
C LYS K 138 -16.01 -19.16 -38.16
N HIS K 139 -15.93 -19.60 -36.91
CA HIS K 139 -14.67 -19.94 -36.26
C HIS K 139 -13.66 -18.78 -36.30
N MET L 1 -82.18 -23.06 12.35
CA MET L 1 -81.40 -23.26 13.56
C MET L 1 -80.86 -24.69 13.63
N SER L 2 -80.82 -25.24 14.83
CA SER L 2 -80.35 -26.61 15.06
C SER L 2 -78.91 -26.79 14.55
N THR L 3 -78.00 -26.08 15.21
CA THR L 3 -76.60 -26.08 14.83
C THR L 3 -76.04 -27.49 14.72
N ALA L 4 -76.20 -28.28 15.79
CA ALA L 4 -75.66 -29.64 15.79
C ALA L 4 -76.32 -30.49 14.70
N LEU L 5 -77.60 -30.26 14.44
CA LEU L 5 -78.29 -31.03 13.42
C LEU L 5 -77.73 -30.72 12.03
N THR L 6 -77.59 -29.43 11.72
CA THR L 6 -77.02 -29.04 10.42
C THR L 6 -75.61 -29.57 10.26
N HIS L 7 -74.81 -29.49 11.34
CA HIS L 7 -73.45 -30.02 11.26
C HIS L 7 -73.45 -31.52 10.99
N GLY L 8 -74.26 -32.26 11.74
CA GLY L 8 -74.33 -33.70 11.54
C GLY L 8 -74.75 -34.07 10.13
N LEU L 9 -75.79 -33.42 9.61
CA LEU L 9 -76.23 -33.72 8.25
C LEU L 9 -75.15 -33.40 7.24
N ILE L 10 -74.62 -32.17 7.27
CA ILE L 10 -73.63 -31.75 6.28
C ILE L 10 -72.41 -32.65 6.32
N GLY L 11 -72.03 -33.13 7.50
CA GLY L 11 -70.85 -33.96 7.62
C GLY L 11 -71.08 -35.45 7.42
N GLY L 12 -72.33 -35.90 7.50
CA GLY L 12 -72.60 -37.32 7.46
C GLY L 12 -73.30 -37.84 6.22
N VAL L 13 -74.21 -37.04 5.64
CA VAL L 13 -74.97 -37.52 4.48
C VAL L 13 -74.07 -37.85 3.30
N PRO L 14 -73.08 -37.02 2.92
CA PRO L 14 -72.19 -37.42 1.81
C PRO L 14 -71.46 -38.72 2.07
N LEU L 15 -71.00 -38.96 3.30
CA LEU L 15 -70.26 -40.18 3.58
C LEU L 15 -71.16 -41.41 3.51
N VAL L 16 -72.37 -41.31 4.06
CA VAL L 16 -73.31 -42.43 3.98
C VAL L 16 -73.64 -42.74 2.53
N LEU L 17 -73.91 -41.71 1.72
CA LEU L 17 -74.24 -41.94 0.32
C LEU L 17 -73.06 -42.57 -0.42
N PHE L 18 -71.85 -42.05 -0.17
CA PHE L 18 -70.65 -42.62 -0.76
C PHE L 18 -70.53 -44.10 -0.43
N ALA L 19 -70.68 -44.44 0.85
CA ALA L 19 -70.53 -45.83 1.27
C ALA L 19 -71.57 -46.73 0.61
N VAL L 20 -72.82 -46.26 0.53
CA VAL L 20 -73.87 -47.09 -0.05
C VAL L 20 -73.60 -47.33 -1.54
N LEU L 21 -73.31 -46.27 -2.28
CA LEU L 21 -73.05 -46.43 -3.71
C LEU L 21 -71.79 -47.25 -3.96
N ALA L 22 -70.78 -47.12 -3.10
CA ALA L 22 -69.57 -47.93 -3.24
C ALA L 22 -69.87 -49.41 -3.00
N LEU L 23 -70.69 -49.71 -1.99
CA LEU L 23 -71.07 -51.10 -1.76
C LEU L 23 -71.86 -51.65 -2.96
N ILE L 24 -72.72 -50.81 -3.55
CA ILE L 24 -73.54 -51.28 -4.66
C ILE L 24 -72.68 -51.53 -5.90
N PHE L 25 -71.64 -50.72 -6.11
CA PHE L 25 -70.91 -50.78 -7.38
C PHE L 25 -69.59 -51.54 -7.31
N LEU L 26 -68.73 -51.25 -6.34
CA LEU L 26 -67.40 -51.85 -6.29
C LEU L 26 -67.42 -53.32 -5.89
N THR L 27 -68.55 -53.84 -5.43
CA THR L 27 -68.67 -55.26 -5.12
C THR L 27 -69.13 -56.09 -6.29
N ARG L 28 -69.37 -55.46 -7.44
CA ARG L 28 -69.72 -56.20 -8.65
C ARG L 28 -68.49 -56.92 -9.19
N LYS L 29 -68.66 -57.62 -10.31
CA LYS L 29 -67.61 -58.45 -10.88
C LYS L 29 -66.99 -57.73 -12.07
N GLY L 30 -65.67 -57.67 -12.10
CA GLY L 30 -64.95 -57.06 -13.20
C GLY L 30 -64.87 -57.99 -14.38
N PRO L 31 -64.47 -57.43 -15.53
CA PRO L 31 -64.33 -58.25 -16.74
C PRO L 31 -63.07 -59.07 -16.79
N HIS L 32 -62.15 -58.90 -15.84
CA HIS L 32 -60.93 -59.69 -15.82
C HIS L 32 -61.28 -61.17 -15.65
N PRO L 33 -60.66 -62.06 -16.41
CA PRO L 33 -61.02 -63.47 -16.32
C PRO L 33 -60.52 -64.11 -15.04
N ASP L 34 -61.13 -65.23 -14.69
CA ASP L 34 -60.79 -65.93 -13.46
C ASP L 34 -59.41 -66.58 -13.57
N THR L 35 -58.74 -66.70 -12.43
CA THR L 35 -57.41 -67.27 -12.40
C THR L 35 -57.47 -68.76 -12.71
N TYR L 36 -56.49 -69.24 -13.49
CA TYR L 36 -56.48 -70.63 -13.91
C TYR L 36 -56.10 -71.55 -12.76
N LYS L 37 -56.91 -72.59 -12.56
CA LYS L 37 -56.63 -73.61 -11.56
C LYS L 37 -55.87 -74.75 -12.21
N MET L 38 -54.80 -75.19 -11.53
CA MET L 38 -53.96 -76.25 -12.09
C MET L 38 -54.65 -77.61 -12.11
N SER L 39 -55.86 -77.72 -11.56
CA SER L 39 -56.58 -78.99 -11.58
C SER L 39 -57.33 -79.19 -12.89
N ASP L 40 -57.91 -78.13 -13.43
CA ASP L 40 -58.63 -78.20 -14.69
C ASP L 40 -57.66 -78.19 -15.87
N PRO L 41 -58.10 -78.63 -17.05
CA PRO L 41 -57.21 -78.62 -18.21
C PRO L 41 -56.96 -77.21 -18.72
N TRP L 42 -55.81 -77.06 -19.39
CA TRP L 42 -55.44 -75.79 -20.01
C TRP L 42 -56.29 -75.58 -21.26
N THR L 43 -57.21 -74.62 -21.19
CA THR L 43 -58.10 -74.33 -22.32
C THR L 43 -57.72 -73.07 -23.09
N HIS L 44 -56.83 -72.24 -22.54
CA HIS L 44 -56.42 -71.03 -23.22
C HIS L 44 -55.48 -71.36 -24.38
N ALA L 45 -55.34 -70.39 -25.28
CA ALA L 45 -54.40 -70.53 -26.38
C ALA L 45 -52.97 -70.57 -25.83
N PRO L 46 -52.01 -71.06 -26.62
CA PRO L 46 -50.62 -71.06 -26.16
C PRO L 46 -50.08 -69.64 -26.03
N ILE L 47 -49.21 -69.46 -25.04
CA ILE L 47 -48.66 -68.16 -24.70
C ILE L 47 -47.14 -68.22 -24.81
N LEU L 48 -46.54 -67.16 -25.36
CA LEU L 48 -45.10 -67.02 -25.41
C LEU L 48 -44.73 -65.61 -24.99
N TRP L 49 -43.92 -65.50 -23.93
CA TRP L 49 -43.53 -64.22 -23.35
C TRP L 49 -42.02 -64.08 -23.42
N ALA L 50 -41.55 -62.95 -23.93
CA ALA L 50 -40.13 -62.67 -24.07
C ALA L 50 -39.76 -61.53 -23.13
N ALA L 51 -38.49 -61.12 -23.19
CA ALA L 51 -37.95 -60.15 -22.25
C ALA L 51 -37.84 -58.74 -22.79
N GLU L 52 -37.62 -58.58 -24.11
CA GLU L 52 -37.57 -57.28 -24.77
C GLU L 52 -36.34 -56.47 -24.37
N GLU L 53 -35.55 -56.97 -23.41
CA GLU L 53 -34.52 -56.14 -22.81
C GLU L 53 -33.28 -55.99 -23.69
N PRO L 54 -32.62 -57.07 -24.11
CA PRO L 54 -31.42 -56.88 -24.95
C PRO L 54 -31.82 -56.41 -26.34
N ARG L 55 -31.48 -55.16 -26.66
CA ARG L 55 -31.84 -54.54 -27.92
C ARG L 55 -30.74 -54.75 -28.96
N GLU L 56 -31.15 -54.78 -30.22
CA GLU L 56 -30.21 -54.99 -31.32
C GLU L 56 -30.13 -53.77 -32.22
N VAL L 69 -30.24 -70.33 -34.77
CA VAL L 69 -31.24 -71.19 -34.15
C VAL L 69 -30.60 -72.46 -33.59
N VAL L 70 -29.27 -72.54 -33.71
CA VAL L 70 -28.55 -73.71 -33.22
C VAL L 70 -28.72 -73.83 -31.72
N ILE L 71 -29.26 -74.97 -31.28
CA ILE L 71 -29.52 -75.20 -29.86
C ILE L 71 -28.22 -75.55 -29.16
N GLY L 72 -28.10 -75.13 -27.91
CA GLY L 72 -26.87 -75.34 -27.16
C GLY L 72 -27.02 -76.17 -25.90
N GLY L 73 -28.23 -76.62 -25.58
CA GLY L 73 -28.42 -77.41 -24.39
C GLY L 73 -29.88 -77.64 -24.08
N GLY L 74 -30.14 -78.11 -22.87
CA GLY L 74 -31.50 -78.37 -22.46
C GLY L 74 -31.54 -79.13 -21.15
N ALA L 75 -32.76 -79.22 -20.61
CA ALA L 75 -33.02 -79.92 -19.36
C ALA L 75 -34.51 -80.19 -19.28
N SER L 76 -34.88 -81.24 -18.55
CA SER L 76 -36.27 -81.68 -18.51
C SER L 76 -36.67 -82.09 -17.11
N GLY L 77 -37.97 -82.20 -16.90
CA GLY L 77 -38.52 -82.62 -15.63
C GLY L 77 -40.00 -82.86 -15.77
N LYS L 78 -40.56 -83.51 -14.74
CA LYS L 78 -41.96 -83.93 -14.77
C LYS L 78 -42.64 -83.62 -13.45
N TRP L 79 -42.40 -82.42 -12.93
CA TRP L 79 -42.93 -82.00 -11.63
C TRP L 79 -42.47 -82.94 -10.53
N GLU M 13 -61.99 -67.32 -38.95
CA GLU M 13 -61.19 -66.51 -38.03
C GLU M 13 -59.80 -66.25 -38.59
N LEU M 14 -59.38 -67.07 -39.56
CA LEU M 14 -58.11 -66.86 -40.22
C LEU M 14 -58.32 -65.96 -41.43
N ASP M 15 -59.52 -65.38 -41.53
CA ASP M 15 -59.86 -64.45 -42.59
C ASP M 15 -60.39 -63.14 -42.01
N LEU M 16 -59.63 -62.55 -41.09
CA LEU M 16 -59.95 -61.23 -40.53
C LEU M 16 -61.28 -61.28 -39.78
N PRO M 17 -61.30 -61.85 -38.57
CA PRO M 17 -62.55 -62.24 -37.92
C PRO M 17 -63.41 -61.09 -37.39
N TYR M 18 -64.27 -60.54 -38.25
CA TYR M 18 -65.39 -59.68 -37.85
C TYR M 18 -64.91 -58.44 -37.09
N GLY M 19 -64.24 -57.58 -37.84
CA GLY M 19 -63.81 -56.30 -37.34
C GLY M 19 -62.43 -55.98 -37.86
N SER M 20 -61.62 -57.02 -38.00
CA SER M 20 -60.29 -56.87 -38.55
C SER M 20 -60.37 -56.70 -40.07
N ALA M 21 -59.43 -55.93 -40.60
CA ALA M 21 -59.37 -55.66 -42.03
C ALA M 21 -57.93 -55.41 -42.43
N LEU M 22 -57.59 -55.81 -43.64
CA LEU M 22 -56.26 -55.53 -44.18
C LEU M 22 -56.23 -54.11 -44.73
N THR M 23 -55.14 -53.40 -44.46
CA THR M 23 -55.01 -52.00 -44.83
C THR M 23 -54.14 -51.87 -46.07
N SER M 24 -53.80 -50.63 -46.43
CA SER M 24 -52.95 -50.38 -47.59
C SER M 24 -51.56 -50.96 -47.39
N SER M 25 -51.10 -51.03 -46.14
CA SER M 25 -49.90 -51.76 -45.78
C SER M 25 -50.30 -53.17 -45.31
N GLY M 26 -49.33 -53.90 -44.77
CA GLY M 26 -49.65 -55.22 -44.24
C GLY M 26 -50.23 -55.22 -42.85
N ARG M 27 -50.58 -54.07 -42.32
CA ARG M 27 -51.04 -53.97 -40.94
C ARG M 27 -52.52 -54.34 -40.84
N ILE M 28 -52.87 -54.96 -39.72
CA ILE M 28 -54.25 -55.33 -39.41
C ILE M 28 -54.86 -54.24 -38.53
N SER M 29 -56.17 -54.05 -38.64
CA SER M 29 -56.89 -53.05 -37.85
C SER M 29 -58.09 -53.75 -37.21
N ALA M 30 -57.89 -54.24 -35.98
CA ALA M 30 -58.91 -54.98 -35.27
C ALA M 30 -59.73 -54.05 -34.38
N VAL M 31 -60.85 -54.57 -33.87
CA VAL M 31 -61.74 -53.83 -32.99
C VAL M 31 -62.14 -54.74 -31.83
N THR M 32 -62.85 -54.16 -30.87
CA THR M 32 -63.40 -54.89 -29.74
C THR M 32 -64.76 -54.31 -29.43
N GLU M 33 -65.62 -55.10 -28.80
CA GLU M 33 -66.95 -54.61 -28.48
C GLU M 33 -66.89 -53.73 -27.23
N PRO M 34 -67.83 -52.78 -27.09
CA PRO M 34 -67.65 -51.70 -26.11
C PRO M 34 -67.40 -52.13 -24.67
N GLY M 35 -67.62 -53.39 -24.31
CA GLY M 35 -67.42 -53.78 -22.92
C GLY M 35 -66.41 -54.88 -22.71
N GLU M 36 -65.68 -55.25 -23.76
CA GLU M 36 -64.82 -56.41 -23.73
C GLU M 36 -63.34 -56.00 -23.64
N LEU M 37 -62.52 -56.94 -23.18
CA LEU M 37 -61.09 -56.76 -23.14
C LEU M 37 -60.44 -57.45 -24.33
N SER M 38 -59.13 -57.27 -24.49
CA SER M 38 -58.40 -57.82 -25.64
C SER M 38 -57.09 -58.47 -25.25
N VAL M 39 -56.99 -59.02 -24.04
CA VAL M 39 -55.78 -59.73 -23.62
C VAL M 39 -56.11 -61.14 -23.18
N HIS M 40 -57.05 -61.30 -22.25
CA HIS M 40 -57.57 -62.59 -21.82
C HIS M 40 -56.46 -63.52 -21.30
N TYR M 41 -55.80 -63.06 -20.23
CA TYR M 41 -54.83 -63.89 -19.54
C TYR M 41 -55.41 -64.31 -18.19
N PRO M 42 -55.57 -65.61 -17.93
CA PRO M 42 -56.21 -66.03 -16.68
C PRO M 42 -55.31 -65.92 -15.46
N PHE M 43 -54.72 -64.75 -15.24
CA PHE M 43 -53.83 -64.52 -14.12
C PHE M 43 -54.08 -63.11 -13.58
N PRO M 44 -53.77 -62.88 -12.30
CA PRO M 44 -53.92 -61.53 -11.75
C PRO M 44 -52.95 -60.54 -12.38
N THR M 45 -53.41 -59.30 -12.46
CA THR M 45 -52.58 -58.23 -13.02
C THR M 45 -51.31 -58.03 -12.19
N MET M 46 -51.44 -58.06 -10.86
CA MET M 46 -50.29 -57.85 -10.01
C MET M 46 -49.37 -59.07 -9.94
N ASP M 47 -49.75 -60.18 -10.58
CA ASP M 47 -48.83 -61.29 -10.76
C ASP M 47 -48.16 -61.25 -12.12
N LEU M 48 -48.91 -60.84 -13.15
CA LEU M 48 -48.29 -60.57 -14.44
C LEU M 48 -47.24 -59.46 -14.33
N VAL M 49 -47.46 -58.49 -13.46
CA VAL M 49 -46.50 -57.39 -13.31
C VAL M 49 -45.21 -57.91 -12.67
N VAL M 50 -45.33 -58.77 -11.66
CA VAL M 50 -44.14 -59.32 -11.02
C VAL M 50 -43.39 -60.23 -11.98
N LEU M 51 -44.11 -61.01 -12.78
CA LEU M 51 -43.45 -61.86 -13.76
C LEU M 51 -42.73 -61.03 -14.81
N ASP M 52 -43.36 -59.93 -15.27
CA ASP M 52 -42.71 -59.06 -16.24
C ASP M 52 -41.46 -58.41 -15.65
N ASP M 53 -41.55 -57.93 -14.41
CA ASP M 53 -40.39 -57.32 -13.77
C ASP M 53 -39.25 -58.31 -13.61
N ALA M 54 -39.56 -59.53 -13.18
CA ALA M 54 -38.51 -60.55 -13.06
C ALA M 54 -37.91 -60.88 -14.41
N LEU M 55 -38.75 -61.07 -15.42
CA LEU M 55 -38.30 -61.45 -16.74
C LEU M 55 -37.45 -60.35 -17.38
N LYS M 56 -37.68 -59.10 -16.99
CA LYS M 56 -36.89 -57.99 -17.52
C LYS M 56 -35.58 -57.82 -16.77
N TYR M 57 -35.63 -57.75 -15.44
CA TYR M 57 -34.44 -57.47 -14.66
C TYR M 57 -33.52 -58.67 -14.50
N GLY M 58 -33.95 -59.87 -14.89
CA GLY M 58 -33.03 -60.99 -14.95
C GLY M 58 -32.28 -60.98 -16.25
N SER M 59 -33.01 -60.71 -17.34
CA SER M 59 -32.38 -60.61 -18.65
C SER M 59 -31.39 -59.46 -18.71
N ARG M 60 -31.70 -58.34 -18.04
CA ARG M 60 -30.78 -57.21 -18.01
C ARG M 60 -29.46 -57.59 -17.37
N ALA M 61 -29.51 -58.23 -16.21
CA ALA M 61 -28.30 -58.62 -15.50
C ALA M 61 -27.54 -59.76 -16.18
N ALA M 62 -28.23 -60.68 -16.84
CA ALA M 62 -27.57 -61.82 -17.47
C ALA M 62 -27.11 -61.55 -18.90
N LYS M 63 -27.60 -60.48 -19.53
CA LYS M 63 -27.29 -60.19 -20.93
C LYS M 63 -27.71 -61.34 -21.84
N ALA M 64 -28.93 -61.84 -21.59
CA ALA M 64 -29.50 -62.92 -22.38
C ALA M 64 -31.02 -62.89 -22.19
N ARG M 65 -31.74 -63.07 -23.28
CA ARG M 65 -33.21 -63.08 -23.20
C ARG M 65 -33.69 -64.28 -22.41
N PHE M 66 -34.78 -64.08 -21.69
CA PHE M 66 -35.48 -65.15 -21.01
C PHE M 66 -36.91 -65.19 -21.52
N ALA M 67 -37.40 -66.38 -21.83
CA ALA M 67 -38.73 -66.54 -22.40
C ALA M 67 -39.49 -67.64 -21.68
N VAL M 68 -40.81 -67.54 -21.72
CA VAL M 68 -41.71 -68.46 -21.03
C VAL M 68 -42.79 -68.91 -21.99
N TYR M 69 -43.11 -70.21 -21.96
CA TYR M 69 -44.15 -70.81 -22.78
C TYR M 69 -45.04 -71.68 -21.92
N ILE M 70 -46.34 -71.63 -22.17
CA ILE M 70 -47.32 -72.31 -21.32
C ILE M 70 -48.14 -73.36 -22.07
N GLY M 71 -48.29 -73.27 -23.39
CA GLY M 71 -49.14 -74.18 -24.13
C GLY M 71 -48.67 -75.63 -24.12
N PRO M 72 -49.28 -76.45 -24.98
CA PRO M 72 -49.04 -77.90 -24.94
C PRO M 72 -47.80 -78.33 -25.70
N LEU M 73 -47.36 -79.55 -25.40
CA LEU M 73 -46.22 -80.19 -26.04
C LEU M 73 -46.59 -81.62 -26.44
N GLY M 74 -47.70 -81.77 -27.16
CA GLY M 74 -48.22 -83.09 -27.50
C GLY M 74 -47.45 -83.85 -28.55
N ALA M 75 -46.13 -83.91 -28.37
CA ALA M 75 -45.23 -84.63 -29.27
C ALA M 75 -43.96 -84.91 -28.46
N ASP M 76 -42.86 -85.23 -29.15
CA ASP M 76 -41.57 -85.23 -28.48
C ASP M 76 -41.35 -83.85 -27.86
N THR M 77 -41.35 -83.80 -26.53
CA THR M 77 -41.38 -82.51 -25.84
C THR M 77 -40.10 -81.72 -26.10
N ALA M 78 -38.95 -82.40 -26.13
CA ALA M 78 -37.70 -81.71 -26.41
C ALA M 78 -37.71 -81.09 -27.80
N ALA M 79 -38.16 -81.86 -28.80
CA ALA M 79 -38.22 -81.35 -30.16
C ALA M 79 -39.16 -80.18 -30.27
N THR M 80 -40.33 -80.28 -29.64
CA THR M 80 -41.28 -79.17 -29.67
C THR M 80 -40.71 -77.93 -28.98
N ALA M 81 -40.00 -78.10 -27.86
CA ALA M 81 -39.45 -76.96 -27.16
C ALA M 81 -38.37 -76.26 -27.99
N ARG M 82 -37.47 -77.03 -28.59
CA ARG M 82 -36.42 -76.40 -29.38
C ARG M 82 -36.92 -75.93 -30.74
N GLU M 83 -38.11 -76.36 -31.16
CA GLU M 83 -38.74 -75.73 -32.32
C GLU M 83 -39.48 -74.46 -31.92
N ILE M 84 -39.90 -74.38 -30.66
CA ILE M 84 -40.54 -73.16 -30.15
C ILE M 84 -39.51 -72.06 -29.97
N LEU M 85 -38.37 -72.38 -29.36
CA LEU M 85 -37.34 -71.36 -29.12
C LEU M 85 -36.94 -70.61 -30.38
N ALA M 86 -37.13 -71.21 -31.56
CA ALA M 86 -36.82 -70.51 -32.81
C ALA M 86 -37.74 -69.33 -33.09
N ASN M 87 -38.74 -69.08 -32.24
CA ASN M 87 -39.62 -67.93 -32.41
C ASN M 87 -39.20 -66.73 -31.57
N VAL M 88 -38.29 -66.91 -30.62
CA VAL M 88 -37.75 -65.83 -29.81
C VAL M 88 -37.02 -64.88 -30.75
N PRO M 89 -37.09 -63.55 -30.51
CA PRO M 89 -36.43 -62.60 -31.43
C PRO M 89 -34.99 -62.95 -31.80
N THR M 90 -34.11 -63.13 -30.81
CA THR M 90 -32.72 -63.49 -31.05
C THR M 90 -32.47 -64.86 -30.44
N PRO M 91 -32.81 -65.93 -31.16
CA PRO M 91 -32.74 -67.28 -30.56
C PRO M 91 -31.34 -67.71 -30.20
N GLU M 92 -30.32 -67.24 -30.93
CA GLU M 92 -28.96 -67.69 -30.66
C GLU M 92 -28.49 -67.26 -29.28
N ASN M 93 -29.13 -66.24 -28.71
CA ASN M 93 -28.85 -65.77 -27.35
C ASN M 93 -30.17 -65.66 -26.61
N ALA M 94 -30.61 -66.77 -26.03
CA ALA M 94 -31.91 -66.83 -25.37
C ALA M 94 -31.99 -68.10 -24.54
N VAL M 95 -32.86 -68.06 -23.53
CA VAL M 95 -33.14 -69.21 -22.68
C VAL M 95 -34.65 -69.31 -22.54
N LEU M 96 -35.22 -70.43 -23.00
CA LEU M 96 -36.66 -70.62 -22.99
C LEU M 96 -37.05 -71.68 -21.98
N LEU M 97 -38.10 -71.40 -21.22
CA LEU M 97 -38.68 -72.35 -20.27
C LEU M 97 -40.11 -72.62 -20.69
N ALA M 98 -40.41 -73.88 -21.00
CA ALA M 98 -41.73 -74.29 -21.44
C ALA M 98 -42.35 -75.23 -20.43
N VAL M 99 -43.64 -75.04 -20.16
CA VAL M 99 -44.37 -75.84 -19.19
C VAL M 99 -45.68 -76.30 -19.82
N SER M 100 -45.95 -77.60 -19.69
CA SER M 100 -47.25 -78.17 -20.06
C SER M 100 -47.96 -78.59 -18.79
N PRO M 101 -49.05 -77.91 -18.42
CA PRO M 101 -49.78 -78.29 -17.19
C PRO M 101 -50.76 -79.43 -17.39
N ASP M 102 -50.91 -79.93 -18.61
CA ASP M 102 -51.75 -81.10 -18.85
C ASP M 102 -50.91 -82.37 -18.83
N GLN M 103 -49.84 -82.42 -19.62
CA GLN M 103 -48.87 -83.50 -19.55
C GLN M 103 -47.92 -83.35 -18.37
N ARG M 104 -47.94 -82.20 -17.69
CA ARG M 104 -47.11 -81.95 -16.53
C ARG M 104 -45.62 -82.10 -16.87
N ALA M 105 -45.16 -81.30 -17.83
CA ALA M 105 -43.79 -81.39 -18.32
C ALA M 105 -43.12 -80.03 -18.25
N ILE M 106 -41.86 -80.03 -17.80
CA ILE M 106 -41.05 -78.83 -17.70
C ILE M 106 -39.80 -79.03 -18.55
N GLU M 107 -39.54 -78.09 -19.47
CA GLU M 107 -38.35 -78.23 -20.30
C GLU M 107 -37.71 -76.87 -20.56
N VAL M 108 -36.40 -76.82 -20.38
CA VAL M 108 -35.61 -75.61 -20.56
C VAL M 108 -34.66 -75.84 -21.71
N VAL M 109 -34.67 -74.93 -22.69
CA VAL M 109 -33.78 -75.04 -23.84
C VAL M 109 -32.97 -73.76 -23.99
N TYR M 110 -31.77 -73.91 -24.54
CA TYR M 110 -30.75 -72.88 -24.57
C TYR M 110 -30.45 -72.45 -26.00
N GLY M 111 -29.47 -71.56 -26.13
CA GLY M 111 -28.92 -71.22 -27.42
C GLY M 111 -27.42 -71.46 -27.41
N ALA M 112 -26.80 -71.27 -28.58
CA ALA M 112 -25.38 -71.52 -28.70
C ALA M 112 -24.56 -70.45 -27.98
N ASP M 113 -24.88 -69.17 -28.24
CA ASP M 113 -24.11 -68.09 -27.63
C ASP M 113 -24.22 -68.11 -26.11
N VAL M 114 -25.37 -68.51 -25.59
CA VAL M 114 -25.54 -68.69 -24.14
C VAL M 114 -25.13 -70.12 -23.83
N LYS M 115 -23.83 -70.32 -23.68
CA LYS M 115 -23.28 -71.64 -23.35
C LYS M 115 -21.88 -71.50 -22.78
N GLY M 116 -21.62 -72.16 -21.66
CA GLY M 116 -20.41 -71.89 -20.91
C GLY M 116 -20.47 -70.63 -20.08
N ARG M 117 -21.67 -70.09 -19.87
CA ARG M 117 -21.87 -68.90 -19.06
C ARG M 117 -22.58 -69.22 -17.74
N GLY M 118 -22.67 -70.50 -17.37
CA GLY M 118 -23.36 -70.91 -16.17
C GLY M 118 -24.72 -71.51 -16.46
N ILE M 119 -24.89 -72.03 -17.67
CA ILE M 119 -26.20 -72.49 -18.12
C ILE M 119 -26.48 -73.92 -17.67
N GLU M 120 -25.44 -74.72 -17.47
CA GLU M 120 -25.63 -76.13 -17.18
C GLU M 120 -25.98 -76.36 -15.72
N SER M 121 -25.36 -75.62 -14.81
CA SER M 121 -25.68 -75.75 -13.39
C SER M 121 -26.80 -74.85 -12.95
N ALA M 122 -27.69 -74.40 -13.84
CA ALA M 122 -28.79 -73.53 -13.43
C ALA M 122 -30.12 -74.01 -14.01
N ALA M 123 -30.08 -74.75 -15.11
CA ALA M 123 -31.31 -75.27 -15.69
C ALA M 123 -31.97 -76.34 -14.82
N PRO M 124 -31.26 -77.36 -14.32
CA PRO M 124 -31.91 -78.27 -13.36
C PRO M 124 -32.38 -77.57 -12.10
N LEU M 125 -31.68 -76.54 -11.65
CA LEU M 125 -32.14 -75.79 -10.49
C LEU M 125 -33.45 -75.06 -10.79
N GLY M 126 -33.55 -74.46 -11.98
CA GLY M 126 -34.79 -73.84 -12.37
C GLY M 126 -35.94 -74.83 -12.47
N VAL M 127 -35.68 -76.00 -13.07
CA VAL M 127 -36.71 -77.03 -13.18
C VAL M 127 -37.14 -77.49 -11.79
N SER M 128 -36.18 -77.64 -10.88
CA SER M 128 -36.50 -78.09 -9.52
C SER M 128 -37.36 -77.07 -8.80
N ALA M 129 -37.00 -75.79 -8.89
CA ALA M 129 -37.81 -74.75 -8.25
C ALA M 129 -39.21 -74.70 -8.83
N ALA M 130 -39.31 -74.72 -10.17
CA ALA M 130 -40.62 -74.67 -10.80
C ALA M 130 -41.49 -75.86 -10.41
N ALA M 131 -40.90 -77.05 -10.34
CA ALA M 131 -41.68 -78.23 -9.93
C ALA M 131 -42.11 -78.12 -8.48
N ALA M 132 -41.18 -77.76 -7.59
CA ALA M 132 -41.51 -77.64 -6.17
C ALA M 132 -42.60 -76.60 -5.94
N SER M 133 -42.71 -75.61 -6.82
CA SER M 133 -43.81 -74.66 -6.68
C SER M 133 -45.08 -75.10 -7.40
N PHE M 134 -44.95 -75.95 -8.43
CA PHE M 134 -46.13 -76.44 -9.14
C PHE M 134 -46.86 -77.53 -8.37
N LYS M 135 -46.17 -78.22 -7.46
CA LYS M 135 -46.83 -79.28 -6.71
C LYS M 135 -47.85 -78.74 -5.71
N GLU M 136 -48.05 -77.43 -5.65
CA GLU M 136 -49.14 -76.85 -4.88
C GLU M 136 -50.17 -76.14 -5.73
N GLY M 137 -49.85 -75.83 -6.98
CA GLY M 137 -50.81 -75.20 -7.87
C GLY M 137 -50.56 -73.73 -8.13
N ASN M 138 -49.29 -73.32 -8.04
CA ASN M 138 -48.91 -71.92 -8.21
C ASN M 138 -48.08 -71.80 -9.48
N LEU M 139 -48.76 -71.66 -10.61
CA LEU M 139 -48.08 -71.61 -11.90
C LEU M 139 -47.17 -70.38 -12.00
N ILE M 140 -47.74 -69.20 -11.75
CA ILE M 140 -46.98 -67.96 -11.89
C ILE M 140 -45.86 -67.91 -10.88
N ASP M 141 -46.11 -68.40 -9.65
CA ASP M 141 -45.06 -68.40 -8.64
C ASP M 141 -43.90 -69.32 -9.04
N GLY M 142 -44.22 -70.49 -9.58
CA GLY M 142 -43.17 -71.37 -10.06
C GLY M 142 -42.37 -70.74 -11.19
N LEU M 143 -43.06 -70.10 -12.13
CA LEU M 143 -42.36 -69.45 -13.23
C LEU M 143 -41.43 -68.35 -12.72
N ILE M 144 -41.90 -67.53 -11.78
CA ILE M 144 -41.08 -66.44 -11.26
C ILE M 144 -39.88 -66.97 -10.51
N SER M 145 -40.07 -68.03 -9.72
CA SER M 145 -38.95 -68.62 -8.97
C SER M 145 -37.90 -69.19 -9.92
N ALA M 146 -38.34 -69.93 -10.94
CA ALA M 146 -37.41 -70.51 -11.90
C ALA M 146 -36.65 -69.42 -12.64
N VAL M 147 -37.34 -68.36 -13.06
CA VAL M 147 -36.68 -67.28 -13.77
C VAL M 147 -35.66 -66.59 -12.87
N ARG M 148 -36.02 -66.36 -11.60
CA ARG M 148 -35.10 -65.73 -10.67
C ARG M 148 -33.83 -66.55 -10.53
N VAL M 149 -33.96 -67.86 -10.28
CA VAL M 149 -32.78 -68.67 -10.02
C VAL M 149 -31.92 -68.80 -11.28
N MET M 150 -32.54 -68.99 -12.46
CA MET M 150 -31.74 -69.12 -13.67
C MET M 150 -31.06 -67.80 -14.03
N SER M 151 -31.74 -66.67 -13.80
CA SER M 151 -31.14 -65.37 -14.09
C SER M 151 -29.98 -65.07 -13.15
N ALA M 152 -30.12 -65.44 -11.88
CA ALA M 152 -28.99 -65.31 -10.97
C ALA M 152 -27.86 -66.26 -11.33
N GLY M 153 -28.17 -67.39 -11.97
CA GLY M 153 -27.12 -68.30 -12.40
C GLY M 153 -26.32 -67.77 -13.58
N VAL M 154 -27.00 -67.46 -14.69
CA VAL M 154 -26.29 -67.06 -15.90
C VAL M 154 -25.54 -65.75 -15.67
N SER M 155 -24.36 -65.65 -16.28
CA SER M 155 -23.49 -64.48 -16.17
C SER M 155 -23.27 -63.85 -17.55
N PRO M 156 -22.99 -62.55 -17.61
CA PRO M 156 -22.89 -61.88 -18.91
C PRO M 156 -21.58 -62.20 -19.62
N ALA M 157 -21.72 -62.69 -20.85
CA ALA M 157 -20.56 -62.98 -21.69
C ALA M 157 -20.98 -63.16 -23.14
N THR N 26 -19.21 -45.62 -8.14
CA THR N 26 -19.73 -46.99 -8.12
C THR N 26 -20.44 -47.35 -9.43
N GLY N 27 -21.76 -47.18 -9.51
CA GLY N 27 -22.46 -47.43 -10.76
C GLY N 27 -23.95 -47.68 -10.68
N VAL N 28 -24.67 -47.23 -11.71
CA VAL N 28 -26.06 -47.60 -11.96
C VAL N 28 -26.12 -48.30 -13.30
N ASP N 29 -27.32 -48.71 -13.69
CA ASP N 29 -27.50 -49.33 -14.99
C ASP N 29 -27.38 -48.28 -16.10
N VAL N 30 -26.86 -48.71 -17.24
CA VAL N 30 -26.79 -47.82 -18.39
C VAL N 30 -28.16 -47.64 -19.04
N GLU N 31 -29.10 -48.55 -18.75
CA GLU N 31 -30.45 -48.43 -19.27
C GLU N 31 -31.27 -47.38 -18.53
N ASP N 32 -30.83 -46.94 -17.35
CA ASP N 32 -31.46 -45.83 -16.64
C ASP N 32 -30.73 -44.51 -16.86
N VAL N 33 -29.41 -44.52 -16.77
CA VAL N 33 -28.60 -43.33 -17.02
C VAL N 33 -27.67 -43.65 -18.18
N PRO N 34 -27.93 -43.15 -19.39
CA PRO N 34 -27.08 -43.51 -20.53
C PRO N 34 -25.59 -43.23 -20.33
N SER N 35 -25.24 -42.04 -19.85
CA SER N 35 -23.84 -41.68 -19.64
C SER N 35 -23.39 -42.00 -18.22
N ALA N 36 -23.63 -43.24 -17.78
CA ALA N 36 -23.26 -43.63 -16.43
C ALA N 36 -21.76 -43.84 -16.28
N GLU N 37 -21.09 -44.25 -17.35
CA GLU N 37 -19.66 -44.50 -17.33
C GLU N 37 -18.82 -43.25 -17.56
N TRP N 38 -19.47 -42.10 -17.78
CA TRP N 38 -18.76 -40.86 -18.04
C TRP N 38 -18.71 -39.92 -16.84
N GLY N 39 -19.48 -40.19 -15.79
CA GLY N 39 -19.49 -39.29 -14.65
C GLY N 39 -20.24 -39.87 -13.48
N TRP N 40 -20.18 -39.16 -12.37
CA TRP N 40 -20.84 -39.56 -11.14
C TRP N 40 -22.36 -39.53 -11.32
N SER N 41 -23.01 -40.68 -11.22
CA SER N 41 -24.41 -40.82 -11.59
C SER N 41 -25.27 -41.46 -10.52
N HIS N 42 -24.72 -41.82 -9.36
CA HIS N 42 -25.47 -42.55 -8.36
C HIS N 42 -25.31 -41.90 -6.99
N MET N 43 -26.43 -41.74 -6.28
CA MET N 43 -26.43 -41.20 -4.93
C MET N 43 -27.31 -42.12 -4.08
N PRO N 44 -26.80 -42.67 -2.98
CA PRO N 44 -27.56 -43.68 -2.25
C PRO N 44 -28.84 -43.13 -1.64
N ILE N 45 -29.83 -44.01 -1.50
CA ILE N 45 -31.17 -43.60 -1.11
C ILE N 45 -31.29 -43.31 0.39
N GLY N 46 -30.41 -43.88 1.21
CA GLY N 46 -30.45 -43.58 2.64
C GLY N 46 -30.17 -42.12 2.92
N VAL N 47 -29.24 -41.53 2.18
CA VAL N 47 -28.94 -40.10 2.33
C VAL N 47 -30.19 -39.27 2.07
N MET N 48 -30.93 -39.61 1.00
CA MET N 48 -32.11 -38.84 0.65
C MET N 48 -33.22 -39.03 1.68
N HIS N 49 -33.44 -40.26 2.15
CA HIS N 49 -34.47 -40.51 3.14
C HIS N 49 -34.18 -39.76 4.44
N ILE N 50 -32.94 -39.88 4.93
CA ILE N 50 -32.59 -39.22 6.19
C ILE N 50 -32.61 -37.71 6.03
N GLY N 51 -32.20 -37.20 4.86
CA GLY N 51 -32.27 -35.77 4.63
C GLY N 51 -33.69 -35.26 4.64
N GLY N 52 -34.62 -35.98 4.00
CA GLY N 52 -36.01 -35.58 4.06
C GLY N 52 -36.57 -35.58 5.47
N LEU N 53 -36.24 -36.63 6.23
CA LEU N 53 -36.72 -36.69 7.61
C LEU N 53 -36.18 -35.53 8.45
N LEU N 54 -34.90 -35.20 8.28
CA LEU N 54 -34.33 -34.09 9.04
C LEU N 54 -34.86 -32.75 8.58
N SER N 55 -35.17 -32.60 7.29
CA SER N 55 -35.80 -31.37 6.82
C SER N 55 -37.17 -31.19 7.47
N ALA N 56 -37.96 -32.27 7.51
CA ALA N 56 -39.25 -32.19 8.20
C ALA N 56 -39.09 -31.85 9.67
N ALA N 57 -38.09 -32.46 10.32
CA ALA N 57 -37.85 -32.17 11.73
C ALA N 57 -37.48 -30.71 11.94
N PHE N 58 -36.67 -30.14 11.05
CA PHE N 58 -36.31 -28.72 11.15
C PHE N 58 -37.55 -27.84 10.98
N LEU N 59 -38.37 -28.13 9.97
CA LEU N 59 -39.60 -27.38 9.76
C LEU N 59 -40.48 -27.42 11.01
N LEU N 60 -40.52 -28.56 11.70
CA LEU N 60 -41.31 -28.66 12.91
C LEU N 60 -40.70 -27.86 14.05
N VAL N 61 -39.39 -28.01 14.27
CA VAL N 61 -38.71 -27.33 15.36
C VAL N 61 -38.75 -25.81 15.18
N MET N 62 -39.00 -25.32 13.97
CA MET N 62 -39.11 -23.88 13.76
C MET N 62 -40.40 -23.30 14.34
N MET N 63 -41.15 -24.05 15.14
CA MET N 63 -42.33 -23.53 15.82
C MET N 63 -42.01 -22.94 17.19
N ARG N 64 -40.73 -22.86 17.55
CA ARG N 64 -40.30 -22.23 18.78
C ARG N 64 -39.75 -20.85 18.47
N GLY N 65 -40.28 -19.83 19.15
CA GLY N 65 -39.79 -18.49 18.97
C GLY N 65 -40.71 -17.41 19.53
N ASN N 66 -40.95 -16.37 18.75
CA ASN N 66 -41.81 -15.26 19.13
C ASN N 66 -42.76 -14.94 17.98
N HIS N 67 -43.44 -15.97 17.48
CA HIS N 67 -44.21 -15.89 16.24
C HIS N 67 -45.71 -15.81 16.50
N VAL N 68 -46.14 -15.01 17.48
CA VAL N 68 -47.55 -14.88 17.85
C VAL N 68 -48.43 -14.78 16.61
N GLY N 69 -49.54 -15.50 16.62
CA GLY N 69 -50.28 -15.82 15.42
C GLY N 69 -50.02 -17.25 14.98
N HIS N 70 -50.99 -17.80 14.23
CA HIS N 70 -50.93 -19.23 13.92
C HIS N 70 -51.18 -19.53 12.44
N VAL N 71 -51.05 -18.54 11.56
CA VAL N 71 -51.22 -18.81 10.14
C VAL N 71 -50.01 -19.52 9.55
N GLU N 72 -48.84 -19.40 10.16
CA GLU N 72 -47.63 -20.04 9.66
C GLU N 72 -47.45 -21.46 10.16
N ASP N 73 -48.03 -21.78 11.32
CA ASP N 73 -47.95 -23.15 11.82
C ASP N 73 -48.65 -24.11 10.87
N TRP N 74 -49.72 -23.66 10.23
CA TRP N 74 -50.40 -24.50 9.24
C TRP N 74 -49.47 -24.84 8.08
N PHE N 75 -48.75 -23.83 7.57
CA PHE N 75 -47.83 -24.08 6.47
C PHE N 75 -46.70 -25.00 6.91
N LEU N 76 -46.15 -24.79 8.10
CA LEU N 76 -45.07 -25.64 8.57
C LEU N 76 -45.52 -27.09 8.72
N ILE N 77 -46.69 -27.31 9.33
CA ILE N 77 -47.17 -28.67 9.53
C ILE N 77 -47.49 -29.33 8.21
N GLY N 78 -48.15 -28.61 7.30
CA GLY N 78 -48.45 -29.19 6.01
C GLY N 78 -47.22 -29.55 5.19
N PHE N 79 -46.23 -28.65 5.16
CA PHE N 79 -45.01 -28.95 4.42
C PHE N 79 -44.23 -30.09 5.05
N ALA N 80 -44.28 -30.24 6.37
CA ALA N 80 -43.61 -31.40 6.97
C ALA N 80 -44.36 -32.70 6.68
N ALA N 81 -45.69 -32.65 6.70
CA ALA N 81 -46.48 -33.84 6.46
C ALA N 81 -46.31 -34.33 5.03
N VAL N 82 -46.28 -33.41 4.06
CA VAL N 82 -46.08 -33.80 2.67
C VAL N 82 -44.76 -34.52 2.50
N ILE N 83 -43.70 -34.00 3.12
CA ILE N 83 -42.37 -34.60 2.99
C ILE N 83 -42.34 -35.97 3.64
N VAL N 84 -42.94 -36.10 4.82
CA VAL N 84 -42.93 -37.39 5.50
C VAL N 84 -43.72 -38.43 4.70
N ALA N 85 -44.86 -38.02 4.13
CA ALA N 85 -45.65 -38.93 3.33
C ALA N 85 -44.89 -39.37 2.07
N LEU N 86 -44.16 -38.45 1.44
CA LEU N 86 -43.38 -38.81 0.26
C LEU N 86 -42.28 -39.80 0.61
N VAL N 87 -41.55 -39.53 1.69
CA VAL N 87 -40.48 -40.43 2.10
C VAL N 87 -41.04 -41.80 2.46
N GLY N 88 -42.17 -41.84 3.16
CA GLY N 88 -42.76 -43.12 3.53
C GLY N 88 -43.25 -43.91 2.33
N ARG N 89 -43.88 -43.23 1.38
CA ARG N 89 -44.30 -43.90 0.15
C ARG N 89 -43.12 -44.50 -0.59
N ASN N 90 -42.04 -43.72 -0.77
CA ASN N 90 -40.87 -44.25 -1.45
C ASN N 90 -40.30 -45.46 -0.72
N TRP N 91 -40.18 -45.36 0.61
CA TRP N 91 -39.61 -46.46 1.37
C TRP N 91 -40.47 -47.72 1.27
N TRP N 92 -41.80 -47.56 1.32
CA TRP N 92 -42.69 -48.71 1.21
C TRP N 92 -42.60 -49.36 -0.17
N LEU N 93 -42.65 -48.55 -1.23
CA LEU N 93 -42.59 -49.09 -2.58
C LEU N 93 -41.24 -49.73 -2.88
N ARG N 94 -40.17 -49.27 -2.25
CA ARG N 94 -38.89 -49.96 -2.43
C ARG N 94 -38.84 -51.24 -1.60
N ARG N 95 -39.47 -51.24 -0.42
CA ARG N 95 -39.48 -52.43 0.42
C ARG N 95 -40.30 -53.55 -0.22
N ARG N 96 -41.35 -53.21 -0.97
CA ARG N 96 -42.22 -54.22 -1.55
C ARG N 96 -41.84 -54.59 -2.97
N GLY N 97 -40.82 -53.96 -3.54
CA GLY N 97 -40.31 -54.34 -4.84
C GLY N 97 -40.96 -53.68 -6.03
N TRP N 98 -41.91 -52.76 -5.83
CA TRP N 98 -42.60 -52.16 -6.96
C TRP N 98 -41.70 -51.21 -7.72
N ILE N 99 -40.82 -50.50 -7.02
CA ILE N 99 -39.72 -49.79 -7.65
C ILE N 99 -38.44 -50.52 -7.27
N ARG N 100 -37.31 -49.98 -7.73
CA ARG N 100 -36.04 -50.71 -7.79
C ARG N 100 -36.17 -51.82 -8.84
N LEU O 14 9.09 -36.85 3.22
CA LEU O 14 8.33 -38.09 3.06
C LEU O 14 8.33 -38.54 1.61
N ALA O 15 8.11 -39.83 1.38
CA ALA O 15 8.14 -40.37 0.03
C ALA O 15 6.83 -40.14 -0.70
N ARG O 16 5.69 -40.25 0.00
CA ARG O 16 4.39 -40.14 -0.65
C ARG O 16 4.15 -38.71 -1.11
N GLN O 17 4.42 -37.73 -0.24
CA GLN O 17 4.22 -36.34 -0.60
C GLN O 17 5.07 -35.94 -1.79
N ALA O 18 6.35 -36.30 -1.77
CA ALA O 18 7.23 -35.97 -2.89
C ALA O 18 6.80 -36.68 -4.17
N GLU O 19 6.39 -37.95 -4.07
CA GLU O 19 5.93 -38.68 -5.25
C GLU O 19 4.70 -38.02 -5.85
N ASP O 20 3.78 -37.56 -5.00
CA ASP O 20 2.57 -36.91 -5.51
C ASP O 20 2.89 -35.55 -6.12
N ILE O 21 3.77 -34.79 -5.48
CA ILE O 21 4.21 -33.52 -6.06
C ILE O 21 4.83 -33.75 -7.43
N ASP O 22 5.58 -34.84 -7.59
CA ASP O 22 6.16 -35.15 -8.89
C ASP O 22 5.07 -35.50 -9.90
N THR O 23 4.17 -36.42 -9.55
CA THR O 23 3.15 -36.80 -10.51
C THR O 23 2.19 -35.66 -10.84
N ARG O 24 2.15 -34.60 -10.03
CA ARG O 24 1.26 -33.48 -10.32
C ARG O 24 1.94 -32.31 -11.03
N TYR O 25 3.14 -31.90 -10.61
CA TYR O 25 3.80 -30.75 -11.22
C TYR O 25 5.07 -31.10 -11.96
N HIS O 26 5.72 -32.21 -11.63
CA HIS O 26 6.86 -32.82 -12.30
C HIS O 26 7.98 -31.84 -12.65
N PRO O 27 8.45 -30.99 -11.72
CA PRO O 27 9.57 -30.11 -12.09
C PRO O 27 10.82 -30.89 -12.39
N SER O 28 11.45 -31.43 -11.34
CA SER O 28 12.42 -32.53 -11.37
C SER O 28 13.59 -32.31 -12.34
N ALA O 29 13.56 -31.24 -13.10
CA ALA O 29 14.67 -30.86 -13.97
C ALA O 29 15.02 -29.39 -13.84
N ALA O 30 14.02 -28.52 -13.76
CA ALA O 30 14.27 -27.15 -13.35
C ALA O 30 14.73 -27.10 -11.90
N LEU O 31 14.16 -27.96 -11.06
CA LEU O 31 14.63 -28.06 -9.68
C LEU O 31 16.10 -28.45 -9.63
N ARG O 32 16.50 -29.48 -10.38
CA ARG O 32 17.90 -29.87 -10.41
C ARG O 32 18.78 -28.75 -10.97
N ARG O 33 18.31 -28.10 -12.04
CA ARG O 33 19.06 -27.01 -12.65
C ARG O 33 19.33 -25.89 -11.66
N GLN O 34 18.35 -25.53 -10.84
CA GLN O 34 18.56 -24.53 -9.81
C GLN O 34 19.35 -25.03 -8.61
N LEU O 35 19.27 -26.32 -8.30
CA LEU O 35 20.09 -26.88 -7.22
C LEU O 35 21.56 -26.96 -7.59
N ASN O 36 21.90 -27.06 -8.87
CA ASN O 36 23.29 -27.13 -9.30
C ASN O 36 23.84 -25.80 -9.79
N LYS O 37 23.17 -24.69 -9.52
CA LYS O 37 23.72 -23.40 -9.91
C LYS O 37 24.88 -23.02 -9.01
N VAL O 38 25.96 -22.53 -9.62
CA VAL O 38 27.21 -22.25 -8.92
C VAL O 38 27.33 -20.75 -8.67
N PHE O 39 27.78 -20.38 -7.48
CA PHE O 39 27.99 -19.01 -7.06
C PHE O 39 29.42 -18.81 -6.56
N PRO O 40 30.06 -17.71 -6.94
CA PRO O 40 31.41 -17.44 -6.41
C PRO O 40 31.36 -16.97 -4.97
N THR O 41 32.43 -17.27 -4.25
CA THR O 41 32.51 -16.98 -2.82
C THR O 41 33.60 -15.93 -2.60
N HIS O 42 33.23 -14.66 -2.71
CA HIS O 42 34.10 -13.55 -2.37
C HIS O 42 33.36 -12.64 -1.40
N TRP O 43 34.07 -12.18 -0.36
CA TRP O 43 33.43 -11.43 0.71
C TRP O 43 32.69 -10.20 0.20
N SER O 44 33.13 -9.63 -0.91
CA SER O 44 32.52 -8.41 -1.43
C SER O 44 31.22 -8.66 -2.17
N PHE O 45 30.86 -9.91 -2.41
CA PHE O 45 29.62 -10.24 -3.10
C PHE O 45 28.43 -10.39 -2.16
N LEU O 46 28.56 -9.95 -0.91
CA LEU O 46 27.47 -9.95 0.05
C LEU O 46 26.92 -8.57 0.33
N LEU O 47 27.52 -7.54 -0.26
CA LEU O 47 27.10 -6.17 -0.02
C LEU O 47 25.70 -5.88 -0.57
N GLY O 48 25.29 -6.56 -1.64
CA GLY O 48 23.92 -6.44 -2.09
C GLY O 48 22.95 -7.21 -1.22
N GLU O 49 23.38 -8.34 -0.66
CA GLU O 49 22.57 -9.06 0.29
C GLU O 49 22.27 -8.22 1.53
N ILE O 50 23.23 -7.40 1.97
CA ILE O 50 22.98 -6.53 3.10
C ILE O 50 21.78 -5.61 2.82
N ALA O 51 21.76 -5.00 1.64
CA ALA O 51 20.66 -4.11 1.28
C ALA O 51 19.35 -4.86 1.13
N LEU O 52 19.39 -6.06 0.54
CA LEU O 52 18.17 -6.86 0.41
C LEU O 52 17.56 -7.18 1.76
N TYR O 53 18.40 -7.57 2.72
CA TYR O 53 17.87 -7.94 4.03
C TYR O 53 17.38 -6.72 4.80
N SER O 54 18.07 -5.58 4.65
CA SER O 54 17.57 -4.34 5.22
C SER O 54 16.19 -4.00 4.66
N PHE O 55 15.98 -4.23 3.36
CA PHE O 55 14.68 -3.95 2.75
C PHE O 55 13.60 -4.89 3.30
N VAL O 56 13.94 -6.15 3.51
CA VAL O 56 12.95 -7.08 4.07
C VAL O 56 12.53 -6.64 5.46
N VAL O 57 13.50 -6.26 6.30
CA VAL O 57 13.18 -5.81 7.66
C VAL O 57 12.35 -4.52 7.60
N LEU O 58 12.67 -3.63 6.65
CA LEU O 58 11.87 -2.42 6.48
C LEU O 58 10.43 -2.76 6.15
N LEU O 59 10.22 -3.73 5.24
CA LEU O 59 8.86 -4.13 4.88
C LEU O 59 8.09 -4.61 6.09
N ILE O 60 8.68 -5.52 6.87
CA ILE O 60 7.97 -6.08 8.01
C ILE O 60 7.62 -4.99 9.02
N THR O 61 8.59 -4.17 9.38
CA THR O 61 8.35 -3.16 10.41
C THR O 61 7.39 -2.09 9.94
N GLY O 62 7.41 -1.75 8.64
CA GLY O 62 6.43 -0.79 8.14
C GLY O 62 5.02 -1.34 8.16
N VAL O 63 4.86 -2.61 7.78
CA VAL O 63 3.54 -3.23 7.86
C VAL O 63 3.03 -3.20 9.30
N TYR O 64 3.91 -3.45 10.26
CA TYR O 64 3.50 -3.29 11.67
C TYR O 64 3.07 -1.86 11.95
N LEU O 65 3.88 -0.88 11.53
CA LEU O 65 3.62 0.51 11.91
C LEU O 65 2.33 1.04 11.32
N THR O 66 1.88 0.49 10.18
CA THR O 66 0.68 1.03 9.55
C THR O 66 -0.59 0.77 10.33
N LEU O 67 -0.56 -0.13 11.32
CA LEU O 67 -1.75 -0.43 12.11
C LEU O 67 -2.03 0.58 13.20
N PHE O 68 -1.17 1.59 13.37
CA PHE O 68 -1.30 2.54 14.46
C PHE O 68 -1.23 4.00 14.03
N PHE O 69 -0.95 4.29 12.76
CA PHE O 69 -0.69 5.64 12.31
C PHE O 69 -1.92 6.28 11.70
N ASP O 70 -2.10 7.57 11.93
CA ASP O 70 -3.17 8.36 11.34
C ASP O 70 -2.55 9.58 10.65
N PRO O 71 -2.50 9.61 9.32
CA PRO O 71 -1.73 10.65 8.62
C PRO O 71 -2.51 11.92 8.34
N SER O 72 -3.15 12.47 9.35
CA SER O 72 -4.00 13.64 9.17
C SER O 72 -3.33 14.88 9.73
N MET O 73 -3.68 16.04 9.18
CA MET O 73 -3.14 17.32 9.62
C MET O 73 -4.14 18.14 10.43
N VAL O 74 -5.30 17.56 10.76
CA VAL O 74 -6.28 18.24 11.58
C VAL O 74 -5.74 18.36 13.00
N ASP O 75 -6.04 19.48 13.65
CA ASP O 75 -5.44 19.82 14.92
C ASP O 75 -6.26 19.30 16.10
N VAL O 76 -5.54 18.96 17.18
CA VAL O 76 -6.11 18.41 18.39
C VAL O 76 -5.24 18.85 19.57
N THR O 77 -5.71 18.58 20.79
CA THR O 77 -4.94 18.79 22.00
C THR O 77 -4.51 17.42 22.54
N TYR O 78 -3.29 17.36 23.06
CA TYR O 78 -2.68 16.07 23.39
C TYR O 78 -3.42 15.29 24.47
N ASN O 79 -3.42 15.82 25.71
CA ASN O 79 -4.09 15.19 26.84
C ASN O 79 -3.68 13.72 27.01
N GLY O 80 -2.40 13.44 26.79
CA GLY O 80 -1.91 12.06 26.88
C GLY O 80 -1.05 11.80 28.10
N VAL O 81 -0.17 10.81 28.01
CA VAL O 81 0.66 10.44 29.15
C VAL O 81 1.92 11.28 29.26
N TYR O 82 2.45 11.77 28.15
CA TYR O 82 3.69 12.54 28.17
C TYR O 82 3.40 13.95 28.66
N GLN O 83 3.48 14.15 29.97
CA GLN O 83 3.04 15.37 30.65
C GLN O 83 3.67 16.65 30.08
N PRO O 84 4.98 16.69 29.76
CA PRO O 84 5.54 17.93 29.22
C PRO O 84 4.91 18.40 27.91
N LEU O 85 3.97 17.64 27.35
CA LEU O 85 3.26 18.08 26.16
C LEU O 85 1.75 18.15 26.35
N ARG O 86 1.27 18.10 27.60
CA ARG O 86 -0.17 18.10 27.82
C ARG O 86 -0.75 19.50 27.60
N GLY O 87 -1.79 19.59 26.77
CA GLY O 87 -2.43 20.84 26.47
C GLY O 87 -1.91 21.54 25.23
N VAL O 88 -1.01 20.91 24.48
CA VAL O 88 -0.42 21.54 23.31
C VAL O 88 -1.23 21.20 22.07
N GLU O 89 -1.40 22.17 21.18
CA GLU O 89 -2.08 21.97 19.91
C GLU O 89 -1.13 21.28 18.94
N MET O 90 -1.54 20.13 18.43
CA MET O 90 -0.71 19.38 17.48
C MET O 90 -1.60 18.85 16.36
N SER O 91 -0.98 18.19 15.40
CA SER O 91 -1.74 17.53 14.36
C SER O 91 -2.06 16.09 14.78
N ARG O 92 -2.84 15.41 13.95
CA ARG O 92 -3.19 14.03 14.26
C ARG O 92 -2.04 13.07 13.96
N ALA O 93 -1.17 13.41 13.01
CA ALA O 93 -0.02 12.57 12.72
C ALA O 93 0.99 12.60 13.85
N TYR O 94 1.28 13.79 14.38
CA TYR O 94 2.21 13.90 15.50
C TYR O 94 1.67 13.16 16.72
N GLN O 95 0.36 13.26 16.97
CA GLN O 95 -0.23 12.57 18.10
C GLN O 95 -0.21 11.06 17.89
N SER O 96 -0.41 10.60 16.66
CA SER O 96 -0.29 9.18 16.37
C SER O 96 1.11 8.66 16.62
N ALA O 97 2.13 9.44 16.23
CA ALA O 97 3.50 9.02 16.48
C ALA O 97 3.83 9.02 17.97
N LEU O 98 3.33 10.00 18.71
CA LEU O 98 3.52 10.01 20.16
C LEU O 98 2.84 8.81 20.80
N ASP O 99 1.65 8.44 20.31
CA ASP O 99 0.96 7.27 20.84
C ASP O 99 1.74 6.00 20.56
N ILE O 100 2.21 5.84 19.32
CA ILE O 100 3.07 4.70 18.99
C ILE O 100 4.25 4.63 19.94
N SER O 101 4.85 5.79 20.25
CA SER O 101 6.06 5.79 21.07
C SER O 101 5.77 5.47 22.53
N PHE O 102 4.65 5.95 23.06
CA PHE O 102 4.47 5.95 24.51
C PHE O 102 3.34 5.09 25.05
N GLU O 103 2.47 4.53 24.19
CA GLU O 103 1.30 3.83 24.69
C GLU O 103 1.03 2.49 24.02
N VAL O 104 1.82 2.11 23.02
CA VAL O 104 1.80 0.76 22.46
C VAL O 104 3.01 0.03 23.02
N ARG O 105 2.80 -1.18 23.51
CA ARG O 105 3.86 -1.97 24.12
C ARG O 105 4.76 -2.52 23.03
N GLY O 106 5.89 -1.85 22.78
CA GLY O 106 6.82 -2.25 21.75
C GLY O 106 6.94 -1.31 20.58
N GLY O 107 6.11 -0.27 20.50
CA GLY O 107 6.10 0.62 19.35
C GLY O 107 7.36 1.44 19.18
N LEU O 108 7.91 1.95 20.28
CA LEU O 108 9.17 2.67 20.22
C LEU O 108 10.28 1.78 19.69
N PHE O 109 10.37 0.56 20.21
CA PHE O 109 11.33 -0.43 19.72
C PHE O 109 11.17 -0.65 18.22
N VAL O 110 9.92 -0.81 17.76
CA VAL O 110 9.71 -1.12 16.36
C VAL O 110 10.09 0.05 15.46
N ARG O 111 9.71 1.28 15.84
CA ARG O 111 10.05 2.40 14.96
C ARG O 111 11.53 2.72 15.00
N GLN O 112 12.21 2.43 16.11
CA GLN O 112 13.66 2.59 16.11
C GLN O 112 14.33 1.57 15.21
N ILE O 113 13.84 0.32 15.24
CA ILE O 113 14.34 -0.68 14.29
C ILE O 113 14.11 -0.21 12.86
N HIS O 114 12.95 0.38 12.60
CA HIS O 114 12.62 0.85 11.25
C HIS O 114 13.60 1.92 10.78
N HIS O 115 13.88 2.91 11.63
CA HIS O 115 14.78 3.99 11.23
C HIS O 115 16.22 3.50 11.06
N TRP O 116 16.66 2.62 11.96
CA TRP O 116 18.01 2.05 11.81
C TRP O 116 18.11 1.21 10.55
N ALA O 117 17.05 0.47 10.20
CA ALA O 117 17.06 -0.32 8.98
C ALA O 117 17.10 0.57 7.75
N ALA O 118 16.44 1.72 7.80
CA ALA O 118 16.51 2.66 6.68
C ALA O 118 17.93 3.18 6.48
N LEU O 119 18.60 3.55 7.58
CA LEU O 119 19.97 4.03 7.46
C LEU O 119 20.90 2.94 6.94
N MET O 120 20.75 1.71 7.44
CA MET O 120 21.58 0.61 6.96
C MET O 120 21.31 0.32 5.49
N PHE O 121 20.05 0.43 5.06
CA PHE O 121 19.69 0.28 3.66
C PHE O 121 20.48 1.24 2.79
N ALA O 122 20.45 2.53 3.14
CA ALA O 122 21.15 3.52 2.33
C ALA O 122 22.66 3.27 2.30
N ALA O 123 23.24 3.00 3.48
CA ALA O 123 24.69 2.80 3.54
C ALA O 123 25.11 1.57 2.74
N ALA O 124 24.35 0.48 2.84
CA ALA O 124 24.67 -0.74 2.10
C ALA O 124 24.57 -0.51 0.60
N ILE O 125 23.55 0.24 0.15
CA ILE O 125 23.44 0.54 -1.27
C ILE O 125 24.66 1.31 -1.75
N MET O 126 25.14 2.27 -0.94
CA MET O 126 26.28 3.06 -1.39
C MET O 126 27.56 2.23 -1.44
N VAL O 127 27.78 1.36 -0.45
CA VAL O 127 28.97 0.52 -0.46
C VAL O 127 28.93 -0.47 -1.62
N HIS O 128 27.74 -0.99 -1.94
CA HIS O 128 27.61 -1.90 -3.07
C HIS O 128 27.87 -1.19 -4.39
N LEU O 129 27.36 0.04 -4.54
CA LEU O 129 27.68 0.81 -5.74
C LEU O 129 29.17 1.03 -5.86
N ALA O 130 29.85 1.31 -4.75
CA ALA O 130 31.30 1.47 -4.78
C ALA O 130 31.99 0.21 -5.28
N ARG O 131 31.56 -0.96 -4.77
CA ARG O 131 32.17 -2.20 -5.21
C ARG O 131 31.99 -2.40 -6.71
N ILE O 132 30.75 -2.25 -7.20
CA ILE O 132 30.48 -2.43 -8.62
C ILE O 132 31.34 -1.50 -9.46
N PHE O 133 31.38 -0.22 -9.09
CA PHE O 133 32.11 0.75 -9.88
C PHE O 133 33.61 0.46 -9.90
N PHE O 134 34.20 0.15 -8.75
CA PHE O 134 35.64 0.00 -8.70
C PHE O 134 36.11 -1.33 -9.27
N THR O 135 35.25 -2.35 -9.30
CA THR O 135 35.64 -3.61 -9.92
C THR O 135 35.28 -3.69 -11.39
N GLY O 136 34.40 -2.83 -11.88
CA GLY O 136 34.10 -2.83 -13.30
C GLY O 136 33.02 -3.79 -13.71
N ALA O 137 32.19 -4.25 -12.77
CA ALA O 137 31.13 -5.21 -13.06
C ALA O 137 29.99 -4.62 -13.88
N PHE O 138 30.10 -3.36 -14.31
CA PHE O 138 29.05 -2.68 -15.06
C PHE O 138 29.26 -2.74 -16.56
N ARG O 139 30.30 -3.42 -17.04
CA ARG O 139 30.65 -3.37 -18.45
C ARG O 139 29.63 -4.15 -19.27
N ARG O 140 29.93 -4.34 -20.56
CA ARG O 140 28.97 -4.51 -21.64
C ARG O 140 27.71 -5.31 -21.29
N PRO O 141 27.82 -6.55 -20.82
CA PRO O 141 26.58 -7.33 -20.58
C PRO O 141 25.68 -6.77 -19.49
N ARG O 142 26.18 -5.95 -18.58
CA ARG O 142 25.45 -5.60 -17.36
C ARG O 142 25.18 -4.11 -17.21
N GLU O 143 25.17 -3.38 -18.33
CA GLU O 143 24.90 -1.94 -18.29
C GLU O 143 23.45 -1.66 -17.88
N THR O 144 22.51 -2.46 -18.38
CA THR O 144 21.12 -2.28 -18.00
C THR O 144 20.92 -2.51 -16.51
N ASN O 145 21.67 -3.45 -15.93
CA ASN O 145 21.58 -3.69 -14.50
C ASN O 145 22.20 -2.54 -13.70
N TRP O 146 23.26 -1.93 -14.24
CA TRP O 146 23.78 -0.71 -13.64
C TRP O 146 22.71 0.39 -13.61
N VAL O 147 21.99 0.56 -14.73
CA VAL O 147 20.96 1.59 -14.80
C VAL O 147 19.84 1.30 -13.80
N ILE O 148 19.42 0.04 -13.70
CA ILE O 148 18.37 -0.33 -12.75
C ILE O 148 18.81 -0.02 -11.33
N GLY O 149 20.06 -0.35 -10.99
CA GLY O 149 20.56 -0.04 -9.65
C GLY O 149 20.58 1.45 -9.37
N SER O 150 20.93 2.26 -10.38
CA SER O 150 20.92 3.70 -10.19
C SER O 150 19.52 4.22 -9.89
N LEU O 151 18.54 3.77 -10.66
CA LEU O 151 17.15 4.14 -10.38
C LEU O 151 16.76 3.72 -8.97
N LEU O 152 17.18 2.53 -8.55
CA LEU O 152 16.86 2.07 -7.19
C LEU O 152 17.46 3.00 -6.15
N LEU O 153 18.67 3.50 -6.39
CA LEU O 153 19.30 4.42 -5.45
C LEU O 153 18.50 5.71 -5.31
N ILE O 154 18.11 6.30 -6.44
CA ILE O 154 17.32 7.54 -6.38
C ILE O 154 16.02 7.30 -5.64
N LEU O 155 15.33 6.19 -5.96
CA LEU O 155 14.06 5.90 -5.33
C LEU O 155 14.21 5.71 -3.83
N ALA O 156 15.28 5.04 -3.39
CA ALA O 156 15.50 4.83 -1.96
C ALA O 156 15.74 6.16 -1.25
N MET O 157 16.53 7.05 -1.86
CA MET O 157 16.73 8.38 -1.28
C MET O 157 15.40 9.07 -1.02
N PHE O 158 14.56 9.16 -2.06
CA PHE O 158 13.32 9.91 -1.90
C PHE O 158 12.34 9.18 -0.98
N GLU O 159 12.36 7.85 -0.97
CA GLU O 159 11.48 7.11 -0.08
C GLU O 159 11.82 7.37 1.38
N GLY O 160 13.12 7.36 1.72
CA GLY O 160 13.49 7.68 3.09
C GLY O 160 13.16 9.11 3.47
N TYR O 161 13.38 10.04 2.53
CA TYR O 161 13.05 11.44 2.78
C TYR O 161 11.57 11.60 3.10
N PHE O 162 10.70 11.01 2.28
CA PHE O 162 9.27 11.04 2.59
C PHE O 162 8.96 10.32 3.88
N GLY O 163 9.75 9.30 4.23
CA GLY O 163 9.48 8.53 5.43
C GLY O 163 9.64 9.35 6.69
N TYR O 164 10.79 9.98 6.87
CA TYR O 164 10.97 10.66 8.15
C TYR O 164 10.22 11.99 8.25
N SER O 165 9.38 12.32 7.27
CA SER O 165 8.54 13.51 7.32
C SER O 165 7.09 13.21 7.69
N LEU O 166 6.74 11.95 7.94
CA LEU O 166 5.36 11.63 8.30
C LEU O 166 5.01 12.08 9.72
N PRO O 167 5.87 11.91 10.74
CA PRO O 167 5.55 12.47 12.06
C PRO O 167 5.74 13.97 12.10
N ASP O 168 4.69 14.74 11.80
CA ASP O 168 4.83 16.15 11.46
C ASP O 168 5.31 16.96 12.65
N ASP O 169 6.62 16.89 12.92
CA ASP O 169 7.27 17.58 14.03
C ASP O 169 8.11 18.73 13.48
N LEU O 170 8.76 19.45 14.39
CA LEU O 170 9.36 20.74 14.04
C LEU O 170 10.51 20.57 13.05
N LEU O 171 11.45 19.67 13.33
CA LEU O 171 12.64 19.55 12.49
C LEU O 171 12.29 19.04 11.10
N SER O 172 11.48 17.98 11.03
CA SER O 172 11.10 17.45 9.72
C SER O 172 10.24 18.44 8.96
N GLY O 173 9.41 19.21 9.66
CA GLY O 173 8.64 20.24 8.99
C GLY O 173 9.52 21.35 8.43
N LEU O 174 10.56 21.72 9.17
CA LEU O 174 11.52 22.70 8.66
C LEU O 174 12.21 22.18 7.41
N GLY O 175 12.65 20.92 7.43
CA GLY O 175 13.28 20.34 6.26
C GLY O 175 12.34 20.29 5.06
N LEU O 176 11.10 19.86 5.30
CA LEU O 176 10.07 19.87 4.27
C LEU O 176 9.93 21.24 3.67
N ARG O 177 9.57 22.23 4.50
CA ARG O 177 9.42 23.61 4.07
C ARG O 177 10.58 23.99 3.18
N ALA O 178 11.79 24.05 3.76
CA ALA O 178 12.94 24.57 3.04
C ALA O 178 13.13 23.81 1.74
N ALA O 179 13.53 22.54 1.82
CA ALA O 179 13.91 21.84 0.61
C ALA O 179 12.74 21.77 -0.35
N LEU O 180 11.70 21.01 0.00
CA LEU O 180 10.64 20.72 -0.96
C LEU O 180 9.97 22.02 -1.42
N SER O 181 9.36 22.74 -0.49
CA SER O 181 8.53 23.87 -0.87
C SER O 181 9.37 24.95 -1.52
N SER O 182 10.44 25.41 -0.83
CA SER O 182 11.11 26.60 -1.29
C SER O 182 12.03 26.36 -2.47
N ILE O 183 12.44 25.12 -2.74
CA ILE O 183 13.19 24.90 -3.96
C ILE O 183 12.27 24.63 -5.14
N THR O 184 11.15 23.93 -4.93
CA THR O 184 10.19 23.77 -6.01
C THR O 184 9.62 25.11 -6.44
N LEU O 185 9.32 26.00 -5.48
CA LEU O 185 8.70 27.28 -5.79
C LEU O 185 9.58 28.17 -6.66
N GLY O 186 10.89 28.02 -6.59
CA GLY O 186 11.80 28.91 -7.29
C GLY O 186 12.22 28.49 -8.68
N MET O 187 11.75 27.35 -9.16
CA MET O 187 12.19 26.86 -10.46
C MET O 187 11.76 27.82 -11.56
N PRO O 188 12.55 27.93 -12.64
CA PRO O 188 12.38 29.04 -13.59
C PRO O 188 10.98 29.27 -14.14
N VAL O 189 10.37 28.35 -14.88
CA VAL O 189 9.09 28.65 -15.52
C VAL O 189 7.94 27.89 -14.88
N ILE O 190 8.13 26.60 -14.59
CA ILE O 190 7.04 25.78 -14.08
C ILE O 190 6.83 26.09 -12.59
N GLY O 191 7.83 25.81 -11.75
CA GLY O 191 7.91 26.46 -10.45
C GLY O 191 6.68 26.41 -9.58
N THR O 192 6.02 27.56 -9.45
CA THR O 192 4.82 27.67 -8.63
C THR O 192 3.72 26.74 -9.09
N TRP O 193 3.65 26.43 -10.39
CA TRP O 193 2.66 25.48 -10.86
C TRP O 193 2.90 24.10 -10.28
N LEU O 194 4.16 23.65 -10.26
CA LEU O 194 4.49 22.38 -9.63
C LEU O 194 4.22 22.43 -8.14
N HIS O 195 4.62 23.53 -7.48
CA HIS O 195 4.39 23.66 -6.04
C HIS O 195 2.92 23.54 -5.71
N TRP O 196 2.05 24.17 -6.50
CA TRP O 196 0.63 24.14 -6.19
C TRP O 196 -0.02 22.83 -6.59
N ALA O 197 0.47 22.18 -7.64
CA ALA O 197 -0.02 20.85 -7.96
C ALA O 197 0.37 19.83 -6.90
N LEU O 198 1.51 20.04 -6.24
CA LEU O 198 1.96 19.09 -5.24
C LEU O 198 1.35 19.35 -3.86
N PHE O 199 1.18 20.61 -3.49
CA PHE O 199 0.69 20.94 -2.16
C PHE O 199 -0.79 21.26 -2.13
N GLY O 200 -1.47 21.28 -3.27
CA GLY O 200 -2.86 21.70 -3.28
C GLY O 200 -3.08 23.16 -3.02
N GLY O 201 -2.03 23.97 -3.05
CA GLY O 201 -2.12 25.37 -2.75
C GLY O 201 -0.78 25.87 -2.18
N ASP O 202 -0.88 26.67 -1.14
CA ASP O 202 0.30 27.19 -0.47
C ASP O 202 0.88 26.12 0.46
N PHE O 203 2.05 26.41 1.05
CA PHE O 203 2.87 25.36 1.64
C PHE O 203 2.13 24.56 2.71
N PRO O 204 1.71 25.15 3.84
CA PRO O 204 0.98 24.33 4.80
C PRO O 204 -0.48 24.20 4.39
N GLY O 205 -0.84 23.05 3.84
CA GLY O 205 -2.21 22.79 3.42
C GLY O 205 -2.90 21.81 4.34
N THR O 206 -3.67 20.91 3.74
CA THR O 206 -4.33 19.84 4.49
C THR O 206 -4.23 18.48 3.80
N ILE O 207 -3.49 18.38 2.70
CA ILE O 207 -3.40 17.15 1.93
C ILE O 207 -1.98 16.59 1.87
N LEU O 208 -0.99 17.35 2.33
CA LEU O 208 0.40 16.97 2.12
C LEU O 208 0.74 15.68 2.85
N ILE O 209 0.37 15.58 4.12
CA ILE O 209 0.75 14.41 4.93
C ILE O 209 0.03 13.16 4.45
N PRO O 210 -1.29 13.19 4.16
CA PRO O 210 -1.91 11.98 3.59
C PRO O 210 -1.36 11.60 2.22
N ARG O 211 -1.05 12.59 1.39
CA ARG O 211 -0.47 12.30 0.08
C ARG O 211 0.90 11.63 0.23
N LEU O 212 1.76 12.18 1.08
CA LEU O 212 3.06 11.57 1.32
C LEU O 212 2.93 10.20 1.96
N TYR O 213 1.92 9.99 2.81
CA TYR O 213 1.72 8.69 3.42
C TYR O 213 1.37 7.65 2.38
N ALA O 214 0.47 7.98 1.45
CA ALA O 214 0.15 7.06 0.36
C ALA O 214 1.39 6.77 -0.47
N LEU O 215 2.11 7.82 -0.88
CA LEU O 215 3.31 7.65 -1.69
C LEU O 215 4.35 6.80 -0.98
N HIS O 216 4.41 6.88 0.35
CA HIS O 216 5.48 6.24 1.09
C HIS O 216 5.15 4.80 1.46
N ILE O 217 3.88 4.47 1.65
CA ILE O 217 3.56 3.10 2.01
C ILE O 217 3.13 2.23 0.83
N LEU O 218 2.72 2.83 -0.29
CA LEU O 218 2.26 2.02 -1.41
C LEU O 218 3.11 2.18 -2.67
N LEU O 219 3.22 3.40 -3.19
CA LEU O 219 3.69 3.59 -4.56
C LEU O 219 5.18 3.28 -4.70
N LEU O 220 6.01 3.99 -3.94
CA LEU O 220 7.45 3.82 -4.01
C LEU O 220 7.87 2.44 -3.52
N PRO O 221 7.28 1.89 -2.44
CA PRO O 221 7.61 0.49 -2.10
C PRO O 221 7.26 -0.50 -3.21
N GLY O 222 6.13 -0.32 -3.89
CA GLY O 222 5.80 -1.23 -4.98
C GLY O 222 6.78 -1.12 -6.14
N ILE O 223 7.13 0.11 -6.51
CA ILE O 223 8.09 0.30 -7.59
C ILE O 223 9.45 -0.28 -7.23
N ILE O 224 9.87 -0.09 -5.98
CA ILE O 224 11.16 -0.60 -5.53
C ILE O 224 11.15 -2.12 -5.51
N LEU O 225 10.04 -2.73 -5.10
CA LEU O 225 9.94 -4.19 -5.12
C LEU O 225 10.02 -4.73 -6.54
N ALA O 226 9.31 -4.09 -7.47
CA ALA O 226 9.37 -4.54 -8.87
C ALA O 226 10.78 -4.40 -9.45
N LEU O 227 11.43 -3.28 -9.18
CA LEU O 227 12.78 -3.08 -9.71
C LEU O 227 13.78 -4.02 -9.07
N ILE O 228 13.62 -4.34 -7.79
CA ILE O 228 14.50 -5.31 -7.14
C ILE O 228 14.28 -6.69 -7.74
N GLY O 229 13.03 -7.03 -8.05
CA GLY O 229 12.77 -8.30 -8.70
C GLY O 229 13.46 -8.40 -10.06
N LEU O 230 13.30 -7.38 -10.88
CA LEU O 230 13.95 -7.39 -12.20
C LEU O 230 15.47 -7.43 -12.06
N HIS O 231 16.01 -6.69 -11.09
CA HIS O 231 17.45 -6.67 -10.86
C HIS O 231 17.98 -8.05 -10.50
N LEU O 232 17.35 -8.70 -9.52
CA LEU O 232 17.80 -10.02 -9.10
C LEU O 232 17.59 -11.06 -10.20
N ALA O 233 16.54 -10.91 -11.01
CA ALA O 233 16.35 -11.84 -12.12
C ALA O 233 17.48 -11.71 -13.14
N LEU O 234 17.87 -10.48 -13.46
CA LEU O 234 18.99 -10.27 -14.37
C LEU O 234 20.28 -10.84 -13.79
N VAL O 235 20.50 -10.65 -12.48
CA VAL O 235 21.71 -11.20 -11.87
C VAL O 235 21.68 -12.72 -11.89
N TRP O 236 20.49 -13.32 -11.74
CA TRP O 236 20.40 -14.77 -11.70
C TRP O 236 20.61 -15.38 -13.08
N PHE O 237 20.12 -14.73 -14.14
CA PHE O 237 20.17 -15.34 -15.46
C PHE O 237 21.39 -14.93 -16.28
N GLN O 238 21.89 -13.71 -16.15
CA GLN O 238 23.25 -13.40 -16.52
C GLN O 238 24.13 -13.77 -15.33
N LYS O 239 24.95 -14.80 -15.49
CA LYS O 239 25.66 -15.33 -14.33
C LYS O 239 26.59 -14.27 -13.75
N HIS O 240 27.04 -14.54 -12.53
CA HIS O 240 27.84 -13.57 -11.79
C HIS O 240 29.25 -13.47 -12.36
N THR O 241 29.87 -12.31 -12.16
CA THR O 241 31.26 -12.10 -12.50
C THR O 241 32.15 -12.75 -11.45
N GLN O 242 33.44 -12.85 -11.76
CA GLN O 242 34.40 -13.38 -10.80
C GLN O 242 35.75 -12.72 -11.03
N PHE O 243 36.61 -12.82 -10.02
CA PHE O 243 37.96 -12.31 -10.09
C PHE O 243 38.86 -13.31 -10.82
N PRO O 244 39.89 -12.82 -11.51
CA PRO O 244 40.87 -13.74 -12.11
C PRO O 244 41.60 -14.54 -11.04
N GLY O 245 41.85 -15.81 -11.36
CA GLY O 245 42.49 -16.71 -10.42
C GLY O 245 43.00 -17.97 -11.09
N PRO O 246 43.37 -18.97 -10.29
CA PRO O 246 43.95 -20.20 -10.83
C PRO O 246 43.08 -20.91 -11.86
N GLY O 247 41.88 -21.33 -11.48
CA GLY O 247 41.05 -22.11 -12.38
C GLY O 247 39.99 -21.31 -13.12
N ARG O 248 40.06 -19.99 -13.02
CA ARG O 248 38.99 -19.11 -13.49
C ARG O 248 39.22 -18.70 -14.93
N THR O 249 38.13 -18.60 -15.69
CA THR O 249 38.17 -18.33 -17.11
C THR O 249 36.97 -17.47 -17.47
N GLU O 250 37.03 -16.81 -18.62
CA GLU O 250 35.92 -16.03 -19.13
C GLU O 250 34.70 -16.87 -19.48
N HIS O 251 34.79 -18.20 -19.36
CA HIS O 251 33.74 -19.09 -19.84
C HIS O 251 33.15 -19.96 -18.75
N ASN O 252 33.66 -19.91 -17.52
CA ASN O 252 33.16 -20.78 -16.46
C ASN O 252 32.89 -19.94 -15.21
N VAL O 253 32.31 -20.60 -14.21
CA VAL O 253 32.09 -20.03 -12.89
C VAL O 253 32.61 -21.03 -11.87
N VAL O 254 33.57 -20.59 -11.05
CA VAL O 254 34.15 -21.42 -10.00
C VAL O 254 33.59 -20.94 -8.66
N GLY O 255 33.09 -21.88 -7.87
CA GLY O 255 32.49 -21.51 -6.60
C GLY O 255 31.85 -22.67 -5.87
N VAL O 256 30.66 -22.48 -5.31
CA VAL O 256 29.92 -23.53 -4.63
C VAL O 256 28.52 -23.62 -5.22
N ARG O 257 27.95 -24.83 -5.17
CA ARG O 257 26.58 -25.01 -5.63
C ARG O 257 25.59 -24.47 -4.59
N VAL O 258 24.39 -24.15 -5.07
CA VAL O 258 23.37 -23.55 -4.23
C VAL O 258 23.05 -24.44 -3.04
N MET O 259 22.61 -25.67 -3.32
CA MET O 259 21.75 -26.43 -2.43
C MET O 259 22.30 -26.58 -1.01
N PRO O 260 23.44 -27.24 -0.78
CA PRO O 260 23.85 -27.42 0.62
C PRO O 260 24.48 -26.17 1.25
N VAL O 261 25.30 -25.43 0.51
CA VAL O 261 26.21 -24.45 1.08
C VAL O 261 25.71 -23.02 0.92
N PHE O 262 25.29 -22.65 -0.30
CA PHE O 262 25.01 -21.24 -0.55
C PHE O 262 23.76 -20.79 0.19
N ALA O 263 22.72 -21.62 0.20
CA ALA O 263 21.51 -21.28 0.95
C ALA O 263 21.80 -21.19 2.44
N PHE O 264 22.61 -22.10 2.95
CA PHE O 264 22.98 -22.06 4.36
C PHE O 264 23.68 -20.76 4.71
N LYS O 265 24.67 -20.36 3.91
CA LYS O 265 25.41 -19.13 4.18
C LYS O 265 24.50 -17.92 4.06
N SER O 266 23.63 -17.89 3.05
CA SER O 266 22.73 -16.75 2.88
C SER O 266 21.78 -16.61 4.05
N GLY O 267 21.21 -17.72 4.52
CA GLY O 267 20.31 -17.65 5.66
C GLY O 267 21.02 -17.23 6.93
N ALA O 268 22.24 -17.73 7.15
CA ALA O 268 22.99 -17.31 8.32
C ALA O 268 23.31 -15.82 8.28
N PHE O 269 23.68 -15.31 7.11
CA PHE O 269 23.95 -13.89 6.98
C PHE O 269 22.69 -13.06 7.24
N PHE O 270 21.55 -13.52 6.72
CA PHE O 270 20.29 -12.83 6.97
C PHE O 270 19.99 -12.75 8.46
N ALA O 271 20.12 -13.88 9.16
CA ALA O 271 19.89 -13.89 10.61
C ALA O 271 20.84 -12.94 11.33
N ALA O 272 22.12 -12.94 10.93
CA ALA O 272 23.09 -12.06 11.60
C ALA O 272 22.75 -10.59 11.39
N ILE O 273 22.29 -10.23 10.19
CA ILE O 273 21.97 -8.83 9.92
C ILE O 273 20.73 -8.42 10.70
N VAL O 274 19.73 -9.30 10.79
CA VAL O 274 18.56 -9.00 11.62
C VAL O 274 18.97 -8.83 13.07
N GLY O 275 19.92 -9.65 13.54
CA GLY O 275 20.39 -9.51 14.91
C GLY O 275 21.08 -8.18 15.17
N VAL O 276 21.95 -7.77 14.25
CA VAL O 276 22.63 -6.49 14.40
C VAL O 276 21.63 -5.35 14.44
N LEU O 277 20.65 -5.38 13.53
CA LEU O 277 19.66 -4.31 13.47
C LEU O 277 18.82 -4.27 14.74
N GLY O 278 18.46 -5.44 15.28
CA GLY O 278 17.71 -5.46 16.53
C GLY O 278 18.51 -4.91 17.70
N LEU O 279 19.77 -5.32 17.80
CA LEU O 279 20.63 -4.80 18.86
C LEU O 279 20.71 -3.28 18.81
N MET O 280 21.00 -2.73 17.64
CA MET O 280 21.17 -1.28 17.56
C MET O 280 19.85 -0.52 17.55
N GLY O 281 18.73 -1.19 17.31
CA GLY O 281 17.44 -0.54 17.44
C GLY O 281 16.94 -0.58 18.86
N GLY O 282 17.51 -1.47 19.67
CA GLY O 282 17.19 -1.48 21.08
C GLY O 282 18.09 -0.60 21.92
N LEU O 283 19.37 -0.51 21.57
CA LEU O 283 20.35 0.12 22.44
C LEU O 283 20.66 1.58 22.12
N LEU O 284 20.30 2.07 20.93
CA LEU O 284 20.61 3.43 20.54
C LEU O 284 19.35 4.18 20.19
N GLN O 285 19.21 5.40 20.71
CA GLN O 285 18.02 6.21 20.50
C GLN O 285 18.18 7.04 19.23
N ILE O 286 17.15 7.03 18.40
CA ILE O 286 17.18 7.72 17.11
C ILE O 286 15.86 8.43 16.91
N ASN O 287 15.92 9.70 16.51
CA ASN O 287 14.77 10.57 16.26
C ASN O 287 13.79 10.60 17.43
N PRO O 288 14.16 11.21 18.57
CA PRO O 288 13.21 11.35 19.68
C PRO O 288 12.26 12.52 19.49
N ILE O 289 11.15 12.29 18.77
CA ILE O 289 10.26 13.36 18.35
C ILE O 289 9.62 14.11 19.51
N TRP O 290 9.58 13.53 20.70
CA TRP O 290 8.93 14.20 21.82
C TRP O 290 9.78 15.33 22.39
N ASN O 291 11.11 15.24 22.25
CA ASN O 291 11.97 16.33 22.66
C ASN O 291 11.75 17.56 21.78
N LEU O 292 11.31 17.33 20.54
CA LEU O 292 10.84 18.38 19.66
C LEU O 292 9.41 18.72 20.03
N GLY O 293 8.73 19.48 19.17
CA GLY O 293 7.31 19.65 19.31
C GLY O 293 6.64 19.42 17.98
N PRO O 294 5.35 19.73 17.90
CA PRO O 294 4.69 19.72 16.58
C PRO O 294 5.20 20.88 15.75
N TYR O 295 5.13 20.72 14.44
CA TYR O 295 5.61 21.77 13.55
C TYR O 295 4.73 23.00 13.64
N LYS O 296 5.37 24.17 13.69
CA LYS O 296 4.67 25.44 13.72
C LYS O 296 5.50 26.44 12.94
N PRO O 297 4.87 27.28 12.10
CA PRO O 297 5.64 28.14 11.20
C PRO O 297 6.42 29.25 11.88
N SER O 298 6.23 29.45 13.19
CA SER O 298 6.88 30.56 13.88
C SER O 298 8.09 30.14 14.71
N GLN O 299 8.25 28.87 15.01
CA GLN O 299 9.34 28.40 15.86
C GLN O 299 10.45 27.79 15.02
N VAL O 300 11.65 27.80 15.57
CA VAL O 300 12.83 27.25 14.89
C VAL O 300 13.81 26.81 15.97
N SER O 301 14.77 26.00 15.58
CA SER O 301 15.86 25.58 16.45
C SER O 301 17.15 25.53 15.64
N ALA O 302 18.27 25.44 16.36
CA ALA O 302 19.55 25.23 15.70
C ALA O 302 19.64 23.86 15.03
N GLY O 303 18.56 23.09 15.03
CA GLY O 303 18.58 21.79 14.40
C GLY O 303 18.27 21.85 12.91
N SER O 304 18.96 21.00 12.17
CA SER O 304 18.97 20.99 10.72
C SER O 304 19.46 19.63 10.27
N GLN O 305 20.03 19.53 9.07
CA GLN O 305 20.75 18.33 8.69
C GLN O 305 19.83 17.12 8.55
N PRO O 306 19.17 16.96 7.41
CA PRO O 306 18.38 15.74 7.16
C PRO O 306 19.21 14.48 7.29
N ASP O 307 18.57 13.31 7.18
CA ASP O 307 19.28 12.05 7.25
C ASP O 307 20.47 12.04 6.29
N PHE O 308 21.49 11.27 6.65
CA PHE O 308 22.81 11.45 6.04
C PHE O 308 22.82 11.24 4.53
N TYR O 309 21.86 10.51 3.97
CA TYR O 309 21.86 10.30 2.53
C TYR O 309 21.34 11.50 1.76
N MET O 310 20.72 12.46 2.44
CA MET O 310 20.29 13.72 1.82
C MET O 310 21.17 14.89 2.24
N MET O 311 22.28 14.63 2.94
CA MET O 311 23.07 15.71 3.51
C MET O 311 23.87 16.47 2.47
N TRP O 312 24.19 15.84 1.34
CA TRP O 312 25.00 16.52 0.34
C TRP O 312 24.23 17.65 -0.34
N THR O 313 22.92 17.48 -0.51
CA THR O 313 22.09 18.57 -1.04
C THR O 313 22.02 19.73 -0.06
N GLU O 314 21.87 19.43 1.23
CA GLU O 314 21.86 20.47 2.25
C GLU O 314 23.19 21.22 2.28
N GLY O 315 24.31 20.49 2.19
CA GLY O 315 25.61 21.14 2.19
C GLY O 315 25.84 21.98 0.95
N LEU O 316 25.36 21.52 -0.20
CA LEU O 316 25.43 22.33 -1.41
C LEU O 316 24.64 23.62 -1.26
N ALA O 317 23.42 23.52 -0.70
CA ALA O 317 22.62 24.71 -0.44
C ALA O 317 23.29 25.64 0.56
N ARG O 318 24.07 25.09 1.50
CA ARG O 318 24.74 25.91 2.49
C ARG O 318 25.94 26.65 1.93
N ILE O 319 26.75 25.98 1.09
CA ILE O 319 28.00 26.58 0.64
C ILE O 319 27.91 27.17 -0.76
N TRP O 320 26.76 27.12 -1.41
CA TRP O 320 26.75 27.76 -2.71
C TRP O 320 26.70 29.28 -2.56
N PRO O 321 27.40 30.03 -3.41
CA PRO O 321 27.38 31.48 -3.29
C PRO O 321 26.08 32.06 -3.83
N PRO O 322 25.65 33.22 -3.34
CA PRO O 322 24.39 33.84 -3.76
C PRO O 322 24.45 34.57 -5.10
N TRP O 323 24.30 33.82 -6.19
CA TRP O 323 24.30 34.36 -7.54
C TRP O 323 22.88 34.33 -8.08
N GLU O 324 22.27 35.50 -8.24
CA GLU O 324 20.91 35.62 -8.75
C GLU O 324 20.91 36.47 -10.02
N PHE O 325 19.80 36.41 -10.75
CA PHE O 325 19.66 37.13 -12.00
C PHE O 325 18.33 37.87 -12.01
N TYR O 326 18.37 39.15 -12.37
CA TYR O 326 17.18 39.99 -12.42
C TYR O 326 17.09 40.63 -13.79
N PHE O 327 16.10 40.24 -14.57
CA PHE O 327 15.79 40.89 -15.84
C PHE O 327 14.30 41.22 -15.84
N TRP O 328 13.75 41.58 -17.01
CA TRP O 328 12.42 42.20 -17.08
C TRP O 328 11.38 41.47 -16.25
N HIS O 329 10.91 42.12 -15.17
CA HIS O 329 9.89 41.63 -14.26
C HIS O 329 9.99 40.14 -13.95
N HIS O 330 11.22 39.62 -13.81
CA HIS O 330 11.44 38.21 -13.53
C HIS O 330 12.61 38.06 -12.58
N THR O 331 12.80 36.85 -12.07
CA THR O 331 13.81 36.57 -11.05
C THR O 331 14.20 35.10 -11.12
N ILE O 332 15.50 34.84 -11.06
CA ILE O 332 16.03 33.49 -10.93
C ILE O 332 16.84 33.42 -9.64
N PRO O 333 16.28 32.88 -8.57
CA PRO O 333 17.01 32.82 -7.30
C PRO O 333 18.19 31.85 -7.31
N ALA O 334 18.90 31.76 -6.19
CA ALA O 334 20.11 30.97 -6.07
C ALA O 334 19.89 29.47 -5.94
N PRO O 335 18.87 28.99 -5.20
CA PRO O 335 18.66 27.52 -5.11
C PRO O 335 18.42 26.84 -6.44
N VAL O 336 18.18 27.59 -7.52
CA VAL O 336 18.09 26.98 -8.83
C VAL O 336 19.40 26.30 -9.19
N TRP O 337 20.52 26.87 -8.74
CA TRP O 337 21.81 26.21 -8.93
C TRP O 337 21.85 24.85 -8.24
N VAL O 338 21.33 24.78 -7.02
CA VAL O 338 21.32 23.51 -6.29
C VAL O 338 20.48 22.49 -7.03
N ALA O 339 19.30 22.90 -7.49
CA ALA O 339 18.44 21.99 -8.23
C ALA O 339 19.12 21.51 -9.52
N VAL O 340 19.84 22.41 -10.19
CA VAL O 340 20.49 22.05 -11.45
C VAL O 340 21.61 21.05 -11.20
N ILE O 341 22.41 21.29 -10.16
CA ILE O 341 23.51 20.36 -9.86
C ILE O 341 22.96 19.00 -9.44
N MET O 342 21.86 18.99 -8.68
CA MET O 342 21.25 17.74 -8.28
C MET O 342 20.78 16.95 -9.50
N GLY O 343 20.07 17.61 -10.41
CA GLY O 343 19.61 16.92 -11.61
C GLY O 343 20.76 16.48 -12.50
N LEU O 344 21.84 17.26 -12.53
CA LEU O 344 23.00 16.89 -13.34
C LEU O 344 23.67 15.64 -12.80
N VAL O 345 23.76 15.53 -11.47
CA VAL O 345 24.29 14.30 -10.87
C VAL O 345 23.36 13.13 -11.19
N PHE O 346 22.06 13.31 -10.99
CA PHE O 346 21.09 12.26 -11.26
C PHE O 346 21.12 11.80 -12.70
N VAL O 347 21.49 12.67 -13.63
CA VAL O 347 21.62 12.28 -15.03
C VAL O 347 22.95 11.60 -15.30
N LEU O 348 24.06 12.14 -14.78
CA LEU O 348 25.36 11.57 -15.07
C LEU O 348 25.61 10.23 -14.39
N LEU O 349 24.83 9.87 -13.37
CA LEU O 349 25.11 8.59 -12.71
C LEU O 349 24.78 7.38 -13.60
N PRO O 350 23.60 7.29 -14.21
CA PRO O 350 23.30 6.10 -15.03
C PRO O 350 23.98 6.08 -16.39
N ALA O 351 24.67 7.13 -16.80
CA ALA O 351 25.25 7.23 -18.13
C ALA O 351 26.73 6.85 -18.18
N TYR O 352 27.31 6.50 -17.04
CA TYR O 352 28.75 6.30 -16.97
C TYR O 352 29.25 5.12 -17.80
N PRO O 353 28.57 3.96 -17.81
CA PRO O 353 29.07 2.87 -18.68
C PRO O 353 29.19 3.27 -20.13
N PHE O 354 28.19 3.97 -20.65
CA PHE O 354 28.22 4.37 -22.05
C PHE O 354 29.26 5.45 -22.30
N LEU O 355 29.40 6.40 -21.38
CA LEU O 355 30.44 7.41 -21.52
C LEU O 355 31.82 6.78 -21.52
N GLU O 356 32.06 5.80 -20.64
CA GLU O 356 33.39 5.20 -20.56
C GLU O 356 33.68 4.34 -21.77
N LYS O 357 32.68 3.60 -22.26
CA LYS O 357 32.94 2.78 -23.44
C LYS O 357 33.17 3.67 -24.66
N ARG O 358 32.47 4.80 -24.76
CA ARG O 358 32.76 5.73 -25.84
C ARG O 358 34.17 6.29 -25.74
N PHE O 359 34.60 6.67 -24.53
CA PHE O 359 35.93 7.27 -24.40
C PHE O 359 37.03 6.26 -24.67
N THR O 360 36.96 5.09 -24.04
CA THR O 360 38.06 4.13 -24.14
C THR O 360 38.02 3.33 -25.43
N GLY O 361 36.86 3.23 -26.09
CA GLY O 361 36.78 2.43 -27.29
C GLY O 361 36.84 0.94 -27.05
N ASP O 362 36.20 0.46 -26.00
CA ASP O 362 36.26 -0.95 -25.60
C ASP O 362 34.84 -1.50 -25.59
N TYR O 363 34.50 -2.28 -26.61
CA TYR O 363 33.14 -2.78 -26.81
C TYR O 363 33.06 -4.30 -26.67
N ALA O 364 33.97 -4.90 -25.91
CA ALA O 364 34.03 -6.34 -25.79
C ALA O 364 33.13 -6.84 -24.66
N HIS O 365 32.97 -8.15 -24.61
CA HIS O 365 32.27 -8.81 -23.51
C HIS O 365 33.23 -9.11 -22.38
N HIS O 366 32.75 -8.99 -21.15
CA HIS O 366 33.59 -9.19 -19.98
C HIS O 366 32.86 -10.01 -18.93
N ASN O 367 33.53 -11.05 -18.44
CA ASN O 367 33.05 -11.82 -17.30
C ASN O 367 34.03 -11.83 -16.14
N LEU O 368 35.28 -11.44 -16.36
CA LEU O 368 36.28 -11.38 -15.32
C LEU O 368 36.41 -9.95 -14.81
N LEU O 369 36.58 -9.81 -13.50
CA LEU O 369 36.64 -8.49 -12.89
C LEU O 369 38.04 -7.89 -13.02
N GLN O 370 38.14 -6.60 -12.76
CA GLN O 370 39.39 -5.88 -12.72
C GLN O 370 39.77 -5.59 -11.28
N ARG O 371 41.05 -5.61 -10.99
CA ARG O 371 41.47 -5.12 -9.69
C ARG O 371 41.60 -3.60 -9.74
N PRO O 372 41.13 -2.90 -8.70
CA PRO O 372 41.14 -1.43 -8.75
C PRO O 372 42.51 -0.82 -8.99
N ARG O 373 43.60 -1.49 -8.60
CA ARG O 373 44.93 -0.93 -8.85
C ARG O 373 45.31 -0.97 -10.32
N ASP O 374 44.69 -1.83 -11.11
CA ASP O 374 45.01 -1.98 -12.52
C ASP O 374 44.23 -1.01 -13.42
N VAL O 375 43.29 -0.25 -12.87
CA VAL O 375 42.56 0.74 -13.64
C VAL O 375 42.75 2.08 -12.93
N PRO O 376 43.93 2.70 -13.09
CA PRO O 376 44.23 3.88 -12.27
C PRO O 376 43.37 5.08 -12.57
N VAL O 377 43.02 5.31 -13.83
CA VAL O 377 42.22 6.49 -14.18
C VAL O 377 40.83 6.38 -13.58
N ARG O 378 40.19 5.22 -13.70
CA ARG O 378 38.85 5.06 -13.13
C ARG O 378 38.90 5.10 -11.60
N THR O 379 39.93 4.49 -11.01
CA THR O 379 40.04 4.53 -9.55
C THR O 379 40.21 5.97 -9.06
N ALA O 380 40.97 6.78 -9.79
CA ALA O 380 41.15 8.17 -9.40
C ALA O 380 39.87 8.98 -9.60
N ILE O 381 39.12 8.70 -10.67
CA ILE O 381 37.82 9.34 -10.87
C ILE O 381 36.90 9.04 -9.69
N GLY O 382 36.83 7.77 -9.30
CA GLY O 382 35.96 7.40 -8.20
C GLY O 382 36.39 8.01 -6.88
N ALA O 383 37.70 8.06 -6.63
CA ALA O 383 38.19 8.70 -5.41
C ALA O 383 37.87 10.18 -5.39
N MET O 384 38.00 10.85 -6.55
CA MET O 384 37.64 12.25 -6.65
C MET O 384 36.16 12.48 -6.35
N ALA O 385 35.29 11.61 -6.89
CA ALA O 385 33.86 11.74 -6.63
C ALA O 385 33.54 11.52 -5.16
N ILE O 386 34.20 10.55 -4.53
CA ILE O 386 33.97 10.32 -3.10
C ILE O 386 34.46 11.51 -2.27
N ALA O 387 35.56 12.12 -2.68
CA ALA O 387 36.05 13.31 -1.96
C ALA O 387 35.07 14.46 -2.08
N PHE O 388 34.52 14.68 -3.27
CA PHE O 388 33.51 15.72 -3.45
C PHE O 388 32.29 15.45 -2.57
N TYR O 389 31.80 14.21 -2.58
CA TYR O 389 30.67 13.84 -1.75
C TYR O 389 30.96 14.07 -0.27
N MET O 390 32.16 13.71 0.19
CA MET O 390 32.50 13.84 1.60
C MET O 390 32.59 15.31 1.99
N VAL O 391 33.12 16.16 1.12
CA VAL O 391 33.14 17.59 1.40
C VAL O 391 31.73 18.13 1.54
N LEU O 392 30.85 17.77 0.60
CA LEU O 392 29.47 18.24 0.68
C LEU O 392 28.76 17.72 1.93
N THR O 393 29.09 16.51 2.36
CA THR O 393 28.44 15.95 3.54
C THR O 393 28.96 16.58 4.83
N LEU O 394 30.24 16.94 4.87
CA LEU O 394 30.77 17.63 6.04
C LEU O 394 30.30 19.08 6.10
N ALA O 395 30.06 19.70 4.95
CA ALA O 395 29.56 21.07 4.94
C ALA O 395 28.13 21.17 5.47
N ALA O 396 27.41 20.05 5.53
CA ALA O 396 26.04 20.08 6.04
C ALA O 396 25.98 20.17 7.55
N MET O 397 27.05 19.78 8.25
CA MET O 397 27.12 19.83 9.71
C MET O 397 28.01 20.97 10.17
N ASN O 398 27.96 22.09 9.44
CA ASN O 398 28.72 23.30 9.76
C ASN O 398 28.58 23.67 11.24
N ASP O 399 27.35 23.78 11.73
CA ASP O 399 27.13 24.33 13.06
C ASP O 399 27.58 23.35 14.13
N ILE O 400 27.32 22.06 13.94
CA ILE O 400 27.74 21.07 14.92
C ILE O 400 29.26 21.01 15.00
N ILE O 401 29.92 21.04 13.83
CA ILE O 401 31.38 21.03 13.81
C ILE O 401 31.94 22.27 14.49
N ALA O 402 31.39 23.44 14.18
CA ALA O 402 31.89 24.68 14.78
C ALA O 402 31.67 24.70 16.28
N LEU O 403 30.60 24.08 16.76
CA LEU O 403 30.34 24.08 18.20
C LEU O 403 31.25 23.09 18.93
N LYS O 404 31.38 21.87 18.41
CA LYS O 404 32.12 20.84 19.14
C LYS O 404 33.63 21.02 18.97
N PHE O 405 34.09 21.21 17.75
CA PHE O 405 35.47 21.57 17.47
C PHE O 405 35.53 23.08 17.32
N HIS O 406 36.32 23.73 18.16
CA HIS O 406 36.17 25.18 18.32
C HIS O 406 36.66 25.93 17.09
N ILE O 407 35.80 26.04 16.08
CA ILE O 407 36.09 26.75 14.84
C ILE O 407 34.99 27.77 14.61
N SER O 408 35.31 28.81 13.85
CA SER O 408 34.33 29.84 13.55
C SER O 408 33.37 29.37 12.46
N LEU O 409 32.14 29.87 12.52
CA LEU O 409 31.11 29.48 11.57
C LEU O 409 31.43 29.98 10.17
N ASN O 410 31.80 31.25 10.06
CA ASN O 410 32.25 31.80 8.78
C ASN O 410 33.45 31.03 8.25
N ALA O 411 34.36 30.66 9.15
CA ALA O 411 35.53 29.89 8.75
C ALA O 411 35.13 28.54 8.17
N THR O 412 34.20 27.84 8.82
CA THR O 412 33.76 26.55 8.29
C THR O 412 33.09 26.70 6.93
N THR O 413 32.27 27.74 6.77
CA THR O 413 31.64 27.96 5.47
C THR O 413 32.68 28.17 4.38
N TRP O 414 33.68 29.02 4.62
CA TRP O 414 34.68 29.28 3.59
C TRP O 414 35.57 28.06 3.36
N ILE O 415 35.85 27.29 4.42
CA ILE O 415 36.64 26.08 4.27
C ILE O 415 35.94 25.09 3.36
N GLY O 416 34.64 24.90 3.56
CA GLY O 416 33.89 24.05 2.65
C GLY O 416 33.87 24.59 1.23
N ARG O 417 33.67 25.90 1.10
CA ARG O 417 33.57 26.50 -0.22
C ARG O 417 34.86 26.33 -1.03
N ILE O 418 36.00 26.39 -0.37
CA ILE O 418 37.28 26.26 -1.07
C ILE O 418 37.68 24.79 -1.23
N GLY O 419 37.39 23.96 -0.23
CA GLY O 419 37.69 22.54 -0.36
C GLY O 419 36.93 21.90 -1.49
N MET O 420 35.66 22.29 -1.67
CA MET O 420 34.84 21.73 -2.74
C MET O 420 35.49 21.84 -4.11
N VAL O 421 36.42 22.78 -4.30
CA VAL O 421 37.03 22.95 -5.60
C VAL O 421 38.48 22.49 -5.61
N ILE O 422 39.18 22.55 -4.47
CA ILE O 422 40.61 22.24 -4.48
C ILE O 422 40.95 20.83 -3.99
N LEU O 423 40.03 20.13 -3.31
CA LEU O 423 40.40 18.83 -2.75
C LEU O 423 40.26 17.67 -3.75
N PRO O 424 39.21 17.60 -4.56
CA PRO O 424 39.03 16.44 -5.44
C PRO O 424 40.19 16.20 -6.41
N PRO O 425 40.73 17.24 -7.07
CA PRO O 425 41.87 16.96 -7.96
C PRO O 425 43.12 16.52 -7.23
N PHE O 426 43.35 17.02 -6.01
CA PHE O 426 44.45 16.53 -5.19
C PHE O 426 44.29 15.05 -4.89
N VAL O 427 43.07 14.64 -4.52
CA VAL O 427 42.80 13.23 -4.28
C VAL O 427 43.00 12.42 -5.55
N TYR O 428 42.61 12.97 -6.69
CA TYR O 428 42.82 12.30 -7.97
C TYR O 428 44.29 12.00 -8.21
N PHE O 429 45.12 13.04 -8.10
CA PHE O 429 46.57 12.89 -8.31
C PHE O 429 47.15 11.83 -7.40
N ILE O 430 46.80 11.90 -6.11
CA ILE O 430 47.37 10.95 -5.15
C ILE O 430 46.91 9.53 -5.44
N THR O 431 45.64 9.36 -5.82
CA THR O 431 45.12 8.03 -6.10
C THR O 431 45.82 7.41 -7.31
N TYR O 432 46.02 8.21 -8.36
CA TYR O 432 46.74 7.73 -9.53
C TYR O 432 48.12 7.21 -9.15
N ARG O 433 48.91 8.05 -8.46
CA ARG O 433 50.27 7.62 -8.12
C ARG O 433 50.26 6.41 -7.19
N TRP O 434 49.26 6.33 -6.30
CA TRP O 434 49.19 5.22 -5.35
C TRP O 434 48.90 3.90 -6.05
N CYS O 435 47.97 3.89 -7.01
CA CYS O 435 47.71 2.67 -7.78
C CYS O 435 48.96 2.24 -8.55
N ILE O 436 49.66 3.18 -9.16
CA ILE O 436 50.87 2.78 -9.89
C ILE O 436 51.92 2.22 -8.93
N GLY O 437 52.01 2.75 -7.71
CA GLY O 437 52.95 2.20 -6.75
C GLY O 437 52.60 0.79 -6.31
N LEU O 438 51.30 0.52 -6.16
CA LEU O 438 50.89 -0.85 -5.84
C LEU O 438 51.25 -1.81 -6.98
N GLN O 439 51.07 -1.36 -8.22
CA GLN O 439 51.48 -2.18 -9.36
C GLN O 439 52.98 -2.48 -9.32
N ARG O 440 53.79 -1.48 -9.00
CA ARG O 440 55.24 -1.70 -8.96
C ARG O 440 55.63 -2.65 -7.83
N SER O 441 54.92 -2.59 -6.71
CA SER O 441 55.14 -3.58 -5.65
C SER O 441 54.84 -5.00 -6.13
N ASP O 442 53.72 -5.18 -6.83
CA ASP O 442 53.40 -6.48 -7.40
C ASP O 442 54.51 -6.95 -8.36
N ARG O 443 55.01 -6.04 -9.19
CA ARG O 443 56.05 -6.41 -10.14
C ARG O 443 57.34 -6.83 -9.45
N SER O 444 57.71 -6.15 -8.36
CA SER O 444 58.90 -6.56 -7.62
C SER O 444 58.72 -7.96 -7.04
N VAL O 445 57.55 -8.23 -6.45
CA VAL O 445 57.30 -9.56 -5.92
C VAL O 445 57.29 -10.62 -7.02
N LEU O 446 56.87 -10.27 -8.24
CA LEU O 446 56.91 -11.22 -9.33
C LEU O 446 58.34 -11.47 -9.83
N GLU O 447 59.17 -10.44 -9.82
CA GLU O 447 60.53 -10.59 -10.34
C GLU O 447 61.40 -11.36 -9.37
N HIS O 448 61.49 -10.89 -8.12
CA HIS O 448 62.19 -11.64 -7.09
C HIS O 448 61.19 -12.53 -6.37
N GLY O 449 61.58 -13.10 -5.23
CA GLY O 449 60.68 -13.89 -4.42
C GLY O 449 60.01 -13.07 -3.35
N VAL O 450 59.25 -13.77 -2.51
CA VAL O 450 58.69 -13.15 -1.31
C VAL O 450 59.82 -12.86 -0.33
N GLU O 451 59.83 -11.64 0.22
CA GLU O 451 60.83 -11.29 1.22
C GLU O 451 60.48 -11.92 2.55
N THR O 452 61.44 -12.63 3.14
CA THR O 452 61.19 -13.40 4.34
C THR O 452 61.54 -12.67 5.63
N GLY O 453 62.36 -11.62 5.57
CA GLY O 453 62.76 -10.88 6.74
C GLY O 453 64.03 -11.35 7.41
N ILE O 454 64.63 -12.44 6.94
CA ILE O 454 65.82 -13.02 7.56
C ILE O 454 67.06 -12.49 6.88
N ILE O 455 68.08 -12.13 7.66
CA ILE O 455 69.31 -11.54 7.17
C ILE O 455 70.47 -12.49 7.45
N LYS O 456 71.40 -12.60 6.50
CA LYS O 456 72.63 -13.35 6.67
C LYS O 456 73.82 -12.38 6.60
N ARG O 457 75.01 -12.90 6.92
CA ARG O 457 76.19 -12.06 6.94
C ARG O 457 77.31 -12.48 5.99
N LEU O 458 77.25 -13.66 5.36
CA LEU O 458 78.11 -13.93 4.20
C LEU O 458 79.59 -13.67 4.46
N PRO O 459 80.33 -14.66 5.00
CA PRO O 459 81.58 -14.39 5.74
C PRO O 459 82.49 -13.26 5.25
N HIS O 460 82.41 -12.87 3.99
CA HIS O 460 83.18 -11.70 3.54
C HIS O 460 82.48 -10.39 3.88
N GLY O 461 81.38 -10.43 4.61
CA GLY O 461 80.83 -9.20 5.18
C GLY O 461 79.68 -8.59 4.40
N ALA O 462 78.96 -9.39 3.62
CA ALA O 462 77.81 -8.91 2.87
C ALA O 462 76.53 -9.31 3.57
N TYR O 463 75.52 -8.45 3.46
CA TYR O 463 74.20 -8.71 4.03
C TYR O 463 73.22 -9.06 2.92
N ILE O 464 72.54 -10.20 3.06
CA ILE O 464 71.54 -10.65 2.10
C ILE O 464 70.23 -10.89 2.85
N GLU O 465 69.15 -11.11 2.09
CA GLU O 465 67.82 -11.07 2.66
C GLU O 465 67.04 -12.37 2.56
N LEU O 466 67.52 -13.37 1.81
CA LEU O 466 66.91 -14.69 1.77
C LEU O 466 65.45 -14.65 1.30
N HIS O 467 65.28 -14.33 0.02
CA HIS O 467 63.98 -14.37 -0.61
C HIS O 467 63.51 -15.81 -0.77
N GLN O 468 62.21 -15.97 -1.06
CA GLN O 468 61.59 -17.28 -1.21
C GLN O 468 60.84 -17.32 -2.53
N PRO O 469 61.22 -18.15 -3.49
CA PRO O 469 60.60 -18.11 -4.81
C PRO O 469 59.25 -18.79 -4.84
N LEU O 470 58.43 -18.35 -5.80
CA LEU O 470 57.12 -18.94 -6.04
C LEU O 470 57.12 -19.92 -7.20
N GLY O 471 58.24 -20.04 -7.92
CA GLY O 471 58.32 -20.94 -9.05
C GLY O 471 59.68 -21.60 -9.15
N PRO O 472 60.08 -21.92 -10.38
CA PRO O 472 61.38 -22.58 -10.58
C PRO O 472 62.53 -21.59 -10.56
N VAL O 473 63.70 -22.11 -10.17
CA VAL O 473 64.92 -21.32 -10.09
C VAL O 473 65.84 -21.74 -11.24
N ASP O 474 66.85 -20.92 -11.48
CA ASP O 474 67.85 -21.22 -12.51
C ASP O 474 68.94 -22.11 -11.91
N GLU O 475 70.01 -22.34 -12.67
CA GLU O 475 71.13 -23.11 -12.14
C GLU O 475 71.96 -22.29 -11.16
N HIS O 476 71.85 -20.96 -11.21
CA HIS O 476 72.54 -20.09 -10.28
C HIS O 476 71.74 -19.83 -9.01
N GLY O 477 70.52 -20.37 -8.90
CA GLY O 477 69.72 -20.25 -7.71
C GLY O 477 68.72 -19.10 -7.70
N HIS O 478 68.97 -18.04 -8.45
CA HIS O 478 68.02 -16.93 -8.48
C HIS O 478 66.73 -17.37 -9.18
N PRO O 479 65.57 -17.04 -8.61
CA PRO O 479 64.31 -17.45 -9.23
C PRO O 479 64.13 -16.87 -10.61
N ILE O 480 63.36 -17.57 -11.43
CA ILE O 480 63.03 -17.12 -12.78
C ILE O 480 61.82 -16.20 -12.70
N PRO O 481 61.83 -15.05 -13.37
CA PRO O 481 60.72 -14.10 -13.22
C PRO O 481 59.43 -14.63 -13.82
N LEU O 482 58.31 -14.23 -13.21
CA LEU O 482 56.98 -14.67 -13.63
C LEU O 482 56.23 -13.53 -14.30
N GLN O 483 55.08 -13.87 -14.87
CA GLN O 483 54.23 -12.92 -15.56
C GLN O 483 53.00 -12.60 -14.71
N TYR O 484 52.55 -11.35 -14.78
CA TYR O 484 51.37 -10.95 -14.04
C TYR O 484 50.13 -11.53 -14.70
N GLN O 485 49.13 -11.88 -13.88
CA GLN O 485 47.94 -12.53 -14.40
C GLN O 485 46.66 -12.01 -13.77
N GLY O 486 46.70 -10.80 -13.22
CA GLY O 486 45.50 -10.20 -12.66
C GLY O 486 45.08 -10.73 -11.31
N ALA O 487 45.91 -11.54 -10.66
CA ALA O 487 45.58 -12.10 -9.37
C ALA O 487 46.51 -11.55 -8.29
N PRO O 488 46.06 -11.51 -7.04
CA PRO O 488 46.93 -11.01 -5.96
C PRO O 488 48.10 -11.93 -5.70
N LEU O 489 49.16 -11.34 -5.16
CA LEU O 489 50.42 -12.02 -4.88
C LEU O 489 50.73 -11.99 -3.39
N PRO O 490 51.26 -13.07 -2.84
CA PRO O 490 51.54 -13.10 -1.39
C PRO O 490 52.70 -12.20 -1.03
N LYS O 491 52.53 -11.47 0.07
CA LYS O 491 53.56 -10.57 0.57
C LYS O 491 54.13 -10.98 1.92
N ARG O 492 53.43 -11.79 2.69
CA ARG O 492 53.90 -12.26 3.99
C ARG O 492 54.17 -13.75 3.92
N MET O 493 55.26 -14.17 4.57
CA MET O 493 55.65 -15.57 4.55
C MET O 493 54.67 -16.45 5.32
N ASN O 494 54.03 -15.89 6.36
CA ASN O 494 53.12 -16.67 7.19
C ASN O 494 51.78 -16.94 6.51
N LYS O 495 51.40 -16.14 5.51
CA LYS O 495 50.15 -16.40 4.81
C LYS O 495 50.27 -17.62 3.90
N LEU O 496 51.46 -17.88 3.40
CA LEU O 496 51.80 -19.23 2.95
C LEU O 496 52.08 -20.09 4.17
N GLY O 497 51.79 -21.38 4.07
CA GLY O 497 52.05 -22.22 5.22
C GLY O 497 53.53 -22.29 5.51
N SER O 498 53.98 -21.56 6.54
CA SER O 498 55.41 -21.47 6.84
C SER O 498 55.71 -21.91 8.27
N ALA O 499 55.09 -21.28 9.27
CA ALA O 499 55.27 -21.65 10.67
C ALA O 499 53.90 -21.60 11.32
N GLY O 500 53.20 -22.74 11.31
CA GLY O 500 51.85 -22.79 11.81
C GLY O 500 51.53 -24.10 12.50
N SER O 501 50.24 -24.35 12.72
CA SER O 501 49.76 -25.59 13.32
C SER O 501 50.34 -25.81 14.72
N PRO O 502 49.88 -25.04 15.72
CA PRO O 502 50.29 -25.32 17.10
C PRO O 502 49.77 -26.66 17.60
N GLY O 503 50.02 -26.97 18.87
CA GLY O 503 49.50 -28.19 19.46
C GLY O 503 48.00 -28.33 19.32
N SER O 504 47.51 -29.57 19.25
CA SER O 504 46.11 -29.83 18.89
C SER O 504 45.24 -30.11 20.11
N GLY O 505 45.51 -29.45 21.22
CA GLY O 505 44.61 -29.52 22.37
C GLY O 505 43.37 -28.67 22.12
N SER O 506 42.78 -28.10 23.16
CA SER O 506 41.65 -27.20 22.98
C SER O 506 42.00 -25.76 23.33
N PHE O 507 42.25 -25.46 24.60
CA PHE O 507 42.96 -24.25 24.97
C PHE O 507 43.85 -24.41 26.18
N LEU O 508 43.58 -25.37 27.07
CA LEU O 508 44.32 -25.52 28.31
C LEU O 508 44.92 -26.90 28.51
N PHE O 509 44.39 -27.92 27.83
CA PHE O 509 44.89 -29.28 27.97
C PHE O 509 45.12 -29.86 26.59
N ALA O 510 46.29 -30.47 26.40
CA ALA O 510 46.68 -30.98 25.11
C ALA O 510 45.98 -32.30 24.80
N ASP O 511 45.82 -32.57 23.52
CA ASP O 511 45.35 -33.87 23.05
C ASP O 511 46.50 -34.87 23.11
N SER O 512 46.29 -36.06 22.56
CA SER O 512 47.39 -37.01 22.48
C SER O 512 48.20 -36.77 21.20
N ALA O 513 49.48 -37.14 21.26
CA ALA O 513 50.38 -36.90 20.15
C ALA O 513 49.98 -37.68 18.90
N ALA O 514 49.43 -38.88 19.08
CA ALA O 514 48.95 -39.65 17.94
C ALA O 514 47.82 -38.92 17.22
N GLU O 515 46.85 -38.42 17.98
CA GLU O 515 45.75 -37.67 17.38
C GLU O 515 46.26 -36.40 16.71
N ASP O 516 47.19 -35.69 17.36
CA ASP O 516 47.74 -34.48 16.77
C ASP O 516 48.40 -34.77 15.43
N ALA O 517 49.25 -35.80 15.39
CA ALA O 517 49.93 -36.14 14.14
C ALA O 517 48.95 -36.57 13.07
N ALA O 518 47.95 -37.39 13.43
CA ALA O 518 46.97 -37.83 12.45
C ALA O 518 46.21 -36.65 11.85
N LEU O 519 45.74 -35.72 12.70
CA LEU O 519 45.01 -34.57 12.20
C LEU O 519 45.89 -33.71 11.31
N ARG O 520 47.17 -33.53 11.69
CA ARG O 520 48.08 -32.76 10.87
C ARG O 520 48.23 -33.36 9.47
N GLU O 521 48.48 -34.67 9.42
CA GLU O 521 48.67 -35.33 8.12
C GLU O 521 47.40 -35.26 7.28
N ALA O 522 46.24 -35.48 7.90
CA ALA O 522 44.99 -35.42 7.15
C ALA O 522 44.77 -34.03 6.57
N GLY O 523 44.99 -32.98 7.37
CA GLY O 523 44.81 -31.63 6.87
C GLY O 523 45.78 -31.28 5.75
N HIS O 524 47.04 -31.70 5.90
CA HIS O 524 48.03 -31.42 4.85
C HIS O 524 47.63 -32.11 3.54
N ALA O 525 47.28 -33.39 3.60
CA ALA O 525 46.88 -34.10 2.40
C ALA O 525 45.65 -33.44 1.76
N ALA O 526 44.69 -33.04 2.59
CA ALA O 526 43.47 -32.43 2.06
C ALA O 526 43.77 -31.13 1.33
N GLU O 527 44.57 -30.25 1.94
CA GLU O 527 44.85 -28.97 1.30
C GLU O 527 45.68 -29.17 0.03
N GLN O 528 46.61 -30.13 0.04
CA GLN O 528 47.39 -30.39 -1.16
C GLN O 528 46.51 -30.88 -2.30
N ARG O 529 45.56 -31.78 -2.01
CA ARG O 529 44.70 -32.27 -3.06
C ARG O 529 43.74 -31.19 -3.54
N ALA O 530 43.33 -30.29 -2.66
CA ALA O 530 42.49 -29.17 -3.08
C ALA O 530 43.22 -28.28 -4.06
N LEU O 531 44.43 -27.83 -3.69
CA LEU O 531 45.19 -26.97 -4.58
C LEU O 531 45.53 -27.69 -5.89
N ALA O 532 45.81 -28.99 -5.83
CA ALA O 532 46.09 -29.73 -7.06
C ALA O 532 44.85 -29.79 -7.96
N ALA O 533 43.70 -30.11 -7.37
CA ALA O 533 42.47 -30.21 -8.15
C ALA O 533 42.09 -28.88 -8.79
N LEU O 534 42.46 -27.77 -8.16
CA LEU O 534 42.13 -26.48 -8.77
C LEU O 534 43.19 -25.99 -9.74
N ARG O 535 44.46 -26.37 -9.56
CA ARG O 535 45.52 -25.89 -10.43
C ARG O 535 45.71 -26.75 -11.68
N GLU O 536 45.53 -28.06 -11.58
CA GLU O 536 45.79 -28.93 -12.72
C GLU O 536 44.73 -28.81 -13.80
N HIS O 537 43.46 -28.96 -13.44
CA HIS O 537 42.37 -28.90 -14.41
C HIS O 537 42.26 -27.51 -15.03
N ASP P 50 19.33 -42.65 -20.45
CA ASP P 50 20.17 -43.66 -21.08
C ASP P 50 19.34 -44.89 -21.46
N GLU P 51 19.02 -45.70 -20.45
CA GLU P 51 18.28 -46.94 -20.64
C GLU P 51 17.86 -47.46 -19.27
N ALA P 52 16.90 -48.39 -19.29
CA ALA P 52 16.20 -48.80 -18.07
C ALA P 52 17.11 -49.43 -17.03
N ALA P 53 18.28 -49.93 -17.42
CA ALA P 53 19.23 -50.44 -16.44
C ALA P 53 20.12 -49.35 -15.87
N LEU P 54 19.74 -48.08 -15.98
CA LEU P 54 20.42 -47.02 -15.24
C LEU P 54 20.25 -47.18 -13.73
N ALA P 55 19.34 -48.06 -13.29
CA ALA P 55 19.29 -48.41 -11.89
C ALA P 55 20.51 -49.24 -11.51
N ALA P 56 20.57 -49.67 -10.25
CA ALA P 56 21.75 -50.29 -9.67
C ALA P 56 23.00 -49.42 -9.82
N MET P 57 22.79 -48.13 -10.02
CA MET P 57 23.85 -47.15 -10.14
C MET P 57 23.90 -46.32 -8.86
N SER P 58 25.10 -46.17 -8.31
CA SER P 58 25.25 -45.62 -6.97
C SER P 58 24.93 -44.13 -6.96
N ASN P 59 24.82 -43.60 -5.73
CA ASN P 59 24.48 -42.20 -5.54
C ASN P 59 25.56 -41.27 -6.10
N GLN P 60 26.83 -41.65 -5.98
CA GLN P 60 27.91 -40.83 -6.49
C GLN P 60 27.83 -40.71 -8.01
N GLU P 61 27.58 -41.83 -8.69
CA GLU P 61 27.46 -41.81 -10.14
C GLU P 61 26.21 -41.05 -10.57
N LEU P 62 25.11 -41.20 -9.84
CA LEU P 62 23.90 -40.46 -10.19
C LEU P 62 24.09 -38.96 -10.02
N LEU P 63 24.81 -38.55 -8.96
CA LEU P 63 25.06 -37.13 -8.76
C LEU P 63 26.00 -36.58 -9.81
N ALA P 64 27.04 -37.35 -10.17
CA ALA P 64 27.90 -36.92 -11.27
C ALA P 64 27.12 -36.80 -12.57
N LEU P 65 26.17 -37.70 -12.80
CA LEU P 65 25.36 -37.65 -14.01
C LEU P 65 24.47 -36.41 -14.03
N GLY P 66 23.82 -36.12 -12.90
CA GLY P 66 23.00 -34.91 -12.84
C GLY P 66 23.81 -33.65 -13.06
N GLY P 67 24.98 -33.60 -12.44
CA GLY P 67 25.87 -32.46 -12.68
C GLY P 67 26.26 -32.34 -14.13
N LYS P 68 26.59 -33.46 -14.78
CA LYS P 68 26.99 -33.44 -16.18
C LYS P 68 25.85 -32.97 -17.07
N LEU P 69 24.61 -33.35 -16.73
CA LEU P 69 23.46 -32.84 -17.47
C LEU P 69 23.30 -31.34 -17.27
N ASP P 70 23.53 -30.85 -16.06
CA ASP P 70 23.37 -29.43 -15.79
C ASP P 70 24.55 -28.59 -16.26
N GLY P 71 25.66 -29.21 -16.64
CA GLY P 71 26.85 -28.46 -17.02
C GLY P 71 27.80 -28.17 -15.89
N VAL P 72 27.62 -28.79 -14.74
CA VAL P 72 28.42 -28.53 -13.54
C VAL P 72 29.36 -29.69 -13.31
N ARG P 73 30.50 -29.41 -12.68
CA ARG P 73 31.49 -30.43 -12.35
C ARG P 73 31.98 -30.16 -10.93
N ILE P 74 32.07 -31.21 -10.12
CA ILE P 74 32.54 -31.08 -8.75
C ILE P 74 33.99 -31.53 -8.68
N ALA P 75 34.86 -30.63 -8.24
CA ALA P 75 36.22 -30.96 -7.86
C ALA P 75 36.39 -30.77 -6.36
N TYR P 76 37.06 -31.73 -5.73
CA TYR P 76 37.44 -31.65 -4.32
C TYR P 76 36.21 -31.43 -3.43
N LYS P 77 35.38 -32.46 -3.36
CA LYS P 77 34.36 -32.57 -2.32
C LYS P 77 34.87 -33.63 -1.34
N GLU P 78 35.19 -33.20 -0.13
CA GLU P 78 35.86 -34.05 0.84
C GLU P 78 35.26 -33.87 2.22
N PRO P 79 35.10 -34.95 2.97
CA PRO P 79 34.54 -34.85 4.32
C PRO P 79 35.45 -34.07 5.25
N ARG P 80 34.84 -33.48 6.26
CA ARG P 80 35.55 -32.62 7.20
C ARG P 80 36.32 -33.39 8.25
N TRP P 81 35.91 -34.63 8.54
CA TRP P 81 36.53 -35.44 9.59
C TRP P 81 36.86 -36.81 9.03
N PRO P 82 38.03 -36.96 8.40
CA PRO P 82 38.41 -38.29 7.87
C PRO P 82 38.85 -39.26 8.95
N VAL P 83 39.53 -38.79 9.99
CA VAL P 83 39.95 -39.65 11.09
C VAL P 83 38.74 -40.04 11.92
N GLU P 84 38.75 -41.26 12.45
CA GLU P 84 37.66 -41.75 13.29
C GLU P 84 37.61 -40.94 14.58
N GLY P 85 36.70 -41.31 15.48
CA GLY P 85 36.38 -40.51 16.65
C GLY P 85 37.55 -39.89 17.40
N THR P 86 37.58 -38.56 17.44
CA THR P 86 38.60 -37.79 18.15
C THR P 86 37.91 -36.79 19.05
N LYS P 87 38.66 -36.26 20.01
CA LYS P 87 38.11 -35.27 20.93
C LYS P 87 37.85 -33.94 20.25
N ALA P 88 38.55 -33.65 19.16
CA ALA P 88 38.32 -32.40 18.43
C ALA P 88 36.91 -32.34 17.87
N GLU P 89 36.41 -33.47 17.34
CA GLU P 89 35.06 -33.50 16.80
C GLU P 89 34.01 -33.30 17.90
N LYS P 90 34.23 -33.93 19.05
CA LYS P 90 33.31 -33.74 20.17
C LYS P 90 33.29 -32.29 20.62
N ARG P 91 34.47 -31.66 20.71
CA ARG P 91 34.52 -30.26 21.08
C ARG P 91 33.83 -29.37 20.05
N ALA P 92 33.96 -29.71 18.76
CA ALA P 92 33.28 -28.94 17.73
C ALA P 92 31.77 -29.04 17.86
N GLU P 93 31.25 -30.25 18.08
CA GLU P 93 29.81 -30.41 18.29
C GLU P 93 29.34 -29.62 19.50
N ARG P 94 30.09 -29.71 20.60
CA ARG P 94 29.72 -29.00 21.82
C ARG P 94 29.67 -27.49 21.59
N SER P 95 30.68 -26.96 20.90
CA SER P 95 30.72 -25.52 20.65
C SER P 95 29.58 -25.08 19.75
N VAL P 96 29.24 -25.89 18.75
CA VAL P 96 28.10 -25.55 17.90
C VAL P 96 26.81 -25.56 18.69
N ALA P 97 26.66 -26.51 19.62
CA ALA P 97 25.41 -26.62 20.36
C ALA P 97 25.24 -25.52 21.40
N VAL P 98 26.33 -25.05 22.00
CA VAL P 98 26.22 -24.04 23.04
C VAL P 98 25.61 -22.74 22.49
N TRP P 99 25.94 -22.38 21.26
CA TRP P 99 25.40 -21.14 20.70
C TRP P 99 23.91 -21.23 20.46
N LEU P 100 23.43 -22.38 19.97
CA LEU P 100 21.99 -22.56 19.79
C LEU P 100 21.26 -22.57 21.12
N LEU P 101 21.86 -23.17 22.15
CA LEU P 101 21.24 -23.14 23.47
C LEU P 101 21.18 -21.71 24.01
N LEU P 102 22.23 -20.93 23.78
CA LEU P 102 22.20 -19.52 24.20
C LEU P 102 21.12 -18.75 23.46
N GLY P 103 20.95 -19.02 22.17
CA GLY P 103 19.86 -18.39 21.43
C GLY P 103 18.50 -18.72 22.00
N GLY P 104 18.29 -19.98 22.37
CA GLY P 104 17.03 -20.36 22.99
C GLY P 104 16.81 -19.67 24.32
N VAL P 105 17.87 -19.60 25.14
CA VAL P 105 17.78 -18.92 26.43
C VAL P 105 17.40 -17.46 26.23
N PHE P 106 18.01 -16.79 25.25
CA PHE P 106 17.73 -15.37 25.06
C PHE P 106 16.34 -15.14 24.46
N GLY P 107 15.85 -16.07 23.64
CA GLY P 107 14.47 -15.97 23.17
C GLY P 107 13.48 -16.10 24.31
N LEU P 108 13.70 -17.06 25.20
CA LEU P 108 12.85 -17.18 26.39
C LEU P 108 12.91 -15.92 27.23
N ALA P 109 14.10 -15.35 27.38
CA ALA P 109 14.25 -14.11 28.14
C ALA P 109 13.46 -12.97 27.49
N LEU P 110 13.50 -12.88 26.17
CA LEU P 110 12.72 -11.85 25.48
C LEU P 110 11.23 -12.02 25.76
N LEU P 111 10.73 -13.25 25.64
CA LEU P 111 9.32 -13.51 25.92
C LEU P 111 8.95 -13.05 27.32
N LEU P 112 9.72 -13.49 28.33
CA LEU P 112 9.36 -13.17 29.72
C LEU P 112 9.50 -11.69 30.01
N ILE P 113 10.54 -11.03 29.48
CA ILE P 113 10.71 -9.60 29.70
C ILE P 113 9.56 -8.83 29.10
N PHE P 114 9.19 -9.16 27.85
CA PHE P 114 8.07 -8.49 27.22
C PHE P 114 6.77 -8.71 27.98
N LEU P 115 6.62 -9.88 28.60
CA LEU P 115 5.36 -10.16 29.29
C LEU P 115 5.29 -9.47 30.65
N PHE P 116 6.40 -9.36 31.37
CA PHE P 116 6.34 -8.96 32.78
C PHE P 116 7.20 -7.74 33.11
N TRP P 117 7.62 -6.98 32.10
CA TRP P 117 8.39 -5.84 32.58
C TRP P 117 7.51 -4.61 32.71
N PRO P 118 7.74 -3.76 33.72
CA PRO P 118 6.98 -2.49 33.80
C PRO P 118 7.35 -1.53 32.68
N TRP P 119 6.43 -1.31 31.75
CA TRP P 119 6.74 -0.62 30.50
C TRP P 119 6.16 0.78 30.39
N GLU P 120 5.18 1.13 31.23
CA GLU P 120 4.48 2.39 31.05
C GLU P 120 5.38 3.58 31.38
N PHE P 121 5.07 4.72 30.75
CA PHE P 121 5.83 5.94 30.94
C PHE P 121 5.65 6.45 32.37
N LYS P 122 6.75 6.50 33.12
CA LYS P 122 6.74 7.02 34.49
C LYS P 122 7.78 8.09 34.71
N ALA P 123 8.20 8.81 33.68
CA ALA P 123 9.31 9.73 33.82
C ALA P 123 8.93 10.95 34.65
N ALA P 124 9.71 11.18 35.70
CA ALA P 124 9.58 12.34 36.58
C ALA P 124 10.84 12.37 37.45
N ASP P 125 10.86 13.24 38.45
CA ASP P 125 11.93 13.18 39.44
C ASP P 125 11.44 13.20 40.88
N GLY P 126 10.14 13.01 41.13
CA GLY P 126 9.72 12.66 42.48
C GLY P 126 10.17 11.27 42.86
N GLU P 127 9.66 10.25 42.16
CA GLU P 127 10.15 8.88 42.29
C GLU P 127 10.90 8.55 41.00
N SER P 128 12.20 8.82 41.01
CA SER P 128 13.03 8.60 39.82
C SER P 128 13.00 7.12 39.44
N ASP P 129 12.57 6.83 38.21
CA ASP P 129 12.18 5.48 37.84
C ASP P 129 13.38 4.57 37.60
N PHE P 130 14.14 4.86 36.53
CA PHE P 130 15.28 4.08 36.07
C PHE P 130 14.86 2.69 35.59
N ILE P 131 13.61 2.32 35.82
CA ILE P 131 13.08 1.04 35.40
C ILE P 131 12.38 1.14 34.05
N TYR P 132 11.65 2.24 33.85
CA TYR P 132 11.02 2.49 32.57
C TYR P 132 12.04 2.73 31.47
N SER P 133 13.20 3.28 31.81
CA SER P 133 14.21 3.62 30.82
C SER P 133 15.04 2.43 30.37
N LEU P 134 14.77 1.23 30.89
CA LEU P 134 15.47 0.02 30.48
C LEU P 134 14.64 -0.89 29.59
N THR P 135 13.37 -0.55 29.34
CA THR P 135 12.46 -1.48 28.68
C THR P 135 12.88 -1.74 27.23
N THR P 136 13.04 -0.69 26.44
CA THR P 136 13.40 -0.83 25.04
C THR P 136 14.83 -1.34 24.88
N PRO P 137 15.80 -0.87 25.68
CA PRO P 137 17.11 -1.52 25.69
C PRO P 137 17.07 -3.01 25.96
N LEU P 138 16.25 -3.47 26.92
CA LEU P 138 16.18 -4.90 27.20
C LEU P 138 15.53 -5.67 26.05
N TYR P 139 14.45 -5.11 25.48
CA TYR P 139 13.85 -5.71 24.29
C TYR P 139 14.90 -5.95 23.21
N GLY P 140 15.61 -4.88 22.85
CA GLY P 140 16.59 -4.99 21.78
C GLY P 140 17.71 -5.95 22.13
N LEU P 141 18.22 -5.89 23.36
CA LEU P 141 19.29 -6.77 23.77
C LEU P 141 18.90 -8.23 23.63
N THR P 142 17.75 -8.62 24.22
CA THR P 142 17.35 -10.02 24.17
C THR P 142 17.09 -10.48 22.74
N PHE P 143 16.32 -9.69 21.98
CA PHE P 143 15.99 -10.08 20.60
C PHE P 143 17.24 -10.26 19.75
N GLY P 144 18.11 -9.24 19.74
CA GLY P 144 19.30 -9.30 18.93
C GLY P 144 20.24 -10.40 19.36
N LEU P 145 20.46 -10.56 20.66
CA LEU P 145 21.36 -11.61 21.13
C LEU P 145 20.85 -12.99 20.75
N SER P 146 19.55 -13.23 20.89
CA SER P 146 18.99 -14.53 20.52
C SER P 146 19.24 -14.84 19.05
N ILE P 147 18.82 -13.94 18.17
CA ILE P 147 18.92 -14.28 16.74
C ILE P 147 20.38 -14.28 16.28
N LEU P 148 21.23 -13.47 16.90
CA LEU P 148 22.65 -13.45 16.52
C LEU P 148 23.37 -14.71 17.01
N SER P 149 22.99 -15.24 18.17
CA SER P 149 23.56 -16.51 18.61
C SER P 149 23.14 -17.64 17.67
N ILE P 150 21.88 -17.65 17.24
CA ILE P 150 21.45 -18.66 16.28
C ILE P 150 22.25 -18.54 14.99
N ALA P 151 22.50 -17.31 14.53
CA ALA P 151 23.28 -17.11 13.32
C ALA P 151 24.71 -17.62 13.47
N ILE P 152 25.35 -17.30 14.60
CA ILE P 152 26.72 -17.75 14.82
C ILE P 152 26.80 -19.27 14.87
N GLY P 153 25.81 -19.91 15.51
CA GLY P 153 25.78 -21.36 15.53
C GLY P 153 25.65 -21.96 14.14
N ALA P 154 24.79 -21.37 13.30
CA ALA P 154 24.64 -21.87 11.94
C ALA P 154 25.94 -21.69 11.15
N VAL P 155 26.61 -20.56 11.30
CA VAL P 155 27.86 -20.32 10.58
C VAL P 155 28.93 -21.33 11.02
N LEU P 156 29.01 -21.59 12.33
CA LEU P 156 30.00 -22.55 12.83
C LEU P 156 29.71 -23.95 12.31
N TYR P 157 28.43 -24.34 12.27
CA TYR P 157 28.10 -25.65 11.74
C TYR P 157 28.48 -25.75 10.27
N GLN P 158 28.20 -24.71 9.49
CA GLN P 158 28.62 -24.73 8.09
C GLN P 158 30.12 -24.85 7.95
N LYS P 159 30.87 -24.10 8.77
CA LYS P 159 32.32 -24.08 8.66
C LYS P 159 32.99 -25.34 9.15
N ARG P 160 32.36 -26.12 10.02
CA ARG P 160 33.03 -27.26 10.62
C ARG P 160 32.43 -28.62 10.30
N PHE P 161 31.22 -28.70 9.78
CA PHE P 161 30.67 -30.03 9.55
C PHE P 161 30.21 -30.28 8.13
N ILE P 162 29.75 -29.26 7.42
CA ILE P 162 29.38 -29.43 6.02
C ILE P 162 30.65 -29.52 5.19
N PRO P 163 30.77 -30.49 4.28
CA PRO P 163 32.03 -30.67 3.55
C PRO P 163 32.29 -29.52 2.57
N GLU P 164 33.56 -29.26 2.33
CA GLU P 164 33.97 -28.18 1.44
C GLU P 164 34.14 -28.71 0.02
N GLU P 165 33.67 -27.94 -0.95
CA GLU P 165 33.62 -28.36 -2.35
C GLU P 165 34.16 -27.26 -3.24
N ILE P 166 34.37 -27.60 -4.51
CA ILE P 166 34.62 -26.61 -5.56
C ILE P 166 33.80 -27.05 -6.76
N SER P 167 33.01 -26.14 -7.31
CA SER P 167 32.16 -26.47 -8.44
C SER P 167 32.45 -25.54 -9.59
N ILE P 168 32.35 -26.08 -10.81
CA ILE P 168 32.55 -25.31 -12.04
C ILE P 168 31.30 -25.43 -12.88
N GLN P 169 30.89 -24.32 -13.52
CA GLN P 169 29.55 -24.17 -14.05
C GLN P 169 29.44 -24.11 -15.57
N GLU P 170 30.47 -23.65 -16.28
CA GLU P 170 30.44 -23.59 -17.75
C GLU P 170 29.31 -22.67 -18.25
N ARG P 171 29.54 -21.36 -18.04
CA ARG P 171 28.58 -20.30 -18.35
C ARG P 171 27.71 -20.55 -19.57
N HIS P 172 28.32 -20.85 -20.71
CA HIS P 172 27.63 -20.84 -22.01
C HIS P 172 27.01 -19.48 -22.27
N ASP P 173 27.83 -18.44 -22.29
CA ASP P 173 27.37 -17.07 -22.47
C ASP P 173 27.54 -16.66 -23.93
N GLY P 174 27.16 -15.42 -24.23
CA GLY P 174 27.27 -14.90 -25.58
C GLY P 174 25.95 -14.96 -26.32
N ALA P 175 26.07 -14.95 -27.65
CA ALA P 175 24.89 -15.06 -28.49
C ALA P 175 24.33 -16.50 -28.43
N SER P 176 23.05 -16.62 -28.77
CA SER P 176 22.39 -17.92 -28.73
C SER P 176 22.89 -18.81 -29.88
N ARG P 177 22.46 -20.06 -29.84
CA ARG P 177 22.75 -20.98 -30.93
C ARG P 177 22.04 -20.52 -32.20
N GLU P 178 22.73 -20.71 -33.32
CA GLU P 178 22.22 -20.19 -34.58
C GLU P 178 20.86 -20.80 -34.93
N ILE P 179 20.64 -22.06 -34.56
CA ILE P 179 19.33 -22.67 -34.81
C ILE P 179 18.24 -21.93 -34.03
N ASP P 180 18.51 -21.61 -32.77
CA ASP P 180 17.54 -20.86 -31.97
C ASP P 180 17.28 -19.49 -32.57
N ARG P 181 18.34 -18.77 -32.94
CA ARG P 181 18.18 -17.46 -33.56
C ARG P 181 17.31 -17.54 -34.83
N LYS P 182 17.67 -18.44 -35.73
CA LYS P 182 16.96 -18.55 -37.00
C LYS P 182 15.51 -18.92 -36.77
N THR P 183 15.24 -19.83 -35.83
CA THR P 183 13.86 -20.27 -35.61
C THR P 183 13.00 -19.16 -35.02
N VAL P 184 13.53 -18.42 -34.04
CA VAL P 184 12.76 -17.33 -33.46
C VAL P 184 12.49 -16.25 -34.50
N VAL P 185 13.52 -15.91 -35.29
CA VAL P 185 13.32 -14.86 -36.30
C VAL P 185 12.33 -15.32 -37.35
N ALA P 186 12.34 -16.60 -37.70
CA ALA P 186 11.37 -17.12 -38.67
C ALA P 186 9.96 -17.07 -38.11
N ASN P 187 9.79 -17.45 -36.84
CA ASN P 187 8.48 -17.36 -36.21
C ASN P 187 7.94 -15.94 -36.26
N LEU P 188 8.76 -14.97 -35.82
CA LEU P 188 8.29 -13.58 -35.79
C LEU P 188 8.05 -13.03 -37.19
N THR P 189 8.92 -13.39 -38.14
CA THR P 189 8.76 -12.90 -39.51
C THR P 189 7.48 -13.45 -40.14
N ASP P 190 7.18 -14.73 -39.91
CA ASP P 190 5.95 -15.28 -40.45
C ASP P 190 4.73 -14.68 -39.77
N ALA P 191 4.76 -14.51 -38.45
CA ALA P 191 3.66 -13.84 -37.77
C ALA P 191 3.41 -12.44 -38.31
N PHE P 192 4.48 -11.74 -38.68
CA PHE P 192 4.33 -10.38 -39.20
C PHE P 192 3.83 -10.37 -40.64
N GLU P 193 4.41 -11.20 -41.50
CA GLU P 193 4.09 -11.17 -42.93
C GLU P 193 2.77 -11.86 -43.26
N GLY P 194 2.29 -12.77 -42.42
CA GLY P 194 1.02 -13.41 -42.69
C GLY P 194 -0.18 -12.55 -42.35
N SER P 195 0.04 -11.50 -41.55
CA SER P 195 -1.04 -10.61 -41.17
C SER P 195 -1.42 -9.62 -42.27
N THR P 196 -0.57 -9.45 -43.28
CA THR P 196 -0.82 -8.64 -44.47
C THR P 196 -0.75 -7.13 -44.17
N ILE P 197 -0.55 -6.77 -42.91
CA ILE P 197 -0.54 -5.36 -42.50
C ILE P 197 0.47 -4.55 -43.27
N ARG P 198 1.46 -5.19 -43.91
CA ARG P 198 2.44 -4.45 -44.69
C ARG P 198 1.80 -3.64 -45.81
N ARG P 199 0.65 -4.09 -46.33
CA ARG P 199 0.00 -3.37 -47.42
C ARG P 199 -1.34 -2.78 -47.03
N ARG P 200 -1.57 -2.52 -45.74
CA ARG P 200 -2.75 -1.80 -45.28
C ARG P 200 -2.29 -0.52 -44.60
N LYS P 201 -2.00 0.50 -45.42
CA LYS P 201 -1.58 1.79 -44.89
C LYS P 201 -2.73 2.55 -44.24
N LEU P 202 -3.93 2.47 -44.82
CA LEU P 202 -5.10 3.08 -44.17
C LEU P 202 -5.32 2.48 -42.80
N ILE P 203 -5.24 1.16 -42.68
CA ILE P 203 -5.48 0.50 -41.40
C ILE P 203 -4.39 0.87 -40.39
N GLY P 204 -3.13 0.85 -40.82
CA GLY P 204 -2.05 1.22 -39.91
C GLY P 204 -2.18 2.64 -39.40
N LEU P 205 -2.41 3.59 -40.32
CA LEU P 205 -2.52 4.99 -39.94
C LEU P 205 -3.75 5.23 -39.06
N SER P 206 -4.86 4.56 -39.37
CA SER P 206 -6.07 4.71 -38.57
C SER P 206 -5.85 4.17 -37.16
N PHE P 207 -5.17 3.03 -37.04
CA PHE P 207 -4.87 2.50 -35.71
C PHE P 207 -3.99 3.45 -34.93
N GLY P 208 -2.95 3.99 -35.57
CA GLY P 208 -2.09 4.95 -34.91
C GLY P 208 -2.84 6.17 -34.42
N VAL P 209 -3.66 6.76 -35.28
CA VAL P 209 -4.41 7.96 -34.91
C VAL P 209 -5.37 7.66 -33.76
N GLY P 210 -6.11 6.55 -33.84
CA GLY P 210 -7.05 6.23 -32.79
C GLY P 210 -6.38 6.00 -31.45
N MET P 211 -5.31 5.21 -31.44
CA MET P 211 -4.63 4.92 -30.18
C MET P 211 -3.99 6.19 -29.60
N GLY P 212 -3.44 7.04 -30.46
CA GLY P 212 -2.86 8.28 -29.96
C GLY P 212 -3.91 9.20 -29.37
N ALA P 213 -5.05 9.33 -30.03
CA ALA P 213 -6.13 10.16 -29.49
C ALA P 213 -6.61 9.63 -28.15
N PHE P 214 -6.85 8.32 -28.07
CA PHE P 214 -7.31 7.74 -26.81
C PHE P 214 -6.28 7.95 -25.69
N GLY P 215 -5.01 7.68 -25.99
CA GLY P 215 -3.99 7.82 -24.96
C GLY P 215 -3.84 9.23 -24.47
N LEU P 216 -3.83 10.21 -25.39
CA LEU P 216 -3.73 11.61 -24.98
C LEU P 216 -4.93 12.01 -24.13
N GLY P 217 -6.13 11.62 -24.55
CA GLY P 217 -7.31 11.96 -23.78
C GLY P 217 -7.28 11.40 -22.37
N THR P 218 -6.92 10.12 -22.24
CA THR P 218 -6.90 9.51 -20.91
C THR P 218 -5.79 10.07 -20.05
N LEU P 219 -4.63 10.37 -20.63
CA LEU P 219 -3.56 10.98 -19.85
C LEU P 219 -3.97 12.34 -19.31
N VAL P 220 -4.60 13.16 -20.15
CA VAL P 220 -5.01 14.49 -19.71
C VAL P 220 -6.10 14.38 -18.65
N ALA P 221 -7.06 13.48 -18.84
CA ALA P 221 -8.12 13.34 -17.85
C ALA P 221 -7.63 12.71 -16.55
N PHE P 222 -6.54 11.95 -16.60
CA PHE P 222 -5.99 11.33 -15.40
C PHE P 222 -5.11 12.29 -14.62
N ALA P 223 -4.45 13.24 -15.29
CA ALA P 223 -3.56 14.18 -14.61
C ALA P 223 -4.18 15.56 -14.45
N GLY P 224 -5.41 15.77 -14.91
CA GLY P 224 -5.98 17.10 -14.89
C GLY P 224 -6.61 17.53 -13.58
N GLY P 225 -6.89 16.58 -12.69
CA GLY P 225 -7.48 16.91 -11.41
C GLY P 225 -6.52 17.50 -10.40
N LEU P 226 -5.21 17.32 -10.62
CA LEU P 226 -4.22 17.82 -9.68
C LEU P 226 -3.81 19.25 -9.94
N ILE P 227 -4.03 19.76 -11.15
CA ILE P 227 -3.45 21.02 -11.59
C ILE P 227 -4.31 22.18 -11.11
N LYS P 228 -3.68 23.17 -10.47
CA LYS P 228 -4.35 24.35 -9.96
C LYS P 228 -3.60 25.60 -10.41
N ASN P 229 -4.35 26.67 -10.63
CA ASN P 229 -3.77 27.93 -11.08
C ASN P 229 -3.28 28.73 -9.88
N PRO P 230 -1.97 28.99 -9.75
CA PRO P 230 -1.47 29.71 -8.58
C PRO P 230 -1.85 31.19 -8.55
N TRP P 231 -2.30 31.76 -9.67
CA TRP P 231 -2.55 33.20 -9.75
C TRP P 231 -4.03 33.53 -9.84
N LYS P 232 -4.91 32.62 -9.40
CA LYS P 232 -6.28 33.09 -9.42
C LYS P 232 -6.59 33.88 -8.14
N PRO P 233 -7.32 34.99 -8.25
CA PRO P 233 -7.59 35.82 -7.07
C PRO P 233 -8.59 35.15 -6.15
N VAL P 234 -8.16 34.87 -4.91
CA VAL P 234 -9.03 34.22 -3.94
C VAL P 234 -8.99 34.93 -2.60
N VAL P 235 -8.01 35.81 -2.39
CA VAL P 235 -7.80 36.45 -1.09
C VAL P 235 -8.45 37.82 -1.14
N PRO P 236 -9.48 38.09 -0.32
CA PRO P 236 -10.12 39.41 -0.33
C PRO P 236 -9.28 40.42 0.43
N THR P 237 -8.98 41.55 -0.23
CA THR P 237 -8.22 42.62 0.40
C THR P 237 -9.02 43.91 0.30
N ALA P 238 -8.39 45.04 0.66
CA ALA P 238 -9.05 46.33 0.57
C ALA P 238 -9.07 46.88 -0.85
N GLU P 239 -8.49 46.17 -1.81
CA GLU P 239 -8.43 46.66 -3.19
C GLU P 239 -8.87 45.58 -4.17
N GLY P 240 -9.76 44.69 -3.74
CA GLY P 240 -10.26 43.64 -4.60
C GLY P 240 -9.92 42.24 -4.10
N LYS P 241 -9.56 41.35 -5.02
CA LYS P 241 -9.12 40.00 -4.68
C LYS P 241 -7.76 39.77 -5.30
N LYS P 242 -6.82 39.28 -4.48
CA LYS P 242 -5.45 39.04 -4.89
C LYS P 242 -5.13 37.55 -4.78
N ALA P 243 -4.03 37.18 -5.43
CA ALA P 243 -3.51 35.82 -5.35
C ALA P 243 -2.78 35.61 -4.04
N VAL P 244 -2.89 34.38 -3.53
CA VAL P 244 -2.38 34.04 -2.20
C VAL P 244 -0.94 34.50 -2.04
N LEU P 245 -0.11 34.23 -3.04
CA LEU P 245 1.32 34.41 -2.92
C LEU P 245 1.72 35.88 -2.85
N TRP P 246 0.80 36.82 -2.99
CA TRP P 246 1.03 38.23 -2.85
C TRP P 246 0.44 38.80 -1.55
N THR P 247 -0.31 38.00 -0.78
CA THR P 247 -0.93 38.46 0.46
C THR P 247 -0.18 37.86 1.65
N SER P 248 -0.38 38.48 2.81
CA SER P 248 0.38 38.08 4.00
C SER P 248 -0.47 37.77 5.22
N GLY P 249 -1.57 38.48 5.45
CA GLY P 249 -2.21 38.52 6.74
C GLY P 249 -2.02 39.85 7.46
N TRP P 250 -0.95 40.57 7.14
CA TRP P 250 -0.81 41.98 7.47
C TRP P 250 -1.48 42.87 6.44
N THR P 251 -2.08 42.28 5.41
CA THR P 251 -2.71 43.05 4.35
C THR P 251 -4.03 43.65 4.85
N PRO P 252 -4.24 44.95 4.67
CA PRO P 252 -5.50 45.56 5.12
C PRO P 252 -6.69 45.04 4.34
N ARG P 253 -7.83 44.93 5.03
CA ARG P 253 -9.02 44.34 4.45
C ARG P 253 -10.10 45.34 4.05
N TYR P 254 -10.27 46.44 4.80
CA TYR P 254 -11.35 47.37 4.46
C TYR P 254 -10.88 48.83 4.56
N GLN P 255 -9.67 49.12 4.11
CA GLN P 255 -9.20 50.49 3.87
C GLN P 255 -9.29 51.34 5.15
N GLY P 256 -8.46 50.97 6.11
CA GLY P 256 -8.35 51.75 7.33
C GLY P 256 -8.54 50.93 8.59
N GLU P 257 -8.36 49.62 8.49
CA GLU P 257 -8.56 48.76 9.64
C GLU P 257 -7.32 48.72 10.52
N THR P 258 -7.54 48.64 11.83
CA THR P 258 -6.44 48.62 12.79
C THR P 258 -5.96 47.19 12.97
N ILE P 259 -4.68 46.96 12.71
CA ILE P 259 -4.04 45.67 12.88
C ILE P 259 -2.95 45.84 13.93
N TYR P 260 -3.19 45.31 15.13
CA TYR P 260 -2.24 45.46 16.22
C TYR P 260 -1.08 44.48 16.05
N LEU P 261 0.03 44.82 16.70
CA LEU P 261 1.18 43.91 16.82
C LEU P 261 0.99 43.14 18.12
N ALA P 262 0.40 41.97 18.03
CA ALA P 262 0.07 41.19 19.21
C ALA P 262 1.12 40.11 19.45
N ARG P 263 1.43 39.86 20.71
CA ARG P 263 2.39 38.82 21.06
C ARG P 263 1.68 37.63 21.70
N ALA P 264 2.29 36.46 21.54
CA ALA P 264 1.68 35.22 22.00
C ALA P 264 2.03 34.95 23.44
N THR P 265 1.07 34.37 24.17
CA THR P 265 1.25 34.06 25.58
C THR P 265 1.53 32.59 25.84
N GLY P 266 1.38 31.73 24.84
CA GLY P 266 1.61 30.31 25.01
C GLY P 266 0.59 29.59 25.86
N THR P 267 -0.43 30.28 26.36
CA THR P 267 -1.45 29.69 27.20
C THR P 267 -2.83 29.85 26.57
N GLU P 268 -3.76 29.03 27.03
CA GLU P 268 -5.13 29.06 26.55
C GLU P 268 -6.12 29.46 27.63
N ASP P 269 -5.81 30.46 28.45
CA ASP P 269 -6.74 30.83 29.52
C ASP P 269 -7.95 31.57 28.96
N GLY P 270 -7.75 32.80 28.48
CA GLY P 270 -8.65 33.35 27.50
C GLY P 270 -7.98 33.91 26.26
N PRO P 271 -6.90 34.68 26.43
CA PRO P 271 -6.15 35.17 25.28
C PRO P 271 -4.94 34.31 24.98
N PRO P 272 -4.77 33.87 23.74
CA PRO P 272 -3.44 33.48 23.24
C PRO P 272 -2.70 34.58 22.49
N PHE P 273 -3.27 35.78 22.39
CA PHE P 273 -2.62 36.93 21.76
C PHE P 273 -2.99 38.18 22.54
N ILE P 274 -2.00 38.95 22.97
CA ILE P 274 -2.24 40.16 23.73
C ILE P 274 -1.54 41.34 23.07
N LYS P 275 -2.10 42.52 23.26
CA LYS P 275 -1.56 43.73 22.65
C LYS P 275 -0.24 44.12 23.30
N MET P 276 0.38 45.17 22.76
CA MET P 276 1.70 45.60 23.18
C MET P 276 1.76 47.12 23.26
N ARG P 277 2.34 47.61 24.34
CA ARG P 277 2.61 49.02 24.53
C ARG P 277 4.11 49.30 24.38
N PRO P 278 4.48 50.49 23.93
CA PRO P 278 5.91 50.78 23.69
C PRO P 278 6.81 50.54 24.89
N GLU P 279 6.31 50.73 26.10
CA GLU P 279 7.12 50.54 27.29
C GLU P 279 7.15 49.09 27.77
N ASP P 280 6.56 48.16 27.01
CA ASP P 280 6.63 46.74 27.36
C ASP P 280 7.81 46.05 26.69
N MET P 281 9.00 46.64 26.82
CA MET P 281 10.23 46.09 26.28
C MET P 281 11.37 46.99 26.69
N ASP P 282 12.58 46.43 26.71
CA ASP P 282 13.78 47.18 27.02
C ASP P 282 14.59 47.42 25.75
N ALA P 283 15.63 48.24 25.89
CA ALA P 283 16.42 48.69 24.74
C ALA P 283 17.29 47.60 24.14
N GLY P 284 17.17 46.35 24.57
CA GLY P 284 17.95 45.28 23.99
C GLY P 284 17.16 44.03 23.72
N GLY P 285 15.84 44.14 23.69
CA GLY P 285 14.95 42.99 23.56
C GLY P 285 14.46 42.82 22.14
N MET P 286 14.05 41.59 21.82
CA MET P 286 13.40 41.26 20.57
C MET P 286 12.15 40.44 20.88
N GLU P 287 11.05 40.79 20.20
CA GLU P 287 9.78 40.12 20.43
C GLU P 287 9.21 39.67 19.08
N THR P 288 8.56 38.52 19.07
CA THR P 288 7.87 38.04 17.89
C THR P 288 6.40 38.42 17.96
N VAL P 289 5.92 39.13 16.94
CA VAL P 289 4.56 39.64 16.93
C VAL P 289 3.82 39.13 15.69
N PHE P 290 2.50 39.12 15.81
CA PHE P 290 1.54 38.63 14.83
C PHE P 290 0.46 39.68 14.62
N PRO P 291 -0.30 39.59 13.54
CA PRO P 291 -1.38 40.56 13.30
C PRO P 291 -2.64 40.21 14.10
N TRP P 292 -3.14 41.18 14.87
CA TRP P 292 -4.21 40.93 15.83
C TRP P 292 -5.60 41.08 15.24
N ARG P 293 -5.95 42.25 14.72
CA ARG P 293 -7.26 42.43 14.09
C ARG P 293 -8.40 42.13 15.05
N GLU P 294 -8.67 43.03 15.99
CA GLU P 294 -9.54 42.85 17.15
C GLU P 294 -10.83 42.06 16.90
N SER P 295 -11.38 42.11 15.69
CA SER P 295 -12.60 41.38 15.40
C SER P 295 -12.42 39.86 15.49
N ASP P 296 -11.20 39.40 15.76
CA ASP P 296 -10.95 37.98 16.01
C ASP P 296 -11.21 37.60 17.46
N GLY P 297 -11.04 38.54 18.39
CA GLY P 297 -11.33 38.29 19.79
C GLY P 297 -10.48 37.24 20.45
N ASP P 298 -10.60 37.11 21.77
CA ASP P 298 -9.94 36.02 22.47
C ASP P 298 -10.61 34.69 22.13
N GLY P 299 -9.90 33.61 22.37
CA GLY P 299 -10.33 32.31 21.88
C GLY P 299 -11.25 31.53 22.78
N THR P 300 -12.36 32.14 23.21
CA THR P 300 -13.35 31.44 24.03
C THR P 300 -14.38 30.70 23.19
N THR P 301 -15.00 31.38 22.23
CA THR P 301 -15.89 30.69 21.30
C THR P 301 -15.08 29.88 20.29
N VAL P 302 -15.73 28.87 19.71
CA VAL P 302 -15.08 28.04 18.70
C VAL P 302 -14.68 28.86 17.50
N GLU P 303 -15.52 29.82 17.10
CA GLU P 303 -15.21 30.67 15.95
C GLU P 303 -13.97 31.50 16.19
N SER P 304 -13.89 32.15 17.35
CA SER P 304 -12.71 32.92 17.69
C SER P 304 -11.47 32.04 17.81
N HIS P 305 -11.62 30.84 18.36
CA HIS P 305 -10.50 29.92 18.45
C HIS P 305 -9.97 29.56 17.06
N HIS P 306 -10.87 29.32 16.12
CA HIS P 306 -10.45 29.02 14.75
C HIS P 306 -9.76 30.23 14.11
N LYS P 307 -10.27 31.43 14.35
CA LYS P 307 -9.64 32.63 13.82
C LYS P 307 -8.23 32.80 14.37
N LEU P 308 -8.05 32.60 15.66
CA LEU P 308 -6.72 32.72 16.24
C LEU P 308 -5.80 31.62 15.75
N GLN P 309 -6.33 30.44 15.45
CA GLN P 309 -5.47 29.37 14.98
C GLN P 309 -5.02 29.62 13.54
N GLU P 310 -5.88 30.22 12.72
CA GLU P 310 -5.47 30.59 11.37
C GLU P 310 -4.53 31.79 11.40
N ILE P 311 -4.62 32.62 12.44
CA ILE P 311 -3.58 33.63 12.66
C ILE P 311 -2.25 32.94 12.93
N ALA P 312 -2.26 31.95 13.82
CA ALA P 312 -1.01 31.31 14.23
C ALA P 312 -0.35 30.52 13.10
N MET P 313 -1.13 29.81 12.29
CA MET P 313 -0.59 28.97 11.22
C MET P 313 -0.63 29.75 9.91
N GLY P 314 0.31 30.69 9.76
CA GLY P 314 0.48 31.42 8.52
C GLY P 314 1.96 31.65 8.26
N ILE P 315 2.45 31.25 7.09
CA ILE P 315 3.89 31.21 6.87
C ILE P 315 4.52 32.59 6.71
N ARG P 316 3.72 33.62 6.45
CA ARG P 316 4.25 34.98 6.31
C ARG P 316 3.76 35.91 7.42
N ASN P 317 3.24 35.37 8.51
CA ASN P 317 2.71 36.15 9.62
C ASN P 317 3.75 36.67 10.61
N PRO P 318 4.74 35.87 11.04
CA PRO P 318 5.61 36.33 12.14
C PRO P 318 6.47 37.52 11.78
N VAL P 319 6.64 38.41 12.75
CA VAL P 319 7.43 39.63 12.56
C VAL P 319 8.34 39.82 13.77
N MET P 320 9.58 40.22 13.52
CA MET P 320 10.52 40.54 14.57
C MET P 320 10.47 42.02 14.89
N LEU P 321 10.19 42.35 16.15
CA LEU P 321 10.19 43.73 16.63
C LEU P 321 11.37 43.89 17.59
N ILE P 322 12.27 44.80 17.28
CA ILE P 322 13.44 45.04 18.11
C ILE P 322 13.44 46.49 18.56
N ARG P 323 14.06 46.73 19.70
CA ARG P 323 14.23 48.08 20.24
C ARG P 323 15.71 48.37 20.34
N ILE P 324 16.16 49.36 19.59
CA ILE P 324 17.57 49.75 19.56
C ILE P 324 17.84 50.73 20.68
N LYS P 325 19.02 50.62 21.29
CA LYS P 325 19.43 51.57 22.30
C LYS P 325 19.44 52.99 21.73
N PRO P 326 19.04 53.99 22.52
CA PRO P 326 19.07 55.37 22.02
C PRO P 326 20.47 55.88 21.80
N SER P 327 21.48 55.18 22.32
CA SER P 327 22.86 55.63 22.16
C SER P 327 23.30 55.60 20.70
N ASP P 328 22.91 54.56 19.94
CA ASP P 328 23.39 54.54 18.56
C ASP P 328 22.53 55.42 17.67
N LEU P 329 21.34 54.91 17.30
CA LEU P 329 20.27 55.64 16.60
C LEU P 329 20.79 56.62 15.56
N GLY P 330 22.03 56.43 15.11
CA GLY P 330 22.65 57.31 14.14
C GLY P 330 23.52 56.49 13.22
N ARG P 331 23.55 55.18 13.49
CA ARG P 331 24.21 54.20 12.64
C ARG P 331 23.23 53.46 11.76
N VAL P 332 21.97 53.88 11.76
CA VAL P 332 20.94 53.29 10.89
C VAL P 332 21.11 53.90 9.51
N VAL P 333 20.74 53.16 8.47
CA VAL P 333 21.03 53.58 7.10
C VAL P 333 19.75 53.83 6.32
N LYS P 334 18.64 53.21 6.76
CA LYS P 334 17.33 53.66 6.31
C LYS P 334 17.12 53.58 4.80
N ARG P 335 16.86 52.37 4.30
CA ARG P 335 16.62 52.07 2.88
C ARG P 335 15.78 53.12 2.18
N LYS P 336 16.00 53.28 0.86
CA LYS P 336 15.60 54.47 0.12
C LYS P 336 14.13 54.84 0.33
N GLY P 337 13.23 53.85 0.30
CA GLY P 337 11.83 54.14 0.42
C GLY P 337 11.20 53.89 1.76
N GLN P 338 12.00 53.63 2.80
CA GLN P 338 11.50 53.21 4.10
C GLN P 338 12.12 54.04 5.22
N GLU P 339 12.10 55.36 5.05
CA GLU P 339 12.69 56.23 6.06
C GLU P 339 11.77 56.47 7.25
N SER P 340 10.46 56.43 7.03
CA SER P 340 9.48 56.69 8.08
C SER P 340 8.80 55.41 8.54
N PHE P 341 9.42 54.25 8.30
CA PHE P 341 8.85 52.97 8.67
C PHE P 341 9.09 52.62 10.13
N ASN P 342 10.03 53.27 10.80
CA ASN P 342 10.33 53.01 12.19
C ASN P 342 9.65 54.02 13.09
N PHE P 343 9.21 53.57 14.25
CA PHE P 343 8.64 54.42 15.28
C PHE P 343 9.71 54.65 16.33
N GLY P 344 10.58 55.63 16.10
CA GLY P 344 11.67 55.89 17.01
C GLY P 344 12.71 54.79 16.98
N GLU P 345 12.75 53.99 18.04
CA GLU P 345 13.73 52.91 18.16
C GLU P 345 13.15 51.53 17.90
N PHE P 346 11.94 51.45 17.35
CA PHE P 346 11.31 50.19 17.00
C PHE P 346 11.36 50.01 15.48
N PHE P 347 11.72 48.80 15.03
CA PHE P 347 11.88 48.66 13.58
C PHE P 347 11.00 47.60 12.94
N ALA P 348 10.88 46.41 13.55
CA ALA P 348 9.89 45.41 13.13
C ALA P 348 10.09 44.97 11.68
N PHE P 349 11.17 44.21 11.46
CA PHE P 349 11.37 43.53 10.20
C PHE P 349 10.59 42.22 10.15
N THR P 350 10.55 41.60 8.97
CA THR P 350 9.91 40.30 8.84
C THR P 350 10.80 39.22 9.43
N LYS P 351 10.19 38.08 9.76
CA LYS P 351 10.90 36.97 10.36
C LYS P 351 11.15 35.83 9.39
N VAL P 352 10.59 35.89 8.19
CA VAL P 352 10.76 34.86 7.17
C VAL P 352 12.00 35.18 6.36
N CYS P 353 12.94 34.24 6.28
CA CYS P 353 14.17 34.48 5.55
C CYS P 353 13.92 34.49 4.05
N SER P 354 14.68 35.32 3.36
CA SER P 354 14.52 35.51 1.92
C SER P 354 15.24 34.46 1.10
N HIS P 355 15.93 33.51 1.72
CA HIS P 355 16.61 32.47 0.97
C HIS P 355 15.70 31.26 0.73
N LEU P 356 15.22 30.62 1.80
CA LEU P 356 14.36 29.47 1.64
C LEU P 356 13.22 29.43 2.65
N GLY P 357 12.94 30.54 3.33
CA GLY P 357 11.75 30.65 4.13
C GLY P 357 11.83 30.19 5.56
N CYS P 358 13.02 29.84 6.05
CA CYS P 358 13.16 29.47 7.45
C CYS P 358 12.97 30.69 8.34
N PRO P 359 12.59 30.49 9.61
CA PRO P 359 12.51 31.62 10.54
C PRO P 359 13.90 32.13 10.89
N SER P 360 14.13 33.42 10.63
CA SER P 360 15.39 34.09 10.95
C SER P 360 15.28 34.63 12.37
N SER P 361 15.60 33.80 13.36
CA SER P 361 15.29 34.11 14.74
C SER P 361 16.48 34.53 15.58
N LEU P 362 17.71 34.18 15.21
CA LEU P 362 18.84 34.37 16.11
C LEU P 362 19.25 35.82 16.09
N TYR P 363 18.84 36.59 17.09
CA TYR P 363 19.12 38.01 17.17
C TYR P 363 20.23 38.26 18.16
N GLU P 364 21.38 38.71 17.67
CA GLU P 364 22.51 39.09 18.51
C GLU P 364 22.41 40.59 18.78
N GLN P 365 22.21 40.94 20.05
CA GLN P 365 21.78 42.28 20.42
C GLN P 365 22.91 43.30 20.48
N GLN P 366 24.11 42.91 20.90
CA GLN P 366 25.23 43.84 20.93
C GLN P 366 26.01 43.85 19.62
N SER P 367 25.87 42.83 18.79
CA SER P 367 26.30 42.88 17.41
C SER P 367 25.26 43.47 16.48
N TYR P 368 23.99 43.48 16.90
CA TYR P 368 22.87 43.93 16.07
C TYR P 368 22.79 43.12 14.77
N ARG P 369 22.80 41.80 14.90
CA ARG P 369 22.83 40.93 13.74
C ARG P 369 21.71 39.90 13.81
N ILE P 370 21.19 39.53 12.65
CA ILE P 370 20.16 38.51 12.53
C ILE P 370 20.77 37.30 11.82
N LEU P 371 20.59 36.13 12.41
CA LEU P 371 21.16 34.89 11.89
C LEU P 371 20.05 33.84 11.80
N CYS P 372 20.00 33.14 10.66
CA CYS P 372 19.07 32.04 10.46
C CYS P 372 19.78 30.72 10.66
N PRO P 373 19.21 29.80 11.44
CA PRO P 373 19.91 28.54 11.73
C PRO P 373 19.74 27.47 10.67
N CYS P 374 19.20 27.80 9.50
CA CYS P 374 19.02 26.78 8.46
C CYS P 374 20.25 26.71 7.56
N HIS P 375 20.63 27.81 6.93
CA HIS P 375 21.82 27.85 6.09
C HIS P 375 22.73 29.02 6.44
N GLN P 376 22.53 29.63 7.61
CA GLN P 376 23.49 30.55 8.22
C GLN P 376 23.70 31.82 7.38
N SER P 377 22.61 32.47 7.02
CA SER P 377 22.69 33.81 6.46
C SER P 377 22.68 34.82 7.61
N GLN P 378 23.29 35.97 7.36
CA GLN P 378 23.39 37.02 8.37
C GLN P 378 22.91 38.34 7.77
N PHE P 379 22.16 39.10 8.56
CA PHE P 379 21.57 40.36 8.14
C PHE P 379 21.92 41.43 9.14
N ASP P 380 22.19 42.64 8.66
CA ASP P 380 22.58 43.76 9.50
C ASP P 380 21.34 44.54 9.89
N ALA P 381 20.91 44.41 11.15
CA ALA P 381 19.71 45.08 11.62
C ALA P 381 19.84 46.60 11.58
N LEU P 382 21.06 47.12 11.56
CA LEU P 382 21.27 48.56 11.48
C LEU P 382 21.39 49.06 10.04
N HIS P 383 21.49 48.17 9.07
CA HIS P 383 21.55 48.54 7.65
C HIS P 383 20.40 47.83 6.95
N PHE P 384 19.18 48.32 7.17
CA PHE P 384 17.90 47.80 6.66
C PHE P 384 17.89 46.29 6.42
N ALA P 385 18.47 45.53 7.34
CA ALA P 385 18.50 44.06 7.27
C ALA P 385 19.08 43.57 5.94
N LYS P 386 20.16 44.21 5.50
CA LYS P 386 20.86 43.79 4.29
C LYS P 386 21.69 42.55 4.56
N PRO P 387 21.71 41.58 3.64
CA PRO P 387 22.52 40.38 3.87
C PRO P 387 24.01 40.67 3.75
N ILE P 388 24.77 40.12 4.69
CA ILE P 388 26.22 40.34 4.76
C ILE P 388 27.01 39.05 4.75
N PHE P 389 26.34 37.89 4.74
CA PHE P 389 27.04 36.61 4.75
C PHE P 389 26.02 35.51 4.49
N GLY P 390 26.47 34.47 3.79
CA GLY P 390 25.66 33.29 3.58
C GLY P 390 25.07 33.21 2.19
N PRO P 391 24.14 32.28 1.99
CA PRO P 391 23.55 32.08 0.66
C PRO P 391 22.43 33.04 0.32
N ALA P 392 21.96 33.87 1.25
CA ALA P 392 20.91 34.82 0.95
C ALA P 392 21.46 35.98 0.13
N ALA P 393 20.58 36.58 -0.67
CA ALA P 393 20.99 37.65 -1.57
C ALA P 393 20.17 38.93 -1.46
N ARG P 394 18.95 38.86 -0.91
CA ARG P 394 18.08 40.02 -0.81
C ARG P 394 17.84 40.37 0.65
N ALA P 395 17.50 41.63 0.90
CA ALA P 395 17.27 42.10 2.25
C ALA P 395 15.90 41.65 2.76
N LEU P 396 15.74 41.70 4.08
CA LEU P 396 14.46 41.36 4.69
C LEU P 396 13.50 42.53 4.58
N ALA P 397 12.24 42.21 4.31
CA ALA P 397 11.21 43.23 4.17
C ALA P 397 10.90 43.87 5.52
N GLN P 398 10.72 45.19 5.50
CA GLN P 398 10.43 45.95 6.70
C GLN P 398 8.97 46.37 6.71
N LEU P 399 8.36 46.35 7.88
CA LEU P 399 6.97 46.71 8.12
C LEU P 399 6.87 48.11 8.71
N PRO P 400 5.95 48.94 8.22
CA PRO P 400 5.72 50.24 8.86
C PRO P 400 4.90 50.09 10.12
N ILE P 401 5.32 50.78 11.17
CA ILE P 401 4.65 50.71 12.46
C ILE P 401 4.41 52.11 13.00
N THR P 402 3.45 52.20 13.92
CA THR P 402 3.13 53.45 14.61
C THR P 402 2.35 53.08 15.87
N ILE P 403 1.75 54.09 16.51
CA ILE P 403 0.87 53.86 17.65
C ILE P 403 -0.49 54.46 17.32
N ASP P 404 -1.51 53.96 18.01
CA ASP P 404 -2.86 54.46 17.88
C ASP P 404 -3.16 55.46 19.00
N THR P 405 -4.39 55.97 19.01
CA THR P 405 -4.79 56.95 19.99
C THR P 405 -4.85 56.39 21.41
N ASP P 406 -4.80 55.07 21.57
CA ASP P 406 -4.79 54.45 22.89
C ASP P 406 -3.40 54.06 23.37
N GLY P 407 -2.37 54.26 22.56
CA GLY P 407 -1.02 53.97 22.97
C GLY P 407 -0.54 52.56 22.68
N TYR P 408 -1.22 51.82 21.82
CA TYR P 408 -0.79 50.48 21.44
C TYR P 408 -0.07 50.53 20.10
N LEU P 409 0.92 49.65 19.95
CA LEU P 409 1.66 49.59 18.70
C LEU P 409 0.83 48.88 17.63
N VAL P 410 0.71 49.52 16.47
CA VAL P 410 -0.07 49.01 15.35
C VAL P 410 0.77 49.14 14.08
N ALA P 411 0.30 48.49 13.03
CA ALA P 411 0.94 48.60 11.72
C ALA P 411 0.43 49.83 10.99
N ASN P 412 1.33 50.50 10.29
CA ASN P 412 1.04 51.73 9.56
C ASN P 412 0.93 51.46 8.06
N GLY P 413 0.38 50.30 7.70
CA GLY P 413 0.25 49.93 6.30
C GLY P 413 0.66 48.51 6.03
N ASP P 414 1.03 48.21 4.79
CA ASP P 414 1.41 46.87 4.39
C ASP P 414 2.86 46.86 3.92
N PHE P 415 3.43 45.66 3.84
CA PHE P 415 4.74 45.49 3.23
C PHE P 415 4.73 46.06 1.81
N VAL P 416 5.86 46.64 1.41
CA VAL P 416 5.98 47.21 0.07
C VAL P 416 6.60 46.21 -0.91
N GLU P 417 6.69 44.94 -0.54
CA GLU P 417 7.26 43.91 -1.40
C GLU P 417 6.84 42.56 -0.87
N PRO P 418 6.83 41.52 -1.72
CA PRO P 418 6.46 40.19 -1.26
C PRO P 418 7.44 39.65 -0.22
N VAL P 419 6.94 38.76 0.63
CA VAL P 419 7.68 38.23 1.77
C VAL P 419 8.07 36.78 1.50
N GLY P 420 9.32 36.44 1.79
CA GLY P 420 9.77 35.08 1.69
C GLY P 420 10.67 34.83 0.50
N PRO P 421 10.77 33.57 0.09
CA PRO P 421 11.60 33.23 -1.07
C PRO P 421 11.04 33.84 -2.35
N ALA P 422 11.91 33.91 -3.35
CA ALA P 422 11.55 34.50 -4.63
C ALA P 422 11.04 33.42 -5.60
N PHE P 423 10.51 33.88 -6.73
CA PHE P 423 9.99 33.01 -7.76
C PHE P 423 10.08 33.72 -9.10
N TRP P 424 9.55 33.07 -10.14
CA TRP P 424 9.69 33.57 -11.51
C TRP P 424 9.04 34.93 -11.69
N GLU P 425 8.01 35.25 -10.92
CA GLU P 425 7.23 36.45 -11.20
C GLU P 425 7.85 37.69 -10.56
N ARG P 426 8.22 37.60 -9.29
CA ARG P 426 8.90 38.69 -8.59
C ARG P 426 9.33 38.17 -7.22
N THR P 427 9.89 39.06 -6.40
CA THR P 427 10.28 38.78 -5.02
C THR P 427 9.17 38.06 -4.26
N ALA Q 60 25.30 47.67 57.06
CA ALA Q 60 26.70 47.43 56.77
C ALA Q 60 26.87 46.73 55.44
N LEU Q 61 25.77 46.43 54.77
CA LEU Q 61 25.84 45.83 53.44
C LEU Q 61 26.32 46.85 52.42
N LEU Q 62 25.74 48.05 52.45
CA LEU Q 62 26.17 49.10 51.54
C LEU Q 62 27.64 49.47 51.76
N ARG Q 63 28.11 49.37 52.99
CA ARG Q 63 29.50 49.70 53.28
C ARG Q 63 30.44 48.61 52.77
N THR Q 64 30.20 47.36 53.17
CA THR Q 64 31.04 46.26 52.72
C THR Q 64 30.97 46.10 51.20
N GLY Q 65 29.85 46.50 50.59
CA GLY Q 65 29.72 46.38 49.16
C GLY Q 65 30.63 47.36 48.41
N LYS Q 66 30.64 48.62 48.86
CA LYS Q 66 31.46 49.63 48.19
C LYS Q 66 32.95 49.29 48.28
N GLN Q 67 33.42 48.97 49.49
CA GLN Q 67 34.82 48.61 49.67
C GLN Q 67 35.21 47.44 48.76
N LEU Q 68 34.37 46.40 48.73
CA LEU Q 68 34.64 45.27 47.84
C LEU Q 68 34.54 45.69 46.38
N PHE Q 69 33.64 46.62 46.07
CA PHE Q 69 33.52 47.10 44.69
C PHE Q 69 34.67 48.02 44.34
N ASP Q 70 35.05 48.92 45.24
CA ASP Q 70 36.10 49.89 44.93
C ASP Q 70 37.44 49.21 44.72
N THR Q 71 37.62 48.02 45.30
CA THR Q 71 38.89 47.31 45.13
C THR Q 71 38.99 46.68 43.75
N SER Q 72 37.93 46.03 43.29
CA SER Q 72 38.01 45.20 42.09
C SER Q 72 37.09 45.65 40.95
N CYS Q 73 36.14 46.56 41.20
CA CYS Q 73 35.18 46.95 40.17
C CYS Q 73 35.38 48.36 39.63
N VAL Q 74 35.86 49.31 40.44
CA VAL Q 74 36.03 50.68 39.95
C VAL Q 74 37.05 50.73 38.83
N SER Q 75 38.05 49.84 38.86
CA SER Q 75 39.04 49.76 37.80
C SER Q 75 38.37 49.59 36.43
N CYS Q 76 37.28 48.83 36.39
CA CYS Q 76 36.64 48.53 35.11
C CYS Q 76 35.58 49.56 34.75
N HIS Q 77 34.64 49.81 35.65
CA HIS Q 77 33.48 50.64 35.32
C HIS Q 77 33.69 52.10 35.69
N GLY Q 78 33.94 52.39 36.96
CA GLY Q 78 34.21 53.77 37.35
C GLY Q 78 33.93 54.02 38.81
N ALA Q 79 34.35 55.20 39.26
CA ALA Q 79 34.18 55.56 40.67
C ALA Q 79 32.72 55.76 41.01
N ASN Q 80 31.93 56.32 40.09
CA ASN Q 80 30.51 56.55 40.30
C ASN Q 80 29.65 55.53 39.57
N LEU Q 81 30.24 54.44 39.08
CA LEU Q 81 29.53 53.41 38.33
C LEU Q 81 28.85 53.99 37.10
N GLN Q 82 29.64 54.69 36.27
CA GLN Q 82 29.14 55.30 35.05
C GLN Q 82 29.73 54.73 33.78
N GLY Q 83 30.84 54.00 33.87
CA GLY Q 83 31.38 53.34 32.69
C GLY Q 83 32.61 54.03 32.13
N VAL Q 84 33.72 53.33 32.17
CA VAL Q 84 34.94 53.79 31.49
C VAL Q 84 34.74 53.65 29.99
N PRO Q 85 35.10 54.67 29.19
CA PRO Q 85 34.85 54.57 27.74
C PRO Q 85 35.52 53.38 27.07
N ASP Q 86 36.60 52.85 27.66
CA ASP Q 86 37.29 51.72 27.04
C ASP Q 86 37.04 50.43 27.81
N HIS Q 87 36.98 50.50 29.14
CA HIS Q 87 36.99 49.30 29.96
C HIS Q 87 35.62 48.66 30.15
N GLY Q 88 34.68 49.36 30.79
CA GLY Q 88 33.44 48.74 31.21
C GLY Q 88 32.19 49.51 30.86
N PRO Q 89 31.03 48.86 31.04
CA PRO Q 89 29.75 49.53 30.77
C PRO Q 89 29.30 50.38 31.94
N SER Q 90 28.09 50.93 31.81
CA SER Q 90 27.60 51.92 32.75
C SER Q 90 27.29 51.30 34.11
N LEU Q 91 26.38 50.33 34.15
CA LEU Q 91 25.93 49.59 35.35
C LEU Q 91 24.99 50.39 36.25
N ILE Q 92 24.42 51.49 35.77
CA ILE Q 92 23.49 52.24 36.63
C ILE Q 92 22.15 51.52 36.71
N GLY Q 93 21.51 51.28 35.56
CA GLY Q 93 20.17 50.74 35.55
C GLY Q 93 20.06 49.28 35.97
N VAL Q 94 21.18 48.55 35.97
CA VAL Q 94 21.14 47.15 36.32
C VAL Q 94 20.88 47.01 37.82
N GLY Q 95 20.26 45.91 38.21
CA GLY Q 95 19.88 45.67 39.58
C GLY Q 95 20.79 44.69 40.28
N GLU Q 96 20.28 44.07 41.33
CA GLU Q 96 21.05 43.03 42.03
C GLU Q 96 21.05 41.73 41.24
N ALA Q 97 20.11 41.57 40.30
CA ALA Q 97 20.03 40.33 39.54
C ALA Q 97 21.21 40.18 38.60
N ALA Q 98 21.63 41.27 37.95
CA ALA Q 98 22.79 41.20 37.08
C ALA Q 98 24.06 40.91 37.88
N VAL Q 99 24.20 41.56 39.04
CA VAL Q 99 25.35 41.31 39.89
C VAL Q 99 25.38 39.86 40.35
N TYR Q 100 24.22 39.32 40.72
CA TYR Q 100 24.17 37.93 41.13
C TYR Q 100 24.57 37.00 40.00
N PHE Q 101 23.93 37.13 38.84
CA PHE Q 101 24.21 36.25 37.71
C PHE Q 101 25.68 36.32 37.32
N GLN Q 102 26.16 37.51 36.96
CA GLN Q 102 27.50 37.67 36.42
C GLN Q 102 28.59 37.22 37.40
N VAL Q 103 28.37 37.35 38.70
CA VAL Q 103 29.38 36.99 39.68
C VAL Q 103 29.31 35.50 40.00
N SER Q 104 28.10 35.00 40.25
CA SER Q 104 27.93 33.59 40.58
C SER Q 104 28.38 32.68 39.44
N THR Q 105 28.12 33.07 38.20
CA THR Q 105 28.58 32.27 37.07
C THR Q 105 30.06 32.44 36.78
N GLY Q 106 30.79 33.21 37.60
CA GLY Q 106 32.20 33.41 37.42
C GLY Q 106 32.59 34.23 36.21
N ARG Q 107 31.62 34.79 35.48
CA ARG Q 107 31.94 35.60 34.32
C ARG Q 107 32.55 36.95 34.74
N MET Q 108 32.29 37.36 35.96
CA MET Q 108 32.84 38.59 36.51
C MET Q 108 34.26 38.37 37.02
N PRO Q 109 34.82 39.35 37.73
CA PRO Q 109 35.96 40.10 37.19
C PRO Q 109 36.80 39.31 36.20
N ALA Q 110 36.90 39.88 35.01
CA ALA Q 110 37.52 39.26 33.86
C ALA Q 110 38.78 40.04 33.48
N MET Q 111 39.36 39.70 32.33
CA MET Q 111 40.50 40.43 31.78
C MET Q 111 40.17 41.90 31.57
N ALA Q 117 34.31 34.38 27.02
CA ALA Q 117 34.35 34.35 28.48
C ALA Q 117 33.38 33.30 29.03
N PRO Q 118 33.83 32.05 29.10
CA PRO Q 118 32.95 30.99 29.58
C PRO Q 118 32.74 31.07 31.09
N ARG Q 119 31.90 30.16 31.57
CA ARG Q 119 31.61 30.11 33.00
C ARG Q 119 32.81 29.57 33.77
N LYS Q 120 32.95 30.03 35.01
CA LYS Q 120 34.07 29.63 35.86
C LYS Q 120 33.61 29.63 37.31
N ASP Q 121 34.57 29.41 38.21
CA ASP Q 121 34.24 29.40 39.63
C ASP Q 121 34.22 30.83 40.17
N PRO Q 122 33.25 31.15 41.03
CA PRO Q 122 33.13 32.52 41.54
C PRO Q 122 34.17 32.79 42.63
N ILE Q 123 34.63 34.03 42.70
CA ILE Q 123 35.63 34.40 43.69
C ILE Q 123 34.97 34.84 44.99
N PHE Q 124 33.92 35.64 44.89
CA PHE Q 124 33.14 36.07 46.05
C PHE Q 124 32.08 35.01 46.33
N ASP Q 125 31.82 34.74 47.61
CA ASP Q 125 31.05 33.58 48.02
C ASP Q 125 29.83 33.98 48.84
N GLU Q 126 28.74 34.32 48.14
CA GLU Q 126 27.38 34.29 48.70
C GLU Q 126 27.12 35.32 49.79
N ALA Q 127 28.16 36.04 50.20
CA ALA Q 127 27.97 37.14 51.16
C ALA Q 127 28.53 38.43 50.60
N GLN Q 128 29.77 38.38 50.10
CA GLN Q 128 30.30 39.48 49.33
C GLN Q 128 29.43 39.76 48.10
N ILE Q 129 28.94 38.69 47.46
CA ILE Q 129 28.08 38.88 46.29
C ILE Q 129 26.81 39.62 46.67
N ASP Q 130 26.19 39.24 47.78
CA ASP Q 130 24.97 39.90 48.22
C ASP Q 130 25.24 41.35 48.62
N ALA Q 131 26.39 41.62 49.24
CA ALA Q 131 26.73 42.99 49.60
C ALA Q 131 26.94 43.86 48.38
N ILE Q 132 27.69 43.35 47.40
CA ILE Q 132 27.90 44.09 46.15
C ILE Q 132 26.58 44.31 45.43
N GLY Q 133 25.71 43.31 45.44
CA GLY Q 133 24.41 43.47 44.81
C GLY Q 133 23.57 44.55 45.48
N ALA Q 134 23.53 44.55 46.80
CA ALA Q 134 22.81 45.60 47.53
C ALA Q 134 23.40 46.97 47.24
N TYR Q 135 24.73 47.06 47.14
CA TYR Q 135 25.37 48.35 46.87
C TYR Q 135 25.01 48.85 45.48
N VAL Q 136 25.06 47.97 44.48
CA VAL Q 136 24.76 48.40 43.11
C VAL Q 136 23.28 48.71 42.95
N GLN Q 137 22.43 48.02 43.69
CA GLN Q 137 21.01 48.33 43.67
C GLN Q 137 20.74 49.67 44.35
N ALA Q 138 21.50 50.00 45.38
CA ALA Q 138 21.28 51.25 46.10
C ALA Q 138 21.60 52.47 45.25
N ASN Q 139 22.24 52.28 44.10
CA ASN Q 139 22.56 53.39 43.22
C ASN Q 139 22.17 53.09 41.79
N PRO Q 143 15.77 45.41 38.78
CA PRO Q 143 15.55 43.96 38.85
C PRO Q 143 16.26 43.33 40.04
N THR Q 144 15.49 42.81 40.98
CA THR Q 144 16.02 42.21 42.20
C THR Q 144 16.02 40.69 42.07
N VAL Q 145 16.79 40.05 42.96
CA VAL Q 145 16.77 38.60 43.04
C VAL Q 145 15.59 38.16 43.89
N VAL Q 146 15.07 36.96 43.62
CA VAL Q 146 13.95 36.40 44.34
C VAL Q 146 14.48 35.63 45.54
N ARG Q 147 13.85 35.81 46.69
CA ARG Q 147 14.28 35.19 47.93
C ARG Q 147 13.15 34.37 48.55
N ASN Q 148 13.52 33.45 49.42
CA ASN Q 148 12.57 32.67 50.18
C ASN Q 148 12.09 33.45 51.39
N PRO Q 149 10.96 33.06 51.98
CA PRO Q 149 10.49 33.77 53.18
C PRO Q 149 11.44 33.70 54.36
N ASP Q 150 12.49 32.87 54.28
CA ASP Q 150 13.52 32.81 55.30
C ASP Q 150 14.77 33.60 54.92
N GLY Q 151 14.77 34.28 53.77
CA GLY Q 151 15.89 35.08 53.35
C GLY Q 151 16.85 34.42 52.39
N SER Q 152 16.80 33.10 52.24
CA SER Q 152 17.66 32.42 51.30
C SER Q 152 17.18 32.65 49.86
N ILE Q 153 18.06 32.35 48.90
CA ILE Q 153 17.69 32.50 47.50
C ILE Q 153 16.81 31.33 47.07
N ALA Q 154 15.79 31.63 46.28
CA ALA Q 154 14.81 30.61 45.90
C ALA Q 154 15.43 29.60 44.95
N THR Q 155 15.22 28.31 45.24
CA THR Q 155 15.69 27.26 44.35
C THR Q 155 14.54 26.46 43.73
N GLN Q 156 13.62 25.94 44.54
CA GLN Q 156 12.55 25.11 44.01
C GLN Q 156 11.28 25.93 43.80
N SER Q 157 11.21 27.13 44.41
CA SER Q 157 10.02 27.95 44.27
C SER Q 157 9.86 28.49 42.86
N LEU Q 158 10.94 28.47 42.06
CA LEU Q 158 10.89 29.10 40.75
C LEU Q 158 10.38 28.14 39.68
N ARG Q 159 10.12 26.90 40.06
CA ARG Q 159 9.57 25.94 39.09
C ARG Q 159 8.08 26.15 38.91
N GLY Q 160 7.59 25.89 37.71
CA GLY Q 160 6.19 26.07 37.40
C GLY Q 160 5.50 24.75 37.12
N ASN Q 161 4.20 24.82 36.90
CA ASN Q 161 3.41 23.59 36.79
C ASN Q 161 2.89 23.37 35.37
N ASP Q 162 3.01 24.37 34.49
CA ASP Q 162 2.50 24.24 33.13
C ASP Q 162 3.66 23.96 32.19
N LEU Q 163 4.04 22.68 32.12
CA LEU Q 163 5.18 22.29 31.29
C LEU Q 163 4.92 22.49 29.82
N GLY Q 164 3.68 22.30 29.36
CA GLY Q 164 3.37 22.52 27.96
C GLY Q 164 3.54 23.98 27.55
N ARG Q 165 3.02 24.89 28.36
CA ARG Q 165 3.20 26.31 28.12
C ARG Q 165 4.68 26.68 28.15
N GLY Q 166 5.41 26.17 29.15
CA GLY Q 166 6.83 26.42 29.22
C GLY Q 166 7.58 25.94 27.99
N GLY Q 167 7.19 24.78 27.47
CA GLY Q 167 7.85 24.24 26.29
C GLY Q 167 7.55 25.03 25.04
N ASP Q 168 6.29 25.45 24.86
CA ASP Q 168 5.96 26.32 23.73
C ASP Q 168 6.75 27.62 23.79
N LEU Q 169 6.79 28.25 24.97
CA LEU Q 169 7.51 29.51 25.11
C LEU Q 169 9.00 29.31 24.85
N PHE Q 170 9.56 28.20 25.33
CA PHE Q 170 10.98 27.93 25.09
C PHE Q 170 11.26 27.72 23.61
N ARG Q 171 10.41 26.96 22.91
CA ARG Q 171 10.66 26.74 21.50
C ARG Q 171 10.46 28.01 20.68
N LEU Q 172 9.66 28.95 21.17
CA LEU Q 172 9.47 30.19 20.42
C LEU Q 172 10.57 31.21 20.71
N ASN Q 173 11.06 31.27 21.95
CA ASN Q 173 11.94 32.36 22.36
C ASN Q 173 13.40 31.94 22.55
N CYS Q 174 13.66 30.70 22.94
CA CYS Q 174 14.97 30.29 23.42
C CYS Q 174 15.63 29.22 22.58
N ALA Q 175 14.85 28.31 21.97
CA ALA Q 175 15.42 27.17 21.27
C ALA Q 175 16.15 27.56 19.99
N SER Q 176 15.94 28.78 19.48
CA SER Q 176 16.64 29.19 18.27
C SER Q 176 18.15 29.25 18.48
N CYS Q 177 18.58 29.53 19.71
CA CYS Q 177 20.00 29.69 19.99
C CYS Q 177 20.61 28.51 20.73
N HIS Q 178 19.93 27.95 21.73
CA HIS Q 178 20.52 26.83 22.47
C HIS Q 178 20.26 25.49 21.77
N ASN Q 179 19.01 25.01 21.81
CA ASN Q 179 18.64 23.76 21.18
C ASN Q 179 17.18 23.43 21.43
N PHE Q 180 16.70 22.34 20.82
CA PHE Q 180 15.44 21.74 21.26
C PHE Q 180 15.47 21.46 22.75
N THR Q 181 16.57 20.91 23.25
CA THR Q 181 16.68 20.46 24.63
C THR Q 181 17.81 21.14 25.39
N GLY Q 182 18.16 22.37 25.03
CA GLY Q 182 19.11 23.12 25.82
C GLY Q 182 20.55 22.74 25.64
N LYS Q 183 20.92 22.13 24.53
CA LYS Q 183 22.31 21.93 24.19
C LYS Q 183 22.88 23.27 23.72
N GLY Q 184 24.14 23.28 23.28
CA GLY Q 184 24.73 24.50 22.81
C GLY Q 184 24.31 24.84 21.40
N GLY Q 185 24.72 26.02 20.96
CA GLY Q 185 24.47 26.46 19.60
C GLY Q 185 25.61 27.31 19.10
N ALA Q 186 25.78 27.36 17.79
CA ALA Q 186 26.82 28.19 17.20
C ALA Q 186 26.25 29.54 16.78
N LEU Q 187 26.98 30.60 17.12
CA LEU Q 187 26.68 31.94 16.66
C LEU Q 187 27.75 32.36 15.66
N SER Q 188 27.60 33.57 15.13
CA SER Q 188 28.47 34.02 14.05
C SER Q 188 29.78 34.57 14.60
N SER Q 189 30.88 34.24 13.91
CA SER Q 189 32.18 34.89 14.09
C SER Q 189 32.68 34.76 15.53
N GLY Q 190 32.98 33.51 15.92
CA GLY Q 190 33.38 33.29 17.29
C GLY Q 190 32.28 32.80 18.19
N LYS Q 191 31.56 33.74 18.81
CA LYS Q 191 30.60 33.53 19.89
C LYS Q 191 29.68 32.33 19.70
N TYR Q 192 29.24 31.76 20.82
CA TYR Q 192 28.35 30.61 20.82
C TYR Q 192 27.40 30.71 22.01
N ALA Q 193 26.34 29.92 21.98
CA ALA Q 193 25.40 29.81 23.09
C ALA Q 193 25.67 28.54 23.87
N PRO Q 194 25.79 28.63 25.19
CA PRO Q 194 26.28 27.49 25.97
C PRO Q 194 25.20 26.43 26.21
N ASP Q 195 25.64 25.34 26.83
CA ASP Q 195 24.73 24.32 27.32
C ASP Q 195 24.02 24.80 28.59
N LEU Q 196 22.76 24.39 28.74
CA LEU Q 196 21.93 24.85 29.84
C LEU Q 196 21.93 23.89 31.03
N ALA Q 197 22.80 22.89 31.02
CA ALA Q 197 22.78 21.90 32.11
C ALA Q 197 23.32 22.44 33.43
N PRO Q 198 24.46 23.13 33.49
CA PRO Q 198 25.03 23.50 34.79
C PRO Q 198 24.43 24.74 35.43
N ALA Q 199 23.29 25.24 34.95
CA ALA Q 199 22.67 26.43 35.52
C ALA Q 199 21.52 26.03 36.45
N ASN Q 200 21.41 26.76 37.56
CA ASN Q 200 20.30 26.54 38.48
C ASN Q 200 19.15 27.50 38.17
N GLU Q 201 18.08 27.41 38.95
CA GLU Q 201 16.85 28.14 38.64
C GLU Q 201 17.05 29.64 38.77
N GLN Q 202 17.70 30.08 39.84
CA GLN Q 202 17.94 31.51 40.02
C GLN Q 202 18.87 32.04 38.93
N GLN Q 203 19.82 31.23 38.49
CA GLN Q 203 20.71 31.64 37.42
C GLN Q 203 19.96 31.78 36.10
N ILE Q 204 19.05 30.86 35.80
CA ILE Q 204 18.24 30.97 34.60
C ILE Q 204 17.37 32.23 34.65
N LEU Q 205 16.75 32.47 35.81
CA LEU Q 205 15.90 33.65 35.97
C LEU Q 205 16.68 34.92 35.73
N THR Q 206 17.83 35.07 36.41
CA THR Q 206 18.63 36.28 36.24
C THR Q 206 19.19 36.39 34.82
N ALA Q 207 19.50 35.26 34.19
CA ALA Q 207 19.97 35.29 32.81
C ALA Q 207 18.93 35.90 31.89
N MET Q 208 17.69 35.40 31.94
CA MET Q 208 16.68 35.95 31.06
C MET Q 208 16.16 37.30 31.54
N LEU Q 209 16.43 37.70 32.79
CA LEU Q 209 16.08 39.04 33.24
C LEU Q 209 17.07 40.10 32.80
N THR Q 210 18.36 39.77 32.75
CA THR Q 210 19.38 40.78 32.45
C THR Q 210 19.90 40.73 31.02
N GLY Q 211 19.84 39.58 30.35
CA GLY Q 211 20.24 39.50 28.97
C GLY Q 211 21.73 39.70 28.77
N PRO Q 212 22.54 38.71 29.16
CA PRO Q 212 24.01 38.81 28.99
C PRO Q 212 24.41 38.98 27.52
N GLN Q 213 25.71 39.14 27.28
CA GLN Q 213 26.24 39.51 25.97
C GLN Q 213 25.60 38.71 24.84
N ASN Q 214 25.16 39.43 23.80
CA ASN Q 214 24.55 38.88 22.59
C ASN Q 214 23.24 38.15 22.85
N MET Q 215 22.77 38.12 24.09
CA MET Q 215 21.48 37.54 24.40
C MET Q 215 20.47 38.64 24.64
N PRO Q 216 19.31 38.61 23.98
CA PRO Q 216 18.32 39.67 24.19
C PRO Q 216 17.81 39.69 25.63
N LYS Q 217 17.51 40.88 26.11
CA LYS Q 217 17.05 41.10 27.47
C LYS Q 217 15.53 40.98 27.49
N PHE Q 218 15.02 40.02 28.26
CA PHE Q 218 13.59 39.75 28.33
C PHE Q 218 13.02 40.46 29.54
N SER Q 219 12.37 41.59 29.30
CA SER Q 219 11.74 42.37 30.36
C SER Q 219 10.67 41.56 31.05
N ASN Q 220 10.38 41.93 32.30
CA ASN Q 220 9.33 41.28 33.06
C ASN Q 220 7.93 41.69 32.58
N ARG Q 221 7.84 42.74 31.76
CA ARG Q 221 6.57 43.17 31.21
C ARG Q 221 6.24 42.49 29.89
N GLN Q 222 7.24 41.99 29.17
CA GLN Q 222 7.00 41.23 27.95
C GLN Q 222 6.97 39.73 28.19
N LEU Q 223 7.58 39.24 29.26
CA LEU Q 223 7.58 37.82 29.62
C LEU Q 223 7.33 37.74 31.12
N SER Q 224 6.10 37.41 31.50
CA SER Q 224 5.68 37.51 32.89
C SER Q 224 6.46 36.53 33.77
N PHE Q 225 6.36 36.76 35.08
CA PHE Q 225 7.06 35.93 36.04
C PHE Q 225 6.57 34.48 36.00
N GLU Q 226 5.26 34.29 35.82
CA GLU Q 226 4.71 32.94 35.77
C GLU Q 226 5.17 32.20 34.51
N ALA Q 227 5.20 32.90 33.38
CA ALA Q 227 5.74 32.30 32.16
C ALA Q 227 7.21 31.94 32.34
N LYS Q 228 7.96 32.81 33.02
CA LYS Q 228 9.36 32.51 33.29
C LYS Q 228 9.49 31.27 34.16
N LYS Q 229 8.64 31.11 35.16
CA LYS Q 229 8.69 29.93 36.02
C LYS Q 229 8.34 28.67 35.25
N ASP Q 230 7.37 28.76 34.34
CA ASP Q 230 7.05 27.61 33.49
C ASP Q 230 8.24 27.24 32.60
N ILE Q 231 8.92 28.24 32.03
CA ILE Q 231 10.09 27.96 31.21
C ILE Q 231 11.19 27.32 32.04
N ILE Q 232 11.35 27.78 33.29
CA ILE Q 232 12.38 27.21 34.16
C ILE Q 232 12.08 25.74 34.45
N ALA Q 233 10.83 25.44 34.77
CA ALA Q 233 10.42 24.06 34.97
C ALA Q 233 10.69 23.21 33.73
N TYR Q 234 10.37 23.75 32.55
CA TYR Q 234 10.55 23.00 31.32
C TYR Q 234 12.02 22.70 31.06
N VAL Q 235 12.90 23.68 31.25
CA VAL Q 235 14.31 23.42 30.98
C VAL Q 235 14.91 22.48 32.03
N LYS Q 236 14.49 22.61 33.30
CA LYS Q 236 14.99 21.69 34.31
C LYS Q 236 14.52 20.26 34.08
N VAL Q 237 13.35 20.08 33.47
CA VAL Q 237 12.95 18.74 33.08
C VAL Q 237 13.70 18.26 31.83
N ALA Q 238 13.88 19.12 30.83
CA ALA Q 238 14.53 18.73 29.60
C ALA Q 238 16.01 18.46 29.76
N THR Q 239 16.63 18.92 30.86
CA THR Q 239 18.05 18.69 31.05
C THR Q 239 18.36 17.47 31.92
N GLU Q 240 17.39 16.94 32.66
CA GLU Q 240 17.67 15.92 33.65
C GLU Q 240 16.80 14.67 33.55
N ALA Q 241 15.99 14.55 32.51
CA ALA Q 241 15.15 13.36 32.34
C ALA Q 241 15.88 12.29 31.54
N ARG Q 242 15.71 11.04 31.94
CA ARG Q 242 16.36 9.92 31.27
C ARG Q 242 15.70 9.65 29.92
N GLN Q 243 16.54 9.26 28.95
CA GLN Q 243 16.08 9.00 27.59
C GLN Q 243 15.49 7.59 27.53
N PRO Q 244 14.26 7.43 27.05
CA PRO Q 244 13.62 6.11 27.08
C PRO Q 244 13.91 5.23 25.87
N GLY Q 245 14.90 5.60 25.06
CA GLY Q 245 15.11 4.89 23.81
C GLY Q 245 16.52 4.37 23.66
N GLY Q 246 17.33 4.51 24.70
CA GLY Q 246 18.70 4.05 24.65
C GLY Q 246 19.70 5.17 24.85
N TYR Q 247 20.92 4.96 24.37
CA TYR Q 247 21.99 5.93 24.57
C TYR Q 247 21.70 7.20 23.79
N LEU Q 248 21.59 8.32 24.51
CA LEU Q 248 21.55 9.63 23.87
C LEU Q 248 22.83 9.83 23.07
N LEU Q 249 22.69 10.06 21.77
CA LEU Q 249 23.84 10.16 20.88
C LEU Q 249 24.39 11.57 20.78
N GLY Q 250 24.21 12.39 21.81
CA GLY Q 250 24.68 13.76 21.81
C GLY Q 250 23.60 14.80 21.84
N GLY Q 251 22.33 14.40 21.75
CA GLY Q 251 21.23 15.33 21.79
C GLY Q 251 20.93 16.02 20.48
N PHE Q 252 21.86 15.98 19.52
CA PHE Q 252 21.63 16.58 18.21
C PHE Q 252 20.89 15.57 17.32
N GLY Q 253 20.69 15.96 16.07
CA GLY Q 253 19.85 15.19 15.18
C GLY Q 253 20.55 14.01 14.56
N PRO Q 254 20.39 13.83 13.25
CA PRO Q 254 20.92 12.64 12.57
C PRO Q 254 22.39 12.68 12.19
N ALA Q 255 23.14 13.73 12.52
CA ALA Q 255 24.58 13.67 12.26
C ALA Q 255 25.27 12.64 13.15
N PRO Q 256 25.11 12.66 14.47
CA PRO Q 256 25.66 11.55 15.27
C PRO Q 256 25.04 10.21 14.92
N GLU Q 257 23.79 10.19 14.44
CA GLU Q 257 23.16 8.93 14.08
C GLU Q 257 23.81 8.33 12.84
N GLY Q 258 24.10 9.15 11.82
CA GLY Q 258 24.82 8.65 10.66
C GLY Q 258 26.23 8.24 10.99
N MET Q 259 26.89 9.00 11.88
CA MET Q 259 28.22 8.59 12.35
C MET Q 259 28.17 7.23 13.02
N ALA Q 260 27.22 7.03 13.94
CA ALA Q 260 27.09 5.76 14.64
C ALA Q 260 26.76 4.63 13.67
N MET Q 261 25.90 4.91 12.69
CA MET Q 261 25.60 3.94 11.65
C MET Q 261 26.88 3.47 10.97
N TRP Q 262 27.62 4.40 10.38
CA TRP Q 262 28.81 4.05 9.61
C TRP Q 262 29.88 3.39 10.48
N ILE Q 263 29.99 3.75 11.75
CA ILE Q 263 31.08 3.24 12.57
C ILE Q 263 30.74 1.92 13.27
N ILE Q 264 29.48 1.67 13.57
CA ILE Q 264 29.07 0.46 14.28
C ILE Q 264 28.39 -0.54 13.34
N GLY Q 265 27.28 -0.14 12.72
CA GLY Q 265 26.46 -1.11 12.02
C GLY Q 265 27.13 -1.63 10.76
N MET Q 266 27.65 -0.71 9.95
CA MET Q 266 28.30 -1.11 8.71
C MET Q 266 29.62 -1.82 8.97
N VAL Q 267 30.34 -1.41 10.01
CA VAL Q 267 31.58 -2.11 10.36
C VAL Q 267 31.29 -3.54 10.79
N ALA Q 268 30.25 -3.74 11.62
CA ALA Q 268 29.91 -5.10 12.04
C ALA Q 268 29.42 -5.94 10.87
N ALA Q 269 28.60 -5.35 9.99
CA ALA Q 269 28.12 -6.09 8.82
C ALA Q 269 29.27 -6.50 7.91
N ILE Q 270 30.20 -5.57 7.65
CA ILE Q 270 31.33 -5.88 6.77
C ILE Q 270 32.26 -6.90 7.42
N GLY Q 271 32.43 -6.84 8.74
CA GLY Q 271 33.23 -7.86 9.41
C GLY Q 271 32.59 -9.24 9.34
N LEU Q 272 31.26 -9.29 9.44
CA LEU Q 272 30.55 -10.56 9.27
C LEU Q 272 30.70 -11.08 7.85
N ALA Q 273 30.66 -10.17 6.87
CA ALA Q 273 30.87 -10.60 5.48
C ALA Q 273 32.27 -11.13 5.27
N LEU Q 274 33.27 -10.47 5.87
CA LEU Q 274 34.64 -10.95 5.77
C LEU Q 274 34.80 -12.31 6.42
N TRP Q 275 34.10 -12.54 7.53
CA TRP Q 275 34.21 -13.84 8.20
C TRP Q 275 33.53 -14.94 7.41
N ILE Q 276 32.33 -14.66 6.88
CA ILE Q 276 31.55 -15.71 6.22
C ILE Q 276 32.12 -16.02 4.84
N GLY Q 277 32.49 -14.99 4.06
CA GLY Q 277 32.97 -15.19 2.72
C GLY Q 277 34.47 -15.44 2.66
N ALA Q 278 34.96 -15.61 1.43
CA ALA Q 278 36.37 -15.82 1.17
C ALA Q 278 36.98 -14.58 0.54
N ARG Q 279 38.28 -14.63 0.28
CA ARG Q 279 38.96 -13.51 -0.35
C ARG Q 279 40.15 -14.01 -1.15
N SER Q 280 40.42 -13.32 -2.26
CA SER Q 280 41.59 -13.52 -3.09
C SER Q 280 41.54 -12.55 -4.27
N LEU R 14 13.87 -3.13 -35.24
CA LEU R 14 15.21 -2.89 -35.78
C LEU R 14 16.08 -4.14 -35.58
N ALA R 15 17.03 -4.36 -36.49
CA ALA R 15 17.84 -5.57 -36.44
C ALA R 15 19.00 -5.42 -35.47
N ARG R 16 19.59 -4.23 -35.40
CA ARG R 16 20.77 -4.03 -34.56
C ARG R 16 20.40 -4.12 -33.07
N GLN R 17 19.25 -3.58 -32.70
CA GLN R 17 18.77 -3.71 -31.33
C GLN R 17 18.53 -5.17 -30.96
N ALA R 18 17.92 -5.93 -31.88
CA ALA R 18 17.71 -7.35 -31.63
C ALA R 18 19.02 -8.10 -31.51
N GLU R 19 20.03 -7.74 -32.32
CA GLU R 19 21.32 -8.40 -32.20
C GLU R 19 21.99 -8.08 -30.86
N ASP R 20 21.90 -6.83 -30.41
CA ASP R 20 22.43 -6.48 -29.10
C ASP R 20 21.73 -7.26 -28.01
N ILE R 21 20.40 -7.34 -28.07
CA ILE R 21 19.63 -8.09 -27.08
C ILE R 21 20.05 -9.54 -27.06
N ASP R 22 20.26 -10.14 -28.24
CA ASP R 22 20.64 -11.54 -28.28
C ASP R 22 22.04 -11.75 -27.72
N THR R 23 22.99 -10.88 -28.07
CA THR R 23 24.34 -11.03 -27.55
C THR R 23 24.42 -10.79 -26.04
N ARG R 24 23.50 -10.01 -25.47
CA ARG R 24 23.58 -9.71 -24.05
C ARG R 24 22.75 -10.63 -23.16
N TYR R 25 21.55 -11.02 -23.59
CA TYR R 25 20.72 -11.92 -22.79
C TYR R 25 20.43 -13.25 -23.48
N HIS R 26 20.47 -13.30 -24.80
CA HIS R 26 20.33 -14.48 -25.65
C HIS R 26 19.17 -15.38 -25.25
N PRO R 27 17.93 -14.88 -25.14
CA PRO R 27 16.83 -15.79 -24.79
C PRO R 27 16.61 -16.84 -25.85
N SER R 28 16.04 -16.44 -26.99
CA SER R 28 16.07 -17.14 -28.27
C SER R 28 15.63 -18.60 -28.21
N ALA R 29 15.37 -19.11 -27.02
CA ALA R 29 14.79 -20.44 -26.86
C ALA R 29 13.63 -20.43 -25.88
N ALA R 30 13.74 -19.68 -24.79
CA ALA R 30 12.60 -19.49 -23.91
C ALA R 30 11.54 -18.63 -24.59
N LEU R 31 11.98 -17.63 -25.34
CA LEU R 31 11.04 -16.80 -26.08
C LEU R 31 10.33 -17.61 -27.15
N ARG R 32 11.04 -18.55 -27.77
CA ARG R 32 10.39 -19.42 -28.76
C ARG R 32 9.42 -20.39 -28.09
N ARG R 33 9.82 -20.98 -26.96
CA ARG R 33 8.92 -21.84 -26.20
C ARG R 33 7.66 -21.10 -25.79
N GLN R 34 7.77 -19.81 -25.47
CA GLN R 34 6.60 -19.03 -25.06
C GLN R 34 5.82 -18.44 -26.23
N LEU R 35 6.42 -18.38 -27.42
CA LEU R 35 5.65 -18.02 -28.60
C LEU R 35 4.92 -19.20 -29.20
N ASN R 36 5.40 -20.42 -28.96
CA ASN R 36 4.78 -21.61 -29.54
C ASN R 36 3.79 -22.29 -28.60
N LYS R 37 3.51 -21.72 -27.43
CA LYS R 37 2.55 -22.33 -26.53
C LYS R 37 1.14 -22.25 -27.10
N VAL R 38 0.40 -23.35 -26.98
CA VAL R 38 -0.93 -23.49 -27.57
C VAL R 38 -1.98 -23.31 -26.49
N PHE R 39 -3.01 -22.54 -26.80
CA PHE R 39 -4.15 -22.31 -25.92
C PHE R 39 -5.44 -22.73 -26.60
N PRO R 40 -6.35 -23.39 -25.89
CA PRO R 40 -7.63 -23.78 -26.48
C PRO R 40 -8.52 -22.56 -26.71
N THR R 41 -9.55 -22.75 -27.52
CA THR R 41 -10.45 -21.68 -27.91
C THR R 41 -11.87 -22.08 -27.54
N HIS R 42 -12.28 -21.72 -26.32
CA HIS R 42 -13.66 -21.86 -25.90
C HIS R 42 -14.09 -20.58 -25.20
N TRP R 43 -15.32 -20.14 -25.47
CA TRP R 43 -15.79 -18.87 -24.93
C TRP R 43 -15.79 -18.86 -23.41
N SER R 44 -15.95 -20.02 -22.77
CA SER R 44 -15.96 -20.08 -21.32
C SER R 44 -14.57 -20.00 -20.71
N PHE R 45 -13.52 -19.87 -21.53
CA PHE R 45 -12.17 -19.74 -21.01
C PHE R 45 -11.77 -18.28 -20.82
N LEU R 46 -12.69 -17.35 -21.00
CA LEU R 46 -12.43 -15.93 -20.78
C LEU R 46 -13.04 -15.41 -19.48
N LEU R 47 -13.78 -16.25 -18.77
CA LEU R 47 -14.41 -15.85 -17.52
C LEU R 47 -13.38 -15.51 -16.44
N GLY R 48 -12.19 -16.10 -16.47
CA GLY R 48 -11.13 -15.67 -15.57
C GLY R 48 -10.45 -14.40 -16.04
N GLU R 49 -10.37 -14.21 -17.36
CA GLU R 49 -9.78 -12.99 -17.88
C GLU R 49 -10.60 -11.77 -17.51
N ILE R 50 -11.93 -11.92 -17.43
CA ILE R 50 -12.76 -10.80 -17.00
C ILE R 50 -12.36 -10.34 -15.61
N ALA R 51 -12.20 -11.29 -14.68
CA ALA R 51 -11.80 -10.95 -13.32
C ALA R 51 -10.39 -10.34 -13.30
N LEU R 52 -9.48 -10.87 -14.10
CA LEU R 52 -8.13 -10.31 -14.17
C LEU R 52 -8.16 -8.84 -14.60
N TYR R 53 -8.89 -8.55 -15.66
CA TYR R 53 -8.89 -7.19 -16.20
C TYR R 53 -9.61 -6.22 -15.26
N SER R 54 -10.67 -6.69 -14.59
CA SER R 54 -11.34 -5.82 -13.63
C SER R 54 -10.44 -5.56 -12.42
N PHE R 55 -9.61 -6.53 -12.05
CA PHE R 55 -8.64 -6.28 -10.98
C PHE R 55 -7.59 -5.24 -11.40
N VAL R 56 -7.15 -5.29 -12.65
CA VAL R 56 -6.20 -4.29 -13.13
C VAL R 56 -6.82 -2.89 -13.10
N VAL R 57 -8.07 -2.78 -13.53
CA VAL R 57 -8.76 -1.49 -13.49
C VAL R 57 -8.91 -1.01 -12.05
N LEU R 58 -9.20 -1.93 -11.13
CA LEU R 58 -9.29 -1.57 -9.72
C LEU R 58 -7.97 -1.02 -9.21
N LEU R 59 -6.86 -1.65 -9.59
CA LEU R 59 -5.55 -1.17 -9.17
C LEU R 59 -5.31 0.26 -9.64
N ILE R 60 -5.58 0.52 -10.93
CA ILE R 60 -5.30 1.85 -11.48
C ILE R 60 -6.17 2.91 -10.81
N THR R 61 -7.47 2.64 -10.71
CA THR R 61 -8.36 3.64 -10.13
C THR R 61 -8.11 3.84 -8.64
N GLY R 62 -7.69 2.79 -7.92
CA GLY R 62 -7.37 2.96 -6.52
C GLY R 62 -6.11 3.77 -6.31
N VAL R 63 -5.10 3.54 -7.14
CA VAL R 63 -3.89 4.37 -7.08
C VAL R 63 -4.26 5.83 -7.30
N TYR R 64 -5.14 6.11 -8.26
CA TYR R 64 -5.61 7.48 -8.44
C TYR R 64 -6.30 7.99 -7.17
N LEU R 65 -7.18 7.17 -6.58
CA LEU R 65 -8.00 7.65 -5.46
C LEU R 65 -7.19 7.93 -4.21
N THR R 66 -6.05 7.24 -4.03
CA THR R 66 -5.26 7.46 -2.82
C THR R 66 -4.62 8.84 -2.75
N LEU R 67 -4.62 9.59 -3.85
CA LEU R 67 -3.99 10.90 -3.86
C LEU R 67 -4.87 12.00 -3.28
N PHE R 68 -6.13 11.70 -2.95
CA PHE R 68 -7.05 12.71 -2.44
C PHE R 68 -7.74 12.34 -1.14
N PHE R 69 -7.58 11.13 -0.65
CA PHE R 69 -8.34 10.63 0.49
C PHE R 69 -7.59 10.83 1.80
N ASP R 70 -8.31 11.28 2.83
CA ASP R 70 -7.78 11.43 4.18
C ASP R 70 -8.59 10.57 5.13
N PRO R 71 -8.08 9.44 5.62
CA PRO R 71 -8.88 8.48 6.38
C PRO R 71 -8.94 8.73 7.87
N SER R 72 -9.24 9.96 8.27
CA SER R 72 -9.22 10.33 9.69
C SER R 72 -10.65 10.44 10.22
N MET R 73 -10.81 10.07 11.50
CA MET R 73 -12.12 10.09 12.15
C MET R 73 -12.31 11.31 13.05
N VAL R 74 -11.49 12.33 12.91
CA VAL R 74 -11.65 13.55 13.70
C VAL R 74 -12.69 14.43 13.03
N ASP R 75 -13.54 15.06 13.84
CA ASP R 75 -14.69 15.78 13.32
C ASP R 75 -14.36 17.22 12.98
N VAL R 76 -15.04 17.72 11.95
CA VAL R 76 -14.89 19.08 11.43
C VAL R 76 -16.26 19.54 10.93
N THR R 77 -16.34 20.79 10.52
CA THR R 77 -17.53 21.34 9.90
C THR R 77 -17.26 21.53 8.40
N TYR R 78 -18.28 21.30 7.59
CA TYR R 78 -18.07 21.12 6.16
C TYR R 78 -17.67 22.41 5.45
N ASN R 79 -18.57 23.40 5.42
CA ASN R 79 -18.33 24.67 4.74
C ASN R 79 -17.75 24.47 3.33
N GLY R 80 -18.38 23.59 2.56
CA GLY R 80 -17.92 23.29 1.22
C GLY R 80 -18.80 23.88 0.14
N VAL R 81 -18.95 23.19 -0.98
CA VAL R 81 -19.78 23.67 -2.07
C VAL R 81 -21.19 23.06 -2.05
N TYR R 82 -21.33 21.85 -1.51
CA TYR R 82 -22.63 21.19 -1.47
C TYR R 82 -23.48 21.81 -0.36
N GLN R 83 -24.25 22.84 -0.72
CA GLN R 83 -25.02 23.65 0.21
C GLN R 83 -25.88 22.84 1.18
N PRO R 84 -26.64 21.80 0.72
CA PRO R 84 -27.50 21.08 1.66
C PRO R 84 -26.75 20.35 2.75
N LEU R 85 -25.42 20.46 2.78
CA LEU R 85 -24.61 19.87 3.84
C LEU R 85 -23.73 20.89 4.56
N ARG R 86 -23.91 22.18 4.30
CA ARG R 86 -23.04 23.17 4.92
C ARG R 86 -23.39 23.36 6.39
N GLY R 87 -22.35 23.35 7.24
CA GLY R 87 -22.52 23.50 8.67
C GLY R 87 -22.67 22.21 9.45
N VAL R 88 -22.58 21.07 8.79
CA VAL R 88 -22.80 19.79 9.45
C VAL R 88 -21.49 19.25 9.98
N GLU R 89 -21.53 18.62 11.15
CA GLU R 89 -20.37 17.98 11.75
C GLU R 89 -20.13 16.64 11.07
N MET R 90 -18.97 16.48 10.45
CA MET R 90 -18.64 15.25 9.74
C MET R 90 -17.20 14.88 10.05
N SER R 91 -16.87 13.61 9.83
CA SER R 91 -15.50 13.18 10.01
C SER R 91 -14.66 13.65 8.83
N ARG R 92 -13.34 13.50 8.96
CA ARG R 92 -12.43 13.93 7.90
C ARG R 92 -12.51 13.02 6.68
N ALA R 93 -12.80 11.73 6.90
CA ALA R 93 -12.93 10.79 5.79
C ALA R 93 -14.14 11.13 4.92
N TYR R 94 -15.28 11.39 5.56
CA TYR R 94 -16.49 11.76 4.81
C TYR R 94 -16.28 13.06 4.06
N GLN R 95 -15.60 14.03 4.68
CA GLN R 95 -15.36 15.30 4.02
C GLN R 95 -14.42 15.13 2.83
N SER R 96 -13.40 14.29 2.96
CA SER R 96 -12.51 14.05 1.82
C SER R 96 -13.24 13.31 0.70
N ALA R 97 -14.18 12.43 1.03
CA ALA R 97 -14.98 11.78 0.00
C ALA R 97 -15.85 12.80 -0.73
N LEU R 98 -16.50 13.69 0.02
CA LEU R 98 -17.28 14.75 -0.61
C LEU R 98 -16.41 15.64 -1.49
N ASP R 99 -15.17 15.90 -1.06
CA ASP R 99 -14.25 16.70 -1.87
C ASP R 99 -13.91 15.97 -3.17
N ILE R 100 -13.55 14.70 -3.09
CA ILE R 100 -13.30 13.91 -4.30
C ILE R 100 -14.49 14.00 -5.24
N SER R 101 -15.70 13.94 -4.69
CA SER R 101 -16.90 13.91 -5.53
C SER R 101 -17.17 15.25 -6.19
N PHE R 102 -17.00 16.36 -5.47
CA PHE R 102 -17.53 17.63 -5.94
C PHE R 102 -16.50 18.68 -6.31
N GLU R 103 -15.22 18.52 -5.95
CA GLU R 103 -14.24 19.57 -6.16
C GLU R 103 -13.00 19.12 -6.90
N VAL R 104 -12.95 17.88 -7.38
CA VAL R 104 -11.90 17.41 -8.27
C VAL R 104 -12.53 17.13 -9.62
N ARG R 105 -11.88 17.59 -10.69
CA ARG R 105 -12.42 17.41 -12.04
C ARG R 105 -12.19 15.97 -12.48
N GLY R 106 -13.21 15.14 -12.35
CA GLY R 106 -13.14 13.75 -12.72
C GLY R 106 -13.15 12.76 -11.58
N GLY R 107 -13.16 13.23 -10.33
CA GLY R 107 -13.10 12.35 -9.18
C GLY R 107 -14.32 11.47 -9.02
N LEU R 108 -15.51 12.03 -9.25
CA LEU R 108 -16.74 11.24 -9.19
C LEU R 108 -16.74 10.15 -10.26
N PHE R 109 -16.33 10.51 -11.47
CA PHE R 109 -16.18 9.52 -12.54
C PHE R 109 -15.24 8.40 -12.12
N VAL R 110 -14.10 8.74 -11.53
CA VAL R 110 -13.12 7.72 -11.18
C VAL R 110 -13.65 6.81 -10.08
N ARG R 111 -14.31 7.37 -9.06
CA ARG R 111 -14.76 6.49 -7.99
C ARG R 111 -15.97 5.66 -8.40
N GLN R 112 -16.78 6.15 -9.33
CA GLN R 112 -17.86 5.31 -9.85
C GLN R 112 -17.31 4.18 -10.70
N ILE R 113 -16.27 4.45 -11.50
CA ILE R 113 -15.60 3.38 -12.22
C ILE R 113 -15.04 2.36 -11.24
N HIS R 114 -14.43 2.84 -10.14
CA HIS R 114 -13.88 1.96 -9.13
C HIS R 114 -14.95 1.02 -8.55
N HIS R 115 -16.11 1.57 -8.20
CA HIS R 115 -17.13 0.76 -7.57
C HIS R 115 -17.76 -0.23 -8.55
N TRP R 116 -18.00 0.21 -9.79
CA TRP R 116 -18.52 -0.72 -10.79
C TRP R 116 -17.50 -1.82 -11.10
N ALA R 117 -16.22 -1.49 -11.09
CA ALA R 117 -15.19 -2.51 -11.32
C ALA R 117 -15.14 -3.51 -10.18
N ALA R 118 -15.38 -3.06 -8.95
CA ALA R 118 -15.46 -3.99 -7.83
C ALA R 118 -16.62 -4.96 -8.01
N LEU R 119 -17.79 -4.44 -8.39
CA LEU R 119 -18.95 -5.31 -8.61
C LEU R 119 -18.69 -6.32 -9.73
N MET R 120 -18.08 -5.85 -10.83
CA MET R 120 -17.76 -6.76 -11.93
C MET R 120 -16.75 -7.81 -11.52
N PHE R 121 -15.75 -7.41 -10.71
CA PHE R 121 -14.78 -8.35 -10.18
C PHE R 121 -15.47 -9.49 -9.44
N ALA R 122 -16.37 -9.14 -8.53
CA ALA R 122 -17.06 -10.17 -7.75
C ALA R 122 -17.92 -11.07 -8.64
N ALA R 123 -18.69 -10.47 -9.54
CA ALA R 123 -19.57 -11.26 -10.41
C ALA R 123 -18.76 -12.20 -11.30
N ALA R 124 -17.63 -11.74 -11.83
CA ALA R 124 -16.82 -12.57 -12.70
C ALA R 124 -16.16 -13.70 -11.93
N ILE R 125 -15.70 -13.43 -10.71
CA ILE R 125 -15.17 -14.52 -9.88
C ILE R 125 -16.23 -15.59 -9.67
N MET R 126 -17.47 -15.18 -9.41
CA MET R 126 -18.52 -16.16 -9.14
C MET R 126 -18.86 -16.98 -10.40
N VAL R 127 -18.97 -16.32 -11.55
CA VAL R 127 -19.28 -17.04 -12.79
C VAL R 127 -18.16 -17.99 -13.16
N HIS R 128 -16.91 -17.56 -12.97
CA HIS R 128 -15.77 -18.42 -13.28
C HIS R 128 -15.72 -19.63 -12.36
N LEU R 129 -15.99 -19.43 -11.06
CA LEU R 129 -16.08 -20.56 -10.14
C LEU R 129 -17.16 -21.53 -10.56
N ALA R 130 -18.32 -21.01 -11.00
CA ALA R 130 -19.38 -21.90 -11.48
C ALA R 130 -18.93 -22.73 -12.67
N ARG R 131 -18.26 -22.11 -13.64
CA ARG R 131 -17.76 -22.87 -14.79
C ARG R 131 -16.78 -23.95 -14.36
N ILE R 132 -15.80 -23.60 -13.51
CA ILE R 132 -14.83 -24.58 -13.04
C ILE R 132 -15.54 -25.76 -12.39
N PHE R 133 -16.47 -25.47 -11.47
CA PHE R 133 -17.15 -26.53 -10.74
C PHE R 133 -17.94 -27.43 -11.68
N PHE R 134 -18.72 -26.84 -12.59
CA PHE R 134 -19.61 -27.66 -13.40
C PHE R 134 -18.89 -28.42 -14.49
N THR R 135 -17.72 -27.95 -14.93
CA THR R 135 -16.95 -28.74 -15.90
C THR R 135 -15.97 -29.69 -15.23
N GLY R 136 -15.74 -29.57 -13.93
CA GLY R 136 -14.88 -30.52 -13.25
C GLY R 136 -13.40 -30.29 -13.46
N ALA R 137 -13.00 -29.05 -13.74
CA ALA R 137 -11.59 -28.72 -13.95
C ALA R 137 -10.79 -28.68 -12.66
N PHE R 138 -11.38 -29.11 -11.55
CA PHE R 138 -10.72 -29.14 -10.25
C PHE R 138 -10.14 -30.49 -9.92
N ARG R 139 -10.23 -31.47 -10.82
CA ARG R 139 -9.84 -32.83 -10.52
C ARG R 139 -8.32 -32.91 -10.38
N ARG R 140 -7.81 -34.13 -10.24
CA ARG R 140 -6.58 -34.45 -9.52
C ARG R 140 -5.44 -33.44 -9.65
N PRO R 141 -4.94 -33.14 -10.86
CA PRO R 141 -3.75 -32.28 -10.93
C PRO R 141 -3.97 -30.84 -10.48
N ARG R 142 -5.22 -30.37 -10.36
CA ARG R 142 -5.51 -28.95 -10.22
C ARG R 142 -6.24 -28.61 -8.92
N GLU R 143 -6.13 -29.49 -7.92
CA GLU R 143 -6.79 -29.27 -6.64
C GLU R 143 -6.21 -28.07 -5.90
N THR R 144 -4.91 -27.85 -6.02
CA THR R 144 -4.31 -26.68 -5.39
C THR R 144 -4.73 -25.39 -6.08
N ASN R 145 -4.93 -25.42 -7.40
CA ASN R 145 -5.54 -24.26 -8.06
C ASN R 145 -6.94 -24.00 -7.53
N TRP R 146 -7.73 -25.05 -7.30
CA TRP R 146 -9.03 -24.86 -6.68
C TRP R 146 -8.91 -24.18 -5.32
N VAL R 147 -7.98 -24.64 -4.49
CA VAL R 147 -7.84 -24.08 -3.14
C VAL R 147 -7.41 -22.62 -3.21
N ILE R 148 -6.47 -22.30 -4.11
CA ILE R 148 -6.02 -20.91 -4.27
C ILE R 148 -7.18 -20.03 -4.71
N GLY R 149 -8.00 -20.52 -5.64
CA GLY R 149 -9.15 -19.74 -6.07
C GLY R 149 -10.14 -19.50 -4.96
N SER R 150 -10.35 -20.50 -4.10
CA SER R 150 -11.25 -20.31 -2.96
C SER R 150 -10.73 -19.22 -2.03
N LEU R 151 -9.43 -19.26 -1.72
CA LEU R 151 -8.86 -18.21 -0.88
C LEU R 151 -8.99 -16.84 -1.54
N LEU R 152 -8.79 -16.77 -2.85
CA LEU R 152 -8.95 -15.51 -3.56
C LEU R 152 -10.38 -14.99 -3.44
N LEU R 153 -11.37 -15.89 -3.48
CA LEU R 153 -12.76 -15.48 -3.36
C LEU R 153 -13.04 -14.87 -1.99
N ILE R 154 -12.59 -15.54 -0.93
CA ILE R 154 -12.82 -15.01 0.42
C ILE R 154 -12.14 -13.66 0.57
N LEU R 155 -10.90 -13.54 0.09
CA LEU R 155 -10.16 -12.28 0.24
C LEU R 155 -10.82 -11.17 -0.56
N ALA R 156 -11.37 -11.48 -1.73
CA ALA R 156 -12.04 -10.45 -2.52
C ALA R 156 -13.30 -9.95 -1.84
N MET R 157 -14.08 -10.88 -1.28
CA MET R 157 -15.26 -10.48 -0.49
C MET R 157 -14.87 -9.49 0.59
N PHE R 158 -13.88 -9.84 1.42
CA PHE R 158 -13.53 -8.97 2.54
C PHE R 158 -12.90 -7.66 2.07
N GLU R 159 -12.14 -7.69 0.97
CA GLU R 159 -11.54 -6.47 0.47
C GLU R 159 -12.59 -5.48 -0.02
N GLY R 160 -13.60 -5.96 -0.74
CA GLY R 160 -14.68 -5.07 -1.14
C GLY R 160 -15.46 -4.53 0.05
N TYR R 161 -15.74 -5.40 1.03
CA TYR R 161 -16.47 -4.96 2.22
C TYR R 161 -15.71 -3.85 2.94
N PHE R 162 -14.40 -4.02 3.11
CA PHE R 162 -13.60 -2.94 3.71
C PHE R 162 -13.56 -1.72 2.81
N GLY R 163 -13.66 -1.92 1.50
CA GLY R 163 -13.59 -0.79 0.58
C GLY R 163 -14.76 0.17 0.73
N TYR R 164 -15.98 -0.35 0.67
CA TYR R 164 -17.09 0.60 0.69
C TYR R 164 -17.44 1.10 2.09
N SER R 165 -16.61 0.84 3.10
CA SER R 165 -16.79 1.42 4.42
C SER R 165 -15.88 2.60 4.70
N LEU R 166 -14.92 2.88 3.80
CA LEU R 166 -14.00 3.99 4.05
C LEU R 166 -14.69 5.35 4.05
N PRO R 167 -15.60 5.67 3.12
CA PRO R 167 -16.33 6.95 3.21
C PRO R 167 -17.38 6.91 4.31
N ASP R 168 -17.02 7.32 5.52
CA ASP R 168 -17.80 6.97 6.71
C ASP R 168 -19.14 7.68 6.72
N ASP R 169 -20.10 7.15 5.97
CA ASP R 169 -21.46 7.67 5.88
C ASP R 169 -22.41 6.74 6.65
N LEU R 170 -23.71 7.03 6.54
CA LEU R 170 -24.67 6.41 7.45
C LEU R 170 -24.89 4.92 7.14
N LEU R 171 -25.08 4.57 5.87
CA LEU R 171 -25.31 3.17 5.54
C LEU R 171 -24.09 2.30 5.82
N SER R 172 -22.91 2.75 5.42
CA SER R 172 -21.71 1.97 5.69
C SER R 172 -21.42 1.90 7.19
N GLY R 173 -21.71 2.97 7.94
CA GLY R 173 -21.55 2.91 9.37
C GLY R 173 -22.51 1.93 10.03
N LEU R 174 -23.75 1.90 9.56
CA LEU R 174 -24.73 0.95 10.09
C LEU R 174 -24.31 -0.48 9.79
N GLY R 175 -23.86 -0.74 8.56
CA GLY R 175 -23.39 -2.07 8.22
C GLY R 175 -22.19 -2.48 9.05
N LEU R 176 -21.22 -1.57 9.19
CA LEU R 176 -20.06 -1.83 10.04
C LEU R 176 -20.49 -2.20 11.44
N ARG R 177 -21.24 -1.29 12.09
CA ARG R 177 -21.74 -1.52 13.44
C ARG R 177 -22.34 -2.91 13.53
N ALA R 178 -23.44 -3.13 12.80
CA ALA R 178 -24.17 -4.38 12.94
C ALA R 178 -23.27 -5.57 12.70
N ALA R 179 -22.83 -5.77 11.45
CA ALA R 179 -22.11 -6.99 11.14
C ALA R 179 -20.83 -7.09 11.97
N LEU R 180 -19.87 -6.21 11.70
CA LEU R 180 -18.55 -6.36 12.30
C LEU R 180 -18.66 -6.32 13.82
N SER R 181 -19.10 -5.19 14.38
CA SER R 181 -19.04 -5.00 15.82
C SER R 181 -19.92 -6.03 16.53
N SER R 182 -21.21 -6.09 16.17
CA SER R 182 -22.12 -6.86 16.99
C SER R 182 -21.98 -8.35 16.77
N ILE R 183 -21.51 -8.82 15.62
CA ILE R 183 -21.30 -10.24 15.46
C ILE R 183 -19.98 -10.67 16.10
N THR R 184 -18.92 -9.86 16.01
CA THR R 184 -17.69 -10.21 16.70
C THR R 184 -17.86 -10.20 18.21
N LEU R 185 -18.64 -9.25 18.73
CA LEU R 185 -18.78 -9.10 20.18
C LEU R 185 -19.47 -10.29 20.84
N GLY R 186 -20.33 -10.99 20.12
CA GLY R 186 -21.09 -12.08 20.70
C GLY R 186 -20.48 -13.46 20.57
N MET R 187 -19.29 -13.58 19.99
CA MET R 187 -18.66 -14.89 19.86
C MET R 187 -18.44 -15.49 21.25
N PRO R 188 -18.51 -16.83 21.37
CA PRO R 188 -18.68 -17.44 22.70
C PRO R 188 -17.64 -17.10 23.74
N VAL R 189 -16.36 -17.42 23.56
CA VAL R 189 -15.39 -17.27 24.64
C VAL R 189 -14.46 -16.09 24.39
N ILE R 190 -13.99 -15.92 23.15
CA ILE R 190 -13.03 -14.86 22.87
C ILE R 190 -13.73 -13.53 22.64
N GLY R 191 -14.58 -13.44 21.61
CA GLY R 191 -15.61 -12.42 21.58
C GLY R 191 -15.18 -10.98 21.76
N THR R 192 -15.49 -10.45 22.95
CA THR R 192 -15.13 -9.08 23.30
C THR R 192 -13.62 -8.85 23.21
N TRP R 193 -12.81 -9.89 23.44
CA TRP R 193 -11.37 -9.73 23.29
C TRP R 193 -11.00 -9.41 21.85
N LEU R 194 -11.58 -10.13 20.90
CA LEU R 194 -11.36 -9.82 19.48
C LEU R 194 -11.90 -8.44 19.14
N HIS R 195 -13.10 -8.13 19.64
CA HIS R 195 -13.69 -6.82 19.36
C HIS R 195 -12.78 -5.69 19.81
N TRP R 196 -12.23 -5.80 21.01
CA TRP R 196 -11.40 -4.73 21.55
C TRP R 196 -10.02 -4.71 20.92
N ALA R 197 -9.49 -5.87 20.52
CA ALA R 197 -8.23 -5.88 19.78
C ALA R 197 -8.40 -5.24 18.41
N LEU R 198 -9.56 -5.40 17.78
CA LEU R 198 -9.75 -4.84 16.44
C LEU R 198 -10.11 -3.36 16.49
N PHE R 199 -10.90 -2.94 17.48
CA PHE R 199 -11.38 -1.57 17.50
C PHE R 199 -10.58 -0.66 18.43
N GLY R 200 -9.68 -1.21 19.23
CA GLY R 200 -9.00 -0.39 20.21
C GLY R 200 -9.85 0.02 21.39
N GLY R 201 -10.95 -0.66 21.63
CA GLY R 201 -11.88 -0.30 22.67
C GLY R 201 -13.31 -0.55 22.20
N ASP R 202 -14.21 0.35 22.57
CA ASP R 202 -15.61 0.23 22.21
C ASP R 202 -15.77 0.51 20.71
N PHE R 203 -17.00 0.38 20.22
CA PHE R 203 -17.21 0.31 18.77
C PHE R 203 -16.70 1.56 18.05
N PRO R 204 -17.26 2.76 18.26
CA PRO R 204 -16.70 3.90 17.53
C PRO R 204 -15.46 4.41 18.24
N GLY R 205 -14.29 4.07 17.71
CA GLY R 205 -13.04 4.53 18.28
C GLY R 205 -12.48 5.71 17.54
N THR R 206 -11.17 5.69 17.35
CA THR R 206 -10.51 6.71 16.53
C THR R 206 -9.44 6.10 15.64
N ILE R 207 -9.31 4.78 15.61
CA ILE R 207 -8.30 4.08 14.83
C ILE R 207 -8.91 3.17 13.77
N LEU R 208 -10.23 3.00 13.77
CA LEU R 208 -10.87 2.02 12.90
C LEU R 208 -10.69 2.36 11.43
N ILE R 209 -11.01 3.58 11.04
CA ILE R 209 -10.98 3.94 9.62
C ILE R 209 -9.54 3.99 9.11
N PRO R 210 -8.55 4.53 9.85
CA PRO R 210 -7.17 4.42 9.36
C PRO R 210 -6.68 2.98 9.28
N ARG R 211 -7.05 2.14 10.23
CA ARG R 211 -6.64 0.75 10.18
C ARG R 211 -7.23 0.03 8.97
N LEU R 212 -8.53 0.24 8.71
CA LEU R 212 -9.16 -0.35 7.54
C LEU R 212 -8.60 0.22 6.25
N TYR R 213 -8.21 1.50 6.24
CA TYR R 213 -7.62 2.09 5.06
C TYR R 213 -6.29 1.44 4.73
N ALA R 214 -5.45 1.21 5.76
CA ALA R 214 -4.20 0.50 5.54
C ALA R 214 -4.45 -0.91 5.03
N LEU R 215 -5.34 -1.65 5.71
CA LEU R 215 -5.68 -3.01 5.29
C LEU R 215 -6.18 -3.04 3.85
N HIS R 216 -6.92 -2.01 3.45
CA HIS R 216 -7.59 -2.02 2.16
C HIS R 216 -6.68 -1.59 1.02
N ILE R 217 -5.74 -0.69 1.26
CA ILE R 217 -4.89 -0.23 0.17
C ILE R 217 -3.56 -0.96 0.07
N LEU R 218 -3.08 -1.59 1.15
CA LEU R 218 -1.78 -2.26 1.08
C LEU R 218 -1.86 -3.77 1.29
N LEU R 219 -2.37 -4.24 2.44
CA LEU R 219 -2.18 -5.62 2.84
C LEU R 219 -2.95 -6.59 1.95
N LEU R 220 -4.27 -6.42 1.89
CA LEU R 220 -5.11 -7.31 1.12
C LEU R 220 -4.81 -7.23 -0.37
N PRO R 221 -4.61 -6.04 -0.96
CA PRO R 221 -4.17 -6.02 -2.37
C PRO R 221 -2.85 -6.73 -2.60
N GLY R 222 -1.89 -6.61 -1.69
CA GLY R 222 -0.63 -7.32 -1.88
C GLY R 222 -0.82 -8.83 -1.84
N ILE R 223 -1.59 -9.31 -0.87
CA ILE R 223 -1.85 -10.74 -0.77
C ILE R 223 -2.59 -11.24 -2.02
N ILE R 224 -3.57 -10.46 -2.49
CA ILE R 224 -4.35 -10.87 -3.66
C ILE R 224 -3.48 -10.89 -4.90
N LEU R 225 -2.58 -9.92 -5.04
CA LEU R 225 -1.69 -9.90 -6.19
C LEU R 225 -0.74 -11.10 -6.18
N ALA R 226 -0.17 -11.42 -5.02
CA ALA R 226 0.70 -12.58 -4.93
C ALA R 226 -0.05 -13.87 -5.27
N LEU R 227 -1.27 -14.02 -4.74
CA LEU R 227 -2.04 -15.22 -5.01
C LEU R 227 -2.47 -15.31 -6.47
N ILE R 228 -2.77 -14.18 -7.10
CA ILE R 228 -3.14 -14.21 -8.52
C ILE R 228 -1.94 -14.56 -9.37
N GLY R 229 -0.75 -14.07 -9.00
CA GLY R 229 0.44 -14.47 -9.70
C GLY R 229 0.69 -15.96 -9.62
N LEU R 230 0.57 -16.52 -8.41
CA LEU R 230 0.76 -17.96 -8.26
C LEU R 230 -0.30 -18.75 -9.03
N HIS R 231 -1.54 -18.28 -9.01
CA HIS R 231 -2.62 -18.92 -9.76
C HIS R 231 -2.30 -18.97 -11.24
N LEU R 232 -1.91 -17.83 -11.81
CA LEU R 232 -1.62 -17.78 -13.24
C LEU R 232 -0.38 -18.58 -13.60
N ALA R 233 0.62 -18.64 -12.71
CA ALA R 233 1.79 -19.46 -12.98
C ALA R 233 1.43 -20.93 -13.00
N LEU R 234 0.61 -21.39 -12.05
CA LEU R 234 0.18 -22.78 -12.04
C LEU R 234 -0.64 -23.11 -13.28
N VAL R 235 -1.50 -22.19 -13.70
CA VAL R 235 -2.28 -22.44 -14.91
C VAL R 235 -1.38 -22.47 -16.15
N TRP R 236 -0.33 -21.64 -16.17
CA TRP R 236 0.55 -21.62 -17.32
C TRP R 236 1.38 -22.89 -17.42
N PHE R 237 1.86 -23.40 -16.30
CA PHE R 237 2.80 -24.53 -16.35
C PHE R 237 2.12 -25.89 -16.27
N GLN R 238 1.01 -26.02 -15.54
CA GLN R 238 0.07 -27.12 -15.74
C GLN R 238 -0.87 -26.69 -16.85
N LYS R 239 -0.68 -27.24 -18.05
CA LYS R 239 -1.39 -26.72 -19.21
C LYS R 239 -2.90 -26.79 -19.01
N HIS R 240 -3.62 -26.05 -19.85
CA HIS R 240 -5.06 -25.90 -19.73
C HIS R 240 -5.79 -27.18 -20.11
N THR R 241 -6.99 -27.33 -19.58
CA THR R 241 -7.86 -28.45 -19.95
C THR R 241 -8.60 -28.13 -21.25
N GLN R 242 -9.33 -29.13 -21.74
CA GLN R 242 -10.13 -28.95 -22.95
C GLN R 242 -11.28 -29.94 -22.95
N PHE R 243 -12.25 -29.67 -23.81
CA PHE R 243 -13.40 -30.55 -23.98
C PHE R 243 -13.07 -31.67 -24.95
N PRO R 244 -13.69 -32.83 -24.80
CA PRO R 244 -13.54 -33.90 -25.80
C PRO R 244 -14.03 -33.44 -27.17
N GLY R 245 -13.32 -33.84 -28.21
CA GLY R 245 -13.64 -33.43 -29.55
C GLY R 245 -12.96 -34.28 -30.60
N PRO R 246 -13.05 -33.85 -31.87
CA PRO R 246 -12.51 -34.66 -32.98
C PRO R 246 -11.06 -35.10 -32.82
N GLY R 247 -10.15 -34.16 -32.66
CA GLY R 247 -8.75 -34.51 -32.59
C GLY R 247 -8.10 -34.32 -31.23
N ARG R 248 -8.92 -34.26 -30.18
CA ARG R 248 -8.43 -33.98 -28.84
C ARG R 248 -8.20 -35.27 -28.07
N THR R 249 -7.17 -35.26 -27.24
CA THR R 249 -6.71 -36.45 -26.52
C THR R 249 -6.28 -36.01 -25.12
N GLU R 250 -6.18 -36.98 -24.21
CA GLU R 250 -5.67 -36.70 -22.88
C GLU R 250 -4.20 -36.29 -22.86
N HIS R 251 -3.53 -36.28 -24.02
CA HIS R 251 -2.10 -36.05 -24.08
C HIS R 251 -1.70 -34.87 -24.96
N ASN R 252 -2.66 -34.10 -25.47
CA ASN R 252 -2.35 -33.00 -26.37
C ASN R 252 -3.21 -31.79 -26.03
N VAL R 253 -2.90 -30.67 -26.67
CA VAL R 253 -3.66 -29.44 -26.57
C VAL R 253 -3.94 -28.94 -27.98
N VAL R 254 -5.22 -28.78 -28.32
CA VAL R 254 -5.63 -28.32 -29.64
C VAL R 254 -6.13 -26.89 -29.50
N GLY R 255 -5.57 -25.98 -30.30
CA GLY R 255 -5.96 -24.60 -30.23
C GLY R 255 -5.16 -23.68 -31.13
N VAL R 256 -4.77 -22.51 -30.61
CA VAL R 256 -3.99 -21.55 -31.37
C VAL R 256 -2.73 -21.20 -30.60
N ARG R 257 -1.68 -20.82 -31.33
CA ARG R 257 -0.45 -20.40 -30.70
C ARG R 257 -0.59 -19.00 -30.12
N VAL R 258 0.28 -18.68 -29.17
CA VAL R 258 0.22 -17.39 -28.47
C VAL R 258 0.37 -16.24 -29.46
N MET R 259 1.50 -16.21 -30.17
CA MET R 259 2.04 -14.98 -30.75
C MET R 259 1.06 -14.23 -31.65
N PRO R 260 0.64 -14.78 -32.80
CA PRO R 260 -0.16 -13.94 -33.69
C PRO R 260 -1.60 -13.73 -33.23
N VAL R 261 -2.22 -14.75 -32.64
CA VAL R 261 -3.67 -14.79 -32.46
C VAL R 261 -4.07 -14.61 -31.01
N PHE R 262 -3.46 -15.38 -30.09
CA PHE R 262 -3.97 -15.41 -28.73
C PHE R 262 -3.74 -14.10 -28.00
N ALA R 263 -2.54 -13.53 -28.14
CA ALA R 263 -2.24 -12.25 -27.51
C ALA R 263 -3.13 -11.15 -28.08
N PHE R 264 -3.39 -11.21 -29.39
CA PHE R 264 -4.22 -10.21 -30.03
C PHE R 264 -5.65 -10.27 -29.48
N LYS R 265 -6.20 -11.48 -29.36
CA LYS R 265 -7.54 -11.64 -28.82
C LYS R 265 -7.61 -11.22 -27.36
N SER R 266 -6.57 -11.52 -26.58
CA SER R 266 -6.57 -11.12 -25.17
C SER R 266 -6.54 -9.61 -25.03
N GLY R 267 -5.72 -8.93 -25.83
CA GLY R 267 -5.69 -7.48 -25.80
C GLY R 267 -7.01 -6.87 -26.20
N ALA R 268 -7.66 -7.43 -27.24
CA ALA R 268 -8.95 -6.91 -27.65
C ALA R 268 -10.00 -7.08 -26.56
N PHE R 269 -10.01 -8.23 -25.89
CA PHE R 269 -10.96 -8.45 -24.80
C PHE R 269 -10.70 -7.51 -23.63
N PHE R 270 -9.42 -7.26 -23.32
CA PHE R 270 -9.08 -6.29 -22.28
C PHE R 270 -9.63 -4.91 -22.61
N ALA R 271 -9.41 -4.46 -23.85
CA ALA R 271 -9.93 -3.15 -24.25
C ALA R 271 -11.45 -3.10 -24.17
N ALA R 272 -12.12 -4.17 -24.58
CA ALA R 272 -13.58 -4.18 -24.54
C ALA R 272 -14.11 -4.11 -23.10
N ILE R 273 -13.45 -4.81 -22.17
CA ILE R 273 -13.88 -4.76 -20.78
C ILE R 273 -13.65 -3.38 -20.19
N VAL R 274 -12.51 -2.76 -20.51
CA VAL R 274 -12.28 -1.40 -20.06
C VAL R 274 -13.36 -0.46 -20.59
N GLY R 275 -13.78 -0.66 -21.84
CA GLY R 275 -14.81 0.18 -22.41
C GLY R 275 -16.16 0.01 -21.74
N VAL R 276 -16.55 -1.23 -21.47
CA VAL R 276 -17.82 -1.49 -20.80
C VAL R 276 -17.82 -0.85 -19.41
N LEU R 277 -16.71 -1.01 -18.68
CA LEU R 277 -16.64 -0.43 -17.33
C LEU R 277 -16.68 1.09 -17.38
N GLY R 278 -16.02 1.70 -18.37
CA GLY R 278 -16.10 3.15 -18.50
C GLY R 278 -17.49 3.63 -18.83
N LEU R 279 -18.17 2.93 -19.74
CA LEU R 279 -19.54 3.30 -20.08
C LEU R 279 -20.44 3.25 -18.86
N MET R 280 -20.42 2.15 -18.11
CA MET R 280 -21.33 2.05 -16.98
C MET R 280 -20.86 2.81 -15.75
N GLY R 281 -19.63 3.31 -15.74
CA GLY R 281 -19.19 4.17 -14.67
C GLY R 281 -19.52 5.62 -14.98
N GLY R 282 -19.70 5.93 -16.26
CA GLY R 282 -20.10 7.26 -16.63
C GLY R 282 -21.61 7.47 -16.67
N LEU R 283 -22.37 6.43 -17.03
CA LEU R 283 -23.79 6.62 -17.29
C LEU R 283 -24.69 6.15 -16.14
N LEU R 284 -24.19 5.43 -15.16
CA LEU R 284 -25.01 4.92 -14.07
C LEU R 284 -24.44 5.40 -12.74
N GLN R 285 -25.30 5.93 -11.89
CA GLN R 285 -24.90 6.49 -10.60
C GLN R 285 -24.91 5.40 -9.53
N ILE R 286 -23.79 5.27 -8.83
CA ILE R 286 -23.61 4.22 -7.83
C ILE R 286 -23.07 4.86 -6.54
N ASN R 287 -23.74 4.57 -5.42
CA ASN R 287 -23.36 5.01 -4.09
C ASN R 287 -23.25 6.53 -3.99
N PRO R 288 -24.35 7.27 -4.06
CA PRO R 288 -24.29 8.72 -3.86
C PRO R 288 -24.27 9.10 -2.39
N ILE R 289 -23.08 9.11 -1.79
CA ILE R 289 -22.94 9.29 -0.35
C ILE R 289 -23.45 10.63 0.15
N TRP R 290 -23.60 11.61 -0.74
CA TRP R 290 -24.06 12.93 -0.30
C TRP R 290 -25.54 12.95 0.02
N ASN R 291 -26.34 12.08 -0.62
CA ASN R 291 -27.75 11.97 -0.28
C ASN R 291 -27.93 11.44 1.14
N LEU R 292 -26.97 10.65 1.61
CA LEU R 292 -26.90 10.22 2.99
C LEU R 292 -26.34 11.35 3.83
N GLY R 293 -25.97 11.05 5.06
CA GLY R 293 -25.20 11.98 5.85
C GLY R 293 -23.99 11.29 6.45
N PRO R 294 -23.20 12.04 7.20
CA PRO R 294 -22.13 11.41 7.99
C PRO R 294 -22.74 10.46 9.01
N TYR R 295 -21.99 9.42 9.35
CA TYR R 295 -22.49 8.44 10.29
C TYR R 295 -22.66 9.05 11.67
N LYS R 296 -23.78 8.74 12.32
CA LYS R 296 -24.07 9.20 13.66
C LYS R 296 -24.83 8.10 14.37
N PRO R 297 -24.49 7.79 15.63
CA PRO R 297 -25.08 6.61 16.28
C PRO R 297 -26.56 6.70 16.56
N SER R 298 -27.19 7.86 16.38
CA SER R 298 -28.60 8.03 16.72
C SER R 298 -29.54 7.99 15.54
N GLN R 299 -29.06 8.24 14.32
CA GLN R 299 -29.88 8.26 13.13
C GLN R 299 -29.91 6.89 12.46
N VAL R 300 -30.91 6.69 11.61
CA VAL R 300 -31.06 5.44 10.87
C VAL R 300 -32.04 5.69 9.73
N SER R 301 -31.93 4.87 8.69
CA SER R 301 -32.87 4.87 7.58
C SER R 301 -33.25 3.45 7.25
N ALA R 302 -34.38 3.30 6.55
CA ALA R 302 -34.80 1.98 6.07
C ALA R 302 -33.77 1.36 5.12
N GLY R 303 -32.78 2.12 4.68
CA GLY R 303 -31.72 1.56 3.86
C GLY R 303 -30.89 0.54 4.60
N SER R 304 -30.45 -0.47 3.86
CA SER R 304 -29.80 -1.66 4.40
C SER R 304 -29.04 -2.33 3.26
N GLN R 305 -28.81 -3.64 3.38
CA GLN R 305 -28.38 -4.41 2.21
C GLN R 305 -26.98 -4.04 1.74
N PRO R 306 -25.93 -4.59 2.35
CA PRO R 306 -24.58 -4.42 1.82
C PRO R 306 -24.45 -4.81 0.36
N ASP R 307 -23.31 -4.52 -0.26
CA ASP R 307 -23.09 -4.87 -1.67
C ASP R 307 -23.42 -6.34 -1.91
N PHE R 308 -23.80 -6.65 -3.15
CA PHE R 308 -24.50 -7.90 -3.44
C PHE R 308 -23.69 -9.14 -3.06
N TYR R 309 -22.37 -9.05 -3.04
CA TYR R 309 -21.57 -10.23 -2.71
C TYR R 309 -21.57 -10.55 -1.22
N MET R 310 -22.08 -9.65 -0.38
CA MET R 310 -22.20 -9.89 1.05
C MET R 310 -23.65 -10.03 1.48
N MET R 311 -24.58 -10.14 0.54
CA MET R 311 -26.00 -10.10 0.88
C MET R 311 -26.49 -11.39 1.53
N TRP R 312 -25.80 -12.51 1.29
CA TRP R 312 -26.28 -13.77 1.84
C TRP R 312 -26.08 -13.82 3.36
N THR R 313 -25.04 -13.17 3.88
CA THR R 313 -24.88 -13.10 5.32
C THR R 313 -25.96 -12.24 5.95
N GLU R 314 -26.30 -11.12 5.31
CA GLU R 314 -27.39 -10.28 5.79
C GLU R 314 -28.72 -11.02 5.77
N GLY R 315 -28.99 -11.76 4.70
CA GLY R 315 -30.23 -12.53 4.62
C GLY R 315 -30.29 -13.65 5.64
N LEU R 316 -29.16 -14.31 5.88
CA LEU R 316 -29.11 -15.33 6.91
C LEU R 316 -29.39 -14.74 8.29
N ALA R 317 -28.81 -13.57 8.57
CA ALA R 317 -29.11 -12.88 9.83
C ALA R 317 -30.57 -12.49 9.92
N ARG R 318 -31.19 -12.12 8.80
CA ARG R 318 -32.58 -11.69 8.82
C ARG R 318 -33.54 -12.86 9.05
N ILE R 319 -33.29 -14.00 8.42
CA ILE R 319 -34.27 -15.10 8.47
C ILE R 319 -33.92 -16.18 9.49
N TRP R 320 -32.78 -16.06 10.18
CA TRP R 320 -32.54 -17.12 11.16
C TRP R 320 -33.43 -16.92 12.38
N PRO R 321 -34.00 -17.99 12.94
CA PRO R 321 -34.89 -17.84 14.08
C PRO R 321 -34.13 -17.49 15.35
N PRO R 322 -34.78 -16.80 16.29
CA PRO R 322 -34.11 -16.34 17.53
C PRO R 322 -33.90 -17.43 18.59
N TRP R 323 -32.82 -18.19 18.43
CA TRP R 323 -32.49 -19.29 19.32
C TRP R 323 -31.28 -18.91 20.16
N GLU R 324 -31.52 -18.65 21.44
CA GLU R 324 -30.47 -18.25 22.37
C GLU R 324 -30.44 -19.19 23.55
N PHE R 325 -29.24 -19.33 24.14
CA PHE R 325 -29.04 -20.21 25.29
C PHE R 325 -28.62 -19.37 26.48
N TYR R 326 -29.11 -19.73 27.66
CA TYR R 326 -28.75 -19.06 28.91
C TYR R 326 -28.48 -20.11 29.97
N PHE R 327 -27.23 -20.23 30.38
CA PHE R 327 -26.84 -21.05 31.52
C PHE R 327 -26.05 -20.17 32.48
N TRP R 328 -25.38 -20.76 33.48
CA TRP R 328 -24.83 -20.01 34.59
C TRP R 328 -24.08 -18.75 34.15
N HIS R 329 -24.65 -17.59 34.48
CA HIS R 329 -24.08 -16.27 34.21
C HIS R 329 -23.39 -16.16 32.85
N HIS R 330 -23.95 -16.80 31.82
CA HIS R 330 -23.41 -16.71 30.47
C HIS R 330 -24.56 -16.64 29.47
N THR R 331 -24.23 -16.22 28.25
CA THR R 331 -25.24 -16.01 27.22
C THR R 331 -24.62 -16.32 25.86
N ILE R 332 -25.35 -17.04 25.02
CA ILE R 332 -24.98 -17.27 23.64
C ILE R 332 -26.09 -16.72 22.75
N PRO R 333 -25.88 -15.57 22.12
CA PRO R 333 -26.94 -14.96 21.32
C PRO R 333 -27.15 -15.63 19.98
N ALA R 334 -28.16 -15.17 19.23
CA ALA R 334 -28.58 -15.75 17.96
C ALA R 334 -27.62 -15.54 16.79
N PRO R 335 -26.90 -14.41 16.68
CA PRO R 335 -25.97 -14.25 15.56
C PRO R 335 -24.78 -15.21 15.58
N VAL R 336 -24.58 -15.95 16.67
CA VAL R 336 -23.55 -16.98 16.67
C VAL R 336 -23.86 -18.03 15.62
N TRP R 337 -25.14 -18.27 15.34
CA TRP R 337 -25.51 -19.19 14.27
C TRP R 337 -25.07 -18.67 12.92
N VAL R 338 -25.28 -17.37 12.66
CA VAL R 338 -24.82 -16.77 11.40
C VAL R 338 -23.32 -16.93 11.26
N ALA R 339 -22.58 -16.65 12.34
CA ALA R 339 -21.14 -16.79 12.30
C ALA R 339 -20.72 -18.24 12.03
N VAL R 340 -21.37 -19.20 12.69
CA VAL R 340 -21.03 -20.61 12.54
C VAL R 340 -21.29 -21.07 11.11
N ILE R 341 -22.43 -20.66 10.55
CA ILE R 341 -22.78 -21.10 9.20
C ILE R 341 -21.85 -20.48 8.17
N MET R 342 -21.49 -19.21 8.36
CA MET R 342 -20.54 -18.56 7.46
C MET R 342 -19.20 -19.27 7.49
N GLY R 343 -18.71 -19.61 8.68
CA GLY R 343 -17.46 -20.34 8.78
C GLY R 343 -17.56 -21.74 8.17
N LEU R 344 -18.72 -22.38 8.33
CA LEU R 344 -18.92 -23.71 7.77
C LEU R 344 -18.86 -23.68 6.25
N VAL R 345 -19.46 -22.65 5.64
CA VAL R 345 -19.36 -22.50 4.18
C VAL R 345 -17.91 -22.23 3.78
N PHE R 346 -17.23 -21.32 4.50
CA PHE R 346 -15.85 -21.00 4.19
C PHE R 346 -14.93 -22.20 4.32
N VAL R 347 -15.29 -23.19 5.13
CA VAL R 347 -14.47 -24.38 5.30
C VAL R 347 -14.83 -25.45 4.27
N LEU R 348 -16.12 -25.61 3.96
CA LEU R 348 -16.52 -26.64 2.99
C LEU R 348 -16.24 -26.24 1.56
N LEU R 349 -16.01 -24.97 1.27
CA LEU R 349 -15.77 -24.60 -0.12
C LEU R 349 -14.46 -25.17 -0.67
N PRO R 350 -13.31 -25.02 0.01
CA PRO R 350 -12.05 -25.50 -0.59
C PRO R 350 -11.82 -27.00 -0.44
N ALA R 351 -12.66 -27.73 0.29
CA ALA R 351 -12.45 -29.15 0.55
C ALA R 351 -13.23 -30.05 -0.40
N TYR R 352 -13.96 -29.48 -1.34
CA TYR R 352 -14.85 -30.25 -2.20
C TYR R 352 -14.11 -31.26 -3.09
N PRO R 353 -12.98 -30.91 -3.72
CA PRO R 353 -12.28 -31.93 -4.53
C PRO R 353 -11.94 -33.18 -3.75
N PHE R 354 -11.42 -33.00 -2.52
CA PHE R 354 -11.04 -34.15 -1.71
C PHE R 354 -12.26 -34.92 -1.24
N LEU R 355 -13.32 -34.22 -0.86
CA LEU R 355 -14.55 -34.92 -0.49
C LEU R 355 -15.08 -35.76 -1.64
N GLU R 356 -15.17 -35.17 -2.83
CA GLU R 356 -15.71 -35.91 -3.97
C GLU R 356 -14.83 -37.07 -4.36
N LYS R 357 -13.50 -36.91 -4.28
CA LYS R 357 -12.64 -38.02 -4.68
C LYS R 357 -12.68 -39.15 -3.67
N ARG R 358 -12.83 -38.84 -2.37
CA ARG R 358 -12.92 -39.93 -1.40
C ARG R 358 -14.32 -40.53 -1.38
N PHE R 359 -15.31 -39.84 -1.94
CA PHE R 359 -16.64 -40.44 -2.01
C PHE R 359 -16.79 -41.30 -3.26
N THR R 360 -16.25 -40.86 -4.39
CA THR R 360 -16.42 -41.59 -5.63
C THR R 360 -15.34 -42.64 -5.85
N GLY R 361 -14.17 -42.49 -5.22
CA GLY R 361 -13.10 -43.44 -5.42
C GLY R 361 -12.37 -43.29 -6.73
N ASP R 362 -12.26 -42.06 -7.25
CA ASP R 362 -11.58 -41.79 -8.51
C ASP R 362 -10.34 -40.97 -8.22
N TYR R 363 -9.17 -41.59 -8.38
CA TYR R 363 -7.90 -40.98 -8.03
C TYR R 363 -6.98 -40.84 -9.25
N ALA R 364 -7.56 -40.71 -10.44
CA ALA R 364 -6.77 -40.71 -11.66
C ALA R 364 -6.54 -39.29 -12.17
N HIS R 365 -5.58 -39.15 -13.08
CA HIS R 365 -5.35 -37.88 -13.77
C HIS R 365 -6.43 -37.64 -14.80
N HIS R 366 -6.76 -36.36 -14.99
CA HIS R 366 -7.78 -35.95 -15.95
C HIS R 366 -7.33 -34.69 -16.66
N ASN R 367 -7.37 -34.72 -17.99
CA ASN R 367 -7.12 -33.54 -18.81
C ASN R 367 -8.29 -33.14 -19.68
N LEU R 368 -9.24 -34.03 -19.92
CA LEU R 368 -10.44 -33.73 -20.70
C LEU R 368 -11.59 -33.41 -19.76
N LEU R 369 -12.40 -32.43 -20.14
CA LEU R 369 -13.50 -31.97 -19.30
C LEU R 369 -14.72 -32.88 -19.46
N GLN R 370 -15.66 -32.72 -18.55
CA GLN R 370 -16.94 -33.41 -18.59
C GLN R 370 -18.03 -32.41 -18.95
N ARG R 371 -18.96 -32.83 -19.79
CA ARG R 371 -20.14 -31.98 -19.99
C ARG R 371 -21.04 -32.06 -18.77
N PRO R 372 -21.59 -30.94 -18.31
CA PRO R 372 -22.42 -30.96 -17.08
C PRO R 372 -23.58 -31.93 -17.13
N ARG R 373 -24.08 -32.30 -18.32
CA ARG R 373 -25.19 -33.24 -18.39
C ARG R 373 -24.76 -34.67 -18.09
N ASP R 374 -23.48 -34.99 -18.28
CA ASP R 374 -22.98 -36.33 -18.03
C ASP R 374 -22.64 -36.58 -16.57
N VAL R 375 -22.68 -35.55 -15.73
CA VAL R 375 -22.40 -35.69 -14.30
C VAL R 375 -23.63 -35.23 -13.54
N PRO R 376 -24.70 -36.03 -13.50
CA PRO R 376 -25.97 -35.52 -12.95
C PRO R 376 -25.92 -35.22 -11.48
N VAL R 377 -25.23 -36.04 -10.68
CA VAL R 377 -25.22 -35.83 -9.23
C VAL R 377 -24.51 -34.53 -8.89
N ARG R 378 -23.35 -34.28 -9.50
CA ARG R 378 -22.62 -33.06 -9.22
C ARG R 378 -23.35 -31.84 -9.76
N THR R 379 -23.95 -31.95 -10.94
CA THR R 379 -24.73 -30.84 -11.47
C THR R 379 -25.90 -30.50 -10.56
N ALA R 380 -26.57 -31.52 -10.01
CA ALA R 380 -27.70 -31.27 -9.12
C ALA R 380 -27.24 -30.69 -7.79
N ILE R 381 -26.10 -31.15 -7.26
CA ILE R 381 -25.54 -30.55 -6.05
C ILE R 381 -25.25 -29.08 -6.26
N GLY R 382 -24.63 -28.75 -7.40
CA GLY R 382 -24.32 -27.36 -7.69
C GLY R 382 -25.56 -26.50 -7.84
N ALA R 383 -26.60 -27.04 -8.49
CA ALA R 383 -27.83 -26.27 -8.65
C ALA R 383 -28.52 -26.06 -7.30
N MET R 384 -28.46 -27.07 -6.43
CA MET R 384 -29.02 -26.91 -5.09
C MET R 384 -28.28 -25.82 -4.31
N ALA R 385 -26.95 -25.80 -4.41
CA ALA R 385 -26.18 -24.76 -3.73
C ALA R 385 -26.53 -23.38 -4.29
N ILE R 386 -26.69 -23.27 -5.61
CA ILE R 386 -27.04 -21.99 -6.21
C ILE R 386 -28.42 -21.54 -5.76
N ALA R 387 -29.35 -22.48 -5.62
CA ALA R 387 -30.69 -22.12 -5.14
C ALA R 387 -30.64 -21.62 -3.70
N PHE R 388 -29.84 -22.28 -2.86
CA PHE R 388 -29.66 -21.80 -1.49
C PHE R 388 -29.12 -20.38 -1.46
N TYR R 389 -28.07 -20.11 -2.27
CA TYR R 389 -27.50 -18.78 -2.33
C TYR R 389 -28.53 -17.75 -2.81
N MET R 390 -29.33 -18.11 -3.81
CA MET R 390 -30.29 -17.17 -4.35
C MET R 390 -31.39 -16.85 -3.34
N VAL R 391 -31.82 -17.85 -2.56
CA VAL R 391 -32.80 -17.59 -1.52
C VAL R 391 -32.23 -16.66 -0.46
N LEU R 392 -31.01 -16.95 0.00
CA LEU R 392 -30.40 -16.09 1.00
C LEU R 392 -30.17 -14.68 0.48
N THR R 393 -29.96 -14.52 -0.83
CA THR R 393 -29.75 -13.20 -1.39
C THR R 393 -31.06 -12.43 -1.56
N LEU R 394 -32.13 -13.13 -1.95
CA LEU R 394 -33.43 -12.48 -2.03
C LEU R 394 -33.97 -12.10 -0.66
N ALA R 395 -33.64 -12.87 0.37
CA ALA R 395 -34.07 -12.54 1.72
C ALA R 395 -33.44 -11.25 2.23
N ALA R 396 -32.32 -10.83 1.66
CA ALA R 396 -31.66 -9.62 2.11
C ALA R 396 -32.37 -8.35 1.68
N MET R 397 -33.19 -8.41 0.63
CA MET R 397 -33.96 -7.27 0.15
C MET R 397 -35.43 -7.43 0.49
N ASN R 398 -35.70 -7.94 1.70
CA ASN R 398 -37.06 -8.16 2.18
C ASN R 398 -37.91 -6.90 2.04
N ASP R 399 -37.43 -5.79 2.59
CA ASP R 399 -38.25 -4.59 2.65
C ASP R 399 -38.40 -3.93 1.28
N ILE R 400 -37.34 -3.95 0.47
CA ILE R 400 -37.45 -3.41 -0.89
C ILE R 400 -38.48 -4.21 -1.68
N ILE R 401 -38.45 -5.54 -1.55
CA ILE R 401 -39.39 -6.38 -2.28
C ILE R 401 -40.80 -6.17 -1.78
N ALA R 402 -40.98 -6.08 -0.46
CA ALA R 402 -42.31 -5.88 0.10
C ALA R 402 -42.87 -4.52 -0.24
N LEU R 403 -42.01 -3.53 -0.49
CA LEU R 403 -42.51 -2.22 -0.89
C LEU R 403 -42.87 -2.20 -2.37
N LYS R 404 -41.94 -2.62 -3.24
CA LYS R 404 -42.19 -2.55 -4.67
C LYS R 404 -43.29 -3.52 -5.09
N PHE R 405 -43.13 -4.80 -4.78
CA PHE R 405 -44.17 -5.80 -5.01
C PHE R 405 -45.00 -5.91 -3.74
N HIS R 406 -46.30 -5.80 -3.88
CA HIS R 406 -47.14 -5.62 -2.69
C HIS R 406 -47.29 -6.92 -1.90
N ILE R 407 -46.33 -7.18 -1.02
CA ILE R 407 -46.36 -8.34 -0.13
C ILE R 407 -46.10 -7.85 1.29
N SER R 408 -46.66 -8.56 2.26
CA SER R 408 -46.44 -8.21 3.65
C SER R 408 -45.01 -8.56 4.08
N LEU R 409 -44.48 -7.75 4.99
CA LEU R 409 -43.11 -7.93 5.46
C LEU R 409 -42.94 -9.25 6.19
N ASN R 410 -43.88 -9.56 7.09
CA ASN R 410 -43.85 -10.84 7.79
C ASN R 410 -44.01 -12.00 6.81
N ALA R 411 -44.86 -11.82 5.81
CA ALA R 411 -45.02 -12.84 4.78
C ALA R 411 -43.70 -13.12 4.06
N THR R 412 -42.98 -12.06 3.68
CA THR R 412 -41.70 -12.26 3.00
C THR R 412 -40.70 -12.95 3.91
N THR R 413 -40.68 -12.60 5.19
CA THR R 413 -39.76 -13.26 6.11
C THR R 413 -40.06 -14.74 6.21
N TRP R 414 -41.34 -15.12 6.33
CA TRP R 414 -41.69 -16.53 6.42
C TRP R 414 -41.44 -17.26 5.12
N ILE R 415 -41.66 -16.58 3.98
CA ILE R 415 -41.38 -17.19 2.69
C ILE R 415 -39.91 -17.52 2.57
N GLY R 416 -39.04 -16.59 2.95
CA GLY R 416 -37.62 -16.89 2.95
C GLY R 416 -37.27 -18.03 3.89
N ARG R 417 -37.84 -18.02 5.09
CA ARG R 417 -37.51 -19.02 6.10
C ARG R 417 -37.89 -20.43 5.65
N ILE R 418 -39.00 -20.56 4.94
CA ILE R 418 -39.45 -21.89 4.49
C ILE R 418 -38.80 -22.29 3.18
N GLY R 419 -38.59 -21.32 2.28
CA GLY R 419 -37.90 -21.62 1.04
C GLY R 419 -36.49 -22.13 1.27
N MET R 420 -35.78 -21.51 2.23
CA MET R 420 -34.45 -21.98 2.61
C MET R 420 -34.40 -23.48 2.86
N VAL R 421 -35.50 -24.07 3.33
CA VAL R 421 -35.53 -25.48 3.67
C VAL R 421 -36.04 -26.31 2.50
N ILE R 422 -37.06 -25.82 1.80
CA ILE R 422 -37.78 -26.70 0.86
C ILE R 422 -37.38 -26.52 -0.61
N LEU R 423 -36.72 -25.43 -0.98
CA LEU R 423 -36.45 -25.21 -2.40
C LEU R 423 -35.23 -25.96 -2.94
N PRO R 424 -34.12 -26.04 -2.21
CA PRO R 424 -32.91 -26.67 -2.76
C PRO R 424 -33.11 -28.14 -3.10
N PRO R 425 -33.79 -28.95 -2.28
CA PRO R 425 -34.03 -30.34 -2.71
C PRO R 425 -34.89 -30.46 -3.95
N PHE R 426 -35.89 -29.58 -4.10
CA PHE R 426 -36.69 -29.56 -5.32
C PHE R 426 -35.82 -29.26 -6.54
N VAL R 427 -34.93 -28.27 -6.41
CA VAL R 427 -34.04 -27.93 -7.51
C VAL R 427 -33.11 -29.10 -7.83
N TYR R 428 -32.60 -29.76 -6.79
CA TYR R 428 -31.77 -30.95 -6.99
C TYR R 428 -32.49 -31.99 -7.84
N PHE R 429 -33.71 -32.35 -7.42
CA PHE R 429 -34.47 -33.38 -8.11
C PHE R 429 -34.71 -33.03 -9.57
N ILE R 430 -35.17 -31.80 -9.81
CA ILE R 430 -35.50 -31.40 -11.18
C ILE R 430 -34.24 -31.35 -12.04
N THR R 431 -33.11 -30.91 -11.47
CA THR R 431 -31.87 -30.85 -12.23
C THR R 431 -31.41 -32.26 -12.62
N TYR R 432 -31.48 -33.20 -11.69
CA TYR R 432 -31.12 -34.57 -11.99
C TYR R 432 -31.93 -35.12 -13.17
N ARG R 433 -33.25 -34.95 -13.11
CA ARG R 433 -34.10 -35.47 -14.18
C ARG R 433 -33.84 -34.76 -15.51
N TRP R 434 -33.59 -33.44 -15.45
CA TRP R 434 -33.30 -32.68 -16.66
C TRP R 434 -32.01 -33.15 -17.32
N CYS R 435 -30.98 -33.44 -16.52
CA CYS R 435 -29.74 -33.95 -17.07
C CYS R 435 -29.96 -35.28 -17.79
N ILE R 436 -30.71 -36.18 -17.15
CA ILE R 436 -30.93 -37.47 -17.81
C ILE R 436 -31.74 -37.29 -19.09
N GLY R 437 -32.68 -36.33 -19.11
CA GLY R 437 -33.41 -36.06 -20.34
C GLY R 437 -32.53 -35.57 -21.47
N LEU R 438 -31.57 -34.70 -21.14
CA LEU R 438 -30.61 -34.25 -22.16
C LEU R 438 -29.78 -35.42 -22.69
N GLN R 439 -29.36 -36.31 -21.80
CA GLN R 439 -28.63 -37.49 -22.24
C GLN R 439 -29.46 -38.34 -23.20
N ARG R 440 -30.75 -38.50 -22.90
CA ARG R 440 -31.60 -39.32 -23.76
C ARG R 440 -31.83 -38.67 -25.11
N SER R 441 -31.92 -37.34 -25.16
CA SER R 441 -32.02 -36.68 -26.45
C SER R 441 -30.76 -36.86 -27.28
N ASP R 442 -29.58 -36.82 -26.64
CA ASP R 442 -28.34 -37.13 -27.34
C ASP R 442 -28.36 -38.56 -27.90
N ARG R 443 -28.79 -39.52 -27.08
CA ARG R 443 -28.85 -40.90 -27.56
C ARG R 443 -29.82 -41.06 -28.72
N SER R 444 -30.92 -40.32 -28.71
CA SER R 444 -31.86 -40.38 -29.82
C SER R 444 -31.22 -39.87 -31.11
N VAL R 445 -30.57 -38.71 -31.05
CA VAL R 445 -29.94 -38.18 -32.26
C VAL R 445 -28.74 -39.04 -32.68
N LEU R 446 -28.20 -39.87 -31.78
CA LEU R 446 -27.17 -40.81 -32.19
C LEU R 446 -27.76 -42.03 -32.89
N GLU R 447 -28.87 -42.57 -32.39
CA GLU R 447 -29.42 -43.79 -32.95
C GLU R 447 -30.08 -43.53 -34.30
N HIS R 448 -30.87 -42.47 -34.39
CA HIS R 448 -31.40 -42.03 -35.67
C HIS R 448 -30.57 -40.85 -36.15
N GLY R 449 -30.98 -40.21 -37.25
CA GLY R 449 -30.31 -39.04 -37.75
C GLY R 449 -30.87 -37.76 -37.16
N VAL R 450 -30.35 -36.64 -37.66
CA VAL R 450 -30.91 -35.34 -37.31
C VAL R 450 -32.29 -35.20 -37.95
N GLU R 451 -33.27 -34.81 -37.16
CA GLU R 451 -34.63 -34.61 -37.69
C GLU R 451 -34.67 -33.32 -38.49
N THR R 452 -35.03 -33.44 -39.77
CA THR R 452 -35.02 -32.29 -40.66
C THR R 452 -36.29 -31.45 -40.61
N GLY R 453 -37.41 -32.05 -40.21
CA GLY R 453 -38.66 -31.33 -40.16
C GLY R 453 -39.53 -31.44 -41.40
N ILE R 454 -39.09 -32.17 -42.42
CA ILE R 454 -39.83 -32.34 -43.66
C ILE R 454 -40.64 -33.63 -43.58
N ILE R 455 -41.91 -33.56 -43.97
CA ILE R 455 -42.82 -34.70 -43.91
C ILE R 455 -43.17 -35.13 -45.33
N LYS R 456 -43.37 -36.43 -45.52
CA LYS R 456 -43.83 -37.00 -46.78
C LYS R 456 -45.14 -37.76 -46.54
N ARG R 457 -45.81 -38.13 -47.62
CA ARG R 457 -47.10 -38.79 -47.50
C ARG R 457 -47.13 -40.24 -48.00
N LEU R 458 -46.12 -40.72 -48.74
CA LEU R 458 -45.98 -42.17 -48.93
C LEU R 458 -47.23 -42.84 -49.48
N PRO R 459 -47.42 -42.87 -50.81
CA PRO R 459 -48.76 -43.05 -51.41
C PRO R 459 -49.73 -44.01 -50.72
N HIS R 460 -49.25 -44.98 -49.95
CA HIS R 460 -50.20 -45.79 -49.18
C HIS R 460 -50.65 -45.10 -47.90
N GLY R 461 -50.31 -43.82 -47.75
CA GLY R 461 -50.91 -43.01 -46.69
C GLY R 461 -50.14 -42.97 -45.39
N ALA R 462 -48.82 -43.03 -45.45
CA ALA R 462 -47.99 -42.99 -44.26
C ALA R 462 -47.20 -41.69 -44.21
N TYR R 463 -46.98 -41.18 -43.00
CA TYR R 463 -46.21 -39.96 -42.80
C TYR R 463 -44.86 -40.32 -42.19
N ILE R 464 -43.78 -39.89 -42.85
CA ILE R 464 -42.43 -40.09 -42.37
C ILE R 464 -41.76 -38.72 -42.18
N GLU R 465 -40.60 -38.73 -41.54
CA GLU R 465 -39.99 -37.49 -41.07
C GLU R 465 -38.70 -37.11 -41.79
N LEU R 466 -38.11 -38.00 -42.58
CA LEU R 466 -36.93 -37.67 -43.41
C LEU R 466 -35.75 -37.22 -42.54
N HIS R 467 -35.23 -38.15 -41.76
CA HIS R 467 -34.03 -37.89 -40.98
C HIS R 467 -32.79 -37.79 -41.88
N GLN R 468 -31.71 -37.27 -41.31
CA GLN R 468 -30.45 -37.09 -42.04
C GLN R 468 -29.33 -37.79 -41.27
N PRO R 469 -28.65 -38.75 -41.87
CA PRO R 469 -27.67 -39.53 -41.13
C PRO R 469 -26.36 -38.79 -40.91
N LEU R 470 -25.66 -39.19 -39.86
CA LEU R 470 -24.37 -38.61 -39.51
C LEU R 470 -23.19 -39.54 -39.78
N GLY R 471 -23.45 -40.75 -40.27
CA GLY R 471 -22.40 -41.69 -40.56
C GLY R 471 -22.73 -42.60 -41.72
N PRO R 472 -22.30 -43.85 -41.63
CA PRO R 472 -22.57 -44.81 -42.71
C PRO R 472 -23.98 -45.39 -42.61
N VAL R 473 -24.48 -45.82 -43.77
CA VAL R 473 -25.86 -46.28 -43.93
C VAL R 473 -25.83 -47.77 -44.29
N ASP R 474 -26.84 -48.49 -43.83
CA ASP R 474 -26.93 -49.92 -44.10
C ASP R 474 -27.67 -50.16 -45.42
N GLU R 475 -28.07 -51.41 -45.68
CA GLU R 475 -28.65 -51.76 -46.97
C GLU R 475 -30.05 -51.21 -47.13
N HIS R 476 -30.83 -51.16 -46.05
CA HIS R 476 -32.22 -50.72 -46.11
C HIS R 476 -32.39 -49.21 -46.05
N GLY R 477 -31.30 -48.46 -46.21
CA GLY R 477 -31.37 -47.01 -46.15
C GLY R 477 -31.32 -46.40 -44.78
N HIS R 478 -31.46 -47.20 -43.72
CA HIS R 478 -31.39 -46.66 -42.37
C HIS R 478 -29.95 -46.55 -41.92
N PRO R 479 -29.56 -45.48 -41.24
CA PRO R 479 -28.18 -45.38 -40.76
C PRO R 479 -27.94 -46.29 -39.57
N ILE R 480 -26.71 -46.76 -39.44
CA ILE R 480 -26.35 -47.62 -38.31
C ILE R 480 -26.11 -46.72 -37.09
N PRO R 481 -26.39 -47.21 -35.88
CA PRO R 481 -26.22 -46.36 -34.70
C PRO R 481 -24.76 -46.08 -34.40
N LEU R 482 -24.48 -44.86 -33.97
CA LEU R 482 -23.15 -44.42 -33.60
C LEU R 482 -22.96 -44.55 -32.08
N GLN R 483 -21.73 -44.28 -31.64
CA GLN R 483 -21.38 -44.35 -30.23
C GLN R 483 -21.10 -42.95 -29.69
N TYR R 484 -21.56 -42.69 -28.47
CA TYR R 484 -21.31 -41.41 -27.84
C TYR R 484 -19.83 -41.25 -27.54
N GLN R 485 -19.32 -40.04 -27.71
CA GLN R 485 -17.89 -39.78 -27.54
C GLN R 485 -17.63 -38.52 -26.72
N GLY R 486 -18.56 -38.16 -25.85
CA GLY R 486 -18.37 -37.04 -24.97
C GLY R 486 -18.44 -35.68 -25.61
N ALA R 487 -18.84 -35.59 -26.87
CA ALA R 487 -18.90 -34.35 -27.60
C ALA R 487 -20.34 -34.01 -27.98
N PRO R 488 -20.67 -32.73 -28.12
CA PRO R 488 -22.03 -32.36 -28.50
C PRO R 488 -22.38 -32.85 -29.89
N LEU R 489 -23.69 -33.00 -30.11
CA LEU R 489 -24.22 -33.48 -31.38
C LEU R 489 -25.14 -32.43 -31.99
N PRO R 490 -25.17 -32.33 -33.32
CA PRO R 490 -26.05 -31.34 -33.95
C PRO R 490 -27.51 -31.75 -33.84
N LYS R 491 -28.38 -30.75 -33.68
CA LYS R 491 -29.81 -30.96 -33.60
C LYS R 491 -30.60 -30.18 -34.63
N ARG R 492 -29.99 -29.21 -35.30
CA ARG R 492 -30.64 -28.42 -36.34
C ARG R 492 -29.92 -28.61 -37.66
N MET R 493 -30.69 -28.62 -38.75
CA MET R 493 -30.11 -28.86 -40.07
C MET R 493 -29.27 -27.67 -40.54
N ASN R 494 -29.68 -26.45 -40.22
CA ASN R 494 -28.97 -25.26 -40.66
C ASN R 494 -27.60 -25.10 -40.01
N LYS R 495 -27.38 -25.72 -38.84
CA LYS R 495 -26.06 -25.61 -38.21
C LYS R 495 -25.02 -26.37 -39.00
N LEU R 496 -25.36 -27.55 -39.48
CA LEU R 496 -24.60 -28.14 -40.57
C LEU R 496 -24.79 -27.27 -41.81
N GLY R 497 -23.78 -27.25 -42.68
CA GLY R 497 -23.97 -26.47 -43.88
C GLY R 497 -25.07 -27.08 -44.72
N SER R 498 -26.26 -26.48 -44.68
CA SER R 498 -27.41 -27.03 -45.39
C SER R 498 -28.00 -26.05 -46.39
N ALA R 499 -28.39 -24.86 -45.96
CA ALA R 499 -28.98 -23.85 -46.84
C ALA R 499 -28.47 -22.49 -46.39
N GLY R 500 -27.38 -22.03 -47.00
CA GLY R 500 -26.77 -20.77 -46.59
C GLY R 500 -25.98 -20.11 -47.69
N SER R 501 -25.13 -19.15 -47.32
CA SER R 501 -24.26 -18.42 -48.23
C SER R 501 -25.07 -17.70 -49.30
N PRO R 502 -25.82 -16.66 -48.95
CA PRO R 502 -26.54 -15.89 -49.97
C PRO R 502 -25.60 -15.10 -50.86
N GLY R 503 -26.16 -14.28 -51.75
CA GLY R 503 -25.38 -13.45 -52.66
C GLY R 503 -24.27 -12.68 -51.98
N SER R 504 -23.23 -12.33 -52.74
CA SER R 504 -21.98 -11.80 -52.19
C SER R 504 -21.82 -10.30 -52.41
N GLY R 505 -22.92 -9.56 -52.46
CA GLY R 505 -22.83 -8.11 -52.52
C GLY R 505 -22.43 -7.52 -51.20
N SER R 506 -22.69 -6.23 -50.97
CA SER R 506 -22.38 -5.62 -49.67
C SER R 506 -23.59 -5.64 -48.74
N PHE R 507 -24.59 -4.80 -48.99
CA PHE R 507 -25.92 -5.01 -48.45
C PHE R 507 -27.04 -4.60 -49.40
N LEU R 508 -26.79 -3.69 -50.34
CA LEU R 508 -27.82 -3.19 -51.24
C LEU R 508 -27.50 -3.41 -52.71
N PHE R 509 -26.29 -3.82 -53.06
CA PHE R 509 -25.90 -4.01 -54.44
C PHE R 509 -25.08 -5.29 -54.56
N ALA R 510 -25.35 -6.06 -55.60
CA ALA R 510 -24.70 -7.34 -55.79
C ALA R 510 -23.32 -7.18 -56.42
N ASP R 511 -22.43 -8.11 -56.08
CA ASP R 511 -21.14 -8.20 -56.74
C ASP R 511 -21.31 -8.96 -58.06
N SER R 512 -20.20 -9.21 -58.74
CA SER R 512 -20.28 -9.96 -59.99
C SER R 512 -20.43 -11.46 -59.71
N ALA R 513 -21.03 -12.15 -60.67
CA ALA R 513 -21.26 -13.58 -60.54
C ALA R 513 -19.95 -14.37 -60.49
N ALA R 514 -18.95 -13.94 -61.26
CA ALA R 514 -17.67 -14.64 -61.25
C ALA R 514 -17.00 -14.54 -59.89
N GLU R 515 -16.96 -13.33 -59.33
CA GLU R 515 -16.40 -13.15 -57.98
C GLU R 515 -17.18 -13.94 -56.95
N ASP R 516 -18.51 -13.93 -57.05
CA ASP R 516 -19.33 -14.69 -56.10
C ASP R 516 -18.99 -16.17 -56.15
N ALA R 517 -18.93 -16.74 -57.36
CA ALA R 517 -18.65 -18.16 -57.50
C ALA R 517 -17.24 -18.50 -57.02
N ALA R 518 -16.26 -17.65 -57.34
CA ALA R 518 -14.89 -17.91 -56.90
C ALA R 518 -14.81 -17.89 -55.38
N LEU R 519 -15.46 -16.91 -54.74
CA LEU R 519 -15.45 -16.84 -53.28
C LEU R 519 -16.12 -18.07 -52.68
N ARG R 520 -17.24 -18.49 -53.27
CA ARG R 520 -17.94 -19.68 -52.77
C ARG R 520 -17.05 -20.91 -52.82
N GLU R 521 -16.43 -21.16 -53.99
CA GLU R 521 -15.62 -22.36 -54.12
C GLU R 521 -14.39 -22.30 -53.22
N ALA R 522 -13.77 -21.12 -53.09
CA ALA R 522 -12.62 -20.99 -52.21
C ALA R 522 -13.01 -21.30 -50.76
N GLY R 523 -14.14 -20.74 -50.31
CA GLY R 523 -14.58 -21.01 -48.95
C GLY R 523 -14.89 -22.48 -48.70
N HIS R 524 -15.55 -23.12 -49.66
CA HIS R 524 -15.87 -24.53 -49.51
C HIS R 524 -14.60 -25.38 -49.43
N ALA R 525 -13.64 -25.13 -50.33
CA ALA R 525 -12.40 -25.88 -50.29
C ALA R 525 -11.66 -25.67 -48.98
N ALA R 526 -11.63 -24.42 -48.49
CA ALA R 526 -10.93 -24.14 -47.24
C ALA R 526 -11.56 -24.86 -46.07
N GLU R 527 -12.89 -24.80 -45.95
CA GLU R 527 -13.55 -25.45 -44.82
C GLU R 527 -13.39 -26.95 -44.88
N GLN R 528 -13.45 -27.54 -46.09
CA GLN R 528 -13.29 -28.99 -46.19
C GLN R 528 -11.88 -29.42 -45.85
N ARG R 529 -10.88 -28.63 -46.25
CA ARG R 529 -9.50 -28.96 -45.89
C ARG R 529 -9.26 -28.84 -44.40
N ALA R 530 -9.87 -27.84 -43.76
CA ALA R 530 -9.74 -27.71 -42.30
C ALA R 530 -10.36 -28.91 -41.60
N LEU R 531 -11.59 -29.28 -42.00
CA LEU R 531 -12.24 -30.44 -41.41
C LEU R 531 -11.41 -31.71 -41.59
N ALA R 532 -10.87 -31.93 -42.79
CA ALA R 532 -10.05 -33.12 -43.03
C ALA R 532 -8.78 -33.08 -42.17
N ALA R 533 -8.10 -31.93 -42.13
CA ALA R 533 -6.85 -31.84 -41.40
C ALA R 533 -7.03 -32.09 -39.90
N LEU R 534 -8.20 -31.74 -39.35
CA LEU R 534 -8.40 -32.03 -37.94
C LEU R 534 -9.04 -33.39 -37.69
N ARG R 535 -9.73 -33.97 -38.67
CA ARG R 535 -10.38 -35.27 -38.49
C ARG R 535 -9.44 -36.44 -38.72
N GLU R 536 -8.64 -36.41 -39.79
CA GLU R 536 -7.87 -37.60 -40.16
C GLU R 536 -6.78 -37.93 -39.13
N HIS R 537 -5.90 -36.99 -38.83
CA HIS R 537 -4.80 -37.25 -37.91
C HIS R 537 -5.26 -37.20 -36.46
N ASP S 50 21.92 -28.55 -37.02
CA ASP S 50 21.81 -29.66 -37.96
C ASP S 50 22.94 -29.66 -38.98
N GLU S 51 23.32 -28.47 -39.43
CA GLU S 51 24.27 -28.36 -40.53
C GLU S 51 24.72 -26.91 -40.64
N ALA S 52 25.91 -26.73 -41.22
CA ALA S 52 26.28 -25.41 -41.72
C ALA S 52 25.43 -25.01 -42.92
N ALA S 53 24.79 -25.98 -43.58
CA ALA S 53 23.85 -25.74 -44.66
C ALA S 53 22.47 -25.44 -44.11
N LEU S 54 22.40 -25.04 -42.84
CA LEU S 54 21.15 -24.54 -42.27
C LEU S 54 20.63 -23.34 -43.05
N ALA S 55 21.51 -22.57 -43.68
CA ALA S 55 21.09 -21.52 -44.60
C ALA S 55 20.42 -22.14 -45.83
N ALA S 56 19.88 -21.27 -46.69
CA ALA S 56 19.12 -21.67 -47.87
C ALA S 56 17.92 -22.53 -47.51
N MET S 57 17.48 -22.47 -46.25
CA MET S 57 16.27 -23.12 -45.80
C MET S 57 15.15 -22.10 -45.73
N SER S 58 13.99 -22.46 -46.27
CA SER S 58 12.89 -21.51 -46.39
C SER S 58 12.39 -21.08 -45.02
N ASN S 59 11.69 -19.95 -45.01
CA ASN S 59 11.06 -19.48 -43.78
C ASN S 59 10.03 -20.48 -43.26
N GLN S 60 9.28 -21.11 -44.18
CA GLN S 60 8.28 -22.09 -43.78
C GLN S 60 8.93 -23.31 -43.14
N GLU S 61 10.06 -23.76 -43.69
CA GLU S 61 10.71 -24.93 -43.12
C GLU S 61 11.41 -24.59 -41.81
N LEU S 62 11.93 -23.37 -41.69
CA LEU S 62 12.47 -22.93 -40.41
C LEU S 62 11.39 -22.87 -39.33
N LEU S 63 10.20 -22.41 -39.70
CA LEU S 63 9.09 -22.35 -38.75
C LEU S 63 8.62 -23.75 -38.36
N ALA S 64 8.55 -24.66 -39.34
CA ALA S 64 8.21 -26.04 -39.04
C ALA S 64 9.26 -26.69 -38.13
N LEU S 65 10.53 -26.36 -38.34
CA LEU S 65 11.59 -26.89 -37.50
C LEU S 65 11.49 -26.37 -36.07
N GLY S 66 11.22 -25.08 -35.93
CA GLY S 66 11.02 -24.53 -34.59
C GLY S 66 9.84 -25.17 -33.88
N GLY S 67 8.73 -25.36 -34.61
CA GLY S 67 7.59 -26.05 -34.04
C GLY S 67 7.91 -27.46 -33.61
N LYS S 68 8.67 -28.18 -34.42
CA LYS S 68 9.08 -29.53 -34.06
C LYS S 68 9.97 -29.52 -32.83
N LEU S 69 10.86 -28.53 -32.72
CA LEU S 69 11.71 -28.41 -31.54
C LEU S 69 10.88 -28.17 -30.29
N ASP S 70 9.81 -27.37 -30.40
CA ASP S 70 8.98 -27.06 -29.25
C ASP S 70 7.90 -28.10 -28.98
N GLY S 71 7.69 -29.05 -29.89
CA GLY S 71 6.65 -30.04 -29.71
C GLY S 71 5.31 -29.63 -30.26
N VAL S 72 5.25 -28.64 -31.15
CA VAL S 72 4.01 -28.10 -31.68
C VAL S 72 3.90 -28.44 -33.15
N ARG S 73 2.72 -28.87 -33.56
CA ARG S 73 2.44 -29.18 -34.96
C ARG S 73 1.33 -28.26 -35.45
N ILE S 74 1.54 -27.65 -36.61
CA ILE S 74 0.60 -26.69 -37.16
C ILE S 74 -0.16 -27.34 -38.31
N ALA S 75 -1.49 -27.39 -38.20
CA ALA S 75 -2.36 -27.84 -39.26
C ALA S 75 -3.22 -26.68 -39.76
N TYR S 76 -3.52 -26.68 -41.05
CA TYR S 76 -4.46 -25.75 -41.66
C TYR S 76 -4.16 -24.30 -41.26
N LYS S 77 -3.04 -23.81 -41.76
CA LYS S 77 -2.73 -22.39 -41.69
C LYS S 77 -2.79 -21.85 -43.13
N GLU S 78 -3.92 -21.26 -43.48
CA GLU S 78 -4.18 -20.80 -44.84
C GLU S 78 -4.61 -19.35 -44.80
N PRO S 79 -4.30 -18.59 -45.85
CA PRO S 79 -4.65 -17.17 -45.88
C PRO S 79 -6.15 -16.96 -46.01
N ARG S 80 -6.58 -15.75 -45.64
CA ARG S 80 -8.00 -15.42 -45.64
C ARG S 80 -8.53 -15.05 -47.01
N TRP S 81 -7.70 -14.43 -47.86
CA TRP S 81 -8.09 -14.01 -49.20
C TRP S 81 -7.20 -14.70 -50.21
N PRO S 82 -7.52 -15.94 -50.59
CA PRO S 82 -6.70 -16.62 -51.60
C PRO S 82 -6.92 -16.09 -53.00
N VAL S 83 -8.14 -15.71 -53.35
CA VAL S 83 -8.42 -15.06 -54.63
C VAL S 83 -7.77 -13.68 -54.63
N GLU S 84 -7.44 -13.19 -55.82
CA GLU S 84 -6.79 -11.90 -55.97
C GLU S 84 -7.79 -10.78 -55.66
N GLY S 85 -7.39 -9.54 -55.91
CA GLY S 85 -8.19 -8.37 -55.58
C GLY S 85 -9.67 -8.46 -55.89
N THR S 86 -10.49 -8.36 -54.86
CA THR S 86 -11.94 -8.39 -54.98
C THR S 86 -12.53 -7.19 -54.26
N LYS S 87 -13.85 -7.04 -54.38
CA LYS S 87 -14.54 -5.95 -53.69
C LYS S 87 -14.81 -6.28 -52.23
N ALA S 88 -15.00 -7.57 -51.90
CA ALA S 88 -15.26 -7.96 -50.52
C ALA S 88 -14.07 -7.63 -49.63
N GLU S 89 -12.86 -7.80 -50.15
CA GLU S 89 -11.66 -7.49 -49.36
C GLU S 89 -11.58 -6.00 -49.06
N LYS S 90 -11.85 -5.16 -50.06
CA LYS S 90 -11.85 -3.72 -49.86
C LYS S 90 -12.92 -3.30 -48.85
N ARG S 91 -14.10 -3.92 -48.94
CA ARG S 91 -15.16 -3.60 -47.98
C ARG S 91 -14.78 -4.01 -46.56
N ALA S 92 -14.13 -5.17 -46.41
CA ALA S 92 -13.69 -5.58 -45.07
C ALA S 92 -12.64 -4.63 -44.52
N GLU S 93 -11.71 -4.17 -45.37
CA GLU S 93 -10.69 -3.25 -44.92
C GLU S 93 -11.30 -1.91 -44.51
N ARG S 94 -12.26 -1.43 -45.31
CA ARG S 94 -12.94 -0.18 -44.98
C ARG S 94 -13.69 -0.30 -43.65
N SER S 95 -14.36 -1.42 -43.43
CA SER S 95 -15.09 -1.60 -42.17
C SER S 95 -14.15 -1.67 -40.99
N VAL S 96 -12.98 -2.31 -41.15
CA VAL S 96 -12.02 -2.34 -40.06
C VAL S 96 -11.49 -0.95 -39.75
N ALA S 97 -11.26 -0.14 -40.79
CA ALA S 97 -10.69 1.19 -40.56
C ALA S 97 -11.68 2.17 -39.96
N VAL S 98 -12.96 2.06 -40.32
CA VAL S 98 -13.97 3.00 -39.84
C VAL S 98 -14.06 2.98 -38.32
N TRP S 99 -13.94 1.80 -37.71
CA TRP S 99 -14.08 1.71 -36.26
C TRP S 99 -12.91 2.36 -35.53
N LEU S 100 -11.69 2.20 -36.06
CA LEU S 100 -10.55 2.87 -35.43
C LEU S 100 -10.64 4.38 -35.60
N LEU S 101 -11.13 4.83 -36.76
CA LEU S 101 -11.33 6.27 -36.93
C LEU S 101 -12.38 6.80 -35.95
N LEU S 102 -13.44 6.02 -35.72
CA LEU S 102 -14.44 6.42 -34.73
C LEU S 102 -13.85 6.49 -33.33
N GLY S 103 -12.99 5.53 -32.99
CA GLY S 103 -12.32 5.58 -31.70
C GLY S 103 -11.47 6.83 -31.55
N GLY S 104 -10.75 7.21 -32.61
CA GLY S 104 -9.98 8.45 -32.56
C GLY S 104 -10.86 9.67 -32.38
N VAL S 105 -11.97 9.72 -33.12
CA VAL S 105 -12.91 10.84 -32.99
C VAL S 105 -13.41 10.96 -31.56
N PHE S 106 -13.78 9.82 -30.96
CA PHE S 106 -14.33 9.85 -29.62
C PHE S 106 -13.26 10.19 -28.58
N GLY S 107 -12.01 9.79 -28.81
CA GLY S 107 -10.96 10.22 -27.91
C GLY S 107 -10.73 11.72 -27.95
N LEU S 108 -10.72 12.30 -29.16
CA LEU S 108 -10.63 13.74 -29.27
C LEU S 108 -11.80 14.43 -28.58
N ALA S 109 -13.01 13.86 -28.73
CA ALA S 109 -14.17 14.41 -28.05
C ALA S 109 -14.01 14.36 -26.53
N LEU S 110 -13.48 13.25 -26.01
CA LEU S 110 -13.23 13.15 -24.58
C LEU S 110 -12.27 14.25 -24.12
N LEU S 111 -11.20 14.46 -24.87
CA LEU S 111 -10.24 15.51 -24.51
C LEU S 111 -10.92 16.87 -24.47
N LEU S 112 -11.65 17.22 -25.53
CA LEU S 112 -12.27 18.55 -25.61
C LEU S 112 -13.34 18.74 -24.54
N ILE S 113 -14.11 17.69 -24.25
CA ILE S 113 -15.14 17.79 -23.21
C ILE S 113 -14.50 17.99 -21.85
N PHE S 114 -13.48 17.19 -21.53
CA PHE S 114 -12.82 17.34 -20.25
C PHE S 114 -12.19 18.73 -20.10
N LEU S 115 -11.73 19.31 -21.22
CA LEU S 115 -11.08 20.61 -21.12
C LEU S 115 -12.08 21.75 -21.00
N PHE S 116 -13.18 21.73 -21.76
CA PHE S 116 -14.05 22.90 -21.87
C PHE S 116 -15.48 22.63 -21.41
N TRP S 117 -15.70 21.62 -20.57
CA TRP S 117 -17.11 21.58 -20.19
C TRP S 117 -17.30 22.24 -18.83
N PRO S 118 -18.45 22.90 -18.59
CA PRO S 118 -18.71 23.47 -17.27
C PRO S 118 -18.98 22.39 -16.23
N TRP S 119 -18.03 22.15 -15.34
CA TRP S 119 -18.04 20.97 -14.49
C TRP S 119 -18.43 21.26 -13.04
N GLU S 120 -18.40 22.50 -12.60
CA GLU S 120 -18.59 22.80 -11.18
C GLU S 120 -20.03 22.55 -10.75
N PHE S 121 -20.18 22.32 -9.45
CA PHE S 121 -21.48 22.05 -8.85
C PHE S 121 -22.34 23.32 -8.89
N LYS S 122 -23.39 23.29 -9.71
CA LYS S 122 -24.29 24.44 -9.88
C LYS S 122 -25.70 24.15 -9.40
N ALA S 123 -25.90 23.10 -8.61
CA ALA S 123 -27.25 22.58 -8.40
C ALA S 123 -28.12 23.56 -7.63
N ALA S 124 -29.27 23.87 -8.23
CA ALA S 124 -30.33 24.65 -7.64
C ALA S 124 -31.60 24.33 -8.40
N ASP S 125 -32.67 25.11 -8.21
CA ASP S 125 -33.85 24.95 -9.05
C ASP S 125 -34.38 26.26 -9.61
N GLY S 126 -33.94 27.42 -9.11
CA GLY S 126 -34.27 28.67 -9.77
C GLY S 126 -33.62 28.78 -11.13
N GLU S 127 -32.29 28.74 -11.16
CA GLU S 127 -31.53 28.67 -12.42
C GLU S 127 -31.27 27.20 -12.68
N SER S 128 -32.23 26.55 -13.34
CA SER S 128 -32.12 25.12 -13.60
C SER S 128 -30.94 24.85 -14.54
N ASP S 129 -29.95 24.12 -14.04
CA ASP S 129 -28.69 23.98 -14.77
C ASP S 129 -28.80 23.00 -15.94
N PHE S 130 -29.02 21.73 -15.61
CA PHE S 130 -29.12 20.63 -16.58
C PHE S 130 -27.81 20.42 -17.32
N ILE S 131 -26.86 21.32 -17.12
CA ILE S 131 -25.56 21.24 -17.79
C ILE S 131 -24.52 20.58 -16.88
N TYR S 132 -24.58 20.88 -15.58
CA TYR S 132 -23.71 20.25 -14.62
C TYR S 132 -23.95 18.75 -14.55
N SER S 133 -25.21 18.33 -14.57
CA SER S 133 -25.57 16.92 -14.41
C SER S 133 -25.22 16.07 -15.61
N LEU S 134 -24.71 16.65 -16.69
CA LEU S 134 -24.31 15.90 -17.88
C LEU S 134 -22.81 15.64 -17.94
N THR S 135 -22.03 16.16 -17.01
CA THR S 135 -20.58 16.16 -17.13
C THR S 135 -20.02 14.75 -17.04
N THR S 136 -20.33 14.03 -15.97
CA THR S 136 -19.85 12.66 -15.77
C THR S 136 -20.44 11.72 -16.81
N PRO S 137 -21.73 11.83 -17.16
CA PRO S 137 -22.23 11.05 -18.30
C PRO S 137 -21.46 11.28 -19.58
N LEU S 138 -21.08 12.52 -19.89
CA LEU S 138 -20.34 12.76 -21.11
C LEU S 138 -18.93 12.19 -21.03
N TYR S 139 -18.27 12.34 -19.88
CA TYR S 139 -16.97 11.70 -19.68
C TYR S 139 -17.04 10.21 -19.97
N GLY S 140 -18.01 9.53 -19.33
CA GLY S 140 -18.12 8.10 -19.49
C GLY S 140 -18.45 7.69 -20.90
N LEU S 141 -19.41 8.38 -21.53
CA LEU S 141 -19.76 8.08 -22.90
C LEU S 141 -18.56 8.18 -23.83
N THR S 142 -17.84 9.30 -23.79
CA THR S 142 -16.72 9.46 -24.72
C THR S 142 -15.62 8.44 -24.47
N PHE S 143 -15.20 8.30 -23.20
CA PHE S 143 -14.15 7.33 -22.86
C PHE S 143 -14.50 5.92 -23.31
N GLY S 144 -15.66 5.44 -22.87
CA GLY S 144 -16.06 4.07 -23.18
C GLY S 144 -16.25 3.83 -24.65
N LEU S 145 -16.90 4.77 -25.36
CA LEU S 145 -17.13 4.57 -26.78
C LEU S 145 -15.82 4.56 -27.55
N SER S 146 -14.88 5.42 -27.20
CA SER S 146 -13.58 5.43 -27.88
C SER S 146 -12.89 4.07 -27.73
N ILE S 147 -12.69 3.63 -26.49
CA ILE S 147 -11.90 2.41 -26.32
C ILE S 147 -12.66 1.18 -26.83
N LEU S 148 -13.99 1.20 -26.76
CA LEU S 148 -14.77 0.06 -27.24
C LEU S 148 -14.78 -0.01 -28.76
N SER S 149 -14.80 1.13 -29.45
CA SER S 149 -14.65 1.11 -30.90
C SER S 149 -13.27 0.59 -31.29
N ILE S 150 -12.23 0.98 -30.56
CA ILE S 150 -10.91 0.43 -30.85
C ILE S 150 -10.91 -1.09 -30.70
N ALA S 151 -11.54 -1.60 -29.63
CA ALA S 151 -11.59 -3.05 -29.43
C ALA S 151 -12.37 -3.74 -30.55
N ILE S 152 -13.49 -3.15 -30.98
CA ILE S 152 -14.29 -3.77 -32.03
C ILE S 152 -13.51 -3.83 -33.33
N GLY S 153 -12.82 -2.74 -33.67
CA GLY S 153 -11.99 -2.76 -34.86
C GLY S 153 -10.89 -3.81 -34.80
N ALA S 154 -10.26 -3.96 -33.63
CA ALA S 154 -9.23 -4.98 -33.47
C ALA S 154 -9.79 -6.38 -33.66
N VAL S 155 -10.96 -6.65 -33.08
CA VAL S 155 -11.57 -7.98 -33.24
C VAL S 155 -11.90 -8.24 -34.69
N LEU S 156 -12.44 -7.23 -35.39
CA LEU S 156 -12.76 -7.40 -36.81
C LEU S 156 -11.51 -7.69 -37.62
N TYR S 157 -10.41 -6.98 -37.34
CA TYR S 157 -9.18 -7.25 -38.07
C TYR S 157 -8.70 -8.67 -37.82
N GLN S 158 -8.73 -9.13 -36.57
CA GLN S 158 -8.35 -10.50 -36.29
C GLN S 158 -9.22 -11.49 -37.07
N LYS S 159 -10.53 -11.27 -37.06
CA LYS S 159 -11.45 -12.23 -37.67
C LYS S 159 -11.43 -12.20 -39.19
N ARG S 160 -10.90 -11.15 -39.81
CA ARG S 160 -10.96 -11.07 -41.26
C ARG S 160 -9.62 -11.01 -41.98
N PHE S 161 -8.52 -10.79 -41.28
CA PHE S 161 -7.26 -10.71 -42.04
C PHE S 161 -6.17 -11.63 -41.51
N ILE S 162 -6.07 -11.81 -40.20
CA ILE S 162 -5.09 -12.75 -39.66
C ILE S 162 -5.52 -14.17 -40.03
N PRO S 163 -4.63 -14.98 -40.61
CA PRO S 163 -5.05 -16.30 -41.10
C PRO S 163 -5.45 -17.23 -39.97
N GLU S 164 -6.38 -18.14 -40.30
CA GLU S 164 -6.87 -19.12 -39.34
C GLU S 164 -5.92 -20.32 -39.28
N GLU S 165 -5.68 -20.82 -38.08
CA GLU S 165 -4.75 -21.91 -37.85
C GLU S 165 -5.35 -22.93 -36.89
N ILE S 166 -4.73 -24.11 -36.83
CA ILE S 166 -4.97 -25.08 -35.77
C ILE S 166 -3.60 -25.58 -35.34
N SER S 167 -3.42 -25.80 -34.05
CA SER S 167 -2.13 -26.23 -33.53
C SER S 167 -2.32 -27.27 -32.45
N ILE S 168 -1.38 -28.21 -32.37
CA ILE S 168 -1.39 -29.28 -31.39
C ILE S 168 -0.07 -29.26 -30.63
N GLN S 169 -0.13 -29.48 -29.32
CA GLN S 169 0.98 -29.13 -28.43
C GLN S 169 1.70 -30.32 -27.80
N GLU S 170 1.04 -31.48 -27.64
CA GLU S 170 1.68 -32.67 -27.08
C GLU S 170 2.18 -32.42 -25.65
N ARG S 171 1.21 -32.31 -24.75
CA ARG S 171 1.39 -31.94 -23.35
C ARG S 171 2.70 -32.42 -22.72
N HIS S 172 3.05 -33.70 -22.93
CA HIS S 172 4.15 -34.33 -22.21
C HIS S 172 3.92 -34.23 -20.71
N ASP S 173 2.78 -34.72 -20.25
CA ASP S 173 2.36 -34.54 -18.87
C ASP S 173 2.65 -35.81 -18.07
N GLY S 174 2.18 -35.83 -16.82
CA GLY S 174 2.44 -36.93 -15.92
C GLY S 174 3.69 -36.73 -15.08
N ALA S 175 4.17 -37.83 -14.51
CA ALA S 175 5.38 -37.80 -13.74
C ALA S 175 6.58 -37.49 -14.62
N SER S 176 7.66 -37.04 -13.99
CA SER S 176 8.86 -36.67 -14.72
C SER S 176 9.56 -37.91 -15.27
N ARG S 177 10.56 -37.66 -16.09
CA ARG S 177 11.38 -38.76 -16.61
C ARG S 177 12.19 -39.38 -15.48
N GLU S 178 12.49 -40.67 -15.64
CA GLU S 178 13.13 -41.41 -14.57
C GLU S 178 14.53 -40.88 -14.27
N ILE S 179 15.27 -40.44 -15.29
CA ILE S 179 16.58 -39.88 -15.05
C ILE S 179 16.48 -38.59 -14.25
N ASP S 180 15.50 -37.75 -14.57
CA ASP S 180 15.29 -36.51 -13.80
C ASP S 180 14.98 -36.82 -12.35
N ARG S 181 14.05 -37.74 -12.11
CA ARG S 181 13.69 -38.11 -10.74
C ARG S 181 14.90 -38.64 -9.98
N LYS S 182 15.63 -39.57 -10.60
CA LYS S 182 16.77 -40.19 -9.93
C LYS S 182 17.84 -39.16 -9.60
N THR S 183 18.12 -38.24 -10.53
CA THR S 183 19.19 -37.27 -10.29
C THR S 183 18.80 -36.25 -9.23
N VAL S 184 17.54 -35.80 -9.23
CA VAL S 184 17.11 -34.88 -8.18
C VAL S 184 17.18 -35.55 -6.82
N VAL S 185 16.70 -36.79 -6.73
CA VAL S 185 16.72 -37.50 -5.44
C VAL S 185 18.16 -37.73 -5.00
N ALA S 186 19.06 -38.03 -5.94
CA ALA S 186 20.45 -38.25 -5.57
C ALA S 186 21.10 -36.96 -5.06
N ASN S 187 20.83 -35.84 -5.73
CA ASN S 187 21.32 -34.56 -5.26
C ASN S 187 20.86 -34.28 -3.84
N LEU S 188 19.55 -34.39 -3.60
CA LEU S 188 19.02 -34.06 -2.27
C LEU S 188 19.54 -35.03 -1.21
N THR S 189 19.65 -36.31 -1.55
CA THR S 189 20.10 -37.30 -0.57
C THR S 189 21.56 -37.11 -0.24
N ASP S 190 22.39 -36.81 -1.23
CA ASP S 190 23.80 -36.51 -0.95
C ASP S 190 23.94 -35.25 -0.12
N ALA S 191 23.16 -34.21 -0.42
CA ALA S 191 23.20 -33.01 0.40
C ALA S 191 22.80 -33.29 1.84
N PHE S 192 21.79 -34.14 2.05
CA PHE S 192 21.33 -34.39 3.41
C PHE S 192 22.30 -35.28 4.19
N GLU S 193 22.91 -36.27 3.53
CA GLU S 193 23.75 -37.21 4.27
C GLU S 193 25.24 -36.89 4.21
N GLY S 194 25.65 -35.84 3.51
CA GLY S 194 27.03 -35.41 3.60
C GLY S 194 27.28 -34.53 4.81
N SER S 195 26.22 -33.98 5.40
CA SER S 195 26.35 -33.06 6.52
C SER S 195 26.49 -33.77 7.86
N THR S 196 26.25 -35.08 7.91
CA THR S 196 26.31 -35.92 9.11
C THR S 196 25.24 -35.58 10.13
N ILE S 197 24.30 -34.69 9.80
CA ILE S 197 23.28 -34.25 10.74
C ILE S 197 22.46 -35.41 11.27
N ARG S 198 22.46 -36.55 10.58
CA ARG S 198 21.69 -37.70 11.03
C ARG S 198 22.21 -38.24 12.36
N ARG S 199 23.48 -37.98 12.70
CA ARG S 199 24.05 -38.51 13.93
C ARG S 199 24.43 -37.43 14.94
N ARG S 200 23.87 -36.23 14.82
CA ARG S 200 24.07 -35.18 15.83
C ARG S 200 22.69 -34.84 16.42
N LYS S 201 22.28 -35.66 17.39
CA LYS S 201 21.01 -35.45 18.07
C LYS S 201 21.02 -34.22 18.97
N LEU S 202 22.14 -33.96 19.64
CA LEU S 202 22.24 -32.76 20.46
C LEU S 202 22.14 -31.51 19.61
N ILE S 203 22.74 -31.52 18.42
CA ILE S 203 22.69 -30.36 17.55
C ILE S 203 21.28 -30.18 16.99
N GLY S 204 20.63 -31.27 16.58
CA GLY S 204 19.25 -31.16 16.13
C GLY S 204 18.33 -30.62 17.21
N LEU S 205 18.46 -31.14 18.43
CA LEU S 205 17.63 -30.68 19.53
C LEU S 205 17.90 -29.22 19.87
N SER S 206 19.17 -28.83 19.88
CA SER S 206 19.53 -27.45 20.19
C SER S 206 18.94 -26.50 19.15
N PHE S 207 19.02 -26.87 17.87
CA PHE S 207 18.46 -26.02 16.82
C PHE S 207 16.95 -25.90 16.97
N GLY S 208 16.28 -27.03 17.22
CA GLY S 208 14.85 -27.01 17.43
C GLY S 208 14.43 -26.10 18.58
N VAL S 209 15.08 -26.26 19.73
CA VAL S 209 14.73 -25.45 20.90
C VAL S 209 15.00 -23.98 20.64
N GLY S 210 16.15 -23.66 20.04
CA GLY S 210 16.49 -22.26 19.81
C GLY S 210 15.51 -21.59 18.86
N MET S 211 15.21 -22.25 17.74
CA MET S 211 14.30 -21.64 16.77
C MET S 211 12.89 -21.54 17.34
N GLY S 212 12.45 -22.54 18.10
CA GLY S 212 11.15 -22.45 18.72
C GLY S 212 11.04 -21.29 19.68
N ALA S 213 12.05 -21.12 20.54
CA ALA S 213 12.04 -20.02 21.49
C ALA S 213 12.05 -18.66 20.78
N PHE S 214 12.90 -18.51 19.77
CA PHE S 214 12.96 -17.23 19.06
C PHE S 214 11.65 -16.94 18.35
N GLY S 215 11.08 -17.92 17.67
CA GLY S 215 9.83 -17.70 16.97
C GLY S 215 8.69 -17.34 17.91
N LEU S 216 8.58 -18.07 19.03
CA LEU S 216 7.52 -17.77 19.99
C LEU S 216 7.68 -16.37 20.58
N GLY S 217 8.90 -16.03 21.02
CA GLY S 217 9.13 -14.70 21.57
C GLY S 217 8.81 -13.60 20.58
N THR S 218 9.27 -13.77 19.34
CA THR S 218 9.02 -12.75 18.32
C THR S 218 7.55 -12.61 18.00
N LEU S 219 6.82 -13.73 17.90
CA LEU S 219 5.39 -13.63 17.60
C LEU S 219 4.62 -12.97 18.75
N VAL S 220 4.96 -13.33 19.98
CA VAL S 220 4.29 -12.71 21.13
C VAL S 220 4.58 -11.21 21.17
N ALA S 221 5.83 -10.82 20.90
CA ALA S 221 6.16 -9.40 20.89
C ALA S 221 5.47 -8.67 19.74
N PHE S 222 5.32 -9.30 18.59
CA PHE S 222 4.67 -8.66 17.45
C PHE S 222 3.17 -8.52 17.66
N ALA S 223 2.53 -9.46 18.36
CA ALA S 223 1.09 -9.43 18.54
C ALA S 223 0.64 -8.87 19.88
N GLY S 224 1.56 -8.54 20.78
CA GLY S 224 1.18 -8.12 22.11
C GLY S 224 0.73 -6.67 22.21
N GLY S 225 1.10 -5.85 21.23
CA GLY S 225 0.72 -4.45 21.27
C GLY S 225 -0.74 -4.20 21.00
N LEU S 226 -1.44 -5.14 20.35
CA LEU S 226 -2.84 -4.96 20.02
C LEU S 226 -3.78 -5.39 21.13
N ILE S 227 -3.44 -6.43 21.87
CA ILE S 227 -4.38 -7.05 22.82
C ILE S 227 -4.69 -6.08 23.95
N LYS S 228 -5.98 -5.88 24.19
CA LYS S 228 -6.44 -5.00 25.26
C LYS S 228 -7.47 -5.72 26.12
N ASN S 229 -7.41 -5.50 27.43
CA ASN S 229 -8.33 -6.13 28.36
C ASN S 229 -9.67 -5.40 28.33
N PRO S 230 -10.77 -6.07 27.95
CA PRO S 230 -12.07 -5.38 27.88
C PRO S 230 -12.67 -5.04 29.23
N TRP S 231 -12.25 -5.70 30.30
CA TRP S 231 -12.91 -5.59 31.60
C TRP S 231 -12.11 -4.80 32.62
N LYS S 232 -11.23 -3.91 32.16
CA LYS S 232 -10.59 -3.13 33.21
C LYS S 232 -11.42 -1.90 33.56
N PRO S 233 -11.51 -1.56 34.84
CA PRO S 233 -12.33 -0.41 35.26
C PRO S 233 -11.71 0.90 34.78
N VAL S 234 -12.43 1.61 33.92
CA VAL S 234 -11.91 2.84 33.35
C VAL S 234 -12.92 3.98 33.41
N VAL S 235 -14.18 3.65 33.71
CA VAL S 235 -15.26 4.64 33.65
C VAL S 235 -15.63 5.03 35.08
N PRO S 236 -15.47 6.29 35.47
CA PRO S 236 -15.82 6.70 36.83
C PRO S 236 -17.33 6.76 37.03
N THR S 237 -17.81 6.13 38.10
CA THR S 237 -19.22 6.15 38.45
C THR S 237 -19.39 6.53 39.92
N ALA S 238 -20.60 6.45 40.43
CA ALA S 238 -20.86 6.72 41.83
C ALA S 238 -20.50 5.54 42.73
N GLU S 239 -19.94 4.47 42.17
CA GLU S 239 -19.53 3.32 42.98
C GLU S 239 -18.13 2.87 42.58
N GLY S 240 -17.26 3.82 42.26
CA GLY S 240 -15.90 3.51 41.88
C GLY S 240 -15.63 3.69 40.40
N LYS S 241 -15.07 2.66 39.77
CA LYS S 241 -14.85 2.64 38.34
C LYS S 241 -15.35 1.31 37.79
N LYS S 242 -16.06 1.38 36.67
CA LYS S 242 -16.62 0.21 36.01
C LYS S 242 -16.05 0.10 34.61
N ALA S 243 -16.32 -1.05 33.98
CA ALA S 243 -15.87 -1.30 32.63
C ALA S 243 -16.82 -0.68 31.61
N VAL S 244 -16.25 -0.24 30.49
CA VAL S 244 -16.99 0.50 29.46
C VAL S 244 -18.30 -0.19 29.13
N LEU S 245 -18.25 -1.48 28.84
CA LEU S 245 -19.38 -2.19 28.28
C LEU S 245 -20.54 -2.32 29.26
N TRP S 246 -20.43 -1.84 30.48
CA TRP S 246 -21.49 -1.87 31.51
C TRP S 246 -22.03 -0.51 31.81
N THR S 247 -21.45 0.54 31.23
CA THR S 247 -21.89 1.89 31.50
C THR S 247 -22.53 2.50 30.25
N SER S 248 -23.28 3.57 30.44
CA SER S 248 -24.02 4.16 29.32
C SER S 248 -23.80 5.65 29.12
N GLY S 249 -23.64 6.44 30.17
CA GLY S 249 -23.87 7.87 30.10
C GLY S 249 -25.15 8.28 30.79
N TRP S 250 -26.06 7.34 31.02
CA TRP S 250 -27.16 7.51 31.95
C TRP S 250 -26.77 7.07 33.35
N THR S 251 -25.53 6.60 33.53
CA THR S 251 -25.07 6.13 34.83
C THR S 251 -24.78 7.33 35.73
N PRO S 252 -25.27 7.35 36.96
CA PRO S 252 -24.95 8.45 37.87
C PRO S 252 -23.45 8.50 38.17
N ARG S 253 -22.95 9.72 38.37
CA ARG S 253 -21.54 9.92 38.63
C ARG S 253 -21.20 10.29 40.06
N TYR S 254 -22.05 11.03 40.78
CA TYR S 254 -21.73 11.39 42.14
C TYR S 254 -22.93 11.27 43.07
N GLN S 255 -23.74 10.23 42.88
CA GLN S 255 -24.76 9.83 43.84
C GLN S 255 -25.76 10.96 44.11
N GLY S 256 -26.52 11.28 43.06
CA GLY S 256 -27.62 12.21 43.22
C GLY S 256 -27.65 13.30 42.16
N GLU S 257 -26.87 13.13 41.10
CA GLU S 257 -26.80 14.15 40.06
C GLU S 257 -28.05 14.11 39.19
N THR S 258 -28.50 15.29 38.78
CA THR S 258 -29.69 15.40 37.95
C THR S 258 -29.30 15.23 36.50
N ILE S 259 -29.87 14.21 35.86
CA ILE S 259 -29.67 13.92 34.44
C ILE S 259 -30.99 14.16 33.74
N TYR S 260 -31.06 15.22 32.94
CA TYR S 260 -32.29 15.54 32.24
C TYR S 260 -32.44 14.70 30.98
N LEU S 261 -33.65 14.70 30.45
CA LEU S 261 -33.94 14.14 29.13
C LEU S 261 -33.98 15.29 28.16
N ALA S 262 -32.88 15.53 27.46
CA ALA S 262 -32.77 16.67 26.56
C ALA S 262 -33.01 16.23 25.13
N ARG S 263 -33.68 17.07 24.36
CA ARG S 263 -33.91 16.80 22.95
C ARG S 263 -33.01 17.67 22.09
N ALA S 264 -32.62 17.13 20.95
CA ALA S 264 -31.67 17.80 20.07
C ALA S 264 -32.39 18.74 19.13
N THR S 265 -31.84 19.95 18.99
CA THR S 265 -32.43 20.96 18.11
C THR S 265 -31.88 20.92 16.70
N GLY S 266 -30.79 20.20 16.46
CA GLY S 266 -30.13 20.22 15.17
C GLY S 266 -29.46 21.52 14.82
N THR S 267 -29.60 22.54 15.65
CA THR S 267 -29.09 23.88 15.39
C THR S 267 -27.70 24.04 16.01
N GLU S 268 -26.96 25.02 15.51
CA GLU S 268 -25.64 25.34 16.04
C GLU S 268 -25.54 26.74 16.60
N ASP S 269 -26.63 27.34 17.09
CA ASP S 269 -26.54 28.73 17.54
C ASP S 269 -25.94 28.82 18.94
N GLY S 270 -26.67 28.41 19.97
CA GLY S 270 -26.05 28.14 21.25
C GLY S 270 -26.38 26.78 21.87
N PRO S 271 -27.65 26.39 21.85
CA PRO S 271 -28.02 25.07 22.36
C PRO S 271 -28.13 24.06 21.23
N PRO S 272 -27.43 22.92 21.33
CA PRO S 272 -27.82 21.72 20.58
C PRO S 272 -28.68 20.73 21.37
N PHE S 273 -28.93 21.01 22.65
CA PHE S 273 -29.78 20.16 23.50
C PHE S 273 -30.61 21.07 24.39
N ILE S 274 -31.92 20.83 24.44
CA ILE S 274 -32.80 21.63 25.28
C ILE S 274 -33.63 20.71 26.17
N LYS S 275 -33.99 21.20 27.35
CA LYS S 275 -34.75 20.42 28.31
C LYS S 275 -36.17 20.18 27.81
N MET S 276 -36.89 19.31 28.53
CA MET S 276 -38.25 18.95 28.17
C MET S 276 -39.14 19.04 29.40
N ARG S 277 -40.37 19.48 29.19
CA ARG S 277 -41.42 19.45 30.19
C ARG S 277 -42.52 18.50 29.73
N PRO S 278 -43.33 17.98 30.66
CA PRO S 278 -44.38 17.04 30.26
C PRO S 278 -45.33 17.58 29.19
N GLU S 279 -45.66 18.86 29.23
CA GLU S 279 -46.59 19.43 28.27
C GLU S 279 -45.94 19.75 26.92
N ASP S 280 -44.68 19.40 26.73
CA ASP S 280 -44.02 19.60 25.44
C ASP S 280 -44.15 18.37 24.54
N MET S 281 -45.35 17.84 24.42
CA MET S 281 -45.59 16.62 23.63
C MET S 281 -47.08 16.30 23.68
N ASP S 282 -47.55 15.62 22.64
CA ASP S 282 -48.93 15.18 22.54
C ASP S 282 -49.03 13.69 22.83
N ALA S 283 -50.27 13.20 22.93
CA ALA S 283 -50.52 11.81 23.25
C ALA S 283 -50.18 10.85 22.12
N GLY S 284 -49.66 11.33 21.01
CA GLY S 284 -49.23 10.45 19.93
C GLY S 284 -47.84 10.76 19.44
N GLY S 285 -46.97 11.20 20.34
CA GLY S 285 -45.64 11.66 19.98
C GLY S 285 -44.56 10.70 20.44
N MET S 286 -43.46 10.67 19.69
CA MET S 286 -42.25 9.98 20.07
C MET S 286 -41.09 10.95 19.95
N GLU S 287 -40.17 10.91 20.91
CA GLU S 287 -39.06 11.84 20.91
C GLU S 287 -37.78 11.13 21.33
N THR S 288 -36.68 11.44 20.63
CA THR S 288 -35.37 10.94 21.00
C THR S 288 -34.74 11.90 22.02
N VAL S 289 -34.29 11.34 23.13
CA VAL S 289 -33.74 12.13 24.23
C VAL S 289 -32.37 11.59 24.63
N PHE S 290 -31.54 12.49 25.14
CA PHE S 290 -30.16 12.27 25.52
C PHE S 290 -29.96 12.73 26.95
N PRO S 291 -28.90 12.28 27.62
CA PRO S 291 -28.62 12.72 28.99
C PRO S 291 -27.92 14.07 29.02
N TRP S 292 -28.47 15.00 29.80
CA TRP S 292 -28.07 16.41 29.71
C TRP S 292 -26.95 16.80 30.69
N ARG S 293 -27.15 16.63 32.00
CA ARG S 293 -26.10 16.95 32.96
C ARG S 293 -25.65 18.41 32.93
N GLU S 294 -26.42 19.31 33.55
CA GLU S 294 -26.30 20.77 33.46
C GLU S 294 -24.86 21.28 33.29
N SER S 295 -23.91 20.65 34.00
CA SER S 295 -22.53 21.11 34.00
C SER S 295 -21.90 21.11 32.62
N ASP S 296 -22.58 20.60 31.60
CA ASP S 296 -22.09 20.65 30.24
C ASP S 296 -22.39 21.97 29.55
N GLY S 297 -23.50 22.62 29.89
CA GLY S 297 -23.84 23.92 29.34
C GLY S 297 -24.05 23.92 27.84
N ASP S 298 -24.43 25.08 27.29
CA ASP S 298 -24.52 25.21 25.85
C ASP S 298 -23.14 25.19 25.22
N GLY S 299 -23.10 24.92 23.92
CA GLY S 299 -21.83 24.71 23.25
C GLY S 299 -21.19 25.98 22.72
N THR S 300 -21.03 26.98 23.59
CA THR S 300 -20.37 28.22 23.23
C THR S 300 -18.86 28.14 23.36
N THR S 301 -18.37 27.61 24.48
CA THR S 301 -16.94 27.42 24.65
C THR S 301 -16.50 26.10 24.04
N VAL S 302 -15.17 25.94 23.91
CA VAL S 302 -14.63 24.74 23.29
C VAL S 302 -14.81 23.53 24.17
N GLU S 303 -14.64 23.67 25.49
CA GLU S 303 -14.81 22.55 26.40
C GLU S 303 -16.24 22.05 26.41
N SER S 304 -17.20 22.97 26.46
CA SER S 304 -18.61 22.57 26.41
C SER S 304 -18.99 21.99 25.07
N HIS S 305 -18.44 22.53 23.98
CA HIS S 305 -18.65 21.94 22.66
C HIS S 305 -18.17 20.50 22.62
N HIS S 306 -17.01 20.23 23.22
CA HIS S 306 -16.49 18.86 23.23
C HIS S 306 -17.34 17.94 24.10
N LYS S 307 -17.80 18.44 25.25
CA LYS S 307 -18.69 17.64 26.08
C LYS S 307 -19.96 17.26 25.34
N LEU S 308 -20.56 18.22 24.64
CA LEU S 308 -21.78 17.93 23.89
C LEU S 308 -21.53 16.98 22.73
N GLN S 309 -20.36 17.09 22.08
CA GLN S 309 -20.02 16.15 21.03
C GLN S 309 -19.89 14.73 21.58
N GLU S 310 -19.28 14.60 22.76
CA GLU S 310 -19.18 13.30 23.41
C GLU S 310 -20.52 12.76 23.85
N ILE S 311 -21.47 13.62 24.20
CA ILE S 311 -22.84 13.18 24.45
C ILE S 311 -23.44 12.63 23.17
N ALA S 312 -23.31 13.37 22.07
CA ALA S 312 -24.00 12.97 20.84
C ALA S 312 -23.39 11.73 20.20
N MET S 313 -22.10 11.51 20.37
CA MET S 313 -21.43 10.32 19.84
C MET S 313 -21.29 9.29 20.95
N GLY S 314 -22.41 8.63 21.28
CA GLY S 314 -22.39 7.54 22.25
C GLY S 314 -23.39 6.48 21.83
N ILE S 315 -22.94 5.23 21.73
CA ILE S 315 -23.78 4.20 21.11
C ILE S 315 -24.84 3.64 22.04
N ARG S 316 -24.85 4.03 23.30
CA ARG S 316 -25.91 3.61 24.22
C ARG S 316 -26.64 4.79 24.84
N ASN S 317 -26.46 5.99 24.29
CA ASN S 317 -27.09 7.22 24.79
C ASN S 317 -28.54 7.41 24.35
N PRO S 318 -28.89 7.22 23.07
CA PRO S 318 -30.24 7.62 22.63
C PRO S 318 -31.34 6.83 23.32
N VAL S 319 -32.39 7.55 23.71
CA VAL S 319 -33.53 6.94 24.39
C VAL S 319 -34.81 7.39 23.69
N MET S 320 -35.75 6.46 23.52
CA MET S 320 -37.05 6.76 22.93
C MET S 320 -38.06 7.02 24.03
N LEU S 321 -38.64 8.21 24.03
CA LEU S 321 -39.67 8.60 24.99
C LEU S 321 -41.00 8.71 24.25
N ILE S 322 -41.99 7.95 24.71
CA ILE S 322 -43.30 7.94 24.08
C ILE S 322 -44.34 8.38 25.11
N ARG S 323 -45.40 9.01 24.61
CA ARG S 323 -46.54 9.40 25.42
C ARG S 323 -47.76 8.66 24.90
N ILE S 324 -48.35 7.83 25.73
CA ILE S 324 -49.49 7.00 25.35
C ILE S 324 -50.75 7.82 25.53
N LYS S 325 -51.79 7.48 24.77
CA LYS S 325 -53.09 8.08 24.98
C LYS S 325 -53.70 7.57 26.29
N PRO S 326 -54.34 8.45 27.07
CA PRO S 326 -54.89 8.01 28.36
C PRO S 326 -56.01 7.01 28.22
N SER S 327 -56.58 6.88 27.02
CA SER S 327 -57.68 5.93 26.81
C SER S 327 -57.21 4.50 26.98
N ASP S 328 -55.97 4.19 26.58
CA ASP S 328 -55.55 2.81 26.70
C ASP S 328 -55.09 2.52 28.12
N LEU S 329 -53.88 2.97 28.46
CA LEU S 329 -53.36 3.13 29.82
C LEU S 329 -53.82 2.05 30.81
N GLY S 330 -54.30 0.92 30.30
CA GLY S 330 -54.76 -0.16 31.14
C GLY S 330 -54.47 -1.50 30.49
N ARG S 331 -53.89 -1.44 29.30
CA ARG S 331 -53.48 -2.62 28.56
C ARG S 331 -52.00 -2.93 28.74
N VAL S 332 -51.30 -2.12 29.53
CA VAL S 332 -49.87 -2.36 29.76
C VAL S 332 -49.70 -3.52 30.74
N VAL S 333 -48.52 -4.12 30.71
CA VAL S 333 -48.29 -5.36 31.44
C VAL S 333 -47.25 -5.16 32.54
N LYS S 334 -46.35 -4.20 32.35
CA LYS S 334 -45.49 -3.77 33.45
C LYS S 334 -44.61 -4.89 34.02
N ARG S 335 -43.54 -5.23 33.30
CA ARG S 335 -42.57 -6.26 33.65
C ARG S 335 -42.20 -6.28 35.13
N LYS S 336 -41.85 -7.46 35.63
CA LYS S 336 -41.84 -7.77 37.06
C LYS S 336 -41.22 -6.67 37.92
N GLY S 337 -39.98 -6.29 37.63
CA GLY S 337 -39.30 -5.35 38.49
C GLY S 337 -39.40 -3.89 38.12
N GLN S 338 -40.31 -3.52 37.22
CA GLN S 338 -40.36 -2.17 36.66
C GLN S 338 -41.80 -1.65 36.64
N GLU S 339 -42.52 -1.80 37.75
CA GLU S 339 -43.90 -1.30 37.78
C GLU S 339 -43.97 0.22 37.88
N SER S 340 -43.00 0.85 38.53
CA SER S 340 -43.02 2.29 38.73
C SER S 340 -41.88 2.98 37.99
N PHE S 341 -41.52 2.47 36.81
CA PHE S 341 -40.54 3.13 35.96
C PHE S 341 -41.15 4.21 35.09
N ASN S 342 -42.45 4.15 34.82
CA ASN S 342 -43.13 5.14 34.02
C ASN S 342 -43.65 6.27 34.89
N PHE S 343 -43.77 7.45 34.30
CA PHE S 343 -44.30 8.63 34.96
C PHE S 343 -45.60 9.00 34.25
N GLY S 344 -46.71 8.44 34.72
CA GLY S 344 -47.99 8.66 34.09
C GLY S 344 -48.10 7.96 32.75
N GLU S 345 -48.07 8.74 31.67
CA GLU S 345 -48.20 8.21 30.32
C GLU S 345 -46.90 8.22 29.54
N PHE S 346 -45.76 8.39 30.21
CA PHE S 346 -44.46 8.42 29.56
C PHE S 346 -43.69 7.17 29.95
N PHE S 347 -42.97 6.57 29.01
CA PHE S 347 -42.38 5.27 29.33
C PHE S 347 -40.88 5.17 29.11
N ALA S 348 -40.33 5.79 28.06
CA ALA S 348 -38.89 5.99 27.92
C ALA S 348 -38.11 4.66 27.89
N PHE S 349 -38.27 3.94 26.78
CA PHE S 349 -37.44 2.77 26.53
C PHE S 349 -36.15 3.16 25.83
N THR S 350 -35.24 2.19 25.72
CA THR S 350 -33.99 2.43 25.04
C THR S 350 -34.19 2.40 23.52
N LYS S 351 -33.25 3.01 22.80
CA LYS S 351 -33.35 3.12 21.35
C LYS S 351 -32.35 2.24 20.62
N VAL S 352 -31.64 1.38 21.33
CA VAL S 352 -30.65 0.48 20.73
C VAL S 352 -31.24 -0.92 20.71
N CYS S 353 -31.36 -1.51 19.52
CA CYS S 353 -31.93 -2.84 19.41
C CYS S 353 -31.09 -3.87 20.14
N SER S 354 -31.75 -4.86 20.73
CA SER S 354 -31.08 -5.88 21.51
C SER S 354 -30.51 -7.00 20.66
N HIS S 355 -30.75 -6.99 19.34
CA HIS S 355 -30.25 -8.06 18.49
C HIS S 355 -28.85 -7.75 17.98
N LEU S 356 -28.68 -6.64 17.26
CA LEU S 356 -27.37 -6.30 16.72
C LEU S 356 -27.03 -4.83 16.89
N GLY S 357 -27.82 -4.08 17.64
CA GLY S 357 -27.46 -2.73 18.03
C GLY S 357 -27.84 -1.63 17.06
N CYS S 358 -28.74 -1.88 16.12
CA CYS S 358 -29.21 -0.82 15.26
C CYS S 358 -30.23 0.05 16.01
N PRO S 359 -30.41 1.30 15.58
CA PRO S 359 -31.46 2.14 16.17
C PRO S 359 -32.85 1.62 15.82
N SER S 360 -33.60 1.24 16.84
CA SER S 360 -34.98 0.78 16.69
C SER S 360 -35.90 1.98 16.85
N SER S 361 -36.15 2.67 15.75
CA SER S 361 -36.85 3.95 15.81
C SER S 361 -38.17 4.00 15.05
N LEU S 362 -38.64 2.91 14.48
CA LEU S 362 -39.88 2.98 13.69
C LEU S 362 -41.05 2.72 14.62
N TYR S 363 -41.61 3.79 15.19
CA TYR S 363 -42.68 3.68 16.17
C TYR S 363 -44.02 3.94 15.48
N GLU S 364 -44.82 2.87 15.35
CA GLU S 364 -46.19 2.96 14.85
C GLU S 364 -47.12 3.19 16.03
N GLN S 365 -47.76 4.37 16.06
CA GLN S 365 -48.52 4.81 17.22
C GLN S 365 -49.90 4.18 17.30
N GLN S 366 -50.51 3.82 16.17
CA GLN S 366 -51.85 3.27 16.17
C GLN S 366 -51.89 1.83 16.66
N SER S 367 -50.81 1.08 16.49
CA SER S 367 -50.69 -0.26 17.05
C SER S 367 -49.70 -0.34 18.20
N TYR S 368 -48.99 0.76 18.49
CA TYR S 368 -47.98 0.80 19.56
C TYR S 368 -46.88 -0.22 19.31
N ARG S 369 -46.34 -0.24 18.11
CA ARG S 369 -45.30 -1.19 17.73
C ARG S 369 -44.00 -0.45 17.46
N ILE S 370 -42.89 -1.05 17.86
CA ILE S 370 -41.56 -0.52 17.55
C ILE S 370 -40.89 -1.47 16.58
N LEU S 371 -40.32 -0.92 15.51
CA LEU S 371 -39.72 -1.70 14.44
C LEU S 371 -38.32 -1.19 14.16
N CYS S 372 -37.38 -2.12 13.99
CA CYS S 372 -36.02 -1.79 13.61
C CYS S 372 -35.83 -2.04 12.13
N PRO S 373 -35.29 -1.08 11.37
CA PRO S 373 -35.17 -1.25 9.93
C PRO S 373 -34.03 -2.15 9.49
N CYS S 374 -33.15 -2.57 10.40
CA CYS S 374 -32.00 -3.36 9.99
C CYS S 374 -32.39 -4.79 9.65
N HIS S 375 -32.93 -5.52 10.62
CA HIS S 375 -33.35 -6.90 10.37
C HIS S 375 -34.79 -7.16 10.79
N GLN S 376 -35.61 -6.11 10.88
CA GLN S 376 -37.07 -6.23 10.91
C GLN S 376 -37.59 -6.95 12.15
N SER S 377 -37.07 -6.55 13.30
CA SER S 377 -37.62 -7.02 14.57
C SER S 377 -38.72 -6.07 15.04
N GLN S 378 -39.68 -6.62 15.76
CA GLN S 378 -40.82 -5.84 16.24
C GLN S 378 -41.01 -6.06 17.73
N PHE S 379 -41.29 -4.97 18.44
CA PHE S 379 -41.45 -4.96 19.89
C PHE S 379 -42.78 -4.32 20.25
N ASP S 380 -43.42 -4.83 21.30
CA ASP S 380 -44.70 -4.33 21.75
C ASP S 380 -44.49 -3.24 22.79
N ALA S 381 -44.77 -1.99 22.41
CA ALA S 381 -44.59 -0.87 23.33
C ALA S 381 -45.51 -0.94 24.53
N LEU S 382 -46.54 -1.79 24.49
CA LEU S 382 -47.47 -1.93 25.61
C LEU S 382 -47.20 -3.17 26.45
N HIS S 383 -46.21 -3.99 26.09
CA HIS S 383 -45.87 -5.18 26.85
C HIS S 383 -44.36 -5.14 27.11
N PHE S 384 -43.95 -4.27 28.02
CA PHE S 384 -42.55 -3.98 28.38
C PHE S 384 -41.58 -4.12 27.21
N ALA S 385 -41.96 -3.66 26.03
CA ALA S 385 -41.12 -3.71 24.84
C ALA S 385 -40.62 -5.13 24.56
N LYS S 386 -41.51 -6.09 24.73
CA LYS S 386 -41.18 -7.49 24.47
C LYS S 386 -41.18 -7.78 22.97
N PRO S 387 -40.22 -8.55 22.47
CA PRO S 387 -40.19 -8.84 21.04
C PRO S 387 -41.28 -9.83 20.64
N ILE S 388 -41.99 -9.49 19.56
CA ILE S 388 -43.09 -10.30 19.06
C ILE S 388 -42.86 -10.77 17.63
N PHE S 389 -41.72 -10.46 17.04
CA PHE S 389 -41.39 -10.88 15.67
C PHE S 389 -39.94 -10.56 15.38
N GLY S 390 -39.34 -11.36 14.52
CA GLY S 390 -38.01 -11.10 14.04
C GLY S 390 -36.93 -11.91 14.74
N PRO S 391 -35.67 -11.61 14.43
CA PRO S 391 -34.55 -12.37 15.03
C PRO S 391 -34.19 -11.96 16.44
N ALA S 392 -34.74 -10.87 16.97
CA ALA S 392 -34.44 -10.46 18.33
C ALA S 392 -35.16 -11.37 19.32
N ALA S 393 -34.53 -11.57 20.48
CA ALA S 393 -35.06 -12.48 21.50
C ALA S 393 -35.28 -11.83 22.85
N ARG S 394 -34.71 -10.67 23.12
CA ARG S 394 -34.82 -10.02 24.42
C ARG S 394 -35.52 -8.68 24.27
N ALA S 395 -36.13 -8.23 25.36
CA ALA S 395 -36.88 -6.99 25.37
C ALA S 395 -35.94 -5.79 25.50
N LEU S 396 -36.42 -4.65 25.03
CA LEU S 396 -35.67 -3.41 25.15
C LEU S 396 -35.68 -2.93 26.60
N ALA S 397 -34.52 -2.46 27.06
CA ALA S 397 -34.37 -2.04 28.44
C ALA S 397 -35.15 -0.76 28.71
N GLN S 398 -35.74 -0.66 29.90
CA GLN S 398 -36.55 0.47 30.29
C GLN S 398 -35.80 1.37 31.25
N LEU S 399 -35.98 2.67 31.09
CA LEU S 399 -35.38 3.71 31.91
C LEU S 399 -36.41 4.33 32.85
N PRO S 400 -36.09 4.48 34.13
CA PRO S 400 -37.00 5.18 35.04
C PRO S 400 -36.93 6.68 34.84
N ILE S 401 -38.10 7.33 34.88
CA ILE S 401 -38.19 8.76 34.69
C ILE S 401 -39.11 9.36 35.75
N THR S 402 -38.93 10.65 35.99
CA THR S 402 -39.76 11.41 36.92
C THR S 402 -39.63 12.90 36.57
N ILE S 403 -40.12 13.76 37.45
CA ILE S 403 -39.97 15.20 37.29
C ILE S 403 -39.17 15.74 38.47
N ASP S 404 -38.54 16.90 38.24
CA ASP S 404 -37.80 17.60 39.28
C ASP S 404 -38.66 18.73 39.85
N THR S 405 -38.10 19.45 40.83
CA THR S 405 -38.84 20.51 41.49
C THR S 405 -39.06 21.73 40.62
N ASP S 406 -38.43 21.79 39.45
CA ASP S 406 -38.67 22.87 38.50
C ASP S 406 -39.66 22.49 37.41
N GLY S 407 -40.09 21.24 37.35
CA GLY S 407 -41.06 20.80 36.36
C GLY S 407 -40.45 20.25 35.09
N TYR S 408 -39.24 19.69 35.15
CA TYR S 408 -38.59 19.11 33.99
C TYR S 408 -38.52 17.60 34.11
N LEU S 409 -38.63 16.93 32.98
CA LEU S 409 -38.47 15.48 32.95
C LEU S 409 -37.01 15.11 33.16
N VAL S 410 -36.76 14.21 34.11
CA VAL S 410 -35.42 13.76 34.45
C VAL S 410 -35.44 12.26 34.63
N ALA S 411 -34.25 11.68 34.75
CA ALA S 411 -34.08 10.26 35.01
C ALA S 411 -34.22 9.98 36.50
N ASN S 412 -34.78 8.81 36.80
CA ASN S 412 -35.00 8.37 38.18
C ASN S 412 -34.05 7.22 38.54
N GLY S 413 -32.81 7.32 38.08
CA GLY S 413 -31.85 6.27 38.30
C GLY S 413 -31.22 5.79 37.01
N ASP S 414 -30.73 4.55 37.01
CA ASP S 414 -30.04 3.98 35.87
C ASP S 414 -30.81 2.76 35.36
N PHE S 415 -30.44 2.29 34.17
CA PHE S 415 -30.93 1.03 33.68
C PHE S 415 -30.59 -0.09 34.67
N VAL S 416 -31.42 -1.13 34.69
CA VAL S 416 -31.22 -2.25 35.58
C VAL S 416 -30.58 -3.44 34.87
N GLU S 417 -30.10 -3.24 33.65
CA GLU S 417 -29.46 -4.29 32.88
C GLU S 417 -28.59 -3.65 31.80
N PRO S 418 -27.63 -4.38 31.26
CA PRO S 418 -26.82 -3.82 30.17
C PRO S 418 -27.67 -3.52 28.95
N VAL S 419 -27.23 -2.54 28.17
CA VAL S 419 -27.93 -2.08 26.98
C VAL S 419 -27.18 -2.54 25.74
N GLY S 420 -27.92 -2.95 24.72
CA GLY S 420 -27.33 -3.32 23.45
C GLY S 420 -27.31 -4.81 23.23
N PRO S 421 -26.51 -5.26 22.27
CA PRO S 421 -26.40 -6.70 22.01
C PRO S 421 -25.80 -7.44 23.20
N ALA S 422 -25.95 -8.75 23.18
CA ALA S 422 -25.47 -9.59 24.26
C ALA S 422 -24.06 -10.08 24.00
N PHE S 423 -23.44 -10.65 25.03
CA PHE S 423 -22.10 -11.17 24.95
C PHE S 423 -21.96 -12.32 25.94
N TRP S 424 -20.74 -12.86 26.04
CA TRP S 424 -20.50 -14.05 26.84
C TRP S 424 -20.84 -13.84 28.31
N GLU S 425 -20.81 -12.59 28.79
CA GLU S 425 -21.02 -12.34 30.22
C GLU S 425 -22.50 -12.30 30.58
N ARG S 426 -23.25 -11.36 30.02
CA ARG S 426 -24.67 -11.21 30.33
C ARG S 426 -25.27 -10.24 29.31
N THR S 427 -26.55 -9.91 29.51
CA THR S 427 -27.32 -9.02 28.65
C THR S 427 -26.54 -7.78 28.21
N SER T 58 -69.71 30.03 4.82
CA SER T 58 -68.97 30.13 6.07
C SER T 58 -69.29 28.96 6.98
N SER T 59 -69.35 29.24 8.29
CA SER T 59 -69.67 28.18 9.26
C SER T 59 -71.06 27.61 9.02
N ALA T 60 -71.95 28.38 8.39
CA ALA T 60 -73.29 27.89 8.11
C ALA T 60 -73.29 26.88 6.97
N LEU T 61 -72.62 27.20 5.86
CA LEU T 61 -72.45 26.23 4.80
C LEU T 61 -71.49 25.13 5.22
N LEU T 62 -70.64 25.41 6.22
CA LEU T 62 -69.76 24.39 6.75
C LEU T 62 -70.53 23.31 7.47
N ARG T 63 -71.48 23.70 8.33
CA ARG T 63 -72.36 22.72 8.97
C ARG T 63 -73.10 21.91 7.92
N THR T 64 -73.61 22.57 6.88
CA THR T 64 -74.22 21.85 5.76
C THR T 64 -73.18 20.97 5.07
N GLY T 65 -71.96 21.49 4.91
CA GLY T 65 -70.89 20.67 4.36
C GLY T 65 -70.70 19.37 5.09
N LYS T 66 -70.72 19.42 6.43
CA LYS T 66 -70.58 18.19 7.21
C LYS T 66 -71.91 17.46 7.31
N GLN T 67 -72.97 18.17 7.70
CA GLN T 67 -74.25 17.51 7.98
C GLN T 67 -74.89 16.97 6.71
N LEU T 68 -75.13 17.85 5.72
CA LEU T 68 -75.79 17.42 4.49
C LEU T 68 -74.93 16.44 3.69
N PHE T 69 -73.69 16.19 4.11
CA PHE T 69 -72.86 15.16 3.49
C PHE T 69 -73.25 13.81 4.09
N ASP T 70 -74.50 13.41 3.84
CA ASP T 70 -74.99 12.13 4.32
C ASP T 70 -74.15 10.98 3.79
N THR T 71 -73.42 11.21 2.71
CA THR T 71 -72.53 10.19 2.16
C THR T 71 -71.17 10.22 2.86
N SER T 72 -70.76 11.40 3.33
CA SER T 72 -69.37 11.62 3.70
C SER T 72 -69.18 11.57 5.20
N CYS T 73 -69.83 12.44 5.99
CA CYS T 73 -69.24 12.79 7.28
C CYS T 73 -69.99 12.18 8.46
N VAL T 74 -71.30 12.45 8.56
CA VAL T 74 -71.99 12.29 9.84
C VAL T 74 -72.10 10.83 10.23
N SER T 75 -72.16 9.93 9.25
CA SER T 75 -72.29 8.52 9.55
C SER T 75 -71.07 7.97 10.29
N CYS T 76 -69.89 8.54 10.02
CA CYS T 76 -68.67 8.00 10.59
C CYS T 76 -68.33 8.65 11.92
N HIS T 77 -68.59 9.95 12.07
CA HIS T 77 -68.13 10.70 13.24
C HIS T 77 -69.26 11.30 14.07
N GLY T 78 -70.46 11.46 13.52
CA GLY T 78 -71.55 12.02 14.29
C GLY T 78 -71.68 13.52 14.15
N ALA T 79 -72.92 14.04 14.25
CA ALA T 79 -73.13 15.47 14.13
C ALA T 79 -72.62 16.20 15.36
N ASN T 80 -72.46 15.50 16.48
CA ASN T 80 -71.84 16.11 17.66
C ASN T 80 -70.32 16.15 17.50
N LEU T 81 -69.79 15.39 16.54
CA LEU T 81 -68.35 15.26 16.32
C LEU T 81 -67.68 14.66 17.54
N GLN T 82 -68.41 13.78 18.24
CA GLN T 82 -67.83 13.10 19.40
C GLN T 82 -67.20 11.77 19.00
N GLY T 83 -67.59 11.22 17.86
CA GLY T 83 -66.99 10.00 17.37
C GLY T 83 -67.87 8.78 17.53
N VAL T 84 -68.36 8.23 16.43
CA VAL T 84 -69.16 7.01 16.48
C VAL T 84 -68.26 5.82 16.80
N PRO T 85 -68.55 5.03 17.83
CA PRO T 85 -67.64 3.94 18.19
C PRO T 85 -67.50 2.88 17.10
N ASP T 86 -68.48 2.78 16.20
CA ASP T 86 -68.41 1.79 15.15
C ASP T 86 -67.43 2.21 14.06
N HIS T 87 -67.57 3.44 13.54
CA HIS T 87 -66.86 3.82 12.33
C HIS T 87 -65.61 4.66 12.58
N GLY T 88 -65.77 5.81 13.24
CA GLY T 88 -64.71 6.80 13.25
C GLY T 88 -64.30 7.29 14.63
N PRO T 89 -63.11 7.88 14.72
CA PRO T 89 -62.62 8.40 15.99
C PRO T 89 -63.34 9.67 16.41
N SER T 90 -62.85 10.25 17.50
CA SER T 90 -63.54 11.36 18.16
C SER T 90 -63.72 12.54 17.21
N LEU T 91 -62.62 13.11 16.71
CA LEU T 91 -62.65 14.26 15.81
C LEU T 91 -63.16 15.53 16.52
N ILE T 92 -62.68 15.78 17.74
CA ILE T 92 -63.14 16.93 18.51
C ILE T 92 -62.04 17.92 18.83
N GLY T 93 -60.77 17.55 18.69
CA GLY T 93 -59.69 18.44 19.06
C GLY T 93 -58.76 18.79 17.92
N VAL T 94 -58.89 18.10 16.78
CA VAL T 94 -58.07 18.45 15.63
C VAL T 94 -58.66 19.66 14.93
N GLY T 95 -57.79 20.55 14.46
CA GLY T 95 -58.19 21.79 13.86
C GLY T 95 -58.33 21.71 12.36
N GLU T 96 -58.21 22.87 11.71
CA GLU T 96 -58.34 22.93 10.26
C GLU T 96 -57.18 22.25 9.55
N ALA T 97 -56.05 22.06 10.24
CA ALA T 97 -54.90 21.43 9.61
C ALA T 97 -55.17 19.97 9.28
N ALA T 98 -55.78 19.25 10.22
CA ALA T 98 -56.13 17.85 9.96
C ALA T 98 -57.09 17.73 8.79
N VAL T 99 -58.07 18.64 8.71
CA VAL T 99 -59.03 18.60 7.62
C VAL T 99 -58.34 18.88 6.30
N TYR T 100 -57.51 19.94 6.25
CA TYR T 100 -56.81 20.30 5.02
C TYR T 100 -55.85 19.21 4.56
N PHE T 101 -55.24 18.47 5.47
CA PHE T 101 -54.40 17.35 5.08
C PHE T 101 -55.21 16.14 4.62
N GLN T 102 -56.27 15.80 5.34
CA GLN T 102 -57.00 14.57 5.06
C GLN T 102 -57.88 14.67 3.82
N VAL T 103 -58.42 15.85 3.53
CA VAL T 103 -59.37 16.02 2.43
C VAL T 103 -58.68 16.41 1.14
N SER T 104 -57.72 17.34 1.18
CA SER T 104 -57.09 17.81 -0.04
C SER T 104 -56.21 16.73 -0.65
N THR T 105 -55.74 15.79 0.16
CA THR T 105 -54.99 14.66 -0.36
C THR T 105 -55.87 13.50 -0.81
N GLY T 106 -57.19 13.66 -0.74
CA GLY T 106 -58.10 12.62 -1.18
C GLY T 106 -58.22 11.43 -0.27
N ARG T 107 -57.66 11.50 0.94
CA ARG T 107 -57.77 10.39 1.88
C ARG T 107 -59.12 10.34 2.59
N MET T 108 -59.77 11.48 2.73
CA MET T 108 -61.07 11.57 3.38
C MET T 108 -62.20 11.33 2.39
N PRO T 109 -63.46 11.63 2.75
CA PRO T 109 -64.43 10.56 2.98
C PRO T 109 -64.14 9.29 2.22
N ALA T 110 -64.02 8.21 3.00
CA ALA T 110 -63.51 6.93 2.55
C ALA T 110 -64.64 5.91 2.47
N MET T 111 -64.28 4.66 2.20
CA MET T 111 -65.26 3.58 2.12
C MET T 111 -65.16 2.70 3.36
N ALA T 117 -55.25 2.56 2.50
CA ALA T 117 -55.75 3.92 2.31
C ALA T 117 -54.75 4.77 1.53
N PRO T 118 -54.74 4.62 0.20
CA PRO T 118 -53.76 5.33 -0.62
C PRO T 118 -54.23 6.74 -0.97
N ARG T 119 -53.27 7.55 -1.40
CA ARG T 119 -53.57 8.92 -1.81
C ARG T 119 -54.39 8.93 -3.09
N LYS T 120 -55.38 9.83 -3.13
CA LYS T 120 -56.29 9.92 -4.27
C LYS T 120 -56.57 11.38 -4.56
N ASP T 121 -57.48 11.62 -5.51
CA ASP T 121 -57.85 12.97 -5.86
C ASP T 121 -59.06 13.44 -5.04
N PRO T 122 -59.03 14.68 -4.56
CA PRO T 122 -60.06 15.16 -3.62
C PRO T 122 -61.39 15.40 -4.33
N ILE T 123 -62.49 15.10 -3.63
CA ILE T 123 -63.82 15.35 -4.17
C ILE T 123 -64.15 16.84 -4.08
N PHE T 124 -64.18 17.36 -2.87
CA PHE T 124 -64.47 18.77 -2.64
C PHE T 124 -63.24 19.62 -2.94
N ASP T 125 -63.40 20.60 -3.82
CA ASP T 125 -62.27 21.44 -4.21
C ASP T 125 -62.49 22.91 -3.88
N GLU T 126 -63.61 23.47 -4.33
CA GLU T 126 -63.80 24.92 -4.38
C GLU T 126 -64.36 25.43 -3.05
N ALA T 127 -63.44 25.91 -2.21
CA ALA T 127 -63.72 26.66 -0.98
C ALA T 127 -64.63 25.93 0.01
N GLN T 128 -64.98 24.67 -0.26
CA GLN T 128 -65.74 23.86 0.68
C GLN T 128 -64.85 22.94 1.49
N ILE T 129 -63.53 23.06 1.34
CA ILE T 129 -62.56 22.47 2.24
C ILE T 129 -62.29 23.37 3.43
N ASP T 130 -62.04 24.66 3.17
CA ASP T 130 -61.80 25.61 4.23
C ASP T 130 -63.03 25.79 5.11
N ALA T 131 -64.22 25.68 4.52
CA ALA T 131 -65.45 25.75 5.31
C ALA T 131 -65.52 24.62 6.32
N ILE T 132 -65.37 23.37 5.86
CA ILE T 132 -65.41 22.23 6.75
C ILE T 132 -64.30 22.30 7.79
N GLY T 133 -63.14 22.82 7.38
CA GLY T 133 -62.06 23.00 8.34
C GLY T 133 -62.40 23.99 9.44
N ALA T 134 -63.00 25.12 9.06
CA ALA T 134 -63.44 26.09 10.05
C ALA T 134 -64.52 25.51 10.96
N TYR T 135 -65.39 24.67 10.40
CA TYR T 135 -66.41 24.03 11.21
C TYR T 135 -65.79 23.10 12.24
N VAL T 136 -64.85 22.25 11.81
CA VAL T 136 -64.21 21.32 12.73
C VAL T 136 -63.42 22.09 13.79
N GLN T 137 -62.81 23.20 13.41
CA GLN T 137 -62.02 23.98 14.35
C GLN T 137 -62.93 24.70 15.36
N ALA T 138 -64.10 25.15 14.91
CA ALA T 138 -64.99 25.90 15.79
C ALA T 138 -65.54 25.03 16.91
N ASN T 139 -65.70 23.72 16.66
CA ASN T 139 -66.15 22.83 17.72
C ASN T 139 -65.11 22.72 18.84
N GLY T 140 -63.85 22.56 18.48
CA GLY T 140 -62.78 22.53 19.47
C GLY T 140 -61.49 22.98 18.83
N GLY T 141 -60.73 23.78 19.58
CA GLY T 141 -59.52 24.38 19.06
C GLY T 141 -58.49 23.35 18.64
N GLY T 142 -57.52 23.81 17.87
CA GLY T 142 -56.46 22.96 17.38
C GLY T 142 -55.57 23.67 16.38
N PRO T 143 -54.75 22.89 15.66
CA PRO T 143 -53.85 23.49 14.67
C PRO T 143 -54.64 24.12 13.52
N THR T 144 -54.11 25.21 12.98
CA THR T 144 -54.72 25.93 11.88
C THR T 144 -53.80 25.94 10.67
N VAL T 145 -54.36 26.24 9.50
CA VAL T 145 -53.59 26.29 8.28
C VAL T 145 -52.89 27.64 8.15
N VAL T 146 -51.62 27.62 7.76
CA VAL T 146 -50.82 28.83 7.65
C VAL T 146 -51.16 29.53 6.34
N ARG T 147 -51.63 30.77 6.45
CA ARG T 147 -52.07 31.55 5.30
C ARG T 147 -51.08 32.67 5.03
N ASN T 148 -50.82 32.92 3.75
CA ASN T 148 -50.07 34.10 3.37
C ASN T 148 -50.90 35.36 3.66
N PRO T 149 -50.26 36.50 3.90
CA PRO T 149 -51.04 37.71 4.25
C PRO T 149 -51.72 38.33 3.03
N ASP T 150 -52.36 37.47 2.24
CA ASP T 150 -53.15 37.89 1.09
C ASP T 150 -54.47 37.12 1.06
N GLY T 151 -54.48 35.94 1.70
CA GLY T 151 -55.66 35.10 1.73
C GLY T 151 -55.43 33.68 1.26
N SER T 152 -54.35 33.46 0.53
CA SER T 152 -54.06 32.14 -0.01
C SER T 152 -53.31 31.28 1.00
N ILE T 153 -53.02 30.05 0.61
CA ILE T 153 -52.25 29.13 1.44
C ILE T 153 -50.79 29.21 1.02
N ALA T 154 -49.90 29.22 2.01
CA ALA T 154 -48.50 29.51 1.76
C ALA T 154 -47.84 28.42 0.92
N THR T 155 -47.10 28.84 -0.11
CA THR T 155 -46.32 27.91 -0.92
C THR T 155 -44.83 28.18 -0.76
N GLN T 156 -44.35 29.38 -1.06
CA GLN T 156 -42.91 29.60 -1.00
C GLN T 156 -42.47 30.07 0.39
N SER T 157 -43.37 30.71 1.12
CA SER T 157 -42.98 31.27 2.42
C SER T 157 -42.75 30.17 3.46
N LEU T 158 -43.31 28.98 3.23
CA LEU T 158 -43.09 27.87 4.15
C LEU T 158 -41.70 27.27 4.00
N ARG T 159 -40.97 27.66 2.95
CA ARG T 159 -39.68 27.07 2.67
C ARG T 159 -38.57 27.76 3.47
N GLY T 160 -37.80 26.97 4.21
CA GLY T 160 -36.77 27.53 5.06
C GLY T 160 -35.47 27.77 4.30
N ASN T 161 -34.53 28.45 4.96
CA ASN T 161 -33.26 28.77 4.31
C ASN T 161 -32.13 27.87 4.78
N ASP T 162 -32.24 27.30 5.97
CA ASP T 162 -31.19 26.44 6.53
C ASP T 162 -31.44 25.00 6.09
N LEU T 163 -30.43 24.43 5.41
CA LEU T 163 -30.55 23.11 4.82
C LEU T 163 -29.84 22.01 5.60
N GLY T 164 -28.68 22.30 6.17
CA GLY T 164 -27.98 21.29 6.94
C GLY T 164 -28.75 20.87 8.18
N ARG T 165 -29.31 21.86 8.90
CA ARG T 165 -30.15 21.55 10.05
C ARG T 165 -31.39 20.78 9.64
N GLY T 166 -32.01 21.17 8.52
CA GLY T 166 -33.17 20.45 8.04
C GLY T 166 -32.86 19.01 7.70
N GLY T 167 -31.71 18.77 7.07
CA GLY T 167 -31.33 17.40 6.75
C GLY T 167 -30.99 16.59 7.98
N ASP T 168 -30.34 17.21 8.97
CA ASP T 168 -30.07 16.51 10.23
C ASP T 168 -31.37 16.10 10.91
N LEU T 169 -32.33 17.04 11.00
CA LEU T 169 -33.60 16.72 11.63
C LEU T 169 -34.39 15.70 10.83
N PHE T 170 -34.26 15.72 9.49
CA PHE T 170 -34.93 14.73 8.67
C PHE T 170 -34.34 13.34 8.90
N ARG T 171 -33.02 13.23 8.95
CA ARG T 171 -32.41 11.93 9.21
C ARG T 171 -32.71 11.44 10.61
N LEU T 172 -32.93 12.37 11.56
CA LEU T 172 -33.22 11.95 12.92
C LEU T 172 -34.68 11.53 13.11
N ASN T 173 -35.63 12.28 12.54
CA ASN T 173 -37.04 12.09 12.85
C ASN T 173 -37.85 11.46 11.74
N CYS T 174 -37.41 11.52 10.50
CA CYS T 174 -38.25 11.17 9.37
C CYS T 174 -37.67 10.06 8.50
N ALA T 175 -36.36 10.04 8.27
CA ALA T 175 -35.76 9.08 7.35
C ALA T 175 -35.89 7.65 7.84
N SER T 176 -36.11 7.44 9.13
CA SER T 176 -36.23 6.08 9.65
C SER T 176 -37.37 5.32 8.99
N CYS T 177 -38.42 6.03 8.60
CA CYS T 177 -39.58 5.39 7.99
C CYS T 177 -39.63 5.53 6.47
N HIS T 178 -39.40 6.72 5.94
CA HIS T 178 -39.54 6.88 4.49
C HIS T 178 -38.27 6.47 3.75
N ASN T 179 -37.21 7.28 3.86
CA ASN T 179 -35.94 7.02 3.19
C ASN T 179 -34.96 8.16 3.45
N PHE T 180 -33.72 8.01 2.96
CA PHE T 180 -32.81 9.15 2.92
C PHE T 180 -33.38 10.28 2.08
N THR T 181 -33.86 9.96 0.88
CA THR T 181 -34.31 10.95 -0.08
C THR T 181 -35.82 10.93 -0.29
N GLY T 182 -36.57 10.52 0.73
CA GLY T 182 -38.02 10.64 0.69
C GLY T 182 -38.75 9.52 -0.05
N LYS T 183 -38.07 8.43 -0.38
CA LYS T 183 -38.75 7.29 -0.98
C LYS T 183 -39.65 6.63 0.06
N GLY T 184 -40.37 5.60 -0.36
CA GLY T 184 -41.24 4.90 0.56
C GLY T 184 -40.49 3.93 1.47
N GLY T 185 -41.21 3.39 2.42
CA GLY T 185 -40.65 2.39 3.32
C GLY T 185 -41.68 1.35 3.68
N ALA T 186 -41.21 0.20 4.13
CA ALA T 186 -42.08 -0.91 4.50
C ALA T 186 -42.27 -0.94 6.02
N LEU T 187 -43.52 -0.97 6.45
CA LEU T 187 -43.87 -1.16 7.85
C LEU T 187 -44.38 -2.58 8.05
N SER T 188 -44.75 -2.89 9.28
CA SER T 188 -45.12 -4.25 9.65
C SER T 188 -46.59 -4.53 9.35
N SER T 189 -46.85 -5.79 8.97
CA SER T 189 -48.21 -6.32 8.82
C SER T 189 -49.05 -5.48 7.84
N GLY T 190 -48.61 -5.49 6.58
CA GLY T 190 -49.35 -4.73 5.59
C GLY T 190 -48.81 -3.35 5.34
N LYS T 191 -49.37 -2.37 6.07
CA LYS T 191 -49.19 -0.93 5.87
C LYS T 191 -47.75 -0.51 5.61
N TYR T 192 -47.57 0.58 4.87
CA TYR T 192 -46.27 1.10 4.47
C TYR T 192 -46.25 2.61 4.68
N ALA T 193 -45.09 3.21 4.44
CA ALA T 193 -44.91 4.66 4.46
C ALA T 193 -44.71 5.16 3.04
N PRO T 194 -45.44 6.19 2.62
CA PRO T 194 -45.48 6.53 1.20
C PRO T 194 -44.28 7.35 0.74
N ASP T 195 -44.20 7.51 -0.57
CA ASP T 195 -43.22 8.40 -1.19
C ASP T 195 -43.66 9.85 -1.01
N LEU T 196 -42.68 10.74 -0.82
CA LEU T 196 -42.94 12.12 -0.47
C LEU T 196 -42.83 13.07 -1.65
N ALA T 197 -42.66 12.56 -2.86
CA ALA T 197 -42.52 13.41 -4.03
C ALA T 197 -43.84 14.07 -4.44
N PRO T 198 -44.98 13.37 -4.48
CA PRO T 198 -46.24 14.03 -4.86
C PRO T 198 -46.85 14.89 -3.76
N ALA T 199 -46.19 15.04 -2.61
CA ALA T 199 -46.74 15.78 -1.49
C ALA T 199 -46.47 17.27 -1.65
N ASN T 200 -47.46 18.07 -1.28
CA ASN T 200 -47.34 19.52 -1.34
C ASN T 200 -46.68 20.03 -0.06
N GLU T 201 -46.37 21.32 0.00
CA GLU T 201 -45.64 21.88 1.13
C GLU T 201 -46.53 22.15 2.33
N GLN T 202 -47.71 22.75 2.11
CA GLN T 202 -48.71 22.79 3.17
C GLN T 202 -49.13 21.40 3.60
N GLN T 203 -49.13 20.43 2.69
CA GLN T 203 -49.48 19.07 3.06
C GLN T 203 -48.40 18.45 3.94
N ILE T 204 -47.14 18.71 3.63
CA ILE T 204 -46.05 18.26 4.51
C ILE T 204 -46.22 18.85 5.90
N LEU T 205 -46.46 20.17 5.97
CA LEU T 205 -46.60 20.83 7.26
C LEU T 205 -47.77 20.26 8.05
N THR T 206 -48.93 20.11 7.42
CA THR T 206 -50.11 19.63 8.13
C THR T 206 -49.99 18.16 8.52
N ALA T 207 -49.37 17.33 7.68
CA ALA T 207 -49.15 15.94 8.05
C ALA T 207 -48.22 15.83 9.24
N MET T 208 -47.14 16.62 9.25
CA MET T 208 -46.23 16.59 10.38
C MET T 208 -46.88 17.17 11.63
N LEU T 209 -47.86 18.06 11.47
CA LEU T 209 -48.57 18.62 12.62
C LEU T 209 -49.58 17.66 13.20
N THR T 210 -50.27 16.88 12.36
CA THR T 210 -51.41 16.10 12.82
C THR T 210 -51.09 14.63 13.06
N GLY T 211 -50.12 14.07 12.36
CA GLY T 211 -49.73 12.70 12.60
C GLY T 211 -50.76 11.68 12.15
N PRO T 212 -50.92 11.49 10.83
CA PRO T 212 -51.87 10.49 10.33
C PRO T 212 -51.53 9.08 10.77
N GLN T 213 -52.35 8.11 10.34
CA GLN T 213 -52.31 6.74 10.84
C GLN T 213 -50.90 6.20 10.96
N ASN T 214 -50.56 5.74 12.16
CA ASN T 214 -49.30 5.07 12.48
C ASN T 214 -48.11 6.01 12.39
N MET T 215 -48.34 7.24 11.98
CA MET T 215 -47.29 8.25 11.94
C MET T 215 -47.35 9.10 13.21
N PRO T 216 -46.24 9.28 13.92
CA PRO T 216 -46.29 10.03 15.17
C PRO T 216 -46.74 11.47 14.95
N LYS T 217 -47.26 12.06 16.02
CA LYS T 217 -47.77 13.42 16.00
C LYS T 217 -46.67 14.36 16.47
N PHE T 218 -46.16 15.19 15.57
CA PHE T 218 -45.08 16.13 15.88
C PHE T 218 -45.71 17.47 16.25
N SER T 219 -45.96 17.65 17.54
CA SER T 219 -46.52 18.91 18.03
C SER T 219 -45.59 20.07 17.70
N ASN T 220 -46.15 21.29 17.80
CA ASN T 220 -45.38 22.49 17.50
C ASN T 220 -44.53 22.93 18.68
N ARG T 221 -44.73 22.35 19.86
CA ARG T 221 -43.92 22.68 21.02
C ARG T 221 -42.70 21.78 21.17
N GLN T 222 -42.68 20.62 20.51
CA GLN T 222 -41.50 19.77 20.51
C GLN T 222 -40.66 19.94 19.25
N LEU T 223 -41.25 20.42 18.15
CA LEU T 223 -40.52 20.71 16.92
C LEU T 223 -41.00 22.08 16.42
N SER T 224 -40.15 23.09 16.57
CA SER T 224 -40.55 24.46 16.32
C SER T 224 -40.93 24.67 14.85
N PHE T 225 -41.64 25.78 14.61
CA PHE T 225 -42.06 26.11 13.25
C PHE T 225 -40.87 26.42 12.35
N GLU T 226 -39.82 27.01 12.90
CA GLU T 226 -38.59 27.23 12.14
C GLU T 226 -37.94 25.91 11.72
N ALA T 227 -37.90 24.95 12.64
CA ALA T 227 -37.36 23.63 12.30
C ALA T 227 -38.24 22.92 11.27
N LYS T 228 -39.55 23.07 11.39
CA LYS T 228 -40.46 22.49 10.39
C LYS T 228 -40.23 23.10 9.02
N LYS T 229 -39.99 24.42 8.96
CA LYS T 229 -39.71 25.05 7.68
C LYS T 229 -38.39 24.59 7.09
N ASP T 230 -37.39 24.38 7.95
CA ASP T 230 -36.12 23.84 7.46
C ASP T 230 -36.28 22.42 6.93
N ILE T 231 -37.09 21.60 7.60
CA ILE T 231 -37.33 20.23 7.13
C ILE T 231 -38.09 20.26 5.81
N ILE T 232 -39.07 21.15 5.68
CA ILE T 232 -39.80 21.28 4.41
C ILE T 232 -38.85 21.67 3.28
N ALA T 233 -37.96 22.62 3.56
CA ALA T 233 -36.96 23.02 2.57
C ALA T 233 -36.10 21.84 2.15
N TYR T 234 -35.62 21.06 3.12
CA TYR T 234 -34.76 19.93 2.80
C TYR T 234 -35.50 18.89 1.97
N VAL T 235 -36.77 18.62 2.30
CA VAL T 235 -37.52 17.62 1.55
C VAL T 235 -37.75 18.08 0.12
N LYS T 236 -38.17 19.34 -0.06
CA LYS T 236 -38.41 19.84 -1.40
C LYS T 236 -37.13 19.95 -2.23
N VAL T 237 -35.97 20.09 -1.57
CA VAL T 237 -34.72 20.08 -2.32
C VAL T 237 -34.26 18.66 -2.64
N ALA T 238 -34.52 17.69 -1.75
CA ALA T 238 -34.12 16.31 -1.99
C ALA T 238 -35.02 15.61 -3.00
N THR T 239 -36.25 16.08 -3.19
CA THR T 239 -37.14 15.46 -4.16
C THR T 239 -37.13 16.13 -5.53
N GLU T 240 -36.45 17.27 -5.67
CA GLU T 240 -36.44 18.03 -6.92
C GLU T 240 -35.06 18.18 -7.54
N ALA T 241 -34.00 17.73 -6.87
CA ALA T 241 -32.65 17.93 -7.35
C ALA T 241 -32.27 16.85 -8.35
N ARG T 242 -31.63 17.27 -9.45
CA ARG T 242 -31.09 16.32 -10.40
C ARG T 242 -29.94 15.53 -9.76
N GLN T 243 -29.65 14.37 -10.34
CA GLN T 243 -28.58 13.52 -9.83
C GLN T 243 -27.33 13.73 -10.67
N PRO T 244 -26.22 14.14 -10.06
CA PRO T 244 -24.99 14.36 -10.86
C PRO T 244 -24.14 13.11 -11.05
N GLY T 245 -24.74 11.97 -11.34
CA GLY T 245 -23.96 10.77 -11.52
C GLY T 245 -24.42 9.92 -12.67
N GLY T 246 -25.58 10.25 -13.22
CA GLY T 246 -26.20 9.44 -14.25
C GLY T 246 -27.60 9.02 -13.87
N TYR T 247 -27.99 7.81 -14.26
CA TYR T 247 -29.36 7.36 -14.04
C TYR T 247 -29.56 7.01 -12.57
N LEU T 248 -30.58 7.61 -11.96
CA LEU T 248 -30.98 7.22 -10.62
C LEU T 248 -31.61 5.84 -10.66
N LEU T 249 -31.04 4.91 -9.89
CA LEU T 249 -31.45 3.51 -9.93
C LEU T 249 -32.56 3.19 -8.93
N GLY T 250 -33.42 4.16 -8.62
CA GLY T 250 -34.53 3.96 -7.72
C GLY T 250 -34.39 4.67 -6.39
N GLY T 251 -33.19 5.13 -6.05
CA GLY T 251 -32.95 5.78 -4.78
C GLY T 251 -32.70 4.85 -3.62
N PHE T 252 -32.66 3.54 -3.87
CA PHE T 252 -32.31 2.58 -2.85
C PHE T 252 -30.81 2.26 -2.96
N GLY T 253 -30.34 1.31 -2.16
CA GLY T 253 -28.93 1.07 -2.06
C GLY T 253 -28.40 0.22 -3.19
N PRO T 254 -27.59 -0.77 -2.86
CA PRO T 254 -26.94 -1.61 -3.89
C PRO T 254 -27.77 -2.76 -4.43
N ALA T 255 -29.04 -2.91 -4.07
CA ALA T 255 -29.84 -3.96 -4.70
C ALA T 255 -30.12 -3.64 -6.17
N PRO T 256 -30.61 -2.45 -6.54
CA PRO T 256 -30.67 -2.12 -7.97
C PRO T 256 -29.31 -2.14 -8.65
N GLU T 257 -28.24 -1.79 -7.93
CA GLU T 257 -26.93 -1.77 -8.53
C GLU T 257 -26.44 -3.18 -8.86
N GLY T 258 -26.64 -4.12 -7.94
CA GLY T 258 -26.30 -5.50 -8.22
C GLY T 258 -27.13 -6.08 -9.35
N MET T 259 -28.42 -5.76 -9.38
CA MET T 259 -29.25 -6.24 -10.48
C MET T 259 -28.80 -5.67 -11.82
N ALA T 260 -28.45 -4.39 -11.85
CA ALA T 260 -27.96 -3.77 -13.08
C ALA T 260 -26.64 -4.39 -13.51
N MET T 261 -25.76 -4.66 -12.55
CA MET T 261 -24.50 -5.34 -12.85
C MET T 261 -24.76 -6.70 -13.49
N TRP T 262 -25.70 -7.46 -12.93
CA TRP T 262 -25.92 -8.82 -13.42
C TRP T 262 -26.62 -8.83 -14.77
N ILE T 263 -27.52 -7.87 -15.02
CA ILE T 263 -28.34 -7.91 -16.22
C ILE T 263 -27.81 -7.04 -17.34
N ILE T 264 -26.79 -6.22 -17.08
CA ILE T 264 -26.28 -5.32 -18.11
C ILE T 264 -24.79 -5.57 -18.33
N GLY T 265 -23.99 -5.34 -17.29
CA GLY T 265 -22.54 -5.44 -17.46
C GLY T 265 -22.09 -6.86 -17.73
N MET T 266 -22.56 -7.81 -16.93
CA MET T 266 -22.14 -9.20 -17.11
C MET T 266 -22.73 -9.80 -18.37
N VAL T 267 -23.94 -9.38 -18.75
CA VAL T 267 -24.51 -9.85 -20.02
C VAL T 267 -23.68 -9.34 -21.18
N ALA T 268 -23.28 -8.06 -21.15
CA ALA T 268 -22.43 -7.53 -22.21
C ALA T 268 -21.08 -8.24 -22.27
N ALA T 269 -20.50 -8.53 -21.09
CA ALA T 269 -19.20 -9.20 -21.05
C ALA T 269 -19.30 -10.61 -21.61
N ILE T 270 -20.32 -11.36 -21.21
CA ILE T 270 -20.48 -12.73 -21.70
C ILE T 270 -20.85 -12.74 -23.18
N GLY T 271 -21.55 -11.70 -23.65
CA GLY T 271 -21.80 -11.61 -25.08
C GLY T 271 -20.55 -11.34 -25.88
N LEU T 272 -19.67 -10.47 -25.37
CA LEU T 272 -18.39 -10.24 -26.02
C LEU T 272 -17.55 -11.51 -26.02
N ALA T 273 -17.59 -12.27 -24.91
CA ALA T 273 -16.87 -13.54 -24.87
C ALA T 273 -17.42 -14.53 -25.89
N LEU T 274 -18.75 -14.59 -26.01
CA LEU T 274 -19.37 -15.49 -27.00
C LEU T 274 -19.01 -15.07 -28.42
N TRP T 275 -18.85 -13.77 -28.65
CA TRP T 275 -18.47 -13.31 -29.99
C TRP T 275 -17.02 -13.64 -30.30
N ILE T 276 -16.12 -13.37 -29.36
CA ILE T 276 -14.69 -13.51 -29.63
C ILE T 276 -14.27 -14.97 -29.62
N GLY T 277 -14.71 -15.72 -28.61
CA GLY T 277 -14.33 -17.12 -28.52
C GLY T 277 -15.23 -18.03 -29.33
N ALA T 278 -14.82 -19.29 -29.41
CA ALA T 278 -15.55 -20.30 -30.17
C ALA T 278 -16.29 -21.23 -29.22
N ARG T 279 -17.32 -21.88 -29.76
CA ARG T 279 -18.11 -22.84 -29.01
C ARG T 279 -18.15 -24.16 -29.76
N SER T 280 -17.95 -25.26 -29.04
CA SER T 280 -17.99 -26.58 -29.63
C SER T 280 -18.06 -27.66 -28.55
CU CU U . 54.07 41.14 33.60
CU CU V . 53.34 41.70 34.34
C1 CDL W . 60.67 -7.42 17.27
O1 CDL W . 61.66 -7.96 16.42
CA2 CDL W . 59.70 -6.62 16.40
OA2 CDL W . 60.30 -5.42 16.02
PA1 CDL W . 59.36 -4.34 15.20
OA3 CDL W . 60.02 -2.99 15.16
OA4 CDL W . 59.15 -4.84 13.79
OA5 CDL W . 57.91 -4.21 15.97
CA3 CDL W . 57.82 -3.34 17.08
CA4 CDL W . 57.01 -4.03 18.18
OA6 CDL W . 56.36 -3.03 18.91
CA5 CDL W . 55.25 -3.46 19.66
OA7 CDL W . 54.81 -4.55 19.53
C11 CDL W . 54.57 -2.48 20.66
C12 CDL W . 53.84 -1.33 19.94
C13 CDL W . 53.50 -0.16 20.90
C14 CDL W . 52.33 0.72 20.37
C15 CDL W . 52.29 2.13 21.03
C16 CDL W . 51.06 2.33 21.95
C17 CDL W . 50.36 3.69 21.73
CA6 CDL W . 57.97 -4.79 19.11
OA8 CDL W . 59.12 -4.01 19.31
CA7 CDL W . 59.66 -4.08 20.61
OA9 CDL W . 59.79 -5.13 21.15
C31 CDL W . 60.07 -2.79 21.36
C32 CDL W . 60.50 -3.06 22.81
C33 CDL W . 59.96 -2.02 23.80
C34 CDL W . 58.69 -1.30 23.28
C35 CDL W . 57.68 -1.04 24.41
C36 CDL W . 56.60 -0.02 24.04
C37 CDL W . 55.32 -0.21 24.89
C38 CDL W . 54.14 0.67 24.41
C39 CDL W . 54.27 2.14 24.87
C40 CDL W . 53.13 2.55 25.81
C41 CDL W . 52.94 4.08 25.87
C42 CDL W . 52.52 4.57 27.26
CB2 CDL W . 59.97 -8.60 17.97
OB2 CDL W . 58.58 -8.34 17.97
PB2 CDL W . 57.57 -9.30 18.86
OB3 CDL W . 56.52 -9.87 17.94
OB4 CDL W . 58.37 -10.42 19.47
OB5 CDL W . 56.83 -8.41 20.06
CB3 CDL W . 57.24 -8.58 21.41
CB4 CDL W . 56.15 -8.06 22.36
OB6 CDL W . 54.89 -8.12 21.75
CB5 CDL W . 53.93 -8.91 22.43
OB7 CDL W . 54.13 -10.08 22.58
C51 CDL W . 52.62 -8.29 22.98
C52 CDL W . 52.72 -6.77 23.21
C53 CDL W . 51.39 -6.17 23.72
C54 CDL W . 51.35 -4.62 23.63
C55 CDL W . 49.97 -4.06 24.06
C56 CDL W . 50.04 -2.57 24.47
C57 CDL W . 48.68 -2.05 24.98
C58 CDL W . 48.19 -0.79 24.22
C59 CDL W . 46.69 -0.51 24.47
C60 CDL W . 46.46 0.62 25.49
C61 CDL W . 45.06 0.55 26.16
C62 CDL W . 45.15 0.35 27.69
C63 CDL W . 45.03 1.69 28.46
C64 CDL W . 43.64 2.34 28.32
CB6 CDL W . 56.46 -6.60 22.75
OB8 CDL W . 56.99 -6.60 24.08
CB7 CDL W . 56.48 -5.57 24.93
OB9 CDL W . 56.89 -4.46 24.81
C71 CDL W . 55.40 -5.89 26.01
C72 CDL W . 55.17 -4.72 27.01
C73 CDL W . 53.67 -4.35 27.17
C74 CDL W . 53.45 -2.83 27.38
C75 CDL W . 52.02 -2.46 27.82
C76 CDL W . 51.78 -0.94 27.77
C77 CDL W . 50.78 -0.42 28.83
C78 CDL W . 50.03 0.85 28.38
C79 CDL W . 50.14 2.01 29.40
C80 CDL W . 48.75 2.59 29.79
C81 CDL W . 48.81 4.10 30.11
C1 CDL X . 58.97 9.99 -8.94
O1 CDL X . 59.36 10.67 -10.11
CA2 CDL X . 57.49 10.30 -8.68
OA2 CDL X . 57.07 9.49 -7.61
PA1 CDL X . 55.46 9.42 -7.30
OA3 CDL X . 54.71 9.17 -8.58
OA4 CDL X . 55.18 8.31 -6.32
OA5 CDL X . 54.99 10.86 -6.64
CA3 CDL X . 55.62 11.27 -5.46
CA4 CDL X . 54.94 12.56 -5.02
OA6 CDL X . 55.50 13.62 -5.73
CA5 CDL X . 54.57 14.65 -6.02
OA7 CDL X . 53.55 14.71 -5.42
C11 CDL X . 54.88 15.67 -7.14
C12 CDL X . 55.25 17.05 -6.55
C13 CDL X . 54.03 17.79 -5.95
C14 CDL X . 53.94 19.26 -6.44
C15 CDL X . 54.48 20.26 -5.37
C16 CDL X . 53.44 21.37 -5.05
C17 CDL X . 53.96 22.79 -5.37
C18 CDL X . 53.11 23.90 -4.71
CA6 CDL X . 55.18 12.77 -3.51
OA8 CDL X . 53.94 12.57 -2.84
CA7 CDL X . 53.73 13.43 -1.72
OA9 CDL X . 54.42 13.32 -0.77
C31 CDL X . 52.61 14.49 -1.76
C32 CDL X . 52.25 15.04 -0.37
C33 CDL X . 53.23 16.13 0.10
C34 CDL X . 52.62 17.55 -0.01
C35 CDL X . 51.31 17.70 0.79
C36 CDL X . 51.05 19.15 1.20
C37 CDL X . 49.54 19.44 1.42
CB2 CDL X . 59.89 10.46 -7.80
OB2 CDL X . 61.10 9.75 -7.88
PB2 CDL X . 61.95 9.46 -6.49
OB3 CDL X . 61.22 8.43 -5.67
OB4 CDL X . 63.33 8.94 -6.81
OB5 CDL X . 62.09 10.87 -5.64
CB3 CDL X . 63.39 11.34 -5.35
CB4 CDL X . 63.27 12.61 -4.50
OB6 CDL X . 62.23 12.45 -3.58
CB5 CDL X . 62.68 12.07 -2.28
OB7 CDL X . 63.49 11.22 -2.16
C51 CDL X . 62.12 12.78 -1.02
C52 CDL X . 61.88 11.77 0.12
C53 CDL X . 60.77 12.20 1.10
C54 CDL X . 60.24 13.62 0.80
C55 CDL X . 58.80 13.81 1.35
C56 CDL X . 58.72 13.42 2.84
C57 CDL X . 57.28 13.57 3.39
C58 CDL X . 56.99 12.56 4.52
C59 CDL X . 55.48 12.40 4.84
C60 CDL X . 54.59 13.39 4.08
C61 CDL X . 53.10 13.26 4.51
C62 CDL X . 52.56 14.56 5.13
C63 CDL X . 51.02 14.58 5.20
C64 CDL X . 50.46 16.02 5.36
C65 CDL X . 49.93 16.59 4.02
C66 CDL X . 48.72 15.79 3.47
C67 CDL X . 49.01 15.14 2.11
CB6 CDL X . 62.99 13.80 -5.42
OB8 CDL X . 63.73 14.91 -4.91
CB7 CDL X . 63.55 16.12 -5.64
OB9 CDL X . 63.96 16.20 -6.76
C71 CDL X . 62.85 17.35 -4.98
C72 CDL X . 63.62 17.87 -3.74
C73 CDL X . 62.72 18.71 -2.78
C74 CDL X . 63.37 20.07 -2.42
C75 CDL X . 63.23 20.40 -0.91
C76 CDL X . 63.86 21.77 -0.56
C77 CDL X . 64.53 21.82 0.83
C78 CDL X . 64.55 20.43 1.53
C79 CDL X . 65.34 20.46 2.86
C80 CDL X . 66.73 19.80 2.73
C81 CDL X . 66.74 18.32 3.20
C82 CDL X . 68.05 17.59 2.81
C83 CDL X . 67.79 16.17 2.27
C84 CDL X . 68.66 15.10 2.97
C85 CDL X . 70.11 15.59 3.21
C86 CDL X . 71.12 14.42 3.34
C87 CDL X . 72.05 14.59 4.57
C1 PLM Y . 42.37 39.91 14.21
O2 PLM Y . 41.86 41.00 14.56
C2 PLM Y . 41.66 39.13 13.06
C3 PLM Y . 41.45 37.64 13.30
C4 PLM Y . 42.65 36.76 12.89
C5 PLM Y . 43.00 36.86 11.41
C6 PLM Y . 43.64 35.59 10.84
C7 PLM Y . 44.85 35.11 11.64
C8 PLM Y . 44.96 33.58 11.74
C9 PLM Y . 45.43 32.90 10.45
CA PLM Y . 45.23 31.39 10.47
CB PLM Y . 45.90 30.65 9.30
CC PLM Y . 45.62 29.15 9.30
CD PLM Y . 46.55 28.35 8.37
CE PLM Y . 46.47 28.78 6.91
CF PLM Y . 46.84 27.66 5.92
CG PLM Y . 47.00 28.15 4.48
CU CU Z . 61.90 33.96 34.79
CU CU AA . 69.78 26.15 31.30
FE HEA BA . 72.08 28.27 28.63
CHA HEA BA . 69.23 29.99 29.78
CHB HEA BA . 73.86 28.95 31.58
CHC HEA BA . 74.80 26.45 27.48
CHD HEA BA . 70.21 27.21 25.90
NA HEA BA . 71.65 29.25 30.29
C1A HEA BA . 70.40 29.92 30.66
C2A HEA BA . 70.44 30.53 32.00
C3A HEA BA . 71.78 30.21 32.50
C4A HEA BA . 72.50 29.45 31.47
CMA HEA BA . 72.28 30.62 33.82
OMA HEA BA . 72.73 29.80 34.58
CAA HEA BA . 69.37 31.29 32.73
CBA HEA BA . 69.27 32.66 32.10
CGA HEA BA . 68.02 33.35 32.57
O1A HEA BA . 68.14 34.31 33.34
O2A HEA BA . 66.92 32.85 32.31
NB HEA BA . 74.00 27.79 29.39
C1B HEA BA . 74.54 28.14 30.57
C2B HEA BA . 75.91 27.65 30.82
C3B HEA BA . 76.20 26.89 29.61
C4B HEA BA . 74.96 27.05 28.81
CMB HEA BA . 76.76 27.87 32.04
NC HEA BA . 72.45 27.04 26.97
C1C HEA BA . 73.58 26.37 26.66
C2C HEA BA . 73.52 25.56 25.42
C3C HEA BA . 72.15 25.81 24.98
C4C HEA BA . 71.59 26.72 25.99
CMC HEA BA . 74.60 24.72 24.80
CAC HEA BA . 71.43 25.30 23.79
CBC HEA BA . 71.92 24.34 23.05
ND HEA BA . 70.10 28.55 27.96
C1D HEA BA . 69.51 28.05 26.86
C2D HEA BA . 68.09 28.42 26.65
C3D HEA BA . 67.81 29.25 27.82
C4D HEA BA . 69.10 29.25 28.53
CMD HEA BA . 67.20 28.01 25.52
CAD HEA BA . 66.55 29.96 28.24
CBD HEA BA . 65.31 29.31 27.69
CGD HEA BA . 64.13 30.16 28.09
O1D HEA BA . 64.17 30.72 29.19
O2D HEA BA . 63.26 30.40 27.24
C11 HEA BA . 77.46 26.15 29.32
O11 HEA BA . 77.15 24.92 28.68
C12 HEA BA . 78.41 26.96 28.44
C13 HEA BA . 79.87 26.73 28.82
C14 HEA BA . 80.65 26.58 27.53
C15 HEA BA . 81.62 27.39 27.08
C16 HEA BA . 82.77 27.79 27.94
C17 HEA BA . 83.98 27.84 27.01
C18 HEA BA . 85.10 27.01 27.58
C19 HEA BA . 86.37 27.38 27.43
C20 HEA BA . 87.14 27.84 28.64
C21 HEA BA . 86.62 29.23 29.01
C22 HEA BA . 86.92 29.52 30.47
C23 HEA BA . 86.07 30.20 31.24
C24 HEA BA . 85.54 31.54 30.84
C25 HEA BA . 85.51 29.52 32.46
C26 HEA BA . 81.82 27.55 25.61
C27 HEA BA . 86.90 27.67 26.06
FE HEA CA . 64.04 32.97 17.99
CHA HEA CA . 62.51 34.19 20.90
CHB HEA CA . 64.33 36.17 16.60
CHC HEA CA . 65.46 31.65 15.12
CHD HEA CA . 64.35 29.88 19.55
NA HEA CA . 63.54 34.78 18.61
C1A HEA CA . 62.92 35.16 19.88
C2A HEA CA . 62.69 36.62 20.00
C3A HEA CA . 63.24 37.17 18.75
C4A HEA CA . 63.74 36.05 17.92
CMA HEA CA . 63.23 38.62 18.42
OMA HEA CA . 64.24 39.27 18.30
CAA HEA CA . 62.11 37.38 21.14
CBA HEA CA . 60.59 37.33 21.08
CGA HEA CA . 60.07 37.91 22.36
O1A HEA CA . 59.63 39.06 22.33
O2A HEA CA . 60.49 37.43 23.43
NB HEA CA . 64.77 33.77 16.17
C1B HEA CA . 64.79 35.05 15.77
C2B HEA CA . 65.35 35.31 14.44
C3B HEA CA . 65.70 33.96 13.99
C4B HEA CA . 65.29 33.12 15.13
CMB HEA CA . 65.52 36.62 13.74
NC HEA CA . 64.79 31.09 17.42
C1C HEA CA . 65.33 30.72 16.25
C2C HEA CA . 65.78 29.32 16.17
C3C HEA CA . 65.43 28.83 17.50
C4C HEA CA . 64.83 29.99 18.18
CMC HEA CA . 66.41 28.59 15.02
CAC HEA CA . 65.58 27.50 18.13
CBC HEA CA . 66.27 26.54 17.56
ND HEA CA . 63.51 32.18 19.86
C1D HEA CA . 63.70 30.93 20.32
C2D HEA CA . 63.22 30.65 21.69
C3D HEA CA . 62.67 31.95 22.09
C4D HEA CA . 62.91 32.78 20.91
CMD HEA CA . 63.28 29.36 22.46
CAD HEA CA . 62.01 32.32 23.38
CBD HEA CA . 60.56 31.91 23.23
CGD HEA CA . 59.75 32.47 24.35
O1D HEA CA . 59.87 33.68 24.59
O2D HEA CA . 58.78 31.81 24.76
C11 HEA CA . 66.31 33.58 12.68
O11 HEA CA . 67.41 32.72 12.92
C12 HEA CA . 65.28 32.85 11.83
C13 HEA CA . 64.91 33.59 10.56
C14 HEA CA . 64.54 32.53 9.55
C15 HEA CA . 63.69 32.71 8.54
C16 HEA CA . 63.00 31.59 7.83
C17 HEA CA . 62.74 32.09 6.42
C18 HEA CA . 61.27 32.35 6.23
C19 HEA CA . 60.72 32.28 5.01
C20 HEA CA . 59.23 32.41 4.88
C21 HEA CA . 58.72 31.20 4.08
C22 HEA CA . 57.38 30.77 4.62
C23 HEA CA . 56.98 29.48 4.61
C24 HEA CA . 57.77 28.43 3.89
C25 HEA CA . 55.87 29.07 5.53
C26 HEA CA . 63.13 34.07 8.33
C27 HEA CA . 61.58 32.30 3.80
N 9Y0 DA . 30.10 14.79 36.41
C 9Y0 DA . 35.20 11.66 40.86
O 9Y0 DA . 31.88 15.39 42.25
C1 9Y0 DA . 34.94 13.02 40.23
C10 9Y0 DA . 41.18 8.36 36.68
C11 9Y0 DA . 42.70 8.37 36.56
C12 9Y0 DA . 43.20 9.35 35.51
C13 9Y0 DA . 43.08 10.79 35.99
C14 9Y0 DA . 43.21 11.80 35.14
C15 9Y0 DA . 43.49 11.59 33.67
C16 9Y0 DA . 43.73 12.90 32.93
C2 9Y0 DA . 33.85 13.74 41.01
C21 9Y0 DA . 35.47 12.92 37.94
C22 9Y0 DA . 35.45 11.94 36.78
C23 9Y0 DA . 36.85 11.72 36.19
C24 9Y0 DA . 36.78 11.21 34.75
C25 9Y0 DA . 37.49 9.88 34.58
C26 9Y0 DA . 38.94 10.05 34.12
C27 9Y0 DA . 39.03 10.29 32.61
C28 9Y0 DA . 39.93 9.27 31.92
C29 9Y0 DA . 40.35 9.73 30.53
C3 9Y0 DA . 30.92 15.74 38.51
C30 9Y0 DA . 41.86 9.53 30.31
C31 9Y0 DA . 42.37 10.38 29.15
C32 9Y0 DA . 43.10 9.53 28.12
C33 9Y0 DA . 43.28 10.25 26.78
C34 9Y0 DA . 44.41 9.66 25.95
C35 9Y0 DA . 45.14 10.71 25.13
C36 9Y0 DA . 46.59 10.86 25.57
C4 9Y0 DA . 30.62 14.46 37.72
C5 9Y0 DA . 36.96 10.15 40.56
C6 9Y0 DA . 38.06 9.94 39.52
C7 9Y0 DA . 38.62 8.52 39.54
C8 9Y0 DA . 39.17 8.09 38.19
C9 9Y0 DA . 40.69 8.17 38.11
O1 9Y0 DA . 30.86 15.43 39.87
O2 9Y0 DA . 32.51 17.22 40.74
O3 9Y0 DA . 33.46 14.87 40.28
O4 9Y0 DA . 36.42 9.21 41.04
O5 9Y0 DA . 36.57 11.44 40.94
O6 9Y0 DA . 36.33 13.74 38.02
O7 9Y0 DA . 34.48 12.85 38.92
P 9Y0 DA . 32.17 15.76 40.81
C1 CDL EA . 55.54 14.76 -13.52
O1 CDL EA . 56.74 14.07 -13.68
CA2 CDL EA . 54.85 14.85 -14.91
OA2 CDL EA . 53.64 15.54 -14.76
PA1 CDL EA . 52.32 14.99 -15.56
OA3 CDL EA . 52.13 13.52 -15.26
OA4 CDL EA . 52.52 15.15 -17.05
OA5 CDL EA . 50.97 15.82 -15.08
CA3 CDL EA . 50.56 15.70 -13.74
CA4 CDL EA . 49.28 16.52 -13.53
OA6 CDL EA . 48.16 15.69 -13.64
CA5 CDL EA . 47.37 15.59 -12.47
OA7 CDL EA . 47.33 14.58 -11.88
C11 CDL EA . 46.56 16.82 -11.99
C12 CDL EA . 45.18 16.39 -11.40
C13 CDL EA . 44.00 17.07 -12.13
C14 CDL EA . 42.71 16.21 -12.06
C15 CDL EA . 41.78 16.45 -13.29
C16 CDL EA . 41.06 15.16 -13.75
C17 CDL EA . 39.72 15.45 -14.47
C18 CDL EA . 38.78 14.21 -14.50
C19 CDL EA . 37.41 14.51 -15.15
C20 CDL EA . 36.51 15.40 -14.25
C21 CDL EA . 35.52 16.28 -15.07
C22 CDL EA . 34.54 17.09 -14.18
C23 CDL EA . 35.26 17.96 -13.11
C24 CDL EA . 34.59 17.86 -11.70
C25 CDL EA . 35.08 17.54 -10.24
C26 CDL EA . 33.92 17.22 -9.28
C27 CDL EA . 33.74 15.70 -9.07
CA6 CDL EA . 49.19 17.62 -14.61
OA8 CDL EA . 50.10 18.65 -14.27
CA7 CDL EA . 49.50 19.93 -14.22
OA9 CDL EA . 49.12 20.45 -15.22
C31 CDL EA . 49.33 20.64 -12.87
C32 CDL EA . 47.90 20.46 -12.31
C33 CDL EA . 47.59 21.43 -11.17
C34 CDL EA . 46.13 21.93 -11.20
C35 CDL EA . 45.16 20.88 -11.77
C36 CDL EA . 43.80 20.92 -11.05
C37 CDL EA . 42.64 20.49 -11.96
C38 CDL EA . 41.27 20.72 -11.29
C39 CDL EA . 40.11 20.54 -12.28
C40 CDL EA . 39.03 19.57 -11.77
C41 CDL EA . 38.74 18.48 -12.81
C42 CDL EA . 38.70 19.02 -14.24
CB2 CDL EA . 55.86 16.15 -12.94
OB2 CDL EA . 57.27 16.29 -12.87
PB2 CDL EA . 57.91 17.58 -12.04
OB3 CDL EA . 56.96 18.75 -12.12
OB4 CDL EA . 59.23 17.96 -12.65
OB5 CDL EA . 58.14 17.16 -10.44
CB3 CDL EA . 57.83 18.12 -9.44
CB4 CDL EA . 58.89 18.02 -8.33
OB6 CDL EA . 58.47 17.09 -7.37
CB5 CDL EA . 58.94 15.77 -7.59
OB7 CDL EA . 59.41 15.47 -8.64
C51 CDL EA . 58.86 14.69 -6.48
C52 CDL EA . 58.54 15.29 -5.09
C53 CDL EA . 59.32 14.57 -3.96
C54 CDL EA . 58.74 14.86 -2.55
C55 CDL EA . 58.26 16.33 -2.39
C56 CDL EA . 57.28 16.47 -1.20
C57 CDL EA . 57.77 17.46 -0.11
C58 CDL EA . 56.68 17.77 0.93
C59 CDL EA . 57.12 18.86 1.95
C60 CDL EA . 56.60 18.58 3.39
CB6 CDL EA . 59.11 19.39 -7.69
OB8 CDL EA . 57.85 19.93 -7.24
CB7 CDL EA . 57.49 21.18 -7.84
OB9 CDL EA . 56.69 21.22 -8.70
C71 CDL EA . 58.16 22.51 -7.35
C72 CDL EA . 58.00 23.67 -8.38
C73 CDL EA . 56.94 24.73 -7.93
C74 CDL EA . 56.21 25.37 -9.14
C75 CDL EA . 56.28 26.92 -9.13
C76 CDL EA . 57.26 27.47 -10.20
C77 CDL EA . 56.54 28.35 -11.27
C78 CDL EA . 57.25 28.33 -12.65
C79 CDL EA . 58.71 27.81 -12.58
C80 CDL EA . 59.15 27.09 -13.88
C81 CDL EA . 60.56 26.46 -13.78
C82 CDL EA . 61.14 26.48 -12.33
C83 CDL EA . 62.62 26.02 -12.28
C84 CDL EA . 62.94 24.97 -13.39
C85 CDL EA . 64.01 23.95 -12.92
C86 CDL EA . 63.64 22.49 -13.32
C87 CDL EA . 64.23 22.13 -14.70
CU CU FA . -75.78 -2.15 -2.82
CU CU GA . -75.69 -3.23 -3.34
CU CU HA . -77.39 -6.69 -12.56
C1 CDL IA . -43.97 -21.37 -40.35
O1 CDL IA . -44.28 -22.51 -41.11
CA2 CDL IA . -43.38 -21.85 -39.00
OA2 CDL IA . -44.41 -21.89 -38.05
PA1 CDL IA . -43.97 -22.03 -36.46
OA3 CDL IA . -45.16 -22.50 -35.65
OA4 CDL IA . -42.86 -23.05 -36.35
OA5 CDL IA . -43.45 -20.58 -35.88
CA3 CDL IA . -44.40 -19.65 -35.49
CA4 CDL IA . -44.06 -18.30 -36.14
OA6 CDL IA . -44.53 -17.28 -35.32
CA5 CDL IA . -43.86 -16.05 -35.46
OA7 CDL IA . -42.96 -15.94 -36.23
C11 CDL IA . -44.31 -14.83 -34.63
C12 CDL IA . -44.42 -15.16 -33.12
C13 CDL IA . -44.96 -13.96 -32.30
C14 CDL IA . -45.20 -14.32 -30.81
C15 CDL IA . -46.19 -13.36 -30.11
C16 CDL IA . -45.48 -12.14 -29.47
C17 CDL IA . -45.93 -11.89 -28.00
CA6 CDL IA . -44.76 -18.22 -37.51
OA8 CDL IA . -46.13 -18.56 -37.30
CA7 CDL IA . -47.00 -17.97 -38.25
OA9 CDL IA . -46.66 -17.82 -39.36
C31 CDL IA . -48.42 -17.53 -37.81
C32 CDL IA . -49.04 -16.54 -38.81
C33 CDL IA . -49.64 -15.29 -38.12
C34 CDL IA . -48.97 -14.97 -36.77
C35 CDL IA . -49.30 -13.55 -36.28
C36 CDL IA . -48.97 -13.35 -34.79
C37 CDL IA . -48.35 -11.96 -34.52
C38 CDL IA . -47.87 -11.80 -33.06
C39 CDL IA . -49.01 -11.42 -32.11
C40 CDL IA . -48.90 -9.96 -31.62
C41 CDL IA . -49.85 -9.66 -30.45
C42 CDL IA . -50.44 -8.25 -30.53
CB2 CDL IA . -42.96 -20.53 -41.15
OB2 CDL IA . -42.84 -19.28 -40.51
PB2 CDL IA . -41.61 -18.27 -40.96
OB3 CDL IA . -40.31 -18.77 -40.39
OB4 CDL IA . -41.50 -18.26 -42.48
OB5 CDL IA . -41.92 -16.74 -40.41
CB3 CDL IA . -43.08 -16.07 -40.88
CB4 CDL IA . -43.18 -14.71 -40.19
OB6 CDL IA . -41.97 -14.41 -39.55
CB5 CDL IA . -41.22 -13.38 -40.17
OB7 CDL IA . -40.90 -13.48 -41.31
C51 CDL IA . -40.80 -12.11 -39.37
C52 CDL IA . -41.85 -11.74 -38.30
C53 CDL IA . -41.23 -11.04 -37.07
C54 CDL IA . -42.20 -10.96 -35.88
C55 CDL IA . -42.13 -9.59 -35.16
C56 CDL IA . -42.89 -9.59 -33.81
C57 CDL IA . -42.32 -8.53 -32.84
C58 CDL IA . -43.25 -8.28 -31.62
C59 CDL IA . -42.66 -7.23 -30.66
C60 CDL IA . -43.43 -5.88 -30.71
C61 CDL IA . -42.92 -4.86 -29.69
C62 CDL IA . -42.76 -3.44 -30.29
C63 CDL IA . -43.71 -2.40 -29.64
C64 CDL IA . -43.29 -2.05 -28.19
CB6 CDL IA . -44.31 -14.76 -39.16
OB8 CDL IA . -45.49 -14.20 -39.74
CB7 CDL IA . -45.93 -13.00 -39.12
OB9 CDL IA . -46.31 -13.01 -38.00
C71 CDL IA . -45.90 -11.65 -39.92
C72 CDL IA . -46.72 -10.51 -39.21
C73 CDL IA . -45.80 -9.47 -38.50
C74 CDL IA . -46.23 -9.24 -37.02
C75 CDL IA . -45.95 -7.81 -36.50
C76 CDL IA . -46.94 -7.42 -35.38
C77 CDL IA . -46.28 -6.66 -34.20
C78 CDL IA . -47.28 -6.40 -33.04
C79 CDL IA . -47.54 -4.88 -32.82
C80 CDL IA . -47.36 -4.45 -31.34
C81 CDL IA . -48.69 -4.10 -30.66
C1 CDL JA . -40.85 -41.18 -15.98
O1 CDL JA . -41.17 -42.20 -15.06
CA2 CDL JA . -39.98 -40.15 -15.25
OA2 CDL JA . -40.09 -38.94 -15.96
PA1 CDL JA . -38.97 -37.76 -15.65
OA3 CDL JA . -37.80 -38.36 -14.89
OA4 CDL JA . -38.50 -37.17 -16.95
OA5 CDL JA . -39.66 -36.58 -14.72
CA3 CDL JA . -41.05 -36.54 -14.66
CA4 CDL JA . -41.42 -35.80 -13.39
OA6 CDL JA . -42.09 -36.67 -12.53
CA5 CDL JA . -41.80 -36.42 -11.18
OA7 CDL JA . -41.21 -35.43 -10.88
C11 CDL JA . -42.22 -37.41 -10.07
C12 CDL JA . -42.68 -36.66 -8.79
C13 CDL JA . -43.82 -35.65 -9.06
C14 CDL JA . -44.54 -35.20 -7.76
C15 CDL JA . -45.75 -34.27 -8.04
C16 CDL JA . -46.42 -33.79 -6.73
C17 CDL JA . -47.97 -33.80 -6.81
C18 CDL JA . -48.63 -33.14 -5.58
CA6 CDL JA . -42.32 -34.60 -13.73
OA8 CDL JA . -42.03 -33.56 -12.82
CA7 CDL JA . -42.68 -32.33 -13.11
OA9 CDL JA . -43.58 -32.31 -13.89
C31 CDL JA . -42.22 -31.03 -12.40
C32 CDL JA . -43.41 -30.27 -11.78
C33 CDL JA . -44.29 -31.17 -10.91
C34 CDL JA . -44.50 -30.62 -9.48
C35 CDL JA . -44.75 -29.10 -9.48
C36 CDL JA . -45.50 -28.62 -8.21
C37 CDL JA . -45.27 -27.11 -7.94
CB2 CDL JA . -42.17 -40.60 -16.53
OB2 CDL JA . -42.68 -41.52 -17.47
PB2 CDL JA . -43.79 -40.97 -18.58
OB3 CDL JA . -43.19 -39.86 -19.40
OB4 CDL JA . -44.21 -42.09 -19.49
OB5 CDL JA . -45.12 -40.42 -17.76
CB3 CDL JA . -46.14 -41.38 -17.51
CB4 CDL JA . -47.34 -40.63 -16.91
OB6 CDL JA . -47.12 -39.26 -16.99
CB5 CDL JA . -47.63 -38.63 -18.15
OB7 CDL JA . -47.42 -39.07 -19.24
C51 CDL JA . -48.47 -37.34 -18.02
C52 CDL JA . -47.94 -36.22 -18.96
C53 CDL JA . -48.54 -34.84 -18.58
C54 CDL JA . -48.43 -34.58 -17.05
C55 CDL JA . -47.63 -33.31 -16.74
C56 CDL JA . -48.36 -32.02 -17.20
C57 CDL JA . -47.68 -30.76 -16.65
C58 CDL JA . -47.70 -29.59 -17.66
C59 CDL JA . -46.67 -28.48 -17.34
C60 CDL JA . -46.22 -28.49 -15.87
C61 CDL JA . -45.44 -27.19 -15.50
C62 CDL JA . -46.20 -26.33 -14.46
C63 CDL JA . -45.30 -25.23 -13.84
C64 CDL JA . -45.56 -25.04 -12.33
C65 CDL JA . -44.74 -26.05 -11.47
C66 CDL JA . -43.43 -25.43 -10.94
C67 CDL JA . -42.18 -26.23 -11.38
CB6 CDL JA . -47.47 -41.07 -15.45
OB8 CDL JA . -48.79 -40.78 -14.99
CB7 CDL JA . -48.94 -40.97 -13.58
OB9 CDL JA . -48.70 -42.02 -13.11
C71 CDL JA . -49.40 -39.79 -12.67
C72 CDL JA . -50.96 -39.74 -12.58
C73 CDL JA . -51.51 -38.30 -12.74
C74 CDL JA . -52.66 -38.00 -11.75
C75 CDL JA . -53.67 -36.98 -12.34
C76 CDL JA . -54.98 -36.90 -11.52
C77 CDL JA . -56.17 -36.39 -12.36
C78 CDL JA . -55.72 -35.71 -13.68
C79 CDL JA . -56.92 -35.18 -14.52
C80 CDL JA . -57.23 -36.10 -15.72
C81 CDL JA . -56.36 -35.75 -16.95
C82 CDL JA . -56.90 -36.41 -18.25
C83 CDL JA . -55.76 -37.09 -19.05
C84 CDL JA . -56.01 -37.01 -20.58
C85 CDL JA . -57.37 -37.64 -20.97
C86 CDL JA . -57.41 -38.10 -22.44
C87 CDL JA . -58.75 -37.72 -23.13
C1 PLM KA . -58.77 -16.25 9.71
O2 PLM KA . -57.79 -16.63 10.41
C2 PLM KA . -59.45 -17.35 8.82
C3 PLM KA . -59.74 -16.94 7.37
C4 PLM KA . -59.98 -18.12 6.42
C5 PLM KA . -59.96 -17.75 4.93
C6 PLM KA . -59.91 -18.94 3.98
C7 PLM KA . -59.76 -18.57 2.51
C8 PLM KA . -58.66 -17.53 2.25
C9 PLM KA . -58.34 -17.33 0.75
CA PLM KA . -57.73 -18.57 0.07
CB PLM KA . -58.69 -19.29 -0.88
CC PLM KA . -58.23 -20.70 -1.27
CD PLM KA . -56.80 -20.76 -1.80
CE PLM KA . -56.60 -20.05 -3.15
CF PLM KA . -55.18 -20.17 -3.70
CG PLM KA . -54.68 -21.62 -3.78
CU CU LA . -76.21 -14.29 -22.01
FE HEA MA . -77.66 -17.96 -20.51
CHA HEA MA . -77.29 -15.25 -18.30
CHB HEA MA . -80.71 -16.73 -21.74
CHC HEA MA . -77.80 -20.49 -22.90
CHD HEA MA . -74.59 -19.15 -19.44
NA HEA MA . -78.75 -16.36 -20.11
C1A HEA MA . -78.47 -15.30 -19.16
C2A HEA MA . -79.52 -14.25 -19.14
C3A HEA MA . -80.49 -14.69 -20.14
C4A HEA MA . -80.01 -15.96 -20.72
CMA HEA MA . -81.72 -13.96 -20.47
OMA HEA MA . -81.85 -13.44 -21.56
CAA HEA MA . -79.57 -13.01 -18.30
CBA HEA MA . -79.92 -13.45 -16.90
CGA HEA MA . -79.77 -12.32 -15.93
O1A HEA MA . -80.78 -11.92 -15.35
O2A HEA MA . -78.71 -11.66 -15.92
NB HEA MA . -79.01 -18.51 -22.03
C1B HEA MA . -80.17 -17.92 -22.40
C2B HEA MA . -80.91 -18.54 -23.51
C3B HEA MA . -80.05 -19.67 -23.88
C4B HEA MA . -78.92 -19.54 -22.91
CMB HEA MA . -82.21 -18.12 -24.13
NC HEA MA . -76.40 -19.55 -21.08
C1C HEA MA . -76.59 -20.46 -22.04
C2C HEA MA . -75.52 -21.47 -22.21
C3C HEA MA . -74.59 -21.04 -21.17
C4C HEA MA . -75.21 -19.87 -20.55
CMC HEA MA . -75.44 -22.61 -23.19
CAC HEA MA . -73.28 -21.64 -20.80
CBC HEA MA . -72.79 -22.67 -21.42
ND HEA MA . -76.21 -17.33 -19.12
C1D HEA MA . -75.05 -17.91 -18.82
C2D HEA MA . -74.22 -17.23 -17.80
C3D HEA MA . -75.05 -16.07 -17.46
C4D HEA MA . -76.22 -16.23 -18.33
CMD HEA MA . -72.88 -17.65 -17.25
CAD HEA MA . -74.82 -14.94 -16.49
CBD HEA MA . -73.36 -14.74 -16.15
CGD HEA MA . -73.28 -13.63 -15.14
O1D HEA MA . -74.15 -12.75 -15.21
O2D HEA MA . -72.57 -13.78 -14.14
C11 HEA MA . -80.30 -20.65 -24.96
O11 HEA MA . -79.08 -20.95 -25.62
C12 HEA MA . -80.92 -21.94 -24.41
C13 HEA MA . -81.82 -22.62 -25.43
C14 HEA MA . -82.12 -23.99 -24.88
C15 HEA MA . -83.26 -24.68 -25.10
C16 HEA MA . -84.26 -24.24 -26.12
C17 HEA MA . -84.22 -25.28 -27.24
C18 HEA MA . -85.56 -25.33 -27.92
C19 HEA MA . -86.42 -26.32 -27.71
C20 HEA MA . -87.79 -26.23 -28.29
C21 HEA MA . -88.70 -25.62 -27.24
C22 HEA MA . -88.54 -24.11 -27.24
C23 HEA MA . -89.09 -23.34 -26.29
C24 HEA MA . -89.27 -23.87 -24.90
C25 HEA MA . -89.86 -22.13 -26.72
C26 HEA MA . -83.37 -26.08 -24.59
C27 HEA MA . -85.99 -27.53 -26.93
FE HEA NA . -70.14 -21.81 -9.12
CHA HEA NA . -71.22 -18.54 -8.50
CHB HEA NA . -71.46 -22.99 -6.09
CHC HEA NA . -69.06 -25.02 -9.84
CHD HEA NA . -69.15 -20.80 -12.30
NA HEA NA . -71.11 -20.97 -7.63
C1A HEA NA . -71.52 -19.57 -7.52
C2A HEA NA . -72.26 -19.29 -6.27
C3A HEA NA . -72.33 -20.58 -5.58
C4A HEA NA . -71.63 -21.58 -6.41
CMA HEA NA . -72.98 -20.78 -4.26
OMA HEA NA . -73.96 -21.47 -4.10
CAA HEA NA . -72.83 -17.97 -5.82
CBA HEA NA . -71.78 -17.23 -5.02
CGA HEA NA . -72.31 -15.88 -4.69
O1A HEA NA . -72.73 -15.71 -3.54
O2A HEA NA . -72.72 -15.18 -5.63
NB HEA NA . -70.23 -23.67 -8.13
C1B HEA NA . -70.79 -23.97 -6.94
C2B HEA NA . -70.68 -25.38 -6.52
C3B HEA NA . -69.97 -26.00 -7.64
C4B HEA NA . -69.76 -24.86 -8.55
CMB HEA NA . -71.20 -26.00 -5.25
NC HEA NA . -69.27 -22.75 -10.78
C1C HEA NA . -68.90 -24.04 -10.92
C2C HEA NA . -68.32 -24.41 -12.23
C3C HEA NA . -68.35 -23.14 -12.93
C4C HEA NA . -68.95 -22.20 -11.97
CMC HEA NA . -67.81 -25.75 -12.70
CAC HEA NA . -67.91 -22.80 -14.30
CBC HEA NA . -67.85 -23.70 -15.25
ND HEA NA . -70.17 -20.00 -10.20
C1D HEA NA . -69.74 -19.76 -11.45
C2D HEA NA . -69.87 -18.39 -11.95
C3D HEA NA . -70.50 -17.71 -10.81
C4D HEA NA . -70.63 -18.79 -9.82
CMD HEA NA . -69.48 -17.84 -13.28
CAD HEA NA . -70.89 -16.27 -10.69
CBD HEA NA . -69.61 -15.48 -10.57
CGD HEA NA . -69.83 -14.25 -9.76
O1D HEA NA . -70.63 -14.32 -8.81
O2D HEA NA . -69.01 -13.33 -9.85
C11 HEA NA . -69.57 -27.42 -7.77
O11 HEA NA . -69.87 -27.86 -9.09
C12 HEA NA . -68.07 -27.54 -7.56
C13 HEA NA . -67.70 -28.44 -6.40
C14 HEA NA . -66.37 -29.06 -6.72
C15 HEA NA . -65.41 -29.30 -5.81
C16 HEA NA . -63.96 -29.41 -6.16
C17 HEA NA . -63.40 -30.44 -5.18
C18 HEA NA . -62.47 -29.78 -4.20
C19 HEA NA . -61.58 -30.51 -3.53
C20 HEA NA . -60.50 -29.83 -2.74
C21 HEA NA . -59.23 -30.66 -2.90
C22 HEA NA . -58.33 -30.00 -3.93
C23 HEA NA . -57.07 -29.62 -3.65
C24 HEA NA . -56.34 -30.23 -2.48
C25 HEA NA . -56.51 -28.42 -4.32
C26 HEA NA . -65.73 -29.09 -4.37
C27 HEA NA . -61.68 -32.00 -3.54
N 9Y0 OA . -46.48 12.12 -14.86
C 9Y0 OA . -49.34 13.21 -21.06
O 9Y0 OA . -49.31 16.49 -17.24
C1 9Y0 OA . -49.44 12.81 -19.58
C10 9Y0 OA . -49.10 6.39 -25.18
C11 9Y0 OA . -49.97 5.35 -25.86
C12 9Y0 OA . -50.41 4.23 -24.90
C13 9Y0 OA . -51.50 4.70 -23.96
C14 9Y0 OA . -51.93 3.93 -22.97
C15 9Y0 OA . -51.35 2.54 -22.73
C16 9Y0 OA . -52.04 1.83 -21.58
C2 9Y0 OA . -49.68 14.06 -18.74
C21 9Y0 OA . -48.37 10.82 -19.01
C22 9Y0 OA . -47.35 9.88 -19.64
C23 9Y0 OA . -48.02 8.74 -20.41
C24 9Y0 OA . -47.47 7.37 -20.02
C25 9Y0 OA . -46.83 6.65 -21.19
C26 9Y0 OA . -47.70 5.49 -21.70
C27 9Y0 OA . -47.41 4.18 -20.97
C28 9Y0 OA . -46.85 3.12 -21.90
C29 9Y0 OA . -46.93 1.72 -21.30
C3 9Y0 OA . -46.87 14.53 -15.00
C30 9Y0 OA . -46.92 0.63 -22.37
C31 9Y0 OA . -47.74 -0.59 -21.95
C32 9Y0 OA . -47.01 -1.91 -22.23
C33 9Y0 OA . -47.54 -3.04 -21.36
C34 9Y0 OA . -47.37 -4.42 -22.01
C35 9Y0 OA . -47.81 -5.55 -21.10
C36 9Y0 OA . -48.85 -6.45 -21.75
C4 9Y0 OA . -46.35 13.29 -15.72
C5 9Y0 OA . -49.12 12.08 -23.09
C6 9Y0 OA . -48.38 10.82 -23.56
C7 9Y0 OA . -49.03 10.18 -24.78
C8 9Y0 OA . -48.42 8.83 -25.13
C9 9Y0 OA . -49.45 7.82 -25.58
O1 9Y0 OA . -47.33 15.43 -15.96
O2 9Y0 OA . -49.80 14.95 -15.40
O3 9Y0 OA . -48.89 13.96 -17.59
O4 9Y0 OA . -49.19 13.02 -23.81
O5 9Y0 OA . -49.74 12.11 -21.84
O6 9Y0 OA . -49.26 10.37 -18.37
O7 9Y0 OA . -48.26 12.20 -19.18
P 9Y0 OA . -48.86 15.23 -16.54
C1 CDL PA . -39.36 -43.04 -8.31
O1 CDL PA . -39.28 -41.80 -8.97
CA2 CDL PA . -38.04 -43.81 -8.55
OA2 CDL PA . -36.95 -42.98 -8.22
PA1 CDL PA . -36.37 -42.99 -6.67
OA3 CDL PA . -35.41 -44.15 -6.46
OA4 CDL PA . -37.52 -43.14 -5.71
OA5 CDL PA . -35.61 -41.54 -6.36
CA3 CDL PA . -35.44 -41.16 -5.02
CA4 CDL PA . -36.20 -39.86 -4.77
OA6 CDL PA . -35.43 -38.99 -3.99
CA5 CDL PA . -34.97 -37.85 -4.68
OA7 CDL PA . -34.05 -37.94 -5.42
C11 CDL PA . -35.65 -36.49 -4.47
C12 CDL PA . -34.63 -35.34 -4.29
C13 CDL PA . -34.12 -35.22 -2.84
C14 CDL PA . -32.88 -34.29 -2.71
C15 CDL PA . -31.93 -34.74 -1.57
C16 CDL PA . -30.55 -34.02 -1.64
C17 CDL PA . -29.37 -35.02 -1.64
C18 CDL PA . -28.02 -34.35 -1.29
C19 CDL PA . -27.87 -34.07 0.23
C20 CDL PA . -26.43 -33.63 0.62
C21 CDL PA . -26.38 -32.98 2.03
C22 CDL PA . -27.15 -31.63 2.09
C23 CDL PA . -27.97 -31.46 3.39
C24 CDL PA . -29.48 -31.14 3.11
C25 CDL PA . -30.54 -31.54 2.05
C26 CDL PA . -31.77 -32.23 2.67
C27 CDL PA . -32.26 -33.44 1.83
CA6 CDL PA . -37.51 -40.18 -4.03
OA8 CDL PA . -38.52 -39.29 -4.47
CA7 CDL PA . -39.12 -39.64 -5.72
OA9 CDL PA . -38.87 -40.67 -6.24
C31 CDL PA . -40.12 -38.67 -6.39
C32 CDL PA . -40.62 -37.58 -5.43
C33 CDL PA . -39.67 -36.37 -5.36
C34 CDL PA . -40.38 -35.06 -5.73
C35 CDL PA . -40.00 -33.90 -4.79
C36 CDL PA . -38.52 -33.95 -4.35
C37 CDL PA . -38.33 -33.36 -2.93
C38 CDL PA . -39.05 -32.02 -2.75
C39 CDL PA . -39.15 -31.61 -1.28
C40 CDL PA . -40.04 -30.35 -1.09
C41 CDL PA . -41.49 -30.71 -0.77
C42 CDL PA . -42.42 -29.50 -0.89
CB2 CDL PA . -40.60 -43.78 -8.81
OB2 CDL PA . -41.65 -42.83 -8.95
PB2 CDL PA . -43.06 -43.06 -8.12
OB3 CDL PA . -42.81 -42.88 -6.64
OB4 CDL PA . -43.58 -44.46 -8.38
OB5 CDL PA . -44.19 -41.94 -8.60
CB3 CDL PA . -44.38 -40.80 -7.76
CB4 CDL PA . -45.88 -40.49 -7.69
OB6 CDL PA . -46.47 -40.57 -8.97
CB5 CDL PA . -46.51 -39.37 -9.74
OB7 CDL PA . -47.48 -38.68 -9.73
C51 CDL PA . -45.29 -38.97 -10.60
C52 CDL PA . -44.67 -40.15 -11.38
C53 CDL PA . -44.83 -39.98 -12.91
C54 CDL PA . -44.65 -38.50 -13.34
C55 CDL PA . -45.92 -37.93 -14.04
C56 CDL PA . -45.98 -36.39 -13.96
C57 CDL PA . -46.56 -35.88 -12.62
C58 CDL PA . -47.72 -34.87 -12.83
C59 CDL PA . -48.16 -34.20 -11.51
C60 CDL PA . -49.70 -34.01 -11.43
CB6 CDL PA . -46.08 -39.11 -7.04
OB8 CDL PA . -46.59 -39.29 -5.72
CB7 CDL PA . -48.02 -39.31 -5.62
OB9 CDL PA . -48.67 -39.06 -6.59
C71 CDL PA . -48.72 -39.64 -4.26
C72 CDL PA . -49.77 -40.78 -4.39
C73 CDL PA . -51.07 -40.48 -3.59
C74 CDL PA . -51.56 -41.69 -2.74
C75 CDL PA . -51.41 -43.04 -3.48
C76 CDL PA . -50.86 -44.17 -2.56
C77 CDL PA . -51.32 -45.57 -3.02
C78 CDL PA . -50.14 -46.41 -3.58
C79 CDL PA . -50.51 -47.10 -4.91
C80 CDL PA . -49.43 -46.89 -6.00
C81 CDL PA . -48.97 -48.22 -6.65
C82 CDL PA . -49.78 -49.45 -6.15
C83 CDL PA . -48.88 -50.54 -5.52
C84 CDL PA . -49.70 -51.54 -4.66
C85 CDL PA . -49.16 -51.63 -3.21
C86 CDL PA . -49.08 -53.09 -2.69
C87 CDL PA . -49.27 -53.16 -1.15
CHA HEM QA . 24.53 -7.38 -8.19
CHB HEM QA . 21.25 -6.26 -4.84
CHC HEM QA . 21.62 -1.59 -6.07
CHD HEM QA . 24.39 -2.83 -9.84
C1A HEM QA . 23.70 -7.46 -7.10
C2A HEM QA . 23.57 -8.61 -6.22
C3A HEM QA . 22.65 -8.30 -5.30
C4A HEM QA . 22.18 -6.96 -5.56
CMA HEM QA . 22.17 -9.20 -4.15
CAA HEM QA . 24.34 -9.93 -6.36
CBA HEM QA . 25.37 -10.10 -5.24
CGA HEM QA . 26.42 -9.03 -5.29
O1A HEM QA . 26.66 -8.37 -4.26
O2A HEM QA . 27.02 -8.82 -6.37
C1B HEM QA . 21.00 -4.90 -4.91
C2B HEM QA . 19.97 -4.17 -4.21
C3B HEM QA . 20.07 -2.88 -4.56
C4B HEM QA . 21.17 -2.75 -5.48
CMB HEM QA . 18.97 -4.86 -3.25
CAB HEM QA . 19.22 -1.66 -4.10
CBB HEM QA . 18.16 -1.72 -3.29
C1C HEM QA . 22.51 -1.52 -7.12
C2C HEM QA . 23.23 -0.33 -7.55
C3C HEM QA . 23.99 -0.67 -8.59
C4C HEM QA . 23.80 -2.08 -8.85
CMC HEM QA . 23.12 1.08 -6.93
CAC HEM QA . 24.92 0.28 -9.38
C1D HEM QA . 24.63 -4.18 -9.76
C2D HEM QA . 25.29 -5.00 -10.74
C3D HEM QA . 25.32 -6.25 -10.28
C4D HEM QA . 24.70 -6.26 -8.99
CMD HEM QA . 25.85 -4.51 -12.09
CAD HEM QA . 25.94 -7.47 -11.00
CBD HEM QA . 27.39 -7.58 -10.56
CGD HEM QA . 27.94 -8.92 -10.96
O1D HEM QA . 27.16 -9.77 -11.44
O2D HEM QA . 29.16 -9.13 -10.80
NA HEM QA . 22.85 -6.47 -6.67
NB HEM QA . 21.71 -4.01 -5.68
NC HEM QA . 22.89 -2.56 -7.93
ND HEM QA . 24.28 -4.99 -8.70
FE HEM QA . 22.96 -4.48 -7.22
CHA HEM RA . 8.31 6.05 8.83
CHB HEM RA . 12.05 4.99 5.93
CHC HEM RA . 9.47 1.47 3.83
CHD HEM RA . 5.76 2.48 6.81
C1A HEM RA . 9.57 5.98 8.29
C2A HEM RA . 10.75 6.65 8.81
C3A HEM RA . 11.77 6.35 8.02
C4A HEM RA . 11.29 5.51 6.95
CMA HEM RA . 13.23 6.84 8.19
CAA HEM RA . 10.78 7.53 10.09
CBA HEM RA . 10.91 6.61 11.29
CGA HEM RA . 10.70 7.41 12.55
O1A HEM RA . 11.71 7.82 13.17
O2A HEM RA . 9.54 7.63 12.95
C1B HEM RA . 11.67 3.98 5.07
C2B HEM RA . 12.43 3.51 3.94
C3B HEM RA . 11.73 2.53 3.35
C4B HEM RA . 10.49 2.37 4.08
CMB HEM RA . 13.80 4.01 3.48
CAB HEM RA . 12.24 1.79 2.10
CBB HEM RA . 11.57 0.79 1.53
C1C HEM RA . 8.24 1.44 4.45
C2C HEM RA . 7.14 0.54 4.15
C3C HEM RA . 6.12 0.83 4.97
C4C HEM RA . 6.54 1.91 5.82
CMC HEM RA . 7.20 -0.53 3.04
CAC HEM RA . 4.72 0.19 5.10
CBC HEM RA . 4.35 -0.95 4.52
C1D HEM RA . 6.10 3.57 7.57
C2D HEM RA . 5.21 4.31 8.44
C3D HEM RA . 5.91 5.30 9.00
C4D HEM RA . 7.27 5.22 8.50
CMD HEM RA . 3.72 4.00 8.69
CAD HEM RA . 5.39 6.34 10.01
CBD HEM RA . 5.34 5.74 11.40
CGD HEM RA . 6.31 6.47 12.29
O1D HEM RA . 6.97 7.42 11.81
O2D HEM RA . 6.43 6.11 13.48
NA HEM RA . 9.94 5.30 7.16
NB HEM RA . 10.49 3.27 5.12
NC HEM RA . 7.83 2.26 5.49
ND HEM RA . 7.34 4.15 7.62
FE HEM RA . 8.92 3.71 6.39
C1 CDL SA . 42.78 -14.70 7.67
O1 CDL SA . 44.04 -15.19 8.06
CA2 CDL SA . 42.72 -13.21 8.06
OA2 CDL SA . 44.02 -12.75 8.30
PA1 CDL SA . 44.47 -11.27 7.71
OA3 CDL SA . 43.61 -10.91 6.53
OA4 CDL SA . 45.92 -11.30 7.28
OA5 CDL SA . 44.30 -10.12 8.89
CA3 CDL SA . 43.39 -10.36 9.93
CA4 CDL SA . 42.45 -9.17 10.01
OA6 CDL SA . 42.52 -8.62 11.29
CA5 CDL SA . 43.66 -7.81 11.54
OA7 CDL SA . 44.37 -7.48 10.65
C11 CDL SA . 43.96 -7.37 12.98
C12 CDL SA . 42.81 -6.48 13.53
C13 CDL SA . 42.43 -6.87 14.98
C14 CDL SA . 41.01 -7.48 15.07
C15 CDL SA . 40.56 -7.73 16.54
C16 CDL SA . 40.70 -6.47 17.43
C17 CDL SA . 39.38 -6.16 18.18
C18 CDL SA . 39.51 -4.93 19.13
C19 CDL SA . 38.22 -4.71 19.98
C20 CDL SA . 38.29 -3.40 20.81
CA6 CDL SA . 41.00 -9.64 9.79
OA8 CDL SA . 40.19 -9.03 10.79
CA7 CDL SA . 39.21 -8.17 10.25
OA9 CDL SA . 39.18 -7.97 9.08
C31 CDL SA . 38.17 -7.49 11.17
C32 CDL SA . 37.97 -5.99 10.87
C33 CDL SA . 36.99 -5.74 9.72
C34 CDL SA . 36.04 -4.55 9.99
C35 CDL SA . 35.88 -3.63 8.77
C36 CDL SA . 37.05 -2.62 8.65
C37 CDL SA . 36.68 -1.38 7.81
C38 CDL SA . 37.55 -0.16 8.16
C39 CDL SA . 37.82 0.75 6.95
CB2 CDL SA . 41.72 -15.55 8.40
OB2 CDL SA . 40.43 -14.97 8.21
PB2 CDL SA . 39.12 -15.89 8.65
OB3 CDL SA . 38.04 -15.78 7.60
OB4 CDL SA . 39.55 -17.33 8.79
OB5 CDL SA . 38.52 -15.35 10.10
CB3 CDL SA . 39.42 -14.71 11.00
CB4 CDL SA . 38.60 -13.87 11.98
OB6 CDL SA . 39.27 -12.66 12.23
CB5 CDL SA . 38.45 -11.70 12.87
OB7 CDL SA . 37.46 -11.32 12.34
C51 CDL SA . 38.85 -11.14 14.26
C52 CDL SA . 38.23 -9.74 14.52
C53 CDL SA . 37.08 -9.80 15.56
C54 CDL SA . 37.60 -10.28 16.94
C55 CDL SA . 36.57 -11.19 17.67
C56 CDL SA . 35.56 -10.38 18.49
C57 CDL SA . 36.25 -9.49 19.55
C58 CDL SA . 35.26 -8.50 20.24
C59 CDL SA . 36.00 -7.48 21.13
C60 CDL SA . 36.04 -7.91 22.62
C61 CDL SA . 35.84 -6.72 23.58
CB6 CDL SA . 38.42 -14.64 13.30
OB8 CDL SA . 37.07 -15.11 13.35
CB7 CDL SA . 36.26 -14.43 14.30
OB9 CDL SA . 36.76 -13.93 15.26
C71 CDL SA . 34.71 -14.36 14.11
C72 CDL SA . 34.13 -12.93 14.34
C73 CDL SA . 33.80 -12.22 13.00
C74 CDL SA . 32.80 -11.03 13.21
C75 CDL SA . 33.55 -9.67 13.27
C76 CDL SA . 32.60 -8.50 13.64
C77 CDL SA . 33.07 -7.17 13.01
C78 CDL SA . 33.55 -6.13 14.07
C79 CDL SA . 33.15 -6.50 15.52
C80 CDL SA . 31.93 -5.67 16.02
C81 CDL SA . 32.32 -4.23 16.41
C82 CDL SA . 31.39 -3.19 15.74
C83 CDL SA . 32.08 -1.83 15.51
C84 CDL SA . 32.70 -1.26 16.82
C85 CDL SA . 32.92 0.27 16.74
C86 CDL SA . 34.38 0.69 17.06
C87 CDL SA . 34.44 2.04 17.83
C1 PLM TA . 24.55 39.56 -9.82
O2 PLM TA . 23.56 40.28 -10.13
C2 PLM TA . 25.10 38.62 -10.95
C3 PLM TA . 26.08 37.55 -10.51
C4 PLM TA . 26.61 36.69 -11.66
C5 PLM TA . 27.53 35.54 -11.23
C6 PLM TA . 27.48 34.35 -12.19
C7 PLM TA . 28.71 33.44 -12.14
C8 PLM TA . 28.64 32.26 -13.11
C9 PLM TA . 29.72 31.20 -12.87
CA PLM TA . 29.40 29.85 -13.51
C1 CDL UA . 15.13 -20.75 -19.08
O1 CDL UA . 15.67 -22.04 -19.14
CA2 CDL UA . 16.29 -19.74 -19.04
OA2 CDL UA . 17.25 -20.14 -19.99
PA1 CDL UA . 18.22 -18.97 -20.65
OA3 CDL UA . 19.65 -19.21 -20.20
OA4 CDL UA . 18.13 -19.04 -22.16
OA5 CDL UA . 17.72 -17.47 -20.14
CA3 CDL UA . 16.94 -16.71 -21.02
CA4 CDL UA . 16.40 -15.49 -20.28
OA6 CDL UA . 15.01 -15.54 -20.26
CA5 CDL UA . 14.48 -15.92 -19.01
OA7 CDL UA . 14.93 -16.86 -18.44
C11 CDL UA . 13.32 -15.12 -18.36
C12 CDL UA . 12.84 -15.78 -17.05
C13 CDL UA . 11.75 -14.96 -16.31
C14 CDL UA . 10.89 -15.84 -15.35
C15 CDL UA . 11.41 -15.85 -13.90
C16 CDL UA . 11.85 -14.45 -13.40
C17 CDL UA . 10.70 -13.70 -12.65
C18 CDL UA . 11.22 -12.51 -11.79
C19 CDL UA . 10.81 -11.13 -12.37
C20 CDL UA . 10.35 -10.16 -11.26
C21 CDL UA . 9.48 -8.99 -11.80
C22 CDL UA . 9.93 -8.51 -13.22
CA6 CDL UA . 16.88 -14.21 -20.99
OA8 CDL UA . 16.26 -13.09 -20.39
CA7 CDL UA . 16.88 -12.63 -19.19
OA9 CDL UA . 17.92 -13.07 -18.84
C31 CDL UA . 16.18 -11.53 -18.35
C32 CDL UA . 14.99 -12.07 -17.53
C33 CDL UA . 14.13 -10.94 -16.95
C34 CDL UA . 12.64 -11.33 -16.85
C35 CDL UA . 11.71 -10.14 -17.17
CB2 CDL UA . 14.21 -20.67 -17.84
OB2 CDL UA . 14.97 -20.97 -16.68
PB2 CDL UA . 14.88 -22.50 -16.04
OB3 CDL UA . 13.90 -23.32 -16.83
OB4 CDL UA . 16.23 -23.15 -16.10
OB5 CDL UA . 14.38 -22.42 -14.45
CB3 CDL UA . 13.24 -21.64 -14.11
CB4 CDL UA . 13.10 -21.60 -12.59
OB6 CDL UA . 11.92 -22.23 -12.19
CB5 CDL UA . 12.06 -23.23 -11.18
OB7 CDL UA . 11.76 -24.35 -11.43
C51 CDL UA . 12.60 -22.87 -9.79
C52 CDL UA . 12.02 -23.78 -8.67
C53 CDL UA . 10.47 -23.73 -8.61
C54 CDL UA . 9.81 -25.10 -8.91
C55 CDL UA . 9.21 -25.74 -7.64
C56 CDL UA . 7.94 -26.58 -7.94
C57 CDL UA . 7.53 -27.47 -6.74
C58 CDL UA . 6.07 -27.96 -6.85
C59 CDL UA . 5.06 -26.79 -6.91
C60 CDL UA . 3.81 -27.06 -6.03
C61 CDL UA . 2.77 -25.92 -6.11
C62 CDL UA . 2.51 -25.27 -4.73
CB6 CDL UA . 13.08 -20.14 -12.11
OB8 CDL UA . 14.05 -19.97 -11.08
CB7 CDL UA . 14.46 -18.61 -10.91
OB9 CDL UA . 14.59 -17.91 -11.86
C71 CDL UA . 14.73 -18.03 -9.49
C72 CDL UA . 15.28 -16.57 -9.57
C73 CDL UA . 15.28 -15.86 -8.19
C74 CDL UA . 15.40 -14.32 -8.32
C75 CDL UA . 14.03 -13.64 -8.53
C76 CDL UA . 13.74 -12.54 -7.45
C77 CDL UA . 12.94 -13.12 -6.26
C78 CDL UA . 12.33 -12.02 -5.35
C79 CDL UA . 12.25 -10.63 -6.03
C80 CDL UA . 10.91 -9.90 -5.74
C81 CDL UA . 9.77 -10.33 -6.68
C82 CDL UA . 8.63 -9.28 -6.77
C83 CDL UA . 8.41 -8.76 -8.21
C1 CDL VA . 40.99 -7.35 -4.79
O1 CDL VA . 41.87 -8.21 -5.46
CA2 CDL VA . 41.80 -6.15 -4.26
OA2 CDL VA . 42.14 -5.32 -5.34
PA1 CDL VA . 43.10 -4.01 -5.09
OA3 CDL VA . 44.04 -4.29 -3.94
OA4 CDL VA . 43.91 -3.75 -6.33
OA5 CDL VA . 42.18 -2.70 -4.73
CA3 CDL VA . 42.04 -2.30 -3.41
CA4 CDL VA . 42.31 -0.80 -3.33
OA6 CDL VA . 41.37 -0.11 -4.09
CA5 CDL VA . 40.25 0.35 -3.37
OA7 CDL VA . 39.41 -0.40 -3.03
C11 CDL VA . 40.12 1.85 -3.02
C12 CDL VA . 39.07 2.57 -3.89
C13 CDL VA . 38.33 3.69 -3.11
C14 CDL VA . 39.24 4.90 -2.76
C15 CDL VA . 38.42 6.16 -2.42
C16 CDL VA . 39.20 7.15 -1.51
C17 CDL VA . 38.28 8.18 -0.81
C18 CDL VA . 39.03 9.47 -0.44
C19 CDL VA . 38.26 10.35 0.59
C20 CDL VA . 39.09 11.57 1.07
C21 CDL VA . 38.22 12.63 1.78
CA6 CDL VA . 43.71 -0.50 -3.90
OA8 CDL VA . 43.57 0.52 -4.87
CA7 CDL VA . 44.19 1.74 -4.51
OA9 CDL VA . 45.23 2.05 -5.00
C31 CDL VA . 43.53 2.69 -3.49
C32 CDL VA . 44.34 3.98 -3.29
C33 CDL VA . 43.41 5.18 -3.03
C34 CDL VA . 43.86 6.04 -1.83
C35 CDL VA . 43.52 7.52 -2.05
C36 CDL VA . 43.17 8.25 -0.73
C37 CDL VA . 43.59 9.73 -0.76
C38 CDL VA . 43.37 10.44 0.58
C39 CDL VA . 44.01 11.84 0.61
C40 CDL VA . 45.11 11.98 1.67
C41 CDL VA . 46.46 11.45 1.18
C42 CDL VA . 47.58 11.63 2.21
CB2 CDL VA . 40.31 -8.15 -3.66
OB2 CDL VA . 41.31 -8.73 -2.86
PB2 CDL VA . 41.01 -8.98 -1.25
OB3 CDL VA . 42.13 -9.80 -0.66
OB4 CDL VA . 39.72 -9.75 -1.10
OB5 CDL VA . 40.88 -7.53 -0.45
CB3 CDL VA . 41.16 -7.44 0.94
CB4 CDL VA . 40.46 -6.17 1.47
OB6 CDL VA . 41.17 -5.03 1.05
CB5 CDL VA . 40.71 -4.50 -0.19
OB7 CDL VA . 41.14 -4.92 -1.20
C51 CDL VA . 39.65 -3.37 -0.21
C52 CDL VA . 40.04 -2.15 0.64
C53 CDL VA . 39.14 -0.94 0.30
C54 CDL VA . 39.46 0.31 1.15
C55 CDL VA . 38.31 1.34 1.12
C56 CDL VA . 38.55 2.54 2.07
C57 CDL VA . 37.33 3.48 2.16
C58 CDL VA . 37.59 4.85 1.47
C59 CDL VA . 36.55 5.91 1.88
C60 CDL VA . 37.07 6.81 3.03
C61 CDL VA . 35.96 7.68 3.66
C62 CDL VA . 36.49 9.08 4.09
C63 CDL VA . 36.82 9.16 5.59
CB6 CDL VA . 40.39 -6.17 3.00
OB8 CDL VA . 39.02 -6.06 3.40
CB7 CDL VA . 38.59 -4.76 3.81
OB9 CDL VA . 38.90 -4.33 4.88
C71 CDL VA . 37.69 -3.87 2.88
C72 CDL VA . 36.96 -2.70 3.60
C73 CDL VA . 35.45 -2.61 3.23
C74 CDL VA . 35.14 -1.56 2.13
C75 CDL VA . 34.85 -2.21 0.76
C76 CDL VA . 34.08 -1.30 -0.23
C77 CDL VA . 34.97 -0.80 -1.38
C78 CDL VA . 34.83 -1.67 -2.66
C79 CDL VA . 36.21 -2.08 -3.25
C1 CDL WA . 48.03 -8.54 -1.52
O1 CDL WA . 49.40 -8.71 -1.80
CA2 CDL WA . 47.71 -9.41 -0.28
OA2 CDL WA . 48.60 -9.07 0.74
PA1 CDL WA . 48.18 -9.43 2.31
OA3 CDL WA . 47.04 -10.44 2.31
OA4 CDL WA . 49.37 -10.03 3.02
OA5 CDL WA . 47.69 -8.06 3.08
CA3 CDL WA . 46.55 -7.40 2.59
CA4 CDL WA . 45.74 -6.87 3.78
OA6 CDL WA . 45.28 -7.94 4.54
CA5 CDL WA . 44.35 -7.60 5.54
OA7 CDL WA . 43.23 -7.96 5.45
C11 CDL WA . 44.79 -6.76 6.76
C12 CDL WA . 43.59 -6.37 7.66
C13 CDL WA . 42.69 -5.28 7.01
C14 CDL WA . 41.23 -5.37 7.48
C15 CDL WA . 40.99 -4.62 8.83
C16 CDL WA . 41.85 -3.34 8.94
C17 CDL WA . 41.44 -2.44 10.13
C18 CDL WA . 41.87 -0.97 9.91
C19 CDL WA . 41.40 -0.04 11.05
C20 CDL WA . 42.34 -0.09 12.28
C21 CDL WA . 42.32 1.24 13.08
C22 CDL WA . 42.39 2.48 12.14
C23 CDL WA . 42.16 3.81 12.91
C24 CDL WA . 42.00 5.03 11.96
C25 CDL WA . 40.99 6.21 11.84
C26 CDL WA . 41.54 7.52 12.43
C27 CDL WA . 40.90 8.75 11.77
CA6 CDL WA . 44.56 -6.05 3.22
OA8 CDL WA . 45.09 -4.88 2.63
CA7 CDL WA . 44.28 -3.73 2.79
OA9 CDL WA . 43.73 -3.25 1.86
C31 CDL WA . 44.10 -3.09 4.19
C32 CDL WA . 42.85 -2.20 4.27
C33 CDL WA . 42.93 -1.19 5.43
C34 CDL WA . 42.18 0.12 5.10
C35 CDL WA . 42.22 1.12 6.28
C36 CDL WA . 41.89 2.55 5.83
C37 CDL WA . 41.84 3.55 7.01
CB2 CDL WA . 47.75 -7.05 -1.31
OB2 CDL WA . 48.77 -6.51 -0.49
PB2 CDL WA . 49.31 -4.97 -0.81
OB3 CDL WA . 49.28 -4.74 -2.30
OB4 CDL WA . 50.72 -4.82 -0.31
OB5 CDL WA . 48.33 -3.87 -0.05
CB3 CDL WA . 47.30 -3.26 -0.80
CB4 CDL WA . 46.63 -2.18 0.06
OB6 CDL WA . 46.26 -1.11 -0.77
CB5 CDL WA . 44.93 -0.65 -0.56
OB7 CDL WA . 44.04 -1.41 -0.41
C51 CDL WA . 44.65 0.88 -0.52
C52 CDL WA . 43.71 1.25 0.66
C53 CDL WA . 43.26 2.72 0.59
C54 CDL WA . 43.07 3.33 2.00
C55 CDL WA . 42.00 4.45 2.00
C56 CDL WA . 42.46 5.70 2.80
C57 CDL WA . 41.44 6.86 2.68
C58 CDL WA . 41.41 7.72 3.97
C59 CDL WA . 42.39 8.93 3.89
C60 CDL WA . 41.82 10.19 4.59
C61 CDL WA . 42.42 10.41 5.99
CB6 CDL WA . 47.63 -1.69 1.11
OB8 CDL WA . 47.48 -0.27 1.28
CB7 CDL WA . 47.01 0.08 2.57
OB9 CDL WA . 46.19 -0.60 3.11
C71 CDL WA . 47.53 1.36 3.30
C72 CDL WA . 46.73 1.63 4.61
C73 CDL WA . 47.25 2.87 5.37
C74 CDL WA . 46.23 4.03 5.35
C75 CDL WA . 46.89 5.37 4.98
C76 CDL WA . 45.88 6.55 4.97
C77 CDL WA . 46.39 7.76 5.79
C78 CDL WA . 46.49 9.04 4.92
C79 CDL WA . 47.09 10.23 5.71
C80 CDL WA . 46.04 11.34 5.97
C81 CDL WA . 46.33 12.12 7.27
C82 CDL WA . 45.85 13.60 7.19
C5 MQ9 XA . 20.36 -13.65 -5.84
C5M MQ9 XA . 19.07 -13.66 -6.64
C4 MQ9 XA . 21.55 -13.63 -6.52
O4 MQ9 XA . 21.51 -13.60 -7.90
C3 MQ9 XA . 22.78 -13.61 -5.82
C2 MQ9 XA . 22.79 -13.65 -4.47
C1 MQ9 XA . 21.55 -13.68 -3.76
O1 MQ9 XA . 21.49 -13.70 -2.38
C6 MQ9 XA . 20.37 -13.69 -4.45
C3A MQ9 XA . 23.99 -13.58 -6.55
C3B MQ9 XA . 25.19 -13.57 -5.88
C3C MQ9 XA . 25.22 -13.60 -4.49
C3D MQ9 XA . 24.02 -13.63 -3.78
C7 MQ9 XA . 19.07 -13.73 -3.67
C8 MQ9 XA . 18.39 -15.07 -3.78
C9 MQ9 XA . 17.23 -15.13 -2.80
C10 MQ9 XA . 17.58 -14.27 -1.61
C11 MQ9 XA . 15.93 -14.69 -3.50
C12 MQ9 XA . 15.38 -13.36 -2.98
C13 MQ9 XA . 14.19 -13.52 -2.01
C14 MQ9 XA . 14.27 -12.50 -0.87
C15 MQ9 XA . 13.26 -11.39 -1.14
C16 MQ9 XA . 14.14 -13.16 0.52
C17 MQ9 XA . 12.71 -13.44 1.03
C18 MQ9 XA . 12.63 -13.84 2.53
C19 MQ9 XA . 11.21 -13.89 3.14
C20 MQ9 XA . 10.28 -12.77 2.68
C21 MQ9 XA . 11.16 -14.19 4.68
C22 MQ9 XA . 10.26 -13.28 5.55
C23 MQ9 XA . 9.26 -14.06 6.44
C24 MQ9 XA . 8.45 -13.21 7.44
C25 MQ9 XA . 8.67 -13.61 8.89
C26 MQ9 XA . 6.94 -13.13 7.14
C27 MQ9 XA . 6.22 -12.12 8.06
C28 MQ9 XA . 5.66 -10.85 7.37
C29 MQ9 XA . 4.42 -10.30 8.08
C30 MQ9 XA . 4.71 -9.71 9.45
C31 MQ9 XA . 3.53 -9.40 7.19
C32 MQ9 XA . 2.02 -9.63 7.40
C33 MQ9 XA . 1.65 -11.11 7.15
C34 MQ9 XA . 0.20 -11.52 7.46
C35 MQ9 XA . -0.05 -11.80 8.94
C36 MQ9 XA . -0.22 -12.71 6.56
C37 MQ9 XA . -1.69 -12.68 6.12
C38 MQ9 XA . -2.45 -11.47 6.73
C39 MQ9 XA . -3.96 -11.44 6.42
C40 MQ9 XA . -4.57 -10.07 6.73
C41 MQ9 XA . -4.71 -12.56 7.17
C42 MQ9 XA . -5.80 -13.24 6.33
C43 MQ9 XA . -5.58 -14.74 6.13
C44 MQ9 XA . -6.06 -15.23 4.76
C45 MQ9 XA . -7.42 -15.91 4.86
C46 MQ9 XA . -5.06 -16.19 4.13
C47 MQ9 XA . -3.75 -15.51 3.75
C48 MQ9 XA . -3.08 -16.22 2.58
C49 MQ9 XA . -1.79 -16.91 2.98
C50 MQ9 XA . -0.68 -15.93 3.30
C51 MQ9 XA . -1.37 -17.95 1.95
C5 MQ9 YA . -2.31 -15.93 -18.25
C5M MQ9 YA . -1.06 -15.77 -17.40
C4 MQ9 YA . -2.72 -17.21 -18.51
O4 MQ9 YA . -1.97 -18.26 -18.01
C3 MQ9 YA . -3.86 -17.47 -19.30
C2 MQ9 YA . -4.57 -16.43 -19.78
C1 MQ9 YA . -4.15 -15.09 -19.51
O1 MQ9 YA . -4.84 -13.99 -20.00
C6 MQ9 YA . -3.03 -14.86 -18.76
C3A MQ9 YA . -4.25 -18.80 -19.55
C3B MQ9 YA . -5.37 -19.05 -20.31
C3C MQ9 YA . -6.11 -18.00 -20.83
C3D MQ9 YA . -5.73 -16.69 -20.57
C7 MQ9 YA . -2.65 -13.40 -18.51
C8 MQ9 YA . -1.20 -13.03 -18.79
C9 MQ9 YA . -0.54 -12.56 -17.51
C10 MQ9 YA . 0.95 -12.59 -17.70
C11 MQ9 YA . -1.05 -11.16 -17.11
C12 MQ9 YA . -0.38 -10.59 -15.86
C13 MQ9 YA . -1.11 -10.90 -14.54
C14 MQ9 YA . -0.77 -9.87 -13.44
C15 MQ9 YA . -0.61 -10.61 -12.13
C16 MQ9 YA . -1.79 -8.73 -13.38
C17 MQ9 YA . -1.32 -7.43 -12.66
C18 MQ9 YA . -0.59 -6.42 -13.58
C19 MQ9 YA . -0.38 -5.00 -12.98
C20 MQ9 YA . 1.00 -4.79 -12.35
C21 MQ9 YA . -0.90 -3.83 -13.86
C22 MQ9 YA . -0.01 -2.57 -13.96
C23 MQ9 YA . -0.78 -1.25 -13.73
C24 MQ9 YA . -0.31 -0.41 -12.52
C25 MQ9 YA . -1.28 -0.47 -11.33
C26 MQ9 YA . 0.03 1.05 -12.85
C27 MQ9 YA . -0.49 2.03 -11.77
C28 MQ9 YA . 0.45 2.24 -10.56
C29 MQ9 YA . 1.45 3.39 -10.80
C30 MQ9 YA . 0.79 4.76 -10.87
C31 MQ9 YA . 2.70 3.34 -9.91
C32 MQ9 YA . 2.80 4.50 -8.90
C33 MQ9 YA . 3.78 5.58 -9.37
C34 MQ9 YA . 3.80 6.90 -8.57
C35 MQ9 YA . 3.29 6.74 -7.13
C36 MQ9 YA . 5.21 7.53 -8.60
C37 MQ9 YA . 5.29 8.96 -8.03
C38 MQ9 YA . 6.75 9.43 -7.82
C39 MQ9 YA . 6.93 10.54 -6.75
C40 MQ9 YA . 6.36 11.87 -7.22
C41 MQ9 YA . 8.41 10.68 -6.33
C42 MQ9 YA . 9.32 9.62 -6.93
C43 MQ9 YA . 10.77 10.11 -7.13
C44 MQ9 YA . 10.84 11.31 -8.07
C45 MQ9 YA . 11.81 12.37 -7.56
C46 MQ9 YA . 11.23 10.89 -9.48
C47 MQ9 YA . 12.73 10.73 -9.66
C48 MQ9 YA . 13.04 9.73 -10.77
C49 MQ9 YA . 12.36 8.38 -10.56
C50 MQ9 YA . 13.19 7.46 -9.69
C51 MQ9 YA . 11.96 7.74 -11.87
C5 MQ9 ZA . 12.48 18.76 -6.10
C5M MQ9 ZA . 11.32 18.66 -7.07
C4 MQ9 ZA . 12.40 18.06 -4.92
O4 MQ9 ZA . 11.27 17.30 -4.69
C3 MQ9 ZA . 13.45 18.12 -3.97
C2 MQ9 ZA . 14.54 18.86 -4.23
C1 MQ9 ZA . 14.62 19.59 -5.45
O1 MQ9 ZA . 15.73 20.37 -5.76
C6 MQ9 ZA . 13.61 19.52 -6.36
C3A MQ9 ZA . 13.34 17.38 -2.76
C3B MQ9 ZA . 14.36 17.44 -1.83
C3C MQ9 ZA . 15.50 18.21 -2.09
C3D MQ9 ZA . 15.59 18.92 -3.28
C7 MQ9 ZA . 13.72 20.30 -7.66
C8 MQ9 ZA . 13.98 19.39 -8.85
C9 MQ9 ZA . 14.85 18.23 -8.43
C10 MQ9 ZA . 16.27 18.74 -8.30
C11 MQ9 ZA . 14.75 17.08 -9.44
C12 MQ9 ZA . 15.77 17.19 -10.58
C13 MQ9 ZA . 15.28 18.04 -11.75
C14 MQ9 ZA . 16.19 19.26 -11.98
C15 MQ9 ZA . 15.34 20.51 -11.95
C16 MQ9 ZA . 17.02 19.13 -13.27
C17 MQ9 ZA . 17.10 20.38 -14.18
C18 MQ9 ZA . 18.21 20.34 -15.25
C19 MQ9 ZA . 19.13 19.09 -15.20
C20 MQ9 ZA . 18.55 17.84 -15.86
C21 MQ9 ZA . 20.62 19.38 -15.57
C22 MQ9 ZA . 21.00 19.42 -17.07
C23 MQ9 ZA . 21.30 18.03 -17.68
C24 MQ9 ZA . 21.78 18.03 -19.15
C25 MQ9 ZA . 20.85 17.26 -20.08
C26 MQ9 ZA . 23.23 17.54 -19.34
C27 MQ9 ZA . 23.40 16.65 -20.59
C28 MQ9 ZA . 23.50 15.14 -20.32
C29 MQ9 ZA . 24.78 14.52 -20.92
C30 MQ9 ZA . 26.04 15.26 -20.54
C31 MQ9 ZA . 24.86 12.99 -20.75
C32 MQ9 ZA . 24.63 12.20 -22.05
C33 MQ9 ZA . 25.94 12.07 -22.86
C34 MQ9 ZA . 25.79 11.77 -24.36
C35 MQ9 ZA . 26.90 12.37 -25.23
C36 MQ9 ZA . 24.39 12.20 -24.86
C5 MQ9 AB . 16.64 -18.34 4.04
C5M MQ9 AB . 16.09 -17.83 5.35
C4 MQ9 AB . 17.01 -17.43 3.09
O4 MQ9 AB . 16.85 -16.08 3.37
C3 MQ9 AB . 17.53 -17.85 1.85
C2 MQ9 AB . 17.67 -19.17 1.61
C1 MQ9 AB . 17.30 -20.13 2.59
O1 MQ9 AB . 17.43 -21.48 2.36
C6 MQ9 AB . 16.80 -19.70 3.80
C3A MQ9 AB . 17.89 -16.89 0.88
C3B MQ9 AB . 18.40 -17.30 -0.34
C3C MQ9 AB . 18.55 -18.65 -0.60
C3D MQ9 AB . 18.20 -19.58 0.35
C7 MQ9 AB . 16.37 -20.68 4.88
C8 MQ9 AB . 17.27 -21.88 5.15
C9 MQ9 AB . 18.75 -21.51 5.15
C10 MQ9 AB . 19.52 -22.79 5.05
C11 MQ9 AB . 19.09 -20.74 6.43
C12 MQ9 AB . 19.95 -21.54 7.42
C13 MQ9 AB . 19.35 -21.58 8.83
C14 MQ9 AB . 19.74 -20.33 9.65
C15 MQ9 AB . 19.64 -20.67 11.12
C16 MQ9 AB . 18.91 -19.10 9.26
C17 MQ9 AB . 17.38 -19.19 9.51
C18 MQ9 AB . 16.84 -18.13 10.51
C19 MQ9 AB . 16.59 -16.73 9.90
C20 MQ9 AB . 16.77 -16.66 8.39
C21 MQ9 AB . 15.33 -16.00 10.44
C22 MQ9 AB . 15.24 -14.48 10.17
C23 MQ9 AB . 14.48 -13.68 11.26
C24 MQ9 AB . 13.08 -13.18 10.85
C25 MQ9 AB . 12.22 -14.26 10.20
C26 MQ9 AB . 12.30 -12.48 11.98
C27 MQ9 AB . 12.06 -10.98 11.70
C28 MQ9 AB . 11.63 -10.14 12.93
C29 MQ9 AB . 11.30 -8.69 12.55
C30 MQ9 AB . 12.07 -8.20 11.33
C31 MQ9 AB . 11.35 -7.72 13.74
C32 MQ9 AB . 9.99 -7.48 14.41
C33 MQ9 AB . 10.17 -6.94 15.84
C34 MQ9 AB . 8.99 -7.17 16.81
C35 MQ9 AB . 9.39 -7.20 18.28
C36 MQ9 AB . 8.22 -8.45 16.40
FE1 FES BB . 17.75 31.30 6.07
FE2 FES BB . 18.73 29.42 3.90
S1 FES BB . 16.81 29.67 4.93
S2 FES BB . 19.70 30.96 5.12
C1 CDL CB . 40.09 -17.91 12.64
O1 CDL CB . 39.87 -17.86 14.02
CA2 CDL CB . 39.00 -18.83 12.03
OA2 CDL CB . 37.75 -18.42 12.51
PA1 CDL CB . 36.98 -19.41 13.59
OA3 CDL CB . 38.02 -20.24 14.33
OA4 CDL CB . 36.06 -20.32 12.82
OA5 CDL CB . 36.12 -18.52 14.69
CA3 CDL CB . 36.57 -18.46 16.01
CA4 CDL CB . 35.41 -18.78 16.97
OA6 CDL CB . 35.20 -20.15 17.01
CA5 CDL CB . 35.18 -20.70 18.32
OA7 CDL CB . 34.40 -20.29 19.11
C11 CDL CB . 36.15 -21.84 18.71
C12 CDL CB . 36.98 -21.52 19.98
C13 CDL CB . 37.72 -20.16 19.88
C14 CDL CB . 37.92 -19.49 21.28
C15 CDL CB . 38.76 -20.40 22.23
C16 CDL CB . 39.60 -19.57 23.24
C17 CDL CB . 38.99 -19.58 24.66
C18 CDL CB . 39.29 -18.27 25.44
C19 CDL CB . 38.95 -18.39 26.95
C20 CDL CB . 39.95 -19.32 27.70
C21 CDL CB . 39.96 -19.07 29.23
C22 CDL CB . 38.82 -19.83 29.97
C23 CDL CB . 38.84 -21.36 29.68
C24 CDL CB . 37.61 -21.81 28.85
C25 CDL CB . 37.36 -22.83 27.68
C26 CDL CB . 36.95 -24.23 28.21
C27 CDL CB . 35.95 -24.94 27.26
CA6 CDL CB . 34.13 -18.07 16.50
OA8 CDL CB . 33.46 -17.59 17.64
CA7 CDL CB . 32.88 -16.30 17.45
OA9 CDL CB . 32.47 -15.99 16.38
C31 CDL CB . 32.77 -15.30 18.63
C32 CDL CB . 31.84 -14.13 18.29
C33 CDL CB . 32.18 -12.85 19.09
C34 CDL CB . 31.16 -12.57 20.20
C35 CDL CB . 29.86 -11.92 19.67
C36 CDL CB . 28.66 -12.16 20.61
C37 CDL CB . 27.79 -10.88 20.78
C38 CDL CB . 28.65 -9.64 21.15
C39 CDL CB . 27.93 -8.32 20.82
C40 CDL CB . 27.88 -7.36 22.03
C41 CDL CB . 26.60 -6.52 22.05
C42 CDL CB . 26.71 -5.32 22.98
CB2 CDL CB . 41.52 -18.44 12.39
OB2 CDL CB . 42.35 -17.88 13.40
PB2 CDL CB . 43.00 -18.87 14.57
OB3 CDL CB . 42.06 -20.04 14.82
OB4 CDL CB . 44.34 -19.38 14.12
OB5 CDL CB . 43.16 -18.00 15.97
CB3 CDL CB . 42.21 -16.97 16.21
CB4 CDL CB . 42.81 -15.98 17.21
OB6 CDL CB . 43.02 -16.62 18.44
CB5 CDL CB . 41.91 -16.69 19.34
OB7 CDL CB . 40.94 -17.31 19.03
C51 CDL CB . 41.98 -15.99 20.71
C52 CDL CB . 42.23 -17.00 21.86
C53 CDL CB . 41.69 -16.49 23.21
C54 CDL CB . 42.10 -15.01 23.49
C55 CDL CB . 42.51 -14.80 24.96
C56 CDL CB . 41.34 -15.10 25.94
C57 CDL CB . 41.82 -15.20 27.41
C58 CDL CB . 40.82 -14.53 28.38
C59 CDL CB . 41.23 -14.72 29.86
C60 CDL CB . 40.17 -15.51 30.66
C61 CDL CB . 38.72 -15.22 30.20
C62 CDL CB . 37.87 -14.57 31.32
C63 CDL CB . 36.61 -13.87 30.75
C64 CDL CB . 35.77 -13.18 31.86
C65 CDL CB . 34.27 -13.56 31.78
C66 CDL CB . 34.05 -15.07 31.51
C67 CDL CB . 33.08 -15.32 30.35
CB6 CDL CB . 41.87 -14.77 17.37
OB8 CDL CB . 42.68 -13.64 17.71
CB7 CDL CB . 41.95 -12.44 17.94
OB9 CDL CB . 41.43 -11.88 17.03
C71 CDL CB . 41.84 -11.84 19.39
C72 CDL CB . 41.28 -10.39 19.37
C73 CDL CB . 41.68 -9.59 20.64
C74 CDL CB . 40.46 -8.85 21.26
C75 CDL CB . 40.82 -7.44 21.77
C76 CDL CB . 41.50 -7.46 23.16
C77 CDL CB . 40.84 -6.47 24.15
C78 CDL CB . 40.26 -7.19 25.40
C79 CDL CB . 41.04 -6.85 26.68
C80 CDL CB . 40.13 -6.33 27.81
C81 CDL CB . 40.60 -6.79 29.21
C82 CDL CB . 40.92 -5.58 30.14
C83 CDL CB . 39.87 -5.42 31.27
C84 CDL CB . 39.43 -3.94 31.45
C85 CDL CB . 38.99 -3.62 32.90
C86 CDL CB . 37.52 -3.15 32.96
C87 CDL CB . 37.39 -1.68 33.44
P 9YF DB . 0.50 37.29 -12.36
O1 9YF DB . 0.70 35.80 -12.30
O2 9YF DB . 1.59 38.01 -11.35
O3 9YF DB . 2.32 39.78 -13.43
O4 9YF DB . 3.49 41.85 -10.78
C 9YF DB . 1.38 35.83 -15.12
O 9YF DB . 0.79 37.79 -13.91
C1 9YF DB . 1.85 37.18 -14.59
C10 9YF DB . 3.43 32.17 -17.48
C11 9YF DB . 4.40 32.14 -18.66
C12 9YF DB . 3.84 31.38 -19.86
C13 9YF DB . 4.64 31.65 -21.14
C14 9YF DB . 3.96 32.69 -22.03
C15 9YF DB . 3.21 32.06 -23.20
C16 9YF DB . 1.69 32.15 -23.03
C17 9YF DB . 1.11 33.36 -23.76
C2 9YF DB . 1.60 39.40 -11.20
C24 9YF DB . 0.30 35.96 -16.19
C25 9YF DB . -1.99 35.52 -16.49
C26 9YF DB . -1.70 35.18 -17.95
C27 9YF DB . -2.73 34.23 -18.53
C28 9YF DB . -2.34 32.76 -18.29
C29 9YF DB . -1.40 32.23 -19.38
C3 9YF DB . 2.65 40.06 -12.10
C30 9YF DB . -1.04 30.75 -19.16
C31 9YF DB . -2.28 29.85 -19.12
C32 9YF DB . -2.21 28.73 -20.16
C33 9YF DB . -3.58 28.36 -20.70
C34 9YF DB . -4.22 29.53 -21.44
C35 9YF DB . -3.50 27.12 -21.59
C4 9YF DB . 2.70 41.57 -11.91
C5 9YF DB . 1.33 42.26 -11.76
C6 9YF DB . 0.23 41.45 -11.08
C7 9YF DB . 0.23 39.98 -11.49
C8 9YF DB . 2.11 33.84 -16.12
C9 9YF DB . 2.51 33.38 -17.52
O10 9YF DB . 1.52 33.11 -15.40
O11 9YF DB . -0.93 35.67 -15.58
O12 9YF DB . -3.10 35.64 -16.12
O5 9YF DB . 1.47 43.50 -11.12
O6 9YF DB . -1.01 42.01 -11.42
O7 9YF DB . 0.02 39.98 -12.88
O8 9YF DB . -0.93 37.59 -11.96
O9 9YF DB . 2.45 35.13 -15.68
P 9YF EB . -8.08 26.25 -11.42
O1 9YF EB . -9.43 26.79 -11.03
O2 9YF EB . -8.13 24.62 -11.48
O3 9YF EB . -8.54 22.29 -12.65
O4 9YF EB . -11.69 22.61 -11.02
C 9YF EB . -6.90 25.37 -14.66
O 9YF EB . -7.67 26.81 -12.92
C1 9YF EB . -8.11 26.08 -14.03
C10 9YF EB . -3.40 25.83 -17.91
C11 9YF EB . -3.08 24.35 -17.75
C12 9YF EB . -1.64 24.03 -18.14
C13 9YF EB . -0.72 23.93 -16.92
C14 9YF EB . 0.72 23.56 -17.31
C15 9YF EB . 1.68 23.67 -16.13
C16 9YF EB . 2.58 22.44 -15.98
C2 9YF EB . -9.29 23.93 -11.05
C24 9YF EB . -7.33 24.38 -15.73
C25 9YF EB . -6.81 22.17 -16.32
C26 9YF EB . -5.42 21.71 -16.74
C27 9YF EB . -5.45 20.38 -17.50
C28 9YF EB . -4.19 20.16 -18.33
C29 9YF EB . -3.47 18.88 -17.92
C3 9YF EB . -9.66 22.99 -12.18
C30 9YF EB . -1.99 18.90 -18.31
C31 9YF EB . -1.49 17.52 -18.73
C32 9YF EB . 0.02 17.48 -18.89
C4 9YF EB . -10.66 21.96 -11.69
C5 9YF EB . -9.94 21.03 -10.73
C6 9YF EB . -9.42 21.78 -9.51
C7 9YF EB . -9.03 23.26 -9.71
C8 9YF EB . -5.05 25.80 -15.99
C9 9YF EB . -4.82 26.17 -17.44
O10 9YF EB . -4.33 25.03 -15.45
O11 9YF EB . -6.96 23.10 -15.29
O12 9YF EB . -7.76 21.73 -16.86
O5 9YF EB . -8.86 20.44 -11.40
O6 9YF EB . -8.41 21.04 -8.88
O7 9YF EB . -7.81 23.60 -9.08
O8 9YF EB . -7.05 26.69 -10.41
O9 9YF EB . -6.12 26.34 -15.28
C5 MQ9 FB . 28.80 14.36 17.39
C5M MQ9 FB . 28.96 15.76 16.84
C4 MQ9 FB . 28.48 14.22 18.72
O4 MQ9 FB . 28.31 15.36 19.48
C3 MQ9 FB . 28.32 12.94 19.29
C2 MQ9 FB . 28.48 11.84 18.53
C1 MQ9 FB . 28.82 11.99 17.15
O1 MQ9 FB . 29.00 10.89 16.32
C6 MQ9 FB . 28.97 13.23 16.61
C3A MQ9 FB . 28.00 12.82 20.65
C3B MQ9 FB . 27.84 11.56 21.21
C3C MQ9 FB . 28.01 10.43 20.43
C3D MQ9 FB . 28.33 10.55 19.08
C7 MQ9 FB . 29.31 13.37 15.14
C8 MQ9 FB . 30.80 13.17 14.85
C9 MQ9 FB . 31.09 13.69 13.46
C10 MQ9 FB . 30.74 15.15 13.43
C11 MQ9 FB . 32.58 13.45 13.12
C12 MQ9 FB . 33.27 14.69 12.54
C13 MQ9 FB . 34.70 14.44 12.07
C14 MQ9 FB . 35.63 15.58 12.48
C15 MQ9 FB . 35.26 16.82 11.69
C16 MQ9 FB . 37.12 15.19 12.38
C17 MQ9 FB . 37.65 14.25 13.48
C18 MQ9 FB . 39.07 13.69 13.21
C19 MQ9 FB . 40.22 14.45 13.92
C20 MQ9 FB . 40.40 14.05 15.38
C21 MQ9 FB . 41.52 14.57 13.09
C22 MQ9 FB . 42.86 14.62 13.87
C23 MQ9 FB . 43.85 13.50 13.47
C24 MQ9 FB . 45.25 13.97 13.01
C25 MQ9 FB . 45.49 13.77 11.53
C26 MQ9 FB . 45.60 15.42 13.42
C27 MQ9 FB . 46.17 16.23 12.24
C28 MQ9 FB . 46.05 17.77 12.36
C29 MQ9 FB . 44.57 18.22 12.40
C30 MQ9 FB . 44.32 19.47 11.58
C31 MQ9 FB . 43.97 18.27 13.82
C32 MQ9 FB . 42.48 18.63 13.85
C33 MQ9 FB . 42.17 19.59 15.01
C34 MQ9 FB . 40.87 20.42 14.89
C35 MQ9 FB . 40.67 21.41 16.04
C36 MQ9 FB . 39.64 19.49 14.72
C37 MQ9 FB . 39.27 19.23 13.25
C38 MQ9 FB . 38.15 20.18 12.75
C39 MQ9 FB . 37.76 20.03 11.27
C40 MQ9 FB . 38.55 20.97 10.37
C41 MQ9 FB . 37.88 18.57 10.80
C5 MQ9 GB . 30.27 8.64 5.21
C5M MQ9 GB . 30.54 7.88 3.92
C4 MQ9 GB . 29.06 9.27 5.36
O4 MQ9 GB . 28.15 9.18 4.34
C3 MQ9 GB . 28.76 9.98 6.54
C2 MQ9 GB . 29.68 10.04 7.53
C1 MQ9 GB . 30.93 9.40 7.37
O1 MQ9 GB . 31.90 9.44 8.34
C6 MQ9 GB . 31.21 8.71 6.22
C3A MQ9 GB . 27.51 10.62 6.68
C3B MQ9 GB . 27.22 11.31 7.83
C3C MQ9 GB . 28.15 11.38 8.86
C3D MQ9 GB . 29.39 10.76 8.71
C7 MQ9 GB . 32.56 8.03 6.08
C8 MQ9 GB . 32.49 6.54 6.40
C9 MQ9 GB . 33.65 6.13 7.28
C10 MQ9 GB . 34.01 7.29 8.19
C11 MQ9 GB . 33.28 4.87 8.08
C12 MQ9 GB . 34.35 3.77 7.99
C13 MQ9 GB . 33.95 2.57 7.11
C14 MQ9 GB . 33.79 2.99 5.65
C15 MQ9 GB . 34.93 3.91 5.29
C16 MQ9 GB . 33.66 1.79 4.71
C17 MQ9 GB . 33.83 2.10 3.20
C18 MQ9 GB . 32.69 2.96 2.60
C19 MQ9 GB . 33.10 3.84 1.40
C20 MQ9 GB . 33.60 3.06 0.19
C21 MQ9 GB . 32.07 4.96 1.04
C22 MQ9 GB . 31.16 4.71 -0.18
C23 MQ9 GB . 30.13 5.84 -0.43
C24 MQ9 GB . 30.24 6.56 -1.79
C25 MQ9 GB . 30.08 5.64 -2.99
C26 MQ9 GB . 29.31 7.78 -1.93
C27 MQ9 GB . 28.42 7.70 -3.18
C28 MQ9 GB . 27.01 8.34 -3.02
C29 MQ9 GB . 26.59 9.11 -4.29
C30 MQ9 GB . 26.41 8.22 -5.50
C31 MQ9 GB . 25.43 10.09 -4.06
C32 MQ9 GB . 25.72 11.51 -4.57
C33 MQ9 GB . 27.11 11.58 -5.26
C34 MQ9 GB . 27.93 12.86 -4.99
C35 MQ9 GB . 27.16 14.16 -5.27
C36 MQ9 GB . 29.25 12.82 -5.80
C37 MQ9 GB . 29.10 12.10 -7.15
C38 MQ9 GB . 29.49 13.00 -8.34
C39 MQ9 GB . 28.63 12.81 -9.58
C40 MQ9 GB . 29.34 13.31 -10.84
C41 MQ9 GB . 28.20 11.34 -9.74
C42 MQ9 GB . 28.58 10.74 -11.10
C43 MQ9 GB . 29.01 9.26 -11.01
C44 MQ9 GB . 30.53 9.10 -11.09
C45 MQ9 GB . 31.00 9.31 -12.53
C46 MQ9 GB . 30.96 7.72 -10.62
C47 MQ9 GB . 30.53 7.41 -9.18
C48 MQ9 GB . 31.68 6.82 -8.39
C49 MQ9 GB . 31.28 6.41 -6.98
C50 MQ9 GB . 30.88 7.62 -6.13
C51 MQ9 GB . 32.34 5.57 -6.31
FE HEC HB . 32.16 43.95 34.48
CHA HEC HB . 29.73 43.66 32.05
CHB HEC HB . 29.77 44.21 36.87
CHC HEC HB . 34.56 43.55 36.93
CHD HEC HB . 34.58 44.37 32.14
NA HEC HB . 30.11 43.96 34.45
C1A HEC HB . 29.30 43.78 33.35
C2A HEC HB . 27.92 43.74 33.83
C3A HEC HB . 27.94 43.90 35.16
C4A HEC HB . 29.31 44.03 35.57
CMA HEC HB . 26.71 43.93 36.08
CAA HEC HB . 26.64 43.57 32.98
CBA HEC HB . 26.49 44.76 32.04
CGA HEC HB . 25.08 44.83 31.53
O1A HEC HB . 24.81 45.66 30.62
O2A HEC HB . 24.22 44.06 32.02
NB HEC HB . 32.20 44.03 36.56
C1B HEC HB . 31.03 43.88 37.29
C2B HEC HB . 31.37 43.32 38.57
C3B HEC HB . 32.69 43.12 38.61
C4B HEC HB . 33.24 43.57 37.33
CMB HEC HB . 30.38 42.99 39.71
CAB HEC HB . 33.43 42.52 39.82
CBB HEC HB . 34.54 43.45 40.35
NC HEC HB . 34.19 43.96 34.53
C1C HEC HB . 35.00 43.77 35.64
C2C HEC HB . 36.36 43.69 35.17
C3C HEC HB . 36.38 44.04 33.87
C4C HEC HB . 35.01 44.14 33.43
CMC HEC HB . 37.61 43.63 36.08
CAC HEC HB . 37.65 44.16 33.00
CBC HEC HB . 37.84 45.61 32.51
ND HEC HB . 32.15 43.99 32.39
C1D HEC HB . 33.29 44.22 31.64
C2D HEC HB . 32.93 44.28 30.25
C3D HEC HB . 31.41 44.05 30.21
C4D HEC HB . 31.01 43.89 31.59
CMD HEC HB . 33.86 44.51 29.05
CAD HEC HB . 30.53 44.03 28.94
CBD HEC HB . 29.75 42.74 28.81
CGD HEC HB . 30.68 41.56 28.68
O1D HEC HB . 31.85 41.77 28.28
O2D HEC HB . 30.25 40.42 28.98
FE HEC IB . 20.52 32.45 26.39
CHA HEC IB . 23.40 32.47 28.24
CHB HEC IB . 18.90 30.84 28.95
CHC HEC IB . 17.50 32.89 24.78
CHD HEC IB . 22.17 33.43 23.58
NA HEC IB . 21.05 31.80 28.26
C1A HEC IB . 22.31 31.87 28.82
C2A HEC IB . 22.25 31.22 30.12
C3A HEC IB . 21.01 30.78 30.31
C4A HEC IB . 20.23 31.13 29.14
CMA HEC IB . 20.49 30.03 31.56
CAA HEC IB . 23.40 31.06 31.12
CBA HEC IB . 24.27 29.87 30.73
CGA HEC IB . 25.24 29.56 31.86
O1A HEC IB . 25.02 30.04 32.99
O2A HEC IB . 26.22 28.82 31.61
NB HEC IB . 18.57 31.92 26.77
C1B HEC IB . 18.11 31.35 27.94
C2B HEC IB . 16.66 31.35 27.92
C3B HEC IB . 16.27 31.91 26.77
C4B HEC IB . 17.46 32.29 26.03
CMB HEC IB . 15.78 30.79 29.04
CAB HEC IB . 14.82 32.14 26.29
CBB HEC IB . 14.11 33.21 27.15
NC HEC IB . 19.94 32.99 24.50
C1C HEC IB . 18.64 33.22 24.08
C2C HEC IB . 18.70 33.84 22.78
C3C HEC IB . 19.99 34.00 22.45
C4C HEC IB . 20.80 33.47 23.52
CMC HEC IB . 17.50 34.30 21.93
CAC HEC IB . 20.49 34.66 21.14
CBC HEC IB . 21.24 33.64 20.26
ND HEC IB . 22.49 32.87 25.97
C1D HEC IB . 22.94 33.29 24.73
C2D HEC IB . 24.35 33.58 24.82
C3D HEC IB . 24.73 33.28 26.27
C4D HEC IB . 23.51 32.84 26.91
CMD HEC IB . 25.28 34.08 23.69
CAD HEC IB . 26.14 33.43 26.90
CBD HEC IB . 26.14 34.63 27.82
CGD HEC IB . 27.54 34.89 28.31
O1D HEC IB . 28.47 34.17 27.86
O2D HEC IB . 27.73 35.83 29.13
C1 PLM JB . -34.76 -21.74 24.89
O2 PLM JB . -34.43 -20.68 25.50
C2 PLM JB . -34.44 -21.79 23.35
C3 PLM JB . -34.41 -23.18 22.72
C4 PLM JB . -33.55 -23.27 21.45
C5 PLM JB . -33.75 -24.56 20.64
C6 PLM JB . -32.63 -24.81 19.61
C7 PLM JB . -32.97 -25.88 18.56
C8 PLM JB . -31.81 -26.22 17.62
C9 PLM JB . -32.24 -26.98 16.36
CA PLM JB . -31.11 -27.16 15.33
CHA HEM KB . -8.12 -21.00 -14.40
CHB HEM KB . -8.12 -16.32 -13.13
CHC HEM KB . -10.57 -17.47 -9.13
CHD HEM KB . -9.94 -22.16 -10.06
C1A HEM KB . -8.01 -19.62 -14.47
C2A HEM KB . -7.65 -18.84 -15.63
C3A HEM KB . -7.64 -17.56 -15.27
C4A HEM KB . -8.01 -17.47 -13.88
CMA HEM KB . -7.32 -16.35 -16.18
CAA HEM KB . -7.31 -19.43 -17.02
CBA HEM KB . -8.36 -19.07 -18.06
CGA HEM KB . -9.70 -19.68 -17.74
O1A HEM KB . -10.71 -18.94 -17.73
O2A HEM KB . -9.75 -20.91 -17.50
C1B HEM KB . -8.73 -16.22 -11.90
C2B HEM KB . -8.78 -15.05 -11.06
C3B HEM KB . -9.46 -15.37 -9.95
C4B HEM KB . -9.86 -16.75 -10.06
CMB HEM KB . -8.14 -13.71 -11.45
CAB HEM KB . -9.82 -14.50 -8.72
CBB HEM KB . -9.44 -13.24 -8.52
C1C HEM KB . -10.73 -18.84 -9.09
C2C HEM KB . -11.67 -19.59 -8.30
C3C HEM KB . -11.50 -20.88 -8.55
C4C HEM KB . -10.43 -21.00 -9.52
CMC HEM KB . -12.70 -18.99 -7.31
CAC HEM KB . -12.29 -22.04 -7.91
C1D HEM KB . -9.34 -22.26 -11.29
C2D HEM KB . -8.84 -23.47 -11.92
C3D HEM KB . -8.34 -23.14 -13.11
C4D HEM KB . -8.51 -21.71 -13.30
CMD HEM KB . -8.87 -24.89 -11.31
CAD HEM KB . -7.70 -24.10 -14.13
CBD HEM KB . -8.81 -24.63 -15.02
CGD HEM KB . -8.24 -25.16 -16.31
O1D HEM KB . -7.01 -25.02 -16.50
O2D HEM KB . -9.01 -25.71 -17.12
NA HEM KB . -8.23 -18.75 -13.41
NB HEM KB . -9.39 -17.24 -11.25
NC HEM KB . -9.99 -19.73 -9.84
ND HEM KB . -9.12 -21.21 -12.17
FE HEM KB . -9.28 -19.22 -11.71
CHA HEM LB . -13.00 2.59 -2.00
CHB HEM LB . -13.46 -2.00 -3.47
CHC HEM LB . -8.76 -2.12 -4.61
CHD HEM LB . -8.28 2.44 -3.01
C1A HEM LB . -13.56 1.41 -2.44
C2A HEM LB . -14.96 1.15 -2.68
C3A HEM LB . -15.09 -0.10 -3.08
C4A HEM LB . -13.76 -0.70 -3.11
CMA HEM LB . -16.40 -0.82 -3.46
CAA HEM LB . -16.12 2.17 -2.52
CBA HEM LB . -15.92 3.31 -3.50
CGA HEM LB . -17.02 4.31 -3.37
O1A HEM LB . -18.19 3.97 -3.68
O2A HEM LB . -16.74 5.47 -2.98
C1B HEM LB . -12.23 -2.45 -3.86
C2B HEM LB . -11.90 -3.81 -4.25
C3B HEM LB . -10.62 -3.86 -4.57
C4B HEM LB . -10.06 -2.53 -4.39
CMB HEM LB . -12.87 -5.01 -4.29
CAB HEM LB . -9.92 -5.16 -5.03
CBB HEM LB . -8.62 -5.21 -5.34
C1C HEM LB . -8.22 -0.90 -4.25
C2C HEM LB . -6.83 -0.52 -4.36
C3C HEM LB . -6.70 0.74 -3.91
C4C HEM LB . -8.01 1.19 -3.52
CMC HEM LB . -5.72 -1.46 -4.89
CAC HEM LB . -5.46 1.66 -3.79
CBC HEM LB . -4.26 1.36 -4.26
C1D HEM LB . -9.50 2.87 -2.56
C2D HEM LB . -9.77 4.12 -1.90
C3D HEM LB . -11.07 4.17 -1.61
C4D HEM LB . -11.68 2.94 -2.09
CMD HEM LB . -8.71 5.20 -1.57
CAD HEM LB . -11.82 5.31 -0.90
CBD HEM LB . -11.97 6.50 -1.85
CGD HEM LB . -13.42 6.65 -2.23
O1D HEM LB . -14.28 6.11 -1.52
O2D HEM LB . -13.69 7.33 -3.25
NA HEM LB . -12.87 0.26 -2.71
NB HEM LB . -11.08 -1.70 -3.97
NC HEM LB . -8.91 0.17 -3.75
ND HEM LB . -10.69 2.18 -2.67
FE HEM LB . -10.92 0.25 -3.35
C1 CDL MB . 25.49 3.78 -27.34
O1 CDL MB . 25.85 4.72 -26.34
CA2 CDL MB . 23.95 3.78 -27.47
OA2 CDL MB . 23.38 3.87 -26.19
PA1 CDL MB . 22.80 5.34 -25.72
OA3 CDL MB . 21.64 5.74 -26.62
OA4 CDL MB . 23.90 6.37 -25.82
OA5 CDL MB . 22.29 5.26 -24.14
CA3 CDL MB . 22.70 6.28 -23.30
CA4 CDL MB . 21.88 6.21 -22.01
OA6 CDL MB . 20.58 5.81 -22.32
CA5 CDL MB . 20.15 4.68 -21.58
OA7 CDL MB . 20.66 4.43 -20.55
C11 CDL MB . 19.02 3.77 -22.12
C12 CDL MB . 17.81 3.70 -21.16
C13 CDL MB . 16.61 4.56 -21.62
C14 CDL MB . 16.05 5.45 -20.48
C15 CDL MB . 15.88 4.67 -19.14
C16 CDL MB . 15.25 5.55 -18.02
CA6 CDL MB . 21.85 7.58 -21.33
OA8 CDL MB . 21.90 7.38 -19.93
CA7 CDL MB . 20.72 7.79 -19.26
OA9 CDL MB . 20.43 8.94 -19.23
C31 CDL MB . 19.84 6.76 -18.55
C32 CDL MB . 18.41 7.27 -18.34
C33 CDL MB . 18.12 7.66 -16.88
C34 CDL MB . 17.97 9.18 -16.71
C35 CDL MB . 16.83 9.54 -15.74
C36 CDL MB . 17.26 9.56 -14.27
C37 CDL MB . 16.19 10.18 -13.36
C38 CDL MB . 14.80 9.59 -13.64
CB2 CDL MB . 26.05 2.40 -26.91
OB2 CDL MB . 25.01 1.69 -26.27
PB2 CDL MB . 24.66 0.15 -26.78
OB3 CDL MB . 25.24 -0.07 -28.15
OB4 CDL MB . 25.28 -0.83 -25.80
OB5 CDL MB . 23.01 -0.07 -26.83
CB3 CDL MB . 22.17 0.83 -26.11
CB4 CDL MB . 21.79 0.17 -24.78
OB6 CDL MB . 21.10 -1.02 -25.03
CB5 CDL MB . 21.82 -2.20 -24.69
OB7 CDL MB . 23.01 -2.19 -24.70
C51 CDL MB . 21.05 -3.50 -24.35
C52 CDL MB . 19.65 -3.52 -25.02
C53 CDL MB . 18.54 -3.05 -24.06
C54 CDL MB . 17.90 -4.23 -23.28
C55 CDL MB . 16.39 -4.00 -23.01
C56 CDL MB . 16.12 -2.65 -22.31
C57 CDL MB . 14.62 -2.41 -22.03
C58 CDL MB . 14.02 -1.33 -22.96
C59 CDL MB . 13.35 -0.18 -22.15
C60 CDL MB . 11.84 -0.05 -22.44
CB6 CDL MB . 20.89 1.12 -23.95
OB8 CDL MB . 19.85 0.36 -23.33
CB7 CDL MB . 20.18 -0.14 -22.03
OB9 CDL MB . 21.00 -1.00 -21.91
C71 CDL MB . 19.48 0.43 -20.76
C72 CDL MB . 17.94 0.15 -20.75
C73 CDL MB . 17.29 0.50 -19.38
C74 CDL MB . 15.75 0.29 -19.39
C75 CDL MB . 15.04 1.16 -18.33
C76 CDL MB . 14.81 0.38 -17.01
C77 CDL MB . 13.50 0.80 -16.31
C78 CDL MB . 12.39 -0.28 -16.42
C79 CDL MB . 11.04 0.16 -15.82
C80 CDL MB . 11.14 1.43 -14.92
C1 CDL NB . 10.94 -24.70 -17.30
O1 CDL NB . 10.88 -25.34 -18.56
CA2 CDL NB . 10.12 -25.51 -16.28
OA2 CDL NB . 9.12 -26.21 -16.98
PA1 CDL NB . 8.37 -27.45 -16.18
OA3 CDL NB . 6.88 -27.38 -16.44
OA4 CDL NB . 8.91 -28.77 -16.70
OA5 CDL NB . 8.65 -27.32 -14.57
CA3 CDL NB . 7.56 -27.45 -13.69
CA4 CDL NB . 7.28 -26.10 -13.06
OA6 CDL NB . 8.48 -25.46 -12.73
CA5 CDL NB . 8.50 -24.10 -13.10
OA7 CDL NB . 8.34 -23.79 -14.23
C11 CDL NB . 8.73 -23.00 -12.03
C12 CDL NB . 8.14 -21.63 -12.47
C13 CDL NB . 8.97 -20.44 -11.95
C14 CDL NB . 8.91 -19.21 -12.91
C15 CDL NB . 7.51 -18.54 -12.92
C16 CDL NB . 7.42 -17.34 -11.95
C17 CDL NB . 6.37 -17.57 -10.83
C18 CDL NB . 5.74 -16.23 -10.34
C19 CDL NB . 5.08 -16.38 -8.94
C20 CDL NB . 4.80 -15.00 -8.27
C21 CDL NB . 3.93 -15.14 -7.00
C22 CDL NB . 4.46 -16.24 -6.04
CA6 CDL NB . 6.44 -26.28 -11.78
OA8 CDL NB . 5.20 -25.61 -11.96
CA7 CDL NB . 4.85 -24.78 -10.88
OA9 CDL NB . 4.57 -25.26 -9.83
C31 CDL NB . 4.83 -23.24 -11.05
C32 CDL NB . 4.69 -22.50 -9.70
C33 CDL NB . 6.03 -21.94 -9.19
C34 CDL NB . 6.51 -22.67 -7.91
C35 CDL NB . 6.36 -21.79 -6.65
CB2 CDL NB . 10.43 -23.26 -17.45
OB2 CDL NB . 11.34 -22.57 -18.30
PB2 CDL NB . 10.84 -22.00 -19.77
OB3 CDL NB . 11.80 -22.47 -20.84
OB4 CDL NB . 9.46 -22.54 -20.03
OB5 CDL NB . 10.77 -20.33 -19.71
CB3 CDL NB . 10.10 -19.69 -18.64
CB4 CDL NB . 9.42 -18.42 -19.18
OB6 CDL NB . 10.36 -17.40 -19.37
CB5 CDL NB . 10.15 -16.62 -20.53
OB7 CDL NB . 9.04 -16.44 -20.94
C51 CDL NB . 11.35 -16.00 -21.30
C52 CDL NB . 11.29 -14.46 -21.38
C53 CDL NB . 12.27 -13.90 -22.44
C54 CDL NB . 12.68 -12.44 -22.17
C55 CDL NB . 12.73 -11.55 -23.44
C56 CDL NB . 13.42 -10.19 -23.20
C57 CDL NB . 14.92 -10.34 -22.83
C58 CDL NB . 15.64 -8.99 -22.63
C59 CDL NB . 15.33 -8.35 -21.25
C60 CDL NB . 16.17 -7.06 -20.98
C61 CDL NB . 15.92 -6.49 -19.58
C62 CDL NB . 15.17 -5.15 -19.61
CB6 CDL NB . 8.35 -17.95 -18.18
OB8 CDL NB . 7.10 -17.85 -18.87
CB7 CDL NB . 6.06 -17.18 -18.16
OB9 CDL NB . 5.67 -17.61 -17.12
C71 CDL NB . 5.42 -15.87 -18.75
C72 CDL NB . 5.18 -15.99 -20.28
C73 CDL NB . 4.60 -14.69 -20.91
C74 CDL NB . 5.39 -14.26 -22.17
C75 CDL NB . 4.65 -14.59 -23.48
C76 CDL NB . 5.23 -13.81 -24.70
C77 CDL NB . 4.14 -13.03 -25.48
C78 CDL NB . 4.50 -11.53 -25.66
C79 CDL NB . 5.27 -11.25 -26.98
C80 CDL NB . 6.81 -11.30 -26.80
C81 CDL NB . 7.48 -9.93 -27.04
C82 CDL NB . 8.69 -10.04 -28.03
C83 CDL NB . 8.33 -9.55 -29.45
C1 CDL OB . -20.73 -27.98 -23.24
O1 CDL OB . -20.06 -28.82 -24.16
CA2 CDL OB . -22.18 -28.46 -23.16
OA2 CDL OB . -22.60 -28.34 -21.83
PA1 CDL OB . -24.02 -29.07 -21.39
OA3 CDL OB . -25.00 -28.99 -22.53
OA4 CDL OB . -23.74 -30.52 -21.08
OA5 CDL OB . -24.64 -28.34 -20.05
CA3 CDL OB . -25.00 -26.99 -20.09
CA4 CDL OB . -25.75 -26.68 -18.81
OA6 CDL OB . -24.98 -25.83 -18.00
CA5 CDL OB . -25.19 -25.91 -16.59
OA7 CDL OB . -24.41 -26.46 -15.90
C11 CDL OB . -26.42 -25.23 -15.94
C12 CDL OB . -26.46 -25.53 -14.42
C13 CDL OB . -26.82 -24.27 -13.59
C14 CDL OB . -28.08 -24.48 -12.71
C15 CDL OB . -28.56 -23.15 -12.07
C16 CDL OB . -30.06 -23.20 -11.66
C17 CDL OB . -30.32 -22.50 -10.30
C18 CDL OB . -31.80 -22.56 -9.87
C19 CDL OB . -32.29 -21.22 -9.28
C20 CDL OB . -33.66 -21.35 -8.56
C21 CDL OB . -34.02 -20.08 -7.73
CA6 CDL OB . -26.04 -28.01 -18.10
OA8 CDL OB . -27.17 -28.59 -18.70
CA7 CDL OB . -27.95 -29.27 -17.73
OA9 CDL OB . -27.53 -30.24 -17.23
C31 CDL OB . -29.32 -28.70 -17.31
C32 CDL OB . -29.52 -28.81 -15.79
C33 CDL OB . -30.93 -28.38 -15.36
C34 CDL OB . -30.93 -26.98 -14.74
C35 CDL OB . -32.31 -26.60 -14.19
C36 CDL OB . -32.21 -26.04 -12.76
C37 CDL OB . -33.57 -26.00 -12.04
C38 CDL OB . -34.54 -25.00 -12.70
C39 CDL OB . -35.58 -24.49 -11.70
C40 CDL OB . -37.02 -24.78 -12.17
C41 CDL OB . -38.04 -24.55 -11.04
C42 CDL OB . -37.74 -23.28 -10.23
CB2 CDL OB . -20.61 -26.54 -23.79
OB2 CDL OB . -21.11 -26.54 -25.11
PB2 CDL OB . -21.45 -25.07 -25.82
OB3 CDL OB . -21.68 -25.27 -27.30
OB4 CDL OB . -20.29 -24.15 -25.63
OB5 CDL OB . -22.81 -24.42 -25.11
CB3 CDL OB . -23.16 -23.07 -25.40
CB4 CDL OB . -23.82 -22.50 -24.15
OB6 CDL OB . -24.60 -23.50 -23.55
CB5 CDL OB . -24.35 -23.68 -22.17
OB7 CDL OB . -23.25 -23.90 -21.79
C51 CDL OB . -25.52 -23.58 -21.15
C52 CDL OB . -25.41 -22.35 -20.22
C53 CDL OB . -25.99 -22.62 -18.82
C54 CDL OB . -26.95 -21.50 -18.35
C55 CDL OB . -26.89 -21.29 -16.81
C56 CDL OB . -28.18 -20.60 -16.27
C57 CDL OB . -28.11 -20.34 -14.75
C58 CDL OB . -29.24 -19.39 -14.27
C59 CDL OB . -28.92 -18.75 -12.89
C60 CDL OB . -30.08 -18.90 -11.88
C61 CDL OB . -31.29 -18.01 -12.22
C62 CDL OB . -31.85 -17.29 -10.96
C63 CDL OB . -32.92 -16.22 -11.33
CB6 CDL OB . -24.71 -21.29 -24.52
OB8 CDL OB . -24.02 -20.08 -24.21
CB7 CDL OB . -24.61 -19.31 -23.17
OB9 CDL OB . -25.76 -19.02 -23.22
C71 CDL OB . -23.76 -18.82 -21.96
C72 CDL OB . -24.58 -18.62 -20.65
C73 CDL OB . -23.76 -17.90 -19.54
C74 CDL OB . -23.59 -18.75 -18.25
C75 CDL OB . -22.28 -19.57 -18.24
C76 CDL OB . -21.76 -19.87 -16.81
C77 CDL OB . -21.93 -21.35 -16.39
C78 CDL OB . -20.79 -22.25 -16.89
C79 CDL OB . -21.28 -23.64 -17.37
C1 CDL PB . -26.65 -29.52 -28.83
O1 CDL PB . -25.25 -29.52 -28.83
CA2 CDL PB . -27.11 -28.71 -30.06
OA2 CDL PB . -26.86 -27.36 -29.79
PA1 CDL PB . -27.53 -26.21 -30.78
OA3 CDL PB . -26.44 -25.53 -31.57
OA4 CDL PB . -28.52 -26.87 -31.72
OA5 CDL PB . -28.33 -25.10 -29.86
CA3 CDL PB . -28.01 -25.00 -28.49
CA4 CDL PB . -28.16 -23.55 -28.06
OA6 CDL PB . -27.58 -22.73 -29.02
CA5 CDL PB . -27.47 -21.37 -28.64
OA7 CDL PB . -26.39 -20.92 -28.38
C11 CDL PB . -28.72 -20.47 -28.57
C12 CDL PB . -28.80 -19.73 -27.21
C13 CDL PB . -27.94 -18.45 -27.17
C14 CDL PB . -28.00 -17.74 -25.79
C15 CDL PB . -29.44 -17.76 -25.20
C16 CDL PB . -30.08 -16.35 -25.19
C17 CDL PB . -30.99 -16.14 -23.95
C18 CDL PB . -32.15 -15.15 -24.24
C19 CDL PB . -33.13 -15.03 -23.04
C20 CDL PB . -34.22 -13.95 -23.30
C21 CDL PB . -35.55 -14.28 -22.61
C22 CDL PB . -35.62 -13.68 -21.17
C23 CDL PB . -35.50 -14.77 -20.06
C24 CDL PB . -36.68 -14.72 -19.06
C25 CDL PB . -37.58 -13.61 -18.45
C26 CDL PB . -37.72 -13.72 -16.91
C27 CDL PB . -37.31 -15.11 -16.37
CA6 CDL PB . -27.46 -23.37 -26.70
OA8 CDL PB . -28.15 -24.19 -25.77
CA7 CDL PB . -28.35 -23.57 -24.52
OA9 CDL PB . -27.82 -24.00 -23.55
C31 CDL PB . -29.27 -22.34 -24.40
C32 CDL PB . -29.14 -21.66 -23.03
C33 CDL PB . -30.40 -20.84 -22.67
C34 CDL PB . -30.57 -20.67 -21.15
C35 CDL PB . -31.93 -20.07 -20.78
C36 CDL PB . -31.81 -18.82 -19.88
C37 CDL PB . -33.02 -18.67 -18.94
CB2 CDL PB . -27.13 -28.88 -27.52
OB2 CDL PB . -28.52 -28.66 -27.64
PB2 CDL PB . -29.53 -29.38 -26.54
OB3 CDL PB . -28.83 -30.56 -25.93
OB4 CDL PB . -30.77 -29.84 -27.24
OB5 CDL PB . -29.91 -28.29 -25.35
CB3 CDL PB . -28.90 -27.97 -24.41
CB4 CDL PB . -29.47 -27.03 -23.35
OB6 CDL PB . -29.00 -27.41 -22.09
CB5 CDL PB . -29.55 -26.70 -20.99
OB7 CDL PB . -30.37 -27.21 -20.30
C51 CDL PB . -29.08 -25.26 -20.67
C52 CDL PB . -29.36 -24.91 -19.18
C53 CDL PB . -30.77 -24.31 -18.96
C54 CDL PB . -31.19 -24.35 -17.46
C55 CDL PB . -31.01 -22.98 -16.77
C56 CDL PB . -32.22 -22.04 -17.03
C57 CDL PB . -33.28 -22.12 -15.91
C58 CDL PB . -32.69 -21.84 -14.50
C59 CDL PB . -33.70 -21.18 -13.54
C60 CDL PB . -35.00 -20.72 -14.24
C61 CDL PB . -35.61 -19.45 -13.62
CB6 CDL PB . -31.00 -27.09 -23.39
OB8 CDL PB . -31.49 -25.75 -23.49
CB7 CDL PB . -32.51 -25.46 -22.54
OB9 CDL PB . -33.03 -26.36 -21.95
C71 CDL PB . -32.95 -23.99 -22.27
C72 CDL PB . -34.47 -23.90 -22.01
C73 CDL PB . -34.86 -22.66 -21.16
C74 CDL PB . -36.15 -22.90 -20.33
C75 CDL PB . -35.96 -22.57 -18.83
C76 CDL PB . -37.28 -22.10 -18.17
C77 CDL PB . -37.48 -22.66 -16.75
C78 CDL PB . -38.94 -23.12 -16.51
C79 CDL PB . -39.75 -22.08 -15.70
C80 CDL PB . -40.14 -22.58 -14.28
C81 CDL PB . -41.55 -22.11 -13.86
C82 CDL PB . -41.50 -20.99 -12.79
C5 MQ9 QB . -2.07 -6.75 -24.32
C5M MQ9 QB . -2.59 -5.32 -24.23
C4 MQ9 QB . -2.47 -7.65 -23.37
O4 MQ9 QB . -3.33 -7.22 -22.38
C3 MQ9 QB . -2.01 -8.98 -23.40
C2 MQ9 QB . -1.18 -9.37 -24.38
C1 MQ9 QB . -0.75 -8.43 -25.37
O1 MQ9 QB . 0.12 -8.81 -26.38
C6 MQ9 QB . -1.21 -7.13 -25.33
C3A MQ9 QB . -2.45 -9.89 -22.41
C3B MQ9 QB . -2.00 -11.19 -22.44
C3C MQ9 QB . -1.13 -11.61 -23.44
C3D MQ9 QB . -0.72 -10.71 -24.41
C7 MQ9 QB . -0.76 -6.12 -26.38
C8 MQ9 QB . -0.85 -6.58 -27.83
C9 MQ9 QB . -2.27 -6.57 -28.33
C10 MQ9 QB . -2.29 -7.17 -29.72
C11 MQ9 QB . -2.83 -5.14 -28.34
C12 MQ9 QB . -3.83 -4.91 -29.47
C13 MQ9 QB . -5.26 -4.66 -28.97
C14 MQ9 QB . -5.54 -3.16 -28.83
C15 MQ9 QB . -6.59 -2.79 -29.84
C16 MQ9 QB . -5.91 -2.77 -27.39
C17 MQ9 QB . -4.91 -1.84 -26.66
C18 MQ9 QB . -5.57 -0.88 -25.64
C19 MQ9 QB . -5.46 -1.32 -24.16
C20 MQ9 QB . -5.40 -2.83 -23.96
C21 MQ9 QB . -6.44 -0.59 -23.20
C22 MQ9 QB . -5.86 -0.05 -21.86
C23 MQ9 QB . -6.54 1.25 -21.38
C24 MQ9 QB . -6.13 1.70 -19.96
C25 MQ9 QB . -5.62 0.56 -19.09
C26 MQ9 QB . -7.21 2.50 -19.21
C27 MQ9 QB . -7.05 2.35 -17.68
C28 MQ9 QB . -8.30 2.72 -16.82
C29 MQ9 QB . -8.56 4.24 -16.87
C30 MQ9 QB . -7.32 5.05 -17.20
C31 MQ9 QB . -9.32 4.77 -15.64
C32 MQ9 QB . -9.08 6.28 -15.40
C33 MQ9 QB . -9.86 7.13 -16.42
C34 MQ9 QB . -9.49 8.62 -16.50
C35 MQ9 QB . -10.43 9.45 -17.36
C36 MQ9 QB . -9.34 9.20 -15.07
C5 MQ9 RB . -16.22 -11.91 11.58
C5M MQ9 RB . -14.96 -12.10 12.40
C4 MQ9 RB . -16.39 -10.74 10.90
O4 MQ9 RB . -15.39 -9.80 11.01
C3 MQ9 RB . -17.53 -10.51 10.11
C2 MQ9 RB . -18.49 -11.46 10.03
C1 MQ9 RB . -18.32 -12.69 10.73
O1 MQ9 RB . -19.26 -13.70 10.68
C6 MQ9 RB . -17.20 -12.89 11.49
C3A MQ9 RB . -17.69 -9.29 9.41
C3B MQ9 RB . -18.81 -9.06 8.65
C3C MQ9 RB . -19.79 -10.03 8.55
C3D MQ9 RB . -19.64 -11.24 9.24
C7 MQ9 RB . -17.05 -14.22 12.22
C8 MQ9 RB . -16.54 -15.29 11.25
C9 MQ9 RB . -16.32 -16.60 11.96
C10 MQ9 RB . -15.27 -17.38 11.20
C11 MQ9 RB . -15.93 -16.37 13.43
C12 MQ9 RB . -15.98 -17.66 14.26
C13 MQ9 RB . -16.87 -18.75 13.64
C14 MQ9 RB . -16.86 -20.03 14.48
C15 MQ9 RB . -15.47 -20.18 15.09
C16 MQ9 RB . -17.29 -21.27 13.66
C17 MQ9 RB . -16.57 -21.49 12.32
C18 MQ9 RB . -15.81 -22.83 12.20
C19 MQ9 RB . -16.71 -24.07 11.90
C20 MQ9 RB . -17.21 -24.80 13.15
C21 MQ9 RB . -16.17 -25.00 10.78
C22 MQ9 RB . -15.37 -26.25 11.21
C23 MQ9 RB . -16.11 -27.59 10.94
C24 MQ9 RB . -15.44 -28.52 9.90
C25 MQ9 RB . -14.06 -29.00 10.33
C26 MQ9 RB . -16.31 -29.71 9.46
C27 MQ9 RB . -16.13 -30.07 7.97
C28 MQ9 RB . -14.74 -30.63 7.58
C29 MQ9 RB . -14.77 -32.13 7.23
C30 MQ9 RB . -13.42 -32.70 6.90
C31 MQ9 RB . -15.87 -32.48 6.20
FE1 FES SB . -30.92 -6.85 13.89
FE2 FES SB . -32.87 -4.73 14.83
S1 FES SB . -30.69 -4.84 14.69
S2 FES SB . -33.08 -6.84 14.30
P 9YF TB . -4.15 -4.19 29.15
O1 9YF TB . -4.02 -3.00 30.07
O2 9YF TB . -2.95 -4.14 28.00
O3 9YF TB . -4.29 -1.66 27.98
O4 9YF TB . -3.83 -0.13 25.65
C 9YF TB . -3.35 -7.78 29.35
O 9YF TB . -3.99 -5.58 30.00
C1 9YF TB . -4.47 -6.75 29.44
C10 9YF TB . 0.29 -9.17 26.70
C11 9YF TB . 0.20 -9.80 25.31
C12 9YF TB . -0.07 -11.31 25.36
C13 9YF TB . -0.51 -11.85 24.01
C14 9YF TB . -0.22 -13.35 23.85
C15 9YF TB . -1.06 -14.00 22.75
C16 9YF TB . -0.41 -13.87 21.38
C2 9YF TB . -2.32 -2.93 27.65
C24 9YF TB . -3.74 -8.99 28.51
C25 9YF TB . -3.92 -11.31 28.85
C26 9YF TB . -4.12 -11.59 27.36
C27 9YF TB . -4.36 -13.07 27.08
C28 9YF TB . -5.11 -13.30 25.78
C29 9YF TB . -6.62 -13.16 25.94
C3 9YF TB . -3.35 -2.01 27.01
C30 9YF TB . -7.38 -13.53 24.66
C31 9YF TB . -6.50 -13.42 23.42
C32 9YF TB . -6.86 -12.20 22.56
C33 9YF TB . -7.66 -12.59 21.32
C34 9YF TB . -7.34 -11.67 20.15
C35 9YF TB . -7.42 -14.05 20.96
C36 9YF TB . -6.71 -14.21 19.61
C37 9YF TB . -6.32 -15.66 19.32
C38 9YF TB . -7.55 -16.52 19.01
C39 9YF TB . -7.67 -16.83 17.52
C4 9YF TB . -2.79 -0.74 26.38
C40 9YF TB . -8.84 -16.09 16.87
C41 9YF TB . -8.53 -15.65 15.44
C42 9YF TB . -7.81 -14.31 15.39
C43 9YF TB . -8.12 -13.53 14.11
C5 9YF TB . -1.49 -0.99 25.63
C6 9YF TB . -1.31 -2.46 25.39
C7 9YF TB . -1.13 -3.19 26.71
C8 9YF TB . -1.25 -8.02 28.35
C9 9YF TB . -0.74 -8.06 26.91
O10 9YF TB . -0.76 -8.74 29.16
O11 9YF TB . -4.15 -10.02 29.36
O12 9YF TB . -3.59 -12.18 29.57
O5 9YF TB . -1.54 -0.36 24.39
O6 9YF TB . -0.16 -2.64 24.62
O7 9YF TB . 0.04 -2.73 27.32
O8 9YF TB . -5.50 -4.16 28.47
O9 9YF TB . -2.28 -7.15 28.72
P 9YF UB . -16.40 -7.77 35.73
O1 9YF UB . -16.65 -7.15 34.38
O2 9YF UB . -17.75 -7.62 36.67
O3 9YF UB . -20.34 -6.46 35.58
O4 9YF UB . -22.18 -7.42 37.90
C 9YF UB . -14.84 -11.21 34.71
O 9YF UB . -16.06 -9.37 35.53
C1 9YF UB . -15.29 -9.78 34.44
C10 9YF UB . -14.22 -13.32 32.55
C11 9YF UB . -12.79 -13.73 32.19
C12 9YF UB . -12.21 -12.83 31.09
C13 9YF UB . -13.28 -12.09 30.31
C14 9YF UB . -13.76 -12.88 29.09
C15 9YF UB . -14.29 -14.26 29.48
C16 9YF UB . -13.17 -15.25 29.76
C17 9YF UB . -13.49 -16.19 30.92
C2 9YF UB . -18.93 -8.28 36.27
C24 9YF UB . -13.85 -11.33 35.86
C25 9YF UB . -11.70 -10.59 35.27
C26 9YF UB . -11.10 -9.77 34.14
C27 9YF UB . -10.62 -10.67 32.99
C28 9YF UB . -9.40 -11.51 33.37
C29 9YF UB . -9.79 -12.91 33.83
C3 9YF UB . -20.18 -7.43 36.57
C30 9YF UB . -9.10 -13.31 35.14
C31 9YF UB . -7.61 -12.96 35.14
C32 9YF UB . -6.79 -13.95 34.30
C33 9YF UB . -5.81 -14.73 35.16
C4 9YF UB . -21.50 -8.14 36.91
C5 9YF UB . -21.40 -9.62 37.30
C6 9YF UB . -20.33 -10.35 36.52
C7 9YF UB . -18.97 -9.71 36.80
C8 9YF UB . -15.94 -13.23 34.41
C9 9YF UB . -14.62 -13.82 33.94
O10 9YF UB . -16.95 -13.84 34.26
O11 9YF UB . -12.97 -10.25 35.78
O12 9YF UB . -11.11 -11.50 35.74
O5 9YF UB . -21.12 -9.71 38.67
O6 9YF UB . -20.60 -10.24 35.15
O7 9YF UB . -17.98 -10.44 36.13
O8 9YF UB . -15.24 -7.08 36.40
O9 9YF UB . -15.97 -11.98 35.02
FE HEC VB . -62.81 10.48 8.75
CHA HEC VB . -59.87 10.04 10.47
CHB HEC VB . -62.36 13.88 8.88
CHC HEC VB . -65.45 10.91 6.58
CHD HEC VB . -63.58 7.19 9.07
NA HEC VB . -61.39 11.72 9.55
C1A HEC VB . -60.22 11.33 10.18
C2A HEC VB . -59.46 12.52 10.48
C3A HEC VB . -60.14 13.58 10.05
C4A HEC VB . -61.37 13.10 9.45
CMA HEC VB . -59.70 15.05 10.17
CAA HEC VB . -58.09 12.57 11.19
CBA HEC VB . -58.28 12.15 12.65
CGA HEC VB . -57.12 12.64 13.49
O1A HEC VB . -57.09 12.33 14.70
O2A HEC VB . -56.22 13.32 12.94
NB HEC VB . -63.72 12.10 7.83
C1B HEC VB . -63.43 13.42 8.14
C2B HEC VB . -64.46 14.24 7.54
C3B HEC VB . -65.32 13.43 6.90
C4B HEC VB . -64.86 12.07 7.07
CMB HEC VB . -64.51 15.78 7.66
CAB HEC VB . -66.58 13.87 6.13
CBB HEC VB . -66.20 14.65 4.86
NC HEC VB . -64.33 9.29 8.03
C1C HEC VB . -65.18 9.62 6.99
C2C HEC VB . -65.68 8.38 6.43
C3C HEC VB . -65.19 7.37 7.14
C4C HEC VB . -64.31 7.92 8.15
CMC HEC VB . -66.68 8.22 5.27
CAC HEC VB . -65.47 5.87 6.88
CBC HEC VB . -66.20 5.24 8.09
ND HEC VB . -61.87 8.86 9.64
C1D HEC VB . -62.39 7.57 9.63
C2D HEC VB . -61.47 6.69 10.31
C3D HEC VB . -60.30 7.58 10.75
C4D HEC VB . -60.64 8.91 10.29
CMD HEC VB . -61.64 5.17 10.52
CAD HEC VB . -59.04 7.14 11.51
CBD HEC VB . -57.85 7.14 10.57
CGD HEC VB . -57.51 5.71 10.21
O1D HEC VB . -58.18 4.79 10.73
O2D HEC VB . -56.57 5.52 9.40
FE HEC WB . -44.64 10.29 7.63
CHA HEC WB . -47.41 10.05 5.66
CHB HEC WB . -43.87 13.34 6.19
CHC HEC WB . -42.06 10.75 9.87
CHD HEC WB . -44.95 7.05 8.66
NA HEC WB . -45.49 11.48 6.21
C1A HEC WB . -46.63 11.18 5.49
C2A HEC WB . -46.85 12.25 4.53
C3A HEC WB . -45.87 13.15 4.69
C4A HEC WB . -45.00 12.69 5.74
CMA HEC WB . -45.68 14.47 3.90
CAA HEC WB . -48.02 12.32 3.53
CBA HEC WB . -47.50 12.09 2.11
CGA HEC WB . -48.64 12.07 1.12
O1A HEC WB . -49.81 11.94 1.57
O2A HEC WB . -48.37 12.18 -0.09
NB HEC WB . -43.23 11.77 7.96
C1B HEC WB . -43.10 12.95 7.26
C2B HEC WB . -42.02 13.71 7.84
C3B HEC WB . -41.52 12.99 8.86
C4B HEC WB . -42.27 11.75 8.95
CMB HEC WB . -41.55 15.09 7.36
CAB HEC WB . -40.35 13.37 9.80
CBB HEC WB . -40.74 14.53 10.73
NC HEC WB . -43.63 9.09 8.95
C1C HEC WB . -42.70 9.53 9.87
C2C HEC WB . -42.57 8.52 10.90
C3C HEC WB . -43.31 7.46 10.52
C4C HEC WB . -44.03 7.82 9.32
CMC HEC WB . -41.55 8.56 12.06
CAC HEC WB . -43.43 6.14 11.31
CBC HEC WB . -42.83 4.97 10.47
ND HEC WB . -45.97 8.77 7.19
C1D HEC WB . -45.94 7.52 7.80
C2D HEC WB . -47.13 6.78 7.42
C3D HEC WB . -47.89 7.73 6.48
C4D HEC WB . -47.10 8.93 6.40
CMD HEC WB . -47.54 5.36 7.85
CAD HEC WB . -49.24 7.42 5.79
CBD HEC WB . -50.32 8.33 6.35
CGD HEC WB . -51.66 7.85 5.85
O1D HEC WB . -51.69 6.88 5.05
O2D HEC WB . -52.69 8.45 6.25
C1 CDL XB . -23.64 -18.40 -34.36
O1 CDL XB . -23.50 -18.13 -35.73
CA2 CDL XB . -25.14 -18.24 -33.99
OA2 CDL XB . -25.69 -19.50 -33.78
PA1 CDL XB . -26.64 -19.74 -32.46
OA3 CDL XB . -25.78 -20.22 -31.31
OA4 CDL XB . -27.69 -20.79 -32.76
OA5 CDL XB . -27.38 -18.32 -32.03
CA3 CDL XB . -26.86 -17.64 -30.91
CA4 CDL XB . -27.85 -16.55 -30.49
OA6 CDL XB . -29.03 -16.68 -31.22
CA5 CDL XB . -30.13 -16.06 -30.58
OA7 CDL XB . -30.51 -16.47 -29.53
C11 CDL XB . -30.83 -14.85 -31.22
C12 CDL XB . -30.93 -13.66 -30.24
C13 CDL XB . -30.79 -12.30 -30.97
C14 CDL XB . -30.37 -11.16 -30.01
C15 CDL XB . -30.64 -9.76 -30.63
C16 CDL XB . -31.40 -8.82 -29.64
C17 CDL XB . -30.93 -7.35 -29.78
C18 CDL XB . -31.17 -6.54 -28.47
C19 CDL XB . -30.13 -6.89 -27.37
C20 CDL XB . -30.39 -6.11 -26.06
CA6 CDL XB . -27.24 -15.17 -30.76
OA8 CDL XB . -25.98 -15.10 -30.10
CA7 CDL XB . -26.08 -14.93 -28.70
OA9 CDL XB . -25.76 -15.84 -27.99
C31 CDL XB . -26.57 -13.61 -28.09
C32 CDL XB . -26.70 -13.68 -26.56
C33 CDL XB . -25.40 -13.30 -25.83
C34 CDL XB . -25.62 -12.92 -24.36
C35 CDL XB . -26.26 -14.07 -23.55
C36 CDL XB . -26.10 -13.89 -22.03
C37 CDL XB . -27.27 -14.51 -21.23
C38 CDL XB . -28.65 -14.04 -21.75
C39 CDL XB . -29.59 -13.59 -20.61
CB2 CDL XB . -22.74 -17.43 -33.57
OB2 CDL XB . -21.74 -16.92 -34.44
PB2 CDL XB . -21.02 -15.47 -34.04
OB3 CDL XB . -19.99 -15.72 -32.97
OB4 CDL XB . -20.34 -14.90 -35.26
OB5 CDL XB . -22.18 -14.42 -33.48
CB3 CDL XB . -22.57 -13.33 -34.31
CB4 CDL XB . -23.19 -12.25 -33.40
OB6 CDL XB . -24.56 -12.49 -33.27
CB5 CDL XB . -25.14 -11.94 -32.08
OB7 CDL XB . -24.83 -12.38 -31.03
C51 CDL XB . -26.15 -10.78 -32.15
C52 CDL XB . -25.89 -9.70 -31.07
C53 CDL XB . -26.88 -8.51 -31.16
C54 CDL XB . -26.55 -7.55 -32.32
C55 CDL XB . -25.79 -6.27 -31.84
C56 CDL XB . -26.72 -5.27 -31.11
C57 CDL XB . -26.00 -4.55 -29.95
C58 CDL XB . -26.07 -3.01 -30.07
C59 CDL XB . -26.13 -2.29 -28.70
C60 CDL XB . -27.56 -1.75 -28.41
C61 CDL XB . -27.54 -0.43 -27.62
CB6 CDL XB . -22.96 -10.86 -34.01
OB8 CDL XB . -21.70 -10.37 -33.54
CB7 CDL XB . -21.79 -9.28 -32.62
OB9 CDL XB . -21.57 -8.18 -32.99
C71 CDL XB . -22.17 -9.56 -31.13
C72 CDL XB . -21.65 -8.46 -30.16
C73 CDL XB . -21.58 -8.99 -28.69
C74 CDL XB . -22.19 -8.00 -27.66
C75 CDL XB . -22.17 -6.53 -28.18
C76 CDL XB . -22.66 -5.51 -27.11
C77 CDL XB . -21.53 -4.53 -26.69
C78 CDL XB . -21.54 -4.24 -25.18
C79 CDL XB . -21.96 -2.78 -24.88
C80 CDL XB . -22.89 -2.66 -23.64
C81 CDL XB . -22.48 -1.49 -22.72
C82 CDL XB . -23.23 -1.49 -21.37
C83 CDL XB . -23.88 -0.12 -21.08
C84 CDL XB . -23.72 0.33 -19.61
C85 CDL XB . -24.54 1.60 -19.26
C86 CDL XB . -25.57 1.97 -20.37
C87 CDL XB . -27.02 2.03 -19.83
C5 MQ9 YB . -34.13 -3.00 -9.18
C5M MQ9 YB . -33.45 -4.34 -9.30
C4 MQ9 YB . -33.91 -2.08 -10.17
O4 MQ9 YB . -33.10 -2.42 -11.22
C3 MQ9 YB . -34.52 -0.81 -10.12
C2 MQ9 YB . -35.32 -0.50 -9.07
C1 MQ9 YB . -35.53 -1.46 -8.04
O1 MQ9 YB . -36.34 -1.19 -6.94
C6 MQ9 YB . -34.94 -2.69 -8.11
C3A MQ9 YB . -34.28 0.11 -11.16
C3B MQ9 YB . -34.86 1.35 -11.11
C3C MQ9 YB . -35.69 1.69 -10.04
C3D MQ9 YB . -35.92 0.78 -9.02
C7 MQ9 YB . -35.18 -3.71 -7.00
C8 MQ9 YB . -36.00 -4.90 -7.48
C9 MQ9 YB . -35.22 -6.18 -7.30
C10 MQ9 YB . -35.57 -6.77 -5.96
C11 MQ9 YB . -35.52 -7.17 -8.45
C12 MQ9 YB . -36.32 -8.39 -8.01
C13 MQ9 YB . -36.79 -9.31 -9.15
C14 MQ9 YB . -38.15 -9.95 -8.82
C15 MQ9 YB . -38.17 -10.33 -7.35
C16 MQ9 YB . -38.52 -11.11 -9.77
C17 MQ9 YB . -39.62 -10.82 -10.82
C18 MQ9 YB . -40.82 -11.79 -10.78
C19 MQ9 YB . -41.45 -12.17 -12.16
C20 MQ9 YB . -41.85 -10.97 -13.02
C21 MQ9 YB . -42.51 -13.32 -12.10
C22 MQ9 YB . -43.30 -13.65 -13.39
C23 MQ9 YB . -43.73 -15.13 -13.49
C24 MQ9 YB . -44.91 -15.57 -12.60
C25 MQ9 YB . -46.03 -16.27 -13.37
C26 MQ9 YB . -45.49 -14.47 -11.70
C27 MQ9 YB . -46.06 -15.01 -10.37
C28 MQ9 YB . -45.25 -14.65 -9.08
C29 MQ9 YB . -45.15 -13.13 -8.84
C30 MQ9 YB . -46.42 -12.38 -9.17
C31 MQ9 YB . -44.53 -12.76 -7.48
C32 MQ9 YB . -43.19 -11.99 -7.58
C33 MQ9 YB . -42.50 -11.80 -6.21
C34 MQ9 YB . -42.12 -13.09 -5.43
C35 MQ9 YB . -43.15 -13.49 -4.38
C36 MQ9 YB . -40.71 -12.97 -4.80
C37 MQ9 YB . -40.69 -13.19 -3.27
C38 MQ9 YB . -39.47 -14.02 -2.81
C39 MQ9 YB . -38.74 -13.50 -1.56
C40 MQ9 YB . -37.52 -14.34 -1.21
C41 MQ9 YB . -39.69 -13.38 -0.35
C5 MQ9 ZB . -27.65 -12.85 -8.87
C5M MQ9 ZB . -26.77 -14.07 -9.12
C4 MQ9 ZB . -27.29 -11.97 -7.90
O4 MQ9 ZB . -26.15 -12.23 -7.17
C3 MQ9 ZB . -28.08 -10.83 -7.63
C2 MQ9 ZB . -29.19 -10.59 -8.35
C1 MQ9 ZB . -29.56 -11.51 -9.37
O1 MQ9 ZB . -30.70 -11.33 -10.14
C6 MQ9 ZB . -28.79 -12.62 -9.62
C3A MQ9 ZB . -27.68 -9.94 -6.61
C3B MQ9 ZB . -28.44 -8.82 -6.34
C3C MQ9 ZB . -29.58 -8.57 -7.08
C3D MQ9 ZB . -29.97 -9.45 -8.08
C7 MQ9 ZB . -29.22 -13.58 -10.72
C8 MQ9 ZB . -28.45 -13.37 -12.02
C9 MQ9 ZB . -29.29 -12.54 -12.96
C10 MQ9 ZB . -30.73 -12.93 -12.78
C11 MQ9 ZB . -28.80 -12.72 -14.40
C12 MQ9 ZB . -28.31 -14.13 -14.71
C13 MQ9 ZB . -27.46 -14.22 -15.98
C14 MQ9 ZB . -25.99 -14.44 -15.65
C15 MQ9 ZB . -25.15 -13.55 -16.55
C16 MQ9 ZB . -25.58 -15.91 -15.71
C17 MQ9 ZB . -25.50 -16.66 -14.36
C18 MQ9 ZB . -24.50 -17.83 -14.36
C19 MQ9 ZB . -24.07 -18.32 -12.95
C20 MQ9 ZB . -24.33 -19.80 -12.69
C21 MQ9 ZB . -24.53 -17.38 -11.79
C22 MQ9 ZB . -24.54 -17.99 -10.37
C23 MQ9 ZB . -23.12 -18.30 -9.84
C24 MQ9 ZB . -22.94 -18.08 -8.33
C25 MQ9 ZB . -24.25 -17.86 -7.59
C26 MQ9 ZB . -22.10 -19.16 -7.62
C27 MQ9 ZB . -22.27 -19.10 -6.08
C28 MQ9 ZB . -21.88 -17.75 -5.43
C29 MQ9 ZB . -20.73 -17.91 -4.41
C30 MQ9 ZB . -20.35 -19.36 -4.15
C31 MQ9 ZB . -20.93 -17.09 -3.12
C32 MQ9 ZB . -20.89 -17.93 -1.83
C33 MQ9 ZB . -22.27 -18.53 -1.50
C34 MQ9 ZB . -22.25 -19.91 -0.81
C35 MQ9 ZB . -21.20 -20.85 -1.38
C36 MQ9 ZB . -23.65 -20.56 -0.83
C37 MQ9 ZB . -23.59 -22.08 -1.03
C38 MQ9 ZB . -23.28 -22.81 0.29
C39 MQ9 ZB . -22.60 -24.19 0.15
C40 MQ9 ZB . -22.73 -25.01 1.43
C41 MQ9 ZB . -21.12 -24.05 -0.24
C42 MQ9 ZB . -20.39 -25.39 -0.37
C43 MQ9 ZB . -19.47 -25.46 -1.60
C44 MQ9 ZB . -19.72 -26.70 -2.46
C45 MQ9 ZB . -21.09 -27.28 -2.19
C46 MQ9 ZB . -19.58 -26.38 -3.94
C47 MQ9 ZB . -20.78 -25.61 -4.49
C48 MQ9 ZB . -20.42 -24.91 -5.79
C49 MQ9 ZB . -21.63 -24.28 -6.48
C50 MQ9 ZB . -22.01 -22.95 -5.84
C51 MQ9 ZB . -21.43 -24.15 -7.98
C1 CDL AC . -21.66 -13.83 -38.42
O1 CDL AC . -20.82 -14.59 -37.58
CA2 CDL AC . -21.43 -12.34 -38.11
OA2 CDL AC . -20.14 -11.98 -38.51
PA1 CDL AC . -19.27 -10.95 -37.55
OA3 CDL AC . -17.85 -10.87 -38.05
OA4 CDL AC . -19.25 -11.48 -36.14
OA5 CDL AC . -19.95 -9.44 -37.58
CA3 CDL AC . -20.93 -9.12 -36.62
CA4 CDL AC . -21.35 -7.66 -36.77
OA6 CDL AC . -22.31 -7.54 -37.79
CA5 CDL AC . -23.58 -7.15 -37.33
OA7 CDL AC . -24.21 -7.88 -36.63
C11 CDL AC . -24.16 -5.76 -37.71
C12 CDL AC . -24.42 -5.61 -39.23
C13 CDL AC . -23.21 -5.02 -40.00
C14 CDL AC . -23.04 -5.63 -41.42
C15 CDL AC . -21.73 -6.43 -41.57
C16 CDL AC . -20.59 -5.58 -42.20
C17 CDL AC . -19.79 -6.39 -43.27
C18 CDL AC . -20.58 -6.58 -44.58
C19 CDL AC . -20.45 -5.39 -45.57
C20 CDL AC . -21.72 -4.51 -45.61
C21 CDL AC . -21.48 -3.19 -46.39
C22 CDL AC . -22.43 -2.05 -45.91
C23 CDL AC . -22.36 -1.86 -44.38
C24 CDL AC . -22.23 -0.37 -43.96
C25 CDL AC . -21.99 0.41 -42.63
C26 CDL AC . -23.31 0.85 -41.96
C27 CDL AC . -23.47 2.39 -41.96
CA6 CDL AC . -20.11 -6.79 -37.12
OA8 CDL AC . -20.27 -5.53 -36.48
CA7 CDL AC . -20.07 -5.56 -35.08
OA9 CDL AC . -19.14 -6.15 -34.63
C31 CDL AC . -21.06 -4.86 -34.13
C32 CDL AC . -20.44 -4.56 -32.74
C33 CDL AC . -21.46 -4.72 -31.59
C34 CDL AC . -22.18 -3.41 -31.24
C35 CDL AC . -21.74 -2.85 -29.87
C36 CDL AC . -21.94 -1.32 -29.77
C37 CDL AC . -22.41 -0.86 -28.36
C38 CDL AC . -22.87 0.61 -28.35
C39 CDL AC . -23.77 0.95 -27.15
C40 CDL AC . -23.40 2.30 -26.51
C41 CDL AC . -24.63 3.11 -26.08
C42 CDL AC . -24.90 3.01 -24.58
CB2 CDL AC . -23.12 -14.27 -38.14
OB2 CDL AC . -23.98 -13.25 -38.60
PB2 CDL AC . -24.56 -13.35 -40.15
OB3 CDL AC . -23.53 -12.84 -41.12
OB4 CDL AC . -24.89 -14.78 -40.49
OB5 CDL AC . -25.94 -12.42 -40.25
CB3 CDL AC . -25.80 -11.01 -40.15
CB4 CDL AC . -27.04 -10.44 -39.45
OB6 CDL AC . -26.87 -9.07 -39.22
CB5 CDL AC . -27.67 -8.25 -40.06
OB7 CDL AC . -27.81 -8.52 -41.20
C51 CDL AC . -28.35 -6.98 -39.47
C52 CDL AC . -29.01 -6.13 -40.58
C53 CDL AC . -30.26 -5.39 -40.06
C54 CDL AC . -30.79 -4.35 -41.08
C55 CDL AC . -31.09 -2.99 -40.40
C56 CDL AC . -31.21 -1.84 -41.42
C57 CDL AC . -32.49 -1.00 -41.21
C58 CDL AC . -32.30 0.48 -41.63
C59 CDL AC . -31.58 1.32 -40.56
C60 CDL AC . -30.75 2.48 -41.18
C61 CDL AC . -29.65 1.97 -42.13
C62 CDL AC . -29.93 2.35 -43.61
C63 CDL AC . -28.81 1.88 -44.57
C64 CDL AC . -28.46 0.38 -44.39
C65 CDL AC . -27.01 0.05 -44.79
C66 CDL AC . -26.03 1.19 -44.40
C67 CDL AC . -25.14 1.63 -45.57
CB6 CDL AC . -27.23 -11.16 -38.10
OB8 CDL AC . -27.99 -10.29 -37.26
CB7 CDL AC . -27.72 -10.48 -35.87
OB9 CDL AC . -26.66 -10.91 -35.54
C71 CDL AC . -28.80 -10.11 -34.80
C72 CDL AC . -30.06 -9.43 -35.42
C73 CDL AC . -29.78 -7.99 -35.91
C74 CDL AC . -30.65 -6.93 -35.18
C75 CDL AC . -31.94 -7.54 -34.56
C76 CDL AC . -32.33 -6.86 -33.22
C77 CDL AC . -33.52 -5.91 -33.36
C78 CDL AC . -33.22 -4.49 -32.83
C79 CDL AC . -34.50 -3.75 -32.40
C80 CDL AC . -35.37 -3.31 -33.62
C81 CDL AC . -35.11 -1.85 -34.04
C82 CDL AC . -36.42 -1.10 -34.41
C83 CDL AC . -36.43 0.36 -33.91
C84 CDL AC . -37.83 1.01 -34.00
C85 CDL AC . -37.74 2.55 -34.19
C86 CDL AC . -38.30 3.32 -32.97
C87 CDL AC . -38.49 4.83 -33.27
#